data_7Q5Y
#
_entry.id   7Q5Y
#
_cell.length_a   132.880
_cell.length_b   240.240
_cell.length_c   230.920
_cell.angle_alpha   90.000
_cell.angle_beta   95.566
_cell.angle_gamma   90.000
#
_symmetry.space_group_name_H-M   'P 1 2 1'
#
loop_
_entity.id
_entity.type
_entity.pdbx_description
1 polymer 'NADH dehydrogenase I chain G'
2 polymer 'NADH-quinone oxidoreductase subunit C/D 2'
3 polymer 'NADH-quinone oxidoreductase subunit F'
4 polymer 'NADH-quinone oxidoreductase subunit I'
5 polymer 'NADH-quinone oxidoreductase subunit E'
6 polymer 'NADH-quinone oxidoreductase subunit B'
7 non-polymer 'IRON/SULFUR CLUSTER'
8 non-polymer 'FE2/S2 (INORGANIC) CLUSTER'
9 non-polymer 'FLAVIN MONONUCLEOTIDE'
10 water water
#
loop_
_entity_poly.entity_id
_entity_poly.type
_entity_poly.pdbx_seq_one_letter_code
_entity_poly.pdbx_strand_id
1 'polypeptide(L)'
;MSEKVKIYIDDVEIEAEKGKTVLQVALENGIDIPYFCYHPRLSIAGACRMCVVYWEDINRLVISCNLPVQEGMRVRTHRT
SEMVREQQKYLLQALMTRHPLDCPICDKAGECDLQNLGAIYGPQKQIVPISALEKEREEHDWESDFLEYYSNRCVVCYRC
TRACDEVVGTRALYVEDRGFHSNIVPAVRPMDTSTCEMCGICVHVCPVGAIISKPFKYWSRSWLLEKGRTVCNLCPVGCE
IQIEYGVGDWRSKRKVYRTKPTDELNICAKGFFGYDSINHKRLLKTKVGKREETPGNVVNLLTTILTEHGGKTGIVFSAY
LPKEVIDEVLRIAKASQAYVTAPQSVDLFKFLDELEEYDFPTVKEFEKADAFVFIGDDITSVATVLSYYTKKKVYKIGKS
VRDEKLQPEEITYEDLQNLEGNVFVLVTPHALNGEIKEVATKLKELKREKGFKVIPVPKDANALYLYEVLKGIYSDLPAV
MEACERGDIENLIIFGEDILEFYEDKVFEELKEKLEHLVVVSPYEDGLSEYAHIKIPMSLMGENEGTYKTFFGEVKGKKF
LPWAFDDLAFWKYLGENFKEEKGLKVVKSSSNLRRRFEPHLYRNNWITQRSQNLSRLYEKNKDITVYYERSV
;
A,G,M,S
2 'polypeptide(L)'
;MKWVNKGTVERVKQEFKDEVKYYETKHTKGFEVSHDFLKPLLKFLKERERFLHFVDMTCIDFPEHPNRFQGVYILYNPEE
NERVIVKSWAKDGKLPTVEDLWPGAKWAEREAYDMFGVVFEGHENLRRMFMWEGYEHYPLRKDFPLQGIPEVELPSLTEV
LHGRTDPPSHDFELVHTKLPTLEDLERTEKARLKKKAELVLNWGPLHPGTHGTIWFLFDLEGEKVVQSDVILGQLHRGME
KLAENLHYFQFIPYTDRMDYISAICNELAYVETVERLLGVEVPEKARYIRTMFAELQRINSHLLWLGTGALDLGALTVFL
YAFREREKIMDIIEGNAGYRLTSCFLRIGGVHYDLAEGTLDVVKHFIKDFPNRLKEYHTLLTRNRIWLRRTKDVGVITRE
DVHNYGLSGPVARGSGVPYDLRKLQPYAAYDEVEFDIPVGEVGDVYDRYLVRMEEMAQSVRIIEQCVQKLEKLPKDAPYL
NKEHPAVIPPKEDVFHDLESMVKSFRVVVHGEDAPPGEVYFAGENPRGELGFFIYSKGGGKPYRTRIRSGALYNLSIFPK
LIQGRTIADAIALLGSLDPVVGETDR
;
B,H,N,T
3 'polypeptide(L)'
;MRSYPAIPRIYAETTLNMLLKRAKKPRVHSIDEYLKDGGYQALEKALNMSPEEIIDWVDKSTLRGRGGAGFPTGKKWKFA
VQNPGPRYFICNADESEPGTFKDRIIIERDPHLLIEGIIISSYAIGANEAYIYIRGEYPAGYYILRDAIEEAKKKGFLGK
NILGSGFDLEIYVARGAGAYICGEETALIESLEGKRGHPRLKPPYPVQKGLWGKPTVVNNVETIANVPFIISMGWEEYRY
IGPSDYAGPKLFPVSGKVKKPGVYELPMNTTLREVIFKYAGGTLGNKKVKAVFSGALDCFSSEELDIPMDYSPLGFGGTG
TVIVLTEEDDIVEAALKIAEFYEHETCGQCTPCRVGCYEQANLLEKIYKGEATEQDWEGFDFVNRNIQPTSICGLGAVAG
RLIRQTLEKFPEEWEKYRKKSASLPL
;
C,I,O,U
4 'polypeptide(L)'
;MGVKKLSRKDYLNILESILFIDFLKGLSVTLKNLLRRPITTEYPKEKLTPPKRFRGAHGHYVWDGTEPDSLKAIEKFMSY
EKAKSRCVACYMCQTACPMPTLFRIEAVQLPNGKKKVVRFDMNLLNCLFCGLCVDACPVGCLTMTDIFELANYSRRNEVL
RMEDLEKFAIDFKQRRGNEPDRIWPNDEEREKLWGKIEWSG
;
D,J,P,V
5 'polypeptide(L)'
;MFKTEFEFPEELKTKLQEHINYFPKKRQAILLCLHEIQNYYGYIPPESLKPLADMLELPLNHVEGVVAFYDMFDREDKAK
YRIRVCVSIVCHLMGTNKLLKALENILGIKPGEVTPDGKFKIVPVQCLGACSEAPVFMVNDDEYKFESEVQLNEILSRYT
;
E,K,Q,W
6 'polypeptide(L)'
;MVAINSNGFVTTTVEELLRWGRRNSLWPVTIGLACCAIEMMHTAASRFDLDRLGVIFRASPRQADVLIVAGTVVNKVAPM
LKLIWDQMPDPKWCISMGGCASAGGPFPTYSTLQGVDRIIPVDVYIPGCPPTPQGLIYGILQLQRKIKEQGITKYDKLFA
DFNREIEKEGIFVPRELKV
;
F,L,R,X
#
# COMPACT_ATOMS: atom_id res chain seq x y z
N LYS A 4 20.75 -44.18 -55.14
CA LYS A 4 22.13 -44.48 -54.74
C LYS A 4 22.93 -44.95 -55.97
N VAL A 5 22.22 -45.32 -57.03
CA VAL A 5 22.85 -45.79 -58.26
C VAL A 5 22.00 -45.34 -59.45
N LYS A 6 22.68 -44.83 -60.49
CA LYS A 6 22.04 -44.32 -61.68
C LYS A 6 22.15 -45.35 -62.82
N ILE A 7 21.03 -45.62 -63.49
CA ILE A 7 20.97 -46.57 -64.59
C ILE A 7 20.15 -45.97 -65.73
N TYR A 8 20.11 -46.69 -66.84
CA TYR A 8 19.41 -46.25 -68.04
C TYR A 8 18.51 -47.37 -68.57
N ILE A 9 17.23 -47.05 -68.76
CA ILE A 9 16.25 -47.98 -69.31
C ILE A 9 15.67 -47.27 -70.51
N ASP A 10 16.06 -47.69 -71.72
CA ASP A 10 15.64 -47.07 -72.98
C ASP A 10 16.13 -45.62 -73.04
N ASP A 11 17.41 -45.44 -72.70
CA ASP A 11 18.10 -44.16 -72.69
C ASP A 11 17.50 -43.16 -71.68
N VAL A 12 16.69 -43.63 -70.75
CA VAL A 12 16.08 -42.78 -69.75
C VAL A 12 16.82 -42.96 -68.43
N GLU A 13 17.41 -41.88 -67.92
CA GLU A 13 18.14 -41.96 -66.66
C GLU A 13 17.17 -42.23 -65.52
N ILE A 14 17.53 -43.16 -64.64
CA ILE A 14 16.70 -43.54 -63.51
C ILE A 14 17.63 -43.83 -62.33
N GLU A 15 17.29 -43.28 -61.15
CA GLU A 15 18.07 -43.50 -59.94
C GLU A 15 17.51 -44.73 -59.26
N ALA A 16 18.38 -45.63 -58.81
CA ALA A 16 17.87 -46.84 -58.17
C ALA A 16 18.72 -47.17 -56.96
N GLU A 17 18.05 -47.63 -55.90
CA GLU A 17 18.75 -47.99 -54.69
C GLU A 17 19.53 -49.28 -54.93
N LYS A 18 20.81 -49.26 -54.60
CA LYS A 18 21.64 -50.45 -54.79
C LYS A 18 20.99 -51.63 -54.05
N GLY A 19 20.99 -52.79 -54.67
CA GLY A 19 20.39 -53.99 -54.12
C GLY A 19 19.10 -54.38 -54.83
N LYS A 20 18.50 -53.47 -55.56
CA LYS A 20 17.29 -53.76 -56.31
C LYS A 20 17.65 -54.30 -57.69
N THR A 21 16.69 -54.97 -58.31
CA THR A 21 16.85 -55.54 -59.63
C THR A 21 16.28 -54.59 -60.69
N VAL A 22 16.72 -54.79 -61.92
CA VAL A 22 16.22 -53.96 -63.01
C VAL A 22 14.70 -54.06 -63.11
N LEU A 23 14.15 -55.28 -62.97
CA LEU A 23 12.70 -55.43 -63.05
C LEU A 23 12.01 -54.65 -61.94
N GLN A 24 12.53 -54.71 -60.72
CA GLN A 24 11.94 -53.97 -59.61
C GLN A 24 11.92 -52.48 -59.90
N VAL A 25 13.08 -51.95 -60.31
CA VAL A 25 13.21 -50.53 -60.60
C VAL A 25 12.26 -50.11 -61.71
N ALA A 26 12.16 -50.91 -62.76
CA ALA A 26 11.29 -50.57 -63.87
C ALA A 26 9.83 -50.48 -63.42
N LEU A 27 9.36 -51.45 -62.67
CA LEU A 27 7.98 -51.43 -62.21
C LEU A 27 7.74 -50.21 -61.31
N GLU A 28 8.66 -49.92 -60.39
CA GLU A 28 8.50 -48.78 -59.51
C GLU A 28 8.36 -47.48 -60.30
N ASN A 29 9.01 -47.40 -61.45
CA ASN A 29 8.98 -46.22 -62.28
C ASN A 29 7.91 -46.30 -63.37
N GLY A 30 6.94 -47.21 -63.24
CA GLY A 30 5.91 -47.30 -64.25
C GLY A 30 6.29 -47.84 -65.61
N ILE A 31 7.44 -48.51 -65.73
CA ILE A 31 7.87 -49.12 -66.99
C ILE A 31 7.36 -50.56 -66.94
N ASP A 32 6.31 -50.84 -67.68
CA ASP A 32 5.75 -52.19 -67.63
C ASP A 32 6.62 -53.14 -68.43
N ILE A 33 7.10 -54.19 -67.77
CA ILE A 33 7.89 -55.26 -68.36
C ILE A 33 7.07 -56.51 -68.06
N PRO A 34 6.70 -57.31 -69.06
CA PRO A 34 5.87 -58.48 -68.78
C PRO A 34 6.63 -59.49 -67.95
N TYR A 35 5.92 -60.13 -67.01
CA TYR A 35 6.59 -61.10 -66.15
C TYR A 35 5.57 -62.08 -65.58
N PHE A 36 6.04 -63.28 -65.29
CA PHE A 36 5.22 -64.35 -64.74
C PHE A 36 5.71 -64.96 -63.43
N CYS A 37 6.95 -65.41 -63.37
CA CYS A 37 7.40 -66.11 -62.20
C CYS A 37 7.92 -65.22 -61.09
N TYR A 38 8.25 -63.97 -61.37
CA TYR A 38 8.72 -63.12 -60.30
C TYR A 38 7.55 -62.69 -59.43
N HIS A 39 7.72 -62.79 -58.12
CA HIS A 39 6.72 -62.38 -57.13
C HIS A 39 7.55 -61.72 -56.03
N PRO A 40 7.19 -60.51 -55.62
CA PRO A 40 8.00 -59.79 -54.61
C PRO A 40 8.17 -60.49 -53.28
N ARG A 41 7.34 -61.46 -52.97
CA ARG A 41 7.37 -62.14 -51.70
C ARG A 41 8.08 -63.49 -51.76
N LEU A 42 8.39 -63.96 -52.97
CA LEU A 42 9.04 -65.24 -53.15
C LEU A 42 10.47 -65.07 -53.63
N SER A 43 11.20 -66.17 -53.54
CA SER A 43 12.57 -66.17 -54.03
C SER A 43 12.56 -66.05 -55.55
N ILE A 44 13.67 -65.56 -56.10
CA ILE A 44 13.74 -65.41 -57.55
C ILE A 44 13.89 -66.78 -58.17
N ALA A 45 13.19 -67.00 -59.28
CA ALA A 45 13.20 -68.29 -59.96
C ALA A 45 13.90 -68.29 -61.31
N GLY A 46 13.75 -67.22 -62.09
CA GLY A 46 14.34 -67.11 -63.42
C GLY A 46 13.87 -68.16 -64.41
N ALA A 47 12.67 -68.70 -64.21
CA ALA A 47 12.10 -69.77 -65.03
C ALA A 47 11.19 -69.33 -66.16
N CYS A 48 10.37 -68.32 -65.97
CA CYS A 48 9.44 -67.99 -67.05
C CYS A 48 10.15 -67.30 -68.22
N ARG A 49 11.19 -66.51 -67.95
CA ARG A 49 11.99 -65.79 -68.95
C ARG A 49 11.21 -64.69 -69.64
N MET A 50 9.97 -64.44 -69.27
CA MET A 50 9.18 -63.40 -69.91
C MET A 50 9.71 -61.99 -69.68
N CYS A 51 10.50 -61.78 -68.63
CA CYS A 51 11.02 -60.46 -68.29
C CYS A 51 12.30 -60.09 -69.04
N VAL A 52 12.55 -60.71 -70.19
CA VAL A 52 13.77 -60.42 -70.95
C VAL A 52 13.90 -58.95 -71.28
N VAL A 53 15.14 -58.46 -71.20
CA VAL A 53 15.52 -57.12 -71.58
C VAL A 53 16.87 -57.26 -72.26
N TYR A 54 17.20 -56.29 -73.09
CA TYR A 54 18.46 -56.27 -73.80
C TYR A 54 19.44 -55.43 -73.02
N TRP A 55 20.50 -56.07 -72.52
CA TRP A 55 21.53 -55.40 -71.73
C TRP A 55 22.61 -54.92 -72.70
N GLU A 56 22.54 -53.65 -73.10
CA GLU A 56 23.46 -53.06 -74.07
C GLU A 56 24.92 -53.29 -73.68
N ASP A 57 25.25 -53.12 -72.40
CA ASP A 57 26.62 -53.29 -71.92
C ASP A 57 27.25 -54.62 -72.29
N ILE A 58 26.47 -55.71 -72.33
CA ILE A 58 27.03 -57.01 -72.68
C ILE A 58 26.48 -57.57 -73.99
N ASN A 59 25.61 -56.82 -74.67
CA ASN A 59 25.05 -57.24 -75.95
C ASN A 59 24.45 -58.65 -75.87
N ARG A 60 23.51 -58.83 -74.95
CA ARG A 60 22.89 -60.13 -74.76
C ARG A 60 21.50 -59.94 -74.16
N LEU A 61 20.62 -60.93 -74.39
CA LEU A 61 19.29 -60.87 -73.81
C LEU A 61 19.40 -61.44 -72.41
N VAL A 62 18.85 -60.73 -71.43
CA VAL A 62 18.96 -61.10 -70.03
C VAL A 62 17.61 -60.94 -69.34
N ILE A 63 17.37 -61.77 -68.30
CA ILE A 63 16.13 -61.64 -67.54
C ILE A 63 16.33 -60.51 -66.53
N SER A 64 15.37 -59.58 -66.47
CA SER A 64 15.51 -58.44 -65.59
C SER A 64 15.18 -58.72 -64.13
N CYS A 65 14.43 -59.78 -63.83
CA CYS A 65 14.07 -60.09 -62.44
C CYS A 65 15.27 -60.51 -61.60
N ASN A 66 16.36 -60.88 -62.25
CA ASN A 66 17.57 -61.36 -61.62
C ASN A 66 18.75 -60.43 -61.86
N LEU A 67 18.51 -59.28 -62.49
CA LEU A 67 19.59 -58.38 -62.84
C LEU A 67 19.74 -57.24 -61.84
N PRO A 68 20.73 -57.29 -60.94
CA PRO A 68 20.89 -56.21 -59.98
C PRO A 68 21.42 -54.96 -60.65
N VAL A 69 20.94 -53.80 -60.16
CA VAL A 69 21.32 -52.51 -60.71
C VAL A 69 22.78 -52.23 -60.45
N GLN A 70 23.46 -51.70 -61.47
CA GLN A 70 24.87 -51.35 -61.40
C GLN A 70 25.02 -49.95 -61.97
N GLU A 71 25.89 -49.17 -61.34
CA GLU A 71 26.12 -47.79 -61.75
C GLU A 71 26.43 -47.70 -63.23
N GLY A 72 25.67 -46.86 -63.94
CA GLY A 72 25.85 -46.62 -65.37
C GLY A 72 25.37 -47.69 -66.32
N MET A 73 24.70 -48.75 -65.85
CA MET A 73 24.24 -49.79 -66.75
C MET A 73 23.19 -49.25 -67.72
N ARG A 74 23.17 -49.82 -68.92
CA ARG A 74 22.23 -49.42 -69.96
C ARG A 74 21.48 -50.63 -70.47
N VAL A 75 20.15 -50.62 -70.31
CA VAL A 75 19.30 -51.71 -70.78
C VAL A 75 18.26 -51.15 -71.73
N ARG A 76 17.65 -52.05 -72.50
CA ARG A 76 16.59 -51.71 -73.43
C ARG A 76 15.44 -52.69 -73.27
N THR A 77 14.22 -52.17 -73.27
CA THR A 77 13.05 -53.01 -73.16
C THR A 77 12.42 -53.12 -74.53
N HIS A 78 11.23 -53.74 -74.60
CA HIS A 78 10.48 -53.87 -75.85
C HIS A 78 10.16 -52.52 -76.44
N ARG A 79 10.25 -51.46 -75.65
CA ARG A 79 9.97 -50.12 -76.16
C ARG A 79 10.95 -49.73 -77.25
N THR A 80 12.22 -50.12 -77.11
CA THR A 80 13.21 -49.74 -78.11
C THR A 80 14.02 -50.91 -78.64
N SER A 81 13.62 -52.15 -78.40
CA SER A 81 14.38 -53.31 -78.86
C SER A 81 13.46 -54.32 -79.56
N GLU A 82 13.74 -54.56 -80.84
CA GLU A 82 12.95 -55.56 -81.57
C GLU A 82 13.29 -56.97 -81.10
N MET A 83 14.53 -57.19 -80.66
CA MET A 83 14.93 -58.49 -80.16
C MET A 83 14.06 -58.89 -78.98
N VAL A 84 13.84 -57.96 -78.06
CA VAL A 84 13.00 -58.20 -76.90
C VAL A 84 11.56 -58.44 -77.34
N ARG A 85 11.10 -57.66 -78.32
CA ARG A 85 9.74 -57.83 -78.82
C ARG A 85 9.57 -59.20 -79.46
N GLU A 86 10.57 -59.68 -80.21
CA GLU A 86 10.41 -60.99 -80.84
C GLU A 86 10.37 -62.10 -79.81
N GLN A 87 11.18 -61.98 -78.75
CA GLN A 87 11.16 -63.03 -77.73
C GLN A 87 9.86 -63.00 -76.94
N GLN A 88 9.28 -61.81 -76.71
CA GLN A 88 8.01 -61.77 -76.01
C GLN A 88 6.93 -62.47 -76.83
N LYS A 89 6.91 -62.22 -78.14
CA LYS A 89 5.92 -62.89 -78.99
C LYS A 89 6.17 -64.40 -78.98
N TYR A 90 7.44 -64.82 -79.01
CA TYR A 90 7.69 -66.25 -79.02
C TYR A 90 7.30 -66.88 -77.68
N LEU A 91 7.73 -66.28 -76.57
CA LEU A 91 7.41 -66.83 -75.26
C LEU A 91 5.90 -66.90 -75.03
N LEU A 92 5.17 -65.83 -75.36
CA LEU A 92 3.72 -65.87 -75.17
C LEU A 92 3.08 -66.89 -76.10
N GLN A 93 3.58 -67.02 -77.33
CA GLN A 93 3.01 -68.03 -78.22
C GLN A 93 3.27 -69.43 -77.68
N ALA A 94 4.45 -69.63 -77.11
CA ALA A 94 4.79 -70.93 -76.55
C ALA A 94 3.84 -71.28 -75.41
N LEU A 95 3.58 -70.31 -74.53
CA LEU A 95 2.65 -70.60 -73.46
C LEU A 95 1.28 -70.96 -74.01
N MET A 96 0.82 -70.28 -75.06
CA MET A 96 -0.50 -70.53 -75.60
C MET A 96 -0.63 -71.81 -76.41
N THR A 97 0.47 -72.46 -76.75
CA THR A 97 0.40 -73.66 -77.57
C THR A 97 -0.60 -74.70 -77.07
N ARG A 98 -0.53 -75.08 -75.80
CA ARG A 98 -1.49 -76.06 -75.31
C ARG A 98 -2.45 -75.44 -74.30
N HIS A 99 -2.50 -74.12 -74.24
CA HIS A 99 -3.43 -73.45 -73.33
C HIS A 99 -4.82 -73.52 -73.93
N PRO A 100 -5.81 -74.01 -73.19
CA PRO A 100 -7.16 -74.15 -73.75
C PRO A 100 -7.86 -72.85 -74.06
N LEU A 101 -8.91 -72.99 -74.86
CA LEU A 101 -9.79 -71.87 -75.20
C LEU A 101 -10.85 -71.77 -74.11
N ASP A 102 -10.40 -71.71 -72.86
CA ASP A 102 -11.29 -71.71 -71.71
C ASP A 102 -11.69 -70.34 -71.20
N CYS A 103 -11.22 -69.25 -71.82
CA CYS A 103 -11.59 -67.92 -71.31
C CYS A 103 -13.09 -67.72 -71.06
N PRO A 104 -14.02 -68.17 -71.91
CA PRO A 104 -15.43 -67.91 -71.61
C PRO A 104 -15.88 -68.41 -70.27
N ILE A 105 -15.29 -69.48 -69.73
CA ILE A 105 -15.76 -69.99 -68.46
C ILE A 105 -14.70 -69.99 -67.37
N CYS A 106 -13.50 -69.52 -67.66
CA CYS A 106 -12.41 -69.50 -66.69
C CYS A 106 -12.58 -68.36 -65.69
N ASP A 107 -12.38 -68.66 -64.39
CA ASP A 107 -12.55 -67.65 -63.35
C ASP A 107 -11.54 -66.52 -63.40
N LYS A 108 -10.42 -66.70 -64.07
CA LYS A 108 -9.38 -65.68 -64.10
C LYS A 108 -9.59 -64.63 -65.20
N ALA A 109 -10.50 -64.86 -66.14
CA ALA A 109 -10.71 -63.90 -67.24
C ALA A 109 -10.87 -62.48 -66.72
N GLY A 110 -10.13 -61.56 -67.32
CA GLY A 110 -10.14 -60.16 -66.91
C GLY A 110 -9.02 -59.79 -65.97
N GLU A 111 -8.50 -60.75 -65.24
CA GLU A 111 -7.39 -60.50 -64.31
C GLU A 111 -6.29 -61.56 -64.52
N CYS A 112 -6.16 -62.04 -65.75
CA CYS A 112 -5.20 -63.07 -66.12
C CYS A 112 -3.93 -62.50 -66.72
N ASP A 113 -2.78 -62.92 -66.19
CA ASP A 113 -1.51 -62.41 -66.73
C ASP A 113 -1.28 -62.89 -68.15
N LEU A 114 -1.64 -64.14 -68.46
CA LEU A 114 -1.47 -64.62 -69.83
C LEU A 114 -2.43 -63.94 -70.78
N GLN A 115 -3.67 -63.77 -70.37
CA GLN A 115 -4.63 -63.10 -71.21
C GLN A 115 -4.24 -61.65 -71.44
N ASN A 116 -3.80 -60.96 -70.38
CA ASN A 116 -3.41 -59.56 -70.55
C ASN A 116 -2.13 -59.44 -71.35
N LEU A 117 -1.07 -60.12 -70.91
CA LEU A 117 0.19 -60.04 -71.63
C LEU A 117 0.07 -60.60 -73.04
N GLY A 118 -0.71 -61.67 -73.20
CA GLY A 118 -0.85 -62.27 -74.52
C GLY A 118 -1.52 -61.35 -75.51
N ALA A 119 -2.39 -60.48 -75.02
CA ALA A 119 -3.09 -59.57 -75.91
C ALA A 119 -2.30 -58.32 -76.21
N ILE A 120 -1.37 -57.96 -75.33
CA ILE A 120 -0.58 -56.75 -75.48
C ILE A 120 0.73 -57.01 -76.20
N TYR A 121 1.43 -58.09 -75.82
CA TYR A 121 2.71 -58.43 -76.42
C TYR A 121 2.71 -59.72 -77.21
N GLY A 122 1.58 -60.41 -77.29
CA GLY A 122 1.54 -61.68 -77.94
C GLY A 122 1.67 -61.63 -79.44
N PRO A 123 1.56 -62.82 -80.04
CA PRO A 123 1.67 -62.94 -81.50
C PRO A 123 0.52 -62.31 -82.27
N GLN A 124 -0.62 -62.07 -81.63
CA GLN A 124 -1.81 -61.46 -82.21
C GLN A 124 -2.55 -62.38 -83.17
N LYS A 125 -1.95 -63.51 -83.48
CA LYS A 125 -2.55 -64.50 -84.37
C LYS A 125 -1.94 -65.81 -83.94
N GLN A 126 -2.48 -66.91 -84.45
CA GLN A 126 -1.93 -68.20 -84.11
C GLN A 126 -0.85 -68.57 -85.12
N ILE A 127 0.38 -68.68 -84.64
CA ILE A 127 1.54 -69.06 -85.46
C ILE A 127 1.76 -70.57 -85.42
N VAL A 128 1.65 -71.18 -84.24
CA VAL A 128 1.79 -72.62 -84.04
C VAL A 128 0.35 -73.14 -84.08
N PRO A 129 -0.09 -73.72 -85.19
CA PRO A 129 -1.50 -74.15 -85.34
C PRO A 129 -1.95 -75.40 -84.60
N ILE A 130 -2.41 -75.23 -83.36
CA ILE A 130 -2.93 -76.30 -82.52
C ILE A 130 -4.44 -76.14 -82.40
N SER A 131 -5.18 -77.20 -82.74
CA SER A 131 -6.63 -77.18 -82.62
C SER A 131 -7.07 -76.95 -81.18
N ALA A 132 -8.17 -76.23 -81.00
CA ALA A 132 -8.67 -76.00 -79.66
C ALA A 132 -9.01 -77.31 -78.96
N LEU A 133 -9.21 -78.37 -79.76
CA LEU A 133 -9.57 -79.69 -79.25
C LEU A 133 -8.39 -80.56 -78.87
N GLU A 134 -7.16 -80.08 -79.02
CA GLU A 134 -5.95 -80.83 -78.66
C GLU A 134 -5.11 -80.06 -77.64
N LYS A 135 -5.75 -79.32 -76.75
CA LYS A 135 -5.04 -78.52 -75.75
C LYS A 135 -4.89 -79.31 -74.45
N GLU A 136 -4.00 -80.29 -74.49
CA GLU A 136 -3.75 -81.17 -73.36
C GLU A 136 -2.35 -81.05 -72.77
N ARG A 137 -2.27 -81.44 -71.50
CA ARG A 137 -1.08 -81.53 -70.70
C ARG A 137 -1.40 -82.57 -69.63
N GLU A 138 -0.38 -83.33 -69.23
CA GLU A 138 -0.52 -84.35 -68.19
C GLU A 138 -1.24 -83.76 -66.97
N GLU A 139 -2.14 -84.52 -66.35
CA GLU A 139 -2.85 -83.94 -65.21
C GLU A 139 -3.32 -84.98 -64.21
N HIS A 140 -3.37 -84.57 -62.93
CA HIS A 140 -3.84 -85.45 -61.86
C HIS A 140 -4.85 -84.73 -60.95
N ASP A 141 -5.94 -85.43 -60.62
CA ASP A 141 -6.94 -84.82 -59.75
C ASP A 141 -6.33 -84.55 -58.38
N TRP A 142 -6.51 -83.31 -57.92
CA TRP A 142 -6.02 -82.96 -56.60
C TRP A 142 -6.87 -83.58 -55.49
N GLU A 143 -8.04 -84.15 -55.85
CA GLU A 143 -8.95 -84.77 -54.89
C GLU A 143 -9.24 -83.81 -53.73
N SER A 144 -9.87 -82.69 -54.09
CA SER A 144 -10.21 -81.65 -53.14
C SER A 144 -11.56 -81.03 -53.47
N ASP A 145 -12.27 -80.62 -52.44
CA ASP A 145 -13.55 -79.95 -52.60
C ASP A 145 -13.41 -78.44 -52.67
N PHE A 146 -12.19 -77.92 -52.56
CA PHE A 146 -11.98 -76.50 -52.59
C PHE A 146 -11.02 -76.03 -53.65
N LEU A 147 -10.04 -76.84 -54.01
CA LEU A 147 -9.07 -76.43 -55.03
C LEU A 147 -9.15 -77.36 -56.22
N GLU A 148 -8.96 -76.78 -57.38
CA GLU A 148 -8.98 -77.53 -58.62
C GLU A 148 -7.81 -77.03 -59.46
N TYR A 149 -7.09 -77.96 -60.05
CA TYR A 149 -5.94 -77.66 -60.88
C TYR A 149 -6.24 -77.98 -62.33
N TYR A 150 -5.97 -77.01 -63.20
CA TYR A 150 -6.17 -77.13 -64.64
C TYR A 150 -4.74 -77.04 -65.21
N SER A 151 -4.10 -78.20 -65.40
CA SER A 151 -2.70 -78.21 -65.86
C SER A 151 -2.52 -77.63 -67.26
N ASN A 152 -3.52 -77.71 -68.13
CA ASN A 152 -3.30 -77.11 -69.45
C ASN A 152 -3.31 -75.59 -69.37
N ARG A 153 -3.90 -75.03 -68.33
CA ARG A 153 -3.89 -73.59 -68.17
C ARG A 153 -2.62 -73.16 -67.48
N CYS A 154 -1.94 -74.11 -66.84
CA CYS A 154 -0.69 -73.85 -66.14
C CYS A 154 0.42 -73.42 -67.11
N VAL A 155 1.17 -72.38 -66.71
CA VAL A 155 2.25 -71.73 -67.46
C VAL A 155 3.52 -71.98 -66.69
N VAL A 156 3.63 -73.19 -66.14
CA VAL A 156 4.53 -73.65 -65.09
C VAL A 156 5.56 -72.56 -64.85
N CYS A 157 5.34 -71.91 -63.70
CA CYS A 157 6.04 -70.76 -63.21
C CYS A 157 6.57 -70.98 -61.81
N TYR A 158 6.12 -72.04 -61.13
CA TYR A 158 6.59 -72.43 -59.82
C TYR A 158 6.29 -71.41 -58.73
N ARG A 159 5.31 -70.52 -58.91
CA ARG A 159 5.00 -69.59 -57.82
C ARG A 159 4.36 -70.36 -56.67
N CYS A 160 3.41 -71.23 -57.00
CA CYS A 160 2.75 -72.02 -55.97
C CYS A 160 3.76 -72.84 -55.17
N THR A 161 4.59 -73.62 -55.88
CA THR A 161 5.58 -74.44 -55.17
C THR A 161 6.45 -73.56 -54.27
N ARG A 162 6.93 -72.42 -54.78
CA ARG A 162 7.76 -71.56 -53.93
C ARG A 162 6.96 -71.03 -52.74
N ALA A 163 5.72 -70.59 -52.94
CA ALA A 163 4.93 -70.05 -51.83
C ALA A 163 4.66 -71.13 -50.79
N CYS A 164 4.31 -72.33 -51.22
CA CYS A 164 4.02 -73.40 -50.28
C CYS A 164 5.24 -73.77 -49.47
N ASP A 165 6.42 -73.67 -50.08
CA ASP A 165 7.62 -74.05 -49.36
C ASP A 165 8.27 -72.91 -48.59
N GLU A 166 8.26 -71.70 -49.13
CA GLU A 166 8.93 -70.56 -48.50
C GLU A 166 8.04 -69.71 -47.61
N VAL A 167 6.75 -69.56 -47.92
CA VAL A 167 5.89 -68.71 -47.11
C VAL A 167 5.10 -69.49 -46.06
N VAL A 168 4.21 -70.36 -46.51
CA VAL A 168 3.40 -71.12 -45.56
C VAL A 168 4.23 -72.20 -44.88
N GLY A 169 5.09 -72.86 -45.65
CA GLY A 169 5.95 -73.89 -45.11
C GLY A 169 5.29 -75.24 -44.94
N THR A 170 4.19 -75.48 -45.62
CA THR A 170 3.52 -76.75 -45.43
C THR A 170 4.12 -77.87 -46.31
N ARG A 171 4.78 -77.50 -47.43
CA ARG A 171 5.42 -78.44 -48.36
C ARG A 171 4.43 -79.48 -48.88
N ALA A 172 3.28 -79.00 -49.34
CA ALA A 172 2.18 -79.82 -49.82
C ALA A 172 2.13 -80.03 -51.32
N LEU A 173 2.95 -79.35 -52.10
CA LEU A 173 2.95 -79.51 -53.54
C LEU A 173 4.28 -80.02 -54.03
N TYR A 174 4.24 -80.67 -55.18
CA TYR A 174 5.46 -81.13 -55.81
C TYR A 174 5.21 -81.12 -57.31
N VAL A 175 6.29 -81.07 -58.07
CA VAL A 175 6.15 -81.05 -59.52
C VAL A 175 6.24 -82.49 -59.99
N GLU A 176 5.15 -82.94 -60.63
CA GLU A 176 5.02 -84.29 -61.16
C GLU A 176 5.72 -84.23 -62.51
N ASP A 177 6.21 -85.38 -62.93
CA ASP A 177 7.14 -85.64 -64.00
C ASP A 177 7.44 -84.49 -64.94
N ARG A 178 8.76 -84.27 -65.07
CA ARG A 178 9.54 -83.29 -65.83
C ARG A 178 9.16 -83.05 -67.29
N GLY A 179 9.73 -82.00 -67.90
CA GLY A 179 9.54 -81.65 -69.29
C GLY A 179 8.30 -80.84 -69.57
N PHE A 180 7.87 -80.90 -70.83
CA PHE A 180 6.68 -80.15 -71.24
C PHE A 180 5.48 -80.41 -70.33
N HIS A 181 5.30 -81.66 -69.89
CA HIS A 181 4.17 -82.03 -69.04
C HIS A 181 4.39 -81.83 -67.55
N SER A 182 5.37 -81.04 -67.13
CA SER A 182 5.53 -80.79 -65.70
C SER A 182 4.21 -80.27 -65.13
N ASN A 183 3.63 -81.00 -64.19
CA ASN A 183 2.36 -80.56 -63.64
C ASN A 183 2.38 -80.58 -62.11
N ILE A 184 1.68 -79.63 -61.50
CA ILE A 184 1.64 -79.55 -60.04
C ILE A 184 0.69 -80.59 -59.44
N VAL A 185 1.16 -81.27 -58.39
CA VAL A 185 0.36 -82.30 -57.71
C VAL A 185 0.49 -82.19 -56.19
N PRO A 186 -0.59 -82.46 -55.47
CA PRO A 186 -0.51 -82.42 -54.01
C PRO A 186 0.30 -83.60 -53.53
N ALA A 187 1.17 -83.33 -52.55
CA ALA A 187 2.02 -84.36 -51.99
C ALA A 187 1.22 -85.49 -51.42
N VAL A 188 0.07 -85.19 -50.85
CA VAL A 188 -0.80 -86.20 -50.25
C VAL A 188 -2.21 -85.91 -50.69
N ARG A 189 -2.94 -86.95 -51.13
CA ARG A 189 -4.33 -86.86 -51.55
C ARG A 189 -5.13 -87.88 -50.76
N PRO A 190 -6.36 -87.55 -50.36
CA PRO A 190 -7.11 -86.31 -50.59
C PRO A 190 -6.43 -85.10 -49.97
N MET A 191 -6.40 -84.06 -50.77
CA MET A 191 -5.73 -82.84 -50.36
C MET A 191 -6.36 -82.19 -49.13
N ASP A 192 -7.69 -82.19 -49.04
CA ASP A 192 -8.38 -81.51 -47.94
C ASP A 192 -7.97 -81.99 -46.54
N THR A 193 -7.35 -83.14 -46.38
CA THR A 193 -6.92 -83.58 -45.05
C THR A 193 -5.41 -83.78 -44.97
N SER A 194 -4.65 -83.23 -45.92
CA SER A 194 -3.19 -83.35 -46.00
C SER A 194 -2.55 -82.24 -45.18
N THR A 195 -1.22 -82.05 -45.32
CA THR A 195 -0.55 -80.98 -44.58
C THR A 195 -1.04 -79.61 -45.02
N CYS A 196 -1.67 -79.52 -46.20
CA CYS A 196 -2.19 -78.29 -46.74
C CYS A 196 -3.15 -77.63 -45.74
N GLU A 197 -2.98 -76.32 -45.55
CA GLU A 197 -3.77 -75.51 -44.64
C GLU A 197 -4.84 -74.70 -45.35
N MET A 198 -5.11 -75.03 -46.62
CA MET A 198 -6.14 -74.41 -47.44
C MET A 198 -6.18 -72.90 -47.29
N CYS A 199 -5.03 -72.27 -47.31
CA CYS A 199 -4.92 -70.84 -47.14
C CYS A 199 -5.21 -70.03 -48.40
N GLY A 200 -5.38 -70.67 -49.56
CA GLY A 200 -5.66 -69.94 -50.77
C GLY A 200 -4.52 -69.13 -51.35
N ILE A 201 -3.34 -69.15 -50.73
CA ILE A 201 -2.21 -68.39 -51.25
C ILE A 201 -1.84 -68.88 -52.67
N CYS A 202 -1.90 -70.20 -52.90
CA CYS A 202 -1.60 -70.72 -54.23
C CYS A 202 -2.59 -70.17 -55.25
N VAL A 203 -3.85 -70.04 -54.87
CA VAL A 203 -4.83 -69.46 -55.79
C VAL A 203 -4.45 -68.04 -56.15
N HIS A 204 -4.04 -67.27 -55.16
CA HIS A 204 -3.72 -65.87 -55.39
C HIS A 204 -2.40 -65.66 -56.11
N VAL A 205 -1.39 -66.46 -55.82
CA VAL A 205 -0.13 -66.24 -56.53
C VAL A 205 -0.17 -66.78 -57.94
N CYS A 206 -1.04 -67.71 -58.24
CA CYS A 206 -1.09 -68.24 -59.59
C CYS A 206 -1.35 -67.08 -60.55
N PRO A 207 -0.52 -66.87 -61.56
CA PRO A 207 -0.76 -65.74 -62.48
C PRO A 207 -1.90 -65.99 -63.47
N VAL A 208 -2.36 -67.23 -63.59
CA VAL A 208 -3.42 -67.64 -64.51
C VAL A 208 -4.49 -68.43 -63.76
N GLY A 209 -5.42 -69.02 -64.49
CA GLY A 209 -6.47 -69.78 -63.83
C GLY A 209 -6.13 -71.25 -63.68
N ALA A 210 -4.87 -71.57 -63.39
CA ALA A 210 -4.50 -72.97 -63.26
C ALA A 210 -4.99 -73.56 -61.94
N ILE A 211 -4.85 -72.81 -60.85
CA ILE A 211 -5.31 -73.20 -59.53
C ILE A 211 -6.54 -72.35 -59.25
N ILE A 212 -7.69 -73.00 -59.14
CA ILE A 212 -8.99 -72.37 -58.98
C ILE A 212 -9.63 -72.67 -57.63
N SER A 213 -10.34 -71.68 -57.09
CA SER A 213 -11.09 -71.79 -55.85
C SER A 213 -12.46 -72.33 -56.24
N LYS A 214 -12.73 -73.60 -55.92
CA LYS A 214 -14.03 -74.17 -56.27
C LYS A 214 -15.22 -73.38 -55.73
N PRO A 215 -15.21 -72.85 -54.49
CA PRO A 215 -16.36 -72.07 -54.04
C PRO A 215 -16.69 -70.88 -54.93
N PHE A 216 -15.72 -70.32 -55.64
CA PHE A 216 -15.94 -69.15 -56.50
C PHE A 216 -16.24 -69.49 -57.96
N LYS A 217 -15.98 -70.73 -58.37
CA LYS A 217 -16.14 -71.18 -59.75
C LYS A 217 -17.54 -70.95 -60.35
N TYR A 218 -17.56 -70.26 -61.49
CA TYR A 218 -18.73 -69.97 -62.32
C TYR A 218 -19.78 -69.06 -61.70
N TRP A 219 -19.57 -68.61 -60.47
CA TRP A 219 -20.62 -67.76 -59.88
C TRP A 219 -20.61 -66.35 -60.45
N SER A 220 -19.48 -65.87 -60.96
CA SER A 220 -19.44 -64.51 -61.48
C SER A 220 -18.26 -64.40 -62.45
N ARG A 221 -17.85 -63.16 -62.72
CA ARG A 221 -16.71 -62.83 -63.55
C ARG A 221 -15.94 -61.80 -62.74
N SER A 222 -14.61 -61.90 -62.80
CA SER A 222 -13.74 -61.02 -62.02
C SER A 222 -14.03 -59.54 -62.21
N TRP A 223 -14.37 -59.10 -63.42
CA TRP A 223 -14.61 -57.68 -63.64
C TRP A 223 -16.01 -57.21 -63.23
N LEU A 224 -16.86 -58.11 -62.73
CA LEU A 224 -18.20 -57.73 -62.31
C LEU A 224 -18.31 -57.51 -60.81
N LEU A 225 -17.21 -57.56 -60.07
CA LEU A 225 -17.25 -57.40 -58.63
C LEU A 225 -16.63 -56.08 -58.17
N GLU A 226 -17.02 -55.68 -56.97
CA GLU A 226 -16.49 -54.48 -56.33
C GLU A 226 -15.37 -54.93 -55.43
N LYS A 227 -14.45 -54.02 -55.13
CA LYS A 227 -13.31 -54.41 -54.30
C LYS A 227 -13.06 -53.39 -53.21
N GLY A 228 -12.66 -53.89 -52.05
CA GLY A 228 -12.31 -53.06 -50.91
C GLY A 228 -11.30 -53.80 -50.06
N ARG A 229 -10.49 -53.05 -49.32
CA ARG A 229 -9.50 -53.63 -48.42
C ARG A 229 -9.74 -53.19 -46.98
N THR A 230 -9.52 -54.10 -46.04
CA THR A 230 -9.74 -53.80 -44.63
C THR A 230 -8.92 -54.77 -43.79
N VAL A 231 -9.16 -54.76 -42.47
CA VAL A 231 -8.48 -55.62 -41.49
C VAL A 231 -9.31 -56.88 -41.26
N CYS A 232 -8.66 -58.02 -41.31
CA CYS A 232 -9.36 -59.27 -41.01
C CYS A 232 -9.40 -59.38 -39.50
N ASN A 233 -10.59 -59.62 -38.95
CA ASN A 233 -10.72 -59.71 -37.51
C ASN A 233 -11.03 -61.12 -37.03
N LEU A 234 -10.73 -62.15 -37.85
CA LEU A 234 -11.07 -63.51 -37.42
C LEU A 234 -10.10 -64.10 -36.41
N CYS A 235 -9.01 -63.38 -36.08
CA CYS A 235 -8.03 -63.82 -35.09
C CYS A 235 -7.19 -62.58 -34.81
N PRO A 236 -6.23 -62.61 -33.86
CA PRO A 236 -5.48 -61.37 -33.54
C PRO A 236 -4.33 -60.99 -34.46
N VAL A 237 -4.06 -61.67 -35.55
CA VAL A 237 -2.91 -61.29 -36.38
C VAL A 237 -3.09 -59.90 -36.99
N GLY A 238 -4.25 -59.61 -37.59
CA GLY A 238 -4.49 -58.31 -38.17
C GLY A 238 -4.17 -58.16 -39.64
N CYS A 239 -4.20 -59.26 -40.39
CA CYS A 239 -3.92 -59.25 -41.81
C CYS A 239 -4.84 -58.29 -42.55
N GLU A 240 -4.32 -57.73 -43.62
CA GLU A 240 -5.10 -56.83 -44.45
C GLU A 240 -5.56 -57.65 -45.64
N ILE A 241 -6.89 -57.78 -45.80
CA ILE A 241 -7.39 -58.56 -46.91
C ILE A 241 -8.38 -57.75 -47.72
N GLN A 242 -8.62 -58.25 -48.93
CA GLN A 242 -9.48 -57.64 -49.93
C GLN A 242 -10.77 -58.44 -50.08
N ILE A 243 -11.88 -57.77 -49.95
CA ILE A 243 -13.18 -58.40 -50.07
C ILE A 243 -13.74 -58.03 -51.43
N GLU A 244 -14.19 -59.02 -52.18
CA GLU A 244 -14.79 -58.81 -53.50
C GLU A 244 -16.27 -59.07 -53.36
N TYR A 245 -17.08 -58.05 -53.64
CA TYR A 245 -18.50 -58.19 -53.42
C TYR A 245 -19.31 -57.60 -54.56
N GLY A 246 -20.60 -57.94 -54.55
CA GLY A 246 -21.56 -57.44 -55.50
C GLY A 246 -22.53 -56.51 -54.77
N VAL A 247 -23.34 -55.81 -55.54
CA VAL A 247 -24.25 -54.83 -54.98
C VAL A 247 -25.71 -55.14 -55.25
N GLY A 248 -26.04 -55.90 -56.27
CA GLY A 248 -27.43 -56.17 -56.51
C GLY A 248 -27.89 -55.57 -57.82
N ASP A 249 -26.94 -55.04 -58.60
CA ASP A 249 -27.20 -54.43 -59.90
C ASP A 249 -27.04 -55.51 -60.98
N TRP A 250 -26.95 -55.10 -62.25
CA TRP A 250 -26.81 -56.07 -63.33
C TRP A 250 -25.53 -56.89 -63.27
N ARG A 251 -24.49 -56.36 -62.62
CA ARG A 251 -23.22 -57.07 -62.60
C ARG A 251 -23.20 -58.26 -61.66
N SER A 252 -23.70 -58.09 -60.42
CA SER A 252 -23.57 -59.20 -59.47
C SER A 252 -24.50 -59.02 -58.28
N LYS A 253 -24.76 -60.15 -57.61
CA LYS A 253 -25.64 -60.17 -56.45
C LYS A 253 -25.06 -59.39 -55.29
N ARG A 254 -25.97 -58.93 -54.43
CA ARG A 254 -25.62 -58.16 -53.23
C ARG A 254 -25.10 -59.13 -52.16
N LYS A 255 -23.83 -59.50 -52.27
CA LYS A 255 -23.23 -60.41 -51.29
C LYS A 255 -21.73 -60.40 -51.50
N VAL A 256 -21.01 -61.05 -50.59
CA VAL A 256 -19.57 -61.18 -50.70
C VAL A 256 -19.32 -62.43 -51.52
N TYR A 257 -18.52 -62.32 -52.59
CA TYR A 257 -18.29 -63.47 -53.46
C TYR A 257 -17.01 -64.22 -53.17
N ARG A 258 -15.98 -63.53 -52.72
CA ARG A 258 -14.71 -64.16 -52.40
C ARG A 258 -13.84 -63.11 -51.73
N THR A 259 -12.69 -63.55 -51.29
CA THR A 259 -11.76 -62.66 -50.62
C THR A 259 -10.37 -63.02 -51.12
N LYS A 260 -9.43 -62.08 -51.01
CA LYS A 260 -8.04 -62.22 -51.44
C LYS A 260 -7.06 -61.54 -50.50
N PRO A 261 -5.84 -62.06 -50.42
CA PRO A 261 -4.79 -61.40 -49.63
C PRO A 261 -4.17 -60.34 -50.53
N THR A 262 -3.27 -59.54 -49.96
CA THR A 262 -2.54 -58.54 -50.73
C THR A 262 -1.23 -59.17 -51.23
N ASP A 263 -0.35 -58.40 -51.84
CA ASP A 263 0.86 -59.09 -52.27
C ASP A 263 1.74 -59.49 -51.12
N GLU A 264 1.41 -59.13 -49.88
CA GLU A 264 2.25 -59.58 -48.79
C GLU A 264 1.94 -61.03 -48.41
N LEU A 265 0.90 -61.62 -49.00
CA LEU A 265 0.48 -63.00 -48.79
C LEU A 265 0.21 -63.31 -47.31
N ASN A 266 -0.45 -62.39 -46.63
CA ASN A 266 -0.82 -62.53 -45.23
C ASN A 266 -2.28 -62.97 -45.27
N ILE A 267 -2.53 -64.27 -45.19
CA ILE A 267 -3.88 -64.79 -45.17
C ILE A 267 -3.83 -66.28 -44.82
N CYS A 268 -4.90 -66.78 -44.19
CA CYS A 268 -5.07 -68.18 -43.79
C CYS A 268 -6.42 -68.66 -44.32
N ALA A 269 -6.76 -69.94 -44.10
CA ALA A 269 -8.05 -70.45 -44.62
C ALA A 269 -9.23 -69.69 -44.06
N LYS A 270 -9.19 -69.33 -42.77
CA LYS A 270 -10.31 -68.59 -42.19
C LYS A 270 -10.56 -67.32 -42.99
N GLY A 271 -9.47 -66.64 -43.36
CA GLY A 271 -9.61 -65.42 -44.11
C GLY A 271 -9.93 -65.64 -45.56
N PHE A 272 -9.46 -66.74 -46.13
CA PHE A 272 -9.68 -66.99 -47.55
C PHE A 272 -11.03 -67.67 -47.83
N PHE A 273 -11.42 -68.66 -47.01
CA PHE A 273 -12.68 -69.33 -47.26
C PHE A 273 -13.78 -68.91 -46.32
N GLY A 274 -13.49 -68.11 -45.30
CA GLY A 274 -14.54 -67.73 -44.41
C GLY A 274 -15.38 -66.56 -44.84
N TYR A 275 -15.11 -65.99 -46.04
CA TYR A 275 -15.89 -64.84 -46.51
C TYR A 275 -17.40 -65.11 -46.44
N ASP A 276 -17.82 -66.37 -46.68
CA ASP A 276 -19.25 -66.67 -46.68
C ASP A 276 -19.91 -66.45 -45.31
N SER A 277 -19.13 -66.33 -44.24
CA SER A 277 -19.75 -66.05 -42.96
C SER A 277 -20.35 -64.65 -42.97
N ILE A 278 -19.95 -63.80 -43.92
CA ILE A 278 -20.51 -62.45 -44.03
C ILE A 278 -21.92 -62.48 -44.63
N ASN A 279 -22.21 -63.49 -45.44
CA ASN A 279 -23.50 -63.62 -46.12
C ASN A 279 -24.54 -64.43 -45.35
N HIS A 280 -24.10 -65.19 -44.37
CA HIS A 280 -24.94 -66.10 -43.61
C HIS A 280 -25.88 -65.43 -42.63
N LYS A 281 -27.20 -65.63 -42.84
CA LYS A 281 -28.28 -65.17 -41.95
C LYS A 281 -28.01 -63.88 -41.19
N ARG A 282 -27.69 -62.81 -41.89
CA ARG A 282 -27.33 -61.59 -41.21
C ARG A 282 -28.50 -60.86 -40.55
N LEU A 283 -28.19 -60.24 -39.42
CA LEU A 283 -29.11 -59.40 -38.65
C LEU A 283 -28.60 -58.01 -38.97
N LEU A 284 -29.35 -57.28 -39.79
CA LEU A 284 -28.92 -55.97 -40.21
C LEU A 284 -29.84 -54.84 -39.75
N LYS A 285 -30.88 -55.14 -38.97
CA LYS A 285 -31.81 -54.15 -38.46
C LYS A 285 -32.08 -54.38 -36.97
N THR A 286 -32.35 -53.31 -36.23
CA THR A 286 -32.67 -53.49 -34.83
C THR A 286 -34.05 -54.15 -34.69
N LYS A 287 -34.16 -55.13 -33.82
CA LYS A 287 -35.42 -55.82 -33.65
C LYS A 287 -35.76 -56.04 -32.17
N VAL A 288 -37.06 -56.04 -31.91
CA VAL A 288 -37.62 -56.28 -30.59
C VAL A 288 -38.42 -57.55 -30.78
N GLY A 289 -37.92 -58.64 -30.24
CA GLY A 289 -38.61 -59.88 -30.44
C GLY A 289 -38.31 -60.31 -31.86
N LYS A 290 -39.36 -60.56 -32.63
CA LYS A 290 -39.24 -60.95 -34.03
C LYS A 290 -39.61 -59.81 -34.95
N ARG A 291 -40.08 -58.68 -34.41
CA ARG A 291 -40.51 -57.54 -35.19
C ARG A 291 -39.41 -56.50 -35.36
N GLU A 292 -39.21 -56.02 -36.58
CA GLU A 292 -38.23 -54.97 -36.79
C GLU A 292 -38.74 -53.70 -36.11
N GLU A 293 -37.82 -52.95 -35.52
CA GLU A 293 -38.13 -51.73 -34.80
C GLU A 293 -37.13 -50.65 -35.22
N THR A 294 -37.56 -49.39 -35.08
CA THR A 294 -36.65 -48.31 -35.44
C THR A 294 -35.53 -48.19 -34.42
N PRO A 295 -34.31 -47.90 -34.85
CA PRO A 295 -33.20 -47.75 -33.90
C PRO A 295 -33.48 -46.76 -32.80
N GLY A 296 -34.16 -45.66 -33.14
CA GLY A 296 -34.48 -44.66 -32.12
C GLY A 296 -35.31 -45.23 -31.00
N ASN A 297 -36.26 -46.11 -31.33
CA ASN A 297 -37.07 -46.72 -30.29
C ASN A 297 -36.23 -47.67 -29.44
N VAL A 298 -35.33 -48.44 -30.06
CA VAL A 298 -34.47 -49.33 -29.29
C VAL A 298 -33.52 -48.51 -28.41
N VAL A 299 -33.05 -47.37 -28.92
CA VAL A 299 -32.17 -46.56 -28.09
C VAL A 299 -32.93 -46.08 -26.85
N ASN A 300 -34.22 -45.80 -26.99
CA ASN A 300 -34.98 -45.39 -25.81
C ASN A 300 -35.09 -46.53 -24.79
N LEU A 301 -35.36 -47.76 -25.26
CA LEU A 301 -35.43 -48.90 -24.35
C LEU A 301 -34.15 -49.04 -23.55
N LEU A 302 -33.01 -49.09 -24.26
CA LEU A 302 -31.71 -49.21 -23.61
C LEU A 302 -31.43 -48.05 -22.68
N THR A 303 -31.79 -46.82 -23.10
CA THR A 303 -31.56 -45.65 -22.24
C THR A 303 -32.29 -45.82 -20.91
N THR A 304 -33.51 -46.36 -20.97
CA THR A 304 -34.30 -46.58 -19.76
C THR A 304 -33.66 -47.69 -18.92
N ILE A 305 -33.29 -48.79 -19.57
CA ILE A 305 -32.68 -49.92 -18.87
C ILE A 305 -31.44 -49.48 -18.09
N LEU A 306 -30.48 -48.83 -18.78
CA LEU A 306 -29.24 -48.44 -18.11
C LEU A 306 -29.42 -47.25 -17.16
N THR A 307 -30.36 -46.35 -17.43
CA THR A 307 -30.49 -45.22 -16.53
C THR A 307 -31.14 -45.63 -15.22
N GLU A 308 -32.24 -46.37 -15.29
CA GLU A 308 -32.95 -46.80 -14.08
C GLU A 308 -32.51 -48.14 -13.54
N HIS A 309 -31.89 -48.99 -14.33
CA HIS A 309 -31.54 -50.32 -13.83
C HIS A 309 -30.12 -50.70 -14.16
N GLY A 310 -29.24 -49.72 -14.29
CA GLY A 310 -27.86 -49.99 -14.61
C GLY A 310 -27.14 -50.82 -13.56
N GLY A 311 -27.42 -50.59 -12.29
CA GLY A 311 -26.80 -51.33 -11.20
C GLY A 311 -27.21 -52.78 -11.12
N LYS A 312 -28.17 -53.19 -11.96
CA LYS A 312 -28.63 -54.57 -12.06
C LYS A 312 -28.45 -55.06 -13.49
N THR A 313 -27.60 -54.40 -14.26
CA THR A 313 -27.36 -54.75 -15.65
C THR A 313 -25.91 -55.19 -15.81
N GLY A 314 -25.71 -56.22 -16.60
CA GLY A 314 -24.38 -56.75 -16.85
C GLY A 314 -24.09 -56.62 -18.34
N ILE A 315 -22.84 -56.32 -18.68
CA ILE A 315 -22.43 -56.17 -20.07
C ILE A 315 -21.32 -57.15 -20.33
N VAL A 316 -21.53 -58.01 -21.31
CA VAL A 316 -20.58 -59.05 -21.72
C VAL A 316 -19.98 -58.59 -23.05
N PHE A 317 -18.72 -58.13 -23.01
CA PHE A 317 -18.08 -57.66 -24.22
C PHE A 317 -17.64 -58.81 -25.13
N SER A 318 -17.39 -58.46 -26.37
CA SER A 318 -16.88 -59.40 -27.34
C SER A 318 -15.52 -58.93 -27.80
N ALA A 319 -14.60 -59.87 -27.95
CA ALA A 319 -13.30 -59.47 -28.43
C ALA A 319 -13.30 -59.25 -29.93
N TYR A 320 -14.45 -59.37 -30.59
CA TYR A 320 -14.55 -59.17 -32.01
C TYR A 320 -15.14 -57.82 -32.37
N LEU A 321 -15.15 -56.89 -31.43
CA LEU A 321 -15.60 -55.53 -31.47
C LEU A 321 -14.40 -54.61 -31.68
N PRO A 322 -14.52 -53.56 -32.46
CA PRO A 322 -13.36 -52.67 -32.63
C PRO A 322 -13.23 -51.77 -31.42
N LYS A 323 -12.04 -51.20 -31.30
CA LYS A 323 -11.74 -50.34 -30.18
C LYS A 323 -12.79 -49.26 -29.97
N GLU A 324 -13.23 -48.60 -31.03
CA GLU A 324 -14.16 -47.49 -30.89
C GLU A 324 -15.48 -47.88 -30.23
N VAL A 325 -16.03 -49.05 -30.56
CA VAL A 325 -17.31 -49.47 -29.98
C VAL A 325 -17.13 -49.88 -28.52
N ILE A 326 -16.07 -50.66 -28.25
CA ILE A 326 -15.73 -51.10 -26.90
C ILE A 326 -15.65 -49.89 -25.97
N ASP A 327 -14.94 -48.86 -26.42
CA ASP A 327 -14.78 -47.66 -25.62
C ASP A 327 -16.11 -46.98 -25.37
N GLU A 328 -16.94 -46.86 -26.40
CA GLU A 328 -18.22 -46.19 -26.18
C GLU A 328 -19.10 -46.98 -25.22
N VAL A 329 -19.16 -48.30 -25.40
CA VAL A 329 -19.98 -49.12 -24.52
C VAL A 329 -19.45 -49.06 -23.08
N LEU A 330 -18.13 -49.19 -22.92
CA LEU A 330 -17.53 -49.10 -21.59
C LEU A 330 -17.82 -47.74 -20.97
N ARG A 331 -17.78 -46.67 -21.76
CA ARG A 331 -18.05 -45.36 -21.21
C ARG A 331 -19.50 -45.28 -20.74
N ILE A 332 -20.43 -45.87 -21.51
CA ILE A 332 -21.84 -45.90 -21.10
C ILE A 332 -21.99 -46.72 -19.85
N ALA A 333 -21.33 -47.89 -19.80
CA ALA A 333 -21.38 -48.71 -18.60
C ALA A 333 -20.93 -47.92 -17.38
N LYS A 334 -19.81 -47.21 -17.49
CA LYS A 334 -19.36 -46.42 -16.35
C LYS A 334 -20.33 -45.28 -16.03
N ALA A 335 -21.25 -44.98 -16.93
CA ALA A 335 -22.23 -43.94 -16.65
C ALA A 335 -23.51 -44.54 -16.09
N SER A 336 -23.62 -45.87 -16.09
CA SER A 336 -24.78 -46.61 -15.62
C SER A 336 -24.54 -47.43 -14.37
N GLN A 337 -23.30 -47.52 -13.90
CA GLN A 337 -22.97 -48.31 -12.70
C GLN A 337 -23.28 -49.78 -12.94
N ALA A 338 -22.98 -50.24 -14.14
CA ALA A 338 -23.25 -51.61 -14.51
C ALA A 338 -22.08 -52.52 -14.17
N TYR A 339 -22.24 -53.80 -14.50
CA TYR A 339 -21.22 -54.83 -14.34
C TYR A 339 -20.63 -55.03 -15.72
N VAL A 340 -19.31 -55.17 -15.82
CA VAL A 340 -18.68 -55.38 -17.12
C VAL A 340 -17.82 -56.63 -17.07
N THR A 341 -17.92 -57.42 -18.12
CA THR A 341 -17.16 -58.66 -18.19
C THR A 341 -16.88 -58.98 -19.64
N ALA A 342 -16.21 -60.10 -19.83
CA ALA A 342 -15.86 -60.61 -21.14
C ALA A 342 -15.52 -62.06 -20.93
N PRO A 343 -15.82 -62.93 -21.87
CA PRO A 343 -15.50 -64.35 -21.67
C PRO A 343 -14.01 -64.60 -21.50
N GLN A 344 -13.20 -63.72 -22.05
CA GLN A 344 -11.76 -63.87 -21.90
C GLN A 344 -11.32 -63.68 -20.44
N SER A 345 -12.24 -63.29 -19.54
CA SER A 345 -11.87 -63.14 -18.15
C SER A 345 -11.61 -64.51 -17.52
N VAL A 346 -12.10 -65.57 -18.16
CA VAL A 346 -11.94 -66.92 -17.64
C VAL A 346 -10.47 -67.34 -17.67
N ASP A 347 -9.78 -67.12 -18.80
CA ASP A 347 -8.37 -67.51 -18.93
C ASP A 347 -7.40 -66.37 -19.20
N LEU A 348 -7.58 -65.63 -20.29
CA LEU A 348 -6.63 -64.59 -20.65
C LEU A 348 -6.40 -63.57 -19.54
N PHE A 349 -7.47 -63.00 -18.99
CA PHE A 349 -7.30 -61.95 -17.98
C PHE A 349 -6.60 -62.49 -16.73
N LYS A 350 -6.90 -63.72 -16.32
CA LYS A 350 -6.24 -64.26 -15.12
C LYS A 350 -4.74 -64.37 -15.38
N PHE A 351 -4.38 -64.82 -16.58
CA PHE A 351 -2.97 -64.95 -16.95
C PHE A 351 -2.28 -63.59 -16.99
N LEU A 352 -2.82 -62.63 -17.74
CA LEU A 352 -2.19 -61.31 -17.83
C LEU A 352 -2.11 -60.61 -16.48
N ASP A 353 -3.05 -60.89 -15.58
CA ASP A 353 -2.99 -60.27 -14.25
C ASP A 353 -1.75 -60.73 -13.48
N GLU A 354 -1.40 -62.03 -13.61
CA GLU A 354 -0.23 -62.59 -12.95
C GLU A 354 1.06 -62.25 -13.68
N LEU A 355 1.06 -62.36 -15.00
CA LEU A 355 2.26 -62.02 -15.74
C LEU A 355 2.69 -60.58 -15.46
N GLU A 356 1.71 -59.70 -15.30
CA GLU A 356 1.85 -58.30 -14.95
C GLU A 356 2.45 -57.38 -16.00
N GLU A 357 3.15 -57.91 -17.00
CA GLU A 357 3.75 -57.08 -18.04
C GLU A 357 4.19 -57.98 -19.16
N TYR A 358 3.75 -57.67 -20.37
CA TYR A 358 4.02 -58.51 -21.50
C TYR A 358 4.59 -57.69 -22.65
N ASP A 359 4.98 -58.40 -23.68
CA ASP A 359 5.49 -57.81 -24.89
C ASP A 359 4.50 -58.11 -26.00
N PHE A 360 4.40 -57.18 -26.94
CA PHE A 360 3.48 -57.34 -28.06
C PHE A 360 4.09 -56.71 -29.29
N PRO A 361 5.20 -57.26 -29.75
CA PRO A 361 5.87 -56.69 -30.92
C PRO A 361 5.11 -57.04 -32.18
N THR A 362 5.36 -56.26 -33.23
CA THR A 362 4.76 -56.49 -34.53
C THR A 362 5.42 -57.69 -35.19
N VAL A 363 4.77 -58.18 -36.25
CA VAL A 363 5.31 -59.32 -36.95
C VAL A 363 6.69 -58.97 -37.50
N LYS A 364 6.86 -57.72 -37.95
CA LYS A 364 8.15 -57.27 -38.45
C LYS A 364 9.23 -57.46 -37.41
N GLU A 365 8.90 -57.24 -36.14
CA GLU A 365 9.93 -57.40 -35.13
C GLU A 365 10.31 -58.84 -34.85
N PHE A 366 9.60 -59.82 -35.44
CA PHE A 366 9.95 -61.22 -35.22
C PHE A 366 11.33 -61.57 -35.78
N GLU A 367 11.84 -60.79 -36.74
CA GLU A 367 13.14 -61.03 -37.34
C GLU A 367 14.24 -61.00 -36.30
N LYS A 368 14.10 -60.14 -35.29
CA LYS A 368 15.08 -59.99 -34.23
C LYS A 368 15.16 -61.15 -33.26
N ALA A 369 14.28 -62.14 -33.33
CA ALA A 369 14.36 -63.23 -32.37
C ALA A 369 15.35 -64.30 -32.78
N ASP A 370 16.00 -64.88 -31.78
CA ASP A 370 16.95 -65.95 -32.01
C ASP A 370 16.27 -67.31 -31.96
N ALA A 371 15.27 -67.45 -31.12
CA ALA A 371 14.52 -68.69 -31.01
C ALA A 371 13.10 -68.34 -30.59
N PHE A 372 12.23 -69.32 -30.70
CA PHE A 372 10.84 -69.15 -30.33
C PHE A 372 10.42 -70.30 -29.44
N VAL A 373 9.59 -69.99 -28.46
CA VAL A 373 9.04 -70.98 -27.55
C VAL A 373 7.53 -70.86 -27.61
N PHE A 374 6.87 -71.91 -28.08
CA PHE A 374 5.42 -71.94 -28.16
C PHE A 374 4.91 -72.67 -26.94
N ILE A 375 4.09 -72.00 -26.13
CA ILE A 375 3.53 -72.60 -24.93
C ILE A 375 2.01 -72.61 -25.06
N GLY A 376 1.41 -73.80 -24.95
CA GLY A 376 -0.02 -73.93 -25.02
C GLY A 376 -0.58 -74.73 -26.18
N ASP A 377 -1.38 -74.06 -26.98
CA ASP A 377 -2.01 -74.68 -28.12
C ASP A 377 -1.08 -74.63 -29.32
N ASP A 378 -1.62 -75.10 -30.43
CA ASP A 378 -1.00 -75.15 -31.75
C ASP A 378 -1.11 -73.74 -32.33
N ILE A 379 -0.02 -72.96 -32.25
CA ILE A 379 -0.02 -71.57 -32.76
C ILE A 379 -0.57 -71.49 -34.18
N THR A 380 -0.20 -72.45 -35.04
CA THR A 380 -0.69 -72.43 -36.42
C THR A 380 -2.22 -72.51 -36.48
N SER A 381 -2.88 -73.02 -35.45
CA SER A 381 -4.34 -73.12 -35.43
C SER A 381 -5.02 -71.93 -34.78
N VAL A 382 -4.28 -71.09 -34.07
CA VAL A 382 -4.83 -69.94 -33.36
C VAL A 382 -4.57 -68.64 -34.11
N ALA A 383 -3.29 -68.33 -34.42
CA ALA A 383 -2.89 -67.14 -35.18
C ALA A 383 -2.02 -67.69 -36.32
N THR A 384 -2.68 -68.28 -37.31
CA THR A 384 -2.00 -69.00 -38.39
C THR A 384 -0.87 -68.21 -39.06
N VAL A 385 -1.16 -67.01 -39.58
CA VAL A 385 -0.14 -66.24 -40.32
C VAL A 385 1.14 -66.06 -39.52
N LEU A 386 1.05 -66.03 -38.19
CA LEU A 386 2.27 -65.93 -37.41
C LEU A 386 3.23 -67.06 -37.75
N SER A 387 2.69 -68.24 -38.08
CA SER A 387 3.58 -69.35 -38.40
C SER A 387 4.37 -69.12 -39.66
N TYR A 388 4.03 -68.10 -40.45
CA TYR A 388 4.77 -67.77 -41.66
C TYR A 388 5.98 -66.91 -41.37
N TYR A 389 6.11 -66.41 -40.14
CA TYR A 389 7.20 -65.52 -39.76
C TYR A 389 8.11 -66.08 -38.67
N THR A 390 7.76 -67.22 -38.06
CA THR A 390 8.57 -67.82 -37.03
C THR A 390 9.46 -68.82 -37.77
N LYS A 391 10.52 -68.30 -38.39
CA LYS A 391 11.43 -69.10 -39.18
C LYS A 391 12.72 -69.48 -38.46
N LYS A 392 12.88 -69.15 -37.19
CA LYS A 392 14.06 -69.50 -36.41
C LYS A 392 13.80 -70.84 -35.70
N LYS A 393 14.65 -71.18 -34.72
CA LYS A 393 14.47 -72.41 -33.94
C LYS A 393 13.19 -72.29 -33.13
N VAL A 394 12.37 -73.35 -33.11
CA VAL A 394 11.11 -73.35 -32.39
C VAL A 394 11.10 -74.45 -31.35
N TYR A 395 10.92 -74.07 -30.09
CA TYR A 395 10.78 -74.98 -28.96
C TYR A 395 9.30 -75.05 -28.63
N LYS A 396 8.88 -76.16 -28.02
CA LYS A 396 7.46 -76.31 -27.74
C LYS A 396 7.15 -76.96 -26.40
N ILE A 397 6.07 -76.46 -25.77
CA ILE A 397 5.51 -76.99 -24.54
C ILE A 397 4.00 -77.03 -24.79
N GLY A 398 3.46 -78.22 -25.02
CA GLY A 398 2.03 -78.24 -25.24
C GLY A 398 1.64 -79.01 -26.46
N LYS A 399 0.42 -78.72 -26.92
CA LYS A 399 -0.18 -79.38 -28.08
C LYS A 399 0.56 -78.99 -29.36
N SER A 400 0.75 -79.96 -30.26
CA SER A 400 1.48 -79.68 -31.50
C SER A 400 0.85 -80.50 -32.61
N VAL A 401 0.12 -79.83 -33.50
CA VAL A 401 -0.53 -80.53 -34.59
C VAL A 401 -0.05 -79.97 -35.92
N ARG A 402 -0.44 -78.74 -36.27
CA ARG A 402 0.04 -78.17 -37.53
C ARG A 402 1.40 -77.51 -37.33
N ASP A 403 1.75 -77.22 -36.08
CA ASP A 403 3.03 -76.62 -35.76
C ASP A 403 4.19 -77.56 -36.07
N GLU A 404 3.92 -78.84 -36.29
CA GLU A 404 4.99 -79.77 -36.61
C GLU A 404 5.72 -79.39 -37.87
N LYS A 405 5.10 -78.58 -38.74
CA LYS A 405 5.77 -78.15 -39.95
C LYS A 405 7.01 -77.32 -39.62
N LEU A 406 7.08 -76.78 -38.42
CA LEU A 406 8.23 -75.98 -38.02
C LEU A 406 9.28 -76.84 -37.34
N GLN A 407 9.07 -78.16 -37.31
CA GLN A 407 9.99 -79.10 -36.67
C GLN A 407 10.32 -78.65 -35.26
N PRO A 408 9.31 -78.41 -34.41
CA PRO A 408 9.58 -77.93 -33.07
C PRO A 408 10.14 -79.00 -32.17
N GLU A 409 11.01 -78.55 -31.26
CA GLU A 409 11.64 -79.41 -30.28
C GLU A 409 10.87 -79.29 -28.98
N GLU A 410 10.38 -80.41 -28.47
CA GLU A 410 9.64 -80.38 -27.21
C GLU A 410 10.62 -80.15 -26.05
N ILE A 411 10.20 -79.34 -25.08
CA ILE A 411 10.98 -79.03 -23.89
C ILE A 411 10.07 -78.97 -22.68
N THR A 412 10.67 -78.75 -21.52
CA THR A 412 10.01 -78.66 -20.23
C THR A 412 10.22 -77.26 -19.64
N TYR A 413 9.38 -76.88 -18.67
CA TYR A 413 9.52 -75.55 -18.09
C TYR A 413 10.89 -75.39 -17.43
N GLU A 414 11.45 -76.49 -16.95
CA GLU A 414 12.76 -76.44 -16.32
C GLU A 414 13.86 -76.15 -17.33
N ASP A 415 13.64 -76.51 -18.60
CA ASP A 415 14.62 -76.24 -19.65
C ASP A 415 14.66 -74.79 -20.09
N LEU A 416 13.57 -74.05 -19.91
CA LEU A 416 13.58 -72.66 -20.34
C LEU A 416 14.67 -71.87 -19.66
N GLN A 417 15.00 -72.21 -18.41
CA GLN A 417 16.04 -71.50 -17.69
C GLN A 417 17.37 -71.51 -18.44
N ASN A 418 17.62 -72.53 -19.25
CA ASN A 418 18.89 -72.64 -19.96
C ASN A 418 18.92 -72.12 -21.39
N LEU A 419 17.81 -71.66 -21.95
CA LEU A 419 17.88 -71.14 -23.32
C LEU A 419 18.67 -69.85 -23.28
N GLU A 420 19.21 -69.45 -24.42
CA GLU A 420 20.00 -68.23 -24.31
C GLU A 420 19.83 -67.29 -25.48
N GLY A 421 19.59 -66.02 -25.16
CA GLY A 421 19.57 -64.96 -26.14
C GLY A 421 18.35 -64.60 -26.92
N ASN A 422 17.72 -63.47 -26.62
CA ASN A 422 16.56 -62.97 -27.35
C ASN A 422 15.59 -64.07 -27.77
N VAL A 423 14.96 -64.67 -26.77
CA VAL A 423 13.98 -65.71 -26.95
C VAL A 423 12.60 -65.07 -26.96
N PHE A 424 11.76 -65.46 -27.91
CA PHE A 424 10.38 -64.97 -27.96
C PHE A 424 9.51 -66.13 -27.49
N VAL A 425 8.79 -65.92 -26.40
CA VAL A 425 7.89 -66.92 -25.86
C VAL A 425 6.48 -66.52 -26.28
N LEU A 426 5.85 -67.35 -27.11
CA LEU A 426 4.49 -67.14 -27.58
C LEU A 426 3.62 -68.09 -26.78
N VAL A 427 2.81 -67.54 -25.87
CA VAL A 427 1.95 -68.36 -25.01
C VAL A 427 0.47 -68.09 -25.27
N THR A 428 -0.34 -69.16 -25.32
CA THR A 428 -1.78 -69.08 -25.54
C THR A 428 -2.52 -69.37 -24.24
N PRO A 429 -2.95 -68.35 -23.50
CA PRO A 429 -3.60 -68.58 -22.20
C PRO A 429 -4.83 -69.46 -22.21
N HIS A 430 -5.57 -69.56 -23.32
CA HIS A 430 -6.76 -70.40 -23.29
C HIS A 430 -6.44 -71.89 -23.17
N ALA A 431 -5.18 -72.29 -23.33
CA ALA A 431 -4.80 -73.68 -23.27
C ALA A 431 -3.96 -74.03 -22.04
N LEU A 432 -4.19 -73.40 -20.89
CA LEU A 432 -3.38 -73.73 -19.72
C LEU A 432 -4.13 -74.49 -18.63
N ASN A 433 -5.45 -74.69 -18.76
CA ASN A 433 -6.30 -75.50 -17.89
C ASN A 433 -5.94 -75.66 -16.42
N GLY A 434 -6.02 -74.63 -15.59
CA GLY A 434 -5.68 -74.82 -14.19
C GLY A 434 -4.24 -74.52 -13.83
N GLU A 435 -3.35 -74.42 -14.82
CA GLU A 435 -1.96 -74.07 -14.60
C GLU A 435 -1.71 -72.62 -15.03
N ILE A 436 -2.79 -71.86 -15.20
CA ILE A 436 -2.69 -70.47 -15.65
C ILE A 436 -1.78 -69.66 -14.74
N LYS A 437 -2.12 -69.58 -13.44
CA LYS A 437 -1.30 -68.79 -12.53
C LYS A 437 0.12 -69.32 -12.43
N GLU A 438 0.29 -70.64 -12.36
CA GLU A 438 1.62 -71.22 -12.25
C GLU A 438 2.48 -70.88 -13.46
N VAL A 439 1.94 -71.07 -14.67
CA VAL A 439 2.70 -70.75 -15.88
C VAL A 439 3.03 -69.27 -15.96
N ALA A 440 2.05 -68.41 -15.65
CA ALA A 440 2.30 -66.97 -15.69
C ALA A 440 3.41 -66.59 -14.72
N THR A 441 3.38 -67.18 -13.51
CA THR A 441 4.39 -66.86 -12.51
C THR A 441 5.78 -67.26 -13.01
N LYS A 442 5.88 -68.45 -13.63
CA LYS A 442 7.15 -68.92 -14.16
C LYS A 442 7.68 -68.02 -15.26
N LEU A 443 6.82 -67.63 -16.21
CA LEU A 443 7.26 -66.76 -17.32
C LEU A 443 7.62 -65.36 -16.81
N LYS A 444 6.98 -64.90 -15.72
CA LYS A 444 7.31 -63.59 -15.15
C LYS A 444 8.75 -63.59 -14.62
N GLU A 445 9.17 -64.70 -13.98
CA GLU A 445 10.55 -64.81 -13.50
C GLU A 445 11.49 -64.77 -14.70
N LEU A 446 11.20 -65.59 -15.70
CA LEU A 446 12.01 -65.64 -16.91
C LEU A 446 12.16 -64.28 -17.56
N LYS A 447 11.09 -63.50 -17.58
CA LYS A 447 11.19 -62.19 -18.23
C LYS A 447 12.11 -61.24 -17.46
N ARG A 448 12.19 -61.38 -16.15
CA ARG A 448 13.03 -60.48 -15.37
C ARG A 448 14.48 -60.95 -15.24
N GLU A 449 14.68 -62.23 -14.93
CA GLU A 449 16.02 -62.80 -14.80
C GLU A 449 16.74 -62.89 -16.13
N LYS A 450 16.19 -63.63 -17.08
CA LYS A 450 16.84 -63.79 -18.37
C LYS A 450 16.45 -62.78 -19.45
N GLY A 451 15.40 -61.99 -19.27
CA GLY A 451 15.03 -61.00 -20.27
C GLY A 451 14.37 -61.48 -21.56
N PHE A 452 13.71 -62.64 -21.52
CA PHE A 452 12.98 -63.14 -22.66
C PHE A 452 11.79 -62.22 -22.96
N LYS A 453 11.26 -62.32 -24.16
CA LYS A 453 10.06 -61.59 -24.52
C LYS A 453 8.90 -62.57 -24.31
N VAL A 454 7.94 -62.22 -23.47
CA VAL A 454 6.76 -63.05 -23.24
C VAL A 454 5.61 -62.40 -24.01
N ILE A 455 5.20 -63.03 -25.10
CA ILE A 455 4.17 -62.48 -25.97
C ILE A 455 2.91 -63.32 -25.80
N PRO A 456 1.82 -62.74 -25.28
CA PRO A 456 0.56 -63.50 -25.15
C PRO A 456 -0.15 -63.53 -26.49
N VAL A 457 -0.57 -64.71 -26.90
CA VAL A 457 -1.27 -64.90 -28.16
C VAL A 457 -2.74 -65.18 -27.85
N PRO A 458 -3.59 -64.16 -27.83
CA PRO A 458 -5.00 -64.40 -27.59
C PRO A 458 -5.59 -65.11 -28.80
N LYS A 459 -6.71 -65.80 -28.61
CA LYS A 459 -7.32 -66.45 -29.76
C LYS A 459 -8.36 -65.57 -30.43
N ASP A 460 -8.74 -64.47 -29.80
CA ASP A 460 -9.75 -63.57 -30.34
C ASP A 460 -9.11 -62.23 -30.67
N ALA A 461 -9.51 -61.65 -31.80
CA ALA A 461 -8.94 -60.41 -32.35
C ALA A 461 -8.60 -59.29 -31.38
N ASN A 462 -9.56 -58.71 -30.67
CA ASN A 462 -9.25 -57.57 -29.80
C ASN A 462 -9.24 -57.90 -28.32
N ALA A 463 -8.93 -59.14 -27.95
CA ALA A 463 -8.92 -59.50 -26.53
C ALA A 463 -7.86 -58.73 -25.74
N LEU A 464 -6.69 -58.49 -26.33
CA LEU A 464 -5.65 -57.76 -25.58
C LEU A 464 -6.12 -56.34 -25.27
N TYR A 465 -6.80 -55.70 -26.22
CA TYR A 465 -7.30 -54.35 -25.93
C TYR A 465 -8.40 -54.44 -24.87
N LEU A 466 -9.24 -55.48 -24.92
CA LEU A 466 -10.28 -55.64 -23.91
C LEU A 466 -9.63 -55.70 -22.55
N TYR A 467 -8.54 -56.44 -22.45
CA TYR A 467 -7.87 -56.54 -21.16
C TYR A 467 -7.33 -55.20 -20.73
N GLU A 468 -6.74 -54.43 -21.64
CA GLU A 468 -6.18 -53.14 -21.26
C GLU A 468 -7.25 -52.21 -20.71
N VAL A 469 -8.43 -52.23 -21.32
CA VAL A 469 -9.51 -51.34 -20.93
C VAL A 469 -10.38 -51.87 -19.80
N LEU A 470 -10.34 -53.19 -19.52
CA LEU A 470 -11.11 -53.80 -18.45
C LEU A 470 -10.29 -54.20 -17.22
N LYS A 471 -8.95 -54.17 -17.27
CA LYS A 471 -8.17 -54.61 -16.11
C LYS A 471 -8.52 -53.81 -14.85
N GLY A 472 -8.63 -54.53 -13.74
CA GLY A 472 -8.98 -53.96 -12.47
C GLY A 472 -10.47 -53.79 -12.23
N ILE A 473 -11.27 -53.70 -13.28
CA ILE A 473 -12.70 -53.49 -13.10
C ILE A 473 -13.55 -54.61 -13.65
N TYR A 474 -12.99 -55.62 -14.31
CA TYR A 474 -13.86 -56.65 -14.85
C TYR A 474 -14.33 -57.65 -13.81
N SER A 475 -15.55 -58.13 -14.01
CA SER A 475 -16.17 -59.16 -13.21
C SER A 475 -15.85 -60.51 -13.84
N ASP A 476 -15.89 -61.56 -13.03
CA ASP A 476 -15.62 -62.89 -13.56
C ASP A 476 -16.85 -63.38 -14.31
N LEU A 477 -16.66 -63.92 -15.51
CA LEU A 477 -17.81 -64.40 -16.27
C LEU A 477 -18.70 -65.34 -15.44
N PRO A 478 -18.16 -66.34 -14.73
CA PRO A 478 -19.07 -67.19 -13.93
C PRO A 478 -19.76 -66.43 -12.83
N ALA A 479 -19.10 -65.44 -12.26
CA ALA A 479 -19.73 -64.66 -11.20
C ALA A 479 -20.93 -63.88 -11.74
N VAL A 480 -20.81 -63.37 -12.97
CA VAL A 480 -21.92 -62.65 -13.60
C VAL A 480 -23.09 -63.60 -13.84
N MET A 481 -22.79 -64.80 -14.36
CA MET A 481 -23.85 -65.79 -14.57
C MET A 481 -24.46 -66.23 -13.25
N GLU A 482 -23.61 -66.45 -12.24
CA GLU A 482 -24.12 -66.80 -10.93
C GLU A 482 -24.99 -65.68 -10.38
N ALA A 483 -24.59 -64.43 -10.63
CA ALA A 483 -25.37 -63.30 -10.16
C ALA A 483 -26.71 -63.23 -10.86
N CYS A 484 -26.79 -63.73 -12.10
CA CYS A 484 -28.06 -63.73 -12.81
C CYS A 484 -29.01 -64.75 -12.17
N GLU A 485 -28.50 -65.92 -11.81
CA GLU A 485 -29.36 -66.91 -11.17
C GLU A 485 -29.86 -66.39 -9.83
N ARG A 486 -28.98 -65.76 -9.04
CA ARG A 486 -29.38 -65.21 -7.74
C ARG A 486 -30.35 -64.05 -7.87
N GLY A 487 -30.39 -63.37 -9.00
CA GLY A 487 -31.26 -62.22 -9.15
C GLY A 487 -30.60 -60.90 -8.85
N ASP A 488 -29.26 -60.90 -8.72
CA ASP A 488 -28.48 -59.69 -8.47
C ASP A 488 -28.32 -58.89 -9.76
N ILE A 489 -28.39 -59.59 -10.90
CA ILE A 489 -28.35 -59.01 -12.24
C ILE A 489 -29.65 -59.41 -12.94
N GLU A 490 -30.44 -58.42 -13.35
CA GLU A 490 -31.72 -58.59 -14.03
C GLU A 490 -31.67 -58.37 -15.54
N ASN A 491 -30.65 -57.69 -16.06
CA ASN A 491 -30.53 -57.38 -17.48
C ASN A 491 -29.13 -57.71 -17.94
N LEU A 492 -29.03 -58.29 -19.13
CA LEU A 492 -27.76 -58.64 -19.72
C LEU A 492 -27.68 -58.09 -21.12
N ILE A 493 -26.55 -57.48 -21.46
CA ILE A 493 -26.29 -57.00 -22.80
C ILE A 493 -25.07 -57.82 -23.20
N ILE A 494 -25.28 -58.77 -24.11
CA ILE A 494 -24.24 -59.68 -24.57
C ILE A 494 -23.87 -59.30 -25.98
N PHE A 495 -22.57 -59.17 -26.24
CA PHE A 495 -22.04 -58.83 -27.55
C PHE A 495 -21.41 -60.10 -28.13
N GLY A 496 -21.88 -60.53 -29.31
CA GLY A 496 -21.34 -61.73 -29.94
C GLY A 496 -21.64 -63.03 -29.20
N GLU A 497 -21.00 -64.10 -29.66
CA GLU A 497 -21.21 -65.42 -29.09
C GLU A 497 -19.95 -65.97 -28.42
N ASP A 498 -19.03 -65.10 -28.00
CA ASP A 498 -17.84 -65.56 -27.31
C ASP A 498 -18.23 -66.38 -26.09
N ILE A 499 -19.35 -66.01 -25.45
CA ILE A 499 -19.83 -66.68 -24.25
C ILE A 499 -20.18 -68.13 -24.47
N LEU A 500 -20.59 -68.50 -25.70
CA LEU A 500 -20.98 -69.88 -25.94
C LEU A 500 -19.81 -70.86 -25.84
N GLU A 501 -18.58 -70.38 -25.66
CA GLU A 501 -17.43 -71.24 -25.48
C GLU A 501 -17.40 -71.77 -24.05
N PHE A 502 -18.26 -71.26 -23.19
CA PHE A 502 -18.25 -71.73 -21.81
C PHE A 502 -19.61 -72.23 -21.35
N TYR A 503 -20.68 -71.71 -21.94
CA TYR A 503 -22.03 -72.12 -21.58
C TYR A 503 -22.77 -72.65 -22.80
N GLU A 504 -23.57 -73.69 -22.60
CA GLU A 504 -24.31 -74.21 -23.75
C GLU A 504 -25.60 -73.42 -23.94
N ASP A 505 -26.13 -73.50 -25.17
CA ASP A 505 -27.35 -72.78 -25.56
C ASP A 505 -28.46 -72.81 -24.53
N LYS A 506 -28.86 -74.01 -24.09
CA LYS A 506 -29.94 -74.16 -23.11
C LYS A 506 -29.87 -73.11 -22.01
N VAL A 507 -28.66 -72.79 -21.55
CA VAL A 507 -28.49 -71.80 -20.49
C VAL A 507 -29.15 -70.47 -20.88
N PHE A 508 -29.00 -70.08 -22.14
CA PHE A 508 -29.59 -68.80 -22.57
C PHE A 508 -31.06 -68.93 -22.89
N GLU A 509 -31.54 -70.15 -23.14
CA GLU A 509 -32.96 -70.35 -23.35
C GLU A 509 -33.68 -70.13 -22.04
N GLU A 510 -33.04 -70.55 -20.95
CA GLU A 510 -33.58 -70.35 -19.62
C GLU A 510 -33.36 -68.92 -19.16
N LEU A 511 -32.19 -68.32 -19.48
CA LEU A 511 -31.92 -66.93 -19.10
C LEU A 511 -32.95 -65.98 -19.69
N LYS A 512 -33.44 -66.28 -20.90
CA LYS A 512 -34.46 -65.43 -21.52
C LYS A 512 -35.69 -65.32 -20.62
N GLU A 513 -36.00 -66.38 -19.89
CA GLU A 513 -37.16 -66.38 -19.00
C GLU A 513 -36.83 -65.69 -17.67
N LYS A 514 -35.66 -65.99 -17.11
CA LYS A 514 -35.22 -65.45 -15.83
C LYS A 514 -34.92 -63.95 -15.89
N LEU A 515 -34.27 -63.47 -16.95
CA LEU A 515 -33.95 -62.05 -17.03
C LEU A 515 -35.13 -61.16 -17.38
N GLU A 516 -35.05 -59.91 -16.92
CA GLU A 516 -36.07 -58.94 -17.26
C GLU A 516 -35.83 -58.48 -18.69
N HIS A 517 -34.56 -58.35 -19.07
CA HIS A 517 -34.17 -57.94 -20.40
C HIS A 517 -32.91 -58.67 -20.82
N LEU A 518 -33.00 -59.41 -21.92
CA LEU A 518 -31.85 -60.08 -22.49
C LEU A 518 -31.65 -59.40 -23.84
N VAL A 519 -30.57 -58.64 -23.95
CA VAL A 519 -30.22 -57.90 -25.17
C VAL A 519 -29.03 -58.59 -25.80
N VAL A 520 -29.16 -59.02 -27.05
CA VAL A 520 -28.07 -59.68 -27.75
C VAL A 520 -27.65 -58.82 -28.91
N VAL A 521 -26.36 -58.51 -28.97
CA VAL A 521 -25.77 -57.70 -30.02
C VAL A 521 -24.96 -58.65 -30.87
N SER A 522 -25.49 -59.02 -32.02
CA SER A 522 -24.82 -59.99 -32.87
C SER A 522 -25.00 -59.67 -34.34
N PRO A 523 -24.17 -60.26 -35.20
CA PRO A 523 -24.34 -60.07 -36.63
C PRO A 523 -25.28 -61.11 -37.23
N TYR A 524 -25.74 -62.09 -36.45
CA TYR A 524 -26.57 -63.17 -36.97
C TYR A 524 -27.96 -63.27 -36.40
N GLU A 525 -28.90 -63.63 -37.27
CA GLU A 525 -30.28 -63.81 -36.88
C GLU A 525 -30.48 -65.16 -36.19
N ASP A 526 -29.52 -66.07 -36.29
CA ASP A 526 -29.54 -67.37 -35.66
C ASP A 526 -28.55 -67.40 -34.51
N GLY A 527 -28.55 -68.48 -33.76
CA GLY A 527 -27.63 -68.57 -32.66
C GLY A 527 -28.18 -67.89 -31.41
N LEU A 528 -27.26 -67.34 -30.62
CA LEU A 528 -27.60 -66.68 -29.37
C LEU A 528 -28.68 -65.61 -29.52
N SER A 529 -28.69 -64.91 -30.65
CA SER A 529 -29.69 -63.86 -30.82
C SER A 529 -31.11 -64.40 -30.88
N GLU A 530 -31.30 -65.69 -31.19
CA GLU A 530 -32.65 -66.25 -31.25
C GLU A 530 -33.34 -66.16 -29.89
N TYR A 531 -32.58 -66.22 -28.80
CA TYR A 531 -33.14 -66.15 -27.46
C TYR A 531 -33.29 -64.74 -26.92
N ALA A 532 -33.02 -63.71 -27.70
CA ALA A 532 -33.05 -62.36 -27.16
C ALA A 532 -34.40 -61.67 -27.18
N HIS A 533 -34.52 -60.70 -26.29
CA HIS A 533 -35.70 -59.86 -26.25
C HIS A 533 -35.50 -58.71 -27.23
N ILE A 534 -34.28 -58.19 -27.30
CA ILE A 534 -33.90 -57.07 -28.15
C ILE A 534 -32.68 -57.52 -28.92
N LYS A 535 -32.74 -57.45 -30.25
CA LYS A 535 -31.62 -57.84 -31.09
C LYS A 535 -31.01 -56.58 -31.70
N ILE A 536 -29.69 -56.44 -31.60
CA ILE A 536 -29.03 -55.25 -32.17
C ILE A 536 -27.93 -55.75 -33.09
N PRO A 537 -27.86 -55.24 -34.31
CA PRO A 537 -26.82 -55.70 -35.25
C PRO A 537 -25.41 -55.37 -34.77
N MET A 538 -24.48 -56.26 -35.12
CA MET A 538 -23.06 -56.12 -34.82
C MET A 538 -22.34 -56.26 -36.16
N SER A 539 -21.43 -55.33 -36.44
CA SER A 539 -20.68 -55.28 -37.70
C SER A 539 -19.59 -56.33 -37.84
N LEU A 540 -19.42 -56.81 -39.07
CA LEU A 540 -18.39 -57.75 -39.49
C LEU A 540 -17.34 -56.96 -40.27
N MET A 541 -16.26 -57.62 -40.69
CA MET A 541 -15.19 -56.96 -41.43
C MET A 541 -15.73 -56.32 -42.72
N GLY A 542 -15.20 -55.14 -43.05
CA GLY A 542 -15.63 -54.42 -44.23
C GLY A 542 -16.89 -53.62 -44.05
N GLU A 543 -17.54 -53.73 -42.88
CA GLU A 543 -18.76 -52.99 -42.56
C GLU A 543 -18.53 -51.91 -41.52
N ASN A 544 -17.29 -51.72 -41.09
CA ASN A 544 -17.00 -50.70 -40.10
C ASN A 544 -15.57 -50.22 -40.28
N GLU A 545 -15.30 -49.02 -39.75
CA GLU A 545 -14.02 -48.34 -39.74
C GLU A 545 -13.32 -48.50 -38.41
N GLY A 546 -13.44 -49.67 -37.78
CA GLY A 546 -12.89 -49.88 -36.46
C GLY A 546 -11.45 -50.35 -36.41
N THR A 547 -10.77 -49.93 -35.36
CA THR A 547 -9.39 -50.32 -35.22
C THR A 547 -9.26 -51.50 -34.26
N TYR A 548 -8.24 -52.32 -34.52
CA TYR A 548 -7.91 -53.48 -33.75
C TYR A 548 -6.45 -53.43 -33.33
N LYS A 549 -6.17 -53.88 -32.12
CA LYS A 549 -4.80 -53.94 -31.59
C LYS A 549 -4.33 -55.36 -31.94
N THR A 550 -3.61 -55.49 -33.05
CA THR A 550 -3.19 -56.78 -33.57
C THR A 550 -1.66 -56.92 -33.64
N PHE A 551 -1.23 -58.09 -34.14
CA PHE A 551 0.17 -58.40 -34.35
C PHE A 551 0.77 -57.61 -35.50
N PHE A 552 -0.06 -57.05 -36.38
CA PHE A 552 0.43 -56.21 -37.46
C PHE A 552 0.34 -54.75 -37.07
N GLY A 553 0.14 -54.45 -35.79
CA GLY A 553 0.01 -53.10 -35.27
C GLY A 553 -1.43 -52.72 -34.97
N GLU A 554 -1.63 -51.42 -34.75
CA GLU A 554 -2.95 -50.87 -34.50
C GLU A 554 -3.51 -50.57 -35.88
N VAL A 555 -4.27 -51.51 -36.41
CA VAL A 555 -4.85 -51.42 -37.75
C VAL A 555 -6.28 -50.89 -37.67
N LYS A 556 -6.64 -50.05 -38.64
CA LYS A 556 -7.97 -49.47 -38.72
C LYS A 556 -8.62 -49.96 -40.01
N GLY A 557 -9.83 -50.49 -39.89
CA GLY A 557 -10.51 -51.03 -41.05
C GLY A 557 -11.24 -49.98 -41.86
N LYS A 558 -11.83 -50.45 -42.95
CA LYS A 558 -12.56 -49.58 -43.85
C LYS A 558 -13.98 -50.09 -43.99
N LYS A 559 -14.92 -49.15 -44.09
CA LYS A 559 -16.33 -49.46 -44.19
C LYS A 559 -16.75 -49.31 -45.65
N PHE A 560 -17.02 -50.42 -46.32
CA PHE A 560 -17.44 -50.31 -47.71
C PHE A 560 -18.59 -51.21 -48.08
N LEU A 561 -18.87 -52.30 -47.35
CA LEU A 561 -20.02 -53.15 -47.70
C LEU A 561 -21.30 -52.33 -47.56
N PRO A 562 -22.10 -52.20 -48.61
CA PRO A 562 -23.26 -51.30 -48.58
C PRO A 562 -24.41 -51.67 -47.63
N TRP A 563 -24.61 -52.93 -47.27
CA TRP A 563 -25.70 -53.32 -46.37
C TRP A 563 -25.37 -53.15 -44.89
N ALA A 564 -24.18 -52.64 -44.59
CA ALA A 564 -23.73 -52.48 -43.21
C ALA A 564 -24.65 -51.64 -42.35
N PHE A 565 -24.79 -52.09 -41.10
CA PHE A 565 -25.53 -51.40 -40.07
C PHE A 565 -24.48 -50.56 -39.34
N ASP A 566 -24.77 -49.28 -39.10
CA ASP A 566 -23.77 -48.41 -38.45
C ASP A 566 -23.72 -48.57 -36.93
N ASP A 567 -23.08 -49.67 -36.53
CA ASP A 567 -22.78 -50.09 -35.17
C ASP A 567 -22.29 -48.92 -34.31
N LEU A 568 -21.19 -48.29 -34.72
CA LEU A 568 -20.63 -47.21 -33.92
C LEU A 568 -21.59 -46.04 -33.81
N ALA A 569 -22.25 -45.66 -34.91
CA ALA A 569 -23.17 -44.52 -34.84
C ALA A 569 -24.31 -44.80 -33.88
N PHE A 570 -24.81 -46.05 -33.84
CA PHE A 570 -25.88 -46.40 -32.93
C PHE A 570 -25.45 -46.22 -31.48
N TRP A 571 -24.33 -46.84 -31.11
CA TRP A 571 -23.87 -46.73 -29.74
C TRP A 571 -23.56 -45.29 -29.36
N LYS A 572 -22.94 -44.54 -30.26
CA LYS A 572 -22.65 -43.15 -29.92
C LYS A 572 -23.94 -42.38 -29.72
N TYR A 573 -24.98 -42.72 -30.49
CA TYR A 573 -26.24 -42.04 -30.32
C TYR A 573 -26.81 -42.37 -28.95
N LEU A 574 -26.75 -43.64 -28.57
CA LEU A 574 -27.21 -44.01 -27.25
C LEU A 574 -26.40 -43.28 -26.19
N GLY A 575 -25.08 -43.21 -26.38
CA GLY A 575 -24.20 -42.51 -25.45
C GLY A 575 -24.51 -41.04 -25.26
N GLU A 576 -25.21 -40.41 -26.22
CA GLU A 576 -25.54 -39.01 -26.04
C GLU A 576 -26.43 -38.82 -24.82
N ASN A 577 -27.05 -39.89 -24.35
CA ASN A 577 -27.91 -39.88 -23.17
C ASN A 577 -27.16 -40.20 -21.88
N PHE A 578 -25.84 -40.28 -21.92
CA PHE A 578 -25.04 -40.60 -20.74
C PHE A 578 -23.85 -39.65 -20.72
N LYS A 579 -23.84 -38.70 -19.78
CA LYS A 579 -22.72 -37.76 -19.72
C LYS A 579 -21.82 -37.99 -18.50
N GLU A 580 -22.35 -37.88 -17.30
CA GLU A 580 -21.55 -38.05 -16.09
C GLU A 580 -21.26 -39.51 -15.78
N GLU A 581 -20.05 -39.77 -15.28
CA GLU A 581 -19.63 -41.10 -14.88
C GLU A 581 -20.28 -41.42 -13.53
N LYS A 582 -20.97 -42.57 -13.44
CA LYS A 582 -21.62 -42.92 -12.18
C LYS A 582 -20.87 -43.98 -11.39
N GLY A 583 -20.20 -44.92 -12.04
CA GLY A 583 -19.47 -45.92 -11.32
C GLY A 583 -19.60 -47.27 -11.99
N LEU A 584 -19.35 -48.32 -11.22
CA LEU A 584 -19.43 -49.69 -11.70
C LEU A 584 -19.61 -50.61 -10.50
N LYS A 585 -19.91 -51.86 -10.80
CA LYS A 585 -20.04 -52.91 -9.82
C LYS A 585 -19.18 -54.05 -10.36
N VAL A 586 -18.49 -54.76 -9.47
CA VAL A 586 -17.60 -55.86 -9.84
C VAL A 586 -17.99 -57.09 -9.03
N VAL A 587 -18.17 -58.24 -9.70
CA VAL A 587 -18.43 -59.51 -9.03
C VAL A 587 -17.30 -60.45 -9.37
N LYS A 588 -16.81 -61.14 -8.36
CA LYS A 588 -15.75 -62.09 -8.54
C LYS A 588 -16.17 -63.43 -7.95
N SER A 589 -15.59 -64.52 -8.47
CA SER A 589 -15.89 -65.85 -7.95
C SER A 589 -14.83 -66.83 -8.42
N SER A 590 -14.54 -67.78 -7.55
CA SER A 590 -13.54 -68.83 -7.72
C SER A 590 -14.03 -70.05 -8.48
N SER A 591 -15.30 -70.11 -8.87
CA SER A 591 -15.79 -71.28 -9.59
C SER A 591 -14.98 -71.41 -10.87
N ASN A 592 -14.63 -72.64 -11.22
CA ASN A 592 -13.79 -72.93 -12.38
C ASN A 592 -14.64 -73.34 -13.56
N LEU A 593 -14.68 -72.50 -14.58
CA LEU A 593 -15.42 -72.77 -15.80
C LEU A 593 -14.47 -73.40 -16.80
N ARG A 594 -14.88 -74.50 -17.40
CA ARG A 594 -14.06 -75.19 -18.38
C ARG A 594 -14.53 -74.84 -19.78
N ARG A 595 -13.56 -74.63 -20.65
CA ARG A 595 -13.84 -74.32 -22.03
C ARG A 595 -14.58 -75.53 -22.61
N ARG A 596 -15.62 -75.29 -23.42
CA ARG A 596 -16.38 -76.40 -24.00
C ARG A 596 -15.72 -77.01 -25.23
N PHE A 597 -14.99 -76.23 -26.02
CA PHE A 597 -14.37 -76.79 -27.22
C PHE A 597 -13.00 -76.17 -27.50
N GLU A 598 -12.13 -76.98 -28.08
CA GLU A 598 -10.79 -76.52 -28.44
C GLU A 598 -10.79 -75.85 -29.81
N PRO A 599 -10.17 -74.70 -29.98
CA PRO A 599 -10.15 -74.11 -31.32
C PRO A 599 -9.42 -75.03 -32.28
N HIS A 600 -9.81 -74.94 -33.54
CA HIS A 600 -9.27 -75.72 -34.63
C HIS A 600 -8.94 -74.76 -35.75
N LEU A 601 -7.97 -75.19 -36.58
CA LEU A 601 -7.51 -74.36 -37.71
C LEU A 601 -8.65 -73.88 -38.60
N TYR A 602 -9.68 -74.68 -38.76
CA TYR A 602 -10.79 -74.32 -39.61
C TYR A 602 -12.03 -73.85 -38.83
N ARG A 603 -11.95 -73.76 -37.50
CA ARG A 603 -13.07 -73.28 -36.70
C ARG A 603 -12.47 -72.79 -35.37
N ASN A 604 -12.29 -71.48 -35.25
CA ASN A 604 -11.70 -70.90 -34.07
C ASN A 604 -12.62 -69.96 -33.32
N ASN A 605 -13.83 -69.68 -33.83
CA ASN A 605 -14.73 -68.77 -33.13
C ASN A 605 -16.12 -68.90 -33.73
N TRP A 606 -17.08 -68.21 -33.11
CA TRP A 606 -18.46 -68.27 -33.58
C TRP A 606 -18.64 -67.68 -34.98
N ILE A 607 -17.67 -66.90 -35.49
CA ILE A 607 -17.83 -66.34 -36.82
C ILE A 607 -17.42 -67.37 -37.87
N THR A 608 -16.22 -67.93 -37.74
CA THR A 608 -15.81 -68.94 -38.71
C THR A 608 -16.74 -70.13 -38.64
N GLN A 609 -17.45 -70.27 -37.53
CA GLN A 609 -18.38 -71.38 -37.41
C GLN A 609 -19.54 -71.25 -38.38
N ARG A 610 -19.87 -70.03 -38.78
CA ARG A 610 -20.98 -69.80 -39.66
C ARG A 610 -20.57 -69.75 -41.09
N SER A 611 -19.37 -70.22 -41.40
CA SER A 611 -18.88 -70.29 -42.75
C SER A 611 -19.17 -71.68 -43.27
N GLN A 612 -19.91 -71.76 -44.37
CA GLN A 612 -20.22 -73.06 -44.95
C GLN A 612 -18.96 -73.76 -45.46
N ASN A 613 -18.02 -72.99 -46.03
CA ASN A 613 -16.78 -73.57 -46.54
C ASN A 613 -15.95 -74.19 -45.42
N LEU A 614 -15.58 -73.38 -44.41
CA LEU A 614 -14.75 -73.85 -43.30
C LEU A 614 -15.41 -75.00 -42.55
N SER A 615 -16.75 -75.03 -42.50
CA SER A 615 -17.42 -76.13 -41.81
C SER A 615 -17.14 -77.46 -42.49
N ARG A 616 -17.09 -77.48 -43.83
CA ARG A 616 -16.74 -78.71 -44.54
C ARG A 616 -15.30 -79.10 -44.22
N LEU A 617 -14.38 -78.14 -44.29
CA LEU A 617 -13.00 -78.43 -43.95
C LEU A 617 -12.90 -78.89 -42.49
N TYR A 618 -13.65 -78.24 -41.60
CA TYR A 618 -13.61 -78.63 -40.19
C TYR A 618 -14.13 -80.04 -39.98
N GLU A 619 -15.25 -80.39 -40.60
CA GLU A 619 -15.79 -81.74 -40.41
C GLU A 619 -14.82 -82.81 -40.89
N LYS A 620 -14.04 -82.53 -41.94
CA LYS A 620 -13.12 -83.55 -42.42
C LYS A 620 -11.91 -83.72 -41.49
N ASN A 621 -11.38 -82.63 -40.98
CA ASN A 621 -10.18 -82.65 -40.18
C ASN A 621 -10.38 -82.59 -38.68
N LYS A 622 -11.63 -82.58 -38.19
CA LYS A 622 -11.82 -82.41 -36.75
C LYS A 622 -11.14 -83.51 -35.94
N ASP A 623 -11.18 -84.76 -36.40
CA ASP A 623 -10.60 -85.87 -35.65
C ASP A 623 -9.11 -86.05 -35.86
N ILE A 624 -8.53 -85.46 -36.90
CA ILE A 624 -7.12 -85.64 -37.17
C ILE A 624 -6.27 -84.84 -36.20
N THR A 625 -5.27 -85.51 -35.60
CA THR A 625 -4.35 -84.91 -34.65
C THR A 625 -2.89 -85.05 -35.08
N VAL A 626 -2.59 -85.83 -36.11
CA VAL A 626 -1.22 -86.01 -36.56
C VAL A 626 -1.13 -85.77 -38.07
N TYR A 627 -0.31 -84.79 -38.46
CA TYR A 627 -0.11 -84.46 -39.86
C TYR A 627 1.34 -84.60 -40.29
N TYR A 628 2.29 -84.71 -39.36
CA TYR A 628 3.70 -84.84 -39.65
C TYR A 628 4.31 -85.87 -38.72
N GLU A 629 5.29 -86.65 -39.21
CA GLU A 629 5.98 -87.65 -38.38
C GLU A 629 7.18 -88.29 -39.10
N MET B 1 -1.94 -31.72 -94.13
CA MET B 1 -2.33 -30.87 -93.03
C MET B 1 -1.27 -30.84 -91.93
N LYS B 2 -0.37 -29.88 -92.01
CA LYS B 2 0.68 -29.73 -91.02
C LYS B 2 0.19 -28.81 -89.89
N TRP B 3 0.95 -28.75 -88.81
CA TRP B 3 0.62 -27.87 -87.69
C TRP B 3 1.56 -26.65 -87.78
N VAL B 4 1.56 -25.78 -86.76
CA VAL B 4 2.35 -24.54 -86.72
C VAL B 4 3.75 -24.71 -87.29
N ASN B 5 4.13 -23.83 -88.23
CA ASN B 5 5.45 -23.92 -88.81
C ASN B 5 6.47 -23.30 -87.87
N LYS B 6 7.72 -23.77 -87.99
CA LYS B 6 8.79 -23.28 -87.14
C LYS B 6 8.94 -21.76 -87.20
N GLY B 7 8.65 -21.16 -88.37
CA GLY B 7 8.77 -19.72 -88.51
C GLY B 7 7.81 -18.92 -87.64
N THR B 8 6.51 -19.22 -87.72
CA THR B 8 5.52 -18.47 -86.95
C THR B 8 5.67 -18.73 -85.45
N VAL B 9 6.19 -19.89 -85.07
CA VAL B 9 6.38 -20.18 -83.65
C VAL B 9 7.37 -19.20 -83.03
N GLU B 10 8.50 -18.97 -83.72
CA GLU B 10 9.48 -18.03 -83.20
C GLU B 10 8.96 -16.61 -83.18
N ARG B 11 8.21 -16.18 -84.20
CA ARG B 11 7.70 -14.82 -84.17
C ARG B 11 6.72 -14.65 -83.02
N VAL B 12 6.08 -15.75 -82.62
CA VAL B 12 5.16 -15.73 -81.49
C VAL B 12 5.94 -15.69 -80.18
N LYS B 13 7.06 -16.43 -80.12
CA LYS B 13 7.88 -16.44 -78.91
C LYS B 13 8.65 -15.13 -78.74
N GLN B 14 9.11 -14.53 -79.83
CA GLN B 14 9.83 -13.26 -79.73
C GLN B 14 8.89 -12.13 -79.32
N GLU B 15 7.58 -12.33 -79.47
CA GLU B 15 6.62 -11.29 -79.12
C GLU B 15 6.01 -11.49 -77.73
N PHE B 16 5.86 -12.74 -77.29
CA PHE B 16 5.29 -13.14 -76.00
C PHE B 16 6.34 -13.93 -75.22
N LYS B 17 7.52 -13.36 -75.08
CA LYS B 17 8.69 -13.99 -74.47
C LYS B 17 8.47 -14.91 -73.27
N ASP B 18 8.08 -14.40 -72.10
CA ASP B 18 7.89 -15.27 -70.94
C ASP B 18 6.41 -15.60 -70.69
N GLU B 19 5.54 -15.27 -71.65
CA GLU B 19 4.11 -15.50 -71.51
C GLU B 19 3.57 -16.69 -72.29
N VAL B 20 4.33 -17.23 -73.24
CA VAL B 20 3.89 -18.38 -74.01
C VAL B 20 4.95 -19.48 -73.89
N LYS B 21 4.49 -20.71 -74.11
CA LYS B 21 5.37 -21.87 -74.04
C LYS B 21 5.01 -22.79 -75.20
N TYR B 22 5.88 -22.90 -76.18
CA TYR B 22 5.62 -23.79 -77.31
C TYR B 22 5.70 -25.23 -76.83
N TYR B 23 4.90 -26.10 -77.45
CA TYR B 23 4.88 -27.51 -77.08
C TYR B 23 4.46 -28.36 -78.27
N GLU B 24 4.81 -29.64 -78.19
CA GLU B 24 4.48 -30.60 -79.24
C GLU B 24 3.99 -31.89 -78.63
N THR B 25 3.11 -32.56 -79.37
CA THR B 25 2.51 -33.84 -79.04
C THR B 25 2.74 -34.71 -80.25
N LYS B 26 2.40 -35.99 -80.14
CA LYS B 26 2.54 -36.87 -81.28
C LYS B 26 1.72 -36.37 -82.47
N HIS B 27 0.59 -35.67 -82.21
CA HIS B 27 -0.27 -35.20 -83.28
C HIS B 27 -0.64 -33.72 -83.26
N THR B 28 -0.18 -32.95 -82.29
CA THR B 28 -0.53 -31.54 -82.26
C THR B 28 0.67 -30.69 -81.87
N LYS B 29 0.66 -29.46 -82.36
CA LYS B 29 1.67 -28.46 -82.10
C LYS B 29 0.92 -27.20 -81.74
N GLY B 30 1.36 -26.50 -80.70
CA GLY B 30 0.66 -25.31 -80.30
C GLY B 30 1.34 -24.57 -79.18
N PHE B 31 0.54 -23.79 -78.45
CA PHE B 31 1.08 -22.99 -77.36
C PHE B 31 0.22 -23.01 -76.11
N GLU B 32 0.89 -22.77 -75.00
CA GLU B 32 0.27 -22.58 -73.69
C GLU B 32 0.60 -21.13 -73.35
N VAL B 33 -0.43 -20.35 -73.02
CA VAL B 33 -0.25 -18.94 -72.74
C VAL B 33 -0.83 -18.58 -71.38
N SER B 34 -0.33 -17.49 -70.82
CA SER B 34 -0.85 -17.01 -69.55
C SER B 34 -2.21 -16.37 -69.80
N HIS B 35 -3.11 -16.50 -68.83
CA HIS B 35 -4.48 -15.99 -68.98
C HIS B 35 -4.54 -14.56 -69.53
N ASP B 36 -3.81 -13.64 -68.91
CA ASP B 36 -3.86 -12.23 -69.31
C ASP B 36 -3.33 -11.98 -70.73
N PHE B 37 -2.77 -12.99 -71.39
CA PHE B 37 -2.25 -12.81 -72.74
C PHE B 37 -2.96 -13.68 -73.77
N LEU B 38 -4.04 -14.37 -73.39
CA LEU B 38 -4.74 -15.24 -74.34
C LEU B 38 -5.23 -14.47 -75.56
N LYS B 39 -6.08 -13.46 -75.36
CA LYS B 39 -6.58 -12.72 -76.51
C LYS B 39 -5.47 -12.05 -77.32
N PRO B 40 -4.47 -11.37 -76.73
CA PRO B 40 -3.41 -10.78 -77.57
C PRO B 40 -2.71 -11.80 -78.44
N LEU B 41 -2.58 -13.04 -77.96
CA LEU B 41 -1.96 -14.08 -78.78
C LEU B 41 -2.87 -14.46 -79.95
N LEU B 42 -4.17 -14.64 -79.67
CA LEU B 42 -5.11 -14.99 -80.73
C LEU B 42 -5.19 -13.89 -81.80
N LYS B 43 -5.32 -12.64 -81.38
CA LYS B 43 -5.37 -11.56 -82.35
C LYS B 43 -4.10 -11.56 -83.17
N PHE B 44 -2.98 -11.90 -82.52
CA PHE B 44 -1.70 -11.96 -83.22
C PHE B 44 -1.70 -13.10 -84.23
N LEU B 45 -2.16 -14.28 -83.78
CA LEU B 45 -2.19 -15.44 -84.67
C LEU B 45 -3.15 -15.24 -85.84
N LYS B 46 -4.25 -14.53 -85.62
CA LYS B 46 -5.19 -14.34 -86.72
C LYS B 46 -4.73 -13.23 -87.66
N GLU B 47 -4.65 -11.98 -87.16
CA GLU B 47 -4.33 -10.83 -88.01
C GLU B 47 -2.88 -10.82 -88.48
N ARG B 48 -1.93 -10.99 -87.57
CA ARG B 48 -0.53 -10.90 -87.96
C ARG B 48 0.12 -12.23 -88.34
N GLU B 49 -0.60 -13.35 -88.27
CA GLU B 49 0.00 -14.63 -88.64
C GLU B 49 -0.85 -15.46 -89.60
N ARG B 50 -2.00 -14.95 -90.03
CA ARG B 50 -2.93 -15.54 -91.01
C ARG B 50 -3.79 -16.71 -90.53
N PHE B 51 -3.94 -16.95 -89.23
CA PHE B 51 -4.81 -18.03 -88.75
C PHE B 51 -6.23 -17.48 -88.59
N LEU B 52 -6.74 -17.01 -89.73
CA LEU B 52 -8.05 -16.36 -89.81
C LEU B 52 -9.22 -17.33 -89.67
N HIS B 53 -9.11 -18.53 -90.24
CA HIS B 53 -10.20 -19.50 -90.17
C HIS B 53 -10.33 -20.09 -88.77
N PHE B 54 -11.48 -19.86 -88.14
CA PHE B 54 -11.73 -20.40 -86.82
C PHE B 54 -12.22 -21.83 -86.93
N VAL B 55 -11.61 -22.74 -86.18
CA VAL B 55 -12.00 -24.15 -86.22
C VAL B 55 -12.91 -24.49 -85.07
N ASP B 56 -12.42 -24.38 -83.84
CA ASP B 56 -13.24 -24.71 -82.68
C ASP B 56 -12.58 -24.15 -81.43
N MET B 57 -13.33 -24.22 -80.33
CA MET B 57 -12.91 -23.83 -79.00
C MET B 57 -13.82 -24.57 -78.03
N THR B 58 -13.28 -24.96 -76.89
CA THR B 58 -14.04 -25.67 -75.87
C THR B 58 -13.19 -25.63 -74.60
N CYS B 59 -13.58 -26.43 -73.60
CA CYS B 59 -12.86 -26.50 -72.33
C CYS B 59 -12.69 -27.94 -71.92
N ILE B 60 -11.69 -28.15 -71.06
CA ILE B 60 -11.39 -29.46 -70.48
C ILE B 60 -11.48 -29.26 -68.98
N ASP B 61 -12.07 -30.21 -68.28
CA ASP B 61 -12.24 -30.10 -66.83
C ASP B 61 -11.17 -30.89 -66.09
N PHE B 62 -10.32 -30.18 -65.34
CA PHE B 62 -9.25 -30.76 -64.52
C PHE B 62 -9.53 -30.39 -63.07
N PRO B 63 -10.41 -31.13 -62.38
CA PRO B 63 -10.69 -30.76 -60.97
C PRO B 63 -9.46 -30.73 -60.07
N GLU B 64 -8.43 -31.50 -60.37
CA GLU B 64 -7.21 -31.53 -59.55
C GLU B 64 -6.30 -30.29 -59.70
N HIS B 65 -6.67 -29.31 -60.52
CA HIS B 65 -5.89 -28.10 -60.73
C HIS B 65 -6.58 -26.92 -60.08
N PRO B 66 -5.81 -25.95 -59.57
CA PRO B 66 -6.44 -24.76 -58.95
C PRO B 66 -7.42 -24.01 -59.86
N ASN B 67 -7.06 -23.80 -61.14
CA ASN B 67 -7.95 -23.10 -62.07
C ASN B 67 -9.08 -23.98 -62.56
N ARG B 68 -8.85 -25.29 -62.63
CA ARG B 68 -9.83 -26.30 -62.97
C ARG B 68 -10.34 -26.34 -64.40
N PHE B 69 -10.13 -25.30 -65.22
CA PHE B 69 -10.66 -25.32 -66.59
C PHE B 69 -9.66 -24.75 -67.58
N GLN B 70 -9.27 -25.56 -68.55
CA GLN B 70 -8.32 -25.14 -69.56
C GLN B 70 -9.07 -24.85 -70.86
N GLY B 71 -8.93 -23.62 -71.36
CA GLY B 71 -9.58 -23.28 -72.60
C GLY B 71 -8.72 -23.80 -73.73
N VAL B 72 -9.37 -24.43 -74.70
CA VAL B 72 -8.69 -25.02 -75.85
C VAL B 72 -9.18 -24.33 -77.11
N TYR B 73 -8.24 -23.84 -77.92
CA TYR B 73 -8.55 -23.14 -79.15
C TYR B 73 -7.84 -23.81 -80.31
N ILE B 74 -8.50 -23.85 -81.47
CA ILE B 74 -7.91 -24.44 -82.68
C ILE B 74 -8.23 -23.51 -83.84
N LEU B 75 -7.18 -23.03 -84.51
CA LEU B 75 -7.27 -22.13 -85.65
C LEU B 75 -6.59 -22.75 -86.86
N TYR B 76 -6.83 -22.16 -88.03
CA TYR B 76 -6.29 -22.68 -89.28
C TYR B 76 -5.80 -21.56 -90.21
N ASN B 77 -4.67 -21.81 -90.84
CA ASN B 77 -4.06 -20.88 -91.77
C ASN B 77 -4.36 -21.43 -93.16
N PRO B 78 -5.37 -20.91 -93.86
CA PRO B 78 -5.65 -21.44 -95.21
C PRO B 78 -4.54 -21.13 -96.19
N GLU B 79 -3.78 -20.07 -95.98
CA GLU B 79 -2.70 -19.71 -96.91
C GLU B 79 -1.56 -20.73 -96.89
N GLU B 80 -1.31 -21.39 -95.77
CA GLU B 80 -0.22 -22.35 -95.66
C GLU B 80 -0.67 -23.76 -95.32
N ASN B 81 -1.97 -23.98 -95.05
CA ASN B 81 -2.55 -25.28 -94.70
C ASN B 81 -1.95 -25.80 -93.38
N GLU B 82 -2.03 -24.97 -92.34
CA GLU B 82 -1.50 -25.31 -91.04
C GLU B 82 -2.55 -25.13 -89.96
N ARG B 83 -2.41 -25.90 -88.89
CA ARG B 83 -3.30 -25.83 -87.74
C ARG B 83 -2.49 -25.47 -86.51
N VAL B 84 -3.13 -24.73 -85.61
CA VAL B 84 -2.52 -24.31 -84.36
C VAL B 84 -3.52 -24.61 -83.27
N ILE B 85 -3.00 -24.92 -82.10
CA ILE B 85 -3.82 -25.16 -80.92
C ILE B 85 -3.27 -24.25 -79.84
N VAL B 86 -4.15 -23.57 -79.13
CA VAL B 86 -3.75 -22.66 -78.08
C VAL B 86 -4.52 -23.04 -76.82
N LYS B 87 -3.80 -23.17 -75.71
CA LYS B 87 -4.41 -23.53 -74.44
C LYS B 87 -4.12 -22.43 -73.43
N SER B 88 -5.01 -22.29 -72.45
CA SER B 88 -4.84 -21.27 -71.43
C SER B 88 -5.76 -21.59 -70.25
N TRP B 89 -5.35 -21.24 -69.04
CA TRP B 89 -6.15 -21.53 -67.85
C TRP B 89 -7.11 -20.38 -67.58
N ALA B 90 -8.25 -20.73 -66.99
CA ALA B 90 -9.28 -19.74 -66.66
C ALA B 90 -8.99 -19.10 -65.31
N LYS B 91 -9.02 -17.77 -65.27
CA LYS B 91 -8.77 -17.03 -64.04
C LYS B 91 -10.10 -16.79 -63.31
N ASP B 92 -10.29 -17.47 -62.19
CA ASP B 92 -11.52 -17.33 -61.40
C ASP B 92 -12.76 -17.67 -62.22
N GLY B 93 -12.70 -18.80 -62.92
CA GLY B 93 -13.81 -19.27 -63.72
C GLY B 93 -14.20 -18.40 -64.89
N LYS B 94 -13.29 -17.56 -65.39
CA LYS B 94 -13.58 -16.67 -66.50
C LYS B 94 -12.52 -16.85 -67.61
N LEU B 95 -12.87 -16.35 -68.79
CA LEU B 95 -12.03 -16.39 -69.99
C LEU B 95 -12.38 -15.18 -70.84
N PRO B 96 -11.50 -14.79 -71.74
CA PRO B 96 -11.84 -13.64 -72.59
C PRO B 96 -12.71 -14.07 -73.76
N THR B 97 -13.61 -13.18 -74.15
CA THR B 97 -14.48 -13.46 -75.28
C THR B 97 -13.67 -13.31 -76.56
N VAL B 98 -13.96 -14.18 -77.53
CA VAL B 98 -13.29 -14.15 -78.82
C VAL B 98 -14.27 -13.89 -79.96
N GLU B 99 -15.54 -13.64 -79.66
CA GLU B 99 -16.52 -13.41 -80.72
C GLU B 99 -16.23 -12.17 -81.56
N ASP B 100 -15.46 -11.20 -81.05
CA ASP B 100 -15.17 -10.03 -81.89
C ASP B 100 -14.09 -10.35 -82.91
N LEU B 101 -13.30 -11.40 -82.65
CA LEU B 101 -12.24 -11.86 -83.54
C LEU B 101 -12.81 -12.82 -84.57
N TRP B 102 -13.64 -13.75 -84.11
CA TRP B 102 -14.29 -14.74 -84.97
C TRP B 102 -15.75 -14.76 -84.53
N PRO B 103 -16.66 -14.17 -85.31
CA PRO B 103 -18.08 -14.21 -84.88
C PRO B 103 -18.60 -15.62 -84.70
N GLY B 104 -18.15 -16.57 -85.53
CA GLY B 104 -18.59 -17.94 -85.39
C GLY B 104 -18.30 -18.56 -84.04
N ALA B 105 -17.30 -18.02 -83.33
CA ALA B 105 -16.93 -18.54 -82.01
C ALA B 105 -17.94 -18.18 -80.94
N LYS B 106 -18.94 -17.35 -81.26
CA LYS B 106 -19.93 -16.98 -80.26
C LYS B 106 -20.71 -18.21 -79.77
N TRP B 107 -21.13 -19.07 -80.69
CA TRP B 107 -21.87 -20.26 -80.29
C TRP B 107 -21.00 -21.25 -79.55
N ALA B 108 -19.70 -21.29 -79.85
CA ALA B 108 -18.82 -22.20 -79.12
C ALA B 108 -18.70 -21.74 -77.67
N GLU B 109 -18.73 -20.43 -77.44
CA GLU B 109 -18.69 -19.90 -76.08
C GLU B 109 -19.99 -20.22 -75.36
N ARG B 110 -21.11 -20.18 -76.09
CA ARG B 110 -22.39 -20.52 -75.46
C ARG B 110 -22.39 -21.98 -75.05
N GLU B 111 -21.87 -22.86 -75.92
CA GLU B 111 -21.82 -24.30 -75.59
C GLU B 111 -20.95 -24.55 -74.37
N ALA B 112 -19.82 -23.86 -74.28
CA ALA B 112 -18.90 -24.05 -73.15
C ALA B 112 -19.53 -23.59 -71.84
N TYR B 113 -20.22 -22.44 -71.84
CA TYR B 113 -20.83 -21.96 -70.61
C TYR B 113 -21.90 -22.93 -70.11
N ASP B 114 -22.61 -23.55 -71.05
CA ASP B 114 -23.67 -24.49 -70.68
C ASP B 114 -23.11 -25.82 -70.17
N MET B 115 -21.98 -26.26 -70.71
CA MET B 115 -21.40 -27.53 -70.31
C MET B 115 -20.40 -27.44 -69.18
N PHE B 116 -19.68 -26.31 -69.03
CA PHE B 116 -18.68 -26.20 -67.98
C PHE B 116 -18.88 -25.08 -66.96
N GLY B 117 -19.64 -24.03 -67.28
CA GLY B 117 -19.81 -22.96 -66.33
C GLY B 117 -18.83 -21.82 -66.49
N VAL B 118 -18.05 -21.82 -67.57
CA VAL B 118 -17.09 -20.76 -67.83
C VAL B 118 -17.81 -19.56 -68.40
N VAL B 119 -17.61 -18.40 -67.81
CA VAL B 119 -18.23 -17.20 -68.34
C VAL B 119 -17.17 -16.50 -69.17
N PHE B 120 -17.60 -15.85 -70.23
CA PHE B 120 -16.71 -15.13 -71.14
C PHE B 120 -17.05 -13.65 -70.97
N GLU B 121 -16.19 -12.92 -70.26
CA GLU B 121 -16.44 -11.49 -70.03
C GLU B 121 -16.56 -10.74 -71.34
N GLY B 122 -17.74 -10.18 -71.57
CA GLY B 122 -18.03 -9.44 -72.79
C GLY B 122 -18.62 -10.27 -73.89
N HIS B 123 -19.40 -11.30 -73.56
CA HIS B 123 -20.00 -12.16 -74.57
C HIS B 123 -21.27 -11.59 -75.18
N GLU B 124 -21.74 -10.42 -74.74
CA GLU B 124 -22.96 -9.84 -75.30
C GLU B 124 -24.16 -10.77 -75.05
N ASN B 125 -24.57 -10.79 -73.78
CA ASN B 125 -25.73 -11.57 -73.33
C ASN B 125 -25.49 -13.08 -73.48
N LEU B 126 -24.52 -13.57 -72.73
CA LEU B 126 -24.20 -14.99 -72.74
C LEU B 126 -25.30 -15.79 -72.06
N ARG B 127 -25.90 -16.71 -72.81
CA ARG B 127 -26.96 -17.58 -72.33
C ARG B 127 -26.58 -19.01 -72.64
N ARG B 128 -27.18 -19.95 -71.88
CA ARG B 128 -26.90 -21.36 -72.14
C ARG B 128 -27.29 -21.73 -73.56
N MET B 129 -26.52 -22.63 -74.16
CA MET B 129 -26.72 -23.04 -75.54
C MET B 129 -27.81 -24.11 -75.71
N PHE B 130 -27.65 -25.27 -75.05
CA PHE B 130 -28.59 -26.39 -75.17
C PHE B 130 -29.61 -26.45 -74.05
N MET B 131 -29.18 -26.39 -72.80
CA MET B 131 -30.11 -26.46 -71.68
C MET B 131 -30.91 -25.16 -71.60
N TRP B 132 -32.02 -25.24 -70.87
CA TRP B 132 -32.93 -24.12 -70.69
C TRP B 132 -32.39 -23.11 -69.67
N GLU B 133 -32.98 -21.90 -69.70
CA GLU B 133 -32.58 -20.85 -68.77
C GLU B 133 -32.93 -21.26 -67.36
N GLY B 134 -31.93 -21.38 -66.50
CA GLY B 134 -32.17 -21.78 -65.13
C GLY B 134 -31.67 -23.16 -64.78
N TYR B 135 -31.10 -23.91 -65.73
CA TYR B 135 -30.58 -25.23 -65.41
C TYR B 135 -29.53 -25.05 -64.31
N GLU B 136 -29.55 -25.95 -63.32
CA GLU B 136 -28.65 -25.82 -62.17
C GLU B 136 -27.35 -26.60 -62.27
N HIS B 137 -26.95 -27.05 -63.46
CA HIS B 137 -25.72 -27.83 -63.52
C HIS B 137 -24.94 -27.54 -64.81
N TYR B 138 -23.76 -28.15 -64.89
CA TYR B 138 -22.83 -28.05 -66.01
C TYR B 138 -22.48 -29.51 -66.24
N PRO B 139 -23.23 -30.18 -67.10
CA PRO B 139 -23.03 -31.63 -67.33
C PRO B 139 -21.63 -32.08 -67.74
N LEU B 140 -20.85 -31.29 -68.46
CA LEU B 140 -19.54 -31.82 -68.83
C LEU B 140 -18.55 -31.85 -67.67
N ARG B 141 -18.91 -31.32 -66.51
CA ARG B 141 -18.03 -31.39 -65.35
C ARG B 141 -17.90 -32.83 -64.89
N LYS B 142 -16.68 -33.22 -64.52
CA LYS B 142 -16.42 -34.60 -64.12
C LYS B 142 -17.22 -35.05 -62.89
N ASP B 143 -17.58 -34.14 -61.98
CA ASP B 143 -18.34 -34.56 -60.81
C ASP B 143 -19.85 -34.62 -61.05
N PHE B 144 -20.31 -34.28 -62.26
CA PHE B 144 -21.74 -34.39 -62.55
C PHE B 144 -22.01 -35.76 -63.13
N PRO B 145 -23.00 -36.49 -62.63
CA PRO B 145 -23.25 -37.85 -63.15
C PRO B 145 -23.79 -37.82 -64.57
N LEU B 146 -23.50 -38.91 -65.31
CA LEU B 146 -23.97 -39.02 -66.68
C LEU B 146 -25.49 -39.09 -66.76
N GLN B 147 -26.11 -39.70 -65.77
CA GLN B 147 -27.57 -39.81 -65.75
C GLN B 147 -28.21 -38.63 -65.03
N GLY B 148 -27.44 -37.60 -64.69
CA GLY B 148 -28.01 -36.46 -63.98
C GLY B 148 -28.34 -36.84 -62.55
N ILE B 149 -29.30 -36.10 -61.97
CA ILE B 149 -29.75 -36.32 -60.60
C ILE B 149 -31.21 -36.75 -60.63
N PRO B 150 -31.49 -38.04 -60.48
CA PRO B 150 -32.88 -38.48 -60.46
C PRO B 150 -33.56 -37.90 -59.22
N GLU B 151 -34.70 -37.24 -59.45
CA GLU B 151 -35.45 -36.62 -58.36
C GLU B 151 -36.95 -36.87 -58.35
N VAL B 152 -37.57 -37.20 -59.49
CA VAL B 152 -39.01 -37.39 -59.55
C VAL B 152 -39.37 -38.79 -60.01
N GLU B 153 -40.45 -39.33 -59.44
CA GLU B 153 -40.94 -40.63 -59.84
C GLU B 153 -41.77 -40.39 -61.10
N LEU B 154 -41.44 -41.09 -62.16
CA LEU B 154 -42.11 -40.90 -63.45
C LEU B 154 -42.47 -42.28 -63.99
N PRO B 155 -43.54 -42.88 -63.47
CA PRO B 155 -43.92 -44.22 -63.93
C PRO B 155 -44.37 -44.21 -65.37
N SER B 156 -44.40 -45.40 -65.92
CA SER B 156 -44.90 -45.56 -67.28
C SER B 156 -46.42 -45.40 -67.22
N LEU B 157 -46.96 -44.33 -67.81
CA LEU B 157 -48.40 -44.12 -67.78
C LEU B 157 -49.15 -45.28 -68.45
N THR B 158 -48.55 -45.93 -69.44
CA THR B 158 -49.23 -47.05 -70.07
C THR B 158 -49.36 -48.22 -69.11
N GLU B 159 -48.36 -48.40 -68.22
CA GLU B 159 -48.44 -49.48 -67.24
C GLU B 159 -49.41 -49.14 -66.11
N VAL B 160 -49.52 -47.86 -65.75
CA VAL B 160 -50.44 -47.45 -64.70
C VAL B 160 -51.88 -47.56 -65.21
N LEU B 161 -52.10 -47.33 -66.49
CA LEU B 161 -53.43 -47.46 -67.07
C LEU B 161 -53.96 -48.87 -67.05
N HIS B 162 -53.11 -49.87 -66.76
CA HIS B 162 -53.55 -51.26 -66.76
C HIS B 162 -53.36 -51.90 -65.40
N GLY B 163 -53.18 -51.10 -64.35
CA GLY B 163 -53.00 -51.61 -63.01
C GLY B 163 -51.66 -52.21 -62.72
N ARG B 164 -50.88 -52.55 -63.74
CA ARG B 164 -49.55 -53.13 -63.52
C ARG B 164 -48.67 -52.09 -62.84
N THR B 165 -48.37 -52.31 -61.56
CA THR B 165 -47.56 -51.38 -60.78
C THR B 165 -46.09 -51.78 -60.68
N ASP B 166 -45.77 -53.05 -60.93
CA ASP B 166 -44.39 -53.51 -60.88
C ASP B 166 -43.60 -52.99 -62.07
N PRO B 167 -42.28 -52.86 -61.94
CA PRO B 167 -41.46 -52.34 -63.05
C PRO B 167 -41.63 -53.21 -64.29
N PRO B 168 -41.75 -52.60 -65.47
CA PRO B 168 -41.98 -53.39 -66.69
C PRO B 168 -40.75 -54.06 -67.25
N SER B 169 -39.57 -53.56 -66.91
CA SER B 169 -38.34 -54.13 -67.40
C SER B 169 -37.32 -54.11 -66.29
N HIS B 170 -36.41 -55.09 -66.31
CA HIS B 170 -35.37 -55.17 -65.29
C HIS B 170 -34.49 -53.94 -65.27
N ASP B 171 -34.49 -53.15 -66.34
CA ASP B 171 -33.70 -51.93 -66.40
C ASP B 171 -34.57 -50.67 -66.38
N PHE B 172 -35.80 -50.75 -65.88
CA PHE B 172 -36.66 -49.58 -65.82
C PHE B 172 -36.42 -48.85 -64.52
N GLU B 173 -35.97 -47.60 -64.62
CA GLU B 173 -35.70 -46.78 -63.45
C GLU B 173 -36.87 -45.82 -63.28
N LEU B 174 -37.57 -45.92 -62.15
CA LEU B 174 -38.72 -45.06 -61.92
C LEU B 174 -38.29 -43.62 -61.67
N VAL B 175 -37.25 -43.43 -60.84
CA VAL B 175 -36.78 -42.07 -60.56
C VAL B 175 -36.14 -41.52 -61.83
N HIS B 176 -36.49 -40.28 -62.16
CA HIS B 176 -36.08 -39.61 -63.38
C HIS B 176 -35.48 -38.24 -63.10
N THR B 177 -34.80 -37.68 -64.09
CA THR B 177 -34.27 -36.33 -63.94
C THR B 177 -35.46 -35.37 -64.01
N LYS B 178 -35.39 -34.29 -63.23
CA LYS B 178 -36.48 -33.32 -63.20
C LYS B 178 -36.77 -32.76 -64.60
N LEU B 179 -38.05 -32.57 -64.92
CA LEU B 179 -38.54 -32.07 -66.20
C LEU B 179 -38.91 -30.58 -66.14
N PRO B 180 -38.63 -29.82 -67.17
CA PRO B 180 -38.98 -28.39 -67.17
C PRO B 180 -40.46 -28.21 -67.49
N THR B 181 -40.90 -26.97 -67.42
CA THR B 181 -42.27 -26.58 -67.69
C THR B 181 -42.33 -25.71 -68.94
N LEU B 182 -43.55 -25.50 -69.46
CA LEU B 182 -43.66 -24.64 -70.63
C LEU B 182 -43.25 -23.23 -70.26
N GLU B 183 -43.39 -22.89 -68.98
CA GLU B 183 -42.96 -21.59 -68.50
C GLU B 183 -41.44 -21.51 -68.53
N ASP B 184 -40.78 -22.64 -68.20
CA ASP B 184 -39.32 -22.69 -68.23
C ASP B 184 -38.80 -22.44 -69.65
N LEU B 185 -39.55 -22.88 -70.66
CA LEU B 185 -39.14 -22.66 -72.04
C LEU B 185 -39.31 -21.21 -72.43
N GLU B 186 -40.29 -20.54 -71.82
CA GLU B 186 -40.57 -19.15 -72.13
C GLU B 186 -39.45 -18.23 -71.63
N ARG B 187 -38.82 -18.59 -70.51
CA ARG B 187 -37.73 -17.76 -69.99
C ARG B 187 -36.50 -17.86 -70.89
N THR B 188 -36.20 -19.04 -71.42
CA THR B 188 -35.04 -19.13 -72.29
C THR B 188 -35.29 -18.40 -73.59
N GLU B 189 -36.56 -18.33 -74.03
CA GLU B 189 -36.86 -17.59 -75.25
C GLU B 189 -36.72 -16.09 -75.02
N LYS B 190 -37.32 -15.58 -73.95
CA LYS B 190 -37.24 -14.14 -73.69
C LYS B 190 -35.83 -13.72 -73.29
N ALA B 191 -35.10 -14.57 -72.58
CA ALA B 191 -33.73 -14.21 -72.19
C ALA B 191 -32.73 -14.35 -73.34
N ARG B 192 -33.19 -14.60 -74.57
CA ARG B 192 -32.34 -14.80 -75.74
C ARG B 192 -32.10 -13.54 -76.56
N LEU B 193 -33.15 -12.78 -76.86
CA LEU B 193 -33.03 -11.55 -77.61
C LEU B 193 -33.76 -10.48 -76.84
N LYS B 194 -33.19 -9.29 -76.81
CA LYS B 194 -33.79 -8.19 -76.10
C LYS B 194 -34.61 -7.44 -77.12
N LYS B 195 -35.89 -7.20 -76.78
CA LYS B 195 -36.86 -6.55 -77.65
C LYS B 195 -36.27 -5.39 -78.45
N LYS B 196 -36.42 -5.45 -79.78
CA LYS B 196 -35.90 -4.43 -80.67
C LYS B 196 -36.95 -3.95 -81.68
N ALA B 197 -37.91 -4.81 -82.02
CA ALA B 197 -38.94 -4.43 -82.99
C ALA B 197 -40.35 -4.68 -82.46
N GLU B 198 -41.33 -4.57 -83.34
CA GLU B 198 -42.75 -4.72 -83.02
C GLU B 198 -43.17 -6.09 -82.50
N LEU B 199 -43.10 -7.11 -83.35
CA LEU B 199 -43.54 -8.46 -83.01
C LEU B 199 -42.37 -9.42 -82.83
N VAL B 200 -42.59 -10.46 -82.02
CA VAL B 200 -41.59 -11.48 -81.75
C VAL B 200 -41.98 -12.77 -82.44
N LEU B 201 -41.53 -12.96 -83.68
CA LEU B 201 -41.88 -14.18 -84.39
C LEU B 201 -41.23 -15.36 -83.67
N ASN B 202 -41.97 -16.44 -83.54
CA ASN B 202 -41.48 -17.61 -82.81
C ASN B 202 -41.69 -18.87 -83.65
N TRP B 203 -40.62 -19.31 -84.31
CA TRP B 203 -40.71 -20.52 -85.13
C TRP B 203 -40.08 -21.69 -84.37
N GLY B 204 -40.80 -22.16 -83.35
CA GLY B 204 -40.36 -23.26 -82.52
C GLY B 204 -40.91 -23.23 -81.11
N PRO B 205 -40.42 -24.11 -80.23
CA PRO B 205 -39.39 -25.12 -80.40
C PRO B 205 -39.77 -26.20 -81.41
N LEU B 206 -41.06 -26.46 -81.60
CA LEU B 206 -41.50 -27.45 -82.56
C LEU B 206 -42.37 -26.76 -83.58
N HIS B 207 -42.01 -26.87 -84.86
CA HIS B 207 -42.73 -26.25 -85.95
C HIS B 207 -42.84 -27.21 -87.13
N PRO B 208 -43.86 -27.05 -87.98
CA PRO B 208 -44.06 -27.95 -89.11
C PRO B 208 -43.11 -27.75 -90.28
N GLY B 209 -42.07 -26.93 -90.15
CA GLY B 209 -41.14 -26.73 -91.23
C GLY B 209 -40.29 -27.96 -91.54
N THR B 210 -39.32 -27.74 -92.44
CA THR B 210 -38.41 -28.81 -92.85
C THR B 210 -37.58 -29.30 -91.67
N HIS B 211 -36.83 -28.41 -91.03
CA HIS B 211 -36.01 -28.75 -89.87
C HIS B 211 -36.80 -28.37 -88.61
N GLY B 212 -37.90 -29.11 -88.43
CA GLY B 212 -38.84 -28.87 -87.34
C GLY B 212 -38.28 -28.66 -85.94
N THR B 213 -37.20 -29.35 -85.59
CA THR B 213 -36.66 -29.21 -84.25
C THR B 213 -35.80 -27.96 -84.05
N ILE B 214 -35.42 -27.26 -85.11
CA ILE B 214 -34.59 -26.07 -84.97
C ILE B 214 -35.47 -24.88 -84.61
N TRP B 215 -35.15 -24.23 -83.49
CA TRP B 215 -35.90 -23.09 -82.96
C TRP B 215 -35.28 -21.78 -83.42
N PHE B 216 -36.10 -20.91 -84.00
CA PHE B 216 -35.68 -19.61 -84.52
C PHE B 216 -36.44 -18.46 -83.85
N LEU B 217 -35.82 -17.29 -83.86
CA LEU B 217 -36.40 -16.07 -83.29
C LEU B 217 -36.15 -14.93 -84.24
N PHE B 218 -37.23 -14.27 -84.70
CA PHE B 218 -37.13 -13.16 -85.63
C PHE B 218 -37.75 -11.89 -85.04
N ASP B 219 -37.06 -10.77 -85.20
CA ASP B 219 -37.53 -9.46 -84.75
C ASP B 219 -37.97 -8.76 -86.02
N LEU B 220 -39.28 -8.63 -86.21
CA LEU B 220 -39.81 -8.07 -87.45
C LEU B 220 -40.41 -6.67 -87.36
N GLU B 221 -40.31 -5.98 -88.49
CA GLU B 221 -40.87 -4.65 -88.77
C GLU B 221 -41.77 -4.91 -89.97
N GLY B 222 -42.98 -5.37 -89.71
CA GLY B 222 -43.86 -5.69 -90.81
C GLY B 222 -43.42 -7.06 -91.29
N GLU B 223 -42.66 -7.10 -92.39
CA GLU B 223 -42.16 -8.35 -92.94
C GLU B 223 -40.62 -8.43 -92.91
N LYS B 224 -39.94 -7.37 -92.47
CA LYS B 224 -38.48 -7.34 -92.44
C LYS B 224 -37.92 -7.85 -91.10
N VAL B 225 -36.77 -8.51 -91.17
CA VAL B 225 -36.09 -9.07 -90.01
C VAL B 225 -34.95 -8.13 -89.60
N VAL B 226 -35.03 -7.56 -88.40
CA VAL B 226 -34.01 -6.66 -87.89
C VAL B 226 -32.98 -7.48 -87.12
N GLN B 227 -33.44 -8.21 -86.12
CA GLN B 227 -32.62 -9.08 -85.28
C GLN B 227 -33.05 -10.52 -85.50
N SER B 228 -32.16 -11.45 -85.17
CA SER B 228 -32.46 -12.87 -85.34
C SER B 228 -31.50 -13.71 -84.52
N ASP B 229 -32.04 -14.77 -83.92
CA ASP B 229 -31.28 -15.70 -83.11
C ASP B 229 -31.84 -17.10 -83.31
N VAL B 230 -31.06 -18.09 -82.89
CA VAL B 230 -31.41 -19.49 -82.99
C VAL B 230 -31.22 -20.12 -81.62
N ILE B 231 -32.09 -21.07 -81.27
CA ILE B 231 -32.01 -21.77 -80.00
C ILE B 231 -31.98 -23.25 -80.30
N LEU B 232 -30.88 -23.89 -79.98
CA LEU B 232 -30.73 -25.31 -80.21
C LEU B 232 -30.96 -26.03 -78.88
N GLY B 233 -30.71 -27.32 -78.87
CA GLY B 233 -30.92 -28.10 -77.66
C GLY B 233 -32.13 -28.98 -77.75
N GLN B 234 -32.86 -28.95 -78.86
CA GLN B 234 -34.02 -29.79 -79.03
C GLN B 234 -33.63 -31.25 -79.29
N LEU B 235 -32.33 -31.56 -79.32
CA LEU B 235 -31.86 -32.93 -79.50
C LEU B 235 -30.59 -33.20 -78.67
N HIS B 236 -30.28 -32.35 -77.70
CA HIS B 236 -29.08 -32.55 -76.89
C HIS B 236 -29.25 -33.73 -75.96
N ARG B 237 -28.42 -34.77 -76.16
CA ARG B 237 -28.49 -35.98 -75.35
C ARG B 237 -27.21 -36.29 -74.58
N GLY B 238 -26.19 -35.43 -74.63
CA GLY B 238 -24.96 -35.69 -73.91
C GLY B 238 -23.94 -36.57 -74.59
N MET B 239 -23.74 -36.39 -75.89
CA MET B 239 -22.80 -37.22 -76.65
C MET B 239 -21.38 -37.12 -76.07
N GLU B 240 -20.86 -35.90 -75.96
CA GLU B 240 -19.51 -35.71 -75.43
C GLU B 240 -19.36 -36.29 -74.04
N LYS B 241 -20.43 -36.33 -73.24
CA LYS B 241 -20.32 -36.93 -71.92
C LYS B 241 -20.46 -38.44 -71.97
N LEU B 242 -21.16 -38.98 -72.97
CA LEU B 242 -21.28 -40.43 -73.10
C LEU B 242 -19.94 -41.04 -73.48
N ALA B 243 -19.14 -40.31 -74.27
CA ALA B 243 -17.84 -40.81 -74.70
C ALA B 243 -16.90 -41.01 -73.51
N GLU B 244 -16.96 -40.11 -72.51
CA GLU B 244 -16.11 -40.19 -71.32
C GLU B 244 -16.39 -41.47 -70.54
N ASN B 245 -17.52 -42.11 -70.75
CA ASN B 245 -17.87 -43.32 -70.02
C ASN B 245 -17.84 -44.58 -70.86
N LEU B 246 -17.33 -44.49 -72.09
CA LEU B 246 -17.28 -45.65 -72.97
C LEU B 246 -15.88 -45.89 -73.49
N HIS B 247 -15.64 -47.12 -73.91
CA HIS B 247 -14.37 -47.43 -74.54
C HIS B 247 -14.42 -46.82 -75.96
N TYR B 248 -13.27 -46.67 -76.59
CA TYR B 248 -13.22 -46.07 -77.92
C TYR B 248 -14.08 -46.84 -78.92
N PHE B 249 -13.94 -48.17 -78.98
CA PHE B 249 -14.72 -48.95 -79.95
C PHE B 249 -16.21 -48.92 -79.69
N GLN B 250 -16.61 -48.65 -78.45
CA GLN B 250 -18.03 -48.62 -78.08
C GLN B 250 -18.73 -47.36 -78.56
N PHE B 251 -18.00 -46.30 -78.87
CA PHE B 251 -18.59 -45.05 -79.30
C PHE B 251 -18.93 -45.03 -80.79
N ILE B 252 -18.43 -45.97 -81.58
CA ILE B 252 -18.73 -45.98 -83.03
C ILE B 252 -20.23 -45.91 -83.29
N PRO B 253 -21.08 -46.75 -82.68
CA PRO B 253 -22.51 -46.64 -82.95
C PRO B 253 -23.10 -45.32 -82.52
N TYR B 254 -22.47 -44.59 -81.58
CA TYR B 254 -23.02 -43.29 -81.23
C TYR B 254 -22.69 -42.23 -82.26
N THR B 255 -21.64 -42.45 -83.06
CA THR B 255 -21.32 -41.48 -84.09
C THR B 255 -22.36 -41.54 -85.20
N ASP B 256 -22.97 -42.72 -85.43
CA ASP B 256 -24.01 -42.83 -86.45
C ASP B 256 -25.19 -41.96 -86.12
N ARG B 257 -25.46 -41.79 -84.83
CA ARG B 257 -26.61 -41.04 -84.36
C ARG B 257 -26.32 -39.57 -84.16
N MET B 258 -25.27 -39.03 -84.78
CA MET B 258 -25.00 -37.60 -84.68
C MET B 258 -25.61 -37.02 -85.95
N ASP B 259 -25.01 -37.32 -87.11
CA ASP B 259 -25.57 -36.91 -88.40
C ASP B 259 -26.16 -38.19 -88.97
N TYR B 260 -27.33 -38.58 -88.44
CA TYR B 260 -27.97 -39.82 -88.85
C TYR B 260 -28.19 -39.91 -90.36
N ILE B 261 -28.10 -38.79 -91.07
CA ILE B 261 -28.28 -38.84 -92.51
C ILE B 261 -27.07 -39.48 -93.21
N SER B 262 -25.86 -39.28 -92.67
CA SER B 262 -24.63 -39.86 -93.23
C SER B 262 -23.85 -40.48 -92.08
N ALA B 263 -24.26 -41.69 -91.68
CA ALA B 263 -23.63 -42.37 -90.55
C ALA B 263 -22.21 -42.83 -90.86
N ILE B 264 -22.02 -43.49 -92.01
CA ILE B 264 -20.70 -44.00 -92.35
C ILE B 264 -19.69 -42.86 -92.39
N CYS B 265 -20.13 -41.65 -92.75
CA CYS B 265 -19.19 -40.53 -92.74
C CYS B 265 -18.80 -40.17 -91.32
N ASN B 266 -19.77 -40.17 -90.40
CA ASN B 266 -19.46 -39.86 -89.01
C ASN B 266 -18.46 -40.87 -88.46
N GLU B 267 -18.68 -42.16 -88.75
CA GLU B 267 -17.78 -43.21 -88.29
C GLU B 267 -16.37 -43.01 -88.83
N LEU B 268 -16.26 -42.67 -90.12
CA LEU B 268 -14.94 -42.47 -90.71
C LEU B 268 -14.17 -41.37 -89.99
N ALA B 269 -14.84 -40.25 -89.71
CA ALA B 269 -14.16 -39.16 -89.01
C ALA B 269 -13.70 -39.60 -87.63
N TYR B 270 -14.61 -40.21 -86.86
CA TYR B 270 -14.26 -40.68 -85.53
C TYR B 270 -13.16 -41.72 -85.57
N VAL B 271 -13.40 -42.80 -86.31
CA VAL B 271 -12.44 -43.90 -86.40
C VAL B 271 -11.09 -43.41 -86.90
N GLU B 272 -11.07 -42.51 -87.89
CA GLU B 272 -9.79 -42.03 -88.37
C GLU B 272 -9.03 -41.28 -87.28
N THR B 273 -9.76 -40.65 -86.37
CA THR B 273 -9.16 -39.91 -85.26
C THR B 273 -8.62 -40.87 -84.21
N VAL B 274 -9.43 -41.83 -83.82
CA VAL B 274 -8.99 -42.80 -82.80
C VAL B 274 -7.81 -43.61 -83.33
N GLU B 275 -7.84 -43.97 -84.61
CA GLU B 275 -6.74 -44.74 -85.19
C GLU B 275 -5.45 -43.94 -85.16
N ARG B 276 -5.54 -42.60 -85.09
CA ARG B 276 -4.32 -41.80 -84.97
C ARG B 276 -3.80 -41.87 -83.54
N LEU B 277 -4.70 -41.71 -82.57
CA LEU B 277 -4.33 -41.78 -81.17
C LEU B 277 -3.70 -43.14 -80.84
N LEU B 278 -4.33 -44.22 -81.28
CA LEU B 278 -3.82 -45.57 -81.03
C LEU B 278 -2.75 -45.99 -82.02
N GLY B 279 -2.55 -45.24 -83.09
CA GLY B 279 -1.54 -45.61 -84.07
C GLY B 279 -1.89 -46.92 -84.75
N VAL B 280 -3.06 -46.97 -85.38
CA VAL B 280 -3.55 -48.17 -86.05
C VAL B 280 -3.58 -47.96 -87.56
N GLU B 281 -2.84 -48.79 -88.28
CA GLU B 281 -2.83 -48.75 -89.73
C GLU B 281 -4.03 -49.53 -90.24
N VAL B 282 -4.61 -49.07 -91.34
CA VAL B 282 -5.77 -49.71 -91.93
C VAL B 282 -5.35 -50.36 -93.24
N PRO B 283 -5.62 -51.66 -93.44
CA PRO B 283 -5.25 -52.32 -94.69
C PRO B 283 -5.89 -51.68 -95.91
N GLU B 284 -5.31 -51.95 -97.08
CA GLU B 284 -5.76 -51.36 -98.34
C GLU B 284 -7.23 -51.65 -98.63
N LYS B 285 -7.63 -52.92 -98.61
CA LYS B 285 -9.00 -53.28 -98.94
C LYS B 285 -9.99 -52.46 -98.12
N ALA B 286 -9.69 -52.26 -96.85
CA ALA B 286 -10.59 -51.48 -96.00
C ALA B 286 -10.58 -50.00 -96.40
N ARG B 287 -9.40 -49.47 -96.75
CA ARG B 287 -9.32 -48.06 -97.13
C ARG B 287 -10.21 -47.76 -98.33
N TYR B 288 -10.24 -48.66 -99.31
CA TYR B 288 -11.11 -48.46 -100.46
C TYR B 288 -12.56 -48.72 -100.08
N ILE B 289 -12.82 -49.67 -99.18
CA ILE B 289 -14.21 -49.89 -98.77
C ILE B 289 -14.71 -48.67 -98.00
N ARG B 290 -13.84 -48.07 -97.17
CA ARG B 290 -14.25 -46.86 -96.45
C ARG B 290 -14.54 -45.72 -97.41
N THR B 291 -13.59 -45.45 -98.30
CA THR B 291 -13.76 -44.35 -99.25
C THR B 291 -15.00 -44.54 -100.11
N MET B 292 -15.25 -45.75 -100.58
CA MET B 292 -16.42 -45.97 -101.44
C MET B 292 -17.70 -45.80 -100.65
N PHE B 293 -17.80 -46.43 -99.48
CA PHE B 293 -19.03 -46.30 -98.71
C PHE B 293 -19.19 -44.89 -98.14
N ALA B 294 -18.09 -44.17 -97.88
CA ALA B 294 -18.28 -42.81 -97.39
C ALA B 294 -18.87 -41.94 -98.50
N GLU B 295 -18.52 -42.21 -99.75
CA GLU B 295 -19.05 -41.44 -100.88
C GLU B 295 -20.49 -41.84 -101.22
N LEU B 296 -20.84 -43.11 -101.04
CA LEU B 296 -22.23 -43.49 -101.28
C LEU B 296 -23.14 -42.79 -100.27
N GLN B 297 -22.62 -42.53 -99.05
CA GLN B 297 -23.39 -41.83 -98.02
C GLN B 297 -23.51 -40.35 -98.38
N ARG B 298 -22.46 -39.77 -98.96
CA ARG B 298 -22.54 -38.37 -99.36
C ARG B 298 -23.61 -38.19 -100.43
N ILE B 299 -23.68 -39.13 -101.39
CA ILE B 299 -24.73 -39.05 -102.40
C ILE B 299 -26.07 -39.20 -101.71
N ASN B 300 -26.17 -40.20 -100.84
CA ASN B 300 -27.39 -40.46 -100.09
C ASN B 300 -27.78 -39.26 -99.23
N SER B 301 -26.80 -38.58 -98.64
CA SER B 301 -27.08 -37.41 -97.81
C SER B 301 -27.48 -36.19 -98.64
N HIS B 302 -26.84 -36.00 -99.79
CA HIS B 302 -27.22 -34.86 -100.62
C HIS B 302 -28.60 -35.08 -101.22
N LEU B 303 -28.94 -36.33 -101.51
CA LEU B 303 -30.27 -36.63 -102.04
C LEU B 303 -31.33 -36.23 -101.04
N LEU B 304 -31.08 -36.48 -99.75
CA LEU B 304 -32.03 -36.08 -98.71
C LEU B 304 -32.13 -34.56 -98.65
N TRP B 305 -30.99 -33.87 -98.68
CA TRP B 305 -31.02 -32.40 -98.66
C TRP B 305 -31.74 -31.87 -99.89
N LEU B 306 -31.57 -32.55 -101.03
CA LEU B 306 -32.23 -32.14 -102.27
C LEU B 306 -33.70 -32.52 -102.24
N GLY B 307 -34.01 -33.70 -101.72
CA GLY B 307 -35.41 -34.11 -101.63
C GLY B 307 -36.18 -33.24 -100.65
N THR B 308 -35.60 -33.00 -99.47
CA THR B 308 -36.27 -32.14 -98.49
C THR B 308 -36.22 -30.69 -98.95
N GLY B 309 -35.20 -30.31 -99.73
CA GLY B 309 -35.14 -28.96 -100.24
C GLY B 309 -36.20 -28.75 -101.29
N ALA B 310 -36.48 -29.80 -102.08
CA ALA B 310 -37.52 -29.73 -103.10
C ALA B 310 -38.89 -29.76 -102.44
N LEU B 311 -39.05 -30.59 -101.42
CA LEU B 311 -40.30 -30.68 -100.66
C LEU B 311 -40.70 -29.32 -100.08
N ASP B 312 -39.72 -28.46 -99.77
CA ASP B 312 -40.01 -27.13 -99.20
C ASP B 312 -40.77 -26.23 -100.15
N LEU B 313 -40.69 -26.45 -101.45
CA LEU B 313 -41.38 -25.62 -102.43
C LEU B 313 -42.35 -26.46 -103.26
N GLY B 314 -43.07 -27.36 -102.61
CA GLY B 314 -43.98 -28.20 -103.37
C GLY B 314 -43.13 -29.12 -104.21
N ALA B 315 -43.43 -29.21 -105.50
CA ALA B 315 -42.67 -30.06 -106.44
C ALA B 315 -42.26 -31.38 -105.79
N LEU B 316 -43.25 -32.03 -105.15
CA LEU B 316 -43.02 -33.31 -104.50
C LEU B 316 -42.52 -34.36 -105.46
N THR B 317 -42.63 -34.11 -106.76
CA THR B 317 -42.15 -35.06 -107.75
C THR B 317 -40.64 -35.27 -107.60
N VAL B 318 -39.92 -34.24 -107.16
CA VAL B 318 -38.48 -34.37 -106.95
C VAL B 318 -38.22 -35.15 -105.67
N PHE B 319 -39.10 -35.00 -104.66
CA PHE B 319 -38.92 -35.74 -103.41
C PHE B 319 -39.02 -37.24 -103.67
N LEU B 320 -39.98 -37.67 -104.49
CA LEU B 320 -40.14 -39.09 -104.78
C LEU B 320 -38.92 -39.65 -105.51
N TYR B 321 -38.43 -38.92 -106.52
CA TYR B 321 -37.24 -39.36 -107.26
C TYR B 321 -36.02 -39.41 -106.36
N ALA B 322 -35.83 -38.39 -105.51
CA ALA B 322 -34.66 -38.37 -104.64
C ALA B 322 -34.68 -39.57 -103.71
N PHE B 323 -35.85 -39.88 -103.13
CA PHE B 323 -35.95 -41.03 -102.24
C PHE B 323 -35.96 -42.35 -102.99
N ARG B 324 -36.28 -42.34 -104.29
CA ARG B 324 -36.20 -43.56 -105.09
C ARG B 324 -34.74 -44.00 -105.19
N GLU B 325 -33.85 -43.02 -105.32
CA GLU B 325 -32.41 -43.24 -105.42
C GLU B 325 -31.82 -43.54 -104.05
N ARG B 326 -32.37 -42.94 -102.99
CA ARG B 326 -31.89 -43.23 -101.64
C ARG B 326 -32.17 -44.68 -101.29
N GLU B 327 -33.34 -45.20 -101.70
CA GLU B 327 -33.68 -46.59 -101.44
C GLU B 327 -32.68 -47.54 -102.10
N LYS B 328 -32.10 -47.13 -103.24
CA LYS B 328 -31.10 -47.97 -103.89
C LYS B 328 -29.82 -47.98 -103.07
N ILE B 329 -29.37 -46.81 -102.61
CA ILE B 329 -28.16 -46.74 -101.80
C ILE B 329 -28.34 -47.51 -100.50
N MET B 330 -29.54 -47.45 -99.91
CA MET B 330 -29.77 -48.17 -98.67
C MET B 330 -29.77 -49.67 -98.90
N ASP B 331 -30.24 -50.13 -100.07
CA ASP B 331 -30.21 -51.57 -100.34
C ASP B 331 -28.78 -52.09 -100.37
N ILE B 332 -27.82 -51.26 -100.79
CA ILE B 332 -26.42 -51.66 -100.83
C ILE B 332 -25.82 -51.62 -99.43
N ILE B 333 -26.06 -50.53 -98.70
CA ILE B 333 -25.53 -50.36 -97.35
C ILE B 333 -26.13 -51.40 -96.40
N GLU B 334 -27.45 -51.57 -96.45
CA GLU B 334 -28.09 -52.55 -95.57
C GLU B 334 -27.60 -53.96 -95.84
N GLY B 335 -27.40 -54.31 -97.11
CA GLY B 335 -26.95 -55.65 -97.41
C GLY B 335 -25.54 -55.94 -96.90
N ASN B 336 -24.69 -54.91 -96.83
CA ASN B 336 -23.30 -55.04 -96.39
C ASN B 336 -23.07 -54.73 -94.92
N ALA B 337 -23.64 -53.64 -94.40
CA ALA B 337 -23.46 -53.29 -92.99
C ALA B 337 -24.43 -54.03 -92.09
N GLY B 338 -25.65 -54.26 -92.56
CA GLY B 338 -26.68 -54.96 -91.80
C GLY B 338 -27.80 -54.07 -91.29
N TYR B 339 -27.70 -52.76 -91.45
CA TYR B 339 -28.72 -51.83 -91.00
C TYR B 339 -28.87 -50.74 -92.07
N ARG B 340 -30.10 -50.24 -92.23
CA ARG B 340 -30.37 -49.25 -93.29
C ARG B 340 -29.78 -47.88 -92.98
N LEU B 341 -30.07 -47.30 -91.83
CA LEU B 341 -29.58 -45.95 -91.54
C LEU B 341 -28.34 -45.95 -90.65
N THR B 342 -28.43 -46.53 -89.46
CA THR B 342 -27.28 -46.57 -88.54
C THR B 342 -26.44 -47.80 -88.87
N SER B 343 -25.69 -47.67 -89.98
CA SER B 343 -24.85 -48.73 -90.53
C SER B 343 -24.00 -49.46 -89.51
N CYS B 344 -23.16 -48.73 -88.77
CA CYS B 344 -22.22 -49.34 -87.82
C CYS B 344 -21.37 -50.34 -88.61
N PHE B 345 -20.78 -49.83 -89.68
CA PHE B 345 -19.95 -50.59 -90.63
C PHE B 345 -18.47 -50.50 -90.31
N LEU B 346 -17.99 -49.32 -89.94
CA LEU B 346 -16.58 -49.21 -89.66
C LEU B 346 -16.25 -49.75 -88.28
N ARG B 347 -14.99 -50.16 -88.14
CA ARG B 347 -14.44 -50.68 -86.90
C ARG B 347 -13.05 -50.07 -86.79
N ILE B 348 -12.56 -49.99 -85.56
CA ILE B 348 -11.22 -49.46 -85.37
C ILE B 348 -10.28 -50.50 -85.98
N GLY B 349 -9.58 -50.13 -87.07
CA GLY B 349 -8.67 -51.03 -87.76
C GLY B 349 -9.11 -51.45 -89.14
N GLY B 350 -10.30 -51.04 -89.59
CA GLY B 350 -10.81 -51.38 -90.90
C GLY B 350 -12.33 -51.31 -91.03
N VAL B 351 -12.94 -52.38 -91.52
CA VAL B 351 -14.40 -52.44 -91.68
C VAL B 351 -14.89 -53.69 -90.97
N HIS B 352 -16.19 -53.72 -90.68
CA HIS B 352 -16.79 -54.84 -89.96
C HIS B 352 -16.67 -56.14 -90.75
N TYR B 353 -17.17 -56.16 -91.98
CA TYR B 353 -17.10 -57.33 -92.83
C TYR B 353 -16.58 -56.94 -94.20
N ASP B 354 -16.31 -57.98 -94.99
CA ASP B 354 -15.88 -57.80 -96.35
C ASP B 354 -17.13 -57.47 -97.17
N LEU B 355 -16.97 -57.16 -98.44
CA LEU B 355 -18.12 -56.84 -99.26
C LEU B 355 -18.96 -58.09 -99.50
N ALA B 356 -20.29 -57.94 -99.50
CA ALA B 356 -21.18 -59.07 -99.72
C ALA B 356 -21.18 -59.48 -101.19
N GLU B 357 -21.24 -60.79 -101.42
CA GLU B 357 -21.23 -61.33 -102.78
C GLU B 357 -22.19 -60.56 -103.66
N GLY B 358 -21.71 -60.18 -104.85
CA GLY B 358 -22.49 -59.43 -105.81
C GLY B 358 -22.65 -57.96 -105.51
N THR B 359 -22.02 -57.46 -104.45
CA THR B 359 -22.16 -56.04 -104.12
C THR B 359 -21.55 -55.13 -105.19
N LEU B 360 -20.48 -55.57 -105.85
CA LEU B 360 -19.87 -54.73 -106.89
C LEU B 360 -20.77 -54.64 -108.12
N ASP B 361 -21.49 -55.72 -108.45
CA ASP B 361 -22.41 -55.70 -109.57
C ASP B 361 -23.54 -54.71 -109.34
N VAL B 362 -23.98 -54.55 -108.09
CA VAL B 362 -25.07 -53.61 -107.81
C VAL B 362 -24.56 -52.19 -107.90
N VAL B 363 -23.36 -51.91 -107.38
CA VAL B 363 -22.80 -50.57 -107.45
C VAL B 363 -22.55 -50.16 -108.90
N LYS B 364 -22.11 -51.10 -109.74
CA LYS B 364 -21.88 -50.78 -111.15
C LYS B 364 -23.20 -50.46 -111.84
N HIS B 365 -24.26 -51.17 -111.45
CA HIS B 365 -25.58 -50.91 -112.01
C HIS B 365 -26.08 -49.54 -111.57
N PHE B 366 -25.57 -49.05 -110.43
CA PHE B 366 -25.93 -47.74 -109.88
C PHE B 366 -25.09 -46.63 -110.50
N ILE B 367 -23.79 -46.86 -110.63
CA ILE B 367 -22.89 -45.87 -111.22
C ILE B 367 -23.20 -45.63 -112.70
N LYS B 368 -23.83 -46.59 -113.39
CA LYS B 368 -24.17 -46.39 -114.79
C LYS B 368 -25.44 -45.57 -114.96
N ASP B 369 -26.41 -45.73 -114.06
CA ASP B 369 -27.68 -45.02 -114.16
C ASP B 369 -27.63 -43.61 -113.56
N PHE B 370 -27.18 -43.49 -112.31
CA PHE B 370 -27.13 -42.23 -111.57
C PHE B 370 -26.65 -41.03 -112.39
N PRO B 371 -25.65 -41.16 -113.27
CA PRO B 371 -25.28 -39.99 -114.09
C PRO B 371 -26.43 -39.45 -114.93
N ASN B 372 -27.26 -40.36 -115.50
CA ASN B 372 -28.39 -39.93 -116.32
C ASN B 372 -29.48 -39.27 -115.49
N ARG B 373 -29.74 -39.82 -114.30
CA ARG B 373 -30.76 -39.26 -113.40
C ARG B 373 -30.37 -37.91 -112.83
N LEU B 374 -29.07 -37.59 -112.78
CA LEU B 374 -28.67 -36.27 -112.28
C LEU B 374 -29.13 -35.20 -113.25
N LYS B 375 -29.12 -35.51 -114.56
CA LYS B 375 -29.59 -34.58 -115.57
C LYS B 375 -31.09 -34.37 -115.48
N GLU B 376 -31.83 -35.32 -114.89
CA GLU B 376 -33.26 -35.13 -114.73
C GLU B 376 -33.54 -34.07 -113.67
N TYR B 377 -32.88 -34.19 -112.51
CA TYR B 377 -33.09 -33.23 -111.43
C TYR B 377 -32.69 -31.82 -111.84
N HIS B 378 -31.60 -31.68 -112.63
CA HIS B 378 -31.19 -30.35 -113.06
C HIS B 378 -32.30 -29.66 -113.84
N THR B 379 -32.83 -30.35 -114.87
CA THR B 379 -33.88 -29.79 -115.71
C THR B 379 -35.28 -29.92 -115.10
N LEU B 380 -35.53 -30.93 -114.28
CA LEU B 380 -36.86 -31.03 -113.66
C LEU B 380 -37.08 -29.91 -112.67
N LEU B 381 -36.01 -29.35 -112.12
CA LEU B 381 -36.09 -28.25 -111.17
C LEU B 381 -36.11 -26.92 -111.92
N THR B 382 -35.09 -26.65 -112.73
CA THR B 382 -35.04 -25.40 -113.50
C THR B 382 -36.23 -25.25 -114.44
N ARG B 383 -37.05 -26.29 -114.60
CA ARG B 383 -38.24 -26.21 -115.45
C ARG B 383 -39.18 -25.11 -114.95
N ASN B 384 -39.35 -25.02 -113.63
CA ASN B 384 -40.19 -24.01 -112.98
C ASN B 384 -39.27 -22.89 -112.53
N ARG B 385 -39.26 -21.79 -113.28
CA ARG B 385 -38.41 -20.66 -112.93
C ARG B 385 -39.03 -19.75 -111.87
N ILE B 386 -40.17 -20.13 -111.29
CA ILE B 386 -40.80 -19.30 -110.25
C ILE B 386 -39.91 -19.21 -109.03
N TRP B 387 -39.03 -20.19 -108.84
CA TRP B 387 -38.09 -20.22 -107.72
C TRP B 387 -36.65 -20.00 -108.15
N LEU B 388 -36.33 -20.15 -109.44
CA LEU B 388 -34.95 -19.93 -109.89
C LEU B 388 -34.49 -18.52 -109.57
N ARG B 389 -35.38 -17.55 -109.73
CA ARG B 389 -35.05 -16.16 -109.43
C ARG B 389 -34.97 -15.93 -107.93
N ARG B 390 -35.65 -16.76 -107.13
CA ARG B 390 -35.67 -16.66 -105.68
C ARG B 390 -34.35 -17.05 -105.03
N THR B 391 -33.31 -17.37 -105.81
CA THR B 391 -32.04 -17.79 -105.21
C THR B 391 -30.77 -17.20 -105.82
N LYS B 392 -30.80 -16.66 -107.05
CA LYS B 392 -29.55 -16.17 -107.65
C LYS B 392 -29.00 -14.87 -107.05
N ASP B 393 -29.58 -14.28 -106.02
CA ASP B 393 -28.99 -13.06 -105.47
C ASP B 393 -28.99 -12.93 -103.96
N VAL B 394 -29.60 -13.86 -103.22
CA VAL B 394 -29.70 -13.77 -101.77
C VAL B 394 -28.77 -14.76 -101.07
N GLY B 395 -28.50 -14.47 -99.80
CA GLY B 395 -27.66 -15.32 -98.98
C GLY B 395 -26.20 -15.39 -99.42
N VAL B 396 -25.64 -14.31 -99.94
CA VAL B 396 -24.25 -14.34 -100.37
C VAL B 396 -23.35 -14.35 -99.14
N ILE B 397 -22.36 -15.24 -99.15
CA ILE B 397 -21.40 -15.38 -98.06
C ILE B 397 -20.03 -15.00 -98.61
N THR B 398 -19.45 -13.92 -98.07
CA THR B 398 -18.13 -13.52 -98.54
C THR B 398 -17.07 -14.42 -97.94
N ARG B 399 -15.86 -14.38 -98.52
CA ARG B 399 -14.79 -15.19 -97.95
C ARG B 399 -14.45 -14.77 -96.53
N GLU B 400 -14.76 -13.51 -96.18
CA GLU B 400 -14.50 -13.03 -94.84
C GLU B 400 -15.38 -13.75 -93.83
N ASP B 401 -16.61 -14.05 -94.23
CA ASP B 401 -17.54 -14.77 -93.36
C ASP B 401 -17.15 -16.24 -93.25
N VAL B 402 -16.51 -16.81 -94.28
CA VAL B 402 -16.11 -18.21 -94.22
C VAL B 402 -15.08 -18.42 -93.12
N HIS B 403 -14.09 -17.53 -93.05
CA HIS B 403 -13.04 -17.65 -92.02
C HIS B 403 -13.50 -17.10 -90.67
N ASN B 404 -14.31 -16.04 -90.66
CA ASN B 404 -14.76 -15.51 -89.39
C ASN B 404 -15.78 -16.40 -88.73
N TYR B 405 -16.55 -17.16 -89.51
CA TYR B 405 -17.56 -18.04 -88.96
C TYR B 405 -17.13 -19.50 -88.93
N GLY B 406 -16.01 -19.85 -89.55
CA GLY B 406 -15.58 -21.23 -89.51
C GLY B 406 -16.43 -22.15 -90.35
N LEU B 407 -16.87 -21.68 -91.51
CA LEU B 407 -17.71 -22.46 -92.41
C LEU B 407 -16.88 -23.54 -93.12
N SER B 408 -17.56 -24.60 -93.54
CA SER B 408 -16.90 -25.70 -94.20
C SER B 408 -17.89 -26.35 -95.15
N GLY B 409 -17.46 -27.48 -95.73
CA GLY B 409 -18.29 -28.23 -96.64
C GLY B 409 -18.75 -27.41 -97.83
N PRO B 410 -19.95 -27.71 -98.32
CA PRO B 410 -20.48 -26.96 -99.47
C PRO B 410 -20.72 -25.49 -99.16
N VAL B 411 -20.95 -25.14 -97.89
CA VAL B 411 -21.19 -23.74 -97.54
C VAL B 411 -19.95 -22.92 -97.83
N ALA B 412 -18.77 -23.45 -97.53
CA ALA B 412 -17.56 -22.70 -97.79
C ALA B 412 -17.17 -22.76 -99.27
N ARG B 413 -17.34 -23.93 -99.90
CA ARG B 413 -16.99 -24.09 -101.30
C ARG B 413 -17.89 -23.26 -102.21
N GLY B 414 -19.15 -23.07 -101.81
CA GLY B 414 -20.03 -22.27 -102.64
C GLY B 414 -19.60 -20.83 -102.70
N SER B 415 -18.80 -20.37 -101.74
CA SER B 415 -18.34 -19.00 -101.70
C SER B 415 -16.93 -18.79 -102.25
N GLY B 416 -16.35 -19.76 -102.96
CA GLY B 416 -15.02 -19.60 -103.53
C GLY B 416 -13.90 -20.33 -102.80
N VAL B 417 -14.00 -20.48 -101.49
CA VAL B 417 -12.98 -21.14 -100.67
C VAL B 417 -12.99 -22.63 -100.97
N PRO B 418 -11.92 -23.19 -101.57
CA PRO B 418 -11.87 -24.63 -101.86
C PRO B 418 -11.38 -25.44 -100.67
N TYR B 419 -12.07 -25.28 -99.54
CA TYR B 419 -11.72 -25.94 -98.29
C TYR B 419 -12.33 -27.34 -98.28
N ASP B 420 -11.57 -28.33 -98.75
CA ASP B 420 -12.03 -29.71 -98.79
C ASP B 420 -10.95 -30.58 -98.11
N LEU B 421 -11.28 -31.11 -96.91
CA LEU B 421 -10.32 -31.93 -96.18
C LEU B 421 -9.98 -33.23 -96.89
N ARG B 422 -10.81 -33.69 -97.82
CA ARG B 422 -10.46 -34.91 -98.53
C ARG B 422 -9.17 -34.71 -99.32
N LYS B 423 -8.87 -33.45 -99.66
CA LYS B 423 -7.67 -33.06 -100.38
C LYS B 423 -6.67 -32.33 -99.52
N LEU B 424 -7.13 -31.45 -98.60
CA LEU B 424 -6.20 -30.71 -97.76
C LEU B 424 -5.63 -31.54 -96.61
N GLN B 425 -6.43 -32.45 -96.06
CA GLN B 425 -6.01 -33.32 -94.95
C GLN B 425 -6.46 -34.74 -95.26
N PRO B 426 -5.90 -35.34 -96.31
CA PRO B 426 -6.36 -36.68 -96.75
C PRO B 426 -6.49 -37.71 -95.63
N TYR B 427 -7.36 -38.69 -95.89
CA TYR B 427 -7.66 -39.83 -95.02
C TYR B 427 -7.89 -41.02 -95.94
N ALA B 428 -8.71 -41.98 -95.52
CA ALA B 428 -8.88 -43.32 -96.09
C ALA B 428 -8.24 -43.58 -97.45
N ALA B 429 -8.74 -43.06 -98.55
CA ALA B 429 -8.04 -43.35 -99.79
C ALA B 429 -8.12 -42.19 -100.78
N TYR B 430 -8.55 -41.01 -100.33
CA TYR B 430 -8.72 -39.86 -101.19
C TYR B 430 -7.44 -39.35 -101.83
N ASP B 431 -6.31 -39.95 -101.49
CA ASP B 431 -5.06 -39.53 -102.09
C ASP B 431 -4.74 -40.38 -103.32
N GLU B 432 -5.15 -41.64 -103.29
CA GLU B 432 -4.92 -42.57 -104.40
C GLU B 432 -6.05 -42.55 -105.43
N VAL B 433 -7.08 -41.73 -105.20
CA VAL B 433 -8.24 -41.59 -106.07
C VAL B 433 -8.25 -40.15 -106.59
N GLU B 434 -8.59 -39.98 -107.86
CA GLU B 434 -8.58 -38.66 -108.47
C GLU B 434 -10.00 -38.11 -108.59
N PHE B 435 -10.22 -36.87 -108.11
CA PHE B 435 -11.52 -36.22 -108.18
C PHE B 435 -11.31 -34.71 -108.16
N ASP B 436 -12.40 -33.97 -108.33
CA ASP B 436 -12.39 -32.51 -108.35
C ASP B 436 -13.21 -31.91 -107.22
N ILE B 437 -12.86 -30.68 -106.85
CA ILE B 437 -13.51 -29.96 -105.77
C ILE B 437 -14.40 -28.87 -106.38
N PRO B 438 -15.73 -29.01 -106.34
CA PRO B 438 -16.61 -27.97 -106.89
C PRO B 438 -16.56 -26.69 -106.05
N VAL B 439 -16.56 -25.54 -106.71
CA VAL B 439 -16.49 -24.24 -106.05
C VAL B 439 -17.34 -23.24 -106.82
N GLY B 440 -18.03 -22.33 -106.09
CA GLY B 440 -18.87 -21.32 -106.70
C GLY B 440 -18.16 -19.98 -106.83
N GLU B 441 -18.82 -19.05 -107.53
CA GLU B 441 -18.28 -17.71 -107.75
C GLU B 441 -19.12 -16.60 -107.14
N VAL B 442 -20.44 -16.70 -107.14
CA VAL B 442 -21.26 -15.65 -106.54
C VAL B 442 -21.34 -15.86 -105.03
N GLY B 443 -21.52 -17.11 -104.59
CA GLY B 443 -21.61 -17.43 -103.18
C GLY B 443 -23.01 -17.31 -102.61
N ASP B 444 -24.04 -17.41 -103.44
CA ASP B 444 -25.42 -17.27 -103.03
C ASP B 444 -26.05 -18.65 -102.79
N VAL B 445 -27.36 -18.67 -102.57
CA VAL B 445 -28.08 -19.92 -102.33
C VAL B 445 -27.94 -20.85 -103.53
N TYR B 446 -27.99 -20.27 -104.73
CA TYR B 446 -27.87 -21.06 -105.95
C TYR B 446 -26.51 -21.72 -106.08
N ASP B 447 -25.44 -20.99 -105.76
CA ASP B 447 -24.09 -21.56 -105.85
C ASP B 447 -23.95 -22.76 -104.92
N ARG B 448 -24.54 -22.70 -103.73
CA ARG B 448 -24.45 -23.83 -102.81
C ARG B 448 -25.26 -25.01 -103.34
N TYR B 449 -26.37 -24.75 -104.02
CA TYR B 449 -27.16 -25.82 -104.62
C TYR B 449 -26.35 -26.48 -105.73
N LEU B 450 -25.68 -25.67 -106.56
CA LEU B 450 -24.87 -26.21 -107.63
C LEU B 450 -23.66 -26.94 -107.07
N VAL B 451 -23.07 -26.42 -105.99
CA VAL B 451 -21.90 -27.07 -105.39
C VAL B 451 -22.25 -28.49 -104.97
N ARG B 452 -23.37 -28.65 -104.26
CA ARG B 452 -23.78 -29.98 -103.80
C ARG B 452 -24.12 -30.91 -104.96
N MET B 453 -24.59 -30.35 -106.08
CA MET B 453 -24.94 -31.18 -107.23
C MET B 453 -23.70 -31.82 -107.85
N GLU B 454 -22.65 -31.04 -108.11
CA GLU B 454 -21.46 -31.66 -108.70
C GLU B 454 -20.75 -32.54 -107.69
N GLU B 455 -20.94 -32.30 -106.40
CA GLU B 455 -20.32 -33.17 -105.42
C GLU B 455 -20.86 -34.59 -105.59
N MET B 456 -22.13 -34.71 -105.97
CA MET B 456 -22.70 -36.03 -106.21
C MET B 456 -22.05 -36.65 -107.43
N ALA B 457 -21.81 -35.83 -108.46
CA ALA B 457 -21.15 -36.34 -109.66
C ALA B 457 -19.71 -36.71 -109.33
N GLN B 458 -19.02 -35.84 -108.58
CA GLN B 458 -17.64 -36.14 -108.23
C GLN B 458 -17.58 -37.41 -107.39
N SER B 459 -18.58 -37.62 -106.54
CA SER B 459 -18.62 -38.82 -105.72
C SER B 459 -18.84 -40.07 -106.57
N VAL B 460 -19.59 -39.94 -107.67
CA VAL B 460 -19.79 -41.07 -108.57
C VAL B 460 -18.48 -41.42 -109.25
N ARG B 461 -17.65 -40.41 -109.55
CA ARG B 461 -16.33 -40.68 -110.13
C ARG B 461 -15.41 -41.31 -109.10
N ILE B 462 -15.55 -40.94 -107.82
CA ILE B 462 -14.71 -41.55 -106.78
C ILE B 462 -15.11 -43.00 -106.60
N ILE B 463 -16.43 -43.27 -106.54
CA ILE B 463 -16.90 -44.65 -106.38
C ILE B 463 -16.43 -45.51 -107.53
N GLU B 464 -16.50 -44.98 -108.76
CA GLU B 464 -16.08 -45.71 -109.95
C GLU B 464 -14.62 -46.15 -109.82
N GLN B 465 -13.77 -45.29 -109.26
CA GLN B 465 -12.37 -45.66 -109.07
C GLN B 465 -12.20 -46.69 -107.97
N CYS B 466 -13.05 -46.64 -106.94
CA CYS B 466 -12.96 -47.61 -105.87
C CYS B 466 -13.42 -48.98 -106.32
N VAL B 467 -14.34 -49.05 -107.29
CA VAL B 467 -14.83 -50.34 -107.79
C VAL B 467 -13.74 -51.08 -108.54
N GLN B 468 -13.08 -50.42 -109.50
CA GLN B 468 -12.04 -51.10 -110.25
C GLN B 468 -10.89 -51.50 -109.34
N LYS B 469 -10.60 -50.71 -108.30
CA LYS B 469 -9.53 -51.09 -107.40
C LYS B 469 -9.92 -52.31 -106.56
N LEU B 470 -11.18 -52.37 -106.13
CA LEU B 470 -11.59 -53.52 -105.33
C LEU B 470 -11.62 -54.81 -106.15
N GLU B 471 -11.96 -54.73 -107.43
CA GLU B 471 -11.99 -55.93 -108.26
C GLU B 471 -10.61 -56.52 -108.47
N LYS B 472 -9.57 -55.69 -108.46
CA LYS B 472 -8.20 -56.14 -108.65
C LYS B 472 -7.57 -56.73 -107.39
N LEU B 473 -8.25 -56.65 -106.24
CA LEU B 473 -7.68 -57.21 -105.02
C LEU B 473 -8.17 -58.63 -104.83
N PRO B 474 -7.34 -59.55 -104.36
CA PRO B 474 -7.85 -60.91 -104.13
C PRO B 474 -8.83 -60.84 -102.98
N LYS B 475 -9.85 -61.71 -103.01
CA LYS B 475 -10.77 -61.63 -101.88
C LYS B 475 -10.10 -62.11 -100.60
N ASP B 476 -8.83 -62.47 -100.75
CA ASP B 476 -7.92 -62.91 -99.70
C ASP B 476 -7.29 -61.73 -98.97
N ALA B 477 -7.25 -60.56 -99.61
CA ALA B 477 -6.67 -59.37 -99.01
C ALA B 477 -7.43 -58.97 -97.75
N PRO B 478 -6.75 -58.46 -96.73
CA PRO B 478 -7.42 -58.10 -95.48
C PRO B 478 -8.20 -56.79 -95.52
N TYR B 479 -9.24 -56.76 -94.70
CA TYR B 479 -10.11 -55.62 -94.48
C TYR B 479 -10.03 -55.20 -93.00
N LEU B 480 -9.12 -55.81 -92.24
CA LEU B 480 -8.90 -55.53 -90.82
C LEU B 480 -7.43 -55.72 -90.46
N ASN B 481 -6.90 -54.79 -89.65
CA ASN B 481 -5.51 -54.88 -89.20
C ASN B 481 -5.50 -55.69 -87.90
N LYS B 482 -5.56 -57.00 -88.04
CA LYS B 482 -5.58 -57.89 -86.89
C LYS B 482 -4.24 -57.93 -86.14
N GLU B 483 -3.17 -57.37 -86.67
CA GLU B 483 -1.90 -57.45 -85.94
C GLU B 483 -1.75 -56.40 -84.84
N HIS B 484 -2.61 -55.39 -84.79
CA HIS B 484 -2.53 -54.40 -83.75
C HIS B 484 -3.33 -54.86 -82.52
N PRO B 485 -2.79 -54.67 -81.31
CA PRO B 485 -3.50 -55.13 -80.11
C PRO B 485 -4.82 -54.44 -79.83
N ALA B 486 -5.08 -53.26 -80.38
CA ALA B 486 -6.32 -52.57 -80.09
C ALA B 486 -7.44 -52.92 -81.06
N VAL B 487 -7.23 -53.88 -81.95
CA VAL B 487 -8.22 -54.25 -82.96
C VAL B 487 -8.88 -55.57 -82.57
N ILE B 488 -10.17 -55.52 -82.26
CA ILE B 488 -10.95 -56.71 -81.90
C ILE B 488 -11.06 -57.63 -83.11
N PRO B 489 -10.60 -58.86 -83.00
CA PRO B 489 -10.67 -59.80 -84.13
C PRO B 489 -12.08 -60.31 -84.36
N PRO B 490 -12.40 -60.72 -85.59
CA PRO B 490 -13.75 -61.25 -85.88
C PRO B 490 -14.05 -62.52 -85.10
N LYS B 491 -15.33 -62.76 -84.86
CA LYS B 491 -15.73 -63.95 -84.07
C LYS B 491 -15.15 -65.23 -84.66
N GLU B 492 -15.02 -65.31 -85.98
CA GLU B 492 -14.49 -66.52 -86.60
C GLU B 492 -13.09 -66.82 -86.09
N ASP B 493 -12.29 -65.78 -85.78
CA ASP B 493 -10.94 -65.99 -85.27
C ASP B 493 -10.98 -66.51 -83.85
N VAL B 494 -11.85 -65.93 -83.01
CA VAL B 494 -11.96 -66.33 -81.63
C VAL B 494 -12.53 -67.75 -81.49
N PHE B 495 -13.40 -68.16 -82.41
CA PHE B 495 -13.93 -69.52 -82.35
C PHE B 495 -12.87 -70.56 -82.64
N HIS B 496 -11.74 -70.12 -83.20
CA HIS B 496 -10.65 -70.94 -83.69
C HIS B 496 -9.41 -71.07 -82.80
N ASP B 497 -8.88 -69.96 -82.27
CA ASP B 497 -7.63 -70.06 -81.52
C ASP B 497 -7.60 -69.11 -80.33
N LEU B 498 -6.81 -69.51 -79.33
CA LEU B 498 -6.68 -68.73 -78.12
C LEU B 498 -5.96 -67.42 -78.37
N GLU B 499 -5.02 -67.41 -79.31
CA GLU B 499 -4.25 -66.21 -79.63
C GLU B 499 -5.15 -65.05 -80.05
N SER B 500 -6.34 -65.35 -80.61
CA SER B 500 -7.28 -64.30 -80.98
C SER B 500 -8.24 -64.00 -79.85
N MET B 501 -8.66 -65.05 -79.14
CA MET B 501 -9.60 -64.89 -78.04
C MET B 501 -9.09 -63.91 -76.98
N VAL B 502 -7.83 -64.03 -76.57
CA VAL B 502 -7.31 -63.15 -75.52
C VAL B 502 -7.36 -61.68 -75.92
N LYS B 503 -7.31 -61.39 -77.22
CA LYS B 503 -7.40 -60.00 -77.67
C LYS B 503 -8.80 -59.48 -77.46
N SER B 504 -9.80 -60.28 -77.83
CA SER B 504 -11.20 -59.91 -77.67
C SER B 504 -11.51 -59.61 -76.20
N PHE B 505 -11.06 -60.50 -75.32
CA PHE B 505 -11.31 -60.30 -73.90
C PHE B 505 -10.62 -59.05 -73.38
N ARG B 506 -9.35 -58.85 -73.75
CA ARG B 506 -8.61 -57.68 -73.26
C ARG B 506 -9.33 -56.39 -73.60
N VAL B 507 -9.63 -56.19 -74.87
CA VAL B 507 -10.24 -54.94 -75.33
C VAL B 507 -11.63 -54.76 -74.78
N VAL B 508 -12.43 -55.82 -74.79
CA VAL B 508 -13.79 -55.71 -74.30
C VAL B 508 -13.83 -55.43 -72.78
N VAL B 509 -12.93 -56.05 -72.01
CA VAL B 509 -13.00 -55.84 -70.57
C VAL B 509 -12.30 -54.57 -70.13
N HIS B 510 -11.12 -54.30 -70.66
CA HIS B 510 -10.34 -53.13 -70.24
C HIS B 510 -10.32 -51.97 -71.23
N GLY B 511 -10.73 -52.17 -72.47
CA GLY B 511 -10.65 -51.12 -73.47
C GLY B 511 -9.27 -51.13 -74.12
N GLU B 512 -9.15 -50.37 -75.21
CA GLU B 512 -7.86 -50.32 -75.88
C GLU B 512 -6.82 -49.62 -75.01
N ASP B 513 -5.55 -50.01 -75.16
CA ASP B 513 -4.48 -49.41 -74.36
C ASP B 513 -4.02 -48.12 -75.02
N ALA B 514 -4.88 -47.10 -74.92
CA ALA B 514 -4.56 -45.82 -75.52
C ALA B 514 -3.44 -45.14 -74.74
N PRO B 515 -2.49 -44.51 -75.41
CA PRO B 515 -1.44 -43.83 -74.72
C PRO B 515 -1.88 -42.42 -74.39
N PRO B 516 -1.18 -41.74 -73.50
CA PRO B 516 -1.55 -40.35 -73.21
C PRO B 516 -1.22 -39.52 -74.43
N GLY B 517 -1.90 -38.39 -74.54
CA GLY B 517 -1.68 -37.51 -75.66
C GLY B 517 -2.98 -36.93 -76.13
N GLU B 518 -2.92 -36.03 -77.12
CA GLU B 518 -4.10 -35.38 -77.64
C GLU B 518 -4.05 -35.44 -79.16
N VAL B 519 -5.23 -35.39 -79.78
CA VAL B 519 -5.32 -35.48 -81.23
C VAL B 519 -6.55 -34.73 -81.71
N TYR B 520 -6.40 -34.07 -82.85
CA TYR B 520 -7.52 -33.39 -83.47
C TYR B 520 -7.54 -33.79 -84.94
N PHE B 521 -8.61 -34.45 -85.35
CA PHE B 521 -8.74 -34.86 -86.75
C PHE B 521 -10.19 -34.65 -87.17
N ALA B 522 -10.37 -34.35 -88.46
CA ALA B 522 -11.70 -34.09 -88.97
C ALA B 522 -11.92 -34.77 -90.31
N GLY B 523 -13.18 -35.09 -90.60
CA GLY B 523 -13.56 -35.72 -91.85
C GLY B 523 -14.45 -34.80 -92.65
N GLU B 524 -14.36 -34.90 -93.97
CA GLU B 524 -15.20 -34.06 -94.82
C GLU B 524 -16.56 -34.73 -94.91
N ASN B 525 -17.41 -34.43 -93.94
CA ASN B 525 -18.75 -34.98 -93.94
C ASN B 525 -19.60 -34.21 -94.95
N PRO B 526 -20.68 -34.82 -95.45
CA PRO B 526 -21.52 -34.10 -96.43
C PRO B 526 -21.89 -32.68 -96.04
N ARG B 527 -22.00 -32.37 -94.73
CA ARG B 527 -22.37 -31.03 -94.29
C ARG B 527 -21.21 -30.22 -93.74
N GLY B 528 -19.98 -30.63 -93.96
CA GLY B 528 -18.88 -29.84 -93.46
C GLY B 528 -17.84 -30.65 -92.73
N GLU B 529 -16.92 -29.94 -92.08
CA GLU B 529 -15.83 -30.55 -91.35
C GLU B 529 -16.32 -31.08 -90.01
N LEU B 530 -16.32 -32.42 -89.88
CA LEU B 530 -16.73 -33.11 -88.65
C LEU B 530 -15.43 -33.40 -87.90
N GLY B 531 -15.13 -32.57 -86.91
CA GLY B 531 -13.91 -32.71 -86.14
C GLY B 531 -14.10 -33.47 -84.84
N PHE B 532 -13.02 -34.11 -84.42
CA PHE B 532 -12.99 -34.87 -83.17
C PHE B 532 -11.71 -34.47 -82.44
N PHE B 533 -11.85 -33.85 -81.29
CA PHE B 533 -10.71 -33.49 -80.47
C PHE B 533 -10.76 -34.45 -79.29
N ILE B 534 -9.79 -35.36 -79.22
CA ILE B 534 -9.72 -36.36 -78.17
C ILE B 534 -8.52 -36.07 -77.27
N TYR B 535 -8.75 -36.04 -75.96
CA TYR B 535 -7.73 -35.81 -74.94
C TYR B 535 -7.65 -37.10 -74.12
N SER B 536 -6.47 -37.73 -74.12
CA SER B 536 -6.25 -39.00 -73.44
C SER B 536 -5.20 -38.93 -72.34
N LYS B 537 -5.59 -39.29 -71.11
CA LYS B 537 -4.66 -39.38 -69.99
C LYS B 537 -4.05 -40.77 -69.92
N GLY B 538 -4.41 -41.63 -70.87
CA GLY B 538 -3.96 -43.01 -70.91
C GLY B 538 -5.05 -43.91 -70.38
N GLY B 539 -5.32 -45.00 -71.06
CA GLY B 539 -6.36 -45.92 -70.65
C GLY B 539 -7.39 -46.14 -71.75
N GLY B 540 -8.30 -47.06 -71.44
CA GLY B 540 -9.38 -47.50 -72.32
C GLY B 540 -10.51 -46.52 -72.51
N LYS B 541 -10.54 -45.43 -71.74
CA LYS B 541 -11.62 -44.46 -71.94
C LYS B 541 -11.01 -43.07 -72.05
N PRO B 542 -11.50 -42.27 -72.99
CA PRO B 542 -10.97 -40.92 -73.15
C PRO B 542 -11.42 -40.02 -72.02
N TYR B 543 -10.57 -39.05 -71.73
CA TYR B 543 -10.84 -38.10 -70.66
C TYR B 543 -11.79 -37.04 -71.15
N ARG B 544 -11.74 -36.75 -72.45
CA ARG B 544 -12.57 -35.75 -73.10
C ARG B 544 -12.57 -35.99 -74.59
N THR B 545 -13.76 -35.98 -75.21
CA THR B 545 -13.85 -36.13 -76.66
C THR B 545 -14.74 -34.99 -77.11
N ARG B 546 -14.14 -33.93 -77.63
CA ARG B 546 -14.91 -32.79 -78.11
C ARG B 546 -15.26 -33.05 -79.56
N ILE B 547 -16.53 -32.85 -79.92
CA ILE B 547 -16.98 -33.09 -81.28
C ILE B 547 -17.27 -31.74 -81.93
N ARG B 548 -16.50 -31.42 -82.97
CA ARG B 548 -16.62 -30.19 -83.73
C ARG B 548 -17.55 -30.43 -84.92
N SER B 549 -18.77 -29.88 -84.84
CA SER B 549 -19.77 -30.06 -85.89
C SER B 549 -19.65 -29.01 -86.98
N GLY B 550 -19.39 -29.46 -88.21
CA GLY B 550 -19.30 -28.54 -89.33
C GLY B 550 -20.63 -27.89 -89.64
N ALA B 551 -21.73 -28.62 -89.41
CA ALA B 551 -23.06 -28.07 -89.65
C ALA B 551 -23.42 -27.03 -88.59
N LEU B 552 -22.94 -27.22 -87.35
CA LEU B 552 -23.23 -26.28 -86.28
C LEU B 552 -22.66 -24.90 -86.60
N TYR B 553 -21.45 -24.85 -87.15
CA TYR B 553 -20.86 -23.58 -87.50
C TYR B 553 -21.47 -23.03 -88.78
N ASN B 554 -22.05 -23.90 -89.61
CA ASN B 554 -22.71 -23.41 -90.82
C ASN B 554 -24.01 -22.71 -90.44
N LEU B 555 -24.62 -23.08 -89.32
CA LEU B 555 -25.83 -22.40 -88.88
C LEU B 555 -25.54 -21.09 -88.14
N SER B 556 -24.34 -20.93 -87.56
CA SER B 556 -24.02 -19.71 -86.83
C SER B 556 -24.08 -18.47 -87.71
N ILE B 557 -23.93 -18.61 -89.04
CA ILE B 557 -23.99 -17.48 -89.96
C ILE B 557 -25.43 -17.15 -90.34
N PHE B 558 -26.40 -17.93 -89.86
CA PHE B 558 -27.79 -17.65 -90.22
C PHE B 558 -28.25 -16.26 -89.78
N PRO B 559 -28.06 -15.83 -88.52
CA PRO B 559 -28.53 -14.47 -88.15
C PRO B 559 -27.94 -13.37 -89.03
N LYS B 560 -26.72 -13.56 -89.56
CA LYS B 560 -26.10 -12.53 -90.40
C LYS B 560 -26.78 -12.41 -91.75
N LEU B 561 -27.20 -13.54 -92.33
CA LEU B 561 -27.82 -13.54 -93.65
C LEU B 561 -29.25 -13.03 -93.67
N ILE B 562 -30.09 -13.53 -92.75
CA ILE B 562 -31.49 -13.11 -92.74
C ILE B 562 -31.66 -11.68 -92.27
N GLN B 563 -30.66 -11.08 -91.62
CA GLN B 563 -30.80 -9.71 -91.14
C GLN B 563 -31.00 -8.73 -92.30
N GLY B 564 -31.93 -7.80 -92.10
CA GLY B 564 -32.25 -6.80 -93.10
C GLY B 564 -32.89 -7.36 -94.35
N ARG B 565 -33.42 -8.57 -94.28
CA ARG B 565 -34.06 -9.24 -95.40
C ARG B 565 -35.51 -9.55 -95.07
N THR B 566 -36.17 -10.23 -96.00
CA THR B 566 -37.56 -10.64 -95.85
C THR B 566 -37.62 -12.06 -95.29
N ILE B 567 -38.62 -12.33 -94.45
CA ILE B 567 -38.73 -13.65 -93.84
C ILE B 567 -39.04 -14.76 -94.85
N ALA B 568 -39.52 -14.42 -96.04
CA ALA B 568 -39.81 -15.44 -97.05
C ALA B 568 -38.55 -16.20 -97.45
N ASP B 569 -37.40 -15.53 -97.42
CA ASP B 569 -36.13 -16.14 -97.78
C ASP B 569 -35.58 -17.05 -96.69
N ALA B 570 -36.25 -17.15 -95.55
CA ALA B 570 -35.74 -17.99 -94.47
C ALA B 570 -35.80 -19.46 -94.82
N ILE B 571 -36.85 -19.89 -95.54
CA ILE B 571 -36.95 -21.31 -95.92
C ILE B 571 -35.84 -21.69 -96.90
N ALA B 572 -35.53 -20.80 -97.86
CA ALA B 572 -34.48 -21.08 -98.83
C ALA B 572 -33.08 -20.93 -98.23
N LEU B 573 -32.93 -20.02 -97.26
CA LEU B 573 -31.64 -19.83 -96.61
C LEU B 573 -31.27 -21.04 -95.76
N LEU B 574 -32.18 -21.44 -94.86
CA LEU B 574 -31.91 -22.58 -94.01
C LEU B 574 -31.62 -23.82 -94.83
N GLY B 575 -32.33 -23.99 -95.95
CA GLY B 575 -32.10 -25.16 -96.78
C GLY B 575 -30.74 -25.13 -97.44
N SER B 576 -30.25 -23.95 -97.83
CA SER B 576 -28.95 -23.84 -98.47
C SER B 576 -27.78 -23.98 -97.48
N LEU B 577 -28.05 -24.06 -96.18
CA LEU B 577 -27.01 -24.23 -95.18
C LEU B 577 -26.96 -25.67 -94.68
N ASP B 578 -27.87 -26.52 -95.16
CA ASP B 578 -27.98 -27.95 -94.85
C ASP B 578 -27.64 -28.30 -93.39
N PRO B 579 -28.43 -27.82 -92.44
CA PRO B 579 -28.15 -28.14 -91.03
C PRO B 579 -28.89 -29.40 -90.59
N VAL B 580 -28.37 -30.02 -89.52
CA VAL B 580 -28.97 -31.22 -88.94
C VAL B 580 -29.00 -31.09 -87.43
N VAL B 581 -30.19 -31.26 -86.85
CA VAL B 581 -30.37 -31.16 -85.41
C VAL B 581 -29.46 -32.15 -84.69
N GLY B 582 -29.21 -33.30 -85.32
CA GLY B 582 -28.35 -34.30 -84.72
C GLY B 582 -26.89 -33.90 -84.57
N GLU B 583 -26.37 -33.08 -85.49
CA GLU B 583 -24.97 -32.65 -85.37
C GLU B 583 -24.78 -31.57 -84.31
N THR B 584 -25.84 -31.09 -83.68
CA THR B 584 -25.78 -30.12 -82.59
C THR B 584 -25.70 -30.83 -81.22
N ASP B 585 -25.00 -31.98 -81.24
CA ASP B 585 -24.69 -32.85 -80.11
C ASP B 585 -25.78 -33.16 -79.08
N MET C 1 30.58 -106.90 -56.80
CA MET C 1 30.44 -108.20 -57.46
C MET C 1 31.70 -108.59 -58.25
N ARG C 2 31.93 -109.89 -58.50
CA ARG C 2 33.07 -110.33 -59.30
C ARG C 2 32.60 -110.72 -60.71
N SER C 3 31.29 -110.85 -60.89
CA SER C 3 30.63 -111.14 -62.16
C SER C 3 29.71 -109.95 -62.44
N TYR C 4 30.09 -109.13 -63.39
CA TYR C 4 29.36 -107.92 -63.73
C TYR C 4 28.29 -108.18 -64.78
N PRO C 5 27.29 -107.30 -64.86
CA PRO C 5 26.22 -107.44 -65.85
C PRO C 5 26.79 -107.51 -67.26
N ALA C 6 25.94 -107.93 -68.22
CA ALA C 6 26.38 -108.04 -69.59
C ALA C 6 26.48 -106.68 -70.26
N ILE C 7 27.56 -106.50 -71.03
CA ILE C 7 27.80 -105.28 -71.80
C ILE C 7 28.29 -105.67 -73.18
N PRO C 8 27.99 -104.86 -74.18
CA PRO C 8 28.41 -105.17 -75.55
C PRO C 8 29.91 -105.06 -75.77
N ARG C 9 30.37 -105.80 -76.77
CA ARG C 9 31.79 -105.79 -77.12
C ARG C 9 31.98 -104.66 -78.09
N ILE C 10 32.25 -103.48 -77.56
CA ILE C 10 32.48 -102.29 -78.38
C ILE C 10 33.90 -102.38 -78.92
N TYR C 11 34.05 -102.25 -80.24
CA TYR C 11 35.38 -102.29 -80.86
C TYR C 11 36.13 -100.99 -80.58
N ALA C 12 37.42 -101.09 -80.25
CA ALA C 12 38.23 -99.91 -79.97
C ALA C 12 39.56 -100.03 -80.68
N GLU C 13 40.01 -98.94 -81.34
CA GLU C 13 41.26 -98.92 -82.08
C GLU C 13 42.04 -97.66 -81.68
N THR C 14 43.39 -97.73 -81.75
CA THR C 14 44.19 -96.58 -81.33
C THR C 14 45.51 -96.46 -82.08
N THR C 15 45.92 -95.20 -82.29
CA THR C 15 47.18 -94.89 -82.94
C THR C 15 48.17 -94.18 -82.02
N LEU C 16 47.75 -93.84 -80.81
CA LEU C 16 48.60 -93.20 -79.82
C LEU C 16 48.92 -94.13 -78.66
N ASN C 17 48.08 -95.12 -78.43
CA ASN C 17 48.28 -96.09 -77.36
C ASN C 17 48.43 -95.40 -76.01
N MET C 18 47.54 -94.46 -75.71
CA MET C 18 47.59 -93.79 -74.43
C MET C 18 46.33 -94.11 -73.61
N LEU C 19 45.17 -93.58 -74.01
CA LEU C 19 43.94 -93.84 -73.28
C LEU C 19 43.40 -95.24 -73.55
N LEU C 20 43.64 -95.78 -74.74
CA LEU C 20 43.18 -97.11 -75.04
C LEU C 20 44.30 -98.14 -74.95
N LYS C 21 45.36 -97.88 -74.17
CA LYS C 21 46.45 -98.85 -74.05
C LYS C 21 45.91 -100.18 -73.56
N ARG C 22 45.04 -100.13 -72.55
CA ARG C 22 44.38 -101.29 -71.98
C ARG C 22 42.92 -101.36 -72.44
N ALA C 23 42.25 -100.20 -72.57
CA ALA C 23 40.84 -100.20 -73.00
C ALA C 23 40.63 -100.74 -74.41
N LYS C 24 41.68 -100.98 -75.18
CA LYS C 24 41.42 -101.53 -76.51
C LYS C 24 40.96 -102.99 -76.43
N LYS C 25 41.18 -103.69 -75.28
CA LYS C 25 40.77 -105.07 -75.03
C LYS C 25 39.50 -105.06 -74.20
N PRO C 26 38.41 -105.69 -74.64
CA PRO C 26 37.15 -105.65 -73.87
C PRO C 26 37.09 -106.46 -72.58
N ARG C 27 37.72 -105.96 -71.52
CA ARG C 27 37.70 -106.65 -70.24
C ARG C 27 38.12 -105.70 -69.13
N VAL C 28 37.85 -106.10 -67.90
CA VAL C 28 38.24 -105.30 -66.76
C VAL C 28 39.71 -105.56 -66.47
N HIS C 29 40.47 -104.49 -66.25
CA HIS C 29 41.90 -104.54 -65.91
C HIS C 29 41.99 -104.11 -64.46
N SER C 30 42.13 -105.08 -63.55
CA SER C 30 42.17 -104.76 -62.14
C SER C 30 43.53 -104.18 -61.72
N ILE C 31 43.55 -103.73 -60.46
CA ILE C 31 44.70 -103.03 -59.90
C ILE C 31 46.01 -103.81 -60.01
N ASP C 32 45.97 -105.14 -59.90
CA ASP C 32 47.24 -105.86 -59.98
C ASP C 32 47.85 -105.74 -61.37
N GLU C 33 47.02 -105.85 -62.41
CA GLU C 33 47.53 -105.70 -63.77
C GLU C 33 47.90 -104.25 -64.05
N TYR C 34 47.09 -103.30 -63.57
CA TYR C 34 47.39 -101.90 -63.80
C TYR C 34 48.75 -101.54 -63.18
N LEU C 35 49.02 -102.03 -61.98
CA LEU C 35 50.29 -101.74 -61.34
C LEU C 35 51.45 -102.32 -62.15
N LYS C 36 51.33 -103.56 -62.61
CA LYS C 36 52.40 -104.17 -63.39
C LYS C 36 52.64 -103.37 -64.66
N ASP C 37 51.61 -102.70 -65.15
CA ASP C 37 51.66 -101.86 -66.34
C ASP C 37 52.22 -100.48 -66.04
N GLY C 38 52.60 -100.21 -64.79
CA GLY C 38 53.14 -98.94 -64.36
C GLY C 38 52.12 -98.02 -63.72
N GLY C 39 50.93 -98.51 -63.41
CA GLY C 39 49.91 -97.66 -62.83
C GLY C 39 50.28 -97.10 -61.47
N TYR C 40 49.58 -96.01 -61.16
CA TYR C 40 49.70 -95.26 -59.92
C TYR C 40 51.08 -94.64 -59.71
N GLN C 41 52.03 -94.86 -60.63
CA GLN C 41 53.32 -94.21 -60.42
C GLN C 41 53.21 -92.73 -60.72
N ALA C 42 52.30 -92.36 -61.62
CA ALA C 42 52.10 -90.95 -61.89
C ALA C 42 51.55 -90.26 -60.63
N LEU C 43 50.71 -90.98 -59.88
CA LEU C 43 50.16 -90.42 -58.64
C LEU C 43 51.26 -90.19 -57.62
N GLU C 44 52.18 -91.14 -57.48
CA GLU C 44 53.27 -90.94 -56.52
C GLU C 44 54.12 -89.74 -56.93
N LYS C 45 54.37 -89.58 -58.23
CA LYS C 45 55.15 -88.44 -58.68
C LYS C 45 54.40 -87.16 -58.35
N ALA C 46 53.09 -87.14 -58.62
CA ALA C 46 52.30 -85.95 -58.34
C ALA C 46 52.30 -85.65 -56.85
N LEU C 47 52.23 -86.68 -56.01
CA LEU C 47 52.22 -86.44 -54.58
C LEU C 47 53.55 -85.93 -54.05
N ASN C 48 54.64 -86.01 -54.84
CA ASN C 48 55.92 -85.46 -54.43
C ASN C 48 56.06 -84.02 -54.92
N MET C 49 55.07 -83.53 -55.67
CA MET C 49 54.98 -82.18 -56.18
C MET C 49 53.95 -81.43 -55.33
N SER C 50 54.00 -80.11 -55.38
CA SER C 50 53.01 -79.36 -54.61
C SER C 50 51.73 -79.26 -55.41
N PRO C 51 50.61 -78.99 -54.74
CA PRO C 51 49.34 -78.83 -55.49
C PRO C 51 49.42 -77.74 -56.54
N GLU C 52 50.10 -76.63 -56.23
CA GLU C 52 50.22 -75.54 -57.20
C GLU C 52 51.00 -75.96 -58.44
N GLU C 53 52.07 -76.76 -58.28
CA GLU C 53 52.80 -77.19 -59.47
C GLU C 53 51.91 -78.02 -60.39
N ILE C 54 51.15 -78.96 -59.81
CA ILE C 54 50.27 -79.83 -60.60
C ILE C 54 49.29 -79.00 -61.42
N ILE C 55 48.67 -77.99 -60.80
CA ILE C 55 47.78 -77.10 -61.54
C ILE C 55 48.56 -76.44 -62.67
N ASP C 56 49.81 -76.05 -62.39
CA ASP C 56 50.63 -75.39 -63.40
C ASP C 56 50.93 -76.32 -64.58
N TRP C 57 51.31 -77.56 -64.31
CA TRP C 57 51.60 -78.49 -65.40
C TRP C 57 50.36 -78.69 -66.26
N VAL C 58 49.18 -78.82 -65.63
CA VAL C 58 47.94 -79.02 -66.39
C VAL C 58 47.62 -77.79 -67.22
N ASP C 59 47.92 -76.59 -66.72
CA ASP C 59 47.70 -75.38 -67.51
C ASP C 59 48.70 -75.31 -68.67
N LYS C 60 49.98 -75.53 -68.37
CA LYS C 60 50.99 -75.48 -69.43
C LYS C 60 50.81 -76.60 -70.45
N SER C 61 50.13 -77.69 -70.08
CA SER C 61 49.91 -78.78 -71.04
C SER C 61 48.91 -78.38 -72.12
N THR C 62 48.17 -77.28 -71.89
CA THR C 62 47.15 -76.74 -72.80
C THR C 62 45.96 -77.66 -72.96
N LEU C 63 45.82 -78.63 -72.06
CA LEU C 63 44.70 -79.56 -72.08
C LEU C 63 43.38 -78.83 -71.94
N ARG C 64 42.45 -79.15 -72.84
CA ARG C 64 41.11 -78.59 -72.85
C ARG C 64 40.13 -79.70 -72.53
N GLY C 65 39.00 -79.32 -71.92
CA GLY C 65 37.96 -80.24 -71.52
C GLY C 65 37.33 -80.98 -72.67
N ARG C 66 37.22 -82.29 -72.54
CA ARG C 66 36.64 -83.16 -73.55
C ARG C 66 35.12 -83.30 -73.39
N GLY C 67 34.51 -82.58 -72.43
CA GLY C 67 33.09 -82.68 -72.18
C GLY C 67 32.16 -81.99 -73.17
N GLY C 68 32.69 -81.18 -74.09
CA GLY C 68 31.88 -80.48 -75.08
C GLY C 68 32.07 -78.97 -75.11
N ALA C 69 32.48 -78.38 -73.99
CA ALA C 69 32.69 -76.93 -73.92
C ALA C 69 34.12 -76.49 -74.22
N GLY C 70 35.07 -77.41 -74.31
CA GLY C 70 36.45 -77.09 -74.58
C GLY C 70 37.12 -76.07 -73.67
N PHE C 71 36.68 -75.95 -72.41
CA PHE C 71 37.35 -74.97 -71.55
C PHE C 71 38.71 -75.50 -71.05
N PRO C 72 39.73 -74.64 -70.97
CA PRO C 72 41.08 -75.09 -70.53
C PRO C 72 41.09 -75.58 -69.08
N THR C 73 41.45 -76.87 -68.92
CA THR C 73 41.45 -77.51 -67.62
C THR C 73 42.27 -76.75 -66.57
N GLY C 74 43.51 -76.45 -66.88
CA GLY C 74 44.34 -75.72 -65.91
C GLY C 74 43.70 -74.44 -65.43
N LYS C 75 43.05 -73.68 -66.34
CA LYS C 75 42.42 -72.44 -65.91
C LYS C 75 41.20 -72.69 -65.06
N LYS C 76 40.45 -73.76 -65.35
CA LYS C 76 39.31 -74.05 -64.50
C LYS C 76 39.80 -74.36 -63.08
N TRP C 77 40.87 -75.15 -62.96
CA TRP C 77 41.37 -75.46 -61.63
C TRP C 77 41.87 -74.21 -60.92
N LYS C 78 42.55 -73.32 -61.66
CA LYS C 78 43.07 -72.09 -61.05
C LYS C 78 41.91 -71.24 -60.50
N PHE C 79 40.80 -71.16 -61.24
CA PHE C 79 39.64 -70.39 -60.78
C PHE C 79 39.10 -70.94 -59.46
N ALA C 80 39.08 -72.28 -59.33
CA ALA C 80 38.53 -72.90 -58.12
C ALA C 80 39.39 -72.65 -56.90
N VAL C 81 40.72 -72.68 -57.05
CA VAL C 81 41.58 -72.46 -55.87
C VAL C 81 41.69 -70.99 -55.54
N GLN C 82 40.96 -70.13 -56.25
CA GLN C 82 40.93 -68.70 -55.96
C GLN C 82 40.14 -68.45 -54.68
N ASN C 83 39.17 -69.30 -54.39
CA ASN C 83 38.30 -69.18 -53.24
C ASN C 83 38.68 -70.20 -52.18
N PRO C 84 38.45 -69.89 -50.90
CA PRO C 84 38.82 -70.82 -49.84
C PRO C 84 37.96 -72.07 -49.81
N GLY C 85 38.56 -73.14 -49.29
CA GLY C 85 37.93 -74.44 -49.18
C GLY C 85 36.98 -74.58 -48.01
N PRO C 86 36.44 -75.80 -47.80
CA PRO C 86 36.64 -77.04 -48.56
C PRO C 86 36.25 -76.97 -50.04
N ARG C 87 36.88 -77.81 -50.86
CA ARG C 87 36.59 -77.85 -52.27
C ARG C 87 36.23 -79.27 -52.68
N TYR C 88 35.49 -79.38 -53.78
CA TYR C 88 35.04 -80.67 -54.27
C TYR C 88 35.43 -80.86 -55.74
N PHE C 89 35.72 -82.10 -56.06
CA PHE C 89 36.08 -82.51 -57.41
C PHE C 89 35.05 -83.54 -57.79
N ILE C 90 34.46 -83.38 -58.98
CA ILE C 90 33.44 -84.29 -59.49
C ILE C 90 33.84 -84.78 -60.87
N CYS C 91 33.79 -86.09 -61.06
CA CYS C 91 34.06 -86.71 -62.33
C CYS C 91 32.69 -86.90 -63.00
N ASN C 92 32.51 -86.27 -64.15
CA ASN C 92 31.26 -86.32 -64.90
C ASN C 92 31.22 -87.51 -65.86
N ALA C 93 30.51 -88.57 -65.45
CA ALA C 93 30.33 -89.78 -66.25
C ALA C 93 28.88 -89.95 -66.68
N ASP C 94 28.19 -88.84 -66.95
CA ASP C 94 26.80 -88.98 -67.33
C ASP C 94 26.67 -89.54 -68.75
N GLU C 95 27.47 -89.06 -69.70
CA GLU C 95 27.54 -89.55 -71.08
C GLU C 95 26.21 -90.04 -71.66
N SER C 96 25.31 -89.14 -71.98
CA SER C 96 24.02 -89.57 -72.52
C SER C 96 23.69 -88.95 -73.88
N GLU C 97 24.67 -88.33 -74.57
CA GLU C 97 24.34 -87.77 -75.87
C GLU C 97 24.33 -88.89 -76.92
N PRO C 98 23.35 -88.90 -77.82
CA PRO C 98 23.29 -89.97 -78.82
C PRO C 98 24.59 -90.08 -79.60
N GLY C 99 25.03 -91.32 -79.77
CA GLY C 99 26.25 -91.62 -80.49
C GLY C 99 27.53 -91.50 -79.70
N THR C 100 27.47 -91.09 -78.43
CA THR C 100 28.64 -90.92 -77.60
C THR C 100 28.80 -92.08 -76.62
N PHE C 101 29.75 -92.98 -76.89
CA PHE C 101 30.01 -94.12 -76.02
C PHE C 101 31.49 -94.21 -75.66
N LYS C 102 32.22 -93.09 -75.78
CA LYS C 102 33.67 -93.05 -75.54
C LYS C 102 34.03 -93.24 -74.07
N ASP C 103 33.34 -92.55 -73.18
CA ASP C 103 33.67 -92.63 -71.76
C ASP C 103 33.44 -94.03 -71.18
N ARG C 104 32.42 -94.74 -71.64
CA ARG C 104 32.15 -96.04 -71.04
C ARG C 104 33.29 -97.04 -71.25
N ILE C 105 33.94 -97.05 -72.41
CA ILE C 105 35.00 -98.06 -72.55
C ILE C 105 36.14 -97.81 -71.57
N ILE C 106 36.37 -96.56 -71.16
CA ILE C 106 37.40 -96.32 -70.18
C ILE C 106 36.95 -96.81 -68.81
N ILE C 107 35.74 -96.42 -68.39
CA ILE C 107 35.22 -96.84 -67.10
C ILE C 107 35.18 -98.36 -66.99
N GLU C 108 34.59 -99.02 -67.99
CA GLU C 108 34.43 -100.46 -67.94
C GLU C 108 35.69 -101.27 -68.17
N ARG C 109 36.76 -100.69 -68.71
CA ARG C 109 37.94 -101.50 -68.97
C ARG C 109 39.20 -101.05 -68.25
N ASP C 110 39.36 -99.76 -68.00
CA ASP C 110 40.54 -99.20 -67.33
C ASP C 110 40.10 -98.24 -66.24
N PRO C 111 39.30 -98.71 -65.28
CA PRO C 111 38.83 -97.80 -64.24
C PRO C 111 39.93 -97.15 -63.44
N HIS C 112 41.07 -97.83 -63.28
CA HIS C 112 42.16 -97.27 -62.49
C HIS C 112 42.83 -96.10 -63.17
N LEU C 113 42.78 -96.04 -64.51
CA LEU C 113 43.35 -94.87 -65.16
C LEU C 113 42.53 -93.66 -64.77
N LEU C 114 41.21 -93.83 -64.72
CA LEU C 114 40.30 -92.76 -64.30
C LEU C 114 40.45 -92.45 -62.80
N ILE C 115 40.55 -93.48 -61.96
CA ILE C 115 40.71 -93.26 -60.52
C ILE C 115 41.99 -92.46 -60.24
N GLU C 116 43.10 -92.89 -60.83
CA GLU C 116 44.37 -92.17 -60.64
C GLU C 116 44.25 -90.72 -61.05
N GLY C 117 43.57 -90.47 -62.18
CA GLY C 117 43.40 -89.10 -62.61
C GLY C 117 42.54 -88.29 -61.64
N ILE C 118 41.55 -88.95 -61.01
CA ILE C 118 40.71 -88.26 -60.04
C ILE C 118 41.52 -87.89 -58.81
N ILE C 119 42.42 -88.79 -58.38
CA ILE C 119 43.20 -88.52 -57.18
C ILE C 119 44.16 -87.35 -57.41
N ILE C 120 44.90 -87.38 -58.52
CA ILE C 120 45.85 -86.32 -58.83
C ILE C 120 45.12 -84.97 -58.89
N SER C 121 43.97 -84.95 -59.58
CA SER C 121 43.20 -83.72 -59.72
C SER C 121 42.69 -83.22 -58.37
N SER C 122 42.16 -84.12 -57.55
CA SER C 122 41.64 -83.73 -56.24
C SER C 122 42.75 -83.15 -55.38
N TYR C 123 43.94 -83.77 -55.44
CA TYR C 123 45.06 -83.24 -54.68
C TYR C 123 45.41 -81.85 -55.16
N ALA C 124 45.35 -81.65 -56.49
CA ALA C 124 45.69 -80.39 -57.11
C ALA C 124 44.81 -79.24 -56.61
N ILE C 125 43.49 -79.45 -56.54
CA ILE C 125 42.63 -78.37 -56.07
C ILE C 125 42.35 -78.45 -54.57
N GLY C 126 42.92 -79.41 -53.88
CA GLY C 126 42.70 -79.49 -52.44
C GLY C 126 41.36 -80.03 -52.02
N ALA C 127 40.82 -80.97 -52.77
CA ALA C 127 39.54 -81.57 -52.49
C ALA C 127 39.77 -82.90 -51.80
N ASN C 128 39.22 -83.05 -50.59
CA ASN C 128 39.34 -84.31 -49.85
C ASN C 128 38.17 -85.25 -50.11
N GLU C 129 37.18 -84.79 -50.90
CA GLU C 129 36.01 -85.56 -51.29
C GLU C 129 35.83 -85.42 -52.78
N ALA C 130 35.78 -86.54 -53.47
CA ALA C 130 35.58 -86.55 -54.91
C ALA C 130 34.40 -87.46 -55.23
N TYR C 131 33.63 -87.10 -56.26
CA TYR C 131 32.49 -87.88 -56.68
C TYR C 131 32.58 -88.25 -58.15
N ILE C 132 32.03 -89.40 -58.48
CA ILE C 132 31.88 -89.86 -59.86
C ILE C 132 30.37 -90.01 -60.01
N TYR C 133 29.79 -89.29 -60.96
CA TYR C 133 28.36 -89.33 -61.26
C TYR C 133 28.23 -90.09 -62.58
N ILE C 134 27.80 -91.34 -62.52
CA ILE C 134 27.67 -92.17 -63.72
C ILE C 134 26.20 -92.41 -64.03
N ARG C 135 25.85 -92.34 -65.32
CA ARG C 135 24.47 -92.49 -65.76
C ARG C 135 23.85 -93.78 -65.24
N GLY C 136 22.53 -93.74 -65.00
CA GLY C 136 21.82 -94.90 -64.47
C GLY C 136 21.84 -96.11 -65.39
N GLU C 137 21.91 -95.89 -66.69
CA GLU C 137 21.92 -96.96 -67.68
C GLU C 137 23.29 -97.66 -67.85
N TYR C 138 24.24 -97.38 -66.96
CA TYR C 138 25.58 -97.99 -66.97
C TYR C 138 25.81 -98.82 -65.70
N PRO C 139 24.94 -99.80 -65.40
CA PRO C 139 25.16 -100.57 -64.17
C PRO C 139 26.50 -101.29 -64.09
N ALA C 140 26.99 -101.91 -65.17
CA ALA C 140 28.29 -102.58 -65.05
C ALA C 140 29.37 -101.57 -64.66
N GLY C 141 29.37 -100.40 -65.29
CA GLY C 141 30.35 -99.39 -64.95
C GLY C 141 30.27 -98.98 -63.49
N TYR C 142 29.06 -98.97 -62.92
CA TYR C 142 28.91 -98.61 -61.52
C TYR C 142 29.60 -99.64 -60.61
N TYR C 143 29.23 -100.91 -60.77
CA TYR C 143 29.83 -101.93 -59.93
C TYR C 143 31.33 -101.98 -60.15
N ILE C 144 31.78 -101.86 -61.41
CA ILE C 144 33.20 -101.88 -61.71
C ILE C 144 33.92 -100.74 -60.98
N LEU C 145 33.38 -99.53 -61.05
CA LEU C 145 34.04 -98.42 -60.36
C LEU C 145 34.07 -98.66 -58.86
N ARG C 146 32.95 -99.11 -58.27
CA ARG C 146 32.93 -99.38 -56.83
C ARG C 146 34.00 -100.37 -56.44
N ASP C 147 34.16 -101.45 -57.22
CA ASP C 147 35.18 -102.44 -56.88
C ASP C 147 36.59 -101.90 -57.10
N ALA C 148 36.82 -101.17 -58.19
CA ALA C 148 38.15 -100.64 -58.43
C ALA C 148 38.54 -99.67 -57.31
N ILE C 149 37.59 -98.84 -56.87
CA ILE C 149 37.87 -97.92 -55.77
C ILE C 149 38.25 -98.69 -54.52
N GLU C 150 37.62 -99.84 -54.29
CA GLU C 150 37.96 -100.65 -53.12
C GLU C 150 39.36 -101.21 -53.24
N GLU C 151 39.77 -101.61 -54.46
CA GLU C 151 41.14 -102.10 -54.67
C GLU C 151 42.14 -101.01 -54.34
N ALA C 152 41.83 -99.77 -54.74
CA ALA C 152 42.72 -98.64 -54.49
C ALA C 152 42.86 -98.36 -53.01
N LYS C 153 41.74 -98.41 -52.26
CA LYS C 153 41.81 -98.16 -50.82
C LYS C 153 42.64 -99.23 -50.11
N LYS C 154 42.50 -100.48 -50.55
CA LYS C 154 43.26 -101.56 -49.93
C LYS C 154 44.76 -101.36 -50.15
N LYS C 155 45.15 -100.86 -51.34
CA LYS C 155 46.55 -100.62 -51.65
C LYS C 155 47.06 -99.29 -51.12
N GLY C 156 46.24 -98.54 -50.41
CA GLY C 156 46.68 -97.28 -49.83
C GLY C 156 46.62 -96.05 -50.70
N PHE C 157 46.02 -96.14 -51.89
CA PHE C 157 45.91 -95.00 -52.80
C PHE C 157 44.74 -94.10 -52.48
N LEU C 158 43.86 -94.52 -51.59
CA LEU C 158 42.72 -93.74 -51.16
C LEU C 158 42.66 -93.82 -49.65
N GLY C 159 41.90 -92.93 -49.03
CA GLY C 159 41.84 -92.98 -47.61
C GLY C 159 42.60 -91.83 -47.00
N LYS C 160 43.14 -92.09 -45.82
CA LYS C 160 43.91 -91.09 -45.09
C LYS C 160 45.40 -91.24 -45.34
N ASN C 161 46.09 -90.10 -45.34
CA ASN C 161 47.54 -90.01 -45.50
C ASN C 161 48.05 -90.88 -46.65
N ILE C 162 47.52 -90.58 -47.84
CA ILE C 162 47.87 -91.34 -49.05
C ILE C 162 49.36 -91.30 -49.34
N LEU C 163 49.97 -92.48 -49.37
CA LEU C 163 51.41 -92.66 -49.65
C LEU C 163 52.28 -91.80 -48.74
N GLY C 164 51.79 -91.54 -47.53
CA GLY C 164 52.54 -90.75 -46.58
C GLY C 164 52.62 -89.27 -46.90
N SER C 165 51.77 -88.78 -47.79
CA SER C 165 51.78 -87.39 -48.21
C SER C 165 50.95 -86.47 -47.34
N GLY C 166 50.20 -86.97 -46.37
CA GLY C 166 49.36 -86.11 -45.59
C GLY C 166 48.05 -85.76 -46.27
N PHE C 167 47.86 -86.22 -47.52
CA PHE C 167 46.66 -85.94 -48.29
C PHE C 167 45.59 -87.01 -48.07
N ASP C 168 44.36 -86.57 -47.77
CA ASP C 168 43.22 -87.47 -47.54
C ASP C 168 42.22 -87.37 -48.67
N LEU C 169 41.71 -88.51 -49.12
CA LEU C 169 40.72 -88.52 -50.20
C LEU C 169 39.79 -89.74 -50.14
N GLU C 170 38.53 -89.51 -50.46
CA GLU C 170 37.48 -90.52 -50.55
C GLU C 170 36.73 -90.25 -51.85
N ILE C 171 36.48 -91.30 -52.64
CA ILE C 171 35.75 -91.19 -53.90
C ILE C 171 34.40 -91.92 -53.76
N TYR C 172 33.32 -91.16 -53.86
CA TYR C 172 31.97 -91.72 -53.78
C TYR C 172 31.44 -91.85 -55.19
N VAL C 173 30.70 -92.93 -55.44
CA VAL C 173 30.10 -93.16 -56.75
C VAL C 173 28.59 -92.95 -56.66
N ALA C 174 28.09 -92.01 -57.45
CA ALA C 174 26.67 -91.69 -57.55
C ALA C 174 26.15 -92.24 -58.88
N ARG C 175 24.90 -92.68 -58.88
CA ARG C 175 24.23 -93.17 -60.08
C ARG C 175 23.11 -92.23 -60.52
N GLY C 176 23.00 -92.00 -61.81
CA GLY C 176 21.92 -91.20 -62.33
C GLY C 176 20.69 -92.10 -62.42
N ALA C 177 19.61 -91.55 -62.97
CA ALA C 177 18.40 -92.36 -63.07
C ALA C 177 17.62 -92.09 -64.33
N GLY C 178 18.31 -91.65 -65.38
CA GLY C 178 17.73 -91.36 -66.68
C GLY C 178 17.38 -89.89 -66.84
N ALA C 179 18.35 -89.13 -67.30
CA ALA C 179 18.22 -87.70 -67.55
C ALA C 179 19.50 -87.21 -68.24
N TYR C 180 19.39 -86.82 -69.50
CA TYR C 180 20.57 -86.35 -70.22
C TYR C 180 21.02 -85.00 -69.68
N ILE C 181 20.07 -84.22 -69.16
CA ILE C 181 20.38 -82.91 -68.61
C ILE C 181 21.32 -83.01 -67.41
N CYS C 182 21.35 -84.16 -66.71
CA CYS C 182 22.24 -84.29 -65.56
C CYS C 182 23.70 -84.26 -65.96
N GLY C 183 24.00 -84.22 -67.25
CA GLY C 183 25.36 -84.08 -67.70
C GLY C 183 25.78 -82.63 -67.67
N GLU C 184 24.80 -81.74 -67.54
CA GLU C 184 25.07 -80.31 -67.43
C GLU C 184 25.65 -80.07 -66.04
N GLU C 185 26.79 -79.38 -65.98
CA GLU C 185 27.53 -79.07 -64.75
C GLU C 185 26.67 -78.74 -63.52
N THR C 186 25.78 -77.74 -63.61
CA THR C 186 24.99 -77.40 -62.43
C THR C 186 23.87 -78.42 -62.20
N ALA C 187 23.26 -78.97 -63.25
CA ALA C 187 22.21 -79.97 -63.03
C ALA C 187 22.80 -81.21 -62.35
N LEU C 188 24.01 -81.62 -62.74
CA LEU C 188 24.66 -82.76 -62.08
C LEU C 188 24.84 -82.48 -60.60
N ILE C 189 25.36 -81.29 -60.27
CA ILE C 189 25.54 -80.92 -58.88
C ILE C 189 24.20 -80.96 -58.15
N GLU C 190 23.15 -80.43 -58.78
CA GLU C 190 21.83 -80.49 -58.16
C GLU C 190 21.43 -81.94 -57.92
N SER C 191 21.66 -82.80 -58.93
CA SER C 191 21.34 -84.21 -58.77
C SER C 191 22.18 -84.84 -57.66
N LEU C 192 23.46 -84.46 -57.57
CA LEU C 192 24.33 -84.97 -56.50
C LEU C 192 23.84 -84.54 -55.11
N GLU C 193 23.10 -83.45 -55.02
CA GLU C 193 22.59 -82.99 -53.74
C GLU C 193 21.27 -83.68 -53.43
N GLY C 194 20.85 -84.62 -54.26
CA GLY C 194 19.61 -85.32 -54.00
C GLY C 194 18.37 -84.56 -54.43
N LYS C 195 18.48 -83.73 -55.46
CA LYS C 195 17.38 -82.92 -55.96
C LYS C 195 17.08 -83.30 -57.40
N ARG C 196 16.02 -82.68 -57.94
CA ARG C 196 15.72 -82.90 -59.34
C ARG C 196 16.84 -82.27 -60.15
N GLY C 197 17.12 -82.82 -61.32
CA GLY C 197 18.20 -82.28 -62.14
C GLY C 197 17.93 -81.00 -62.92
N HIS C 198 17.64 -79.94 -62.27
CA HIS C 198 17.40 -78.70 -63.01
C HIS C 198 18.65 -77.85 -62.99
N PRO C 199 19.12 -77.33 -64.12
CA PRO C 199 20.31 -76.48 -64.10
C PRO C 199 20.07 -75.22 -63.29
N ARG C 200 21.13 -74.71 -62.70
CA ARG C 200 21.12 -73.49 -61.89
C ARG C 200 21.40 -72.31 -62.79
N LEU C 201 20.96 -71.14 -62.35
CA LEU C 201 21.25 -69.92 -63.07
C LEU C 201 22.70 -69.56 -62.77
N LYS C 202 23.45 -69.14 -63.77
CA LYS C 202 24.84 -68.76 -63.50
C LYS C 202 25.14 -67.42 -64.14
N PRO C 203 26.00 -66.58 -63.52
CA PRO C 203 26.77 -66.73 -62.29
C PRO C 203 25.88 -66.91 -61.09
N PRO C 204 26.40 -67.49 -60.00
CA PRO C 204 27.78 -67.97 -59.93
C PRO C 204 28.10 -69.27 -60.65
N TYR C 205 29.29 -69.44 -60.95
CA TYR C 205 29.69 -70.67 -61.60
C TYR C 205 30.11 -71.68 -60.54
N PRO C 206 30.02 -72.96 -60.86
CA PRO C 206 30.42 -73.99 -59.89
C PRO C 206 31.83 -73.84 -59.34
N VAL C 207 32.79 -73.23 -60.06
CA VAL C 207 34.12 -73.11 -59.49
C VAL C 207 34.12 -72.21 -58.27
N GLN C 208 33.13 -71.34 -58.09
CA GLN C 208 33.09 -70.53 -56.87
C GLN C 208 32.09 -71.08 -55.86
N LYS C 209 30.85 -71.36 -56.31
CA LYS C 209 29.79 -71.88 -55.46
C LYS C 209 29.15 -73.04 -56.23
N GLY C 210 29.52 -74.27 -55.87
CA GLY C 210 29.01 -75.46 -56.51
C GLY C 210 28.33 -76.39 -55.54
N LEU C 211 28.87 -77.60 -55.39
CA LEU C 211 28.29 -78.57 -54.48
C LEU C 211 28.27 -77.99 -53.07
N TRP C 212 27.08 -77.91 -52.45
CA TRP C 212 26.90 -77.35 -51.11
C TRP C 212 27.41 -75.91 -51.03
N GLY C 213 27.36 -75.20 -52.16
CA GLY C 213 27.83 -73.81 -52.27
C GLY C 213 29.32 -73.60 -52.15
N LYS C 214 30.12 -74.66 -52.18
CA LYS C 214 31.56 -74.66 -52.04
C LYS C 214 32.23 -74.77 -53.41
N PRO C 215 33.47 -74.32 -53.57
CA PRO C 215 34.14 -74.43 -54.88
C PRO C 215 34.20 -75.86 -55.37
N THR C 216 33.63 -76.08 -56.54
CA THR C 216 33.56 -77.39 -57.14
C THR C 216 34.11 -77.37 -58.56
N VAL C 217 34.85 -78.41 -58.90
CA VAL C 217 35.39 -78.62 -60.23
C VAL C 217 34.71 -79.86 -60.79
N VAL C 218 34.16 -79.74 -62.00
CA VAL C 218 33.52 -80.83 -62.72
C VAL C 218 34.34 -81.09 -63.97
N ASN C 219 34.76 -82.34 -64.16
CA ASN C 219 35.53 -82.65 -65.35
C ASN C 219 35.02 -83.93 -65.97
N ASN C 220 35.08 -83.98 -67.29
CA ASN C 220 34.65 -85.14 -68.03
C ASN C 220 35.66 -86.27 -67.83
N VAL C 221 35.14 -87.51 -67.93
CA VAL C 221 35.95 -88.71 -67.77
C VAL C 221 37.16 -88.69 -68.70
N GLU C 222 36.94 -88.37 -69.99
CA GLU C 222 38.06 -88.31 -70.93
C GLU C 222 39.10 -87.28 -70.48
N THR C 223 38.65 -86.11 -70.04
CA THR C 223 39.59 -85.08 -69.59
C THR C 223 40.47 -85.62 -68.48
N ILE C 224 39.86 -86.23 -67.46
CA ILE C 224 40.57 -86.76 -66.30
C ILE C 224 41.55 -87.86 -66.69
N ALA C 225 41.17 -88.73 -67.64
CA ALA C 225 42.08 -89.79 -68.04
C ALA C 225 43.38 -89.22 -68.64
N ASN C 226 43.37 -87.95 -69.04
CA ASN C 226 44.57 -87.33 -69.57
C ASN C 226 45.52 -86.90 -68.46
N VAL C 227 44.98 -86.57 -67.26
CA VAL C 227 45.82 -86.09 -66.17
C VAL C 227 46.96 -87.03 -65.81
N PRO C 228 46.77 -88.33 -65.67
CA PRO C 228 47.92 -89.20 -65.37
C PRO C 228 49.00 -89.13 -66.43
N PHE C 229 48.63 -88.92 -67.70
CA PHE C 229 49.64 -88.83 -68.74
C PHE C 229 50.38 -87.50 -68.68
N ILE C 230 49.68 -86.43 -68.28
CA ILE C 230 50.34 -85.14 -68.19
C ILE C 230 51.41 -85.18 -67.12
N ILE C 231 51.13 -85.80 -65.98
CA ILE C 231 52.15 -85.88 -64.93
C ILE C 231 53.26 -86.85 -65.32
N SER C 232 52.88 -88.05 -65.72
CA SER C 232 53.86 -89.08 -66.07
C SER C 232 54.82 -88.63 -67.17
N MET C 233 54.30 -88.10 -68.28
CA MET C 233 55.14 -87.66 -69.41
C MET C 233 55.80 -86.31 -69.21
N GLY C 234 55.21 -85.44 -68.41
CA GLY C 234 55.68 -84.09 -68.21
C GLY C 234 54.82 -83.18 -69.08
N TRP C 235 54.51 -81.98 -68.62
CA TRP C 235 53.64 -81.11 -69.42
C TRP C 235 54.25 -80.76 -70.77
N GLU C 236 55.56 -80.51 -70.81
CA GLU C 236 56.15 -80.14 -72.10
C GLU C 236 56.02 -81.30 -73.09
N GLU C 237 56.30 -82.52 -72.64
CA GLU C 237 56.20 -83.68 -73.52
C GLU C 237 54.79 -83.86 -74.06
N TYR C 238 53.78 -83.68 -73.20
CA TYR C 238 52.40 -83.85 -73.61
C TYR C 238 51.96 -82.84 -74.64
N ARG C 239 52.34 -81.57 -74.47
CA ARG C 239 51.93 -80.51 -75.38
C ARG C 239 52.30 -80.76 -76.84
N TYR C 240 53.29 -81.63 -77.10
CA TYR C 240 53.72 -81.93 -78.46
C TYR C 240 52.86 -82.96 -79.16
N ILE C 241 51.89 -83.54 -78.45
CA ILE C 241 50.96 -84.53 -79.02
C ILE C 241 49.89 -83.78 -79.82
N GLY C 242 49.97 -83.92 -81.14
CA GLY C 242 49.04 -83.29 -82.07
C GLY C 242 49.41 -81.87 -82.45
N PRO C 243 48.44 -81.17 -83.04
CA PRO C 243 48.67 -79.77 -83.47
C PRO C 243 48.96 -78.86 -82.29
N SER C 244 49.85 -77.89 -82.52
CA SER C 244 50.30 -76.94 -81.50
C SER C 244 49.20 -76.43 -80.58
N ASP C 245 48.05 -76.08 -81.16
CA ASP C 245 46.93 -75.55 -80.39
C ASP C 245 46.10 -76.62 -79.69
N TYR C 246 45.60 -77.60 -80.44
CA TYR C 246 44.75 -78.67 -79.90
C TYR C 246 45.59 -79.91 -79.60
N ALA C 247 46.28 -79.86 -78.48
CA ALA C 247 47.18 -80.92 -78.06
C ALA C 247 46.48 -82.05 -77.28
N GLY C 248 47.15 -83.20 -77.26
CA GLY C 248 46.67 -84.35 -76.57
C GLY C 248 45.94 -85.34 -77.43
N PRO C 249 45.70 -86.52 -76.89
CA PRO C 249 44.97 -87.55 -77.61
C PRO C 249 43.48 -87.30 -77.46
N LYS C 250 42.70 -87.84 -78.40
CA LYS C 250 41.26 -87.64 -78.37
C LYS C 250 40.54 -88.93 -78.74
N LEU C 251 39.43 -89.19 -78.08
CA LEU C 251 38.63 -90.37 -78.35
C LEU C 251 37.49 -90.00 -79.29
N PHE C 252 37.26 -90.82 -80.31
CA PHE C 252 36.22 -90.56 -81.30
C PHE C 252 35.26 -91.72 -81.41
N PRO C 253 34.04 -91.61 -80.90
CA PRO C 253 33.07 -92.71 -81.04
C PRO C 253 32.41 -92.59 -82.41
N VAL C 254 32.69 -93.55 -83.29
CA VAL C 254 32.15 -93.55 -84.65
C VAL C 254 31.04 -94.60 -84.74
N SER C 255 29.87 -94.17 -85.21
CA SER C 255 28.69 -95.05 -85.29
C SER C 255 27.93 -94.84 -86.60
N GLY C 256 26.98 -95.73 -86.86
CA GLY C 256 26.20 -95.62 -88.08
C GLY C 256 26.58 -96.54 -89.23
N LYS C 257 26.47 -96.01 -90.45
CA LYS C 257 26.75 -96.80 -91.64
C LYS C 257 28.23 -96.93 -92.00
N VAL C 258 29.04 -97.38 -91.05
CA VAL C 258 30.46 -97.59 -91.28
C VAL C 258 30.74 -99.08 -91.07
N LYS C 259 31.84 -99.55 -91.62
CA LYS C 259 32.17 -100.96 -91.49
C LYS C 259 32.67 -101.32 -90.10
N LYS C 260 33.47 -100.44 -89.48
CA LYS C 260 34.05 -100.67 -88.16
C LYS C 260 33.56 -99.64 -87.16
N PRO C 261 32.33 -99.78 -86.68
CA PRO C 261 31.85 -98.81 -85.69
C PRO C 261 32.51 -99.07 -84.34
N GLY C 262 33.00 -98.01 -83.73
CA GLY C 262 33.67 -98.13 -82.45
C GLY C 262 34.34 -96.83 -82.05
N VAL C 263 35.21 -96.93 -81.05
CA VAL C 263 35.95 -95.82 -80.49
C VAL C 263 37.37 -95.80 -81.05
N TYR C 264 37.80 -94.65 -81.52
CA TYR C 264 39.12 -94.49 -82.11
C TYR C 264 39.92 -93.41 -81.37
N GLU C 265 41.14 -93.77 -80.95
CA GLU C 265 42.03 -92.83 -80.26
C GLU C 265 42.99 -92.28 -81.30
N LEU C 266 42.79 -91.01 -81.67
CA LEU C 266 43.55 -90.35 -82.71
C LEU C 266 43.90 -88.92 -82.30
N PRO C 267 44.89 -88.32 -82.97
CA PRO C 267 45.24 -86.92 -82.69
C PRO C 267 44.25 -86.01 -83.39
N MET C 268 44.06 -84.82 -82.80
CA MET C 268 43.05 -83.90 -83.28
C MET C 268 43.35 -83.22 -84.64
N ASN C 269 44.43 -83.55 -85.33
CA ASN C 269 44.65 -82.98 -86.65
C ASN C 269 44.03 -83.86 -87.74
N THR C 270 43.54 -85.04 -87.35
CA THR C 270 42.88 -85.97 -88.25
C THR C 270 41.65 -85.31 -88.84
N THR C 271 41.32 -85.66 -90.08
CA THR C 271 40.15 -85.10 -90.72
C THR C 271 38.99 -86.09 -90.65
N LEU C 272 37.78 -85.54 -90.74
CA LEU C 272 36.59 -86.38 -90.70
C LEU C 272 36.62 -87.43 -91.79
N ARG C 273 37.19 -87.09 -92.96
CA ARG C 273 37.26 -88.09 -94.03
C ARG C 273 38.20 -89.22 -93.63
N GLU C 274 39.30 -88.88 -92.96
CA GLU C 274 40.22 -89.92 -92.53
C GLU C 274 39.56 -90.80 -91.47
N VAL C 275 38.81 -90.19 -90.56
CA VAL C 275 38.12 -90.92 -89.50
C VAL C 275 37.19 -91.99 -90.08
N ILE C 276 36.39 -91.62 -91.08
CA ILE C 276 35.41 -92.56 -91.67
C ILE C 276 36.06 -93.61 -92.57
N PHE C 277 36.91 -93.19 -93.52
CA PHE C 277 37.45 -94.14 -94.49
C PHE C 277 38.77 -94.76 -94.10
N LYS C 278 39.63 -94.03 -93.42
CA LYS C 278 40.93 -94.59 -93.06
C LYS C 278 40.85 -95.47 -91.83
N TYR C 279 40.15 -95.01 -90.80
CA TYR C 279 40.10 -95.79 -89.57
C TYR C 279 38.85 -96.67 -89.42
N ALA C 280 37.65 -96.11 -89.62
CA ALA C 280 36.41 -96.88 -89.46
C ALA C 280 36.10 -97.81 -90.63
N GLY C 281 36.96 -97.90 -91.64
CA GLY C 281 36.75 -98.80 -92.75
C GLY C 281 35.76 -98.42 -93.83
N GLY C 282 35.50 -97.15 -94.02
CA GLY C 282 34.56 -96.82 -95.07
C GLY C 282 33.13 -97.03 -94.62
N THR C 283 32.22 -96.90 -95.57
CA THR C 283 30.79 -97.04 -95.36
C THR C 283 30.31 -98.47 -95.64
N LEU C 284 29.12 -98.78 -95.10
CA LEU C 284 28.52 -100.08 -95.33
C LEU C 284 28.03 -100.19 -96.77
N GLY C 285 28.32 -101.30 -97.43
CA GLY C 285 27.91 -101.49 -98.80
C GLY C 285 28.53 -100.50 -99.76
N ASN C 286 29.52 -99.74 -99.27
CA ASN C 286 30.21 -98.73 -100.04
C ASN C 286 29.25 -97.68 -100.61
N LYS C 287 28.24 -97.34 -99.82
CA LYS C 287 27.27 -96.33 -100.20
C LYS C 287 27.85 -94.94 -99.93
N LYS C 288 27.44 -93.96 -100.72
CA LYS C 288 27.95 -92.61 -100.56
C LYS C 288 27.50 -91.97 -99.25
N VAL C 289 28.39 -91.19 -98.66
CA VAL C 289 28.10 -90.50 -97.42
C VAL C 289 27.18 -89.32 -97.72
N LYS C 290 26.08 -89.22 -96.99
CA LYS C 290 25.18 -88.10 -97.17
C LYS C 290 25.43 -87.03 -96.12
N ALA C 291 25.52 -87.44 -94.86
CA ALA C 291 25.75 -86.52 -93.77
C ALA C 291 26.41 -87.24 -92.61
N VAL C 292 26.95 -86.42 -91.71
CA VAL C 292 27.59 -86.86 -90.49
C VAL C 292 26.98 -86.03 -89.36
N PHE C 293 26.48 -86.70 -88.34
CA PHE C 293 25.87 -86.03 -87.19
C PHE C 293 26.86 -86.02 -86.04
N SER C 294 27.25 -84.82 -85.61
CA SER C 294 28.12 -84.64 -84.45
C SER C 294 27.18 -84.79 -83.25
N GLY C 295 26.90 -86.04 -82.89
CA GLY C 295 25.97 -86.30 -81.80
C GLY C 295 24.62 -85.77 -82.21
N ALA C 296 24.05 -84.94 -81.32
CA ALA C 296 22.77 -84.26 -81.53
C ALA C 296 22.99 -82.74 -81.59
N LEU C 297 24.23 -82.33 -81.85
CA LEU C 297 24.62 -80.93 -81.91
C LEU C 297 24.78 -80.35 -83.30
N ASP C 298 25.59 -80.96 -84.15
CA ASP C 298 25.87 -80.44 -85.48
C ASP C 298 25.58 -81.47 -86.56
N CYS C 299 25.47 -80.95 -87.77
CA CYS C 299 25.21 -81.77 -88.94
C CYS C 299 26.15 -81.28 -90.03
N PHE C 300 27.01 -82.18 -90.52
CA PHE C 300 27.95 -81.88 -91.60
C PHE C 300 27.54 -82.67 -92.82
N SER C 301 27.65 -82.05 -94.00
CA SER C 301 27.31 -82.66 -95.28
C SER C 301 28.55 -83.25 -95.95
N SER C 302 28.31 -84.01 -97.03
CA SER C 302 29.40 -84.65 -97.77
C SER C 302 30.43 -83.66 -98.29
N GLU C 303 30.06 -82.39 -98.41
CA GLU C 303 30.97 -81.36 -98.89
C GLU C 303 31.86 -80.80 -97.77
N GLU C 304 31.69 -81.27 -96.53
CA GLU C 304 32.47 -80.79 -95.39
C GLU C 304 33.28 -81.89 -94.72
N LEU C 305 33.62 -82.96 -95.45
CA LEU C 305 34.38 -84.06 -94.89
C LEU C 305 35.87 -83.79 -94.70
N ASP C 306 36.43 -82.75 -95.31
CA ASP C 306 37.87 -82.53 -95.18
C ASP C 306 38.23 -81.51 -94.11
N ILE C 307 37.49 -81.50 -93.01
CA ILE C 307 37.75 -80.56 -91.93
C ILE C 307 38.49 -81.26 -90.79
N PRO C 308 39.29 -80.54 -90.02
CA PRO C 308 40.01 -81.17 -88.92
C PRO C 308 39.08 -81.48 -87.76
N MET C 309 39.42 -82.51 -87.01
CA MET C 309 38.65 -82.93 -85.84
C MET C 309 39.13 -82.18 -84.62
N ASP C 310 39.17 -80.86 -84.68
CA ASP C 310 39.65 -80.06 -83.56
C ASP C 310 38.56 -79.11 -83.05
N TYR C 311 38.99 -78.20 -82.17
CA TYR C 311 38.10 -77.22 -81.56
C TYR C 311 38.17 -75.86 -82.25
N SER C 312 38.75 -75.80 -83.45
CA SER C 312 38.84 -74.56 -84.19
C SER C 312 37.48 -74.17 -84.76
N PRO C 313 37.32 -72.92 -85.22
CA PRO C 313 36.02 -72.51 -85.80
C PRO C 313 35.57 -73.37 -86.96
N LEU C 314 36.45 -73.60 -87.92
CA LEU C 314 36.16 -74.43 -89.07
C LEU C 314 36.32 -75.92 -88.76
N GLY C 315 36.47 -76.30 -87.50
CA GLY C 315 36.65 -77.69 -87.14
C GLY C 315 35.37 -78.37 -86.65
N PHE C 316 35.48 -79.69 -86.50
CA PHE C 316 34.38 -80.53 -86.04
C PHE C 316 33.83 -80.06 -84.68
N GLY C 317 34.71 -79.96 -83.68
CA GLY C 317 34.30 -79.51 -82.36
C GLY C 317 33.52 -80.58 -81.63
N GLY C 318 32.51 -80.15 -80.88
CA GLY C 318 31.68 -81.09 -80.13
C GLY C 318 32.51 -81.99 -79.23
N THR C 319 32.10 -83.24 -79.14
CA THR C 319 32.81 -84.23 -78.34
C THR C 319 33.46 -85.29 -79.21
N GLY C 320 33.47 -85.07 -80.52
CA GLY C 320 34.05 -86.04 -81.43
C GLY C 320 33.12 -87.16 -81.83
N THR C 321 31.83 -87.01 -81.60
CA THR C 321 30.87 -88.03 -81.96
C THR C 321 30.63 -88.00 -83.46
N VAL C 322 30.74 -89.17 -84.08
CA VAL C 322 30.60 -89.32 -85.52
C VAL C 322 29.53 -90.35 -85.83
N ILE C 323 28.35 -89.89 -86.24
CA ILE C 323 27.24 -90.74 -86.65
C ILE C 323 27.17 -90.61 -88.16
N VAL C 324 27.47 -91.68 -88.89
CA VAL C 324 27.49 -91.61 -90.34
C VAL C 324 26.17 -92.08 -90.93
N LEU C 325 25.64 -91.27 -91.87
CA LEU C 325 24.41 -91.51 -92.61
C LEU C 325 24.79 -91.62 -94.07
N THR C 326 24.23 -92.61 -94.77
CA THR C 326 24.53 -92.78 -96.20
C THR C 326 23.39 -92.24 -97.07
N GLU C 327 23.54 -92.44 -98.39
CA GLU C 327 22.61 -91.91 -99.38
C GLU C 327 21.17 -92.39 -99.26
N GLU C 328 20.92 -93.59 -98.74
CA GLU C 328 19.55 -94.08 -98.64
C GLU C 328 18.84 -93.67 -97.34
N ASP C 329 19.49 -92.86 -96.51
CA ASP C 329 18.91 -92.44 -95.25
C ASP C 329 18.21 -91.10 -95.40
N ASP C 330 17.05 -90.97 -94.78
CA ASP C 330 16.23 -89.77 -94.86
C ASP C 330 16.66 -88.76 -93.81
N ILE C 331 17.08 -87.56 -94.25
CA ILE C 331 17.50 -86.51 -93.34
C ILE C 331 16.33 -86.06 -92.47
N VAL C 332 15.17 -85.83 -93.09
CA VAL C 332 14.00 -85.39 -92.34
C VAL C 332 13.67 -86.41 -91.26
N GLU C 333 13.68 -87.69 -91.63
CA GLU C 333 13.42 -88.71 -90.64
C GLU C 333 14.47 -88.63 -89.54
N ALA C 334 15.73 -88.44 -89.94
CA ALA C 334 16.83 -88.32 -88.99
C ALA C 334 16.64 -87.13 -88.07
N ALA C 335 16.28 -85.97 -88.64
CA ALA C 335 16.03 -84.79 -87.83
C ALA C 335 14.93 -85.06 -86.82
N LEU C 336 13.93 -85.84 -87.23
CA LEU C 336 12.84 -86.18 -86.32
C LEU C 336 13.38 -86.94 -85.10
N LYS C 337 14.30 -87.89 -85.32
CA LYS C 337 14.85 -88.59 -84.17
C LYS C 337 15.56 -87.61 -83.23
N ILE C 338 16.24 -86.62 -83.80
CA ILE C 338 16.91 -85.60 -83.00
C ILE C 338 15.88 -84.76 -82.25
N ALA C 339 14.82 -84.32 -82.94
CA ALA C 339 13.81 -83.54 -82.28
C ALA C 339 13.15 -84.31 -81.14
N GLU C 340 12.87 -85.60 -81.38
CA GLU C 340 12.29 -86.43 -80.35
C GLU C 340 13.22 -86.51 -79.14
N PHE C 341 14.53 -86.55 -79.40
CA PHE C 341 15.52 -86.62 -78.33
C PHE C 341 15.47 -85.39 -77.43
N TYR C 342 15.46 -84.19 -78.02
CA TYR C 342 15.42 -83.00 -77.17
C TYR C 342 14.09 -82.88 -76.44
N GLU C 343 13.00 -83.26 -77.09
CA GLU C 343 11.71 -83.22 -76.40
C GLU C 343 11.75 -84.14 -75.18
N HIS C 344 12.40 -85.28 -75.32
CA HIS C 344 12.47 -86.24 -74.25
C HIS C 344 13.42 -85.83 -73.13
N GLU C 345 14.34 -84.92 -73.39
CA GLU C 345 15.32 -84.53 -72.38
C GLU C 345 15.17 -83.13 -71.80
N THR C 346 14.33 -82.26 -72.37
CA THR C 346 14.18 -80.94 -71.78
C THR C 346 13.69 -81.11 -70.35
N CYS C 347 14.37 -80.44 -69.42
CA CYS C 347 14.04 -80.58 -68.02
C CYS C 347 12.73 -79.89 -67.64
N GLY C 348 12.30 -78.89 -68.39
CA GLY C 348 11.05 -78.24 -68.08
C GLY C 348 11.14 -77.02 -67.20
N GLN C 349 12.34 -76.54 -66.90
CA GLN C 349 12.45 -75.37 -66.02
C GLN C 349 12.05 -74.06 -66.73
N CYS C 350 12.52 -73.81 -67.95
CA CYS C 350 12.23 -72.56 -68.67
C CYS C 350 11.37 -72.73 -69.93
N THR C 351 10.53 -71.75 -70.16
CA THR C 351 9.52 -71.69 -71.23
C THR C 351 10.02 -71.98 -72.63
N PRO C 352 11.03 -71.26 -73.13
CA PRO C 352 11.44 -71.48 -74.53
C PRO C 352 11.80 -72.91 -74.84
N CYS C 353 12.40 -73.61 -73.91
CA CYS C 353 12.82 -74.97 -74.13
C CYS C 353 11.75 -75.98 -73.73
N ARG C 354 11.08 -75.77 -72.59
CA ARG C 354 10.00 -76.67 -72.19
C ARG C 354 8.99 -76.83 -73.33
N VAL C 355 8.56 -75.71 -73.92
CA VAL C 355 7.58 -75.74 -75.00
C VAL C 355 8.20 -75.87 -76.37
N GLY C 356 9.32 -75.17 -76.60
CA GLY C 356 9.97 -75.23 -77.91
C GLY C 356 10.32 -76.65 -78.33
N CYS C 357 10.96 -77.42 -77.44
CA CYS C 357 11.36 -78.77 -77.80
C CYS C 357 10.17 -79.65 -78.11
N TYR C 358 9.09 -79.48 -77.35
CA TYR C 358 7.91 -80.31 -77.56
C TYR C 358 7.22 -79.94 -78.86
N GLU C 359 7.01 -78.64 -79.09
CA GLU C 359 6.32 -78.27 -80.31
C GLU C 359 7.18 -78.48 -81.54
N GLN C 360 8.50 -78.37 -81.40
CA GLN C 360 9.36 -78.62 -82.55
C GLN C 360 9.22 -80.06 -83.01
N ALA C 361 9.25 -81.00 -82.05
CA ALA C 361 9.12 -82.41 -82.36
C ALA C 361 7.73 -82.73 -82.89
N ASN C 362 6.70 -82.14 -82.30
CA ASN C 362 5.35 -82.42 -82.80
C ASN C 362 5.17 -81.89 -84.22
N LEU C 363 5.69 -80.69 -84.50
CA LEU C 363 5.55 -80.13 -85.85
C LEU C 363 6.33 -80.94 -86.84
N LEU C 364 7.58 -81.28 -86.52
CA LEU C 364 8.37 -82.08 -87.45
C LEU C 364 7.70 -83.42 -87.72
N GLU C 365 6.99 -83.98 -86.72
CA GLU C 365 6.31 -85.25 -86.92
C GLU C 365 5.20 -85.11 -87.97
N LYS C 366 4.48 -83.97 -87.97
CA LYS C 366 3.44 -83.73 -88.97
C LYS C 366 4.07 -83.53 -90.34
N ILE C 367 5.21 -82.86 -90.38
CA ILE C 367 5.90 -82.66 -91.64
C ILE C 367 6.28 -84.00 -92.23
N TYR C 368 6.88 -84.86 -91.39
CA TYR C 368 7.31 -86.18 -91.81
C TYR C 368 6.15 -87.07 -92.28
N LYS C 369 4.99 -87.00 -91.62
CA LYS C 369 3.85 -87.82 -91.99
C LYS C 369 3.12 -87.30 -93.23
N GLY C 370 3.47 -86.13 -93.73
CA GLY C 370 2.79 -85.53 -94.86
C GLY C 370 1.53 -84.76 -94.52
N GLU C 371 1.15 -84.67 -93.23
CA GLU C 371 -0.04 -83.96 -92.79
C GLU C 371 0.25 -82.51 -92.44
N ALA C 372 1.33 -81.94 -92.96
CA ALA C 372 1.68 -80.56 -92.60
C ALA C 372 1.05 -79.57 -93.56
N THR C 373 0.50 -78.52 -93.00
CA THR C 373 -0.11 -77.43 -93.75
C THR C 373 0.90 -76.29 -93.87
N GLU C 374 0.52 -75.24 -94.59
CA GLU C 374 1.43 -74.10 -94.74
C GLU C 374 1.70 -73.43 -93.40
N GLN C 375 0.69 -73.32 -92.53
CA GLN C 375 0.94 -72.69 -91.25
C GLN C 375 1.82 -73.58 -90.38
N ASP C 376 1.67 -74.91 -90.51
CA ASP C 376 2.51 -75.84 -89.77
C ASP C 376 3.98 -75.55 -90.08
N TRP C 377 4.30 -75.32 -91.36
CA TRP C 377 5.66 -75.00 -91.74
C TRP C 377 6.11 -73.68 -91.12
N GLU C 378 5.32 -72.63 -91.30
CA GLU C 378 5.68 -71.34 -90.72
C GLU C 378 5.89 -71.46 -89.22
N GLY C 379 5.06 -72.26 -88.55
CA GLY C 379 5.20 -72.44 -87.12
C GLY C 379 6.45 -73.21 -86.77
N PHE C 380 6.76 -74.25 -87.55
CA PHE C 380 7.98 -75.03 -87.31
C PHE C 380 9.21 -74.13 -87.35
N ASP C 381 9.27 -73.25 -88.34
CA ASP C 381 10.39 -72.31 -88.44
C ASP C 381 10.44 -71.41 -87.21
N PHE C 382 9.30 -70.83 -86.85
CA PHE C 382 9.22 -69.90 -85.72
C PHE C 382 9.78 -70.52 -84.44
N VAL C 383 9.36 -71.75 -84.14
CA VAL C 383 9.82 -72.41 -82.92
C VAL C 383 11.29 -72.74 -83.01
N ASN C 384 11.68 -73.44 -84.08
CA ASN C 384 13.08 -73.85 -84.22
C ASN C 384 14.06 -72.70 -84.02
N ARG C 385 13.76 -71.52 -84.55
CA ARG C 385 14.69 -70.42 -84.42
C ARG C 385 14.56 -69.62 -83.13
N ASN C 386 13.61 -69.91 -82.23
CA ASN C 386 13.46 -69.12 -81.01
C ASN C 386 13.62 -69.87 -79.68
N ILE C 387 14.01 -71.15 -79.71
CA ILE C 387 14.22 -71.89 -78.48
C ILE C 387 15.47 -71.39 -77.77
N GLN C 388 16.52 -71.14 -78.53
CA GLN C 388 17.80 -70.79 -77.93
C GLN C 388 17.91 -69.41 -77.29
N PRO C 389 17.48 -68.29 -77.92
CA PRO C 389 17.72 -66.96 -77.31
C PRO C 389 17.48 -66.80 -75.81
N THR C 390 16.39 -67.27 -75.23
CA THR C 390 16.20 -67.08 -73.80
C THR C 390 16.38 -68.36 -72.98
N SER C 391 16.73 -69.49 -73.59
CA SER C 391 16.93 -70.70 -72.79
C SER C 391 17.94 -70.42 -71.68
N ILE C 392 17.81 -71.18 -70.58
CA ILE C 392 18.68 -71.03 -69.44
C ILE C 392 20.03 -71.71 -69.65
N CYS C 393 20.02 -72.95 -70.13
CA CYS C 393 21.20 -73.78 -70.28
C CYS C 393 21.48 -74.21 -71.73
N GLY C 394 22.60 -74.94 -71.87
CA GLY C 394 23.06 -75.40 -73.18
C GLY C 394 22.09 -76.29 -73.92
N LEU C 395 21.27 -77.06 -73.20
CA LEU C 395 20.32 -77.92 -73.90
C LEU C 395 19.37 -77.10 -74.78
N GLY C 396 18.67 -76.15 -74.19
CA GLY C 396 17.77 -75.32 -74.99
C GLY C 396 18.52 -74.51 -76.03
N ALA C 397 19.76 -74.15 -75.72
CA ALA C 397 20.55 -73.39 -76.69
C ALA C 397 20.88 -74.17 -77.95
N VAL C 398 20.91 -75.51 -77.94
CA VAL C 398 21.25 -76.25 -79.15
C VAL C 398 20.15 -77.15 -79.66
N ALA C 399 19.01 -77.21 -78.98
CA ALA C 399 17.92 -78.08 -79.39
C ALA C 399 17.43 -77.84 -80.81
N GLY C 400 17.79 -76.72 -81.45
CA GLY C 400 17.33 -76.51 -82.81
C GLY C 400 18.49 -76.34 -83.77
N ARG C 401 19.71 -76.45 -83.23
CA ARG C 401 20.93 -76.26 -84.01
C ARG C 401 21.05 -77.25 -85.17
N LEU C 402 21.06 -78.55 -84.86
CA LEU C 402 21.20 -79.56 -85.92
C LEU C 402 20.04 -79.51 -86.91
N ILE C 403 18.80 -79.47 -86.41
CA ILE C 403 17.66 -79.44 -87.32
C ILE C 403 17.76 -78.26 -88.27
N ARG C 404 18.12 -77.08 -87.76
CA ARG C 404 18.27 -75.90 -88.63
C ARG C 404 19.31 -76.12 -89.70
N GLN C 405 20.46 -76.71 -89.33
CA GLN C 405 21.53 -76.98 -90.30
C GLN C 405 21.05 -77.90 -91.41
N THR C 406 20.23 -78.90 -91.07
CA THR C 406 19.75 -79.79 -92.12
C THR C 406 18.82 -79.05 -93.06
N LEU C 407 18.17 -77.98 -92.56
CA LEU C 407 17.29 -77.18 -93.42
C LEU C 407 18.11 -76.37 -94.41
N GLU C 408 19.29 -75.93 -94.00
CA GLU C 408 20.13 -75.14 -94.86
C GLU C 408 21.03 -75.97 -95.76
N LYS C 409 21.46 -77.14 -95.31
CA LYS C 409 22.33 -77.98 -96.13
C LYS C 409 21.58 -78.98 -96.98
N PHE C 410 20.34 -79.33 -96.64
CA PHE C 410 19.56 -80.29 -97.42
C PHE C 410 18.17 -79.74 -97.74
N PRO C 411 18.08 -78.54 -98.34
CA PRO C 411 16.76 -77.99 -98.64
C PRO C 411 15.97 -78.86 -99.59
N GLU C 412 16.64 -79.41 -100.60
CA GLU C 412 15.97 -80.28 -101.56
C GLU C 412 15.24 -81.42 -100.87
N GLU C 413 15.87 -82.01 -99.85
CA GLU C 413 15.26 -83.14 -99.15
C GLU C 413 14.05 -82.70 -98.33
N TRP C 414 14.10 -81.50 -97.76
CA TRP C 414 12.97 -81.03 -96.97
C TRP C 414 11.79 -80.67 -97.87
N GLU C 415 12.05 -80.06 -99.03
CA GLU C 415 10.95 -79.69 -99.89
C GLU C 415 10.24 -80.90 -100.48
N LYS C 416 10.87 -82.08 -100.44
CA LYS C 416 10.19 -83.27 -100.91
C LYS C 416 8.99 -83.60 -100.02
N TYR C 417 8.84 -82.89 -98.88
CA TYR C 417 7.77 -83.09 -97.91
C TYR C 417 6.70 -82.02 -97.93
N ARG C 418 6.71 -81.13 -98.92
CA ARG C 418 5.72 -80.06 -99.03
C ARG C 418 4.66 -80.40 -100.09
N LYS C 419 3.40 -80.20 -99.74
CA LYS C 419 2.29 -80.45 -100.65
C LYS C 419 2.06 -79.23 -101.55
N LYS D 5 -32.80 -4.99 -159.07
CA LYS D 5 -32.43 -6.20 -159.79
C LYS D 5 -32.94 -7.45 -159.05
N LEU D 6 -32.64 -8.63 -159.58
CA LEU D 6 -33.10 -9.88 -158.98
C LEU D 6 -32.60 -10.03 -157.54
N SER D 7 -33.47 -10.51 -156.65
CA SER D 7 -33.14 -10.68 -155.23
C SER D 7 -33.92 -11.86 -154.68
N ARG D 8 -33.21 -12.94 -154.34
CA ARG D 8 -33.81 -14.16 -153.79
C ARG D 8 -34.34 -13.90 -152.37
N LYS D 9 -34.98 -14.90 -151.78
CA LYS D 9 -35.56 -14.74 -150.45
C LYS D 9 -35.11 -15.83 -149.48
N ASP D 10 -35.06 -15.43 -148.20
CA ASP D 10 -34.71 -16.27 -147.06
C ASP D 10 -35.95 -16.50 -146.20
N TYR D 11 -36.06 -17.68 -145.58
CA TYR D 11 -37.22 -17.95 -144.74
C TYR D 11 -36.82 -18.32 -143.31
N LEU D 12 -35.61 -17.97 -142.89
CA LEU D 12 -35.21 -18.23 -141.53
C LEU D 12 -35.73 -17.09 -140.65
N ASN D 13 -35.61 -17.25 -139.33
CA ASN D 13 -36.08 -16.21 -138.43
C ASN D 13 -35.65 -16.46 -136.99
N ILE D 14 -36.39 -15.87 -136.05
CA ILE D 14 -36.20 -16.05 -134.62
C ILE D 14 -37.13 -17.23 -134.31
N LEU D 15 -37.41 -18.01 -135.36
CA LEU D 15 -38.25 -19.21 -135.36
C LEU D 15 -37.46 -20.30 -134.65
N GLU D 16 -37.33 -20.16 -133.33
CA GLU D 16 -36.60 -21.07 -132.44
C GLU D 16 -37.25 -22.43 -132.30
N SER D 17 -38.43 -22.66 -132.89
CA SER D 17 -39.08 -23.96 -132.78
C SER D 17 -38.30 -25.06 -133.50
N ILE D 18 -37.37 -24.72 -134.38
CA ILE D 18 -36.60 -25.75 -135.08
C ILE D 18 -35.74 -26.55 -134.10
N LEU D 19 -35.41 -25.99 -132.92
CA LEU D 19 -34.63 -26.70 -131.91
C LEU D 19 -35.08 -26.50 -130.47
N PHE D 20 -36.08 -25.65 -130.18
CA PHE D 20 -36.50 -25.46 -128.79
C PHE D 20 -37.60 -26.44 -128.35
N ILE D 21 -38.74 -26.44 -129.05
CA ILE D 21 -39.81 -27.37 -128.69
C ILE D 21 -39.33 -28.80 -128.85
N ASP D 22 -38.19 -29.00 -129.52
CA ASP D 22 -37.61 -30.31 -129.67
C ASP D 22 -37.17 -30.83 -128.30
N PHE D 23 -36.51 -29.96 -127.49
CA PHE D 23 -36.10 -30.33 -126.14
C PHE D 23 -37.29 -30.43 -125.19
N LEU D 24 -38.32 -29.59 -125.39
CA LEU D 24 -39.50 -29.62 -124.53
C LEU D 24 -40.26 -30.93 -124.71
N LYS D 25 -40.17 -31.53 -125.90
CA LYS D 25 -40.81 -32.80 -126.17
C LYS D 25 -39.99 -33.96 -125.64
N GLY D 26 -38.84 -33.67 -125.02
CA GLY D 26 -38.03 -34.71 -124.42
C GLY D 26 -38.75 -35.29 -123.21
N LEU D 27 -39.59 -34.48 -122.56
CA LEU D 27 -40.38 -34.94 -121.42
C LEU D 27 -41.36 -36.02 -121.85
N SER D 28 -41.85 -35.94 -123.09
CA SER D 28 -42.76 -36.95 -123.63
C SER D 28 -42.05 -38.25 -123.89
N VAL D 29 -40.71 -38.23 -123.93
CA VAL D 29 -39.91 -39.42 -124.15
C VAL D 29 -39.45 -40.03 -122.81
N THR D 30 -39.46 -39.25 -121.72
CA THR D 30 -39.06 -39.73 -120.40
C THR D 30 -40.20 -39.77 -119.40
N LEU D 31 -40.90 -38.65 -119.17
CA LEU D 31 -41.99 -38.66 -118.20
C LEU D 31 -43.11 -39.59 -118.62
N LYS D 32 -43.42 -39.65 -119.92
CA LYS D 32 -44.46 -40.56 -120.37
C LYS D 32 -44.00 -42.00 -120.22
N ASN D 33 -42.73 -42.25 -120.51
CA ASN D 33 -42.10 -43.57 -120.40
C ASN D 33 -41.93 -43.99 -118.95
N LEU D 34 -42.14 -43.08 -117.99
CA LEU D 34 -42.01 -43.40 -116.58
C LEU D 34 -43.22 -44.13 -116.03
N LEU D 35 -44.14 -44.55 -116.90
CA LEU D 35 -45.33 -45.30 -116.52
C LEU D 35 -45.08 -46.81 -116.58
N ARG D 36 -44.01 -47.23 -115.90
CA ARG D 36 -43.54 -48.61 -115.81
C ARG D 36 -44.15 -49.29 -114.58
N ARG D 37 -43.59 -50.43 -114.20
CA ARG D 37 -44.09 -51.14 -113.03
C ARG D 37 -43.94 -50.29 -111.77
N PRO D 38 -44.93 -50.30 -110.88
CA PRO D 38 -44.81 -49.52 -109.63
C PRO D 38 -43.67 -50.08 -108.78
N ILE D 39 -42.75 -49.19 -108.38
CA ILE D 39 -41.60 -49.55 -107.55
C ILE D 39 -42.02 -50.09 -106.19
N THR D 40 -43.22 -49.72 -105.74
CA THR D 40 -43.75 -50.09 -104.44
C THR D 40 -43.74 -51.58 -104.15
N THR D 41 -43.23 -51.92 -102.98
CA THR D 41 -43.22 -53.27 -102.47
C THR D 41 -44.34 -53.20 -101.43
N GLU D 42 -45.55 -53.61 -101.81
CA GLU D 42 -46.65 -53.54 -100.85
C GLU D 42 -46.37 -54.39 -99.63
N TYR D 43 -46.70 -53.85 -98.48
CA TYR D 43 -46.51 -54.59 -97.25
C TYR D 43 -47.78 -54.24 -96.50
N PRO D 44 -48.42 -55.20 -95.80
CA PRO D 44 -48.25 -56.61 -95.41
C PRO D 44 -48.35 -57.71 -96.48
N LYS D 45 -48.86 -57.41 -97.65
CA LYS D 45 -48.98 -58.39 -98.72
C LYS D 45 -47.75 -58.17 -99.58
N GLU D 46 -46.87 -59.19 -99.68
CA GLU D 46 -45.61 -59.13 -100.44
C GLU D 46 -44.46 -58.40 -99.73
N LYS D 47 -43.91 -59.02 -98.69
CA LYS D 47 -42.83 -58.44 -97.89
C LYS D 47 -41.45 -58.49 -98.58
N LEU D 48 -40.63 -57.47 -98.26
CA LEU D 48 -39.24 -57.36 -98.70
C LEU D 48 -38.36 -58.12 -97.69
N THR D 49 -37.69 -59.16 -98.14
CA THR D 49 -36.87 -59.97 -97.23
C THR D 49 -35.57 -59.28 -96.85
N PRO D 50 -35.26 -59.14 -95.57
CA PRO D 50 -34.01 -58.49 -95.15
C PRO D 50 -32.80 -59.32 -95.59
N PRO D 51 -31.69 -58.67 -95.93
CA PRO D 51 -30.49 -59.43 -96.33
C PRO D 51 -30.02 -60.35 -95.22
N LYS D 52 -29.11 -61.25 -95.60
CA LYS D 52 -28.55 -62.23 -94.66
C LYS D 52 -27.81 -61.58 -93.49
N ARG D 53 -27.23 -60.41 -93.71
CA ARG D 53 -26.49 -59.69 -92.68
C ARG D 53 -27.36 -58.78 -91.83
N PHE D 54 -28.68 -58.85 -91.99
CA PHE D 54 -29.56 -57.97 -91.23
C PHE D 54 -29.39 -58.17 -89.73
N ARG D 55 -29.36 -57.05 -89.00
CA ARG D 55 -29.21 -57.01 -87.56
C ARG D 55 -30.60 -56.84 -86.95
N GLY D 56 -31.35 -57.93 -86.90
CA GLY D 56 -32.69 -57.95 -86.35
C GLY D 56 -32.73 -58.37 -84.89
N ALA D 57 -33.86 -58.97 -84.50
CA ALA D 57 -34.01 -59.42 -83.12
C ALA D 57 -32.94 -60.43 -82.78
N HIS D 58 -32.38 -60.31 -81.58
CA HIS D 58 -31.32 -61.21 -81.15
C HIS D 58 -31.85 -62.63 -81.00
N GLY D 59 -30.93 -63.57 -80.97
CA GLY D 59 -31.26 -64.96 -80.82
C GLY D 59 -30.10 -65.69 -80.18
N HIS D 60 -30.38 -66.91 -79.73
CA HIS D 60 -29.39 -67.78 -79.10
C HIS D 60 -29.31 -69.06 -79.94
N TYR D 61 -28.20 -69.24 -80.65
CA TYR D 61 -28.06 -70.47 -81.42
C TYR D 61 -28.10 -71.63 -80.45
N VAL D 62 -28.61 -72.74 -80.92
CA VAL D 62 -28.85 -73.90 -80.09
C VAL D 62 -27.82 -75.02 -80.33
N TRP D 63 -27.74 -75.94 -79.35
CA TRP D 63 -26.86 -77.11 -79.40
C TRP D 63 -27.45 -78.07 -80.44
N ASP D 64 -26.86 -78.07 -81.64
CA ASP D 64 -27.35 -78.92 -82.72
C ASP D 64 -26.26 -79.73 -83.39
N GLY D 65 -24.99 -79.59 -82.97
CA GLY D 65 -23.86 -80.29 -83.55
C GLY D 65 -22.91 -79.42 -84.37
N THR D 66 -23.36 -78.24 -84.84
CA THR D 66 -22.54 -77.33 -85.64
C THR D 66 -21.84 -76.29 -84.80
N GLU D 67 -21.48 -76.61 -83.56
CA GLU D 67 -20.82 -75.65 -82.69
C GLU D 67 -19.35 -75.43 -83.07
N PRO D 68 -18.81 -74.25 -82.78
CA PRO D 68 -17.41 -73.97 -83.08
C PRO D 68 -16.45 -74.68 -82.12
N ASP D 69 -15.19 -74.75 -82.54
CA ASP D 69 -14.18 -75.42 -81.74
C ASP D 69 -14.09 -74.85 -80.34
N SER D 70 -14.21 -73.52 -80.21
CA SER D 70 -14.11 -72.89 -78.89
C SER D 70 -15.17 -73.41 -77.92
N LEU D 71 -16.43 -73.59 -78.38
CA LEU D 71 -17.46 -74.10 -77.48
C LEU D 71 -17.27 -75.58 -77.21
N LYS D 72 -17.02 -76.38 -78.26
CA LYS D 72 -16.80 -77.81 -78.05
C LYS D 72 -15.65 -78.03 -77.08
N ALA D 73 -14.68 -77.12 -77.08
CA ALA D 73 -13.53 -77.26 -76.18
C ALA D 73 -13.94 -77.10 -74.72
N ILE D 74 -15.00 -76.35 -74.43
CA ILE D 74 -15.44 -76.15 -73.05
C ILE D 74 -16.72 -76.89 -72.75
N GLU D 75 -17.22 -77.70 -73.68
CA GLU D 75 -18.46 -78.42 -73.45
C GLU D 75 -18.38 -79.25 -72.16
N LYS D 76 -17.23 -79.88 -71.89
CA LYS D 76 -17.05 -80.72 -70.71
C LYS D 76 -17.37 -79.99 -69.42
N PHE D 77 -17.34 -78.65 -69.42
CA PHE D 77 -17.65 -77.90 -68.23
C PHE D 77 -19.10 -77.46 -68.12
N MET D 78 -19.88 -77.62 -69.19
CA MET D 78 -21.25 -77.13 -69.22
C MET D 78 -22.35 -78.16 -68.96
N SER D 79 -23.44 -77.64 -68.44
CA SER D 79 -24.69 -78.36 -68.19
C SER D 79 -25.65 -77.77 -69.22
N TYR D 80 -25.83 -78.48 -70.32
CA TYR D 80 -26.67 -78.04 -71.42
C TYR D 80 -27.56 -79.20 -71.88
N GLU D 81 -28.52 -78.88 -72.76
CA GLU D 81 -29.44 -79.84 -73.33
C GLU D 81 -29.42 -79.71 -74.84
N LYS D 82 -29.56 -80.84 -75.53
CA LYS D 82 -29.58 -80.78 -76.98
C LYS D 82 -30.77 -79.91 -77.39
N ALA D 83 -30.56 -79.10 -78.42
CA ALA D 83 -31.58 -78.20 -78.95
C ALA D 83 -31.91 -77.05 -78.01
N LYS D 84 -31.01 -76.72 -77.10
CA LYS D 84 -31.19 -75.61 -76.17
C LYS D 84 -29.99 -74.67 -76.31
N SER D 85 -30.13 -73.47 -75.75
CA SER D 85 -29.09 -72.44 -75.85
C SER D 85 -27.67 -72.92 -75.56
N ARG D 86 -26.74 -72.38 -76.35
CA ARG D 86 -25.32 -72.65 -76.26
C ARG D 86 -24.62 -71.79 -75.22
N CYS D 87 -25.25 -70.69 -74.82
CA CYS D 87 -24.65 -69.73 -73.89
C CYS D 87 -24.03 -70.39 -72.67
N VAL D 88 -22.82 -69.91 -72.32
CA VAL D 88 -22.01 -70.32 -71.20
C VAL D 88 -21.85 -69.19 -70.19
N ALA D 89 -22.63 -68.11 -70.34
CA ALA D 89 -22.63 -66.96 -69.42
C ALA D 89 -21.24 -66.39 -69.18
N CYS D 90 -20.62 -65.92 -70.25
CA CYS D 90 -19.29 -65.33 -70.15
C CYS D 90 -19.33 -63.82 -69.91
N TYR D 91 -20.48 -63.20 -70.13
CA TYR D 91 -20.73 -61.76 -69.96
C TYR D 91 -19.99 -60.89 -70.95
N MET D 92 -19.48 -61.46 -72.05
CA MET D 92 -18.78 -60.67 -73.07
C MET D 92 -19.76 -59.78 -73.84
N CYS D 93 -20.93 -60.32 -74.19
CA CYS D 93 -21.92 -59.52 -74.91
C CYS D 93 -22.30 -58.28 -74.10
N GLN D 94 -22.73 -58.49 -72.86
CA GLN D 94 -23.12 -57.39 -71.99
C GLN D 94 -21.96 -56.45 -71.70
N THR D 95 -20.74 -56.99 -71.56
CA THR D 95 -19.60 -56.12 -71.26
C THR D 95 -19.24 -55.28 -72.47
N ALA D 96 -19.39 -55.84 -73.68
CA ALA D 96 -19.06 -55.12 -74.90
C ALA D 96 -20.14 -54.09 -75.25
N CYS D 97 -21.38 -54.40 -74.90
CA CYS D 97 -22.53 -53.55 -75.14
C CYS D 97 -22.39 -52.18 -74.47
N PRO D 98 -22.69 -51.08 -75.18
CA PRO D 98 -22.60 -49.75 -74.54
C PRO D 98 -23.75 -49.52 -73.58
N MET D 99 -24.81 -50.33 -73.67
CA MET D 99 -26.00 -50.26 -72.81
C MET D 99 -26.18 -51.55 -72.01
N PRO D 100 -25.18 -51.94 -71.22
CA PRO D 100 -25.31 -53.20 -70.46
C PRO D 100 -26.57 -53.33 -69.61
N THR D 101 -27.16 -52.22 -69.17
CA THR D 101 -28.35 -52.38 -68.34
C THR D 101 -29.46 -53.16 -69.03
N LEU D 102 -29.53 -53.13 -70.36
CA LEU D 102 -30.61 -53.85 -71.04
C LEU D 102 -30.48 -55.37 -70.89
N PHE D 103 -29.30 -55.88 -70.58
CA PHE D 103 -29.09 -57.32 -70.41
C PHE D 103 -29.35 -57.75 -68.96
N ARG D 104 -29.57 -59.06 -68.79
CA ARG D 104 -29.69 -59.66 -67.45
C ARG D 104 -29.32 -61.14 -67.63
N ILE D 105 -28.10 -61.48 -67.22
CA ILE D 105 -27.55 -62.83 -67.34
C ILE D 105 -27.26 -63.40 -65.95
N GLU D 106 -27.58 -64.67 -65.75
CA GLU D 106 -27.33 -65.34 -64.47
C GLU D 106 -26.95 -66.79 -64.75
N ALA D 107 -25.93 -67.26 -64.02
CA ALA D 107 -25.45 -68.62 -64.15
C ALA D 107 -25.12 -69.12 -62.76
N VAL D 108 -25.11 -70.43 -62.61
CA VAL D 108 -24.82 -71.04 -61.32
C VAL D 108 -23.81 -72.15 -61.48
N GLN D 109 -23.32 -72.62 -60.33
CA GLN D 109 -22.44 -73.76 -60.30
C GLN D 109 -23.30 -74.89 -59.72
N LEU D 110 -23.55 -75.93 -60.51
CA LEU D 110 -24.34 -77.04 -60.03
C LEU D 110 -23.52 -77.88 -59.05
N PRO D 111 -24.19 -78.66 -58.19
CA PRO D 111 -23.44 -79.51 -57.25
C PRO D 111 -22.50 -80.51 -57.91
N ASN D 112 -22.68 -80.82 -59.20
CA ASN D 112 -21.78 -81.72 -59.90
C ASN D 112 -20.55 -81.00 -60.43
N GLY D 113 -20.43 -79.69 -60.19
CA GLY D 113 -19.30 -78.94 -60.65
C GLY D 113 -19.46 -78.26 -62.00
N LYS D 114 -20.47 -78.64 -62.78
CA LYS D 114 -20.67 -78.00 -64.07
C LYS D 114 -21.34 -76.63 -63.92
N LYS D 115 -21.27 -75.84 -64.98
CA LYS D 115 -21.85 -74.51 -65.01
C LYS D 115 -23.15 -74.57 -65.81
N LYS D 116 -24.17 -73.87 -65.32
CA LYS D 116 -25.47 -73.85 -65.98
C LYS D 116 -26.00 -72.43 -66.06
N VAL D 117 -26.45 -72.03 -67.24
CA VAL D 117 -27.02 -70.70 -67.42
C VAL D 117 -28.48 -70.79 -66.99
N VAL D 118 -28.87 -69.90 -66.10
CA VAL D 118 -30.20 -69.93 -65.53
C VAL D 118 -31.06 -68.73 -65.95
N ARG D 119 -30.46 -67.66 -66.47
CA ARG D 119 -31.28 -66.53 -66.85
C ARG D 119 -30.58 -65.71 -67.91
N PHE D 120 -31.34 -65.31 -68.93
CA PHE D 120 -30.76 -64.49 -70.01
C PHE D 120 -31.90 -63.66 -70.60
N ASP D 121 -31.96 -62.39 -70.22
CA ASP D 121 -33.00 -61.49 -70.70
C ASP D 121 -32.40 -60.24 -71.34
N MET D 122 -33.07 -59.75 -72.39
CA MET D 122 -32.67 -58.55 -73.12
C MET D 122 -33.89 -57.66 -73.35
N ASN D 123 -33.70 -56.36 -73.12
CA ASN D 123 -34.76 -55.37 -73.32
C ASN D 123 -34.41 -54.63 -74.60
N LEU D 124 -35.10 -55.00 -75.69
CA LEU D 124 -34.83 -54.43 -77.01
C LEU D 124 -35.14 -52.93 -77.15
N LEU D 125 -35.92 -52.35 -76.26
CA LEU D 125 -36.26 -50.94 -76.39
C LEU D 125 -35.13 -50.00 -75.99
N ASN D 126 -34.02 -50.52 -75.49
CA ASN D 126 -32.89 -49.67 -75.12
C ASN D 126 -31.64 -50.09 -75.89
N CYS D 127 -31.86 -50.87 -76.94
CA CYS D 127 -30.82 -51.45 -77.77
C CYS D 127 -30.56 -50.57 -78.99
N LEU D 128 -29.28 -50.50 -79.37
CA LEU D 128 -28.81 -49.75 -80.53
C LEU D 128 -28.86 -50.59 -81.80
N PHE D 129 -29.04 -51.91 -81.68
CA PHE D 129 -29.04 -52.85 -82.81
C PHE D 129 -27.74 -52.64 -83.59
N CYS D 130 -26.68 -52.47 -82.81
CA CYS D 130 -25.34 -52.16 -83.28
C CYS D 130 -24.51 -53.39 -83.64
N GLY D 131 -24.77 -54.54 -83.02
CA GLY D 131 -24.08 -55.78 -83.30
C GLY D 131 -22.78 -56.02 -82.52
N LEU D 132 -22.41 -55.11 -81.62
CA LEU D 132 -21.18 -55.25 -80.87
C LEU D 132 -21.16 -56.49 -80.00
N CYS D 133 -22.33 -56.90 -79.49
CA CYS D 133 -22.39 -58.08 -78.63
C CYS D 133 -22.12 -59.34 -79.41
N VAL D 134 -22.69 -59.46 -80.62
CA VAL D 134 -22.46 -60.66 -81.43
C VAL D 134 -20.97 -60.79 -81.72
N ASP D 135 -20.30 -59.65 -81.92
CA ASP D 135 -18.86 -59.66 -82.15
C ASP D 135 -18.13 -60.24 -80.95
N ALA D 136 -18.61 -59.91 -79.76
CA ALA D 136 -18.01 -60.39 -78.52
C ALA D 136 -18.38 -61.82 -78.16
N CYS D 137 -19.38 -62.45 -78.80
CA CYS D 137 -19.69 -63.83 -78.40
C CYS D 137 -18.59 -64.80 -78.84
N PRO D 138 -17.88 -65.42 -77.90
CA PRO D 138 -16.78 -66.35 -78.25
C PRO D 138 -17.18 -67.79 -78.48
N VAL D 139 -18.46 -68.11 -78.32
CA VAL D 139 -18.98 -69.46 -78.42
C VAL D 139 -19.98 -69.64 -79.57
N GLY D 140 -20.27 -68.58 -80.31
CA GLY D 140 -21.22 -68.76 -81.41
C GLY D 140 -22.64 -68.96 -80.93
N CYS D 141 -23.05 -68.20 -79.92
CA CYS D 141 -24.38 -68.29 -79.34
C CYS D 141 -25.24 -67.07 -79.68
N LEU D 142 -24.78 -65.86 -79.32
CA LEU D 142 -25.56 -64.66 -79.61
C LEU D 142 -25.54 -64.37 -81.10
N THR D 143 -26.71 -64.02 -81.64
CA THR D 143 -26.83 -63.72 -83.07
C THR D 143 -28.03 -62.80 -83.29
N MET D 144 -28.01 -62.09 -84.42
CA MET D 144 -29.09 -61.20 -84.83
C MET D 144 -29.82 -61.89 -85.97
N THR D 145 -31.13 -62.08 -85.81
CA THR D 145 -31.96 -62.74 -86.81
C THR D 145 -32.54 -61.69 -87.77
N ASP D 146 -33.48 -62.11 -88.60
CA ASP D 146 -34.15 -61.25 -89.53
C ASP D 146 -35.50 -60.79 -88.99
N ILE D 147 -35.82 -61.20 -87.76
CA ILE D 147 -37.09 -60.87 -87.14
C ILE D 147 -37.14 -59.38 -86.84
N PHE D 148 -38.16 -58.72 -87.38
CA PHE D 148 -38.33 -57.29 -87.15
C PHE D 148 -39.76 -56.89 -86.80
N GLU D 149 -40.75 -57.76 -86.98
CA GLU D 149 -42.16 -57.46 -86.69
C GLU D 149 -42.42 -57.77 -85.21
N LEU D 150 -41.95 -56.86 -84.35
CA LEU D 150 -42.07 -56.98 -82.91
C LEU D 150 -42.81 -55.82 -82.24
N ALA D 151 -43.43 -54.93 -83.01
CA ALA D 151 -44.18 -53.84 -82.39
C ALA D 151 -45.26 -54.45 -81.51
N ASN D 152 -45.42 -53.93 -80.31
CA ASN D 152 -46.42 -54.48 -79.42
C ASN D 152 -47.01 -53.39 -78.56
N TYR D 153 -47.87 -53.80 -77.64
CA TYR D 153 -48.60 -52.88 -76.78
C TYR D 153 -47.96 -52.61 -75.42
N SER D 154 -46.84 -53.24 -75.06
CA SER D 154 -46.29 -52.93 -73.74
C SER D 154 -44.79 -53.15 -73.70
N ARG D 155 -44.11 -52.33 -72.87
CA ARG D 155 -42.68 -52.46 -72.72
C ARG D 155 -42.32 -53.90 -72.38
N ARG D 156 -43.25 -54.61 -71.75
CA ARG D 156 -43.02 -56.01 -71.36
C ARG D 156 -42.93 -56.95 -72.56
N ASN D 157 -43.67 -56.67 -73.64
CA ASN D 157 -43.58 -57.57 -74.78
C ASN D 157 -42.29 -57.41 -75.56
N GLU D 158 -41.49 -56.40 -75.23
CA GLU D 158 -40.23 -56.15 -75.88
C GLU D 158 -39.03 -56.67 -75.09
N VAL D 159 -39.27 -57.54 -74.11
CA VAL D 159 -38.23 -58.13 -73.28
C VAL D 159 -38.14 -59.60 -73.67
N LEU D 160 -36.99 -59.99 -74.22
CA LEU D 160 -36.78 -61.36 -74.64
C LEU D 160 -36.19 -62.16 -73.51
N ARG D 161 -36.76 -63.32 -73.24
CA ARG D 161 -36.23 -64.23 -72.24
C ARG D 161 -35.42 -65.26 -73.01
N MET D 162 -34.68 -66.11 -72.29
CA MET D 162 -33.86 -67.12 -72.97
C MET D 162 -34.70 -68.00 -73.88
N GLU D 163 -35.85 -68.47 -73.40
CA GLU D 163 -36.71 -69.35 -74.18
C GLU D 163 -37.03 -68.72 -75.51
N ASP D 164 -37.19 -67.38 -75.53
CA ASP D 164 -37.50 -66.65 -76.75
C ASP D 164 -36.29 -66.56 -77.67
N LEU D 165 -35.11 -66.26 -77.10
CA LEU D 165 -33.89 -66.16 -77.89
C LEU D 165 -33.63 -67.47 -78.61
N GLU D 166 -33.91 -68.59 -77.94
CA GLU D 166 -33.72 -69.90 -78.57
C GLU D 166 -34.70 -70.09 -79.73
N LYS D 167 -35.98 -69.78 -79.50
CA LYS D 167 -36.99 -69.96 -80.55
C LYS D 167 -36.71 -69.10 -81.78
N PHE D 168 -36.22 -67.88 -81.56
CA PHE D 168 -35.89 -66.98 -82.66
C PHE D 168 -34.77 -67.56 -83.52
N ALA D 169 -33.67 -67.94 -82.89
CA ALA D 169 -32.53 -68.50 -83.61
C ALA D 169 -32.88 -69.81 -84.27
N ILE D 170 -33.62 -70.68 -83.59
CA ILE D 170 -33.98 -71.96 -84.19
C ILE D 170 -34.73 -71.72 -85.49
N ASP D 171 -35.69 -70.79 -85.45
CA ASP D 171 -36.47 -70.45 -86.63
C ASP D 171 -35.62 -69.80 -87.71
N PHE D 172 -34.71 -68.90 -87.31
CA PHE D 172 -33.84 -68.25 -88.28
C PHE D 172 -32.96 -69.28 -88.97
N LYS D 173 -32.37 -70.20 -88.19
CA LYS D 173 -31.51 -71.23 -88.79
C LYS D 173 -32.33 -72.19 -89.64
N GLN D 174 -33.55 -72.50 -89.20
CA GLN D 174 -34.43 -73.39 -89.96
C GLN D 174 -34.80 -72.83 -91.32
N ARG D 175 -34.95 -71.51 -91.44
CA ARG D 175 -35.37 -70.92 -92.71
C ARG D 175 -34.25 -70.34 -93.58
N ARG D 176 -33.16 -69.86 -93.00
CA ARG D 176 -32.12 -69.28 -93.84
C ARG D 176 -30.72 -69.69 -93.44
N GLY D 177 -30.56 -70.83 -92.77
CA GLY D 177 -29.23 -71.24 -92.32
C GLY D 177 -28.24 -71.50 -93.45
N ASN D 178 -28.67 -72.19 -94.50
CA ASN D 178 -27.80 -72.50 -95.62
C ASN D 178 -27.78 -71.41 -96.69
N GLU D 179 -28.55 -70.34 -96.49
CA GLU D 179 -28.59 -69.25 -97.45
C GLU D 179 -27.22 -68.59 -97.54
N PRO D 180 -26.75 -68.26 -98.74
CA PRO D 180 -25.43 -67.63 -98.86
C PRO D 180 -25.48 -66.15 -98.49
N ASP D 181 -24.31 -65.61 -98.17
CA ASP D 181 -24.10 -64.22 -97.75
C ASP D 181 -24.12 -63.35 -99.00
N ARG D 182 -25.32 -62.90 -99.37
CA ARG D 182 -25.54 -62.09 -100.56
C ARG D 182 -25.99 -60.70 -100.16
N ILE D 183 -25.84 -59.74 -101.10
CA ILE D 183 -26.26 -58.37 -100.83
C ILE D 183 -27.76 -58.30 -100.55
N TRP D 184 -28.53 -59.21 -101.14
CA TRP D 184 -29.96 -59.35 -100.88
C TRP D 184 -30.28 -60.79 -101.23
N PRO D 185 -31.26 -61.39 -100.57
CA PRO D 185 -31.53 -62.82 -100.85
C PRO D 185 -32.49 -63.13 -101.97
N ASN D 186 -33.37 -62.21 -102.31
CA ASN D 186 -34.35 -62.45 -103.35
C ASN D 186 -34.26 -61.32 -104.37
N ASP D 187 -34.19 -61.69 -105.64
CA ASP D 187 -34.11 -60.72 -106.73
C ASP D 187 -35.47 -60.26 -107.23
N GLU D 188 -36.53 -61.06 -107.02
CA GLU D 188 -37.87 -60.68 -107.48
C GLU D 188 -38.43 -59.52 -106.67
N GLU D 189 -38.15 -59.49 -105.35
CA GLU D 189 -38.60 -58.41 -104.49
C GLU D 189 -37.86 -57.11 -104.80
N ARG D 190 -36.63 -57.22 -105.31
CA ARG D 190 -35.80 -56.08 -105.68
C ARG D 190 -36.01 -55.67 -107.14
N GLU D 191 -36.49 -56.57 -107.99
CA GLU D 191 -36.71 -56.28 -109.40
C GLU D 191 -37.62 -55.07 -109.61
N LYS D 192 -38.53 -54.80 -108.66
CA LYS D 192 -39.44 -53.68 -108.80
C LYS D 192 -38.67 -52.37 -108.91
N LEU D 193 -37.58 -52.24 -108.16
CA LEU D 193 -36.78 -51.03 -108.11
C LEU D 193 -35.53 -51.08 -108.99
N TRP D 194 -34.81 -52.20 -109.01
CA TRP D 194 -33.58 -52.31 -109.80
C TRP D 194 -33.75 -52.88 -111.19
N GLY D 195 -34.44 -54.01 -111.29
CA GLY D 195 -34.62 -54.73 -112.54
C GLY D 195 -33.56 -55.82 -112.62
N LYS D 196 -33.49 -56.45 -113.80
CA LYS D 196 -32.51 -57.52 -114.01
C LYS D 196 -31.09 -56.96 -113.97
N ILE D 197 -30.29 -57.49 -113.03
CA ILE D 197 -28.91 -57.09 -112.80
C ILE D 197 -27.99 -58.11 -113.44
N GLU D 198 -26.97 -57.64 -114.15
CA GLU D 198 -26.02 -58.50 -114.85
C GLU D 198 -24.96 -59.03 -113.86
N TRP D 199 -25.28 -60.12 -113.16
CA TRP D 199 -24.32 -60.67 -112.20
C TRP D 199 -23.15 -61.34 -112.92
N SER D 200 -22.13 -61.71 -112.13
CA SER D 200 -20.95 -62.38 -112.64
C SER D 200 -20.28 -63.12 -111.48
N GLY D 201 -19.37 -64.03 -111.83
CA GLY D 201 -18.67 -64.83 -110.84
C GLY D 201 -17.75 -64.11 -109.90
N PHE E 6 3.02 -99.29 -43.87
CA PHE E 6 4.01 -99.86 -44.81
C PHE E 6 5.42 -99.90 -44.22
N GLU E 7 6.05 -101.08 -44.23
CA GLU E 7 7.40 -101.21 -43.72
C GLU E 7 8.27 -101.91 -44.75
N PHE E 8 9.54 -101.52 -44.76
CA PHE E 8 10.49 -102.14 -45.66
C PHE E 8 10.95 -103.47 -45.07
N PRO E 9 10.95 -104.56 -45.83
CA PRO E 9 11.46 -105.83 -45.29
C PRO E 9 12.94 -105.67 -44.94
N GLU E 10 13.41 -106.43 -43.94
CA GLU E 10 14.79 -106.29 -43.49
C GLU E 10 15.81 -106.31 -44.62
N GLU E 11 15.72 -107.28 -45.51
CA GLU E 11 16.66 -107.44 -46.63
C GLU E 11 16.81 -106.13 -47.39
N LEU E 12 15.69 -105.51 -47.75
CA LEU E 12 15.72 -104.25 -48.49
C LEU E 12 16.12 -103.09 -47.59
N LYS E 13 15.64 -103.08 -46.35
CA LYS E 13 15.94 -101.99 -45.44
C LYS E 13 17.45 -101.86 -45.20
N THR E 14 18.16 -103.00 -45.09
CA THR E 14 19.60 -102.94 -44.88
C THR E 14 20.28 -102.32 -46.09
N LYS E 15 19.90 -102.75 -47.30
CA LYS E 15 20.49 -102.16 -48.49
C LYS E 15 20.26 -100.65 -48.50
N LEU E 16 19.04 -100.22 -48.15
CA LEU E 16 18.79 -98.78 -48.12
C LEU E 16 19.68 -98.09 -47.07
N GLN E 17 19.87 -98.72 -45.90
CA GLN E 17 20.70 -98.09 -44.88
C GLN E 17 22.16 -97.96 -45.36
N GLU E 18 22.68 -98.98 -46.07
CA GLU E 18 24.05 -98.87 -46.57
C GLU E 18 24.19 -97.63 -47.42
N HIS E 19 23.25 -97.39 -48.35
CA HIS E 19 23.36 -96.22 -49.19
C HIS E 19 23.31 -94.95 -48.36
N ILE E 20 22.34 -94.87 -47.44
CA ILE E 20 22.17 -93.68 -46.61
C ILE E 20 23.43 -93.39 -45.80
N ASN E 21 24.16 -94.44 -45.35
CA ASN E 21 25.39 -94.22 -44.57
C ASN E 21 26.64 -94.00 -45.41
N TYR E 22 26.59 -94.35 -46.69
CA TYR E 22 27.73 -94.24 -47.59
C TYR E 22 28.10 -92.79 -47.90
N PHE E 23 27.15 -92.01 -48.38
CA PHE E 23 27.46 -90.66 -48.75
C PHE E 23 27.69 -89.79 -47.52
N PRO E 24 28.35 -88.66 -47.71
CA PRO E 24 28.57 -87.77 -46.56
C PRO E 24 27.26 -87.27 -45.99
N LYS E 25 26.29 -86.95 -46.84
CA LYS E 25 24.97 -86.50 -46.41
C LYS E 25 23.93 -87.52 -46.89
N LYS E 26 22.95 -87.82 -46.03
CA LYS E 26 21.93 -88.84 -46.34
C LYS E 26 21.15 -88.54 -47.61
N ARG E 27 20.72 -87.29 -47.82
CA ARG E 27 19.91 -87.01 -49.01
C ARG E 27 20.62 -87.39 -50.29
N GLN E 28 21.95 -87.49 -50.30
CA GLN E 28 22.63 -87.86 -51.53
C GLN E 28 22.34 -89.29 -51.96
N ALA E 29 21.78 -90.12 -51.09
CA ALA E 29 21.50 -91.52 -51.42
C ALA E 29 20.13 -91.74 -52.05
N ILE E 30 19.37 -90.67 -52.28
CA ILE E 30 17.99 -90.83 -52.77
C ILE E 30 17.92 -91.63 -54.08
N LEU E 31 18.78 -91.33 -55.06
CA LEU E 31 18.70 -92.06 -56.33
C LEU E 31 19.05 -93.54 -56.17
N LEU E 32 20.06 -93.86 -55.37
CA LEU E 32 20.41 -95.27 -55.16
C LEU E 32 19.32 -96.00 -54.39
N CYS E 33 18.64 -95.29 -53.49
CA CYS E 33 17.56 -95.91 -52.74
C CYS E 33 16.38 -96.20 -53.67
N LEU E 34 16.02 -95.25 -54.53
CA LEU E 34 14.92 -95.50 -55.45
C LEU E 34 15.26 -96.66 -56.36
N HIS E 35 16.54 -96.79 -56.74
CA HIS E 35 16.92 -97.92 -57.57
C HIS E 35 16.72 -99.22 -56.81
N GLU E 36 17.15 -99.23 -55.55
CA GLU E 36 17.05 -100.41 -54.70
C GLU E 36 15.60 -100.83 -54.50
N ILE E 37 14.74 -99.86 -54.22
CA ILE E 37 13.32 -100.16 -54.04
C ILE E 37 12.75 -100.75 -55.31
N GLN E 38 12.99 -100.08 -56.45
CA GLN E 38 12.45 -100.54 -57.72
C GLN E 38 12.99 -101.92 -58.08
N ASN E 39 14.25 -102.21 -57.78
CA ASN E 39 14.72 -103.53 -58.12
C ASN E 39 14.11 -104.59 -57.21
N TYR E 40 13.72 -104.21 -55.99
CA TYR E 40 13.15 -105.18 -55.05
C TYR E 40 11.70 -105.51 -55.37
N TYR E 41 10.87 -104.51 -55.58
CA TYR E 41 9.45 -104.69 -55.85
C TYR E 41 9.07 -104.77 -57.32
N GLY E 42 9.98 -104.52 -58.24
CA GLY E 42 9.65 -104.52 -59.65
C GLY E 42 9.01 -103.23 -60.12
N TYR E 43 8.92 -102.24 -59.23
CA TYR E 43 8.37 -100.91 -59.48
C TYR E 43 8.60 -100.13 -58.20
N ILE E 44 8.29 -98.84 -58.23
CA ILE E 44 8.47 -98.07 -57.01
C ILE E 44 7.06 -97.88 -56.43
N PRO E 45 6.69 -98.60 -55.39
CA PRO E 45 5.35 -98.45 -54.82
C PRO E 45 5.19 -97.08 -54.20
N PRO E 46 4.16 -96.35 -54.58
CA PRO E 46 3.96 -95.01 -54.01
C PRO E 46 3.94 -95.02 -52.52
N GLU E 47 3.52 -96.15 -51.91
CA GLU E 47 3.46 -96.30 -50.45
C GLU E 47 4.83 -96.29 -49.78
N SER E 48 5.93 -96.43 -50.54
CA SER E 48 7.27 -96.44 -49.97
C SER E 48 7.94 -95.06 -49.94
N LEU E 49 7.37 -94.06 -50.62
CA LEU E 49 8.01 -92.75 -50.62
C LEU E 49 8.04 -92.14 -49.23
N LYS E 50 6.94 -92.22 -48.47
CA LYS E 50 6.98 -91.67 -47.12
C LYS E 50 7.98 -92.42 -46.27
N PRO E 51 7.97 -93.75 -46.21
CA PRO E 51 9.02 -94.45 -45.44
C PRO E 51 10.44 -94.07 -45.89
N LEU E 52 10.67 -93.93 -47.21
CA LEU E 52 11.99 -93.53 -47.68
C LEU E 52 12.31 -92.10 -47.26
N ALA E 53 11.36 -91.19 -47.41
CA ALA E 53 11.60 -89.80 -47.02
C ALA E 53 11.94 -89.72 -45.54
N ASP E 54 11.42 -90.63 -44.73
CA ASP E 54 11.73 -90.59 -43.32
C ASP E 54 13.16 -91.06 -43.05
N MET E 55 13.63 -92.06 -43.80
CA MET E 55 15.00 -92.54 -43.63
C MET E 55 16.03 -91.50 -44.09
N LEU E 56 15.67 -90.69 -45.07
CA LEU E 56 16.54 -89.63 -45.57
C LEU E 56 16.37 -88.31 -44.83
N GLU E 57 15.40 -88.20 -43.91
CA GLU E 57 15.11 -86.95 -43.21
C GLU E 57 14.78 -85.87 -44.26
N LEU E 58 13.86 -86.18 -45.13
CA LEU E 58 13.46 -85.27 -46.19
C LEU E 58 11.96 -85.14 -46.21
N PRO E 59 11.45 -83.99 -46.65
CA PRO E 59 9.99 -83.84 -46.77
C PRO E 59 9.50 -84.70 -47.92
N LEU E 60 8.29 -85.25 -47.73
CA LEU E 60 7.71 -86.13 -48.73
C LEU E 60 7.65 -85.50 -50.12
N ASN E 61 7.24 -84.22 -50.21
CA ASN E 61 7.14 -83.61 -51.53
C ASN E 61 8.48 -83.55 -52.24
N HIS E 62 9.58 -83.49 -51.49
CA HIS E 62 10.90 -83.49 -52.10
C HIS E 62 11.20 -84.83 -52.75
N VAL E 63 11.00 -85.92 -52.00
CA VAL E 63 11.19 -87.25 -52.54
C VAL E 63 10.26 -87.49 -53.73
N GLU E 64 9.01 -87.06 -53.62
CA GLU E 64 8.07 -87.25 -54.72
C GLU E 64 8.57 -86.51 -55.96
N GLY E 65 9.01 -85.26 -55.79
CA GLY E 65 9.50 -84.52 -56.92
C GLY E 65 10.70 -85.19 -57.59
N VAL E 66 11.59 -85.80 -56.80
CA VAL E 66 12.75 -86.46 -57.37
C VAL E 66 12.35 -87.69 -58.18
N VAL E 67 11.61 -88.61 -57.57
CA VAL E 67 11.23 -89.81 -58.30
C VAL E 67 10.43 -89.49 -59.55
N ALA E 68 9.76 -88.35 -59.58
CA ALA E 68 8.99 -88.00 -60.77
C ALA E 68 9.85 -87.49 -61.92
N PHE E 69 11.01 -86.94 -61.61
CA PHE E 69 11.88 -86.35 -62.61
C PHE E 69 12.69 -87.36 -63.42
N TYR E 70 13.17 -88.45 -62.83
CA TYR E 70 14.03 -89.39 -63.55
C TYR E 70 13.27 -90.46 -64.33
N ASP E 71 13.73 -90.69 -65.56
CA ASP E 71 13.06 -91.60 -66.50
C ASP E 71 13.08 -93.07 -66.08
N MET E 72 14.13 -93.55 -65.43
CA MET E 72 14.19 -94.98 -65.13
C MET E 72 13.16 -95.42 -64.08
N PHE E 73 12.76 -94.55 -63.19
CA PHE E 73 11.82 -94.93 -62.14
C PHE E 73 10.39 -95.14 -62.68
N ASP E 74 9.72 -96.18 -62.18
CA ASP E 74 8.37 -96.55 -62.60
C ASP E 74 7.50 -96.82 -61.37
N ARG E 75 6.50 -95.99 -61.15
CA ARG E 75 5.58 -96.16 -60.04
C ARG E 75 4.24 -96.76 -60.48
N GLU E 76 4.00 -96.95 -61.77
CA GLU E 76 2.72 -97.48 -62.26
C GLU E 76 2.72 -98.98 -62.56
N ASP E 77 3.66 -99.49 -63.34
CA ASP E 77 3.69 -100.89 -63.75
C ASP E 77 4.77 -101.70 -63.03
N LYS E 78 4.38 -102.89 -62.62
CA LYS E 78 5.22 -103.86 -61.92
C LYS E 78 5.70 -104.87 -62.95
N ALA E 79 7.01 -105.03 -63.05
CA ALA E 79 7.58 -105.96 -64.00
C ALA E 79 8.86 -106.57 -63.44
N LYS E 80 9.01 -107.87 -63.63
CA LYS E 80 10.21 -108.51 -63.12
C LYS E 80 11.43 -108.11 -63.94
N TYR E 81 11.26 -107.99 -65.25
CA TYR E 81 12.35 -107.63 -66.16
C TYR E 81 11.91 -106.50 -67.08
N ARG E 82 12.67 -105.41 -67.10
CA ARG E 82 12.36 -104.30 -67.98
C ARG E 82 13.26 -104.47 -69.20
N ILE E 83 12.65 -104.50 -70.38
CA ILE E 83 13.36 -104.62 -71.63
C ILE E 83 13.44 -103.20 -72.17
N ARG E 84 14.54 -102.53 -71.85
CA ARG E 84 14.76 -101.15 -72.31
C ARG E 84 15.28 -101.20 -73.74
N VAL E 85 14.50 -100.66 -74.67
CA VAL E 85 14.86 -100.65 -76.09
C VAL E 85 15.26 -99.25 -76.50
N CYS E 86 16.47 -99.09 -77.04
CA CYS E 86 16.88 -97.77 -77.49
C CYS E 86 16.16 -97.43 -78.79
N VAL E 87 15.50 -96.29 -78.79
CA VAL E 87 14.75 -95.79 -79.94
C VAL E 87 15.38 -94.49 -80.46
N SER E 88 16.64 -94.24 -80.12
CA SER E 88 17.31 -93.02 -80.55
C SER E 88 17.77 -93.16 -82.00
N ILE E 89 18.48 -92.13 -82.49
CA ILE E 89 18.84 -92.03 -83.91
C ILE E 89 19.66 -93.21 -84.42
N VAL E 90 20.81 -93.50 -83.81
CA VAL E 90 21.64 -94.56 -84.38
C VAL E 90 20.93 -95.91 -84.38
N CYS E 91 20.39 -96.32 -83.22
CA CYS E 91 19.69 -97.60 -83.18
C CYS E 91 18.49 -97.61 -84.13
N HIS E 92 17.81 -96.47 -84.28
CA HIS E 92 16.70 -96.44 -85.21
C HIS E 92 17.17 -96.68 -86.64
N LEU E 93 18.34 -96.12 -86.97
CA LEU E 93 18.89 -96.29 -88.32
C LEU E 93 19.36 -97.71 -88.57
N MET E 94 19.74 -98.43 -87.52
CA MET E 94 20.27 -99.78 -87.66
C MET E 94 19.25 -100.87 -87.41
N GLY E 95 18.01 -100.53 -87.14
CA GLY E 95 17.08 -101.63 -86.97
C GLY E 95 16.29 -101.72 -85.69
N THR E 96 16.09 -100.60 -85.00
CA THR E 96 15.28 -100.65 -83.78
C THR E 96 13.90 -101.21 -84.09
N ASN E 97 13.32 -100.84 -85.24
CA ASN E 97 11.99 -101.34 -85.59
C ASN E 97 11.98 -102.85 -85.75
N LYS E 98 13.04 -103.43 -86.32
CA LYS E 98 13.08 -104.89 -86.47
C LYS E 98 13.05 -105.55 -85.10
N LEU E 99 13.78 -104.98 -84.12
CA LEU E 99 13.82 -105.52 -82.77
C LEU E 99 12.45 -105.43 -82.11
N LEU E 100 11.77 -104.27 -82.24
CA LEU E 100 10.45 -104.15 -81.62
C LEU E 100 9.50 -105.18 -82.20
N LYS E 101 9.54 -105.37 -83.52
CA LYS E 101 8.67 -106.37 -84.13
C LYS E 101 8.98 -107.75 -83.58
N ALA E 102 10.26 -108.05 -83.36
CA ALA E 102 10.60 -109.36 -82.82
C ALA E 102 10.08 -109.52 -81.40
N LEU E 103 10.20 -108.45 -80.60
CA LEU E 103 9.71 -108.50 -79.23
C LEU E 103 8.21 -108.77 -79.20
N GLU E 104 7.48 -108.22 -80.17
CA GLU E 104 6.04 -108.44 -80.23
C GLU E 104 5.72 -109.88 -80.65
N ASN E 105 6.50 -110.42 -81.60
CA ASN E 105 6.27 -111.80 -82.03
C ASN E 105 6.53 -112.80 -80.91
N ILE E 106 7.42 -112.47 -80.00
CA ILE E 106 7.78 -113.38 -78.91
C ILE E 106 6.91 -113.19 -77.67
N LEU E 107 6.66 -111.95 -77.24
CA LEU E 107 5.90 -111.67 -76.04
C LEU E 107 4.53 -111.11 -76.30
N GLY E 108 4.22 -110.70 -77.53
CA GLY E 108 2.92 -110.14 -77.79
C GLY E 108 2.70 -108.77 -77.21
N ILE E 109 3.75 -108.02 -76.95
CA ILE E 109 3.56 -106.68 -76.39
C ILE E 109 4.29 -105.66 -77.23
N LYS E 110 3.78 -104.43 -77.15
CA LYS E 110 4.26 -103.22 -77.82
C LYS E 110 5.00 -102.36 -76.79
N PRO E 111 5.77 -101.36 -77.23
CA PRO E 111 6.49 -100.52 -76.26
C PRO E 111 5.52 -99.93 -75.26
N GLY E 112 5.95 -99.88 -74.00
CA GLY E 112 5.13 -99.35 -72.94
C GLY E 112 4.22 -100.37 -72.27
N GLU E 113 3.99 -101.52 -72.89
CA GLU E 113 3.15 -102.56 -72.33
C GLU E 113 3.95 -103.60 -71.53
N VAL E 114 3.25 -104.28 -70.62
CA VAL E 114 3.80 -105.34 -69.77
C VAL E 114 2.97 -106.60 -69.96
N THR E 115 3.65 -107.76 -70.05
CA THR E 115 2.95 -109.03 -70.26
C THR E 115 1.98 -109.29 -69.11
N PRO E 116 0.92 -110.09 -69.34
CA PRO E 116 -0.09 -110.34 -68.29
C PRO E 116 0.45 -110.93 -67.00
N ASP E 117 1.43 -111.82 -67.05
CA ASP E 117 1.96 -112.39 -65.82
C ASP E 117 2.89 -111.44 -65.08
N GLY E 118 3.27 -110.32 -65.71
CA GLY E 118 4.18 -109.35 -65.12
C GLY E 118 5.65 -109.70 -65.25
N LYS E 119 6.01 -110.59 -66.18
CA LYS E 119 7.41 -110.93 -66.35
C LYS E 119 8.18 -109.83 -67.06
N PHE E 120 7.71 -109.42 -68.24
CA PHE E 120 8.40 -108.44 -69.03
C PHE E 120 7.60 -107.19 -69.33
N LYS E 121 8.33 -106.11 -69.53
CA LYS E 121 7.77 -104.83 -69.91
C LYS E 121 8.78 -104.19 -70.85
N ILE E 122 8.32 -103.76 -72.02
CA ILE E 122 9.18 -103.10 -72.99
C ILE E 122 9.20 -101.62 -72.65
N VAL E 123 10.40 -101.07 -72.46
CA VAL E 123 10.55 -99.66 -72.12
C VAL E 123 11.35 -98.93 -73.19
N PRO E 124 10.77 -98.04 -73.97
CA PRO E 124 11.55 -97.32 -74.97
C PRO E 124 12.40 -96.27 -74.25
N VAL E 125 13.69 -96.22 -74.60
CA VAL E 125 14.61 -95.28 -73.97
C VAL E 125 15.44 -94.56 -75.01
N GLN E 126 16.04 -93.46 -74.59
CA GLN E 126 16.93 -92.68 -75.45
C GLN E 126 18.27 -93.40 -75.48
N CYS E 127 19.22 -92.88 -76.28
CA CYS E 127 20.54 -93.51 -76.47
C CYS E 127 21.10 -94.16 -75.22
N LEU E 128 21.37 -95.46 -75.32
CA LEU E 128 21.89 -96.27 -74.25
C LEU E 128 23.42 -96.27 -74.19
N GLY E 129 24.09 -95.55 -75.08
CA GLY E 129 25.54 -95.49 -75.05
C GLY E 129 26.27 -96.70 -75.58
N ALA E 130 25.74 -97.35 -76.59
CA ALA E 130 26.39 -98.50 -77.20
C ALA E 130 26.12 -98.49 -78.68
N CYS E 131 25.91 -97.28 -79.23
CA CYS E 131 25.57 -97.04 -80.62
C CYS E 131 26.36 -97.88 -81.62
N SER E 132 27.63 -98.14 -81.32
CA SER E 132 28.44 -98.96 -82.23
C SER E 132 27.91 -100.38 -82.32
N GLU E 133 27.10 -100.81 -81.36
CA GLU E 133 26.50 -102.15 -81.31
C GLU E 133 24.99 -102.11 -81.49
N ALA E 134 24.49 -101.18 -82.31
CA ALA E 134 23.06 -101.06 -82.52
C ALA E 134 22.52 -102.24 -83.33
N PRO E 135 21.24 -102.62 -83.11
CA PRO E 135 20.28 -102.05 -82.14
C PRO E 135 20.54 -102.60 -80.75
N VAL E 136 20.56 -101.72 -79.77
CA VAL E 136 20.83 -102.08 -78.38
C VAL E 136 19.53 -102.15 -77.61
N PHE E 137 19.53 -102.99 -76.58
CA PHE E 137 18.41 -103.17 -75.66
C PHE E 137 18.96 -103.77 -74.38
N MET E 138 18.27 -103.53 -73.27
CA MET E 138 18.70 -104.07 -71.99
C MET E 138 17.62 -104.96 -71.39
N VAL E 139 18.03 -105.93 -70.58
CA VAL E 139 17.12 -106.78 -69.83
C VAL E 139 17.54 -106.58 -68.37
N ASN E 140 16.98 -105.54 -67.76
CA ASN E 140 17.16 -105.01 -66.42
C ASN E 140 18.53 -104.47 -66.06
N ASP E 141 19.60 -105.15 -66.45
CA ASP E 141 20.94 -104.68 -66.12
C ASP E 141 21.93 -105.12 -67.18
N ASP E 142 21.52 -106.06 -68.03
CA ASP E 142 22.37 -106.61 -69.08
C ASP E 142 22.04 -105.92 -70.41
N GLU E 143 23.08 -105.52 -71.14
CA GLU E 143 22.91 -104.87 -72.43
C GLU E 143 23.30 -105.86 -73.51
N TYR E 144 22.51 -105.90 -74.57
CA TYR E 144 22.71 -106.80 -75.68
C TYR E 144 22.50 -106.08 -77.00
N LYS E 145 22.98 -106.72 -78.05
CA LYS E 145 22.83 -106.24 -79.41
C LYS E 145 21.77 -107.13 -80.05
N PHE E 146 20.85 -106.54 -80.79
CA PHE E 146 19.84 -107.34 -81.45
C PHE E 146 20.41 -107.88 -82.76
N GLU E 147 20.39 -109.20 -82.93
CA GLU E 147 20.89 -109.85 -84.13
C GLU E 147 19.76 -110.46 -84.95
N SER E 148 18.88 -111.24 -84.31
CA SER E 148 17.77 -111.88 -85.01
C SER E 148 16.71 -112.26 -83.98
N GLU E 149 15.51 -112.56 -84.49
CA GLU E 149 14.42 -112.96 -83.61
C GLU E 149 14.77 -114.22 -82.83
N VAL E 150 15.43 -115.18 -83.49
CA VAL E 150 15.84 -116.42 -82.85
C VAL E 150 16.83 -116.11 -81.72
N GLN E 151 17.83 -115.27 -82.02
CA GLN E 151 18.81 -114.87 -81.02
C GLN E 151 18.15 -114.16 -79.85
N LEU E 152 17.23 -113.24 -80.15
CA LEU E 152 16.54 -112.55 -79.08
C LEU E 152 15.74 -113.53 -78.24
N ASN E 153 15.15 -114.55 -78.88
CA ASN E 153 14.37 -115.51 -78.11
C ASN E 153 15.25 -116.32 -77.15
N GLU E 154 16.46 -116.70 -77.59
CA GLU E 154 17.32 -117.43 -76.67
C GLU E 154 17.71 -116.55 -75.48
N ILE E 155 18.01 -115.28 -75.74
CA ILE E 155 18.37 -114.38 -74.66
C ILE E 155 17.22 -114.22 -73.67
N LEU E 156 16.00 -114.01 -74.18
CA LEU E 156 14.87 -113.82 -73.27
C LEU E 156 14.55 -115.10 -72.49
N SER E 157 14.85 -116.27 -73.05
CA SER E 157 14.58 -117.51 -72.32
C SER E 157 15.42 -117.65 -71.06
N ARG E 158 16.52 -116.92 -70.95
CA ARG E 158 17.38 -117.00 -69.76
C ARG E 158 16.77 -116.32 -68.53
N TYR E 159 15.62 -115.67 -68.64
CA TYR E 159 15.00 -114.97 -67.52
C TYR E 159 13.68 -115.63 -67.20
N THR E 160 13.16 -115.34 -66.01
CA THR E 160 11.90 -115.84 -65.41
C THR E 160 12.29 -116.89 -64.38
N TRP F 20 -59.47 -56.79 -92.12
CA TRP F 20 -58.15 -56.90 -92.74
C TRP F 20 -57.72 -55.60 -93.42
N GLY F 21 -58.61 -55.13 -94.29
CA GLY F 21 -58.47 -53.89 -95.02
C GLY F 21 -59.68 -53.10 -94.56
N ARG F 22 -59.48 -51.97 -93.88
CA ARG F 22 -60.60 -51.20 -93.37
C ARG F 22 -60.64 -49.77 -93.88
N ARG F 23 -61.85 -49.32 -94.30
CA ARG F 23 -62.06 -47.94 -94.74
C ARG F 23 -62.05 -46.97 -93.56
N ASN F 24 -61.85 -47.48 -92.34
CA ASN F 24 -61.75 -46.68 -91.14
C ASN F 24 -60.40 -45.98 -91.19
N SER F 25 -60.39 -44.71 -91.60
CA SER F 25 -59.17 -43.94 -91.75
C SER F 25 -58.61 -43.43 -90.42
N LEU F 26 -57.28 -43.27 -90.41
CA LEU F 26 -56.51 -42.76 -89.28
C LEU F 26 -55.75 -41.53 -89.74
N TRP F 27 -55.82 -40.45 -88.96
CA TRP F 27 -55.17 -39.18 -89.27
C TRP F 27 -54.05 -38.89 -88.26
N PRO F 28 -52.84 -39.40 -88.47
CA PRO F 28 -51.76 -39.16 -87.52
C PRO F 28 -50.88 -37.96 -87.85
N VAL F 29 -50.23 -37.45 -86.81
CA VAL F 29 -49.26 -36.37 -86.93
C VAL F 29 -47.92 -36.98 -86.58
N THR F 30 -46.99 -36.92 -87.52
CA THR F 30 -45.68 -37.48 -87.32
C THR F 30 -44.80 -36.41 -86.64
N ILE F 31 -44.26 -36.75 -85.49
CA ILE F 31 -43.39 -35.84 -84.74
C ILE F 31 -41.97 -36.37 -84.93
N GLY F 32 -41.26 -35.83 -85.93
CA GLY F 32 -39.90 -36.25 -86.21
C GLY F 32 -38.87 -35.54 -85.35
N LEU F 33 -38.19 -36.25 -84.46
CA LEU F 33 -37.23 -35.61 -83.59
C LEU F 33 -35.77 -35.97 -83.85
N ALA F 34 -35.50 -37.18 -84.35
CA ALA F 34 -34.14 -37.65 -84.60
C ALA F 34 -34.16 -38.63 -85.78
N CYS F 35 -33.14 -39.50 -85.84
CA CYS F 35 -32.99 -40.49 -86.91
C CYS F 35 -34.26 -41.25 -87.24
N CYS F 36 -35.04 -41.59 -86.22
CA CYS F 36 -36.27 -42.32 -86.49
C CYS F 36 -37.17 -41.56 -87.47
N ALA F 37 -37.04 -40.23 -87.58
CA ALA F 37 -37.84 -39.47 -88.53
C ALA F 37 -37.43 -39.75 -89.98
N ILE F 38 -36.13 -39.97 -90.25
CA ILE F 38 -35.68 -40.25 -91.62
C ILE F 38 -36.31 -41.52 -92.14
N GLU F 39 -36.43 -42.54 -91.29
CA GLU F 39 -37.06 -43.77 -91.75
C GLU F 39 -38.55 -43.56 -91.98
N MET F 40 -39.12 -42.59 -91.28
CA MET F 40 -40.54 -42.27 -91.45
C MET F 40 -40.78 -41.74 -92.86
N MET F 41 -39.87 -40.89 -93.36
CA MET F 41 -40.04 -40.35 -94.69
C MET F 41 -39.93 -41.44 -95.75
N HIS F 42 -39.05 -42.42 -95.54
CA HIS F 42 -38.91 -43.50 -96.53
C HIS F 42 -40.16 -44.35 -96.62
N THR F 43 -40.93 -44.41 -95.55
CA THR F 43 -42.16 -45.20 -95.57
C THR F 43 -43.24 -44.46 -96.34
N ALA F 44 -43.27 -43.14 -96.22
CA ALA F 44 -44.27 -42.35 -96.92
C ALA F 44 -44.02 -42.33 -98.42
N ALA F 45 -42.75 -42.40 -98.83
CA ALA F 45 -42.36 -42.36 -100.23
C ALA F 45 -42.90 -43.54 -101.04
N SER F 46 -42.64 -43.49 -102.35
CA SER F 46 -43.13 -44.46 -103.34
C SER F 46 -42.66 -45.88 -103.14
N ARG F 47 -41.79 -46.17 -102.18
CA ARG F 47 -41.32 -47.54 -102.06
C ARG F 47 -42.22 -48.45 -101.21
N PHE F 48 -43.04 -47.91 -100.30
CA PHE F 48 -43.83 -48.82 -99.46
C PHE F 48 -45.34 -48.65 -99.42
N ASP F 49 -45.92 -47.54 -99.88
CA ASP F 49 -47.38 -47.40 -99.94
C ASP F 49 -48.09 -47.58 -98.59
N LEU F 50 -47.93 -46.60 -97.73
CA LEU F 50 -48.67 -46.70 -96.47
C LEU F 50 -50.11 -46.18 -96.64
N ASP F 51 -50.58 -45.93 -97.87
CA ASP F 51 -51.94 -45.46 -98.14
C ASP F 51 -52.97 -46.58 -98.20
N ARG F 52 -52.55 -47.77 -98.64
CA ARG F 52 -53.45 -48.91 -98.76
C ARG F 52 -54.04 -49.34 -97.43
N LEU F 53 -53.60 -48.74 -96.32
CA LEU F 53 -54.10 -49.06 -94.99
C LEU F 53 -55.01 -47.99 -94.41
N GLY F 54 -55.30 -46.93 -95.15
CA GLY F 54 -56.18 -45.88 -94.64
C GLY F 54 -55.54 -44.89 -93.69
N VAL F 55 -54.34 -44.41 -94.01
CA VAL F 55 -53.61 -43.44 -93.19
C VAL F 55 -53.58 -42.15 -93.99
N ILE F 56 -54.34 -41.14 -93.55
CA ILE F 56 -54.42 -39.88 -94.29
C ILE F 56 -53.22 -38.97 -94.03
N PHE F 57 -52.65 -38.99 -92.83
CA PHE F 57 -51.47 -38.18 -92.52
C PHE F 57 -51.71 -36.66 -92.61
N ARG F 58 -52.54 -36.14 -91.70
CA ARG F 58 -52.72 -34.70 -91.71
C ARG F 58 -51.60 -34.08 -90.87
N ALA F 59 -51.15 -32.88 -91.27
CA ALA F 59 -50.02 -32.21 -90.60
C ALA F 59 -50.39 -31.31 -89.42
N SER F 60 -51.63 -30.83 -89.33
CA SER F 60 -52.02 -29.96 -88.23
C SER F 60 -52.46 -30.81 -87.04
N PRO F 61 -51.85 -30.64 -85.86
CA PRO F 61 -52.26 -31.46 -84.70
C PRO F 61 -53.67 -31.18 -84.22
N ARG F 62 -54.27 -30.05 -84.61
CA ARG F 62 -55.62 -29.75 -84.17
C ARG F 62 -56.61 -30.77 -84.73
N GLN F 63 -56.38 -31.23 -85.95
CA GLN F 63 -57.26 -32.21 -86.61
C GLN F 63 -56.61 -33.59 -86.76
N ALA F 64 -55.90 -34.07 -85.74
CA ALA F 64 -55.26 -35.38 -85.79
C ALA F 64 -55.66 -36.22 -84.60
N ASP F 65 -55.60 -37.55 -84.75
CA ASP F 65 -55.97 -38.44 -83.66
C ASP F 65 -54.88 -39.46 -83.27
N VAL F 66 -53.76 -39.52 -83.97
CA VAL F 66 -52.68 -40.45 -83.63
C VAL F 66 -51.38 -39.67 -83.59
N LEU F 67 -50.68 -39.73 -82.46
CA LEU F 67 -49.43 -39.02 -82.28
C LEU F 67 -48.28 -40.00 -82.47
N ILE F 68 -47.54 -39.85 -83.55
CA ILE F 68 -46.41 -40.72 -83.83
C ILE F 68 -45.14 -39.98 -83.44
N VAL F 69 -44.54 -40.37 -82.31
CA VAL F 69 -43.31 -39.76 -81.82
C VAL F 69 -42.16 -40.57 -82.40
N ALA F 70 -41.52 -40.02 -83.44
CA ALA F 70 -40.42 -40.69 -84.14
C ALA F 70 -39.13 -39.92 -83.82
N GLY F 71 -38.44 -40.39 -82.80
CA GLY F 71 -37.21 -39.79 -82.37
C GLY F 71 -37.11 -39.70 -80.87
N THR F 72 -35.96 -39.24 -80.39
CA THR F 72 -35.74 -39.11 -78.96
C THR F 72 -36.31 -37.80 -78.43
N VAL F 73 -36.89 -37.88 -77.23
CA VAL F 73 -37.50 -36.74 -76.57
C VAL F 73 -36.55 -36.24 -75.50
N VAL F 74 -36.09 -35.03 -75.67
CA VAL F 74 -35.24 -34.39 -74.70
C VAL F 74 -36.11 -33.78 -73.62
N ASN F 75 -35.57 -33.64 -72.40
CA ASN F 75 -36.36 -33.04 -71.32
C ASN F 75 -36.86 -31.65 -71.72
N LYS F 76 -36.11 -30.96 -72.57
CA LYS F 76 -36.50 -29.63 -73.03
C LYS F 76 -37.70 -29.69 -73.96
N VAL F 77 -37.88 -30.81 -74.65
CA VAL F 77 -39.01 -30.95 -75.56
C VAL F 77 -40.24 -31.54 -74.86
N ALA F 78 -40.05 -32.24 -73.75
CA ALA F 78 -41.17 -32.85 -73.03
C ALA F 78 -42.36 -31.91 -72.77
N PRO F 79 -42.19 -30.71 -72.21
CA PRO F 79 -43.37 -29.85 -72.02
C PRO F 79 -44.04 -29.47 -73.32
N MET F 80 -43.25 -29.23 -74.37
CA MET F 80 -43.81 -28.89 -75.67
C MET F 80 -44.58 -30.05 -76.28
N LEU F 81 -44.06 -31.28 -76.14
CA LEU F 81 -44.74 -32.44 -76.70
C LEU F 81 -46.06 -32.70 -76.00
N LYS F 82 -46.08 -32.62 -74.66
CA LYS F 82 -47.30 -32.84 -73.89
C LYS F 82 -48.40 -31.87 -74.34
N LEU F 83 -48.04 -30.62 -74.63
CA LEU F 83 -49.00 -29.64 -75.09
C LEU F 83 -49.66 -30.08 -76.40
N ILE F 84 -48.85 -30.61 -77.32
CA ILE F 84 -49.37 -31.06 -78.62
C ILE F 84 -50.39 -32.19 -78.42
N TRP F 85 -50.16 -33.04 -77.41
CA TRP F 85 -51.05 -34.15 -77.12
C TRP F 85 -52.39 -33.68 -76.59
N ASP F 86 -52.38 -32.86 -75.53
CA ASP F 86 -53.63 -32.39 -74.95
C ASP F 86 -54.46 -31.61 -75.96
N GLN F 87 -53.81 -31.06 -76.99
CA GLN F 87 -54.43 -30.28 -78.03
C GLN F 87 -55.09 -31.13 -79.12
N MET F 88 -55.17 -32.46 -78.94
CA MET F 88 -55.76 -33.37 -79.92
C MET F 88 -57.15 -33.86 -79.47
N PRO F 89 -58.07 -34.16 -80.40
CA PRO F 89 -59.41 -34.65 -80.00
C PRO F 89 -59.27 -35.92 -79.17
N ASP F 90 -60.20 -36.10 -78.25
CA ASP F 90 -60.13 -37.22 -77.32
C ASP F 90 -60.09 -38.64 -77.92
N PRO F 91 -60.75 -38.96 -79.04
CA PRO F 91 -60.59 -40.34 -79.54
C PRO F 91 -59.20 -40.42 -80.15
N LYS F 92 -58.15 -40.57 -79.32
CA LYS F 92 -56.77 -40.57 -79.81
C LYS F 92 -55.91 -41.70 -79.29
N TRP F 93 -54.87 -41.99 -80.05
CA TRP F 93 -53.89 -43.04 -79.80
C TRP F 93 -52.49 -42.45 -79.97
N CYS F 94 -51.48 -43.19 -79.51
CA CYS F 94 -50.10 -42.71 -79.62
C CYS F 94 -49.14 -43.86 -79.92
N ILE F 95 -48.27 -43.67 -80.89
CA ILE F 95 -47.29 -44.67 -81.29
C ILE F 95 -45.89 -44.12 -81.02
N SER F 96 -45.07 -44.86 -80.25
CA SER F 96 -43.70 -44.43 -79.96
C SER F 96 -42.80 -45.26 -80.88
N MET F 97 -42.25 -44.62 -81.90
CA MET F 97 -41.39 -45.29 -82.86
C MET F 97 -39.95 -45.25 -82.37
N GLY F 98 -39.31 -46.42 -82.35
CA GLY F 98 -37.94 -46.51 -81.90
C GLY F 98 -37.84 -46.55 -80.38
N GLY F 99 -36.74 -47.11 -79.90
CA GLY F 99 -36.52 -47.23 -78.46
C GLY F 99 -36.40 -45.90 -77.73
N CYS F 100 -35.89 -44.86 -78.40
CA CYS F 100 -35.74 -43.57 -77.75
C CYS F 100 -37.08 -43.04 -77.26
N ALA F 101 -38.09 -43.07 -78.14
CA ALA F 101 -39.41 -42.61 -77.75
C ALA F 101 -40.13 -43.66 -76.94
N SER F 102 -39.67 -44.91 -77.02
CA SER F 102 -40.32 -46.00 -76.29
C SER F 102 -39.85 -46.08 -74.84
N ALA F 103 -38.54 -46.12 -74.63
CA ALA F 103 -38.02 -46.25 -73.28
C ALA F 103 -36.79 -45.38 -73.00
N GLY F 104 -36.49 -44.41 -73.85
CA GLY F 104 -35.30 -43.60 -73.65
C GLY F 104 -34.16 -44.05 -74.53
N GLY F 105 -34.31 -45.21 -75.18
CA GLY F 105 -33.34 -45.78 -76.07
C GLY F 105 -31.92 -45.86 -75.55
N PRO F 106 -30.99 -45.55 -76.41
CA PRO F 106 -29.58 -45.64 -76.01
C PRO F 106 -29.07 -44.41 -75.28
N PHE F 107 -29.93 -43.55 -74.76
CA PHE F 107 -29.47 -42.34 -74.07
C PHE F 107 -29.90 -42.22 -72.61
N PRO F 108 -29.22 -42.95 -71.70
CA PRO F 108 -29.53 -42.83 -70.26
C PRO F 108 -28.77 -41.64 -69.68
N THR F 109 -29.05 -40.46 -70.21
CA THR F 109 -28.35 -39.26 -69.83
C THR F 109 -29.20 -38.22 -69.13
N TYR F 110 -28.48 -37.26 -68.56
CA TYR F 110 -29.02 -36.15 -67.81
C TYR F 110 -30.05 -35.33 -68.56
N SER F 111 -30.02 -35.35 -69.90
CA SER F 111 -30.95 -34.52 -70.66
C SER F 111 -32.00 -35.27 -71.47
N THR F 112 -32.05 -36.59 -71.41
CA THR F 112 -32.99 -37.36 -72.20
C THR F 112 -34.13 -37.91 -71.35
N LEU F 113 -35.35 -37.78 -71.86
CA LEU F 113 -36.54 -38.29 -71.21
C LEU F 113 -36.64 -39.77 -71.53
N GLN F 114 -36.59 -40.63 -70.50
CA GLN F 114 -36.61 -42.07 -70.67
C GLN F 114 -37.95 -42.68 -71.12
N GLY F 115 -38.35 -42.41 -72.35
CA GLY F 115 -39.60 -42.96 -72.86
C GLY F 115 -40.70 -41.93 -72.87
N VAL F 116 -41.44 -41.85 -73.98
CA VAL F 116 -42.49 -40.86 -74.01
C VAL F 116 -43.68 -41.33 -73.17
N ASP F 117 -43.78 -42.64 -72.88
CA ASP F 117 -44.94 -43.03 -72.09
C ASP F 117 -44.91 -42.51 -70.65
N ARG F 118 -43.92 -41.70 -70.29
CA ARG F 118 -43.84 -41.12 -68.97
C ARG F 118 -44.58 -39.80 -68.87
N ILE F 119 -44.99 -39.23 -70.00
CA ILE F 119 -45.74 -37.98 -70.03
C ILE F 119 -46.98 -38.06 -70.89
N ILE F 120 -47.10 -39.08 -71.75
CA ILE F 120 -48.22 -39.29 -72.65
C ILE F 120 -48.44 -40.78 -72.75
N PRO F 121 -49.66 -41.31 -72.50
CA PRO F 121 -49.84 -42.75 -72.64
C PRO F 121 -49.63 -43.14 -74.09
N VAL F 122 -48.96 -44.27 -74.31
CA VAL F 122 -48.71 -44.71 -75.68
C VAL F 122 -49.42 -46.05 -75.84
N ASP F 123 -49.92 -46.29 -77.03
CA ASP F 123 -50.65 -47.52 -77.27
C ASP F 123 -49.81 -48.58 -77.96
N VAL F 124 -48.81 -48.17 -78.75
CA VAL F 124 -47.97 -49.13 -79.45
C VAL F 124 -46.51 -48.67 -79.39
N TYR F 125 -45.63 -49.60 -79.07
CA TYR F 125 -44.20 -49.37 -78.99
C TYR F 125 -43.57 -50.09 -80.18
N ILE F 126 -42.78 -49.37 -80.96
CA ILE F 126 -42.15 -49.99 -82.12
C ILE F 126 -40.65 -50.10 -81.84
N PRO F 127 -40.12 -51.28 -81.54
CA PRO F 127 -38.68 -51.41 -81.29
C PRO F 127 -37.86 -51.31 -82.57
N GLY F 128 -36.59 -50.99 -82.40
CA GLY F 128 -35.71 -50.82 -83.54
C GLY F 128 -34.92 -49.54 -83.35
N CYS F 129 -33.80 -49.40 -84.05
CA CYS F 129 -32.94 -48.22 -83.87
C CYS F 129 -32.30 -47.83 -85.19
N PRO F 130 -33.09 -47.37 -86.17
CA PRO F 130 -34.54 -47.21 -86.16
C PRO F 130 -35.24 -48.43 -86.74
N PRO F 131 -36.56 -48.51 -86.62
CA PRO F 131 -37.27 -49.65 -87.21
C PRO F 131 -37.29 -49.46 -88.72
N THR F 132 -37.33 -50.58 -89.44
CA THR F 132 -37.36 -50.50 -90.90
C THR F 132 -38.74 -49.99 -91.33
N PRO F 133 -38.89 -49.56 -92.59
CA PRO F 133 -40.23 -49.09 -93.00
C PRO F 133 -41.29 -50.15 -92.81
N GLN F 134 -40.93 -51.43 -92.99
CA GLN F 134 -41.90 -52.48 -92.78
C GLN F 134 -42.22 -52.65 -91.30
N GLY F 135 -41.22 -52.44 -90.44
CA GLY F 135 -41.49 -52.54 -89.01
C GLY F 135 -42.42 -51.44 -88.56
N LEU F 136 -42.31 -50.25 -89.15
CA LEU F 136 -43.20 -49.17 -88.81
C LEU F 136 -44.60 -49.49 -89.33
N ILE F 137 -44.68 -50.15 -90.47
CA ILE F 137 -45.98 -50.52 -91.02
C ILE F 137 -46.61 -51.58 -90.13
N TYR F 138 -45.84 -52.62 -89.76
CA TYR F 138 -46.38 -53.65 -88.88
C TYR F 138 -46.85 -53.04 -87.57
N GLY F 139 -46.13 -52.01 -87.11
CA GLY F 139 -46.52 -51.35 -85.88
C GLY F 139 -47.86 -50.63 -86.02
N ILE F 140 -48.12 -50.08 -87.19
CA ILE F 140 -49.40 -49.40 -87.42
C ILE F 140 -50.53 -50.43 -87.47
N LEU F 141 -50.31 -51.56 -88.16
CA LEU F 141 -51.32 -52.61 -88.22
C LEU F 141 -51.69 -53.02 -86.81
N GLN F 142 -50.69 -53.08 -85.92
CA GLN F 142 -50.93 -53.42 -84.53
C GLN F 142 -51.84 -52.40 -83.87
N LEU F 143 -51.65 -51.11 -84.18
CA LEU F 143 -52.53 -50.09 -83.61
C LEU F 143 -53.94 -50.29 -84.15
N GLN F 144 -54.04 -50.62 -85.45
CA GLN F 144 -55.34 -50.88 -86.05
C GLN F 144 -55.96 -52.13 -85.45
N ARG F 145 -55.15 -53.16 -85.23
CA ARG F 145 -55.67 -54.38 -84.63
C ARG F 145 -56.34 -54.03 -83.31
N LYS F 146 -55.66 -53.21 -82.52
CA LYS F 146 -56.18 -52.81 -81.22
C LYS F 146 -57.51 -52.08 -81.36
N ILE F 147 -57.54 -51.06 -82.21
CA ILE F 147 -58.77 -50.28 -82.40
C ILE F 147 -59.89 -51.14 -82.97
N LYS F 148 -59.59 -51.98 -83.97
CA LYS F 148 -60.61 -52.84 -84.58
C LYS F 148 -61.34 -53.67 -83.55
N GLU F 149 -60.69 -53.98 -82.43
CA GLU F 149 -61.34 -54.77 -81.40
C GLU F 149 -61.47 -53.99 -80.09
N GLN F 150 -61.30 -52.67 -80.16
CA GLN F 150 -61.48 -51.80 -79.03
C GLN F 150 -62.92 -51.31 -79.02
N GLY F 151 -63.51 -51.21 -80.21
CA GLY F 151 -64.89 -50.85 -80.43
C GLY F 151 -65.71 -52.09 -80.74
N ILE F 152 -65.16 -53.28 -80.50
CA ILE F 152 -65.85 -54.53 -80.77
C ILE F 152 -66.24 -55.27 -79.49
N THR F 153 -65.68 -54.93 -78.33
CA THR F 153 -66.02 -55.64 -77.11
C THR F 153 -67.23 -55.02 -76.40
N LYS F 154 -67.10 -53.78 -75.94
CA LYS F 154 -68.23 -53.15 -75.24
C LYS F 154 -69.01 -52.27 -76.20
N LYS G 4 42.18 -49.57 -2.99
CA LYS G 4 42.79 -48.98 -4.19
C LYS G 4 44.16 -48.31 -3.96
N VAL G 5 44.49 -47.97 -2.72
CA VAL G 5 45.78 -47.34 -2.37
C VAL G 5 46.16 -47.78 -0.96
N LYS G 6 47.43 -48.05 -0.76
CA LYS G 6 47.95 -48.50 0.52
C LYS G 6 48.62 -47.35 1.26
N ILE G 7 48.30 -47.18 2.55
CA ILE G 7 48.87 -46.12 3.36
C ILE G 7 49.24 -46.71 4.72
N TYR G 8 49.90 -45.90 5.54
CA TYR G 8 50.33 -46.34 6.87
C TYR G 8 49.96 -45.35 7.97
N ILE G 9 49.25 -45.85 8.98
CA ILE G 9 48.83 -45.08 10.15
C ILE G 9 49.40 -45.82 11.35
N ASP G 10 50.47 -45.27 11.94
CA ASP G 10 51.15 -45.88 13.09
C ASP G 10 51.75 -47.23 12.70
N ASP G 11 52.44 -47.22 11.56
CA ASP G 11 53.14 -48.36 10.97
C ASP G 11 52.19 -49.50 10.64
N VAL G 12 50.88 -49.23 10.62
CA VAL G 12 49.86 -50.22 10.32
C VAL G 12 49.40 -50.01 8.87
N GLU G 13 49.61 -51.03 8.04
CA GLU G 13 49.20 -50.91 6.65
C GLU G 13 47.68 -50.85 6.57
N ILE G 14 47.17 -49.98 5.71
CA ILE G 14 45.73 -49.81 5.53
C ILE G 14 45.42 -49.53 4.07
N GLU G 15 44.42 -50.22 3.52
CA GLU G 15 43.98 -50.03 2.14
C GLU G 15 42.99 -48.87 2.12
N ALA G 16 43.14 -47.97 1.16
CA ALA G 16 42.25 -46.82 1.12
C ALA G 16 41.83 -46.43 -0.29
N GLU G 17 40.57 -46.05 -0.42
CA GLU G 17 39.99 -45.64 -1.69
C GLU G 17 40.61 -44.31 -2.11
N LYS G 18 41.21 -44.24 -3.30
CA LYS G 18 41.80 -42.96 -3.72
C LYS G 18 40.70 -41.90 -3.74
N GLY G 19 41.01 -40.71 -3.23
CA GLY G 19 40.02 -39.65 -3.16
C GLY G 19 39.52 -39.39 -1.75
N LYS G 20 39.75 -40.30 -0.80
CA LYS G 20 39.39 -40.14 0.60
C LYS G 20 40.52 -39.49 1.38
N THR G 21 40.18 -38.91 2.52
CA THR G 21 41.17 -38.27 3.38
C THR G 21 41.61 -39.21 4.48
N VAL G 22 42.78 -38.91 5.04
CA VAL G 22 43.33 -39.73 6.11
C VAL G 22 42.33 -39.84 7.26
N LEU G 23 41.68 -38.73 7.62
CA LEU G 23 40.73 -38.77 8.72
C LEU G 23 39.59 -39.75 8.43
N GLN G 24 39.05 -39.70 7.22
CA GLN G 24 37.98 -40.62 6.85
C GLN G 24 38.44 -42.06 6.97
N VAL G 25 39.59 -42.36 6.39
CA VAL G 25 40.14 -43.72 6.44
C VAL G 25 40.32 -44.18 7.88
N ALA G 26 40.85 -43.30 8.74
CA ALA G 26 41.08 -43.69 10.13
C ALA G 26 39.78 -44.06 10.82
N LEU G 27 38.75 -43.22 10.64
CA LEU G 27 37.45 -43.47 11.25
C LEU G 27 36.84 -44.75 10.72
N GLU G 28 36.94 -44.99 9.41
CA GLU G 28 36.42 -46.21 8.84
C GLU G 28 37.08 -47.45 9.43
N ASN G 29 38.35 -47.34 9.84
CA ASN G 29 39.13 -48.43 10.42
C ASN G 29 39.14 -48.44 11.94
N GLY G 30 38.24 -47.70 12.59
CA GLY G 30 38.20 -47.69 14.04
C GLY G 30 39.36 -47.00 14.76
N ILE G 31 40.15 -46.19 14.06
CA ILE G 31 41.25 -45.47 14.67
C ILE G 31 40.68 -44.12 15.08
N ASP G 32 40.42 -43.94 16.36
CA ASP G 32 39.82 -42.68 16.78
C ASP G 32 40.83 -41.54 16.73
N ILE G 33 40.50 -40.52 15.96
CA ILE G 33 41.27 -39.29 15.84
C ILE G 33 40.27 -38.23 16.26
N PRO G 34 40.56 -37.44 17.29
CA PRO G 34 39.58 -36.43 17.71
C PRO G 34 39.42 -35.37 16.63
N TYR G 35 38.19 -34.89 16.46
CA TYR G 35 37.89 -33.88 15.47
C TYR G 35 36.60 -33.17 15.86
N PHE G 36 36.48 -31.90 15.44
CA PHE G 36 35.30 -31.10 15.72
C PHE G 36 34.61 -30.55 14.49
N CYS G 37 35.33 -29.85 13.62
CA CYS G 37 34.72 -29.17 12.47
C CYS G 37 34.51 -30.07 11.26
N TYR G 38 35.14 -31.23 11.18
CA TYR G 38 34.88 -32.09 10.04
C TYR G 38 33.51 -32.75 10.21
N HIS G 39 32.74 -32.78 9.11
CA HIS G 39 31.42 -33.44 9.07
C HIS G 39 31.28 -34.04 7.67
N PRO G 40 30.96 -35.33 7.56
CA PRO G 40 30.85 -35.98 6.24
C PRO G 40 29.90 -35.34 5.26
N ARG G 41 28.95 -34.56 5.72
CA ARG G 41 27.94 -33.95 4.88
C ARG G 41 28.26 -32.49 4.52
N LEU G 42 29.26 -31.90 5.15
CA LEU G 42 29.62 -30.52 4.90
C LEU G 42 30.98 -30.41 4.22
N SER G 43 31.26 -29.23 3.68
CA SER G 43 32.56 -28.99 3.05
C SER G 43 33.62 -28.96 4.13
N ILE G 44 34.87 -29.32 3.79
CA ILE G 44 35.89 -29.35 4.82
C ILE G 44 36.25 -27.92 5.19
N ALA G 45 36.50 -27.70 6.47
CA ALA G 45 36.81 -26.37 6.97
C ALA G 45 38.25 -26.17 7.41
N GLY G 46 38.83 -27.16 8.08
CA GLY G 46 40.19 -27.04 8.58
C GLY G 46 40.33 -25.97 9.62
N ALA G 47 39.26 -25.69 10.35
CA ALA G 47 39.25 -24.63 11.34
C ALA G 47 39.59 -25.09 12.75
N CYS G 48 39.11 -26.26 13.17
CA CYS G 48 39.33 -26.67 14.56
C CYS G 48 40.77 -27.11 14.84
N ARG G 49 41.44 -27.74 13.88
CA ARG G 49 42.81 -28.21 13.95
C ARG G 49 43.00 -29.38 14.88
N MET G 50 41.92 -29.91 15.47
CA MET G 50 41.98 -31.03 16.42
C MET G 50 42.39 -32.35 15.77
N CYS G 51 42.20 -32.50 14.46
CA CYS G 51 42.51 -33.75 13.80
C CYS G 51 43.95 -33.87 13.37
N VAL G 52 44.85 -33.06 13.95
CA VAL G 52 46.25 -33.12 13.55
C VAL G 52 46.82 -34.50 13.71
N VAL G 53 47.71 -34.83 12.78
CA VAL G 53 48.49 -36.06 12.77
C VAL G 53 49.88 -35.64 12.31
N TYR G 54 50.86 -36.48 12.59
CA TYR G 54 52.23 -36.21 12.20
C TYR G 54 52.48 -36.89 10.86
N TRP G 55 52.76 -36.11 9.82
CA TRP G 55 53.01 -36.67 8.49
C TRP G 55 54.51 -36.85 8.38
N GLU G 56 54.98 -38.09 8.62
CA GLU G 56 56.41 -38.42 8.60
C GLU G 56 57.10 -38.00 7.32
N ASP G 57 56.46 -38.22 6.17
CA ASP G 57 57.05 -37.91 4.87
C ASP G 57 57.53 -36.47 4.75
N ILE G 58 56.82 -35.50 5.33
CA ILE G 58 57.26 -34.11 5.27
C ILE G 58 57.69 -33.60 6.63
N ASN G 59 57.72 -34.46 7.64
CA ASN G 59 58.14 -34.13 9.00
C ASN G 59 57.42 -32.88 9.50
N ARG G 60 56.10 -32.95 9.50
CA ARG G 60 55.30 -31.80 9.90
C ARG G 60 53.94 -32.22 10.44
N LEU G 61 53.36 -31.35 11.28
CA LEU G 61 52.03 -31.60 11.79
C LEU G 61 51.06 -31.14 10.72
N VAL G 62 50.09 -31.97 10.42
CA VAL G 62 49.15 -31.71 9.36
C VAL G 62 47.75 -32.09 9.81
N ILE G 63 46.73 -31.40 9.29
CA ILE G 63 45.36 -31.77 9.66
C ILE G 63 44.95 -32.91 8.74
N SER G 64 44.37 -33.97 9.32
CA SER G 64 43.96 -35.13 8.53
C SER G 64 42.64 -34.97 7.81
N CYS G 65 41.76 -34.06 8.25
CA CYS G 65 40.49 -33.91 7.55
C CYS G 65 40.65 -33.35 6.16
N ASN G 66 41.80 -32.75 5.88
CA ASN G 66 42.12 -32.14 4.60
C ASN G 66 43.27 -32.85 3.91
N LEU G 67 43.72 -33.97 4.44
CA LEU G 67 44.86 -34.67 3.88
C LEU G 67 44.42 -35.79 2.96
N PRO G 68 44.53 -35.61 1.64
CA PRO G 68 44.12 -36.68 0.73
C PRO G 68 45.09 -37.82 0.77
N VAL G 69 44.54 -39.01 0.59
CA VAL G 69 45.31 -40.25 0.63
C VAL G 69 46.26 -40.31 -0.56
N GLN G 70 47.51 -40.68 -0.30
CA GLN G 70 48.53 -40.83 -1.35
C GLN G 70 49.28 -42.13 -1.12
N GLU G 71 49.62 -42.79 -2.22
CA GLU G 71 50.31 -44.09 -2.16
C GLU G 71 51.60 -44.05 -1.34
N GLY G 72 51.68 -44.94 -0.35
CA GLY G 72 52.83 -45.10 0.52
C GLY G 72 53.03 -44.09 1.62
N MET G 73 52.10 -43.16 1.82
CA MET G 73 52.26 -42.15 2.86
C MET G 73 52.26 -42.77 4.24
N ARG G 74 53.00 -42.15 5.16
CA ARG G 74 53.15 -42.60 6.53
C ARG G 74 52.82 -41.49 7.49
N VAL G 75 51.79 -41.69 8.31
CA VAL G 75 51.40 -40.69 9.30
C VAL G 75 51.42 -41.34 10.67
N ARG G 76 51.42 -40.50 11.69
CA ARG G 76 51.39 -40.98 13.07
C ARG G 76 50.35 -40.18 13.83
N THR G 77 49.52 -40.88 14.61
CA THR G 77 48.48 -40.26 15.42
C THR G 77 48.99 -40.19 16.86
N HIS G 78 48.11 -39.79 17.78
CA HIS G 78 48.44 -39.70 19.20
C HIS G 78 48.92 -41.02 19.75
N ARG G 79 48.67 -42.13 19.04
CA ARG G 79 49.11 -43.45 19.49
C ARG G 79 50.62 -43.58 19.50
N THR G 80 51.32 -42.97 18.51
CA THR G 80 52.78 -43.06 18.46
C THR G 80 53.50 -41.72 18.30
N SER G 81 52.84 -40.59 18.50
CA SER G 81 53.52 -39.31 18.35
C SER G 81 53.25 -38.42 19.54
N GLU G 82 54.30 -38.13 20.32
CA GLU G 82 54.13 -37.24 21.46
C GLU G 82 53.84 -35.83 20.98
N MET G 83 54.34 -35.46 19.80
CA MET G 83 54.07 -34.14 19.26
C MET G 83 52.58 -33.95 19.11
N VAL G 84 51.92 -34.93 18.52
CA VAL G 84 50.49 -34.86 18.36
C VAL G 84 49.80 -34.81 19.72
N ARG G 85 50.23 -35.67 20.64
CA ARG G 85 49.64 -35.69 21.96
C ARG G 85 49.74 -34.33 22.65
N GLU G 86 50.89 -33.67 22.53
CA GLU G 86 51.01 -32.38 23.19
C GLU G 86 50.08 -31.34 22.58
N GLN G 87 49.92 -31.36 21.25
CA GLN G 87 49.03 -30.38 20.61
C GLN G 87 47.58 -30.68 20.93
N GLN G 88 47.22 -31.96 21.10
CA GLN G 88 45.86 -32.28 21.48
C GLN G 88 45.55 -31.68 22.84
N LYS G 89 46.49 -31.83 23.79
CA LYS G 89 46.29 -31.25 25.12
C LYS G 89 46.18 -29.73 25.03
N TYR G 90 46.95 -29.10 24.15
CA TYR G 90 46.87 -27.65 24.06
C TYR G 90 45.54 -27.21 23.47
N LEU G 91 45.16 -27.82 22.34
CA LEU G 91 43.90 -27.46 21.66
C LEU G 91 42.68 -27.64 22.57
N LEU G 92 42.62 -28.76 23.29
CA LEU G 92 41.50 -28.99 24.19
C LEU G 92 41.55 -28.02 25.35
N GLN G 93 42.75 -27.70 25.83
CA GLN G 93 42.86 -26.73 26.91
C GLN G 93 42.39 -25.37 26.43
N ALA G 94 42.71 -25.04 25.16
CA ALA G 94 42.31 -23.77 24.59
C ALA G 94 40.79 -23.67 24.53
N LEU G 95 40.15 -24.73 24.03
CA LEU G 95 38.69 -24.72 23.96
C LEU G 95 38.08 -24.56 25.33
N MET G 96 38.68 -25.19 26.35
CA MET G 96 38.17 -25.12 27.72
C MET G 96 38.46 -23.82 28.44
N THR G 97 39.37 -23.00 27.93
CA THR G 97 39.74 -21.76 28.61
C THR G 97 38.52 -20.93 29.03
N ARG G 98 37.61 -20.65 28.10
CA ARG G 98 36.43 -19.89 28.48
C ARG G 98 35.17 -20.73 28.44
N HIS G 99 35.30 -22.07 28.34
CA HIS G 99 34.15 -22.95 28.33
C HIS G 99 33.59 -23.04 29.76
N PRO G 100 32.30 -22.80 29.96
CA PRO G 100 31.75 -22.82 31.31
C PRO G 100 31.71 -24.19 31.96
N LEU G 101 31.55 -24.17 33.28
CA LEU G 101 31.42 -25.38 34.08
C LEU G 101 29.95 -25.79 34.10
N ASP G 102 29.33 -25.94 32.92
CA ASP G 102 27.90 -26.22 32.76
C ASP G 102 27.49 -27.68 32.61
N CYS G 103 28.42 -28.64 32.58
CA CYS G 103 28.03 -30.04 32.42
C CYS G 103 26.86 -30.49 33.29
N PRO G 104 26.75 -30.09 34.56
CA PRO G 104 25.61 -30.58 35.38
C PRO G 104 24.23 -30.25 34.81
N ILE G 105 24.07 -29.16 34.06
CA ILE G 105 22.77 -28.82 33.52
C ILE G 105 22.76 -28.70 32.01
N CYS G 106 23.89 -28.88 31.35
CA CYS G 106 23.93 -28.75 29.90
C CYS G 106 23.32 -29.97 29.23
N ASP G 107 22.42 -29.72 28.27
CA ASP G 107 21.72 -30.79 27.58
C ASP G 107 22.62 -31.71 26.77
N LYS G 108 23.86 -31.32 26.45
CA LYS G 108 24.71 -32.20 25.66
C LYS G 108 25.53 -33.18 26.49
N ALA G 109 25.55 -33.01 27.81
CA ALA G 109 26.33 -33.90 28.67
C ALA G 109 26.02 -35.35 28.37
N GLY G 110 27.07 -36.14 28.23
CA GLY G 110 26.96 -37.55 27.90
C GLY G 110 27.13 -37.85 26.43
N GLU G 111 26.85 -36.87 25.57
CA GLU G 111 27.00 -37.02 24.14
C GLU G 111 27.75 -35.83 23.55
N CYS G 112 28.64 -35.23 24.34
CA CYS G 112 29.40 -34.04 23.96
C CYS G 112 30.80 -34.34 23.43
N ASP G 113 31.14 -33.73 22.29
CA ASP G 113 32.47 -33.96 21.72
C ASP G 113 33.58 -33.37 22.57
N LEU G 114 33.39 -32.14 23.09
CA LEU G 114 34.42 -31.54 23.93
C LEU G 114 34.53 -32.28 25.25
N GLN G 115 33.39 -32.65 25.83
CA GLN G 115 33.39 -33.38 27.09
C GLN G 115 34.08 -34.73 26.91
N ASN G 116 33.77 -35.44 25.83
CA ASN G 116 34.41 -36.73 25.63
C ASN G 116 35.87 -36.58 25.26
N LEU G 117 36.16 -35.79 24.22
CA LEU G 117 37.53 -35.62 23.79
C LEU G 117 38.37 -34.96 24.89
N GLY G 118 37.79 -34.02 25.61
CA GLY G 118 38.54 -33.35 26.65
C GLY G 118 38.94 -34.27 27.78
N ALA G 119 38.13 -35.29 28.06
CA ALA G 119 38.48 -36.19 29.14
C ALA G 119 39.41 -37.31 28.70
N ILE G 120 39.40 -37.65 27.42
CA ILE G 120 40.21 -38.74 26.87
C ILE G 120 41.58 -38.26 26.44
N TYR G 121 41.62 -37.12 25.73
CA TYR G 121 42.87 -36.55 25.22
C TYR G 121 43.22 -35.19 25.82
N GLY G 122 42.42 -34.67 26.73
CA GLY G 122 42.66 -33.36 27.27
C GLY G 122 43.84 -33.28 28.22
N PRO G 123 44.00 -32.10 28.82
CA PRO G 123 45.12 -31.86 29.74
C PRO G 123 45.03 -32.63 31.05
N GLN G 124 43.84 -33.08 31.45
CA GLN G 124 43.58 -33.84 32.69
C GLN G 124 43.62 -32.96 33.92
N LYS G 125 44.06 -31.72 33.76
CA LYS G 125 44.14 -30.75 34.84
C LYS G 125 44.01 -29.37 34.21
N GLN G 126 43.77 -28.35 35.02
CA GLN G 126 43.65 -26.99 34.49
C GLN G 126 45.04 -26.38 34.48
N ILE G 127 45.55 -26.09 33.28
CA ILE G 127 46.85 -25.48 33.12
C ILE G 127 46.74 -23.96 33.04
N VAL G 128 45.75 -23.47 32.32
CA VAL G 128 45.46 -22.04 32.19
C VAL G 128 44.42 -21.72 33.25
N PRO G 129 44.81 -21.09 34.38
CA PRO G 129 43.88 -20.83 35.49
C PRO G 129 42.85 -19.72 35.32
N ILE G 130 41.69 -20.10 34.78
CA ILE G 130 40.55 -19.22 34.57
C ILE G 130 39.48 -19.62 35.57
N SER G 131 39.00 -18.67 36.37
CA SER G 131 37.97 -18.98 37.35
C SER G 131 36.68 -19.41 36.66
N ALA G 132 35.97 -20.37 37.28
CA ALA G 132 34.71 -20.83 36.70
C ALA G 132 33.71 -19.69 36.55
N LEU G 133 33.92 -18.60 37.28
CA LEU G 133 33.09 -17.42 37.29
C LEU G 133 33.49 -16.39 36.25
N GLU G 134 34.52 -16.65 35.45
CA GLU G 134 34.95 -15.73 34.39
C GLU G 134 34.92 -16.43 33.04
N LYS G 135 33.94 -17.30 32.82
CA LYS G 135 33.82 -18.04 31.58
C LYS G 135 32.87 -17.32 30.63
N GLU G 136 33.35 -16.22 30.06
CA GLU G 136 32.53 -15.39 29.19
C GLU G 136 33.05 -15.29 27.76
N ARG G 137 32.12 -14.98 26.86
CA ARG G 137 32.38 -14.74 25.44
C ARG G 137 31.25 -13.87 24.92
N GLU G 138 31.59 -13.00 23.95
CA GLU G 138 30.60 -12.12 23.34
C GLU G 138 29.40 -12.96 22.92
N GLU G 139 28.19 -12.49 23.23
CA GLU G 139 27.00 -13.24 22.89
C GLU G 139 25.81 -12.33 22.61
N HIS G 140 24.94 -12.78 21.73
CA HIS G 140 23.73 -12.06 21.35
C HIS G 140 22.57 -13.06 21.38
N ASP G 141 21.46 -12.62 21.97
CA ASP G 141 20.30 -13.49 22.05
C ASP G 141 19.74 -13.77 20.66
N TRP G 142 19.42 -15.03 20.42
CA TRP G 142 18.85 -15.43 19.14
C TRP G 142 17.39 -15.03 18.97
N GLU G 143 16.74 -14.57 20.04
CA GLU G 143 15.34 -14.16 20.01
C GLU G 143 14.45 -15.25 19.40
N SER G 144 14.46 -16.41 20.07
CA SER G 144 13.70 -17.56 19.61
C SER G 144 13.12 -18.39 20.75
N ASP G 145 12.01 -19.04 20.46
CA ASP G 145 11.37 -19.92 21.44
C ASP G 145 11.84 -21.35 21.30
N PHE G 146 12.68 -21.65 20.32
CA PHE G 146 13.07 -23.03 20.12
C PHE G 146 14.55 -23.26 20.14
N LEU G 147 15.35 -22.28 19.73
CA LEU G 147 16.78 -22.40 19.71
C LEU G 147 17.39 -21.38 20.66
N GLU G 148 18.45 -21.81 21.32
CA GLU G 148 19.19 -20.99 22.27
C GLU G 148 20.68 -21.19 22.02
N TYR G 149 21.42 -20.10 22.02
CA TYR G 149 22.85 -20.13 21.77
C TYR G 149 23.61 -19.72 23.02
N TYR G 150 24.60 -20.53 23.37
CA TYR G 150 25.47 -20.33 24.53
C TYR G 150 26.84 -20.10 23.91
N SER G 151 27.21 -18.84 23.62
CA SER G 151 28.48 -18.61 22.94
C SER G 151 29.69 -19.05 23.76
N ASN G 152 29.64 -19.01 25.09
CA ASN G 152 30.82 -19.46 25.83
C ASN G 152 31.01 -20.97 25.69
N ARG G 153 29.95 -21.71 25.36
CA ARG G 153 30.08 -23.14 25.12
C ARG G 153 30.51 -23.40 23.69
N CYS G 154 30.36 -22.38 22.82
CA CYS G 154 30.72 -22.50 21.42
C CYS G 154 32.22 -22.77 21.32
N VAL G 155 32.55 -23.72 20.47
CA VAL G 155 33.89 -24.24 20.25
C VAL G 155 34.26 -23.88 18.82
N VAL G 156 33.81 -22.70 18.39
CA VAL G 156 33.68 -22.21 17.02
C VAL G 156 34.42 -23.14 16.08
N CYS G 157 33.57 -23.88 15.36
CA CYS G 157 33.88 -24.96 14.43
C CYS G 157 33.23 -24.75 13.07
N TYR G 158 32.27 -23.83 12.96
CA TYR G 158 31.58 -23.42 11.76
C TYR G 158 30.71 -24.51 11.11
N ARG G 159 30.32 -25.55 11.86
CA ARG G 159 29.45 -26.57 11.29
C ARG G 159 28.05 -26.02 11.01
N CYS G 160 27.45 -25.33 11.99
CA CYS G 160 26.12 -24.75 11.77
C CYS G 160 26.14 -23.80 10.58
N THR G 161 27.12 -22.91 10.58
CA THR G 161 27.30 -21.97 9.48
C THR G 161 27.31 -22.70 8.16
N ARG G 162 28.14 -23.74 8.04
CA ARG G 162 28.19 -24.50 6.81
C ARG G 162 26.87 -25.24 6.52
N ALA G 163 26.28 -25.84 7.56
CA ALA G 163 25.03 -26.57 7.36
C ALA G 163 23.92 -25.67 6.85
N CYS G 164 23.78 -24.48 7.43
CA CYS G 164 22.73 -23.57 7.01
C CYS G 164 22.93 -23.12 5.57
N ASP G 165 24.18 -22.91 5.16
CA ASP G 165 24.45 -22.40 3.81
C ASP G 165 24.54 -23.47 2.75
N GLU G 166 25.14 -24.62 3.06
CA GLU G 166 25.35 -25.66 2.06
C GLU G 166 24.26 -26.71 2.00
N VAL G 167 23.63 -27.05 3.11
CA VAL G 167 22.60 -28.08 3.10
C VAL G 167 21.20 -27.51 2.95
N VAL G 168 20.74 -26.76 3.95
CA VAL G 168 19.39 -26.23 3.90
C VAL G 168 19.29 -25.09 2.90
N GLY G 169 20.31 -24.26 2.83
CA GLY G 169 20.34 -23.14 1.92
C GLY G 169 19.55 -21.95 2.40
N THR G 170 19.22 -21.91 3.68
CA THR G 170 18.43 -20.81 4.20
C THR G 170 19.28 -19.57 4.53
N ARG G 171 20.59 -19.71 4.75
CA ARG G 171 21.53 -18.61 5.02
C ARG G 171 21.05 -17.74 6.17
N ALA G 172 20.70 -18.39 7.26
CA ALA G 172 20.14 -17.70 8.39
C ALA G 172 21.14 -17.36 9.47
N LEU G 173 22.36 -17.86 9.38
CA LEU G 173 23.36 -17.57 10.40
C LEU G 173 24.55 -16.79 9.85
N TYR G 174 25.25 -16.09 10.75
CA TYR G 174 26.47 -15.39 10.39
C TYR G 174 27.35 -15.28 11.63
N VAL G 175 28.65 -15.04 11.43
CA VAL G 175 29.62 -14.90 12.51
C VAL G 175 29.74 -13.41 12.82
N GLU G 176 29.38 -13.02 14.05
CA GLU G 176 29.31 -11.63 14.49
C GLU G 176 30.53 -11.02 15.16
N ASP G 177 31.72 -11.19 14.63
CA ASP G 177 32.88 -10.56 15.21
C ASP G 177 34.06 -11.22 14.57
N ARG G 178 35.22 -10.93 15.11
CA ARG G 178 36.40 -11.57 14.63
C ARG G 178 37.20 -11.91 15.87
N GLY G 179 38.18 -12.77 15.71
CA GLY G 179 38.98 -13.09 16.85
C GLY G 179 38.34 -14.03 17.84
N PHE G 180 38.87 -13.96 19.06
CA PHE G 180 38.43 -14.84 20.13
C PHE G 180 36.94 -14.83 20.36
N HIS G 181 36.31 -13.66 20.29
CA HIS G 181 34.88 -13.55 20.55
C HIS G 181 33.99 -13.84 19.35
N SER G 182 34.48 -14.51 18.31
CA SER G 182 33.61 -14.85 17.18
C SER G 182 32.39 -15.62 17.70
N ASN G 183 31.19 -15.08 17.50
CA ASN G 183 29.97 -15.72 17.97
C ASN G 183 28.90 -15.81 16.89
N ILE G 184 28.11 -16.91 16.91
CA ILE G 184 27.06 -17.13 15.90
C ILE G 184 25.81 -16.33 16.25
N VAL G 185 25.23 -15.68 15.25
CA VAL G 185 24.03 -14.85 15.41
C VAL G 185 23.12 -15.06 14.22
N PRO G 186 21.80 -15.03 14.44
CA PRO G 186 20.90 -15.21 13.30
C PRO G 186 20.92 -13.96 12.44
N ALA G 187 20.89 -14.17 11.13
CA ALA G 187 20.92 -13.04 10.20
C ALA G 187 19.74 -12.10 10.41
N VAL G 188 18.60 -12.63 10.83
CA VAL G 188 17.40 -11.82 11.05
C VAL G 188 16.79 -12.21 12.38
N ARG G 189 16.37 -11.21 13.15
CA ARG G 189 15.72 -11.46 14.43
C ARG G 189 14.38 -10.73 14.47
N PRO G 190 13.33 -11.32 15.08
CA PRO G 190 13.26 -12.64 15.74
C PRO G 190 13.48 -13.80 14.77
N MET G 191 14.22 -14.78 15.27
CA MET G 191 14.58 -15.94 14.47
C MET G 191 13.39 -16.78 14.03
N ASP G 192 12.43 -17.01 14.92
CA ASP G 192 11.30 -17.89 14.61
C ASP G 192 10.50 -17.48 13.37
N THR G 193 10.59 -16.22 12.93
CA THR G 193 9.87 -15.79 11.74
C THR G 193 10.82 -15.31 10.63
N SER G 194 12.08 -15.69 10.71
CA SER G 194 13.13 -15.33 9.76
C SER G 194 13.18 -16.34 8.61
N THR G 195 14.22 -16.31 7.77
CA THR G 195 14.32 -17.29 6.67
C THR G 195 14.51 -18.69 7.20
N CYS G 196 15.02 -18.80 8.44
CA CYS G 196 15.26 -20.07 9.11
C CYS G 196 14.02 -20.96 9.08
N GLU G 197 14.23 -22.24 8.76
CA GLU G 197 13.17 -23.21 8.67
C GLU G 197 13.07 -24.11 9.90
N MET G 198 13.75 -23.76 10.99
CA MET G 198 13.68 -24.47 12.27
C MET G 198 13.78 -25.97 12.10
N CYS G 199 14.72 -26.38 11.28
CA CYS G 199 14.89 -27.79 10.97
C CYS G 199 15.70 -28.56 11.98
N GLY G 200 16.32 -27.90 12.97
CA GLY G 200 17.09 -28.62 13.95
C GLY G 200 18.42 -29.19 13.48
N ILE G 201 18.80 -28.98 12.21
CA ILE G 201 20.08 -29.50 11.74
C ILE G 201 21.23 -28.84 12.49
N CYS G 202 21.12 -27.52 12.79
CA CYS G 202 22.19 -26.88 13.56
C CYS G 202 22.28 -27.50 14.95
N VAL G 203 21.14 -27.86 15.55
CA VAL G 203 21.19 -28.48 16.87
C VAL G 203 21.96 -29.79 16.79
N HIS G 204 21.75 -30.52 15.71
CA HIS G 204 22.39 -31.82 15.58
C HIS G 204 23.86 -31.75 15.17
N VAL G 205 24.22 -30.83 14.27
CA VAL G 205 25.63 -30.80 13.87
C VAL G 205 26.51 -30.22 14.95
N CYS G 206 25.97 -29.42 15.86
CA CYS G 206 26.81 -28.82 16.91
C CYS G 206 27.49 -29.91 17.73
N PRO G 207 28.82 -29.93 17.81
CA PRO G 207 29.49 -30.98 18.59
C PRO G 207 29.39 -30.77 20.09
N VAL G 208 28.93 -29.60 20.53
CA VAL G 208 28.79 -29.29 21.95
C VAL G 208 27.38 -28.76 22.19
N GLY G 209 27.13 -28.27 23.40
CA GLY G 209 25.82 -27.75 23.73
C GLY G 209 25.70 -26.26 23.46
N ALA G 210 26.32 -25.79 22.39
CA ALA G 210 26.27 -24.36 22.07
C ALA G 210 24.91 -23.97 21.48
N ILE G 211 24.34 -24.83 20.63
CA ILE G 211 23.01 -24.64 20.04
C ILE G 211 22.11 -25.68 20.71
N ILE G 212 21.16 -25.21 21.49
CA ILE G 212 20.28 -26.06 22.29
C ILE G 212 18.84 -25.97 21.83
N SER G 213 18.14 -27.11 21.86
CA SER G 213 16.72 -27.18 21.52
C SER G 213 15.93 -26.94 22.79
N LYS G 214 15.35 -25.75 22.92
CA LYS G 214 14.59 -25.42 24.12
C LYS G 214 13.51 -26.43 24.51
N PRO G 215 12.77 -27.04 23.58
CA PRO G 215 11.77 -28.02 24.01
C PRO G 215 12.33 -29.15 24.84
N PHE G 216 13.60 -29.51 24.64
CA PHE G 216 14.23 -30.61 25.35
C PHE G 216 14.96 -30.19 26.61
N LYS G 217 15.24 -28.90 26.75
CA LYS G 217 16.04 -28.38 27.84
C LYS G 217 15.55 -28.77 29.24
N TYR G 218 16.44 -29.43 29.98
CA TYR G 218 16.36 -29.89 31.36
C TYR G 218 15.35 -31.00 31.62
N TRP G 219 14.62 -31.49 30.62
CA TRP G 219 13.64 -32.53 30.87
C TRP G 219 14.29 -33.88 31.13
N SER G 220 15.50 -34.11 30.66
CA SER G 220 16.16 -35.38 30.87
C SER G 220 17.67 -35.20 30.70
N ARG G 221 18.37 -36.30 30.52
CA ARG G 221 19.80 -36.36 30.29
C ARG G 221 19.97 -37.34 29.14
N SER G 222 20.85 -37.00 28.19
CA SER G 222 21.03 -37.83 27.00
C SER G 222 21.27 -39.31 27.31
N TRP G 223 21.97 -39.62 28.38
CA TRP G 223 22.23 -41.03 28.65
C TRP G 223 21.06 -41.77 29.31
N LEU G 224 19.94 -41.09 29.58
CA LEU G 224 18.78 -41.70 30.21
C LEU G 224 17.65 -42.06 29.25
N LEU G 225 17.84 -41.88 27.95
CA LEU G 225 16.80 -42.15 26.98
C LEU G 225 17.12 -43.37 26.12
N GLU G 226 16.07 -43.94 25.55
CA GLU G 226 16.16 -45.07 24.65
C GLU G 226 16.21 -44.52 23.24
N LYS G 227 16.78 -45.29 22.33
CA LYS G 227 16.93 -44.79 20.97
C LYS G 227 16.50 -45.84 19.97
N GLY G 228 15.84 -45.40 18.92
CA GLY G 228 15.41 -46.28 17.86
C GLY G 228 15.35 -45.46 16.59
N ARG G 229 15.54 -46.13 15.46
CA ARG G 229 15.50 -45.44 14.17
C ARG G 229 14.39 -46.03 13.30
N THR G 230 13.72 -45.15 12.56
CA THR G 230 12.62 -45.57 11.71
C THR G 230 12.44 -44.53 10.62
N VAL G 231 11.39 -44.69 9.84
CA VAL G 231 11.02 -43.83 8.73
C VAL G 231 10.10 -42.75 9.20
N CYS G 232 10.36 -41.53 8.77
CA CYS G 232 9.46 -40.45 9.10
C CYS G 232 8.33 -40.55 8.08
N ASN G 233 7.07 -40.53 8.56
CA ASN G 233 5.95 -40.63 7.64
C ASN G 233 5.10 -39.37 7.59
N LEU G 234 5.66 -38.23 7.99
CA LEU G 234 4.91 -36.98 7.99
C LEU G 234 4.81 -36.33 6.61
N CYS G 235 5.51 -36.85 5.60
CA CYS G 235 5.44 -36.34 4.25
C CYS G 235 6.03 -37.43 3.34
N PRO G 236 5.97 -37.28 2.01
CA PRO G 236 6.44 -38.39 1.17
C PRO G 236 7.94 -38.53 0.98
N VAL G 237 8.76 -37.69 1.61
CA VAL G 237 10.20 -37.80 1.36
C VAL G 237 10.76 -39.13 1.85
N GLY G 238 10.48 -39.51 3.09
CA GLY G 238 10.96 -40.76 3.62
C GLY G 238 12.24 -40.70 4.42
N CYS G 239 12.56 -39.56 5.02
CA CYS G 239 13.75 -39.45 5.83
C CYS G 239 13.78 -40.51 6.94
N GLU G 240 14.98 -40.93 7.30
CA GLU G 240 15.18 -41.88 8.37
C GLU G 240 15.55 -41.07 9.59
N ILE G 241 14.76 -41.18 10.66
CA ILE G 241 15.07 -40.38 11.83
C ILE G 241 15.17 -41.22 13.08
N GLN G 242 15.83 -40.64 14.07
CA GLN G 242 16.05 -41.30 15.34
C GLN G 242 15.11 -40.71 16.38
N ILE G 243 14.35 -41.59 17.05
CA ILE G 243 13.40 -41.20 18.07
C ILE G 243 14.01 -41.55 19.41
N GLU G 244 14.06 -40.59 20.32
CA GLU G 244 14.60 -40.82 21.67
C GLU G 244 13.43 -40.77 22.65
N TYR G 245 13.24 -41.88 23.35
CA TYR G 245 12.10 -42.03 24.25
C TYR G 245 12.45 -42.69 25.59
N GLY G 246 11.49 -42.60 26.49
CA GLY G 246 11.58 -43.20 27.80
C GLY G 246 10.60 -44.36 27.87
N VAL G 247 10.72 -45.13 28.94
CA VAL G 247 9.91 -46.33 29.13
C VAL G 247 9.05 -46.28 30.40
N GLY G 248 9.43 -45.52 31.41
CA GLY G 248 8.65 -45.44 32.64
C GLY G 248 9.38 -45.91 33.90
N ASP G 249 10.66 -46.24 33.80
CA ASP G 249 11.50 -46.68 34.90
C ASP G 249 12.19 -45.47 35.53
N TRP G 250 13.23 -45.72 36.32
CA TRP G 250 13.95 -44.65 36.99
C TRP G 250 14.64 -43.67 36.06
N ARG G 251 14.98 -44.07 34.83
CA ARG G 251 15.72 -43.19 33.92
C ARG G 251 14.88 -42.09 33.31
N SER G 252 13.71 -42.41 32.77
CA SER G 252 12.90 -41.41 32.09
C SER G 252 11.47 -41.88 31.90
N LYS G 253 10.58 -40.91 31.74
CA LYS G 253 9.15 -41.14 31.58
C LYS G 253 8.82 -41.89 30.30
N ARG G 254 7.69 -42.59 30.31
CA ARG G 254 7.23 -43.38 29.16
C ARG G 254 6.68 -42.44 28.09
N LYS G 255 7.57 -41.82 27.33
CA LYS G 255 7.14 -40.91 26.27
C LYS G 255 8.32 -40.62 25.36
N VAL G 256 8.03 -39.91 24.28
CA VAL G 256 9.03 -39.52 23.31
C VAL G 256 9.56 -38.18 23.78
N TYR G 257 10.89 -38.06 23.92
CA TYR G 257 11.53 -36.84 24.40
C TYR G 257 12.05 -35.95 23.29
N ARG G 258 12.57 -36.54 22.23
CA ARG G 258 13.08 -35.74 21.14
C ARG G 258 13.39 -36.68 20.01
N THR G 259 13.76 -36.08 18.90
CA THR G 259 14.07 -36.82 17.70
C THR G 259 15.33 -36.20 17.13
N LYS G 260 16.03 -36.96 16.30
CA LYS G 260 17.27 -36.51 15.68
C LYS G 260 17.40 -37.07 14.28
N PRO G 261 18.08 -36.35 13.38
CA PRO G 261 18.33 -36.88 12.05
C PRO G 261 19.56 -37.77 12.10
N THR G 262 19.83 -38.41 10.99
CA THR G 262 21.03 -39.25 10.91
C THR G 262 22.19 -38.35 10.47
N ASP G 263 23.36 -38.96 10.26
CA ASP G 263 24.44 -38.09 9.81
C ASP G 263 24.24 -37.62 8.38
N GLU G 264 23.19 -38.11 7.67
CA GLU G 264 22.90 -37.63 6.33
C GLU G 264 22.16 -36.30 6.39
N LEU G 265 21.77 -35.87 7.59
CA LEU G 265 21.12 -34.59 7.82
C LEU G 265 19.84 -34.40 7.01
N ASN G 266 19.07 -35.47 6.90
CA ASN G 266 17.78 -35.47 6.22
C ASN G 266 16.71 -35.27 7.30
N ILE G 267 16.24 -34.03 7.46
CA ILE G 267 15.19 -33.76 8.45
C ILE G 267 14.67 -32.34 8.25
N CYS G 268 13.42 -32.11 8.61
CA CYS G 268 12.76 -30.81 8.50
C CYS G 268 12.15 -30.49 9.88
N ALA G 269 11.57 -29.31 10.01
CA ALA G 269 10.95 -28.96 11.30
C ALA G 269 9.89 -29.96 11.70
N LYS G 270 9.12 -30.47 10.72
CA LYS G 270 8.06 -31.41 11.06
C LYS G 270 8.64 -32.63 11.77
N GLY G 271 9.79 -33.11 11.29
CA GLY G 271 10.45 -34.25 11.91
C GLY G 271 11.25 -33.93 13.16
N PHE G 272 11.83 -32.74 13.25
CA PHE G 272 12.62 -32.43 14.44
C PHE G 272 11.76 -31.97 15.61
N PHE G 273 10.76 -31.13 15.37
CA PHE G 273 9.95 -30.64 16.47
C PHE G 273 8.58 -31.28 16.59
N GLY G 274 8.19 -32.12 15.63
CA GLY G 274 6.88 -32.72 15.69
C GLY G 274 6.78 -33.98 16.49
N TYR G 275 7.87 -34.42 17.14
CA TYR G 275 7.85 -35.65 17.91
C TYR G 275 6.70 -35.65 18.93
N ASP G 276 6.36 -34.47 19.50
CA ASP G 276 5.32 -34.41 20.52
C ASP G 276 3.95 -34.84 20.01
N SER G 277 3.77 -34.97 18.69
CA SER G 277 2.49 -35.47 18.19
C SER G 277 2.32 -36.94 18.54
N ILE G 278 3.40 -37.63 18.89
CA ILE G 278 3.35 -39.03 19.29
C ILE G 278 2.83 -39.17 20.71
N ASN G 279 3.02 -38.15 21.54
CA ASN G 279 2.60 -38.19 22.94
C ASN G 279 1.19 -37.66 23.17
N HIS G 280 0.63 -36.96 22.20
CA HIS G 280 -0.65 -36.28 22.29
C HIS G 280 -1.87 -37.18 22.24
N LYS G 281 -2.65 -37.18 23.33
CA LYS G 281 -3.95 -37.83 23.51
C LYS G 281 -4.11 -39.11 22.71
N ARG G 282 -3.20 -40.05 22.89
CA ARG G 282 -3.21 -41.25 22.07
C ARG G 282 -4.33 -42.23 22.38
N LEU G 283 -4.73 -42.94 21.32
CA LEU G 283 -5.74 -43.98 21.35
C LEU G 283 -4.95 -45.26 21.18
N LEU G 284 -4.77 -46.02 22.27
CA LEU G 284 -3.96 -47.24 22.18
C LEU G 284 -4.68 -48.55 22.46
N LYS G 285 -5.99 -48.53 22.73
CA LYS G 285 -6.77 -49.72 22.98
C LYS G 285 -8.06 -49.64 22.17
N THR G 286 -8.59 -50.78 21.73
CA THR G 286 -9.84 -50.74 20.97
C THR G 286 -10.98 -50.34 21.89
N LYS G 287 -11.85 -49.47 21.40
CA LYS G 287 -12.97 -49.01 22.20
C LYS G 287 -14.27 -49.04 21.41
N VAL G 288 -15.36 -49.23 22.14
CA VAL G 288 -16.71 -49.18 21.62
C VAL G 288 -17.37 -48.06 22.43
N GLY G 289 -17.64 -46.94 21.77
CA GLY G 289 -18.19 -45.82 22.50
C GLY G 289 -17.03 -45.26 23.30
N LYS G 290 -17.20 -45.12 24.61
CA LYS G 290 -16.12 -44.66 25.47
C LYS G 290 -15.52 -45.80 26.29
N ARG G 291 -16.10 -46.97 26.20
CA ARG G 291 -15.65 -48.12 26.95
C ARG G 291 -14.62 -48.92 26.18
N GLU G 292 -13.56 -49.31 26.87
CA GLU G 292 -12.57 -50.15 26.24
C GLU G 292 -13.19 -51.53 26.01
N GLU G 293 -12.83 -52.15 24.90
CA GLU G 293 -13.35 -53.45 24.52
C GLU G 293 -12.17 -54.30 24.03
N THR G 294 -12.31 -55.61 24.14
CA THR G 294 -11.23 -56.49 23.70
C THR G 294 -11.12 -56.47 22.18
N PRO G 295 -9.90 -56.56 21.64
CA PRO G 295 -9.73 -56.58 20.17
C PRO G 295 -10.52 -57.72 19.55
N GLY G 296 -10.59 -58.87 20.23
CA GLY G 296 -11.36 -59.98 19.70
C GLY G 296 -12.82 -59.65 19.52
N ASN G 297 -13.40 -58.91 20.48
CA ASN G 297 -14.81 -58.54 20.36
C ASN G 297 -15.04 -57.53 19.26
N VAL G 298 -14.10 -56.58 19.09
CA VAL G 298 -14.24 -55.60 18.01
C VAL G 298 -14.10 -56.28 16.66
N VAL G 299 -13.20 -57.26 16.56
CA VAL G 299 -13.05 -57.97 15.30
C VAL G 299 -14.36 -58.65 14.95
N ASN G 300 -15.10 -59.11 15.95
CA ASN G 300 -16.39 -59.72 15.64
C ASN G 300 -17.38 -58.69 15.10
N LEU G 301 -17.44 -57.50 15.69
CA LEU G 301 -18.33 -56.47 15.15
C LEU G 301 -17.97 -56.20 13.70
N LEU G 302 -16.69 -55.92 13.44
CA LEU G 302 -16.26 -55.67 12.07
C LEU G 302 -16.55 -56.85 11.17
N THR G 303 -16.34 -58.07 11.66
CA THR G 303 -16.61 -59.24 10.82
C THR G 303 -18.05 -59.28 10.37
N THR G 304 -18.99 -58.92 11.26
CA THR G 304 -20.40 -58.93 10.91
C THR G 304 -20.73 -57.81 9.94
N ILE G 305 -20.25 -56.59 10.22
CA ILE G 305 -20.51 -55.45 9.34
C ILE G 305 -20.12 -55.77 7.91
N LEU G 306 -18.88 -56.25 7.70
CA LEU G 306 -18.42 -56.57 6.35
C LEU G 306 -19.03 -57.86 5.78
N THR G 307 -19.31 -58.86 6.61
CA THR G 307 -19.86 -60.11 6.06
C THR G 307 -21.34 -59.97 5.74
N GLU G 308 -22.11 -59.36 6.64
CA GLU G 308 -23.53 -59.22 6.42
C GLU G 308 -23.90 -57.94 5.67
N HIS G 309 -23.02 -56.91 5.63
CA HIS G 309 -23.36 -55.65 4.98
C HIS G 309 -22.21 -55.05 4.19
N GLY G 310 -21.34 -55.89 3.61
CA GLY G 310 -20.21 -55.35 2.88
C GLY G 310 -20.62 -54.42 1.75
N GLY G 311 -21.70 -54.76 1.05
CA GLY G 311 -22.24 -53.98 -0.07
C GLY G 311 -22.83 -52.64 0.30
N LYS G 312 -22.94 -52.35 1.60
CA LYS G 312 -23.44 -51.08 2.12
C LYS G 312 -22.38 -50.45 3.02
N THR G 313 -21.13 -50.86 2.86
CA THR G 313 -20.01 -50.37 3.67
C THR G 313 -19.00 -49.66 2.79
N GLY G 314 -18.49 -48.54 3.30
CA GLY G 314 -17.50 -47.76 2.60
C GLY G 314 -16.26 -47.67 3.46
N ILE G 315 -15.09 -47.67 2.83
CA ILE G 315 -13.81 -47.60 3.51
C ILE G 315 -12.99 -46.43 2.96
N VAL G 316 -12.61 -45.51 3.83
CA VAL G 316 -11.82 -44.34 3.44
C VAL G 316 -10.37 -44.58 3.90
N PHE G 317 -9.51 -44.89 2.95
CA PHE G 317 -8.14 -45.14 3.31
C PHE G 317 -7.44 -43.84 3.65
N SER G 318 -6.31 -43.97 4.33
CA SER G 318 -5.50 -42.83 4.70
C SER G 318 -4.13 -43.01 4.08
N ALA G 319 -3.59 -41.94 3.55
CA ALA G 319 -2.27 -42.06 2.96
C ALA G 319 -1.19 -42.13 4.01
N TYR G 320 -1.53 -42.16 5.31
CA TYR G 320 -0.49 -42.24 6.33
C TYR G 320 -0.39 -43.63 6.89
N LEU G 321 -0.92 -44.59 6.21
CA LEU G 321 -0.92 -46.00 6.55
C LEU G 321 0.19 -46.73 5.81
N PRO G 322 0.79 -47.74 6.42
CA PRO G 322 1.84 -48.46 5.72
C PRO G 322 1.26 -49.35 4.65
N LYS G 323 2.13 -49.74 3.73
CA LYS G 323 1.71 -50.59 2.63
C LYS G 323 1.01 -51.86 3.11
N GLU G 324 1.59 -52.55 4.10
CA GLU G 324 1.03 -53.83 4.58
C GLU G 324 -0.40 -53.71 5.12
N VAL G 325 -0.74 -52.60 5.76
CA VAL G 325 -2.11 -52.44 6.27
C VAL G 325 -3.06 -52.13 5.12
N ILE G 326 -2.65 -51.21 4.25
CA ILE G 326 -3.43 -50.87 3.06
C ILE G 326 -3.75 -52.12 2.29
N ASP G 327 -2.78 -53.01 2.12
CA ASP G 327 -2.99 -54.25 1.37
C ASP G 327 -4.01 -55.14 2.07
N GLU G 328 -3.84 -55.33 3.37
CA GLU G 328 -4.75 -56.19 4.13
C GLU G 328 -6.16 -55.63 4.15
N VAL G 329 -6.29 -54.33 4.41
CA VAL G 329 -7.62 -53.73 4.43
C VAL G 329 -8.27 -53.85 3.06
N LEU G 330 -7.55 -53.46 2.02
CA LEU G 330 -8.09 -53.55 0.67
C LEU G 330 -8.47 -55.00 0.37
N ARG G 331 -7.67 -55.97 0.82
CA ARG G 331 -8.03 -57.34 0.55
C ARG G 331 -9.35 -57.70 1.21
N ILE G 332 -9.58 -57.20 2.43
CA ILE G 332 -10.84 -57.47 3.10
C ILE G 332 -11.97 -56.81 2.33
N ALA G 333 -11.76 -55.56 1.91
CA ALA G 333 -12.78 -54.86 1.11
C ALA G 333 -13.17 -55.68 -0.12
N LYS G 334 -12.18 -56.22 -0.86
CA LYS G 334 -12.49 -57.04 -2.03
C LYS G 334 -13.16 -58.36 -1.67
N ALA G 335 -13.09 -58.75 -0.41
CA ALA G 335 -13.74 -59.98 0.01
C ALA G 335 -15.16 -59.72 0.49
N SER G 336 -15.53 -58.43 0.58
CA SER G 336 -16.83 -57.97 1.04
C SER G 336 -17.66 -57.22 0.01
N GLN G 337 -17.11 -56.93 -1.17
CA GLN G 337 -17.83 -56.21 -2.22
C GLN G 337 -18.26 -54.82 -1.76
N ALA G 338 -17.32 -54.12 -1.11
CA ALA G 338 -17.51 -52.79 -0.55
C ALA G 338 -17.03 -51.67 -1.49
N TYR G 339 -17.15 -50.45 -1.01
CA TYR G 339 -16.73 -49.24 -1.67
C TYR G 339 -15.41 -48.83 -1.04
N VAL G 340 -14.46 -48.40 -1.83
CA VAL G 340 -13.18 -47.97 -1.30
C VAL G 340 -12.87 -46.60 -1.88
N THR G 341 -12.31 -45.72 -1.05
CA THR G 341 -11.96 -44.38 -1.51
C THR G 341 -10.78 -43.89 -0.68
N ALA G 342 -10.38 -42.65 -0.96
CA ALA G 342 -9.29 -42.01 -0.26
C ALA G 342 -9.48 -40.52 -0.48
N PRO G 343 -9.22 -39.67 0.51
CA PRO G 343 -9.37 -38.24 0.27
C PRO G 343 -8.53 -37.76 -0.90
N GLN G 344 -7.43 -38.44 -1.21
CA GLN G 344 -6.61 -38.03 -2.33
C GLN G 344 -7.33 -38.24 -3.66
N SER G 345 -8.49 -38.87 -3.65
CA SER G 345 -9.25 -39.06 -4.87
C SER G 345 -9.75 -37.74 -5.42
N VAL G 346 -9.82 -36.70 -4.57
CA VAL G 346 -10.30 -35.40 -4.99
C VAL G 346 -9.34 -34.73 -5.96
N ASP G 347 -8.05 -34.73 -5.65
CA ASP G 347 -7.11 -34.08 -6.55
C ASP G 347 -6.06 -35.00 -7.14
N LEU G 348 -5.25 -35.65 -6.30
CA LEU G 348 -4.15 -36.50 -6.79
C LEU G 348 -4.61 -37.60 -7.74
N PHE G 349 -5.59 -38.41 -7.35
CA PHE G 349 -5.99 -39.51 -8.23
C PHE G 349 -6.47 -39.01 -9.58
N LYS G 350 -7.20 -37.88 -9.60
CA LYS G 350 -7.66 -37.33 -10.87
C LYS G 350 -6.48 -36.91 -11.73
N PHE G 351 -5.47 -36.30 -11.11
CA PHE G 351 -4.29 -35.87 -11.85
C PHE G 351 -3.55 -37.04 -12.48
N LEU G 352 -3.24 -38.08 -11.71
CA LEU G 352 -2.49 -39.24 -12.24
C LEU G 352 -3.30 -39.98 -13.28
N ASP G 353 -4.63 -39.93 -13.17
CA ASP G 353 -5.49 -40.59 -14.14
C ASP G 353 -5.25 -40.01 -15.54
N GLU G 354 -5.05 -38.68 -15.60
CA GLU G 354 -4.77 -37.97 -16.84
C GLU G 354 -3.31 -38.08 -17.25
N LEU G 355 -2.38 -37.88 -16.31
CA LEU G 355 -0.95 -37.94 -16.63
C LEU G 355 -0.57 -39.26 -17.27
N GLU G 356 -1.22 -40.33 -16.85
CA GLU G 356 -1.12 -41.71 -17.31
C GLU G 356 0.17 -42.45 -17.03
N GLU G 357 1.28 -41.76 -16.80
CA GLU G 357 2.56 -42.43 -16.51
C GLU G 357 3.48 -41.36 -16.04
N TYR G 358 4.06 -41.56 -14.86
CA TYR G 358 4.90 -40.58 -14.24
C TYR G 358 6.23 -41.16 -13.83
N ASP G 359 7.11 -40.27 -13.39
CA ASP G 359 8.41 -40.69 -12.92
C ASP G 359 8.43 -40.46 -11.42
N PHE G 360 9.19 -41.31 -10.72
CA PHE G 360 9.33 -41.21 -9.27
C PHE G 360 10.73 -41.64 -8.89
N PRO G 361 11.74 -40.87 -9.31
CA PRO G 361 13.13 -41.23 -9.00
C PRO G 361 13.48 -40.93 -7.55
N THR G 362 14.53 -41.59 -7.07
CA THR G 362 14.97 -41.34 -5.71
C THR G 362 15.71 -40.01 -5.66
N VAL G 363 15.91 -39.52 -4.44
CA VAL G 363 16.62 -38.26 -4.24
C VAL G 363 18.00 -38.35 -4.86
N LYS G 364 18.62 -39.52 -4.75
CA LYS G 364 19.95 -39.69 -5.32
C LYS G 364 19.94 -39.35 -6.79
N GLU G 365 18.87 -39.74 -7.50
CA GLU G 365 18.81 -39.48 -8.93
C GLU G 365 18.64 -38.00 -9.28
N PHE G 366 18.41 -37.13 -8.31
CA PHE G 366 18.26 -35.71 -8.61
C PHE G 366 19.55 -35.11 -9.14
N GLU G 367 20.70 -35.73 -8.83
CA GLU G 367 21.99 -35.22 -9.29
C GLU G 367 22.04 -35.14 -10.82
N LYS G 368 21.44 -36.11 -11.48
CA LYS G 368 21.38 -36.21 -12.94
C LYS G 368 20.51 -35.15 -13.59
N ALA G 369 19.82 -34.29 -12.85
CA ALA G 369 18.97 -33.30 -13.52
C ALA G 369 19.76 -32.06 -13.89
N ASP G 370 19.36 -31.44 -15.00
CA ASP G 370 20.02 -30.22 -15.45
C ASP G 370 19.29 -29.00 -14.93
N ALA G 371 17.97 -29.11 -14.79
CA ALA G 371 17.14 -28.04 -14.26
C ALA G 371 15.95 -28.68 -13.58
N PHE G 372 15.21 -27.86 -12.83
CA PHE G 372 14.01 -28.28 -12.13
C PHE G 372 12.91 -27.30 -12.41
N VAL G 373 11.69 -27.80 -12.51
CA VAL G 373 10.49 -26.98 -12.68
C VAL G 373 9.56 -27.34 -11.54
N PHE G 374 9.25 -26.36 -10.69
CA PHE G 374 8.35 -26.57 -9.57
C PHE G 374 7.00 -26.03 -10.00
N ILE G 375 5.98 -26.90 -10.06
CA ILE G 375 4.63 -26.51 -10.48
C ILE G 375 3.67 -26.77 -9.33
N GLY G 376 2.96 -25.73 -8.91
CA GLY G 376 1.98 -25.81 -7.86
C GLY G 376 2.28 -25.03 -6.59
N ASP G 377 2.38 -25.74 -5.48
CA ASP G 377 2.63 -25.17 -4.17
C ASP G 377 4.14 -24.97 -3.95
N ASP G 378 4.48 -24.53 -2.75
CA ASP G 378 5.84 -24.29 -2.29
C ASP G 378 6.42 -25.66 -1.91
N ILE G 379 7.25 -26.24 -2.78
CA ILE G 379 7.85 -27.56 -2.52
C ILE G 379 8.51 -27.62 -1.15
N THR G 380 9.19 -26.53 -0.75
CA THR G 380 9.83 -26.53 0.55
C THR G 380 8.84 -26.69 1.70
N SER G 381 7.58 -26.36 1.48
CA SER G 381 6.54 -26.49 2.51
C SER G 381 5.78 -27.84 2.44
N VAL G 382 5.93 -28.60 1.36
CA VAL G 382 5.26 -29.87 1.12
C VAL G 382 6.21 -31.06 1.35
N ALA G 383 7.32 -31.13 0.61
CA ALA G 383 8.31 -32.20 0.80
C ALA G 383 9.61 -31.46 1.05
N THR G 384 9.72 -30.91 2.26
CA THR G 384 10.84 -30.03 2.62
C THR G 384 12.24 -30.55 2.27
N VAL G 385 12.62 -31.73 2.75
CA VAL G 385 13.98 -32.16 2.47
C VAL G 385 14.32 -32.22 0.98
N LEU G 386 13.34 -32.39 0.08
CA LEU G 386 13.69 -32.38 -1.34
C LEU G 386 14.43 -31.10 -1.73
N SER G 387 14.09 -29.97 -1.11
CA SER G 387 14.73 -28.70 -1.41
C SER G 387 16.20 -28.65 -0.98
N TYR G 388 16.67 -29.62 -0.22
CA TYR G 388 18.07 -29.65 0.14
C TYR G 388 18.88 -30.30 -0.96
N TYR G 389 18.20 -30.87 -1.96
CA TYR G 389 18.82 -31.58 -3.07
C TYR G 389 18.55 -31.00 -4.45
N THR G 390 17.71 -29.98 -4.58
CA THR G 390 17.46 -29.36 -5.88
C THR G 390 18.38 -28.15 -5.90
N LYS G 391 19.64 -28.40 -6.23
CA LYS G 391 20.70 -27.39 -6.26
C LYS G 391 20.99 -26.87 -7.68
N LYS G 392 20.22 -27.27 -8.67
CA LYS G 392 20.39 -26.83 -10.03
C LYS G 392 19.46 -25.64 -10.32
N LYS G 393 19.35 -25.29 -11.59
CA LYS G 393 18.49 -24.19 -11.97
C LYS G 393 17.05 -24.59 -11.69
N VAL G 394 16.30 -23.71 -11.04
CA VAL G 394 14.91 -23.99 -10.68
C VAL G 394 13.99 -22.97 -11.33
N TYR G 395 13.06 -23.44 -12.15
CA TYR G 395 12.04 -22.63 -12.78
C TYR G 395 10.79 -22.85 -11.94
N LYS G 396 9.92 -21.85 -11.89
CA LYS G 396 8.75 -22.01 -11.05
C LYS G 396 7.47 -21.52 -11.71
N ILE G 397 6.39 -22.26 -11.46
CA ILE G 397 5.03 -21.96 -11.91
C ILE G 397 4.18 -22.16 -10.68
N GLY G 398 3.67 -21.07 -10.09
CA GLY G 398 2.84 -21.30 -8.94
C GLY G 398 3.26 -20.51 -7.72
N LYS G 399 2.82 -20.99 -6.56
CA LYS G 399 3.11 -20.36 -5.28
C LYS G 399 4.61 -20.46 -4.96
N SER G 400 5.16 -19.40 -4.38
CA SER G 400 6.59 -19.37 -4.06
C SER G 400 6.82 -18.61 -2.76
N VAL G 401 7.13 -19.33 -1.70
CA VAL G 401 7.37 -18.68 -0.42
C VAL G 401 8.75 -19.05 0.10
N ARG G 402 8.92 -20.29 0.54
CA ARG G 402 10.23 -20.69 1.03
C ARG G 402 11.09 -21.13 -0.13
N ASP G 403 10.47 -21.37 -1.29
CA ASP G 403 11.22 -21.78 -2.48
C ASP G 403 12.11 -20.65 -2.99
N GLU G 404 11.85 -19.42 -2.56
CA GLU G 404 12.66 -18.31 -3.01
C GLU G 404 14.10 -18.46 -2.60
N LYS G 405 14.39 -19.30 -1.59
CA LYS G 405 15.77 -19.54 -1.20
C LYS G 405 16.54 -20.17 -2.35
N LEU G 406 15.84 -20.74 -3.31
CA LEU G 406 16.44 -21.35 -4.48
C LEU G 406 16.52 -20.38 -5.65
N GLN G 407 16.08 -19.14 -5.46
CA GLN G 407 16.09 -18.12 -6.50
C GLN G 407 15.43 -18.67 -7.77
N PRO G 408 14.20 -19.15 -7.67
CA PRO G 408 13.58 -19.71 -8.86
C PRO G 408 13.18 -18.62 -9.84
N GLU G 409 13.24 -18.97 -11.11
CA GLU G 409 12.87 -18.10 -12.21
C GLU G 409 11.43 -18.48 -12.59
N GLU G 410 10.53 -17.52 -12.50
CA GLU G 410 9.14 -17.77 -12.86
C GLU G 410 9.01 -17.91 -14.37
N ILE G 411 8.18 -18.86 -14.81
CA ILE G 411 7.95 -19.13 -16.23
C ILE G 411 6.48 -19.46 -16.44
N THR G 412 6.13 -19.69 -17.70
CA THR G 412 4.78 -20.03 -18.08
C THR G 412 4.78 -21.43 -18.69
N TYR G 413 3.58 -22.02 -18.80
CA TYR G 413 3.50 -23.36 -19.37
C TYR G 413 4.01 -23.36 -20.81
N GLU G 414 3.82 -22.23 -21.51
CA GLU G 414 4.27 -22.13 -22.90
C GLU G 414 5.79 -22.10 -22.99
N ASP G 415 6.45 -21.58 -21.95
CA ASP G 415 7.91 -21.54 -21.93
C ASP G 415 8.51 -22.91 -21.70
N LEU G 416 7.74 -23.83 -21.12
CA LEU G 416 8.24 -25.17 -20.88
C LEU G 416 8.65 -25.84 -22.18
N GLN G 417 7.91 -25.56 -23.25
CA GLN G 417 8.22 -26.16 -24.54
C GLN G 417 9.67 -25.85 -24.95
N ASN G 418 10.24 -24.74 -24.49
CA ASN G 418 11.58 -24.34 -24.87
C ASN G 418 12.68 -24.75 -23.90
N LEU G 419 12.38 -25.42 -22.80
CA LEU G 419 13.49 -25.85 -21.95
C LEU G 419 14.26 -26.94 -22.68
N GLU G 420 15.52 -27.12 -22.32
CA GLU G 420 16.29 -28.12 -23.05
C GLU G 420 17.19 -28.94 -22.14
N GLY G 421 17.06 -30.25 -22.26
CA GLY G 421 17.92 -31.17 -21.57
C GLY G 421 17.64 -31.62 -20.17
N ASN G 422 17.20 -32.87 -20.01
CA ASN G 422 16.95 -33.53 -18.72
C ASN G 422 16.38 -32.63 -17.63
N VAL G 423 15.15 -32.17 -17.87
CA VAL G 423 14.43 -31.32 -16.93
C VAL G 423 13.53 -32.21 -16.07
N PHE G 424 13.56 -31.98 -14.76
CA PHE G 424 12.73 -32.69 -13.79
C PHE G 424 11.58 -31.74 -13.41
N VAL G 425 10.35 -32.18 -13.65
CA VAL G 425 9.17 -31.39 -13.30
C VAL G 425 8.59 -31.96 -12.00
N LEU G 426 8.60 -31.19 -10.92
CA LEU G 426 8.03 -31.60 -9.64
C LEU G 426 6.71 -30.86 -9.55
N VAL G 427 5.59 -31.58 -9.68
CA VAL G 427 4.27 -30.97 -9.64
C VAL G 427 3.47 -31.47 -8.44
N THR G 428 2.82 -30.54 -7.73
CA THR G 428 2.01 -30.90 -6.58
C THR G 428 0.55 -30.85 -6.98
N PRO G 429 -0.08 -31.98 -7.28
CA PRO G 429 -1.48 -31.96 -7.74
C PRO G 429 -2.46 -31.32 -6.80
N HIS G 430 -2.16 -31.28 -5.50
CA HIS G 430 -3.13 -30.67 -4.61
C HIS G 430 -3.27 -29.16 -4.79
N ALA G 431 -2.35 -28.52 -5.52
CA ALA G 431 -2.38 -27.08 -5.71
C ALA G 431 -2.71 -26.68 -7.14
N LEU G 432 -3.44 -27.52 -7.85
CA LEU G 432 -3.83 -27.24 -9.22
C LEU G 432 -5.34 -27.05 -9.30
N ASN G 433 -5.90 -26.42 -8.27
CA ASN G 433 -7.33 -26.18 -8.17
C ASN G 433 -7.99 -25.71 -9.48
N GLY G 434 -8.80 -26.60 -10.06
CA GLY G 434 -9.53 -26.31 -11.29
C GLY G 434 -8.79 -26.54 -12.59
N GLU G 435 -7.46 -26.50 -12.59
CA GLU G 435 -6.66 -26.72 -13.78
C GLU G 435 -5.97 -28.09 -13.78
N ILE G 436 -6.45 -29.02 -12.95
CA ILE G 436 -5.83 -30.34 -12.80
C ILE G 436 -5.71 -31.08 -14.13
N LYS G 437 -6.83 -31.33 -14.80
CA LYS G 437 -6.78 -32.07 -16.06
C LYS G 437 -5.94 -31.37 -17.12
N GLU G 438 -6.09 -30.05 -17.26
CA GLU G 438 -5.34 -29.30 -18.27
C GLU G 438 -3.84 -29.43 -18.03
N VAL G 439 -3.41 -29.22 -16.79
CA VAL G 439 -1.99 -29.32 -16.45
C VAL G 439 -1.47 -30.73 -16.69
N ALA G 440 -2.24 -31.74 -16.27
CA ALA G 440 -1.79 -33.11 -16.47
C ALA G 440 -1.64 -33.41 -17.95
N THR G 441 -2.56 -32.91 -18.78
CA THR G 441 -2.50 -33.15 -20.21
C THR G 441 -1.26 -32.50 -20.81
N LYS G 442 -0.99 -31.24 -20.44
CA LYS G 442 0.20 -30.57 -20.95
C LYS G 442 1.45 -31.31 -20.53
N LEU G 443 1.53 -31.69 -19.25
CA LEU G 443 2.70 -32.42 -18.78
C LEU G 443 2.79 -33.77 -19.49
N LYS G 444 1.65 -34.36 -19.86
CA LYS G 444 1.70 -35.63 -20.56
C LYS G 444 2.36 -35.45 -21.92
N GLU G 445 1.96 -34.40 -22.65
CA GLU G 445 2.59 -34.13 -23.95
C GLU G 445 4.08 -33.82 -23.76
N LEU G 446 4.39 -32.89 -22.86
CA LEU G 446 5.76 -32.51 -22.59
C LEU G 446 6.60 -33.74 -22.31
N LYS G 447 6.05 -34.71 -21.59
CA LYS G 447 6.79 -35.91 -21.28
C LYS G 447 7.03 -36.74 -22.53
N ARG G 448 6.12 -36.65 -23.49
CA ARG G 448 6.25 -37.43 -24.72
C ARG G 448 7.04 -36.69 -25.79
N GLU G 449 6.77 -35.39 -26.02
CA GLU G 449 7.56 -34.65 -27.02
C GLU G 449 9.02 -34.58 -26.57
N LYS G 450 9.27 -33.93 -25.45
CA LYS G 450 10.60 -33.86 -24.86
C LYS G 450 10.68 -35.00 -23.86
N GLY G 451 11.86 -35.29 -23.37
CA GLY G 451 11.90 -36.40 -22.44
C GLY G 451 11.83 -35.99 -20.99
N PHE G 452 11.05 -34.95 -20.67
CA PHE G 452 10.97 -34.47 -19.30
C PHE G 452 10.47 -35.54 -18.34
N LYS G 453 10.90 -35.40 -17.10
CA LYS G 453 10.48 -36.25 -16.01
C LYS G 453 9.34 -35.51 -15.32
N VAL G 454 8.17 -36.11 -15.26
CA VAL G 454 7.04 -35.51 -14.56
C VAL G 454 6.93 -36.31 -13.27
N ILE G 455 7.30 -35.66 -12.17
CA ILE G 455 7.33 -36.31 -10.86
C ILE G 455 6.20 -35.74 -10.03
N PRO G 456 5.20 -36.53 -9.66
CA PRO G 456 4.15 -36.00 -8.78
C PRO G 456 4.69 -35.96 -7.36
N VAL G 457 4.48 -34.83 -6.70
CA VAL G 457 4.91 -34.63 -5.32
C VAL G 457 3.64 -34.64 -4.48
N PRO G 458 3.24 -35.78 -3.94
CA PRO G 458 2.06 -35.82 -3.11
C PRO G 458 2.35 -35.12 -1.80
N LYS G 459 1.30 -34.68 -1.12
CA LYS G 459 1.58 -34.06 0.16
C LYS G 459 1.52 -35.07 1.29
N ASP G 460 1.00 -36.26 1.03
CA ASP G 460 0.86 -37.30 2.05
C ASP G 460 1.78 -38.49 1.74
N ALA G 461 2.38 -39.00 2.81
CA ALA G 461 3.40 -40.03 2.83
C ALA G 461 3.26 -41.18 1.82
N ASN G 462 2.19 -41.94 1.92
CA ASN G 462 1.95 -43.08 1.06
C ASN G 462 0.84 -42.85 0.04
N ALA G 463 0.56 -41.59 -0.31
CA ALA G 463 -0.50 -41.31 -1.29
C ALA G 463 -0.24 -41.96 -2.64
N LEU G 464 1.01 -42.04 -3.09
CA LEU G 464 1.27 -42.67 -4.37
C LEU G 464 0.97 -44.17 -4.34
N TYR G 465 1.30 -44.85 -3.24
CA TYR G 465 1.02 -46.28 -3.19
C TYR G 465 -0.48 -46.52 -3.18
N LEU G 466 -1.22 -45.64 -2.51
CA LEU G 466 -2.68 -45.76 -2.48
C LEU G 466 -3.24 -45.72 -3.89
N TYR G 467 -2.76 -44.76 -4.70
CA TYR G 467 -3.22 -44.65 -6.06
C TYR G 467 -2.91 -45.93 -6.85
N GLU G 468 -1.72 -46.48 -6.67
CA GLU G 468 -1.35 -47.68 -7.40
C GLU G 468 -2.33 -48.82 -7.15
N VAL G 469 -2.78 -48.97 -5.91
CA VAL G 469 -3.71 -50.08 -5.63
C VAL G 469 -5.18 -49.71 -5.79
N LEU G 470 -5.51 -48.43 -5.79
CA LEU G 470 -6.89 -48.02 -5.91
C LEU G 470 -7.26 -47.51 -7.30
N LYS G 471 -6.29 -47.30 -8.18
CA LYS G 471 -6.62 -46.76 -9.49
C LYS G 471 -7.61 -47.68 -10.16
N GLY G 472 -8.59 -47.06 -10.81
CA GLY G 472 -9.63 -47.77 -11.51
C GLY G 472 -10.78 -48.24 -10.66
N ILE G 473 -10.56 -48.48 -9.37
CA ILE G 473 -11.62 -49.00 -8.51
C ILE G 473 -12.00 -48.05 -7.39
N TYR G 474 -11.35 -46.92 -7.26
CA TYR G 474 -11.71 -46.03 -6.17
C TYR G 474 -13.00 -45.24 -6.44
N SER G 475 -13.75 -44.98 -5.38
CA SER G 475 -14.93 -44.15 -5.49
C SER G 475 -14.51 -42.70 -5.21
N ASP G 476 -15.30 -41.76 -5.71
CA ASP G 476 -15.02 -40.36 -5.48
C ASP G 476 -15.43 -40.05 -4.05
N LEU G 477 -14.55 -39.40 -3.30
CA LEU G 477 -14.86 -39.09 -1.91
C LEU G 477 -16.21 -38.40 -1.76
N PRO G 478 -16.56 -37.41 -2.58
CA PRO G 478 -17.91 -36.83 -2.43
C PRO G 478 -19.02 -37.81 -2.75
N ALA G 479 -18.86 -38.72 -3.71
CA ALA G 479 -19.93 -39.69 -4.00
C ALA G 479 -20.17 -40.61 -2.82
N VAL G 480 -19.09 -41.02 -2.15
CA VAL G 480 -19.22 -41.88 -0.98
C VAL G 480 -19.97 -41.15 0.11
N MET G 481 -19.61 -39.87 0.34
CA MET G 481 -20.30 -39.06 1.33
C MET G 481 -21.76 -38.85 0.94
N GLU G 482 -22.02 -38.59 -0.35
CA GLU G 482 -23.40 -38.42 -0.80
C GLU G 482 -24.18 -39.70 -0.56
N ALA G 483 -23.55 -40.86 -0.82
CA ALA G 483 -24.25 -42.13 -0.62
C ALA G 483 -24.55 -42.37 0.85
N CYS G 484 -23.72 -41.84 1.77
CA CYS G 484 -24.01 -42.04 3.18
C CYS G 484 -25.28 -41.29 3.56
N GLU G 485 -25.41 -40.06 3.07
CA GLU G 485 -26.60 -39.29 3.36
C GLU G 485 -27.83 -39.92 2.73
N ARG G 486 -27.74 -40.36 1.47
CA ARG G 486 -28.88 -40.99 0.82
C ARG G 486 -29.26 -42.30 1.50
N GLY G 487 -28.31 -42.95 2.15
CA GLY G 487 -28.53 -44.24 2.78
C GLY G 487 -28.10 -45.43 1.95
N ASP G 488 -27.39 -45.22 0.84
CA ASP G 488 -26.93 -46.36 0.05
C ASP G 488 -25.79 -47.07 0.75
N ILE G 489 -25.05 -46.36 1.59
CA ILE G 489 -23.95 -46.87 2.37
C ILE G 489 -24.36 -46.70 3.83
N GLU G 490 -24.45 -47.81 4.55
CA GLU G 490 -24.85 -47.74 5.96
C GLU G 490 -23.67 -47.76 6.91
N ASN G 491 -22.50 -48.19 6.48
CA ASN G 491 -21.35 -48.23 7.37
C ASN G 491 -20.16 -47.58 6.73
N LEU G 492 -19.44 -46.80 7.52
CA LEU G 492 -18.23 -46.11 7.09
C LEU G 492 -17.09 -46.49 8.00
N ILE G 493 -15.95 -46.79 7.41
CA ILE G 493 -14.72 -47.07 8.13
C ILE G 493 -13.77 -46.02 7.64
N ILE G 494 -13.42 -45.08 8.51
CA ILE G 494 -12.54 -43.97 8.17
C ILE G 494 -11.20 -44.20 8.85
N PHE G 495 -10.14 -44.05 8.07
CA PHE G 495 -8.77 -44.21 8.55
C PHE G 495 -8.14 -42.83 8.64
N GLY G 496 -7.65 -42.47 9.82
CA GLY G 496 -7.03 -41.17 9.91
C GLY G 496 -8.00 -40.02 9.73
N GLU G 497 -7.42 -38.83 9.57
CA GLU G 497 -8.21 -37.62 9.41
C GLU G 497 -7.95 -36.91 8.09
N ASP G 498 -7.47 -37.65 7.09
CA ASP G 498 -7.26 -37.04 5.79
C ASP G 498 -8.55 -36.41 5.28
N ILE G 499 -9.70 -37.01 5.61
CA ILE G 499 -10.99 -36.52 5.16
C ILE G 499 -11.31 -35.11 5.68
N LEU G 500 -10.73 -34.69 6.80
CA LEU G 500 -11.01 -33.37 7.35
C LEU G 500 -10.41 -32.25 6.52
N GLU G 501 -9.63 -32.57 5.52
CA GLU G 501 -9.08 -31.54 4.66
C GLU G 501 -10.12 -31.10 3.65
N PHE G 502 -11.29 -31.76 3.63
CA PHE G 502 -12.36 -31.42 2.71
C PHE G 502 -13.70 -31.21 3.40
N TYR G 503 -13.92 -31.88 4.53
CA TYR G 503 -15.15 -31.78 5.29
C TYR G 503 -14.83 -31.34 6.71
N GLU G 504 -15.70 -30.53 7.32
CA GLU G 504 -15.39 -30.13 8.68
C GLU G 504 -15.96 -31.14 9.68
N ASP G 505 -15.47 -31.06 10.92
CA ASP G 505 -15.89 -31.94 12.01
C ASP G 505 -17.39 -32.18 12.06
N LYS G 506 -18.12 -31.07 12.29
CA LYS G 506 -19.56 -30.99 12.46
C LYS G 506 -20.32 -31.92 11.54
N VAL G 507 -19.83 -32.08 10.31
CA VAL G 507 -20.46 -32.95 9.32
C VAL G 507 -20.67 -34.36 9.87
N PHE G 508 -19.72 -34.83 10.69
CA PHE G 508 -19.80 -36.19 11.21
C PHE G 508 -20.75 -36.36 12.38
N GLU G 509 -21.18 -35.30 13.06
CA GLU G 509 -22.15 -35.53 14.12
C GLU G 509 -23.46 -36.01 13.50
N GLU G 510 -23.79 -35.47 12.32
CA GLU G 510 -25.01 -35.93 11.68
C GLU G 510 -24.82 -37.30 11.06
N LEU G 511 -23.63 -37.54 10.47
CA LEU G 511 -23.33 -38.84 9.88
C LEU G 511 -23.39 -39.95 10.92
N LYS G 512 -22.96 -39.66 12.14
CA LYS G 512 -23.01 -40.68 13.16
C LYS G 512 -24.43 -41.16 13.39
N GLU G 513 -25.42 -40.28 13.22
CA GLU G 513 -26.81 -40.67 13.41
C GLU G 513 -27.36 -41.44 12.22
N LYS G 514 -27.12 -40.93 11.01
CA LYS G 514 -27.63 -41.57 9.81
C LYS G 514 -27.04 -42.97 9.61
N LEU G 515 -25.74 -43.11 9.83
CA LEU G 515 -25.05 -44.37 9.66
C LEU G 515 -25.40 -45.40 10.73
N GLU G 516 -25.28 -46.67 10.36
CA GLU G 516 -25.51 -47.77 11.26
C GLU G 516 -24.29 -47.95 12.15
N HIS G 517 -23.10 -47.82 11.55
CA HIS G 517 -21.82 -47.93 12.21
C HIS G 517 -20.84 -46.97 11.56
N LEU G 518 -20.24 -46.10 12.38
CA LEU G 518 -19.20 -45.17 11.97
C LEU G 518 -17.98 -45.63 12.76
N VAL G 519 -17.03 -46.25 12.06
CA VAL G 519 -15.81 -46.77 12.66
C VAL G 519 -14.67 -45.86 12.25
N VAL G 520 -13.91 -45.36 13.22
CA VAL G 520 -12.77 -44.48 12.95
C VAL G 520 -11.51 -45.18 13.43
N VAL G 521 -10.55 -45.31 12.53
CA VAL G 521 -9.27 -45.95 12.83
C VAL G 521 -8.32 -44.77 12.94
N SER G 522 -7.96 -44.39 14.16
CA SER G 522 -7.12 -43.23 14.34
C SER G 522 -6.11 -43.42 15.45
N PRO G 523 -5.04 -42.62 15.47
CA PRO G 523 -4.07 -42.72 16.55
C PRO G 523 -4.43 -41.83 17.73
N TYR G 524 -5.46 -41.01 17.60
CA TYR G 524 -5.82 -40.06 18.64
C TYR G 524 -7.23 -40.22 19.19
N GLU G 525 -7.33 -39.95 20.50
CA GLU G 525 -8.61 -39.95 21.20
C GLU G 525 -9.39 -38.66 20.98
N ASP G 526 -8.75 -37.65 20.39
CA ASP G 526 -9.43 -36.41 20.10
C ASP G 526 -9.69 -36.35 18.60
N GLY G 527 -10.47 -35.36 18.20
CA GLY G 527 -10.77 -35.25 16.79
C GLY G 527 -11.89 -36.15 16.31
N LEU G 528 -11.76 -36.57 15.06
CA LEU G 528 -12.75 -37.40 14.38
C LEU G 528 -13.16 -38.65 15.17
N SER G 529 -12.22 -39.26 15.89
CA SER G 529 -12.58 -40.47 16.62
C SER G 529 -13.61 -40.20 17.68
N GLU G 530 -13.77 -38.95 18.11
CA GLU G 530 -14.77 -38.65 19.11
C GLU G 530 -16.18 -38.98 18.59
N TYR G 531 -16.40 -38.88 17.27
CA TYR G 531 -17.68 -39.15 16.65
C TYR G 531 -17.95 -40.61 16.30
N ALA G 532 -17.01 -41.51 16.53
CA ALA G 532 -17.24 -42.89 16.12
C ALA G 532 -17.97 -43.74 17.15
N HIS G 533 -18.53 -44.84 16.65
CA HIS G 533 -19.18 -45.89 17.41
C HIS G 533 -18.14 -46.89 17.88
N ILE G 534 -17.17 -47.14 17.00
CA ILE G 534 -16.07 -48.07 17.23
C ILE G 534 -14.77 -47.34 16.87
N LYS G 535 -13.87 -47.26 17.84
CA LYS G 535 -12.57 -46.60 17.67
C LYS G 535 -11.53 -47.69 17.62
N ILE G 536 -10.67 -47.66 16.63
CA ILE G 536 -9.61 -48.66 16.49
C ILE G 536 -8.29 -47.91 16.34
N PRO G 537 -7.26 -48.28 17.10
CA PRO G 537 -5.98 -47.58 17.01
C PRO G 537 -5.28 -47.73 15.66
N MET G 538 -4.52 -46.69 15.33
CA MET G 538 -3.69 -46.57 14.14
C MET G 538 -2.29 -46.20 14.61
N SER G 539 -1.27 -46.92 14.16
CA SER G 539 0.11 -46.70 14.57
C SER G 539 0.74 -45.44 13.98
N LEU G 540 1.64 -44.85 14.76
CA LEU G 540 2.45 -43.70 14.38
C LEU G 540 3.88 -44.19 14.14
N MET G 541 4.78 -43.28 13.75
CA MET G 541 6.16 -43.69 13.51
C MET G 541 6.77 -44.32 14.76
N GLY G 542 7.59 -45.34 14.56
CA GLY G 542 8.22 -46.04 15.66
C GLY G 542 7.35 -47.08 16.31
N GLU G 543 6.09 -47.18 15.89
CA GLU G 543 5.16 -48.13 16.44
C GLU G 543 4.81 -49.26 15.47
N ASN G 544 5.41 -49.30 14.30
CA ASN G 544 5.09 -50.37 13.37
C ASN G 544 6.27 -50.65 12.47
N GLU G 545 6.24 -51.83 11.86
CA GLU G 545 7.24 -52.29 10.91
C GLU G 545 6.77 -52.06 9.49
N GLY G 546 6.05 -50.98 9.25
CA GLY G 546 5.47 -50.73 7.96
C GLY G 546 6.32 -50.00 6.95
N THR G 547 6.11 -50.36 5.67
CA THR G 547 6.88 -49.74 4.60
C THR G 547 6.09 -48.67 3.87
N TYR G 548 6.80 -47.66 3.39
CA TYR G 548 6.27 -46.52 2.66
C TYR G 548 7.03 -46.39 1.35
N LYS G 549 6.33 -46.00 0.29
CA LYS G 549 6.93 -45.77 -1.04
C LYS G 549 7.22 -44.27 -1.04
N THR G 550 8.46 -43.90 -0.77
CA THR G 550 8.88 -42.52 -0.62
C THR G 550 9.94 -42.13 -1.63
N PHE G 551 10.38 -40.86 -1.52
CA PHE G 551 11.44 -40.32 -2.38
C PHE G 551 12.80 -40.90 -2.04
N PHE G 552 12.96 -41.53 -0.87
CA PHE G 552 14.19 -42.20 -0.50
C PHE G 552 14.09 -43.68 -0.80
N GLY G 553 13.11 -44.06 -1.61
CA GLY G 553 12.88 -45.44 -1.99
C GLY G 553 11.75 -46.07 -1.20
N GLU G 554 11.69 -47.40 -1.30
CA GLU G 554 10.72 -48.23 -0.58
C GLU G 554 11.38 -48.53 0.77
N VAL G 555 11.10 -47.69 1.75
CA VAL G 555 11.69 -47.80 3.08
C VAL G 555 10.74 -48.50 4.03
N LYS G 556 11.30 -49.29 4.94
CA LYS G 556 10.55 -50.04 5.94
C LYS G 556 10.93 -49.56 7.33
N GLY G 557 9.94 -49.25 8.15
CA GLY G 557 10.21 -48.77 9.48
C GLY G 557 10.46 -49.88 10.48
N LYS G 558 10.77 -49.48 11.69
CA LYS G 558 11.04 -50.40 12.78
C LYS G 558 10.10 -50.10 13.94
N LYS G 559 9.64 -51.16 14.62
CA LYS G 559 8.71 -51.05 15.72
C LYS G 559 9.47 -51.18 17.02
N PHE G 560 9.58 -50.10 17.78
CA PHE G 560 10.26 -50.16 19.06
C PHE G 560 9.56 -49.44 20.19
N LEU G 561 8.71 -48.45 19.92
CA LEU G 561 8.01 -47.78 20.99
C LEU G 561 7.15 -48.80 21.75
N PRO G 562 7.37 -48.98 23.04
CA PRO G 562 6.68 -50.05 23.79
C PRO G 562 5.17 -49.90 23.97
N TRP G 563 4.59 -48.71 23.85
CA TRP G 563 3.14 -48.56 24.00
C TRP G 563 2.38 -48.83 22.69
N ALA G 564 3.07 -49.24 21.64
CA ALA G 564 2.45 -49.46 20.34
C ALA G 564 1.37 -50.52 20.34
N PHE G 565 0.29 -50.23 19.60
CA PHE G 565 -0.81 -51.16 19.38
C PHE G 565 -0.50 -51.85 18.06
N ASP G 566 -0.68 -53.18 18.02
CA ASP G 566 -0.31 -53.90 16.79
C ASP G 566 -1.37 -53.78 15.69
N ASP G 567 -1.35 -52.60 15.06
CA ASP G 567 -2.18 -52.26 13.93
C ASP G 567 -2.28 -53.42 12.94
N LEU G 568 -1.13 -53.87 12.43
CA LEU G 568 -1.10 -54.94 11.43
C LEU G 568 -1.61 -56.27 11.96
N ALA G 569 -1.24 -56.65 13.18
CA ALA G 569 -1.71 -57.93 13.70
C ALA G 569 -3.21 -57.95 13.80
N PHE G 570 -3.80 -56.81 14.18
CA PHE G 570 -5.25 -56.71 14.31
C PHE G 570 -5.95 -56.92 12.97
N TRP G 571 -5.55 -56.17 11.93
CA TRP G 571 -6.20 -56.31 10.63
C TRP G 571 -5.98 -57.71 10.04
N LYS G 572 -4.80 -58.28 10.22
CA LYS G 572 -4.58 -59.63 9.71
C LYS G 572 -5.49 -60.61 10.46
N TYR G 573 -5.73 -60.37 11.75
CA TYR G 573 -6.62 -61.26 12.47
C TYR G 573 -8.04 -61.15 11.92
N LEU G 574 -8.50 -59.92 11.68
CA LEU G 574 -9.83 -59.75 11.10
C LEU G 574 -9.89 -60.42 9.74
N GLY G 575 -8.82 -60.27 8.94
CA GLY G 575 -8.76 -60.86 7.62
C GLY G 575 -8.89 -62.37 7.60
N GLU G 576 -8.63 -63.04 8.72
CA GLU G 576 -8.76 -64.50 8.75
C GLU G 576 -10.19 -64.94 8.46
N ASN G 577 -11.15 -64.04 8.61
CA ASN G 577 -12.55 -64.33 8.37
C ASN G 577 -12.98 -64.01 6.95
N PHE G 578 -12.05 -63.67 6.08
CA PHE G 578 -12.32 -63.32 4.70
C PHE G 578 -11.36 -64.07 3.80
N LYS G 579 -11.88 -65.03 3.06
CA LYS G 579 -11.01 -65.82 2.20
C LYS G 579 -11.07 -65.47 0.71
N GLU G 580 -12.23 -65.73 0.11
CA GLU G 580 -12.45 -65.52 -1.32
C GLU G 580 -12.75 -64.07 -1.67
N GLU G 581 -12.26 -63.65 -2.84
CA GLU G 581 -12.50 -62.31 -3.35
C GLU G 581 -13.93 -62.28 -3.87
N LYS G 582 -14.72 -61.29 -3.43
CA LYS G 582 -16.12 -61.23 -3.87
C LYS G 582 -16.37 -60.13 -4.90
N GLY G 583 -15.70 -58.99 -4.77
CA GLY G 583 -15.87 -57.90 -5.71
C GLY G 583 -15.80 -56.55 -5.04
N LEU G 584 -16.33 -55.54 -5.73
CA LEU G 584 -16.33 -54.18 -5.22
C LEU G 584 -17.46 -53.38 -5.89
N LYS G 585 -17.70 -52.20 -5.34
CA LYS G 585 -18.70 -51.27 -5.86
C LYS G 585 -17.99 -49.93 -5.98
N VAL G 586 -18.32 -49.18 -7.02
CA VAL G 586 -17.66 -47.89 -7.25
C VAL G 586 -18.71 -46.84 -7.50
N VAL G 587 -18.58 -45.69 -6.82
CA VAL G 587 -19.47 -44.55 -7.01
C VAL G 587 -18.64 -43.36 -7.42
N LYS G 588 -19.12 -42.63 -8.41
CA LYS G 588 -18.45 -41.45 -8.92
C LYS G 588 -19.45 -40.32 -8.89
N SER G 589 -18.97 -39.08 -8.80
CA SER G 589 -19.85 -37.92 -8.84
C SER G 589 -19.00 -36.73 -9.22
N SER G 590 -19.62 -35.81 -9.95
CA SER G 590 -18.93 -34.62 -10.46
C SER G 590 -18.92 -33.44 -9.50
N SER G 591 -19.58 -33.50 -8.34
CA SER G 591 -19.55 -32.36 -7.43
C SER G 591 -18.10 -32.05 -7.08
N ASN G 592 -17.75 -30.77 -7.09
CA ASN G 592 -16.38 -30.34 -6.85
C ASN G 592 -16.14 -29.95 -5.40
N LEU G 593 -15.27 -30.70 -4.74
CA LEU G 593 -14.91 -30.45 -3.35
C LEU G 593 -13.65 -29.60 -3.34
N ARG G 594 -13.67 -28.54 -2.56
CA ARG G 594 -12.54 -27.65 -2.47
C ARG G 594 -11.75 -27.94 -1.21
N ARG G 595 -10.43 -27.83 -1.32
CA ARG G 595 -9.56 -28.04 -0.19
C ARG G 595 -9.87 -26.98 0.87
N ARG G 596 -9.99 -27.38 2.14
CA ARG G 596 -10.33 -26.41 3.19
C ARG G 596 -9.16 -25.58 3.65
N PHE G 597 -7.95 -26.13 3.63
CA PHE G 597 -6.78 -25.40 4.08
C PHE G 597 -5.57 -25.77 3.24
N GLU G 598 -4.64 -24.82 3.13
CA GLU G 598 -3.38 -24.93 2.40
C GLU G 598 -2.28 -25.49 3.30
N PRO G 599 -1.48 -26.46 2.86
CA PRO G 599 -0.40 -26.94 3.71
C PRO G 599 0.60 -25.81 4.00
N HIS G 600 1.30 -25.93 5.13
CA HIS G 600 2.27 -24.95 5.58
C HIS G 600 3.52 -25.67 6.03
N LEU G 601 4.65 -24.94 6.00
CA LEU G 601 5.92 -25.53 6.40
C LEU G 601 5.84 -26.16 7.79
N TYR G 602 5.09 -25.55 8.70
CA TYR G 602 4.93 -26.01 10.08
C TYR G 602 3.58 -26.72 10.36
N ARG G 603 2.73 -26.93 9.35
CA ARG G 603 1.47 -27.66 9.57
C ARG G 603 1.00 -28.18 8.21
N ASN G 604 1.21 -29.46 7.94
CA ASN G 604 0.80 -29.98 6.65
C ASN G 604 -0.19 -31.14 6.71
N ASN G 605 -0.52 -31.66 7.89
CA ASN G 605 -1.46 -32.77 7.99
C ASN G 605 -1.93 -32.86 9.41
N TRP G 606 -2.93 -33.72 9.64
CA TRP G 606 -3.52 -33.87 10.97
C TRP G 606 -2.54 -34.39 12.02
N ILE G 607 -1.40 -34.94 11.64
CA ILE G 607 -0.45 -35.39 12.66
C ILE G 607 0.38 -34.21 13.15
N THR G 608 1.00 -33.49 12.22
CA THR G 608 1.78 -32.33 12.62
C THR G 608 0.88 -31.29 13.25
N GLN G 609 -0.42 -31.37 12.99
CA GLN G 609 -1.35 -30.43 13.58
C GLN G 609 -1.44 -30.63 15.07
N ARG G 610 -1.14 -31.84 15.55
CA ARG G 610 -1.18 -32.17 16.97
C ARG G 610 0.17 -32.05 17.66
N SER G 611 1.12 -31.35 17.05
CA SER G 611 2.43 -31.11 17.65
C SER G 611 2.36 -29.76 18.34
N GLN G 612 2.57 -29.73 19.66
CA GLN G 612 2.53 -28.45 20.34
C GLN G 612 3.67 -27.53 19.85
N ASN G 613 4.84 -28.10 19.57
CA ASN G 613 5.96 -27.32 19.08
C ASN G 613 5.63 -26.69 17.72
N LEU G 614 5.27 -27.53 16.74
CA LEU G 614 4.95 -27.01 15.40
C LEU G 614 3.77 -26.05 15.42
N SER G 615 2.81 -26.27 16.32
CA SER G 615 1.67 -25.37 16.39
C SER G 615 2.07 -23.93 16.69
N ARG G 616 3.00 -23.72 17.63
CA ARG G 616 3.45 -22.34 17.92
C ARG G 616 4.13 -21.75 16.71
N LEU G 617 5.05 -22.50 16.10
CA LEU G 617 5.75 -22.01 14.92
C LEU G 617 4.75 -21.69 13.83
N TYR G 618 3.75 -22.54 13.68
CA TYR G 618 2.73 -22.31 12.66
C TYR G 618 1.97 -21.03 12.92
N GLU G 619 1.56 -20.80 14.16
CA GLU G 619 0.81 -19.58 14.47
C GLU G 619 1.65 -18.33 14.20
N LYS G 620 2.96 -18.40 14.44
CA LYS G 620 3.81 -17.24 14.21
C LYS G 620 4.02 -16.95 12.72
N ASN G 621 4.12 -17.99 11.89
CA ASN G 621 4.38 -17.78 10.48
C ASN G 621 3.20 -17.99 9.53
N LYS G 622 2.00 -18.33 10.02
CA LYS G 622 0.88 -18.65 9.14
C LYS G 622 0.54 -17.53 8.16
N ASP G 623 0.61 -16.27 8.61
CA ASP G 623 0.26 -15.13 7.78
C ASP G 623 1.37 -14.60 6.88
N ILE G 624 2.62 -15.00 7.10
CA ILE G 624 3.76 -14.51 6.33
C ILE G 624 3.81 -15.15 4.94
N THR G 625 3.96 -14.32 3.91
CA THR G 625 4.07 -14.82 2.55
C THR G 625 5.36 -14.40 1.86
N VAL G 626 6.16 -13.52 2.46
CA VAL G 626 7.40 -13.08 1.84
C VAL G 626 8.55 -13.26 2.82
N TYR G 627 9.55 -14.05 2.42
CA TYR G 627 10.73 -14.24 3.24
C TYR G 627 11.99 -13.81 2.52
N TYR G 628 11.95 -13.62 1.20
CA TYR G 628 13.11 -13.21 0.42
C TYR G 628 12.66 -12.17 -0.59
N GLU G 629 13.50 -11.15 -0.78
CA GLU G 629 13.24 -10.07 -1.74
C GLU G 629 14.41 -9.09 -1.77
N MET H 1 57.09 -62.13 38.97
CA MET H 1 56.21 -63.17 38.47
C MET H 1 56.12 -63.07 36.94
N LYS H 2 57.02 -63.74 36.23
CA LYS H 2 57.00 -63.70 34.78
C LYS H 2 56.08 -64.82 34.27
N TRP H 3 55.81 -64.80 32.98
CA TRP H 3 54.95 -65.81 32.37
C TRP H 3 55.82 -66.84 31.62
N VAL H 4 55.18 -67.72 30.85
CA VAL H 4 55.85 -68.78 30.11
C VAL H 4 57.12 -68.31 29.41
N ASN H 5 58.22 -69.01 29.68
CA ASN H 5 59.49 -68.68 29.06
C ASN H 5 59.59 -69.31 27.69
N LYS H 6 60.39 -68.69 26.82
CA LYS H 6 60.57 -69.19 25.45
C LYS H 6 61.02 -70.65 25.41
N GLY H 7 61.75 -71.10 26.44
CA GLY H 7 62.23 -72.48 26.45
C GLY H 7 61.12 -73.51 26.54
N THR H 8 60.24 -73.37 27.52
CA THR H 8 59.15 -74.35 27.68
C THR H 8 58.14 -74.24 26.54
N VAL H 9 58.01 -73.06 25.93
CA VAL H 9 57.08 -72.89 24.83
C VAL H 9 57.51 -73.71 23.63
N GLU H 10 58.79 -73.60 23.25
CA GLU H 10 59.30 -74.35 22.10
C GLU H 10 59.21 -75.84 22.35
N ARG H 11 59.42 -76.27 23.60
CA ARG H 11 59.27 -77.69 23.89
C ARG H 11 57.83 -78.13 23.75
N VAL H 12 56.87 -77.20 23.89
CA VAL H 12 55.46 -77.53 23.73
C VAL H 12 55.13 -77.68 22.24
N LYS H 13 55.74 -76.83 21.39
CA LYS H 13 55.51 -76.90 19.96
C LYS H 13 56.14 -78.13 19.33
N GLN H 14 57.31 -78.54 19.83
CA GLN H 14 57.97 -79.72 19.27
C GLN H 14 57.20 -80.99 19.58
N GLU H 15 56.36 -80.98 20.62
CA GLU H 15 55.53 -82.11 21.04
C GLU H 15 54.12 -82.05 20.51
N PHE H 16 53.55 -80.85 20.38
CA PHE H 16 52.18 -80.61 19.91
C PHE H 16 52.22 -79.79 18.63
N LYS H 17 52.95 -80.29 17.64
CA LYS H 17 53.21 -79.65 16.36
C LYS H 17 52.09 -78.81 15.75
N ASP H 18 50.99 -79.43 15.30
CA ASP H 18 49.88 -78.71 14.68
C ASP H 18 48.67 -78.52 15.59
N GLU H 19 48.80 -78.84 16.88
CA GLU H 19 47.67 -78.75 17.79
C GLU H 19 47.71 -77.59 18.77
N VAL H 20 48.84 -76.88 18.92
CA VAL H 20 48.90 -75.73 19.83
C VAL H 20 49.36 -74.51 19.05
N LYS H 21 48.97 -73.34 19.56
CA LYS H 21 49.30 -72.05 18.98
C LYS H 21 49.67 -71.10 20.10
N TYR H 22 50.95 -70.75 20.20
CA TYR H 22 51.41 -69.85 21.24
C TYR H 22 50.85 -68.45 21.01
N TYR H 23 50.68 -67.70 22.08
CA TYR H 23 50.14 -66.35 21.96
C TYR H 23 50.64 -65.50 23.13
N GLU H 24 50.62 -64.19 22.92
CA GLU H 24 51.04 -63.22 23.92
C GLU H 24 50.04 -62.09 23.98
N THR H 25 49.92 -61.52 25.17
CA THR H 25 49.07 -60.40 25.47
C THR H 25 49.90 -59.39 26.23
N LYS H 26 49.32 -58.20 26.45
CA LYS H 26 50.04 -57.20 27.20
C LYS H 26 50.37 -57.72 28.61
N HIS H 27 49.55 -58.63 29.15
CA HIS H 27 49.78 -59.16 30.48
C HIS H 27 49.80 -60.69 30.62
N THR H 28 49.61 -61.46 29.54
CA THR H 28 49.61 -62.90 29.67
C THR H 28 50.30 -63.57 28.49
N LYS H 29 50.83 -64.76 28.74
CA LYS H 29 51.49 -65.60 27.75
C LYS H 29 50.93 -66.99 27.93
N GLY H 30 50.63 -67.68 26.83
CA GLY H 30 50.08 -69.02 26.94
C GLY H 30 49.87 -69.73 25.62
N PHE H 31 48.96 -70.72 25.65
CA PHE H 31 48.65 -71.52 24.49
C PHE H 31 47.14 -71.74 24.32
N GLU H 32 46.74 -71.95 23.07
CA GLU H 32 45.39 -72.31 22.68
C GLU H 32 45.55 -73.69 22.05
N VAL H 33 44.80 -74.67 22.54
CA VAL H 33 44.91 -76.03 22.06
C VAL H 33 43.55 -76.58 21.63
N SER H 34 43.58 -77.58 20.76
CA SER H 34 42.36 -78.21 20.29
C SER H 34 41.79 -79.09 21.39
N HIS H 35 40.46 -79.16 21.44
CA HIS H 35 39.76 -79.94 22.46
C HIS H 35 40.37 -81.32 22.70
N ASP H 36 40.69 -82.02 21.61
CA ASP H 36 41.25 -83.37 21.69
C ASP H 36 42.62 -83.44 22.33
N PHE H 37 43.30 -82.33 22.56
CA PHE H 37 44.64 -82.35 23.16
C PHE H 37 44.74 -81.55 24.46
N LEU H 38 43.62 -81.06 25.00
CA LEU H 38 43.65 -80.30 26.24
C LEU H 38 44.29 -81.10 27.36
N LYS H 39 43.71 -82.26 27.67
CA LYS H 39 44.28 -83.08 28.73
C LYS H 39 45.73 -83.47 28.43
N PRO H 40 46.10 -83.92 27.22
CA PRO H 40 47.52 -84.25 26.99
C PRO H 40 48.43 -83.05 27.20
N LEU H 41 47.97 -81.84 26.85
CA LEU H 41 48.80 -80.65 27.03
C LEU H 41 49.03 -80.34 28.50
N LEU H 42 47.95 -80.38 29.31
CA LEU H 42 48.09 -80.07 30.73
C LEU H 42 49.05 -81.04 31.42
N LYS H 43 48.94 -82.34 31.11
CA LYS H 43 49.86 -83.30 31.71
C LYS H 43 51.29 -82.98 31.35
N PHE H 44 51.52 -82.48 30.13
CA PHE H 44 52.87 -82.13 29.72
C PHE H 44 53.39 -80.95 30.55
N LEU H 45 52.54 -79.92 30.71
CA LEU H 45 52.93 -78.74 31.47
C LEU H 45 53.18 -79.04 32.94
N LYS H 46 52.41 -79.97 33.51
CA LYS H 46 52.57 -80.26 34.93
C LYS H 46 53.74 -81.20 35.22
N GLU H 47 53.65 -82.44 34.73
CA GLU H 47 54.66 -83.43 35.03
C GLU H 47 55.99 -83.18 34.32
N ARG H 48 55.97 -82.89 33.02
CA ARG H 48 57.24 -82.68 32.33
C ARG H 48 57.73 -81.23 32.28
N GLU H 49 57.01 -80.27 32.86
CA GLU H 49 57.47 -78.88 32.81
C GLU H 49 57.46 -78.13 34.15
N ARG H 50 57.09 -78.78 35.26
CA ARG H 50 57.06 -78.23 36.61
C ARG H 50 55.92 -77.27 36.93
N PHE H 51 54.87 -77.20 36.11
CA PHE H 51 53.73 -76.33 36.42
C PHE H 51 52.72 -77.12 37.25
N LEU H 52 53.20 -77.58 38.41
CA LEU H 52 52.40 -78.42 39.30
C LEU H 52 51.35 -77.65 40.09
N HIS H 53 51.66 -76.44 40.56
CA HIS H 53 50.69 -75.71 41.36
C HIS H 53 49.50 -75.27 40.52
N PHE H 54 48.33 -75.77 40.91
CA PHE H 54 47.10 -75.42 40.20
C PHE H 54 46.61 -74.07 40.71
N VAL H 55 46.35 -73.15 39.77
CA VAL H 55 45.88 -71.82 40.15
C VAL H 55 44.37 -71.74 39.99
N ASP H 56 43.88 -71.90 38.77
CA ASP H 56 42.44 -71.84 38.59
C ASP H 56 42.07 -72.34 37.21
N MET H 57 40.77 -72.48 37.00
CA MET H 57 40.14 -72.87 35.76
C MET H 57 38.71 -72.36 35.80
N THR H 58 38.22 -71.97 34.64
CA THR H 58 36.85 -71.48 34.51
C THR H 58 36.54 -71.47 33.02
N CYS H 59 35.39 -70.90 32.65
CA CYS H 59 34.96 -70.83 31.25
C CYS H 59 34.46 -69.44 30.90
N ILE H 60 34.47 -69.17 29.60
CA ILE H 60 34.01 -67.89 29.05
C ILE H 60 32.90 -68.23 28.07
N ASP H 61 31.87 -67.40 28.05
CA ASP H 61 30.72 -67.57 27.18
C ASP H 61 30.82 -66.64 25.96
N PHE H 62 30.96 -67.21 24.75
CA PHE H 62 31.01 -66.50 23.48
C PHE H 62 29.81 -66.98 22.65
N PRO H 63 28.62 -66.44 22.88
CA PRO H 63 27.43 -66.91 22.13
C PRO H 63 27.56 -66.85 20.61
N GLU H 64 28.33 -65.91 20.07
CA GLU H 64 28.50 -65.79 18.63
C GLU H 64 29.45 -66.84 18.05
N HIS H 65 29.99 -67.74 18.86
CA HIS H 65 30.91 -68.75 18.37
C HIS H 65 30.22 -70.11 18.31
N PRO H 66 30.60 -70.96 17.34
CA PRO H 66 29.96 -72.29 17.23
C PRO H 66 30.04 -73.15 18.51
N ASN H 67 31.20 -73.21 19.17
CA ASN H 67 31.32 -74.05 20.37
C ASN H 67 30.75 -73.36 21.61
N ARG H 68 30.82 -72.02 21.66
CA ARG H 68 30.27 -71.18 22.72
C ARG H 68 30.96 -71.22 24.08
N PHE H 69 31.87 -72.17 24.33
CA PHE H 69 32.50 -72.23 25.64
C PHE H 69 33.98 -72.54 25.52
N GLN H 70 34.81 -71.61 26.00
CA GLN H 70 36.25 -71.72 25.95
C GLN H 70 36.76 -72.07 27.35
N GLY H 71 37.52 -73.16 27.45
CA GLY H 71 38.07 -73.56 28.73
C GLY H 71 39.33 -72.76 29.00
N VAL H 72 39.43 -72.21 30.22
CA VAL H 72 40.58 -71.41 30.61
C VAL H 72 41.24 -72.02 31.83
N TYR H 73 42.52 -72.30 31.71
CA TYR H 73 43.30 -72.92 32.77
C TYR H 73 44.53 -72.08 33.06
N ILE H 74 44.92 -72.01 34.33
CA ILE H 74 46.12 -71.27 34.75
C ILE H 74 46.90 -72.14 35.74
N LEU H 75 48.16 -72.42 35.43
CA LEU H 75 49.04 -73.23 36.26
C LEU H 75 50.20 -72.38 36.72
N TYR H 76 50.95 -72.90 37.70
CA TYR H 76 52.08 -72.16 38.24
C TYR H 76 53.28 -73.08 38.43
N ASN H 77 54.47 -72.56 38.10
CA ASN H 77 55.73 -73.27 38.22
C ASN H 77 56.47 -72.76 39.45
N PRO H 78 56.41 -73.46 40.58
CA PRO H 78 57.10 -72.96 41.77
C PRO H 78 58.62 -72.90 41.62
N GLU H 79 59.24 -73.76 40.81
CA GLU H 79 60.69 -73.70 40.67
C GLU H 79 61.17 -72.46 39.91
N GLU H 80 60.35 -71.89 39.02
CA GLU H 80 60.80 -70.73 38.27
C GLU H 80 59.95 -69.47 38.47
N ASN H 81 58.86 -69.55 39.23
CA ASN H 81 57.98 -68.40 39.49
C ASN H 81 57.32 -67.89 38.22
N GLU H 82 56.67 -68.81 37.49
CA GLU H 82 55.98 -68.47 36.25
C GLU H 82 54.56 -69.00 36.26
N ARG H 83 53.71 -68.32 35.50
CA ARG H 83 52.32 -68.70 35.35
C ARG H 83 52.08 -68.98 33.88
N VAL H 84 51.20 -69.93 33.59
CA VAL H 84 50.87 -70.27 32.22
C VAL H 84 49.36 -70.33 32.14
N ILE H 85 48.83 -69.96 30.98
CA ILE H 85 47.39 -70.00 30.74
C ILE H 85 47.15 -70.79 29.47
N VAL H 86 46.17 -71.69 29.52
CA VAL H 86 45.82 -72.54 28.40
C VAL H 86 44.33 -72.38 28.11
N LYS H 87 43.99 -72.22 26.83
CA LYS H 87 42.61 -72.07 26.40
C LYS H 87 42.25 -73.20 25.43
N SER H 88 40.97 -73.56 25.40
CA SER H 88 40.48 -74.62 24.51
C SER H 88 38.96 -74.58 24.42
N TRP H 89 38.44 -74.98 23.27
CA TRP H 89 37.01 -74.97 23.01
C TRP H 89 36.33 -76.25 23.47
N ALA H 90 35.07 -76.11 23.88
CA ALA H 90 34.27 -77.23 24.34
C ALA H 90 33.59 -77.91 23.17
N LYS H 91 33.80 -79.23 23.05
CA LYS H 91 33.21 -80.03 21.98
C LYS H 91 31.84 -80.51 22.46
N ASP H 92 30.77 -79.93 21.92
CA ASP H 92 29.39 -80.27 22.28
C ASP H 92 29.14 -80.05 23.77
N GLY H 93 29.58 -78.90 24.27
CA GLY H 93 29.40 -78.55 25.66
C GLY H 93 30.12 -79.44 26.63
N LYS H 94 31.17 -80.13 26.19
CA LYS H 94 31.92 -81.03 27.06
C LYS H 94 33.40 -80.67 27.07
N LEU H 95 34.09 -81.17 28.08
CA LEU H 95 35.52 -80.94 28.29
C LEU H 95 36.09 -82.14 29.04
N PRO H 96 37.41 -82.34 29.00
CA PRO H 96 37.99 -83.46 29.75
C PRO H 96 38.15 -83.10 31.22
N THR H 97 38.01 -84.11 32.07
CA THR H 97 38.15 -83.88 33.51
C THR H 97 39.62 -83.68 33.88
N VAL H 98 39.86 -82.76 34.81
CA VAL H 98 41.22 -82.47 35.28
C VAL H 98 41.38 -82.74 36.76
N GLU H 99 40.34 -83.25 37.43
CA GLU H 99 40.42 -83.53 38.86
C GLU H 99 41.43 -84.62 39.17
N ASP H 100 41.80 -85.44 38.17
CA ASP H 100 42.80 -86.47 38.41
C ASP H 100 44.23 -85.91 38.37
N LEU H 101 44.44 -84.75 37.74
CA LEU H 101 45.75 -84.11 37.70
C LEU H 101 45.96 -83.21 38.92
N TRP H 102 44.95 -82.42 39.24
CA TRP H 102 44.98 -81.51 40.38
C TRP H 102 43.64 -81.71 41.11
N PRO H 103 43.62 -82.40 42.25
CA PRO H 103 42.35 -82.59 42.96
C PRO H 103 41.63 -81.30 43.28
N GLY H 104 42.37 -80.23 43.58
CA GLY H 104 41.71 -78.97 43.88
C GLY H 104 40.83 -78.50 42.75
N ALA H 105 41.07 -79.00 41.54
CA ALA H 105 40.28 -78.64 40.37
C ALA H 105 38.90 -79.29 40.37
N LYS H 106 38.64 -80.24 41.27
CA LYS H 106 37.31 -80.85 41.30
C LYS H 106 36.26 -79.80 41.60
N TRP H 107 36.52 -78.94 42.59
CA TRP H 107 35.55 -77.91 42.92
C TRP H 107 35.47 -76.87 41.81
N ALA H 108 36.56 -76.65 41.07
CA ALA H 108 36.51 -75.71 39.97
C ALA H 108 35.66 -76.24 38.83
N GLU H 109 35.74 -77.55 38.56
CA GLU H 109 34.91 -78.13 37.51
C GLU H 109 33.45 -78.08 37.91
N ARG H 110 33.17 -78.25 39.20
CA ARG H 110 31.80 -78.16 39.70
C ARG H 110 31.27 -76.75 39.56
N GLU H 111 32.10 -75.76 39.89
CA GLU H 111 31.69 -74.36 39.80
C GLU H 111 31.44 -73.97 38.35
N ALA H 112 32.29 -74.43 37.43
CA ALA H 112 32.10 -74.10 36.03
C ALA H 112 30.80 -74.71 35.48
N TYR H 113 30.53 -75.98 35.82
CA TYR H 113 29.32 -76.63 35.33
C TYR H 113 28.07 -75.93 35.86
N ASP H 114 28.13 -75.46 37.10
CA ASP H 114 26.98 -74.80 37.70
C ASP H 114 26.70 -73.43 37.10
N MET H 115 27.74 -72.72 36.67
CA MET H 115 27.54 -71.39 36.12
C MET H 115 27.32 -71.38 34.60
N PHE H 116 27.91 -72.32 33.86
CA PHE H 116 27.79 -72.35 32.41
C PHE H 116 27.12 -73.59 31.85
N GLY H 117 27.11 -74.72 32.56
CA GLY H 117 26.52 -75.91 32.02
C GLY H 117 27.49 -76.79 31.27
N VAL H 118 28.78 -76.50 31.36
CA VAL H 118 29.79 -77.33 30.71
C VAL H 118 30.02 -78.56 31.57
N VAL H 119 29.91 -79.74 30.98
CA VAL H 119 30.13 -80.98 31.70
C VAL H 119 31.53 -81.51 31.40
N PHE H 120 32.12 -82.15 32.41
CA PHE H 120 33.46 -82.71 32.31
C PHE H 120 33.28 -84.21 32.27
N GLU H 121 33.43 -84.78 31.08
CA GLU H 121 33.26 -86.21 30.87
C GLU H 121 34.19 -86.97 31.79
N GLY H 122 33.61 -87.75 32.69
CA GLY H 122 34.38 -88.53 33.63
C GLY H 122 34.68 -87.82 34.94
N HIS H 123 33.79 -86.93 35.38
CA HIS H 123 34.02 -86.22 36.63
C HIS H 123 33.68 -87.06 37.85
N GLU H 124 33.12 -88.25 37.63
CA GLU H 124 32.75 -89.11 38.76
C GLU H 124 31.75 -88.35 39.63
N ASN H 125 30.50 -88.32 39.16
CA ASN H 125 29.37 -87.66 39.82
C ASN H 125 29.51 -86.15 39.88
N LEU H 126 29.49 -85.52 38.71
CA LEU H 126 29.55 -84.07 38.62
C LEU H 126 28.22 -83.51 39.11
N ARG H 127 28.27 -82.66 40.13
CA ARG H 127 27.08 -82.03 40.67
C ARG H 127 27.35 -80.52 40.77
N ARG H 128 26.26 -79.75 40.74
CA ARG H 128 26.38 -78.29 40.81
C ARG H 128 27.13 -77.88 42.08
N MET H 129 27.89 -76.80 41.97
CA MET H 129 28.69 -76.31 43.08
C MET H 129 27.88 -75.46 44.05
N PHE H 130 27.25 -74.39 43.55
CA PHE H 130 26.47 -73.48 44.40
C PHE H 130 24.97 -73.76 44.41
N MET H 131 24.35 -73.88 43.23
CA MET H 131 22.91 -74.12 43.13
C MET H 131 22.51 -75.52 43.54
N TRP H 132 21.22 -75.69 43.78
CA TRP H 132 20.62 -76.96 44.19
C TRP H 132 20.39 -77.87 42.98
N GLU H 133 20.23 -79.16 43.26
CA GLU H 133 19.98 -80.13 42.20
C GLU H 133 18.59 -79.89 41.64
N GLY H 134 18.51 -79.63 40.34
CA GLY H 134 17.24 -79.37 39.70
C GLY H 134 17.12 -77.96 39.17
N TYR H 135 18.11 -77.11 39.40
CA TYR H 135 18.08 -75.75 38.89
C TYR H 135 17.98 -75.82 37.37
N GLU H 136 17.16 -74.94 36.79
CA GLU H 136 16.91 -74.97 35.35
C GLU H 136 17.75 -74.01 34.51
N HIS H 137 18.81 -73.41 35.05
CA HIS H 137 19.58 -72.46 34.25
C HIS H 137 21.06 -72.54 34.59
N TYR H 138 21.84 -71.73 33.88
CA TYR H 138 23.29 -71.60 34.06
C TYR H 138 23.49 -70.09 34.03
N PRO H 139 23.42 -69.44 35.20
CA PRO H 139 23.46 -67.97 35.28
C PRO H 139 24.60 -67.23 34.59
N LEU H 140 25.80 -67.78 34.45
CA LEU H 140 26.79 -66.93 33.80
C LEU H 140 26.57 -66.80 32.31
N ARG H 141 25.60 -67.51 31.73
CA ARG H 141 25.36 -67.38 30.29
C ARG H 141 24.88 -65.95 29.99
N LYS H 142 25.45 -65.38 28.93
CA LYS H 142 25.13 -64.01 28.55
C LYS H 142 23.66 -63.81 28.23
N ASP H 143 22.98 -64.87 27.78
CA ASP H 143 21.56 -64.73 27.45
C ASP H 143 20.64 -64.88 28.65
N PHE H 144 21.19 -65.24 29.84
CA PHE H 144 20.40 -65.39 31.07
C PHE H 144 20.43 -64.07 31.85
N PRO H 145 19.28 -63.51 32.23
CA PRO H 145 19.30 -62.22 32.92
C PRO H 145 19.94 -62.30 34.30
N LEU H 146 20.53 -61.17 34.70
CA LEU H 146 21.19 -61.06 35.99
C LEU H 146 20.19 -61.15 37.14
N GLN H 147 18.95 -60.68 36.93
CA GLN H 147 17.91 -60.69 37.94
C GLN H 147 17.09 -61.99 37.91
N GLY H 148 17.50 -62.97 37.10
CA GLY H 148 16.80 -64.22 36.98
C GLY H 148 15.48 -64.03 36.25
N ILE H 149 14.57 -64.96 36.46
CA ILE H 149 13.26 -64.93 35.84
C ILE H 149 12.20 -64.78 36.94
N PRO H 150 11.66 -63.58 37.12
CA PRO H 150 10.62 -63.40 38.14
C PRO H 150 9.41 -64.23 37.76
N GLU H 151 8.94 -65.06 38.70
CA GLU H 151 7.79 -65.92 38.42
C GLU H 151 6.72 -65.94 39.48
N VAL H 152 7.02 -65.63 40.73
CA VAL H 152 6.06 -65.70 41.82
C VAL H 152 5.87 -64.33 42.46
N GLU H 153 4.64 -64.02 42.85
CA GLU H 153 4.36 -62.78 43.54
C GLU H 153 4.74 -63.01 45.00
N LEU H 154 5.59 -62.16 45.53
CA LEU H 154 6.07 -62.31 46.90
C LEU H 154 5.99 -60.98 47.64
N PRO H 155 4.81 -60.59 48.11
CA PRO H 155 4.69 -59.32 48.81
C PRO H 155 5.40 -59.39 50.15
N SER H 156 5.70 -58.21 50.68
CA SER H 156 6.35 -58.13 51.99
C SER H 156 5.29 -58.46 53.04
N LEU H 157 5.47 -59.57 53.75
CA LEU H 157 4.51 -59.97 54.77
C LEU H 157 4.23 -58.87 55.78
N THR H 158 5.22 -58.01 56.07
CA THR H 158 4.98 -56.94 57.03
C THR H 158 3.99 -55.91 56.50
N GLU H 159 4.01 -55.65 55.18
CA GLU H 159 3.10 -54.67 54.60
C GLU H 159 1.67 -55.22 54.46
N VAL H 160 1.53 -56.51 54.15
CA VAL H 160 0.19 -57.06 54.03
C VAL H 160 -0.44 -57.17 55.41
N LEU H 161 0.37 -57.46 56.43
CA LEU H 161 -0.09 -57.57 57.81
C LEU H 161 -0.65 -56.26 58.36
N HIS H 162 -0.46 -55.15 57.65
CA HIS H 162 -0.98 -53.86 58.10
C HIS H 162 -1.90 -53.25 57.05
N GLY H 163 -2.40 -54.08 56.13
CA GLY H 163 -3.31 -53.65 55.09
C GLY H 163 -2.70 -52.87 53.95
N ARG H 164 -1.48 -52.34 54.10
CA ARG H 164 -0.85 -51.57 53.03
C ARG H 164 -0.61 -52.47 51.82
N THR H 165 -1.40 -52.27 50.77
CA THR H 165 -1.30 -53.08 49.57
C THR H 165 -0.50 -52.43 48.46
N ASP H 166 -0.39 -51.11 48.46
CA ASP H 166 0.40 -50.42 47.46
C ASP H 166 1.89 -50.66 47.72
N PRO H 167 2.75 -50.51 46.70
CA PRO H 167 4.20 -50.78 46.87
C PRO H 167 4.83 -49.92 47.96
N PRO H 168 5.72 -50.51 48.78
CA PRO H 168 6.35 -49.75 49.87
C PRO H 168 7.50 -48.86 49.45
N SER H 169 8.16 -49.15 48.33
CA SER H 169 9.28 -48.35 47.86
C SER H 169 9.18 -48.22 46.36
N HIS H 170 9.62 -47.08 45.83
CA HIS H 170 9.55 -46.88 44.40
C HIS H 170 10.33 -47.94 43.64
N ASP H 171 11.27 -48.62 44.31
CA ASP H 171 12.07 -49.66 43.68
C ASP H 171 11.75 -51.07 44.19
N PHE H 172 10.55 -51.28 44.73
CA PHE H 172 10.13 -52.59 45.22
C PHE H 172 9.49 -53.38 44.09
N GLU H 173 10.05 -54.55 43.77
CA GLU H 173 9.52 -55.41 42.71
C GLU H 173 8.68 -56.50 43.36
N LEU H 174 7.39 -56.55 43.02
CA LEU H 174 6.51 -57.54 43.64
C LEU H 174 6.80 -58.94 43.13
N VAL H 175 6.92 -59.11 41.82
CA VAL H 175 7.21 -60.43 41.28
C VAL H 175 8.65 -60.79 41.63
N HIS H 176 8.84 -62.03 42.06
CA HIS H 176 10.12 -62.53 42.53
C HIS H 176 10.54 -63.79 41.78
N THR H 177 11.81 -64.14 41.93
CA THR H 177 12.34 -65.34 41.33
C THR H 177 11.82 -66.54 42.11
N LYS H 178 11.57 -67.65 41.40
CA LYS H 178 11.04 -68.85 42.04
C LYS H 178 11.91 -69.30 43.21
N LEU H 179 11.25 -69.68 44.31
CA LEU H 179 11.91 -70.16 45.52
C LEU H 179 11.86 -71.67 45.60
N PRO H 180 12.94 -72.29 46.07
CA PRO H 180 12.94 -73.75 46.21
C PRO H 180 12.17 -74.12 47.47
N THR H 181 11.99 -75.42 47.66
CA THR H 181 11.26 -75.91 48.81
C THR H 181 12.19 -76.62 49.77
N LEU H 182 11.65 -76.91 50.96
CA LEU H 182 12.41 -77.64 51.96
C LEU H 182 12.76 -79.02 51.42
N GLU H 183 11.95 -79.51 50.47
CA GLU H 183 12.17 -80.77 49.79
C GLU H 183 13.31 -80.65 48.78
N ASP H 184 13.38 -79.54 48.04
CA ASP H 184 14.44 -79.33 47.05
C ASP H 184 15.84 -79.40 47.67
N LEU H 185 15.97 -79.00 48.94
CA LEU H 185 17.27 -79.03 49.61
C LEU H 185 17.77 -80.45 49.88
N GLU H 186 16.87 -81.39 50.17
CA GLU H 186 17.29 -82.76 50.46
C GLU H 186 17.70 -83.56 49.23
N ARG H 187 17.12 -83.27 48.06
CA ARG H 187 17.51 -84.04 46.88
C ARG H 187 18.94 -83.76 46.47
N THR H 188 19.39 -82.50 46.61
CA THR H 188 20.78 -82.19 46.27
C THR H 188 21.74 -82.80 47.29
N GLU H 189 21.29 -82.99 48.52
CA GLU H 189 22.13 -83.60 49.54
C GLU H 189 22.38 -85.07 49.21
N LYS H 190 21.31 -85.80 48.89
CA LYS H 190 21.42 -87.23 48.57
C LYS H 190 22.12 -87.46 47.24
N ALA H 191 21.95 -86.56 46.27
CA ALA H 191 22.59 -86.71 44.97
C ALA H 191 24.07 -86.35 45.01
N ARG H 192 24.63 -86.12 46.20
CA ARG H 192 26.03 -85.75 46.39
C ARG H 192 26.91 -86.95 46.73
N LEU H 193 26.48 -87.77 47.70
CA LEU H 193 27.18 -88.96 48.15
C LEU H 193 26.18 -90.10 48.31
N LYS H 194 26.60 -91.31 47.96
CA LYS H 194 25.78 -92.52 48.08
C LYS H 194 26.19 -93.28 49.33
N LYS H 195 25.18 -93.79 50.07
CA LYS H 195 25.35 -94.52 51.33
C LYS H 195 26.56 -95.44 51.30
N LYS H 196 27.45 -95.27 52.27
CA LYS H 196 28.67 -96.06 52.38
C LYS H 196 28.87 -96.59 53.80
N ALA H 197 28.33 -95.88 54.79
CA ALA H 197 28.47 -96.28 56.17
C ALA H 197 27.13 -96.34 56.90
N GLU H 198 27.17 -96.49 58.22
CA GLU H 198 25.93 -96.58 59.00
C GLU H 198 25.10 -95.30 58.96
N LEU H 199 25.62 -94.22 59.53
CA LEU H 199 24.85 -92.98 59.62
C LEU H 199 25.25 -91.92 58.61
N VAL H 200 24.27 -91.08 58.26
CA VAL H 200 24.43 -89.96 57.33
C VAL H 200 24.39 -88.70 58.17
N LEU H 201 25.53 -88.26 58.67
CA LEU H 201 25.56 -87.06 59.50
C LEU H 201 25.24 -85.84 58.64
N ASN H 202 24.47 -84.91 59.20
CA ASN H 202 24.04 -83.70 58.49
C ASN H 202 24.34 -82.45 59.31
N TRP H 203 25.47 -81.81 59.04
CA TRP H 203 25.87 -80.59 59.74
C TRP H 203 25.62 -79.37 58.85
N GLY H 204 24.33 -79.04 58.71
CA GLY H 204 23.94 -77.92 57.89
C GLY H 204 22.56 -78.05 57.31
N PRO H 205 22.20 -77.16 56.36
CA PRO H 205 23.01 -76.06 55.82
C PRO H 205 23.32 -74.99 56.87
N LEU H 206 22.49 -74.93 57.93
CA LEU H 206 22.65 -73.96 59.01
C LEU H 206 22.88 -74.70 60.31
N HIS H 207 23.98 -74.40 60.99
CA HIS H 207 24.35 -75.01 62.25
C HIS H 207 24.93 -73.95 63.18
N PRO H 208 24.91 -74.18 64.50
CA PRO H 208 25.43 -73.17 65.44
C PRO H 208 26.95 -73.08 65.49
N GLY H 209 27.65 -73.77 64.59
CA GLY H 209 29.09 -73.72 64.58
C GLY H 209 29.63 -72.37 64.15
N THR H 210 30.95 -72.32 64.05
CA THR H 210 31.64 -71.09 63.67
C THR H 210 31.23 -70.66 62.27
N HIS H 211 31.44 -71.52 61.29
CA HIS H 211 31.08 -71.25 59.91
C HIS H 211 29.74 -71.91 59.61
N GLY H 212 28.71 -71.42 60.32
CA GLY H 212 27.35 -71.97 60.22
C GLY H 212 26.80 -72.17 58.82
N THR H 213 27.15 -71.31 57.88
CA THR H 213 26.62 -71.41 56.52
C THR H 213 27.34 -72.42 55.64
N ILE H 214 28.52 -72.91 56.03
CA ILE H 214 29.24 -73.90 55.22
C ILE H 214 28.63 -75.26 55.54
N TRP H 215 28.17 -75.96 54.51
CA TRP H 215 27.50 -77.26 54.67
C TRP H 215 28.47 -78.42 54.48
N PHE H 216 28.46 -79.35 55.43
CA PHE H 216 29.30 -80.54 55.42
C PHE H 216 28.44 -81.81 55.45
N LEU H 217 28.99 -82.91 54.94
CA LEU H 217 28.32 -84.20 54.93
C LEU H 217 29.35 -85.27 55.27
N PHE H 218 29.08 -86.04 56.32
CA PHE H 218 29.98 -87.10 56.80
C PHE H 218 29.33 -88.47 56.70
N ASP H 219 30.12 -89.43 56.21
CA ASP H 219 29.71 -90.83 56.11
C ASP H 219 30.44 -91.50 57.27
N LEU H 220 29.72 -91.76 58.35
CA LEU H 220 30.33 -92.30 59.54
C LEU H 220 29.97 -93.73 59.88
N GLU H 221 30.92 -94.41 60.50
CA GLU H 221 30.79 -95.78 61.02
C GLU H 221 31.08 -95.55 62.49
N GLY H 222 30.06 -95.11 63.22
CA GLY H 222 30.28 -94.83 64.62
C GLY H 222 30.94 -93.48 64.78
N GLU H 223 32.25 -93.49 65.00
CA GLU H 223 33.06 -92.29 65.18
C GLU H 223 34.05 -92.07 64.04
N LYS H 224 34.17 -93.01 63.12
CA LYS H 224 35.09 -92.91 62.02
C LYS H 224 34.42 -92.24 60.82
N VAL H 225 35.20 -91.46 60.09
CA VAL H 225 34.73 -90.76 58.89
C VAL H 225 35.22 -91.55 57.70
N VAL H 226 34.28 -92.11 56.92
CA VAL H 226 34.62 -92.90 55.74
C VAL H 226 34.70 -91.98 54.53
N GLN H 227 33.58 -91.34 54.23
CA GLN H 227 33.48 -90.39 53.13
C GLN H 227 33.08 -89.05 53.71
N SER H 228 33.36 -87.99 52.95
CA SER H 228 33.02 -86.65 53.38
C SER H 228 33.07 -85.71 52.18
N ASP H 229 32.08 -84.81 52.12
CA ASP H 229 31.97 -83.85 51.03
C ASP H 229 31.45 -82.54 51.61
N VAL H 230 31.53 -81.51 50.78
CA VAL H 230 31.09 -80.17 51.15
C VAL H 230 30.11 -79.67 50.08
N ILE H 231 29.11 -78.91 50.52
CA ILE H 231 28.11 -78.32 49.64
C ILE H 231 28.07 -76.83 49.94
N LEU H 232 28.46 -76.01 48.97
CA LEU H 232 28.46 -74.57 49.15
C LEU H 232 27.22 -73.97 48.52
N GLY H 233 27.18 -72.64 48.46
CA GLY H 233 26.07 -71.92 47.89
C GLY H 233 25.19 -71.24 48.90
N GLN H 234 25.47 -71.37 50.20
CA GLN H 234 24.63 -70.69 51.17
C GLN H 234 24.87 -69.19 51.18
N LEU H 235 25.82 -68.70 50.37
CA LEU H 235 26.09 -67.26 50.26
C LEU H 235 26.37 -66.86 48.81
N HIS H 236 26.04 -67.70 47.84
CA HIS H 236 26.29 -67.35 46.45
C HIS H 236 25.30 -66.26 46.03
N ARG H 237 25.81 -65.08 45.70
CA ARG H 237 24.97 -63.97 45.28
C ARG H 237 25.23 -63.50 43.85
N GLY H 238 26.14 -64.13 43.11
CA GLY H 238 26.41 -63.74 41.73
C GLY H 238 27.38 -62.61 41.53
N MET H 239 28.49 -62.59 42.27
CA MET H 239 29.48 -61.52 42.13
C MET H 239 29.99 -61.45 40.69
N GLU H 240 30.47 -62.58 40.17
CA GLU H 240 31.01 -62.62 38.81
C GLU H 240 29.99 -62.14 37.77
N LYS H 241 28.69 -62.32 38.04
CA LYS H 241 27.76 -61.80 37.05
C LYS H 241 27.50 -60.32 37.30
N LEU H 242 27.67 -59.86 38.54
CA LEU H 242 27.46 -58.45 38.83
C LEU H 242 28.52 -57.60 38.14
N ALA H 243 29.74 -58.13 38.01
CA ALA H 243 30.82 -57.41 37.36
C ALA H 243 30.54 -57.17 35.87
N GLU H 244 29.92 -58.15 35.19
CA GLU H 244 29.60 -58.02 33.78
C GLU H 244 28.66 -56.85 33.51
N ASN H 245 27.91 -56.42 34.53
CA ASN H 245 26.93 -55.35 34.37
C ASN H 245 27.33 -54.04 35.06
N LEU H 246 28.55 -53.95 35.57
CA LEU H 246 28.99 -52.73 36.25
C LEU H 246 30.27 -52.19 35.66
N HIS H 247 30.45 -50.88 35.86
CA HIS H 247 31.68 -50.25 35.42
C HIS H 247 32.79 -50.76 36.33
N TYR H 248 34.03 -50.60 35.88
CA TYR H 248 35.14 -51.09 36.68
C TYR H 248 35.14 -50.45 38.07
N PHE H 249 35.07 -49.12 38.13
CA PHE H 249 35.08 -48.47 39.44
C PHE H 249 33.84 -48.80 40.28
N GLN H 250 32.75 -49.19 39.64
CA GLN H 250 31.53 -49.50 40.38
C GLN H 250 31.64 -50.82 41.14
N PHE H 251 32.57 -51.70 40.76
CA PHE H 251 32.70 -52.97 41.44
C PHE H 251 33.53 -52.91 42.73
N ILE H 252 34.30 -51.84 42.94
CA ILE H 252 35.13 -51.73 44.15
C ILE H 252 34.33 -51.99 45.42
N PRO H 253 33.17 -51.36 45.66
CA PRO H 253 32.45 -51.65 46.90
C PRO H 253 32.02 -53.09 47.01
N TYR H 254 31.87 -53.79 45.89
CA TYR H 254 31.47 -55.20 45.98
C TYR H 254 32.62 -56.09 46.37
N THR H 255 33.88 -55.65 46.18
CA THR H 255 34.97 -56.50 46.62
C THR H 255 35.02 -56.55 48.13
N ASP H 256 34.51 -55.51 48.80
CA ASP H 256 34.48 -55.52 50.25
C ASP H 256 33.62 -56.65 50.77
N ARG H 257 32.63 -57.05 49.98
CA ARG H 257 31.70 -58.09 50.37
C ARG H 257 32.08 -59.51 49.91
N MET H 258 33.35 -59.77 49.60
CA MET H 258 33.73 -61.14 49.24
C MET H 258 34.34 -61.75 50.51
N ASP H 259 35.49 -61.26 50.95
CA ASP H 259 36.09 -61.69 52.20
C ASP H 259 35.85 -60.48 53.09
N TYR H 260 34.62 -60.38 53.60
CA TYR H 260 34.25 -59.24 54.43
C TYR H 260 35.14 -59.05 55.67
N ILE H 261 35.88 -60.07 56.09
CA ILE H 261 36.74 -59.89 57.25
C ILE H 261 37.91 -59.00 56.91
N SER H 262 38.35 -59.00 55.63
CA SER H 262 39.47 -58.17 55.14
C SER H 262 39.00 -57.47 53.85
N ALA H 263 38.30 -56.34 54.02
CA ALA H 263 37.78 -55.61 52.87
C ALA H 263 38.87 -54.92 52.06
N ILE H 264 39.77 -54.19 52.73
CA ILE H 264 40.84 -53.48 52.00
C ILE H 264 41.73 -54.44 51.22
N CYS H 265 41.93 -55.66 51.72
CA CYS H 265 42.76 -56.60 50.98
C CYS H 265 42.10 -56.98 49.66
N ASN H 266 40.77 -57.16 49.67
CA ASN H 266 40.07 -57.47 48.42
C ASN H 266 40.22 -56.32 47.44
N GLU H 267 40.01 -55.09 47.91
CA GLU H 267 40.16 -53.93 47.04
C GLU H 267 41.57 -53.83 46.49
N LEU H 268 42.58 -54.06 47.33
CA LEU H 268 43.96 -53.98 46.86
C LEU H 268 44.19 -54.95 45.71
N ALA H 269 43.67 -56.17 45.83
CA ALA H 269 43.82 -57.15 44.77
C ALA H 269 43.08 -56.72 43.50
N TYR H 270 41.80 -56.37 43.63
CA TYR H 270 41.01 -55.98 42.46
C TYR H 270 41.57 -54.74 41.78
N VAL H 271 41.71 -53.65 42.54
CA VAL H 271 42.22 -52.41 41.98
C VAL H 271 43.58 -52.63 41.34
N GLU H 272 44.45 -53.43 41.97
CA GLU H 272 45.77 -53.67 41.39
C GLU H 272 45.66 -54.39 40.05
N THR H 273 44.59 -55.19 39.86
CA THR H 273 44.37 -55.89 38.60
C THR H 273 43.80 -54.95 37.55
N VAL H 274 42.77 -54.18 37.90
CA VAL H 274 42.18 -53.25 36.95
C VAL H 274 43.20 -52.21 36.52
N GLU H 275 44.03 -51.75 37.46
CA GLU H 275 45.04 -50.75 37.11
C GLU H 275 46.05 -51.27 36.11
N ARG H 276 46.27 -52.58 36.04
CA ARG H 276 47.19 -53.10 35.04
C ARG H 276 46.52 -53.08 33.68
N LEU H 277 45.24 -53.47 33.65
CA LEU H 277 44.45 -53.49 32.42
C LEU H 277 44.41 -52.09 31.78
N LEU H 278 44.13 -51.08 32.60
CA LEU H 278 44.05 -49.70 32.12
C LEU H 278 45.40 -49.00 32.04
N GLY H 279 46.46 -49.60 32.62
CA GLY H 279 47.79 -48.99 32.61
C GLY H 279 47.84 -47.73 33.45
N VAL H 280 47.57 -47.84 34.74
CA VAL H 280 47.52 -46.70 35.66
C VAL H 280 48.63 -46.78 36.69
N GLU H 281 49.50 -45.76 36.72
CA GLU H 281 50.55 -45.72 37.73
C GLU H 281 49.94 -45.14 38.99
N VAL H 282 50.38 -45.62 40.15
CA VAL H 282 49.85 -45.18 41.43
C VAL H 282 50.92 -44.34 42.13
N PRO H 283 50.59 -43.13 42.58
CA PRO H 283 51.59 -42.28 43.24
C PRO H 283 52.20 -42.94 44.47
N GLU H 284 53.35 -42.41 44.87
CA GLU H 284 54.09 -42.96 46.01
C GLU H 284 53.26 -42.98 47.29
N LYS H 285 52.68 -41.84 47.66
CA LYS H 285 51.90 -41.76 48.90
C LYS H 285 50.81 -42.82 48.97
N ALA H 286 50.09 -43.03 47.88
CA ALA H 286 49.04 -44.03 47.89
C ALA H 286 49.60 -45.44 48.03
N ARG H 287 50.76 -45.70 47.42
CA ARG H 287 51.37 -47.02 47.53
C ARG H 287 51.63 -47.39 48.98
N TYR H 288 52.14 -46.45 49.77
CA TYR H 288 52.39 -46.74 51.17
C TYR H 288 51.11 -46.80 51.97
N ILE H 289 50.12 -45.97 51.63
CA ILE H 289 48.84 -46.03 52.34
C ILE H 289 48.18 -47.37 52.08
N ARG H 290 48.29 -47.88 50.85
CA ARG H 290 47.71 -49.16 50.48
C ARG H 290 48.38 -50.30 51.23
N THR H 291 49.71 -50.35 51.20
CA THR H 291 50.44 -51.40 51.89
C THR H 291 50.16 -51.38 53.39
N MET H 292 50.12 -50.19 53.98
CA MET H 292 49.86 -50.09 55.42
C MET H 292 48.46 -50.54 55.76
N PHE H 293 47.45 -50.04 55.03
CA PHE H 293 46.09 -50.45 55.35
C PHE H 293 45.84 -51.90 54.96
N ALA H 294 46.52 -52.40 53.94
CA ALA H 294 46.33 -53.81 53.63
C ALA H 294 46.92 -54.68 54.73
N GLU H 295 48.02 -54.24 55.35
CA GLU H 295 48.64 -55.00 56.44
C GLU H 295 47.82 -54.88 57.71
N LEU H 296 47.23 -53.70 57.95
CA LEU H 296 46.37 -53.54 59.11
C LEU H 296 45.17 -54.46 58.98
N GLN H 297 44.75 -54.73 57.74
CA GLN H 297 43.64 -55.64 57.51
C GLN H 297 44.04 -57.08 57.75
N ARG H 298 45.28 -57.44 57.39
CA ARG H 298 45.73 -58.81 57.62
C ARG H 298 45.73 -59.12 59.10
N ILE H 299 46.20 -58.17 59.93
CA ILE H 299 46.20 -58.35 61.38
C ILE H 299 44.78 -58.48 61.87
N ASN H 300 43.92 -57.56 61.41
CA ASN H 300 42.52 -57.56 61.78
C ASN H 300 41.84 -58.85 61.36
N SER H 301 42.19 -59.38 60.18
CA SER H 301 41.55 -60.62 59.71
C SER H 301 42.08 -61.84 60.47
N HIS H 302 43.37 -61.85 60.80
CA HIS H 302 43.89 -62.97 61.55
C HIS H 302 43.42 -62.91 63.00
N LEU H 303 43.23 -61.70 63.53
CA LEU H 303 42.72 -61.57 64.89
C LEU H 303 41.35 -62.20 65.01
N LEU H 304 40.50 -62.02 63.99
CA LEU H 304 39.16 -62.60 64.00
C LEU H 304 39.23 -64.12 63.95
N TRP H 305 40.11 -64.67 63.10
CA TRP H 305 40.27 -66.13 63.03
C TRP H 305 40.73 -66.70 64.36
N LEU H 306 41.58 -65.95 65.07
CA LEU H 306 42.10 -66.37 66.36
C LEU H 306 41.05 -66.20 67.46
N GLY H 307 40.33 -65.08 67.45
CA GLY H 307 39.30 -64.88 68.46
C GLY H 307 38.16 -65.86 68.32
N THR H 308 37.63 -65.99 67.10
CA THR H 308 36.56 -66.94 66.85
C THR H 308 37.08 -68.37 66.91
N GLY H 309 38.37 -68.57 66.65
CA GLY H 309 38.95 -69.89 66.76
C GLY H 309 39.00 -70.33 68.20
N ALA H 310 39.21 -69.38 69.11
CA ALA H 310 39.20 -69.71 70.53
C ALA H 310 37.76 -69.98 70.97
N LEU H 311 36.83 -69.17 70.47
CA LEU H 311 35.41 -69.33 70.78
C LEU H 311 34.91 -70.73 70.44
N ASP H 312 35.51 -71.37 69.45
CA ASP H 312 35.08 -72.72 69.04
C ASP H 312 35.33 -73.76 70.12
N LEU H 313 36.31 -73.55 70.99
CA LEU H 313 36.64 -74.50 72.04
C LEU H 313 36.55 -73.85 73.42
N GLY H 314 35.49 -73.08 73.67
CA GLY H 314 35.39 -72.42 74.97
C GLY H 314 36.45 -71.35 74.96
N ALA H 315 37.29 -71.32 76.01
CA ALA H 315 38.39 -70.35 76.12
C ALA H 315 37.98 -68.98 75.60
N LEU H 316 36.80 -68.53 76.05
CA LEU H 316 36.23 -67.25 75.67
C LEU H 316 37.11 -66.06 76.06
N THR H 317 38.12 -66.27 76.91
CA THR H 317 38.98 -65.16 77.31
C THR H 317 39.78 -64.60 76.13
N VAL H 318 40.19 -65.46 75.21
CA VAL H 318 40.95 -64.98 74.06
C VAL H 318 40.03 -64.27 73.08
N PHE H 319 38.75 -64.66 73.05
CA PHE H 319 37.79 -64.00 72.15
C PHE H 319 37.68 -62.53 72.48
N LEU H 320 37.57 -62.18 73.76
CA LEU H 320 37.43 -60.77 74.13
C LEU H 320 38.70 -59.98 73.82
N TYR H 321 39.86 -60.50 74.23
CA TYR H 321 41.12 -59.78 73.98
C TYR H 321 41.40 -59.62 72.50
N ALA H 322 41.07 -60.64 71.69
CA ALA H 322 41.29 -60.54 70.25
C ALA H 322 40.49 -59.39 69.66
N PHE H 323 39.23 -59.25 70.08
CA PHE H 323 38.37 -58.16 69.59
C PHE H 323 38.75 -56.83 70.19
N ARG H 324 39.49 -56.81 71.30
CA ARG H 324 39.91 -55.53 71.87
C ARG H 324 40.85 -54.81 70.91
N GLU H 325 41.72 -55.58 70.24
CA GLU H 325 42.65 -55.03 69.27
C GLU H 325 41.98 -54.77 67.92
N ARG H 326 40.95 -55.57 67.57
CA ARG H 326 40.24 -55.35 66.31
C ARG H 326 39.53 -54.01 66.34
N GLU H 327 38.96 -53.65 67.49
CA GLU H 327 38.29 -52.36 67.63
C GLU H 327 39.28 -51.22 67.40
N LYS H 328 40.56 -51.44 67.77
CA LYS H 328 41.58 -50.43 67.55
C LYS H 328 41.89 -50.30 66.07
N ILE H 329 42.04 -51.43 65.38
CA ILE H 329 42.31 -51.38 63.95
C ILE H 329 41.13 -50.78 63.22
N MET H 330 39.90 -51.09 63.67
CA MET H 330 38.73 -50.52 63.01
C MET H 330 38.61 -49.02 63.24
N ASP H 331 39.04 -48.52 64.39
CA ASP H 331 38.97 -47.08 64.61
C ASP H 331 39.86 -46.33 63.61
N ILE H 332 40.96 -46.95 63.19
CA ILE H 332 41.85 -46.32 62.24
C ILE H 332 41.24 -46.36 60.85
N ILE H 333 40.72 -47.53 60.46
CA ILE H 333 40.10 -47.68 59.14
C ILE H 333 38.84 -46.82 59.07
N GLU H 334 37.99 -46.88 60.09
CA GLU H 334 36.78 -46.07 60.06
C GLU H 334 37.10 -44.58 60.08
N GLY H 335 38.14 -44.19 60.84
CA GLY H 335 38.49 -42.78 60.90
C GLY H 335 38.97 -42.21 59.59
N ASN H 336 39.59 -43.06 58.76
CA ASN H 336 40.12 -42.65 57.46
C ASN H 336 39.17 -42.95 56.29
N ALA H 337 38.59 -44.14 56.23
CA ALA H 337 37.70 -44.47 55.12
C ALA H 337 36.28 -43.96 55.33
N GLY H 338 35.76 -44.01 56.56
CA GLY H 338 34.42 -43.56 56.86
C GLY H 338 33.42 -44.66 57.21
N TYR H 339 33.79 -45.93 57.11
CA TYR H 339 32.90 -47.03 57.43
C TYR H 339 33.70 -48.09 58.18
N ARG H 340 33.04 -48.80 59.10
CA ARG H 340 33.73 -49.77 59.93
C ARG H 340 34.17 -51.02 59.16
N LEU H 341 33.22 -51.72 58.52
CA LEU H 341 33.60 -52.96 57.85
C LEU H 341 33.82 -52.80 56.34
N THR H 342 32.82 -52.30 55.62
CA THR H 342 32.93 -52.11 54.18
C THR H 342 33.58 -50.75 53.91
N SER H 343 34.90 -50.73 54.09
CA SER H 343 35.73 -49.52 53.98
C SER H 343 35.48 -48.71 52.70
N CYS H 344 35.66 -49.32 51.52
CA CYS H 344 35.52 -48.61 50.24
C CYS H 344 36.50 -47.44 50.23
N PHE H 345 37.76 -47.76 50.55
CA PHE H 345 38.88 -46.85 50.70
C PHE H 345 39.74 -46.71 49.45
N LEU H 346 40.03 -47.81 48.77
CA LEU H 346 40.87 -47.70 47.58
C LEU H 346 40.08 -47.21 46.38
N ARG H 347 40.80 -46.62 45.43
CA ARG H 347 40.20 -46.12 44.20
C ARG H 347 41.11 -46.48 43.04
N ILE H 348 40.52 -46.56 41.87
CA ILE H 348 41.34 -46.84 40.68
C ILE H 348 42.22 -45.62 40.51
N GLY H 349 43.52 -45.77 40.81
CA GLY H 349 44.49 -44.71 40.72
C GLY H 349 45.13 -44.29 42.04
N GLY H 350 44.70 -44.85 43.17
CA GLY H 350 45.25 -44.54 44.48
C GLY H 350 44.31 -44.85 45.63
N VAL H 351 44.08 -43.86 46.51
CA VAL H 351 43.16 -44.02 47.62
C VAL H 351 42.15 -42.88 47.55
N HIS H 352 41.01 -43.06 48.23
CA HIS H 352 39.93 -42.07 48.19
C HIS H 352 40.35 -40.72 48.78
N TYR H 353 40.86 -40.71 50.00
CA TYR H 353 41.29 -39.46 50.62
C TYR H 353 42.70 -39.64 51.16
N ASP H 354 43.28 -38.53 51.60
CA ASP H 354 44.58 -38.60 52.24
C ASP H 354 44.34 -39.07 53.67
N LEU H 355 45.42 -39.31 54.39
CA LEU H 355 45.26 -39.77 55.76
C LEU H 355 44.69 -38.65 56.63
N ALA H 356 43.85 -39.02 57.59
CA ALA H 356 43.22 -38.07 58.51
C ALA H 356 44.23 -37.65 59.57
N GLU H 357 44.23 -36.36 59.92
CA GLU H 357 45.17 -35.84 60.91
C GLU H 357 45.21 -36.71 62.14
N GLY H 358 46.44 -36.96 62.61
CA GLY H 358 46.69 -37.78 63.78
C GLY H 358 46.61 -39.27 63.51
N THR H 359 46.37 -39.68 62.27
CA THR H 359 46.28 -41.10 61.97
C THR H 359 47.65 -41.75 62.17
N LEU H 360 48.74 -41.03 61.87
CA LEU H 360 50.07 -41.59 62.06
C LEU H 360 50.39 -41.69 63.56
N ASP H 361 49.95 -40.70 64.34
CA ASP H 361 50.19 -40.74 65.77
C ASP H 361 49.46 -41.91 66.41
N VAL H 362 48.26 -42.24 65.91
CA VAL H 362 47.49 -43.34 66.47
C VAL H 362 48.09 -44.68 66.04
N VAL H 363 48.49 -44.81 64.77
CA VAL H 363 49.09 -46.07 64.35
C VAL H 363 50.36 -46.35 65.14
N LYS H 364 51.12 -45.30 65.46
CA LYS H 364 52.32 -45.48 66.26
C LYS H 364 51.96 -45.93 67.68
N HIS H 365 50.85 -45.41 68.20
CA HIS H 365 50.39 -45.79 69.53
C HIS H 365 49.93 -47.25 69.56
N PHE H 366 49.53 -47.81 68.41
CA PHE H 366 49.08 -49.18 68.29
C PHE H 366 50.24 -50.14 68.07
N ILE H 367 51.13 -49.78 67.13
CA ILE H 367 52.29 -50.61 66.80
C ILE H 367 53.26 -50.71 67.96
N LYS H 368 53.20 -49.80 68.93
CA LYS H 368 54.12 -49.91 70.06
C LYS H 368 53.68 -51.00 71.03
N ASP H 369 52.36 -51.17 71.20
CA ASP H 369 51.82 -52.16 72.12
C ASP H 369 51.68 -53.56 71.52
N PHE H 370 51.00 -53.67 70.38
CA PHE H 370 50.68 -54.95 69.71
C PHE H 370 51.78 -56.01 69.73
N PRO H 371 53.07 -55.69 69.54
CA PRO H 371 54.08 -56.77 69.61
C PRO H 371 54.09 -57.48 70.96
N ASN H 372 53.96 -56.73 72.06
CA ASN H 372 53.94 -57.34 73.40
C ASN H 372 52.61 -58.03 73.68
N ARG H 373 51.51 -57.46 73.17
CA ARG H 373 50.18 -58.04 73.35
C ARG H 373 50.08 -59.39 72.65
N LEU H 374 50.95 -59.64 71.66
CA LEU H 374 50.97 -60.92 70.97
C LEU H 374 51.48 -62.01 71.89
N LYS H 375 52.43 -61.67 72.77
CA LYS H 375 52.95 -62.66 73.72
C LYS H 375 51.87 -63.11 74.69
N GLU H 376 50.81 -62.30 74.86
CA GLU H 376 49.73 -62.68 75.75
C GLU H 376 48.94 -63.84 75.15
N TYR H 377 48.59 -63.73 73.87
CA TYR H 377 47.84 -64.79 73.21
C TYR H 377 48.65 -66.08 73.15
N HIS H 378 49.97 -65.98 72.98
CA HIS H 378 50.82 -67.16 72.93
C HIS H 378 50.72 -67.97 74.22
N THR H 379 50.87 -67.30 75.38
CA THR H 379 50.82 -67.98 76.67
C THR H 379 49.40 -68.28 77.15
N LEU H 380 48.40 -67.51 76.72
CA LEU H 380 47.03 -67.78 77.14
C LEU H 380 46.49 -69.05 76.50
N LEU H 381 47.03 -69.44 75.33
CA LEU H 381 46.59 -70.63 74.64
C LEU H 381 47.37 -71.86 75.10
N THR H 382 48.70 -71.83 74.94
CA THR H 382 49.54 -72.96 75.35
C THR H 382 49.46 -73.24 76.85
N ARG H 383 48.81 -72.36 77.62
CA ARG H 383 48.68 -72.56 79.06
C ARG H 383 47.91 -73.84 79.35
N ASN H 384 46.87 -74.13 78.56
CA ASN H 384 46.07 -75.33 78.71
C ASN H 384 46.64 -76.36 77.73
N ARG H 385 47.46 -77.27 78.24
CA ARG H 385 48.02 -78.27 77.34
C ARG H 385 47.04 -79.42 77.14
N ILE H 386 45.85 -79.32 77.74
CA ILE H 386 44.80 -80.32 77.61
C ILE H 386 44.27 -80.36 76.17
N TRP H 387 44.41 -79.27 75.44
CA TRP H 387 43.95 -79.21 74.06
C TRP H 387 45.10 -79.18 73.05
N LEU H 388 46.33 -78.93 73.52
CA LEU H 388 47.49 -78.90 72.63
C LEU H 388 47.65 -80.20 71.88
N ARG H 389 47.27 -81.32 72.52
CA ARG H 389 47.39 -82.64 71.92
C ARG H 389 46.40 -82.86 70.78
N ARG H 390 45.26 -82.16 70.77
CA ARG H 390 44.26 -82.34 69.73
C ARG H 390 44.59 -81.64 68.41
N THR H 391 45.77 -81.01 68.27
CA THR H 391 46.14 -80.33 67.03
C THR H 391 47.57 -80.53 66.56
N LYS H 392 48.51 -80.92 67.42
CA LYS H 392 49.92 -81.08 67.07
C LYS H 392 50.25 -82.31 66.22
N ASP H 393 49.28 -83.13 65.81
CA ASP H 393 49.61 -84.30 65.00
C ASP H 393 48.67 -84.57 63.85
N VAL H 394 47.54 -83.87 63.75
CA VAL H 394 46.55 -84.11 62.71
C VAL H 394 46.58 -83.03 61.65
N GLY H 395 45.95 -83.34 60.51
CA GLY H 395 45.88 -82.41 59.41
C GLY H 395 47.20 -82.09 58.73
N VAL H 396 48.10 -83.07 58.63
CA VAL H 396 49.38 -82.82 57.99
C VAL H 396 49.15 -82.65 56.49
N ILE H 397 49.75 -81.60 55.93
CA ILE H 397 49.65 -81.29 54.51
C ILE H 397 51.06 -81.36 53.92
N THR H 398 51.26 -82.27 52.98
CA THR H 398 52.54 -82.42 52.32
C THR H 398 52.74 -81.34 51.25
N ARG H 399 53.99 -81.19 50.78
CA ARG H 399 54.27 -80.21 49.73
C ARG H 399 53.54 -80.60 48.46
N GLU H 400 53.25 -81.89 48.30
CA GLU H 400 52.51 -82.42 47.15
C GLU H 400 51.07 -81.92 47.14
N ASP H 401 50.45 -81.85 48.33
CA ASP H 401 49.07 -81.41 48.42
C ASP H 401 48.93 -79.92 48.13
N VAL H 402 49.97 -79.13 48.40
CA VAL H 402 49.91 -77.71 48.13
C VAL H 402 49.80 -77.46 46.64
N HIS H 403 50.62 -78.18 45.84
CA HIS H 403 50.57 -78.00 44.39
C HIS H 403 49.41 -78.77 43.75
N ASN H 404 49.06 -79.93 44.29
CA ASN H 404 47.96 -80.68 43.69
C ASN H 404 46.61 -80.06 44.00
N TYR H 405 46.46 -79.41 45.15
CA TYR H 405 45.18 -78.79 45.53
C TYR H 405 45.15 -77.29 45.34
N GLY H 406 46.26 -76.64 45.02
CA GLY H 406 46.26 -75.20 44.83
C GLY H 406 46.13 -74.42 46.13
N LEU H 407 46.77 -74.88 47.19
CA LEU H 407 46.70 -74.21 48.48
C LEU H 407 47.52 -72.92 48.43
N SER H 408 47.12 -71.96 49.24
CA SER H 408 47.80 -70.68 49.28
C SER H 408 47.67 -70.08 50.67
N GLY H 409 48.18 -68.86 50.82
CA GLY H 409 48.13 -68.16 52.09
C GLY H 409 48.82 -68.93 53.20
N PRO H 410 48.29 -68.81 54.43
CA PRO H 410 48.92 -69.51 55.55
C PRO H 410 48.82 -71.03 55.43
N VAL H 411 47.81 -71.53 54.71
CA VAL H 411 47.66 -72.97 54.54
C VAL H 411 48.84 -73.54 53.76
N ALA H 412 49.30 -72.84 52.73
CA ALA H 412 50.43 -73.35 51.95
C ALA H 412 51.75 -73.12 52.66
N ARG H 413 51.90 -71.97 53.32
CA ARG H 413 53.14 -71.66 54.03
C ARG H 413 53.37 -72.59 55.22
N GLY H 414 52.29 -73.07 55.85
CA GLY H 414 52.42 -73.97 56.99
C GLY H 414 53.02 -75.31 56.63
N SER H 415 52.97 -75.69 55.36
CA SER H 415 53.51 -76.96 54.90
C SER H 415 54.91 -76.84 54.32
N GLY H 416 55.58 -75.70 54.51
CA GLY H 416 56.93 -75.52 54.02
C GLY H 416 57.05 -74.67 52.78
N VAL H 417 56.07 -74.72 51.88
CA VAL H 417 56.09 -73.96 50.63
C VAL H 417 55.95 -72.46 50.91
N PRO H 418 56.98 -71.64 50.63
CA PRO H 418 56.91 -70.19 50.88
C PRO H 418 56.23 -69.43 49.74
N TYR H 419 54.98 -69.79 49.44
CA TYR H 419 54.20 -69.19 48.37
C TYR H 419 53.51 -67.92 48.86
N ASP H 420 54.20 -66.78 48.72
CA ASP H 420 53.71 -65.47 49.12
C ASP H 420 53.87 -64.50 47.94
N LEU H 421 52.75 -64.08 47.36
CA LEU H 421 52.81 -63.18 46.22
C LEU H 421 53.40 -61.81 46.57
N ARG H 422 53.41 -61.42 47.84
CA ARG H 422 53.99 -60.12 48.18
C ARG H 422 55.47 -60.06 47.81
N LYS H 423 56.13 -61.21 47.72
CA LYS H 423 57.53 -61.30 47.35
C LYS H 423 57.70 -61.89 45.96
N LEU H 424 56.88 -62.89 45.62
CA LEU H 424 56.99 -63.51 44.31
C LEU H 424 56.40 -62.64 43.20
N GLN H 425 55.30 -61.94 43.48
CA GLN H 425 54.62 -61.08 42.52
C GLN H 425 54.34 -59.73 43.18
N PRO H 426 55.39 -58.98 43.51
CA PRO H 426 55.21 -57.72 44.22
C PRO H 426 54.18 -56.76 43.62
N TYR H 427 53.62 -55.94 44.51
CA TYR H 427 52.64 -54.92 44.18
C TYR H 427 52.89 -53.72 45.10
N ALA H 428 51.84 -52.97 45.42
CA ALA H 428 51.83 -51.64 46.05
C ALA H 428 53.13 -51.16 46.68
N ALA H 429 53.64 -51.76 47.74
CA ALA H 429 54.92 -51.26 48.22
C ALA H 429 55.74 -52.38 48.83
N TYR H 430 55.33 -53.63 48.67
CA TYR H 430 56.00 -54.77 49.26
C TYR H 430 57.40 -54.98 48.71
N ASP H 431 57.83 -54.15 47.76
CA ASP H 431 59.17 -54.30 47.24
C ASP H 431 60.17 -53.40 47.94
N GLU H 432 59.77 -52.20 48.37
CA GLU H 432 60.68 -51.32 49.09
C GLU H 432 60.63 -51.51 50.60
N VAL H 433 59.84 -52.48 51.06
CA VAL H 433 59.69 -52.80 52.48
C VAL H 433 60.22 -54.21 52.65
N GLU H 434 61.01 -54.42 53.71
CA GLU H 434 61.62 -55.72 54.00
C GLU H 434 60.83 -56.37 55.13
N PHE H 435 60.52 -57.64 54.94
CA PHE H 435 59.76 -58.41 55.91
C PHE H 435 60.14 -59.88 55.75
N ASP H 436 59.61 -60.73 56.64
CA ASP H 436 59.90 -62.15 56.62
C ASP H 436 58.63 -62.94 56.33
N ILE H 437 58.79 -64.10 55.69
CA ILE H 437 57.67 -64.96 55.32
C ILE H 437 57.71 -66.18 56.23
N PRO H 438 56.76 -66.33 57.14
CA PRO H 438 56.76 -67.50 58.03
C PRO H 438 56.50 -68.80 57.26
N VAL H 439 57.24 -69.84 57.65
CA VAL H 439 57.13 -71.14 57.01
C VAL H 439 57.27 -72.22 58.08
N GLY H 440 56.45 -73.26 57.96
CA GLY H 440 56.46 -74.37 58.88
C GLY H 440 57.28 -75.54 58.37
N GLU H 441 57.43 -76.54 59.22
CA GLU H 441 58.19 -77.75 58.92
C GLU H 441 57.36 -79.01 58.96
N VAL H 442 56.40 -79.10 59.88
CA VAL H 442 55.56 -80.29 60.00
C VAL H 442 54.38 -80.24 59.03
N GLY H 443 53.70 -79.09 58.93
CA GLY H 443 52.56 -78.95 58.04
C GLY H 443 51.23 -79.33 58.63
N ASP H 444 51.08 -79.35 59.95
CA ASP H 444 49.84 -79.70 60.62
C ASP H 444 49.08 -78.46 61.09
N VAL H 445 48.00 -78.69 61.85
CA VAL H 445 47.17 -77.59 62.36
C VAL H 445 48.00 -76.65 63.21
N TYR H 446 48.92 -77.20 63.99
CA TYR H 446 49.76 -76.38 64.84
C TYR H 446 50.67 -75.47 64.01
N ASP H 447 51.30 -76.01 62.96
CA ASP H 447 52.18 -75.18 62.14
C ASP H 447 51.40 -74.03 61.52
N ARG H 448 50.16 -74.28 61.11
CA ARG H 448 49.35 -73.22 60.52
C ARG H 448 48.97 -72.16 61.56
N TYR H 449 48.79 -72.57 62.83
CA TYR H 449 48.47 -71.59 63.86
C TYR H 449 49.65 -70.65 64.08
N LEU H 450 50.86 -71.20 64.14
CA LEU H 450 52.06 -70.39 64.34
C LEU H 450 52.33 -69.49 63.14
N VAL H 451 52.07 -70.00 61.93
CA VAL H 451 52.30 -69.21 60.71
C VAL H 451 51.49 -67.92 60.75
N ARG H 452 50.20 -68.03 61.07
CA ARG H 452 49.37 -66.84 61.14
C ARG H 452 49.80 -65.91 62.28
N MET H 453 50.36 -66.47 63.36
CA MET H 453 50.79 -65.65 64.49
C MET H 453 51.96 -64.73 64.14
N GLU H 454 53.03 -65.27 63.54
CA GLU H 454 54.14 -64.40 63.16
C GLU H 454 53.78 -63.50 61.99
N GLU H 455 52.83 -63.90 61.15
CA GLU H 455 52.43 -63.03 60.05
C GLU H 455 51.91 -61.72 60.60
N MET H 456 51.23 -61.77 61.75
CA MET H 456 50.76 -60.55 62.38
C MET H 456 51.95 -59.72 62.85
N ALA H 457 53.01 -60.38 63.33
CA ALA H 457 54.19 -59.65 63.76
C ALA H 457 54.89 -59.01 62.57
N GLN H 458 55.05 -59.75 61.48
CA GLN H 458 55.68 -59.19 60.30
C GLN H 458 54.87 -58.02 59.76
N SER H 459 53.54 -58.10 59.84
CA SER H 459 52.71 -57.00 59.38
C SER H 459 52.96 -55.75 60.21
N VAL H 460 53.28 -55.93 61.50
CA VAL H 460 53.60 -54.81 62.38
C VAL H 460 54.90 -54.18 61.94
N ARG H 461 55.86 -55.01 61.49
CA ARG H 461 57.12 -54.44 61.00
C ARG H 461 56.90 -53.74 59.66
N ILE H 462 55.97 -54.24 58.84
CA ILE H 462 55.69 -53.59 57.56
C ILE H 462 55.02 -52.24 57.80
N ILE H 463 54.04 -52.22 58.71
CA ILE H 463 53.37 -50.98 59.04
C ILE H 463 54.37 -49.97 59.58
N GLU H 464 55.33 -50.45 60.38
CA GLU H 464 56.35 -49.57 60.95
C GLU H 464 57.16 -48.86 59.87
N GLN H 465 57.53 -49.57 58.80
CA GLN H 465 58.31 -48.93 57.73
C GLN H 465 57.46 -47.96 56.93
N CYS H 466 56.15 -48.25 56.82
CA CYS H 466 55.26 -47.37 56.09
C CYS H 466 55.00 -46.07 56.84
N VAL H 467 55.05 -46.11 58.18
CA VAL H 467 54.83 -44.92 58.98
C VAL H 467 55.98 -43.93 58.82
N GLN H 468 57.22 -44.39 58.97
CA GLN H 468 58.36 -43.48 58.83
C GLN H 468 58.46 -42.93 57.42
N LYS H 469 58.08 -43.72 56.41
CA LYS H 469 58.14 -43.21 55.04
C LYS H 469 57.07 -42.15 54.82
N LEU H 470 55.90 -42.31 55.43
CA LEU H 470 54.85 -41.31 55.27
C LEU H 470 55.21 -40.01 55.98
N GLU H 471 55.96 -40.09 57.08
CA GLU H 471 56.38 -38.88 57.80
C GLU H 471 57.32 -38.03 56.96
N LYS H 472 58.11 -38.65 56.08
CA LYS H 472 59.07 -37.95 55.24
C LYS H 472 58.47 -37.33 53.98
N LEU H 473 57.20 -37.60 53.66
CA LEU H 473 56.57 -37.05 52.46
C LEU H 473 55.79 -35.78 52.77
N PRO H 474 55.81 -34.80 51.86
CA PRO H 474 55.05 -33.56 52.10
C PRO H 474 53.56 -33.84 51.98
N LYS H 475 52.76 -33.04 52.70
CA LYS H 475 51.33 -33.27 52.56
C LYS H 475 50.84 -32.83 51.18
N ASP H 476 51.76 -32.31 50.38
CA ASP H 476 51.56 -31.87 49.01
C ASP H 476 51.65 -33.05 48.03
N ALA H 477 52.31 -34.12 48.43
CA ALA H 477 52.48 -35.29 47.58
C ALA H 477 51.13 -35.89 47.21
N PRO H 478 50.96 -36.37 45.97
CA PRO H 478 49.68 -36.93 45.56
C PRO H 478 49.41 -38.32 46.09
N TYR H 479 48.12 -38.58 46.29
CA TYR H 479 47.61 -39.87 46.75
C TYR H 479 46.71 -40.45 45.67
N LEU H 480 46.66 -39.77 44.52
CA LEU H 480 45.88 -40.14 43.35
C LEU H 480 46.61 -39.72 42.10
N ASN H 481 46.57 -40.57 41.07
CA ASN H 481 47.18 -40.26 39.77
C ASN H 481 46.12 -39.52 38.94
N LYS H 482 46.00 -38.23 39.19
CA LYS H 482 45.01 -37.39 38.53
C LYS H 482 45.27 -37.23 37.04
N GLU H 483 46.44 -37.60 36.54
CA GLU H 483 46.68 -37.43 35.12
C GLU H 483 46.22 -38.59 34.25
N HIS H 484 45.76 -39.71 34.84
CA HIS H 484 45.31 -40.75 33.91
C HIS H 484 43.84 -40.52 33.57
N PRO H 485 43.43 -40.75 32.31
CA PRO H 485 42.02 -40.48 31.94
C PRO H 485 40.97 -41.34 32.64
N ALA H 486 41.33 -42.49 33.22
CA ALA H 486 40.40 -43.38 33.91
C ALA H 486 40.29 -43.12 35.41
N VAL H 487 40.92 -42.09 35.91
CA VAL H 487 40.90 -41.80 37.34
C VAL H 487 39.93 -40.66 37.60
N ILE H 488 38.86 -40.97 38.32
CA ILE H 488 37.82 -40.01 38.67
C ILE H 488 38.42 -38.97 39.61
N PRO H 489 38.38 -37.69 39.26
CA PRO H 489 38.99 -36.69 40.12
C PRO H 489 38.16 -36.41 41.36
N PRO H 490 38.80 -35.97 42.44
CA PRO H 490 38.05 -35.65 43.66
C PRO H 490 37.11 -34.48 43.41
N LYS H 491 36.03 -34.48 44.19
CA LYS H 491 34.99 -33.46 44.07
C LYS H 491 35.54 -32.05 44.18
N GLU H 492 36.53 -31.84 45.06
CA GLU H 492 37.08 -30.50 45.22
C GLU H 492 37.64 -29.99 43.90
N ASP H 493 38.23 -30.89 43.11
CA ASP H 493 38.78 -30.52 41.80
C ASP H 493 37.65 -30.31 40.79
N VAL H 494 36.58 -31.11 40.88
CA VAL H 494 35.49 -30.91 39.94
C VAL H 494 34.81 -29.57 40.22
N PHE H 495 34.77 -29.13 41.49
CA PHE H 495 34.16 -27.85 41.83
C PHE H 495 34.94 -26.66 41.29
N HIS H 496 36.17 -26.87 40.87
CA HIS H 496 37.08 -25.81 40.49
C HIS H 496 37.22 -25.58 38.99
N ASP H 497 37.44 -26.62 38.21
CA ASP H 497 37.68 -26.38 36.80
C ASP H 497 37.03 -27.45 35.93
N LEU H 498 36.67 -27.02 34.71
CA LEU H 498 36.04 -27.88 33.72
C LEU H 498 36.98 -28.97 33.24
N GLU H 499 38.28 -28.67 33.26
CA GLU H 499 39.28 -29.63 32.82
C GLU H 499 39.16 -30.94 33.60
N SER H 500 38.68 -30.87 34.86
CA SER H 500 38.47 -32.01 35.76
C SER H 500 37.04 -32.53 35.68
N MET H 501 36.07 -31.62 35.55
CA MET H 501 34.65 -31.99 35.44
C MET H 501 34.37 -32.98 34.31
N VAL H 502 34.94 -32.75 33.12
CA VAL H 502 34.70 -33.63 31.98
C VAL H 502 35.16 -35.05 32.26
N LYS H 503 36.14 -35.24 33.15
CA LYS H 503 36.60 -36.59 33.45
C LYS H 503 35.56 -37.33 34.26
N SER H 504 35.02 -36.68 35.29
CA SER H 504 34.00 -37.27 36.14
C SER H 504 32.79 -37.68 35.31
N PHE H 505 32.35 -36.82 34.39
CA PHE H 505 31.21 -37.15 33.56
C PHE H 505 31.51 -38.31 32.62
N ARG H 506 32.65 -38.24 31.91
CA ARG H 506 33.01 -39.29 30.97
C ARG H 506 33.04 -40.67 31.62
N VAL H 507 33.77 -40.79 32.73
CA VAL H 507 33.89 -42.09 33.38
C VAL H 507 32.58 -42.53 34.01
N VAL H 508 31.91 -41.63 34.72
CA VAL H 508 30.66 -42.02 35.37
C VAL H 508 29.60 -42.42 34.35
N VAL H 509 29.51 -41.72 33.22
CA VAL H 509 28.48 -42.05 32.24
C VAL H 509 28.90 -43.19 31.33
N HIS H 510 30.14 -43.18 30.82
CA HIS H 510 30.57 -44.22 29.89
C HIS H 510 31.51 -45.26 30.47
N GLY H 511 32.03 -45.07 31.68
CA GLY H 511 32.96 -46.02 32.24
C GLY H 511 34.40 -45.74 31.80
N GLU H 512 35.32 -46.42 32.46
CA GLU H 512 36.71 -46.24 32.07
C GLU H 512 36.87 -46.79 30.66
N ASP H 513 37.74 -46.17 29.89
CA ASP H 513 37.94 -46.60 28.51
C ASP H 513 39.00 -47.72 28.48
N ALA H 514 38.56 -48.91 28.92
CA ALA H 514 39.43 -50.08 28.98
C ALA H 514 39.74 -50.63 27.59
N PRO H 515 40.98 -51.03 27.33
CA PRO H 515 41.34 -51.57 26.02
C PRO H 515 41.09 -53.07 25.97
N PRO H 516 41.11 -53.67 24.78
CA PRO H 516 40.91 -55.12 24.69
C PRO H 516 42.10 -55.85 25.28
N GLY H 517 41.85 -57.09 25.72
CA GLY H 517 42.93 -57.85 26.31
C GLY H 517 42.49 -58.64 27.52
N GLU H 518 43.41 -59.38 28.13
CA GLU H 518 43.14 -60.19 29.31
C GLU H 518 44.24 -59.96 30.34
N VAL H 519 43.89 -60.13 31.62
CA VAL H 519 44.87 -59.93 32.68
C VAL H 519 44.53 -60.81 33.88
N TYR H 520 45.57 -61.35 34.51
CA TYR H 520 45.42 -62.16 35.71
C TYR H 520 46.45 -61.70 36.74
N PHE H 521 45.95 -61.18 37.86
CA PHE H 521 46.80 -60.70 38.94
C PHE H 521 46.13 -61.14 40.22
N ALA H 522 46.94 -61.36 41.26
CA ALA H 522 46.40 -61.82 42.54
C ALA H 522 47.03 -61.04 43.68
N GLY H 523 46.26 -60.94 44.76
CA GLY H 523 46.70 -60.25 45.97
C GLY H 523 46.82 -61.27 47.09
N GLU H 524 47.78 -61.04 47.98
CA GLU H 524 48.00 -61.93 49.11
C GLU H 524 46.99 -61.55 50.19
N ASN H 525 45.80 -62.09 50.07
CA ASN H 525 44.78 -61.82 51.05
C ASN H 525 45.06 -62.66 52.28
N PRO H 526 44.60 -62.23 53.45
CA PRO H 526 44.86 -63.01 54.67
C PRO H 526 44.55 -64.49 54.56
N ARG H 527 43.59 -64.88 53.72
CA ARG H 527 43.22 -66.29 53.59
C ARG H 527 43.75 -66.95 52.34
N GLY H 528 44.69 -66.35 51.64
CA GLY H 528 45.20 -67.02 50.47
C GLY H 528 45.30 -66.09 49.30
N GLU H 529 45.60 -66.70 48.14
CA GLU H 529 45.77 -65.98 46.89
C GLU H 529 44.42 -65.59 46.31
N LEU H 530 44.12 -64.29 46.30
CA LEU H 530 42.88 -63.77 45.73
C LEU H 530 43.24 -63.32 44.33
N GLY H 531 42.90 -64.16 43.35
CA GLY H 531 43.19 -63.88 41.96
C GLY H 531 42.03 -63.25 41.23
N PHE H 532 42.36 -62.44 40.22
CA PHE H 532 41.38 -61.75 39.39
C PHE H 532 41.76 -61.92 37.92
N PHE H 533 40.91 -62.61 37.17
CA PHE H 533 41.10 -62.81 35.74
C PHE H 533 40.03 -61.96 35.07
N ILE H 534 40.45 -60.87 34.44
CA ILE H 534 39.54 -59.95 33.77
C ILE H 534 39.72 -60.08 32.27
N TYR H 535 38.62 -60.27 31.56
CA TYR H 535 38.62 -60.40 30.11
C TYR H 535 37.80 -59.23 29.57
N SER H 536 38.46 -58.33 28.85
CA SER H 536 37.82 -57.14 28.29
C SER H 536 37.91 -57.08 26.78
N LYS H 537 36.76 -57.05 26.13
CA LYS H 537 36.72 -56.90 24.68
C LYS H 537 36.84 -55.45 24.29
N GLY H 538 37.08 -54.59 25.28
CA GLY H 538 37.17 -53.15 25.09
C GLY H 538 35.86 -52.53 25.50
N GLY H 539 35.90 -51.41 26.22
CA GLY H 539 34.71 -50.73 26.69
C GLY H 539 34.74 -50.49 28.17
N GLY H 540 33.70 -49.80 28.65
CA GLY H 540 33.54 -49.44 30.05
C GLY H 540 33.16 -50.57 30.98
N LYS H 541 32.80 -51.75 30.44
CA LYS H 541 32.43 -52.88 31.27
C LYS H 541 33.14 -54.15 30.82
N PRO H 542 33.60 -54.96 31.76
CA PRO H 542 34.30 -56.20 31.39
C PRO H 542 33.34 -57.24 30.83
N TYR H 543 33.87 -58.08 29.95
CA TYR H 543 33.06 -59.14 29.35
C TYR H 543 32.95 -60.33 30.29
N ARG H 544 34.00 -60.57 31.08
CA ARG H 544 34.01 -61.67 32.02
C ARG H 544 35.13 -61.41 33.01
N THR H 545 34.81 -61.49 34.30
CA THR H 545 35.80 -61.30 35.36
C THR H 545 35.65 -62.43 36.37
N ARG H 546 36.56 -63.39 36.30
CA ARG H 546 36.58 -64.54 37.18
C ARG H 546 37.36 -64.20 38.45
N ILE H 547 36.82 -64.61 39.59
CA ILE H 547 37.43 -64.38 40.89
C ILE H 547 37.97 -65.70 41.42
N ARG H 548 39.28 -65.78 41.60
CA ARG H 548 39.96 -66.98 42.11
C ARG H 548 40.04 -66.82 43.62
N SER H 549 39.20 -67.55 44.34
CA SER H 549 39.15 -67.43 45.79
C SER H 549 40.18 -68.32 46.48
N GLY H 550 41.09 -67.70 47.24
CA GLY H 550 42.10 -68.46 47.95
C GLY H 550 41.50 -69.33 49.04
N ALA H 551 40.42 -68.85 49.67
CA ALA H 551 39.74 -69.62 50.70
C ALA H 551 38.97 -70.79 50.08
N LEU H 552 38.40 -70.56 48.90
CA LEU H 552 37.66 -71.62 48.20
C LEU H 552 38.57 -72.80 47.89
N TYR H 553 39.83 -72.52 47.55
CA TYR H 553 40.79 -73.59 47.27
C TYR H 553 41.38 -74.17 48.54
N ASN H 554 41.37 -73.42 49.65
CA ASN H 554 41.87 -73.94 50.91
C ASN H 554 40.92 -74.98 51.48
N LEU H 555 39.63 -74.87 51.19
CA LEU H 555 38.64 -75.81 51.69
C LEU H 555 38.63 -77.13 50.90
N SER H 556 39.14 -77.15 49.67
CA SER H 556 39.14 -78.36 48.86
C SER H 556 39.93 -79.51 49.49
N ILE H 557 40.89 -79.21 50.38
CA ILE H 557 41.69 -80.26 51.02
C ILE H 557 41.01 -80.84 52.25
N PHE H 558 39.85 -80.33 52.62
CA PHE H 558 39.15 -80.84 53.80
C PHE H 558 38.79 -82.32 53.70
N PRO H 559 38.14 -82.81 52.64
CA PRO H 559 37.83 -84.25 52.60
C PRO H 559 39.05 -85.15 52.69
N LYS H 560 40.20 -84.68 52.19
CA LYS H 560 41.40 -85.50 52.23
C LYS H 560 41.96 -85.65 53.64
N LEU H 561 41.91 -84.58 54.43
CA LEU H 561 42.45 -84.63 55.79
C LEU H 561 41.52 -85.33 56.79
N ILE H 562 40.22 -85.01 56.75
CA ILE H 562 39.28 -85.60 57.70
C ILE H 562 38.95 -87.07 57.40
N GLN H 563 39.22 -87.56 56.20
CA GLN H 563 38.92 -88.95 55.88
C GLN H 563 39.79 -89.89 56.72
N GLY H 564 39.17 -90.96 57.18
CA GLY H 564 39.87 -91.93 58.01
C GLY H 564 40.25 -91.40 59.36
N ARG H 565 39.64 -90.30 59.81
CA ARG H 565 39.90 -89.69 61.10
C ARG H 565 38.62 -89.64 61.93
N THR H 566 38.74 -89.05 63.11
CA THR H 566 37.61 -88.92 64.03
C THR H 566 36.90 -87.61 63.77
N ILE H 567 35.56 -87.64 63.89
CA ILE H 567 34.75 -86.46 63.65
C ILE H 567 35.00 -85.35 64.68
N ALA H 568 35.56 -85.68 65.84
CA ALA H 568 35.82 -84.66 66.86
C ALA H 568 36.85 -83.63 66.40
N ASP H 569 37.86 -84.06 65.65
CA ASP H 569 38.91 -83.16 65.16
C ASP H 569 38.49 -82.29 63.98
N ALA H 570 37.23 -82.36 63.55
CA ALA H 570 36.82 -81.55 62.39
C ALA H 570 36.80 -80.06 62.70
N ILE H 571 36.33 -79.67 63.89
CA ILE H 571 36.24 -78.24 64.22
C ILE H 571 37.64 -77.59 64.24
N ALA H 572 38.62 -78.29 64.80
CA ALA H 572 39.97 -77.70 64.84
C ALA H 572 40.59 -77.69 63.46
N LEU H 573 40.22 -78.68 62.63
CA LEU H 573 40.72 -78.72 61.26
C LEU H 573 40.12 -77.59 60.45
N LEU H 574 38.79 -77.47 60.49
CA LEU H 574 38.10 -76.41 59.75
C LEU H 574 38.64 -75.04 60.12
N GLY H 575 38.94 -74.84 61.41
CA GLY H 575 39.47 -73.56 61.83
C GLY H 575 40.86 -73.28 61.30
N SER H 576 41.68 -74.33 61.14
CA SER H 576 43.05 -74.16 60.64
C SER H 576 43.10 -73.89 59.15
N LEU H 577 41.96 -73.87 58.46
CA LEU H 577 41.89 -73.59 57.03
C LEU H 577 41.36 -72.20 56.73
N ASP H 578 40.94 -71.44 57.75
CA ASP H 578 40.42 -70.07 57.65
C ASP H 578 39.53 -69.83 56.42
N PRO H 579 38.40 -70.53 56.32
CA PRO H 579 37.51 -70.32 55.17
C PRO H 579 36.43 -69.28 55.48
N VAL H 580 35.91 -68.67 54.42
CA VAL H 580 34.87 -67.66 54.52
C VAL H 580 33.80 -67.93 53.48
N VAL H 581 32.55 -68.00 53.94
CA VAL H 581 31.42 -68.25 53.05
C VAL H 581 31.34 -67.18 51.98
N GLY H 582 31.70 -65.94 52.33
CA GLY H 582 31.64 -64.85 51.37
C GLY H 582 32.62 -65.03 50.23
N GLU H 583 33.76 -65.67 50.49
CA GLU H 583 34.72 -65.89 49.43
C GLU H 583 34.27 -67.00 48.48
N THR H 584 33.14 -67.64 48.76
CA THR H 584 32.57 -68.67 47.89
C THR H 584 31.61 -68.01 46.89
N ASP H 585 31.98 -66.79 46.48
CA ASP H 585 31.29 -65.91 45.51
C ASP H 585 29.77 -65.77 45.57
N MET I 1 40.06 14.21 -5.45
CA MET I 1 40.22 15.52 -4.84
C MET I 1 41.59 16.14 -5.15
N ARG I 2 41.72 17.47 -5.12
CA ARG I 2 43.02 18.11 -5.34
C ARG I 2 43.63 18.55 -4.00
N SER I 3 42.83 18.57 -2.94
CA SER I 3 43.27 18.86 -1.58
C SER I 3 42.93 17.60 -0.80
N TYR I 4 43.93 16.85 -0.47
CA TYR I 4 43.86 15.58 0.22
C TYR I 4 43.80 15.73 1.74
N PRO I 5 43.36 14.69 2.45
CA PRO I 5 43.33 14.74 3.92
C PRO I 5 44.70 15.05 4.49
N ALA I 6 44.71 15.48 5.75
CA ALA I 6 45.96 15.83 6.40
C ALA I 6 46.74 14.60 6.80
N ILE I 7 48.06 14.67 6.62
CA ILE I 7 48.95 13.58 7.00
C ILE I 7 50.17 14.19 7.66
N PRO I 8 50.80 13.43 8.56
CA PRO I 8 51.98 13.95 9.24
C PRO I 8 53.17 14.03 8.29
N ARG I 9 54.14 14.88 8.68
CA ARG I 9 55.37 15.08 7.94
C ARG I 9 56.39 14.08 8.45
N ILE I 10 56.40 12.89 7.86
CA ILE I 10 57.33 11.85 8.24
C ILE I 10 58.69 12.18 7.64
N TYR I 11 59.73 12.24 8.48
CA TYR I 11 61.05 12.57 7.95
C TYR I 11 61.60 11.41 7.13
N ALA I 12 62.17 11.73 6.00
CA ALA I 12 62.71 10.72 5.11
C ALA I 12 64.10 11.14 4.70
N GLU I 13 65.01 10.18 4.70
CA GLU I 13 66.40 10.39 4.35
C GLU I 13 66.84 9.24 3.47
N THR I 14 67.79 9.50 2.58
CA THR I 14 68.26 8.45 1.68
C THR I 14 69.72 8.67 1.32
N THR I 15 70.43 7.55 1.13
CA THR I 15 71.82 7.55 0.74
C THR I 15 71.96 6.91 -0.63
N LEU I 16 70.85 6.41 -1.19
CA LEU I 16 70.80 5.78 -2.50
C LEU I 16 70.04 6.64 -3.51
N ASN I 17 69.17 7.49 -3.03
CA ASN I 17 68.44 8.39 -3.90
C ASN I 17 67.70 7.65 -5.01
N MET I 18 67.04 6.55 -4.66
CA MET I 18 66.27 5.79 -5.64
C MET I 18 64.77 5.79 -5.31
N LEU I 19 64.33 5.09 -4.26
CA LEU I 19 62.91 5.10 -3.98
C LEU I 19 62.51 6.41 -3.32
N LEU I 20 63.42 7.02 -2.56
CA LEU I 20 63.12 8.27 -1.91
C LEU I 20 63.66 9.46 -2.68
N LYS I 21 63.94 9.30 -4.00
CA LYS I 21 64.47 10.40 -4.79
C LYS I 21 63.55 11.60 -4.71
N ARG I 22 62.25 11.35 -4.87
CA ARG I 22 61.22 12.36 -4.74
C ARG I 22 60.51 12.20 -3.41
N ALA I 23 60.29 10.95 -2.98
CA ALA I 23 59.59 10.76 -1.71
C ALA I 23 60.32 11.38 -0.53
N LYS I 24 61.56 11.86 -0.70
CA LYS I 24 62.20 12.51 0.44
C LYS I 24 61.60 13.89 0.70
N LYS I 25 60.90 14.46 -0.29
CA LYS I 25 60.23 15.75 -0.15
C LYS I 25 58.80 15.41 0.21
N PRO I 26 58.30 15.83 1.36
CA PRO I 26 56.94 15.45 1.78
C PRO I 26 55.80 16.13 1.04
N ARG I 27 55.57 15.77 -0.22
CA ARG I 27 54.48 16.37 -0.98
C ARG I 27 54.17 15.45 -2.16
N VAL I 28 53.02 15.66 -2.77
CA VAL I 28 52.65 14.81 -3.90
C VAL I 28 53.38 15.27 -5.15
N HIS I 29 53.96 14.33 -5.87
CA HIS I 29 54.66 14.61 -7.11
C HIS I 29 53.74 14.07 -8.20
N SER I 30 53.06 14.94 -8.92
CA SER I 30 52.14 14.50 -9.96
C SER I 30 52.86 14.12 -11.26
N ILE I 31 52.10 13.53 -12.18
CA ILE I 31 52.64 12.99 -13.43
C ILE I 31 53.47 13.99 -14.26
N ASP I 32 53.13 15.28 -14.28
CA ASP I 32 53.95 16.18 -15.12
C ASP I 32 55.37 16.27 -14.56
N GLU I 33 55.50 16.33 -13.25
CA GLU I 33 56.82 16.38 -12.61
C GLU I 33 57.51 15.03 -12.73
N TYR I 34 56.77 13.93 -12.52
CA TYR I 34 57.34 12.59 -12.66
C TYR I 34 57.90 12.41 -14.06
N LEU I 35 57.17 12.90 -15.07
CA LEU I 35 57.65 12.80 -16.44
C LEU I 35 58.92 13.62 -16.64
N LYS I 36 58.98 14.85 -16.09
CA LYS I 36 60.18 15.68 -16.23
C LYS I 36 61.39 15.02 -15.60
N ASP I 37 61.18 14.26 -14.54
CA ASP I 37 62.23 13.52 -13.84
C ASP I 37 62.60 12.25 -14.59
N GLY I 38 61.98 11.99 -15.73
CA GLY I 38 62.26 10.81 -16.52
C GLY I 38 61.30 9.67 -16.28
N GLY I 39 60.17 9.94 -15.63
CA GLY I 39 59.22 8.89 -15.32
C GLY I 39 58.57 8.27 -16.53
N TYR I 40 58.06 7.06 -16.30
CA TYR I 40 57.38 6.26 -17.30
C TYR I 40 58.26 5.81 -18.47
N GLN I 41 59.55 6.19 -18.47
CA GLN I 41 60.44 5.71 -19.53
C GLN I 41 60.80 4.24 -19.27
N ALA I 42 60.82 3.81 -18.02
CA ALA I 42 61.09 2.40 -17.80
C ALA I 42 59.95 1.59 -18.40
N LEU I 43 58.72 2.09 -18.29
CA LEU I 43 57.58 1.37 -18.87
C LEU I 43 57.69 1.30 -20.39
N GLU I 44 58.06 2.41 -21.03
CA GLU I 44 58.19 2.37 -22.47
C GLU I 44 59.27 1.36 -22.86
N LYS I 45 60.34 1.29 -22.09
CA LYS I 45 61.39 0.33 -22.36
C LYS I 45 60.90 -1.10 -22.14
N ALA I 46 60.13 -1.33 -21.06
CA ALA I 46 59.62 -2.67 -20.75
C ALA I 46 58.67 -3.19 -21.81
N LEU I 47 57.82 -2.31 -22.35
CA LEU I 47 56.88 -2.69 -23.39
C LEU I 47 57.59 -3.05 -24.69
N ASN I 48 58.87 -2.70 -24.82
CA ASN I 48 59.67 -3.07 -25.97
C ASN I 48 60.42 -4.37 -25.73
N MET I 49 60.27 -4.93 -24.53
CA MET I 49 60.83 -6.21 -24.16
C MET I 49 59.66 -7.18 -24.07
N SER I 50 59.95 -8.45 -24.17
CA SER I 50 58.85 -9.40 -24.05
C SER I 50 58.60 -9.69 -22.56
N PRO I 51 57.41 -10.16 -22.20
CA PRO I 51 57.18 -10.45 -20.78
C PRO I 51 58.20 -11.43 -20.20
N GLU I 52 58.62 -12.45 -20.96
CA GLU I 52 59.61 -13.37 -20.41
C GLU I 52 60.92 -12.67 -20.10
N GLU I 53 61.37 -11.73 -20.95
CA GLU I 53 62.61 -11.02 -20.66
C GLU I 53 62.51 -10.29 -19.34
N ILE I 54 61.37 -9.58 -19.14
CA ILE I 54 61.18 -8.83 -17.90
C ILE I 54 61.27 -9.77 -16.72
N ILE I 55 60.60 -10.92 -16.80
CA ILE I 55 60.66 -11.88 -15.71
C ILE I 55 62.11 -12.25 -15.45
N ASP I 56 62.89 -12.42 -16.52
CA ASP I 56 64.29 -12.78 -16.38
C ASP I 56 65.09 -11.69 -15.68
N TRP I 57 64.94 -10.42 -16.11
CA TRP I 57 65.69 -9.35 -15.45
C TRP I 57 65.33 -9.26 -13.99
N VAL I 58 64.03 -9.36 -13.67
CA VAL I 58 63.63 -9.26 -12.27
C VAL I 58 64.21 -10.44 -11.51
N ASP I 59 64.32 -11.61 -12.18
CA ASP I 59 64.92 -12.77 -11.54
C ASP I 59 66.42 -12.58 -11.31
N LYS I 60 67.15 -12.19 -12.37
CA LYS I 60 68.60 -11.98 -12.26
C LYS I 60 68.97 -10.83 -11.33
N SER I 61 68.05 -9.88 -11.11
CA SER I 61 68.34 -8.75 -10.22
C SER I 61 68.46 -9.18 -8.77
N THR I 62 68.02 -10.41 -8.45
CA THR I 62 68.03 -10.97 -7.12
C THR I 62 67.06 -10.27 -6.18
N LEU I 63 66.12 -9.52 -6.75
CA LEU I 63 65.13 -8.83 -5.94
C LEU I 63 64.30 -9.83 -5.13
N ARG I 64 64.20 -9.57 -3.83
CA ARG I 64 63.40 -10.39 -2.94
C ARG I 64 62.26 -9.54 -2.39
N GLY I 65 61.18 -10.17 -2.04
CA GLY I 65 60.02 -9.46 -1.51
C GLY I 65 60.25 -8.74 -0.20
N ARG I 66 59.82 -7.49 -0.16
CA ARG I 66 59.95 -6.65 1.02
C ARG I 66 58.79 -6.81 2.00
N GLY I 67 57.86 -7.72 1.73
CA GLY I 67 56.70 -7.89 2.62
C GLY I 67 56.96 -8.62 3.92
N GLY I 68 58.13 -9.25 4.07
CA GLY I 68 58.48 -9.98 5.29
C GLY I 68 58.87 -11.42 5.04
N ALA I 69 58.38 -12.02 3.96
CA ALA I 69 58.73 -13.41 3.69
C ALA I 69 59.98 -13.57 2.85
N GLY I 70 60.49 -12.49 2.28
CA GLY I 70 61.68 -12.52 1.46
C GLY I 70 61.70 -13.48 0.29
N PHE I 71 60.56 -13.75 -0.31
CA PHE I 71 60.60 -14.68 -1.43
C PHE I 71 61.14 -13.99 -2.70
N PRO I 72 61.95 -14.70 -3.52
CA PRO I 72 62.51 -14.09 -4.75
C PRO I 72 61.45 -13.68 -5.76
N THR I 73 61.32 -12.37 -6.02
CA THR I 73 60.27 -11.86 -6.91
C THR I 73 60.26 -12.54 -8.26
N GLY I 74 61.40 -12.63 -8.93
CA GLY I 74 61.43 -13.27 -10.24
C GLY I 74 60.89 -14.69 -10.22
N LYS I 75 61.20 -15.46 -9.19
CA LYS I 75 60.72 -16.84 -9.10
C LYS I 75 59.21 -16.92 -8.86
N LYS I 76 58.67 -16.01 -8.04
CA LYS I 76 57.25 -16.01 -7.80
C LYS I 76 56.50 -15.71 -9.10
N TRP I 77 56.96 -14.73 -9.89
CA TRP I 77 56.30 -14.44 -11.15
C TRP I 77 56.38 -15.63 -12.09
N LYS I 78 57.53 -16.30 -12.12
CA LYS I 78 57.71 -17.47 -12.99
C LYS I 78 56.68 -18.54 -12.66
N PHE I 79 56.42 -18.77 -11.36
CA PHE I 79 55.43 -19.76 -10.95
C PHE I 79 54.06 -19.38 -11.50
N ALA I 80 53.73 -18.12 -11.43
CA ALA I 80 52.42 -17.68 -11.89
C ALA I 80 52.24 -17.89 -13.38
N VAL I 81 53.28 -17.68 -14.18
CA VAL I 81 53.07 -17.86 -15.61
C VAL I 81 53.11 -19.32 -16.02
N GLN I 82 53.22 -20.23 -15.03
CA GLN I 82 53.21 -21.66 -15.33
C GLN I 82 51.83 -22.13 -15.75
N ASN I 83 50.69 -21.45 -15.18
CA ASN I 83 49.30 -21.77 -15.41
C ASN I 83 48.66 -20.80 -16.40
N PRO I 84 47.66 -21.26 -17.16
CA PRO I 84 47.02 -20.37 -18.13
C PRO I 84 46.21 -19.28 -17.47
N GLY I 85 46.04 -18.20 -18.21
CA GLY I 85 45.32 -17.05 -17.75
C GLY I 85 43.82 -17.20 -17.89
N PRO I 86 43.10 -16.12 -17.57
CA PRO I 86 43.61 -14.83 -17.09
C PRO I 86 44.39 -14.92 -15.79
N ARG I 87 45.29 -13.96 -15.56
CA ARG I 87 46.09 -13.88 -14.35
C ARG I 87 45.85 -12.51 -13.74
N TYR I 88 46.09 -12.39 -12.45
CA TYR I 88 45.86 -11.11 -11.79
C TYR I 88 47.08 -10.67 -11.01
N PHE I 89 47.24 -9.35 -10.95
CA PHE I 89 48.34 -8.75 -10.22
C PHE I 89 47.75 -7.87 -9.12
N ILE I 90 48.24 -8.04 -7.90
CA ILE I 90 47.78 -7.30 -6.74
C ILE I 90 48.97 -6.68 -6.01
N CYS I 91 48.87 -5.38 -5.73
CA CYS I 91 49.85 -4.65 -4.96
C CYS I 91 49.36 -4.63 -3.50
N ASN I 92 50.16 -5.18 -2.58
CA ASN I 92 49.75 -5.23 -1.17
C ASN I 92 50.15 -3.95 -0.46
N ALA I 93 49.18 -3.06 -0.27
CA ALA I 93 49.38 -1.81 0.44
C ALA I 93 48.66 -1.82 1.78
N ASP I 94 48.57 -2.98 2.41
CA ASP I 94 47.90 -3.08 3.70
C ASP I 94 48.71 -2.45 4.82
N GLU I 95 50.02 -2.69 4.86
CA GLU I 95 50.95 -2.08 5.80
C GLU I 95 50.41 -1.74 7.20
N SER I 96 50.17 -2.73 8.05
CA SER I 96 49.63 -2.47 9.39
C SER I 96 50.49 -3.03 10.52
N GLU I 97 51.72 -3.44 10.27
CA GLU I 97 52.48 -3.94 11.39
C GLU I 97 52.99 -2.77 12.23
N PRO I 98 52.95 -2.89 13.56
CA PRO I 98 53.40 -1.76 14.39
C PRO I 98 54.82 -1.35 14.03
N GLY I 99 55.00 -0.04 13.91
CA GLY I 99 56.28 0.55 13.57
C GLY I 99 56.62 0.63 12.10
N THR I 100 55.75 0.14 11.21
CA THR I 100 56.03 0.12 9.77
C THR I 100 55.24 1.17 9.01
N PHE I 101 55.92 2.23 8.58
CA PHE I 101 55.30 3.32 7.83
C PHE I 101 56.08 3.64 6.55
N LYS I 102 56.87 2.68 6.05
CA LYS I 102 57.68 2.90 4.85
C LYS I 102 56.85 2.96 3.57
N ASP I 103 55.89 2.06 3.39
CA ASP I 103 55.12 2.05 2.16
C ASP I 103 54.29 3.32 1.95
N ARG I 104 53.76 3.90 3.03
CA ARG I 104 52.90 5.07 2.87
C ARG I 104 53.63 6.26 2.28
N ILE I 105 54.91 6.48 2.63
CA ILE I 105 55.56 7.66 2.06
C ILE I 105 55.76 7.50 0.55
N ILE I 106 55.82 6.27 0.05
CA ILE I 106 55.92 6.12 -1.39
C ILE I 106 54.56 6.42 -2.02
N ILE I 107 53.51 5.77 -1.52
CA ILE I 107 52.16 5.99 -2.05
C ILE I 107 51.76 7.45 -2.00
N GLU I 108 51.96 8.10 -0.85
CA GLU I 108 51.55 9.48 -0.66
C GLU I 108 52.44 10.50 -1.31
N ARG I 109 53.67 10.18 -1.69
CA ARG I 109 54.55 11.19 -2.25
C ARG I 109 55.02 10.95 -3.67
N ASP I 110 55.19 9.70 -4.09
CA ASP I 110 55.62 9.36 -5.44
C ASP I 110 54.74 8.24 -5.98
N PRO I 111 53.41 8.47 -6.04
CA PRO I 111 52.53 7.40 -6.52
C PRO I 111 52.84 6.88 -7.89
N HIS I 112 53.38 7.71 -8.79
CA HIS I 112 53.66 7.23 -10.12
C HIS I 112 54.81 6.25 -10.15
N LEU I 113 55.70 6.30 -9.13
CA LEU I 113 56.75 5.29 -9.08
C LEU I 113 56.14 3.92 -8.87
N LEU I 114 55.15 3.84 -7.98
CA LEU I 114 54.47 2.57 -7.73
C LEU I 114 53.60 2.16 -8.92
N ILE I 115 52.84 3.10 -9.49
CA ILE I 115 51.99 2.76 -10.62
C ILE I 115 52.83 2.20 -11.76
N GLU I 116 53.91 2.89 -12.11
CA GLU I 116 54.78 2.41 -13.19
C GLU I 116 55.24 0.99 -12.90
N GLY I 117 55.59 0.69 -11.64
CA GLY I 117 56.00 -0.66 -11.31
C GLY I 117 54.86 -1.65 -11.43
N ILE I 118 53.63 -1.21 -11.12
CA ILE I 118 52.50 -2.10 -11.24
C ILE I 118 52.26 -2.46 -12.70
N ILE I 119 52.40 -1.47 -13.61
CA ILE I 119 52.17 -1.74 -15.04
C ILE I 119 53.24 -2.68 -15.59
N ILE I 120 54.51 -2.43 -15.25
CA ILE I 120 55.58 -3.31 -15.74
C ILE I 120 55.37 -4.73 -15.22
N SER I 121 55.08 -4.87 -13.91
CA SER I 121 54.88 -6.21 -13.36
C SER I 121 53.68 -6.88 -13.98
N SER I 122 52.57 -6.16 -14.16
CA SER I 122 51.39 -6.76 -14.76
C SER I 122 51.69 -7.25 -16.16
N TYR I 123 52.40 -6.44 -16.95
CA TYR I 123 52.74 -6.87 -18.30
C TYR I 123 53.58 -8.14 -18.24
N ALA I 124 54.46 -8.24 -17.24
CA ALA I 124 55.34 -9.39 -17.10
C ALA I 124 54.59 -10.70 -16.94
N ILE I 125 53.59 -10.73 -16.05
CA ILE I 125 52.82 -11.96 -15.82
C ILE I 125 51.56 -12.05 -16.69
N GLY I 126 51.31 -11.06 -17.53
CA GLY I 126 50.17 -11.12 -18.43
C GLY I 126 48.85 -10.85 -17.81
N ALA I 127 48.81 -9.92 -16.88
CA ALA I 127 47.60 -9.55 -16.18
C ALA I 127 47.01 -8.30 -16.81
N ASN I 128 45.73 -8.38 -17.19
CA ASN I 128 45.03 -7.23 -17.74
C ASN I 128 44.27 -6.46 -16.68
N GLU I 129 44.20 -6.99 -15.47
CA GLU I 129 43.55 -6.38 -14.32
C GLU I 129 44.51 -6.42 -13.15
N ALA I 130 44.76 -5.25 -12.56
CA ALA I 130 45.65 -5.15 -11.41
C ALA I 130 44.91 -4.42 -10.30
N TYR I 131 45.19 -4.81 -9.06
CA TYR I 131 44.55 -4.21 -7.90
C TYR I 131 45.57 -3.69 -6.91
N ILE I 132 45.18 -2.62 -6.22
CA ILE I 132 45.95 -2.05 -5.12
C ILE I 132 45.02 -2.15 -3.94
N TYR I 133 45.44 -2.86 -2.90
CA TYR I 133 44.65 -3.02 -1.69
C TYR I 133 45.36 -2.13 -0.67
N ILE I 134 44.78 -0.98 -0.36
CA ILE I 134 45.39 -0.06 0.58
C ILE I 134 44.59 -0.10 1.86
N ARG I 135 45.28 -0.18 2.99
CA ARG I 135 44.61 -0.24 4.28
C ARG I 135 43.64 0.91 4.43
N GLY I 136 42.56 0.67 5.19
CA GLY I 136 41.54 1.69 5.40
C GLY I 136 42.04 2.92 6.14
N GLU I 137 43.07 2.77 6.97
CA GLU I 137 43.57 3.89 7.76
C GLU I 137 44.47 4.84 6.96
N TYR I 138 44.54 4.65 5.64
CA TYR I 138 45.33 5.49 4.75
C TYR I 138 44.40 6.17 3.76
N PRO I 139 43.40 6.93 4.23
CA PRO I 139 42.50 7.59 3.27
C PRO I 139 43.22 8.51 2.29
N ALA I 140 44.18 9.31 2.78
CA ALA I 140 44.91 10.19 1.87
C ALA I 140 45.59 9.36 0.79
N GLY I 141 46.20 8.25 1.18
CA GLY I 141 46.83 7.40 0.19
C GLY I 141 45.84 6.90 -0.84
N TYR I 142 44.58 6.64 -0.45
CA TYR I 142 43.58 6.15 -1.40
C TYR I 142 43.25 7.19 -2.46
N TYR I 143 42.92 8.41 -2.04
CA TYR I 143 42.59 9.47 -2.99
C TYR I 143 43.79 9.83 -3.87
N ILE I 144 45.00 9.83 -3.31
CA ILE I 144 46.18 10.15 -4.12
C ILE I 144 46.37 9.10 -5.22
N LEU I 145 46.23 7.82 -4.86
CA LEU I 145 46.37 6.77 -5.87
C LEU I 145 45.30 6.88 -6.94
N ARG I 146 44.05 7.12 -6.55
CA ARG I 146 42.99 7.22 -7.53
C ARG I 146 43.31 8.29 -8.55
N ASP I 147 43.73 9.46 -8.07
CA ASP I 147 44.05 10.56 -8.94
C ASP I 147 45.32 10.29 -9.76
N ALA I 148 46.32 9.64 -9.16
CA ALA I 148 47.50 9.34 -9.95
C ALA I 148 47.12 8.41 -11.08
N ILE I 149 46.30 7.41 -10.79
CA ILE I 149 45.85 6.48 -11.81
C ILE I 149 45.09 7.21 -12.91
N GLU I 150 44.28 8.20 -12.53
CA GLU I 150 43.56 8.91 -13.56
C GLU I 150 44.53 9.68 -14.45
N GLU I 151 45.56 10.31 -13.86
CA GLU I 151 46.54 11.03 -14.65
C GLU I 151 47.22 10.08 -15.63
N ALA I 152 47.56 8.89 -15.17
CA ALA I 152 48.23 7.91 -16.02
C ALA I 152 47.33 7.46 -17.18
N LYS I 153 46.02 7.33 -16.94
CA LYS I 153 45.11 6.93 -18.02
C LYS I 153 44.99 8.03 -19.07
N LYS I 154 44.97 9.29 -18.63
CA LYS I 154 44.88 10.40 -19.57
C LYS I 154 46.11 10.45 -20.48
N LYS I 155 47.29 10.09 -19.95
CA LYS I 155 48.53 10.07 -20.73
C LYS I 155 48.72 8.77 -21.50
N GLY I 156 47.80 7.81 -21.40
CA GLY I 156 47.91 6.57 -22.15
C GLY I 156 48.72 5.46 -21.54
N PHE I 157 49.12 5.58 -20.27
CA PHE I 157 49.88 4.51 -19.66
C PHE I 157 48.99 3.40 -19.13
N LEU I 158 47.69 3.62 -19.10
CA LEU I 158 46.73 2.62 -18.66
C LEU I 158 45.64 2.61 -19.70
N GLY I 159 44.82 1.57 -19.68
CA GLY I 159 43.78 1.53 -20.68
C GLY I 159 44.05 0.48 -21.74
N LYS I 160 43.56 0.69 -22.95
CA LYS I 160 43.76 -0.29 -24.01
C LYS I 160 44.91 0.06 -24.91
N ASN I 161 45.62 -0.97 -25.37
CA ASN I 161 46.73 -0.81 -26.29
C ASN I 161 47.71 0.26 -25.79
N ILE I 162 48.19 0.03 -24.57
CA ILE I 162 49.09 0.96 -23.91
C ILE I 162 50.33 1.23 -24.75
N LEU I 163 50.54 2.52 -25.08
CA LEU I 163 51.69 3.00 -25.87
C LEU I 163 51.86 2.21 -27.16
N GLY I 164 50.77 1.67 -27.69
CA GLY I 164 50.79 0.92 -28.93
C GLY I 164 51.38 -0.47 -28.84
N SER I 165 51.50 -1.03 -27.65
CA SER I 165 52.05 -2.35 -27.43
C SER I 165 51.03 -3.47 -27.51
N GLY I 166 49.76 -3.14 -27.62
CA GLY I 166 48.78 -4.19 -27.64
C GLY I 166 48.42 -4.70 -26.25
N PHE I 167 49.06 -4.16 -25.21
CA PHE I 167 48.83 -4.58 -23.83
C PHE I 167 47.74 -3.72 -23.19
N ASP I 168 46.73 -4.36 -22.59
CA ASP I 168 45.62 -3.66 -21.96
C ASP I 168 45.71 -3.82 -20.45
N LEU I 169 45.50 -2.73 -19.72
CA LEU I 169 45.55 -2.82 -18.27
C LEU I 169 44.66 -1.77 -17.64
N GLU I 170 44.05 -2.14 -16.53
CA GLU I 170 43.22 -1.29 -15.69
C GLU I 170 43.68 -1.54 -14.26
N ILE I 171 43.79 -0.49 -13.46
CA ILE I 171 44.20 -0.63 -12.05
C ILE I 171 43.02 -0.19 -11.18
N TYR I 172 42.52 -1.11 -10.37
CA TYR I 172 41.44 -0.87 -9.42
C TYR I 172 42.03 -0.70 -8.02
N VAL I 173 41.52 0.27 -7.27
CA VAL I 173 41.98 0.50 -5.90
C VAL I 173 40.89 0.12 -4.90
N ALA I 174 41.21 -0.82 -4.05
CA ALA I 174 40.33 -1.27 -3.00
C ALA I 174 40.86 -0.79 -1.65
N ARG I 175 39.95 -0.50 -0.74
CA ARG I 175 40.28 -0.05 0.61
C ARG I 175 39.95 -1.14 1.63
N GLY I 176 40.84 -1.31 2.61
CA GLY I 176 40.60 -2.22 3.70
C GLY I 176 39.69 -1.51 4.69
N ALA I 177 39.44 -2.16 5.83
CA ALA I 177 38.57 -1.50 6.80
C ALA I 177 38.95 -1.79 8.25
N GLY I 178 40.21 -2.08 8.50
CA GLY I 178 40.74 -2.37 9.82
C GLY I 178 40.86 -3.85 10.12
N ALA I 179 41.98 -4.41 9.72
CA ALA I 179 42.35 -5.80 9.92
C ALA I 179 43.79 -6.01 9.48
N TYR I 180 44.70 -6.29 10.42
CA TYR I 180 46.08 -6.54 10.02
C TYR I 180 46.19 -7.84 9.26
N ILE I 181 45.29 -8.80 9.52
CA ILE I 181 45.32 -10.08 8.84
C ILE I 181 45.12 -9.90 7.34
N CYS I 182 44.48 -8.81 6.90
CA CYS I 182 44.27 -8.60 5.47
C CYS I 182 45.56 -8.33 4.70
N GLY I 183 46.70 -8.22 5.39
CA GLY I 183 47.95 -8.09 4.70
C GLY I 183 48.50 -9.44 4.30
N GLU I 184 47.97 -10.49 4.92
CA GLU I 184 48.36 -11.85 4.58
C GLU I 184 47.86 -12.11 3.16
N GLU I 185 48.72 -12.68 2.33
CA GLU I 185 48.42 -12.95 0.92
C GLU I 185 46.99 -13.42 0.61
N THR I 186 46.55 -14.56 1.19
CA THR I 186 45.22 -15.11 0.92
C THR I 186 44.09 -14.35 1.64
N ALA I 187 44.33 -13.83 2.83
CA ALA I 187 43.27 -13.07 3.46
C ALA I 187 42.95 -11.84 2.63
N LEU I 188 43.99 -11.21 2.05
CA LEU I 188 43.79 -10.04 1.19
C LEU I 188 42.94 -10.42 -0.01
N ILE I 189 43.30 -11.53 -0.66
CA ILE I 189 42.52 -11.98 -1.80
C ILE I 189 41.06 -12.20 -1.38
N GLU I 190 40.84 -12.83 -0.21
CA GLU I 190 39.47 -13.02 0.28
C GLU I 190 38.75 -11.69 0.45
N SER I 191 39.43 -10.69 1.04
CA SER I 191 38.84 -9.36 1.19
C SER I 191 38.56 -8.72 -0.17
N LEU I 192 39.47 -8.92 -1.13
CA LEU I 192 39.28 -8.38 -2.47
C LEU I 192 38.06 -8.96 -3.17
N GLU I 193 37.67 -10.18 -2.80
CA GLU I 193 36.49 -10.84 -3.33
C GLU I 193 35.23 -10.46 -2.54
N GLY I 194 35.35 -9.52 -1.61
CA GLY I 194 34.20 -9.10 -0.84
C GLY I 194 33.80 -9.97 0.32
N LYS I 195 34.73 -10.67 0.93
CA LYS I 195 34.45 -11.53 2.05
C LYS I 195 35.23 -11.09 3.28
N ARG I 196 35.08 -11.86 4.35
CA ARG I 196 35.84 -11.60 5.54
C ARG I 196 37.30 -11.93 5.27
N GLY I 197 38.21 -11.26 5.98
CA GLY I 197 39.61 -11.51 5.79
C GLY I 197 40.18 -12.74 6.46
N HIS I 198 39.67 -13.88 6.13
CA HIS I 198 40.20 -15.09 6.75
C HIS I 198 41.17 -15.73 5.80
N PRO I 199 42.34 -16.12 6.27
CA PRO I 199 43.31 -16.78 5.40
C PRO I 199 42.76 -18.09 4.84
N ARG I 200 43.24 -18.45 3.68
CA ARG I 200 42.82 -19.69 3.06
C ARG I 200 43.77 -20.80 3.44
N LEU I 201 43.29 -22.03 3.38
CA LEU I 201 44.17 -23.14 3.65
C LEU I 201 45.06 -23.28 2.43
N LYS I 202 46.36 -23.45 2.65
CA LYS I 202 47.23 -23.62 1.48
C LYS I 202 48.13 -24.81 1.72
N PRO I 203 48.50 -25.54 0.64
CA PRO I 203 48.20 -25.38 -0.80
C PRO I 203 46.73 -25.50 -1.13
N PRO I 204 46.28 -24.98 -2.29
CA PRO I 204 47.05 -24.28 -3.34
C PRO I 204 47.40 -22.87 -2.95
N TYR I 205 48.44 -22.33 -3.54
CA TYR I 205 48.91 -20.97 -3.30
C TYR I 205 48.31 -20.02 -4.31
N PRO I 206 48.26 -18.74 -3.99
CA PRO I 206 47.71 -17.78 -4.95
C PRO I 206 48.36 -17.79 -6.34
N VAL I 207 49.63 -18.17 -6.48
CA VAL I 207 50.18 -18.14 -7.82
C VAL I 207 49.54 -19.19 -8.70
N GLN I 208 48.91 -20.22 -8.11
CA GLN I 208 48.19 -21.20 -8.93
C GLN I 208 46.71 -20.89 -8.93
N LYS I 209 46.12 -20.70 -7.75
CA LYS I 209 44.70 -20.38 -7.56
C LYS I 209 44.58 -19.21 -6.57
N GLY I 210 44.34 -18.02 -7.11
CA GLY I 210 44.22 -16.85 -6.26
C GLY I 210 42.88 -16.18 -6.38
N LEU I 211 42.88 -14.92 -6.85
CA LEU I 211 41.66 -14.15 -7.03
C LEU I 211 40.76 -14.88 -8.02
N TRP I 212 39.50 -15.16 -7.61
CA TRP I 212 38.53 -15.88 -8.45
C TRP I 212 39.11 -17.21 -8.93
N GLY I 213 40.00 -17.79 -8.11
CA GLY I 213 40.62 -19.06 -8.43
C GLY I 213 41.58 -19.05 -9.59
N LYS I 214 41.96 -17.89 -10.11
CA LYS I 214 42.90 -17.74 -11.21
C LYS I 214 44.29 -17.40 -10.70
N PRO I 215 45.36 -17.68 -11.48
CA PRO I 215 46.73 -17.34 -11.02
C PRO I 215 46.88 -15.88 -10.67
N THR I 216 47.33 -15.64 -9.44
CA THR I 216 47.48 -14.31 -8.89
C THR I 216 48.84 -14.08 -8.27
N VAL I 217 49.40 -12.91 -8.50
CA VAL I 217 50.68 -12.51 -7.91
C VAL I 217 50.41 -11.34 -6.98
N VAL I 218 50.86 -11.48 -5.74
CA VAL I 218 50.73 -10.41 -4.76
C VAL I 218 52.15 -9.99 -4.39
N ASN I 219 52.42 -8.70 -4.50
CA ASN I 219 53.72 -8.14 -4.17
C ASN I 219 53.52 -6.88 -3.33
N ASN I 220 54.46 -6.66 -2.41
CA ASN I 220 54.45 -5.49 -1.54
C ASN I 220 54.82 -4.22 -2.31
N VAL I 221 54.32 -3.09 -1.84
CA VAL I 221 54.58 -1.79 -2.49
C VAL I 221 56.07 -1.58 -2.72
N GLU I 222 56.87 -1.77 -1.67
CA GLU I 222 58.31 -1.56 -1.78
C GLU I 222 58.90 -2.48 -2.83
N THR I 223 58.46 -3.73 -2.88
CA THR I 223 58.98 -4.65 -3.89
C THR I 223 58.71 -4.10 -5.29
N ILE I 224 57.46 -3.72 -5.55
CA ILE I 224 57.07 -3.20 -6.86
C ILE I 224 57.83 -1.94 -7.21
N ALA I 225 57.99 -1.02 -6.25
CA ALA I 225 58.69 0.21 -6.54
C ALA I 225 60.14 -0.03 -6.99
N ASN I 226 60.68 -1.24 -6.77
CA ASN I 226 62.03 -1.54 -7.24
C ASN I 226 62.02 -1.90 -8.73
N VAL I 227 60.88 -2.36 -9.23
CA VAL I 227 60.81 -2.81 -10.63
C VAL I 227 61.19 -1.74 -11.64
N PRO I 228 60.69 -0.52 -11.56
CA PRO I 228 61.10 0.47 -12.57
C PRO I 228 62.61 0.68 -12.60
N PHE I 229 63.30 0.50 -11.45
CA PHE I 229 64.74 0.67 -11.41
C PHE I 229 65.45 -0.51 -12.06
N ILE I 230 64.91 -1.71 -11.89
CA ILE I 230 65.52 -2.88 -12.48
C ILE I 230 65.49 -2.77 -14.00
N ILE I 231 64.39 -2.25 -14.55
CA ILE I 231 64.30 -2.09 -16.01
C ILE I 231 65.18 -0.93 -16.45
N SER I 232 65.08 0.19 -15.73
CA SER I 232 65.82 1.39 -16.11
C SER I 232 67.34 1.16 -16.13
N MET I 233 67.89 0.67 -15.02
CA MET I 233 69.31 0.43 -14.86
C MET I 233 69.80 -0.85 -15.52
N GLY I 234 68.96 -1.86 -15.58
CA GLY I 234 69.37 -3.16 -16.06
C GLY I 234 69.63 -3.99 -14.82
N TRP I 235 69.39 -5.30 -14.91
CA TRP I 235 69.56 -6.13 -13.74
C TRP I 235 70.99 -6.12 -13.20
N GLU I 236 71.99 -6.07 -14.09
CA GLU I 236 73.37 -6.10 -13.61
C GLU I 236 73.69 -4.87 -12.76
N GLU I 237 73.36 -3.68 -13.23
CA GLU I 237 73.62 -2.46 -12.47
C GLU I 237 72.88 -2.44 -11.13
N TYR I 238 71.61 -2.87 -11.12
CA TYR I 238 70.82 -2.90 -9.90
C TYR I 238 71.43 -3.82 -8.85
N ARG I 239 71.85 -4.99 -9.29
CA ARG I 239 72.49 -6.00 -8.47
C ARG I 239 73.79 -5.47 -7.84
N TYR I 240 74.34 -4.37 -8.37
CA TYR I 240 75.55 -3.79 -7.81
C TYR I 240 75.31 -2.91 -6.59
N ILE I 241 74.06 -2.61 -6.28
CA ILE I 241 73.70 -1.78 -5.14
C ILE I 241 73.68 -2.61 -3.87
N GLY I 242 74.61 -2.33 -2.96
CA GLY I 242 74.74 -3.02 -1.70
C GLY I 242 75.53 -4.31 -1.79
N PRO I 243 75.41 -5.14 -0.75
CA PRO I 243 76.11 -6.43 -0.74
C PRO I 243 75.58 -7.37 -1.80
N SER I 244 76.50 -8.16 -2.39
CA SER I 244 76.16 -9.09 -3.46
C SER I 244 74.92 -9.93 -3.20
N ASP I 245 74.78 -10.48 -1.99
CA ASP I 245 73.65 -11.35 -1.69
C ASP I 245 72.36 -10.55 -1.55
N TYR I 246 72.35 -9.59 -0.64
CA TYR I 246 71.17 -8.77 -0.38
C TYR I 246 71.31 -7.43 -1.11
N ALA I 247 71.06 -7.50 -2.41
CA ALA I 247 71.21 -6.34 -3.28
C ALA I 247 69.95 -5.47 -3.41
N GLY I 248 70.19 -4.22 -3.76
CA GLY I 248 69.13 -3.26 -3.95
C GLY I 248 68.96 -2.36 -2.75
N PRO I 249 68.15 -1.32 -2.92
CA PRO I 249 67.88 -0.41 -1.81
C PRO I 249 66.81 -1.00 -0.90
N LYS I 250 66.83 -0.55 0.35
CA LYS I 250 65.86 -1.02 1.34
C LYS I 250 65.41 0.18 2.17
N LEU I 251 64.12 0.20 2.49
CA LEU I 251 63.54 1.25 3.31
C LEU I 251 63.47 0.75 4.74
N PHE I 252 63.91 1.57 5.69
CA PHE I 252 63.91 1.20 7.11
C PHE I 252 63.11 2.21 7.92
N PRO I 253 61.93 1.87 8.37
CA PRO I 253 61.16 2.80 9.20
C PRO I 253 61.67 2.72 10.63
N VAL I 254 62.30 3.80 11.10
CA VAL I 254 62.88 3.90 12.44
C VAL I 254 62.04 4.83 13.30
N SER I 255 61.59 4.32 14.44
CA SER I 255 60.72 5.02 15.39
C SER I 255 61.19 4.73 16.80
N GLY I 256 60.56 5.39 17.76
CA GLY I 256 60.94 5.16 19.14
C GLY I 256 61.77 6.25 19.75
N LYS I 257 62.67 5.86 20.66
CA LYS I 257 63.52 6.80 21.37
C LYS I 257 64.76 7.22 20.60
N VAL I 258 64.57 7.69 19.37
CA VAL I 258 65.68 8.15 18.56
C VAL I 258 65.50 9.64 18.31
N LYS I 259 66.61 10.30 17.97
CA LYS I 259 66.56 11.74 17.75
C LYS I 259 65.85 12.11 16.45
N LYS I 260 66.08 11.34 15.38
CA LYS I 260 65.48 11.58 14.06
C LYS I 260 64.66 10.37 13.59
N PRO I 261 63.44 10.19 14.08
CA PRO I 261 62.63 9.06 13.62
C PRO I 261 62.11 9.34 12.23
N GLY I 262 62.16 8.32 11.38
CA GLY I 262 61.68 8.47 10.02
C GLY I 262 62.09 7.28 9.19
N VAL I 263 61.91 7.43 7.88
CA VAL I 263 62.23 6.39 6.93
C VAL I 263 63.59 6.66 6.33
N TYR I 264 64.43 5.64 6.32
CA TYR I 264 65.78 5.73 5.80
C TYR I 264 65.97 4.71 4.69
N GLU I 265 66.45 5.17 3.54
CA GLU I 265 66.75 4.33 2.39
C GLU I 265 68.25 4.06 2.47
N LEU I 266 68.62 2.83 2.73
CA LEU I 266 70.01 2.43 2.92
C LEU I 266 70.27 1.12 2.23
N PRO I 267 71.53 0.76 2.01
CA PRO I 267 71.87 -0.54 1.43
C PRO I 267 71.78 -1.58 2.52
N MET I 268 71.58 -2.83 2.11
CA MET I 268 71.40 -3.79 3.19
C MET I 268 72.67 -4.18 3.93
N ASN I 269 73.83 -3.62 3.64
CA ASN I 269 74.99 -3.98 4.45
C ASN I 269 75.08 -3.10 5.68
N THR I 270 74.18 -2.13 5.81
CA THR I 270 74.13 -1.28 6.98
C THR I 270 73.93 -2.13 8.22
N THR I 271 74.50 -1.72 9.33
CA THR I 271 74.31 -2.47 10.55
C THR I 271 73.25 -1.77 11.38
N LEU I 272 72.61 -2.56 12.25
CA LEU I 272 71.60 -1.99 13.12
C LEU I 272 72.17 -0.85 13.95
N ARG I 273 73.43 -0.95 14.36
CA ARG I 273 73.99 0.15 15.15
C ARG I 273 74.11 1.41 14.31
N GLU I 274 74.50 1.25 13.03
CA GLU I 274 74.61 2.43 12.17
C GLU I 274 73.24 3.06 11.93
N VAL I 275 72.20 2.24 11.74
CA VAL I 275 70.85 2.77 11.52
C VAL I 275 70.45 3.68 12.67
N ILE I 276 70.65 3.22 13.90
CA ILE I 276 70.22 4.00 15.05
C ILE I 276 71.11 5.21 15.29
N PHE I 277 72.43 5.03 15.33
CA PHE I 277 73.33 6.14 15.68
C PHE I 277 73.86 6.95 14.53
N LYS I 278 74.14 6.37 13.39
CA LYS I 278 74.67 7.19 12.32
C LYS I 278 73.57 7.95 11.61
N TYR I 279 72.48 7.26 11.24
CA TYR I 279 71.44 7.95 10.49
C TYR I 279 70.33 8.49 11.36
N ALA I 280 69.83 7.70 12.31
CA ALA I 280 68.72 8.18 13.13
C ALA I 280 69.17 9.14 14.24
N GLY I 281 70.49 9.42 14.32
CA GLY I 281 71.05 10.36 15.28
C GLY I 281 71.19 9.93 16.72
N GLY I 282 71.23 8.64 16.98
CA GLY I 282 71.36 8.24 18.36
C GLY I 282 70.03 8.32 19.10
N THR I 283 70.09 8.08 20.41
CA THR I 283 68.92 8.05 21.28
C THR I 283 68.63 9.38 21.94
N LEU I 284 67.38 9.52 22.39
CA LEU I 284 66.94 10.70 23.09
C LEU I 284 67.65 10.79 24.44
N GLY I 285 68.19 11.96 24.74
CA GLY I 285 68.91 12.14 26.00
C GLY I 285 70.15 11.26 26.08
N ASN I 286 70.50 10.67 24.95
CA ASN I 286 71.65 9.78 24.85
C ASN I 286 71.54 8.64 25.85
N LYS I 287 70.32 8.15 26.05
CA LYS I 287 70.14 7.04 26.97
C LYS I 287 70.56 5.76 26.26
N LYS I 288 71.09 4.81 27.02
CA LYS I 288 71.57 3.56 26.41
C LYS I 288 70.42 2.75 25.82
N VAL I 289 70.72 2.08 24.72
CA VAL I 289 69.72 1.26 24.03
C VAL I 289 69.53 -0.04 24.80
N LYS I 290 68.28 -0.37 25.12
CA LYS I 290 67.99 -1.62 25.83
C LYS I 290 67.60 -2.74 24.87
N ALA I 291 66.71 -2.44 23.93
CA ALA I 291 66.28 -3.42 22.96
C ALA I 291 65.78 -2.70 21.72
N VAL I 292 65.62 -3.49 20.67
CA VAL I 292 65.08 -3.06 19.39
C VAL I 292 63.99 -4.05 19.02
N PHE I 293 62.79 -3.58 18.72
CA PHE I 293 61.70 -4.46 18.34
C PHE I 293 61.56 -4.41 16.82
N SER I 294 61.76 -5.57 16.16
CA SER I 294 61.59 -5.63 14.71
C SER I 294 60.09 -5.68 14.48
N GLY I 295 59.46 -4.52 14.55
CA GLY I 295 58.02 -4.51 14.39
C GLY I 295 57.45 -5.29 15.56
N ALA I 296 56.61 -6.28 15.28
CA ALA I 296 56.04 -7.13 16.32
C ALA I 296 56.48 -8.57 16.15
N LEU I 297 57.57 -8.77 15.40
CA LEU I 297 58.08 -10.10 15.08
C LEU I 297 59.28 -10.56 15.93
N ASP I 298 60.33 -9.77 16.03
CA ASP I 298 61.52 -10.14 16.76
C ASP I 298 61.93 -9.03 17.72
N CYS I 299 62.77 -9.42 18.68
CA CYS I 299 63.29 -8.52 19.71
C CYS I 299 64.78 -8.78 19.82
N PHE I 300 65.59 -7.73 19.58
CA PHE I 300 67.03 -7.80 19.68
C PHE I 300 67.48 -7.02 20.91
N SER I 301 68.49 -7.55 21.61
CA SER I 301 69.01 -6.87 22.79
C SER I 301 70.20 -5.97 22.41
N SER I 302 70.62 -5.14 23.36
CA SER I 302 71.74 -4.23 23.11
C SER I 302 73.00 -4.96 22.71
N GLU I 303 73.09 -6.26 23.00
CA GLU I 303 74.28 -7.01 22.63
C GLU I 303 74.25 -7.49 21.18
N GLU I 304 73.21 -7.15 20.41
CA GLU I 304 73.11 -7.60 19.02
C GLU I 304 73.00 -6.46 18.00
N LEU I 305 73.46 -5.25 18.34
CA LEU I 305 73.37 -4.09 17.46
C LEU I 305 74.33 -4.13 16.27
N ASP I 306 75.32 -5.00 16.25
CA ASP I 306 76.27 -5.02 15.14
C ASP I 306 75.91 -6.08 14.10
N ILE I 307 74.62 -6.26 13.84
CA ILE I 307 74.16 -7.25 12.87
C ILE I 307 73.80 -6.54 11.58
N PRO I 308 73.94 -7.18 10.42
CA PRO I 308 73.56 -6.52 9.18
C PRO I 308 72.05 -6.47 9.03
N MET I 309 71.58 -5.44 8.33
CA MET I 309 70.16 -5.27 8.05
C MET I 309 69.81 -5.99 6.75
N ASP I 310 70.16 -7.27 6.67
CA ASP I 310 69.89 -8.05 5.47
C ASP I 310 68.92 -9.19 5.80
N TYR I 311 68.72 -10.08 4.84
CA TYR I 311 67.83 -11.22 4.96
C TYR I 311 68.58 -12.50 5.31
N SER I 312 69.82 -12.37 5.75
CA SER I 312 70.61 -13.52 6.07
C SER I 312 70.15 -14.13 7.38
N PRO I 313 70.64 -15.34 7.71
CA PRO I 313 70.25 -15.96 8.98
C PRO I 313 70.58 -15.10 10.19
N LEU I 314 71.82 -14.62 10.27
CA LEU I 314 72.29 -13.79 11.38
C LEU I 314 71.86 -12.33 11.26
N GLY I 315 71.02 -11.99 10.29
CA GLY I 315 70.62 -10.62 10.10
C GLY I 315 69.27 -10.21 10.67
N PHE I 316 69.07 -8.90 10.64
CA PHE I 316 67.84 -8.30 11.14
C PHE I 316 66.61 -8.90 10.44
N GLY I 317 66.59 -8.87 9.12
CA GLY I 317 65.46 -9.46 8.39
C GLY I 317 64.17 -8.67 8.54
N GLY I 318 63.07 -9.40 8.65
CA GLY I 318 61.76 -8.80 8.79
C GLY I 318 61.46 -7.89 7.64
N THR I 319 60.86 -6.74 7.97
CA THR I 319 60.55 -5.72 6.98
C THR I 319 61.46 -4.51 7.17
N GLY I 320 62.44 -4.64 8.05
CA GLY I 320 63.33 -3.53 8.33
C GLY I 320 62.78 -2.55 9.33
N THR I 321 61.77 -2.93 10.09
CA THR I 321 61.20 -2.05 11.08
C THR I 321 62.09 -2.01 12.32
N VAL I 322 62.40 -0.81 12.80
CA VAL I 322 63.29 -0.63 13.95
C VAL I 322 62.63 0.25 15.01
N ILE I 323 62.16 -0.36 16.10
CA ILE I 323 61.57 0.39 17.23
C ILE I 323 62.61 0.37 18.34
N VAL I 324 63.18 1.53 18.65
CA VAL I 324 64.23 1.60 19.65
C VAL I 324 63.63 1.86 21.02
N LEU I 325 64.04 1.06 21.99
CA LEU I 325 63.66 1.14 23.38
C LEU I 325 64.93 1.40 24.18
N THR I 326 64.89 2.40 25.08
CA THR I 326 66.07 2.75 25.86
C THR I 326 66.03 2.15 27.27
N GLU I 327 67.02 2.51 28.10
CA GLU I 327 67.18 1.92 29.43
C GLU I 327 66.00 2.17 30.36
N GLU I 328 65.28 3.28 30.21
CA GLU I 328 64.17 3.54 31.12
C GLU I 328 62.84 2.91 30.65
N ASP I 329 62.86 2.10 29.59
CA ASP I 329 61.65 1.44 29.08
C ASP I 329 61.53 0.03 29.65
N ASP I 330 60.30 -0.34 30.04
CA ASP I 330 60.03 -1.64 30.64
C ASP I 330 59.72 -2.68 29.55
N ILE I 331 60.52 -3.75 29.54
CA ILE I 331 60.33 -4.80 28.54
C ILE I 331 58.98 -5.47 28.71
N VAL I 332 58.63 -5.85 29.95
CA VAL I 332 57.36 -6.54 30.18
C VAL I 332 56.20 -5.70 29.70
N GLU I 333 56.22 -4.39 30.00
CA GLU I 333 55.18 -3.49 29.52
C GLU I 333 55.16 -3.48 27.98
N ALA I 334 56.35 -3.48 27.37
CA ALA I 334 56.46 -3.50 25.92
C ALA I 334 55.91 -4.81 25.36
N ALA I 335 56.31 -5.93 25.97
CA ALA I 335 55.78 -7.22 25.52
C ALA I 335 54.26 -7.25 25.66
N LEU I 336 53.74 -6.61 26.71
CA LEU I 336 52.30 -6.55 26.88
C LEU I 336 51.67 -5.87 25.68
N LYS I 337 52.28 -4.78 25.21
CA LYS I 337 51.74 -4.08 24.04
C LYS I 337 51.71 -4.98 22.81
N ILE I 338 52.70 -5.87 22.66
CA ILE I 338 52.71 -6.78 21.53
C ILE I 338 51.61 -7.82 21.67
N ALA I 339 51.44 -8.38 22.87
CA ALA I 339 50.40 -9.38 23.09
C ALA I 339 49.02 -8.82 22.81
N GLU I 340 48.79 -7.55 23.18
CA GLU I 340 47.51 -6.91 22.90
C GLU I 340 47.31 -6.79 21.40
N PHE I 341 48.39 -6.51 20.67
CA PHE I 341 48.27 -6.36 19.23
C PHE I 341 47.77 -7.66 18.59
N TYR I 342 48.40 -8.78 18.91
CA TYR I 342 47.99 -10.04 18.31
C TYR I 342 46.59 -10.43 18.75
N GLU I 343 46.24 -10.15 20.01
CA GLU I 343 44.91 -10.48 20.46
C GLU I 343 43.88 -9.73 19.61
N HIS I 344 44.20 -8.49 19.27
CA HIS I 344 43.35 -7.61 18.50
C HIS I 344 43.33 -7.91 17.02
N GLU I 345 44.29 -8.67 16.51
CA GLU I 345 44.32 -8.90 15.08
C GLU I 345 44.05 -10.32 14.65
N THR I 346 44.06 -11.28 15.58
CA THR I 346 43.73 -12.64 15.19
C THR I 346 42.35 -12.67 14.55
N CYS I 347 42.25 -13.37 13.42
CA CYS I 347 40.98 -13.43 12.73
C CYS I 347 39.94 -14.35 13.41
N GLY I 348 40.36 -15.32 14.20
CA GLY I 348 39.40 -16.18 14.86
C GLY I 348 39.02 -17.43 14.10
N GLN I 349 39.69 -17.72 12.99
CA GLN I 349 39.37 -18.90 12.19
C GLN I 349 39.81 -20.20 12.84
N CYS I 350 41.02 -20.25 13.42
CA CYS I 350 41.52 -21.47 14.05
C CYS I 350 41.75 -21.34 15.56
N THR I 351 41.48 -22.43 16.26
CA THR I 351 41.56 -22.53 17.72
C THR I 351 42.88 -22.10 18.34
N PRO I 352 44.03 -22.65 17.94
CA PRO I 352 45.28 -22.31 18.65
C PRO I 352 45.60 -20.83 18.70
N CYS I 353 45.24 -20.09 17.64
CA CYS I 353 45.50 -18.66 17.59
C CYS I 353 44.33 -17.83 18.16
N ARG I 354 43.08 -18.19 17.80
CA ARG I 354 41.92 -17.50 18.32
C ARG I 354 41.95 -17.45 19.83
N VAL I 355 42.27 -18.58 20.47
CA VAL I 355 42.34 -18.64 21.93
C VAL I 355 43.75 -18.30 22.45
N GLY I 356 44.78 -18.73 21.73
CA GLY I 356 46.15 -18.47 22.17
C GLY I 356 46.46 -16.99 22.33
N CYS I 357 46.16 -16.19 21.30
CA CYS I 357 46.43 -14.76 21.36
C CYS I 357 45.66 -14.08 22.47
N TYR I 358 44.42 -14.51 22.66
CA TYR I 358 43.57 -13.93 23.69
C TYR I 358 44.06 -14.29 25.08
N GLU I 359 44.38 -15.57 25.29
CA GLU I 359 44.84 -15.97 26.61
C GLU I 359 46.24 -15.49 26.91
N GLN I 360 47.10 -15.38 25.90
CA GLN I 360 48.45 -14.89 26.12
C GLN I 360 48.42 -13.46 26.63
N ALA I 361 47.58 -12.62 26.01
CA ALA I 361 47.48 -11.24 26.45
C ALA I 361 46.88 -11.13 27.84
N ASN I 362 45.86 -11.95 28.13
CA ASN I 362 45.22 -11.87 29.45
C ASN I 362 46.18 -12.27 30.56
N LEU I 363 46.98 -13.31 30.31
CA LEU I 363 47.95 -13.77 31.30
C LEU I 363 49.04 -12.72 31.48
N LEU I 364 49.59 -12.21 30.36
CA LEU I 364 50.64 -11.21 30.46
C LEU I 364 50.15 -9.98 31.24
N GLU I 365 48.88 -9.61 31.07
CA GLU I 365 48.35 -8.48 31.83
C GLU I 365 48.33 -8.78 33.31
N LYS I 366 48.03 -10.03 33.70
CA LYS I 366 48.04 -10.37 35.12
C LYS I 366 49.46 -10.30 35.65
N ILE I 367 50.43 -10.74 34.83
CA ILE I 367 51.83 -10.68 35.23
C ILE I 367 52.25 -9.23 35.40
N TYR I 368 51.95 -8.38 34.41
CA TYR I 368 52.34 -6.98 34.49
C TYR I 368 51.72 -6.29 35.70
N LYS I 369 50.48 -6.62 36.04
CA LYS I 369 49.85 -6.00 37.18
C LYS I 369 50.35 -6.57 38.51
N GLY I 370 51.16 -7.64 38.47
CA GLY I 370 51.68 -8.26 39.66
C GLY I 370 50.76 -9.25 40.35
N GLU I 371 49.57 -9.52 39.80
CA GLU I 371 48.61 -10.45 40.37
C GLU I 371 48.77 -11.88 39.85
N ALA I 372 49.94 -12.26 39.35
CA ALA I 372 50.12 -13.60 38.81
C ALA I 372 50.52 -14.62 39.87
N THR I 373 49.88 -15.78 39.79
CA THR I 373 50.15 -16.90 40.68
C THR I 373 51.16 -17.83 39.99
N GLU I 374 51.58 -18.86 40.70
CA GLU I 374 52.51 -19.81 40.12
C GLU I 374 51.91 -20.49 38.89
N GLN I 375 50.60 -20.78 38.93
CA GLN I 375 49.95 -21.42 37.79
C GLN I 375 49.78 -20.44 36.64
N ASP I 376 49.55 -19.16 36.93
CA ASP I 376 49.44 -18.16 35.87
C ASP I 376 50.70 -18.19 35.01
N TRP I 377 51.86 -18.26 35.66
CA TRP I 377 53.12 -18.34 34.94
C TRP I 377 53.18 -19.61 34.12
N GLU I 378 52.88 -20.75 34.75
CA GLU I 378 52.91 -22.03 34.05
C GLU I 378 51.97 -22.02 32.84
N GLY I 379 50.81 -21.37 32.96
CA GLY I 379 49.88 -21.29 31.86
C GLY I 379 50.37 -20.35 30.77
N PHE I 380 50.96 -19.22 31.17
CA PHE I 380 51.50 -18.26 30.21
C PHE I 380 52.55 -18.93 29.33
N ASP I 381 53.44 -19.70 29.96
CA ASP I 381 54.45 -20.41 29.20
C ASP I 381 53.82 -21.40 28.24
N PHE I 382 52.85 -22.18 28.75
CA PHE I 382 52.16 -23.19 27.95
C PHE I 382 51.49 -22.61 26.70
N VAL I 383 50.72 -21.53 26.87
CA VAL I 383 50.01 -20.94 25.73
C VAL I 383 51.00 -20.40 24.73
N ASN I 384 51.87 -19.52 25.20
CA ASN I 384 52.85 -18.83 24.37
C ASN I 384 53.67 -19.79 23.50
N ARG I 385 54.05 -20.94 24.02
CA ARG I 385 54.86 -21.84 23.20
C ARG I 385 54.04 -22.75 22.30
N ASN I 386 52.70 -22.75 22.42
CA ASN I 386 51.86 -23.67 21.66
C ASN I 386 50.89 -23.04 20.67
N ILE I 387 50.94 -21.73 20.45
CA ILE I 387 50.05 -21.14 19.46
C ILE I 387 50.47 -21.54 18.07
N GLN I 388 51.77 -21.57 17.84
CA GLN I 388 52.29 -21.77 16.49
C GLN I 388 52.15 -23.15 15.88
N PRO I 389 52.51 -24.27 16.56
CA PRO I 389 52.50 -25.59 15.88
C PRO I 389 51.34 -25.90 14.96
N THR I 390 50.10 -25.59 15.34
CA THR I 390 48.96 -25.89 14.48
C THR I 390 48.29 -24.68 13.85
N SER I 391 48.78 -23.45 14.08
CA SER I 391 48.15 -22.29 13.48
C SER I 391 48.07 -22.44 11.96
N ILE I 392 47.05 -21.83 11.37
CA ILE I 392 46.87 -21.91 9.92
C ILE I 392 47.81 -20.97 9.19
N CYS I 393 47.92 -19.73 9.68
CA CYS I 393 48.68 -18.70 8.99
C CYS I 393 49.85 -18.12 9.83
N GLY I 394 50.59 -17.22 9.16
CA GLY I 394 51.74 -16.60 9.78
C GLY I 394 51.48 -15.82 11.05
N LEU I 395 50.29 -15.25 11.19
CA LEU I 395 50.00 -14.51 12.42
C LEU I 395 50.13 -15.44 13.62
N GLY I 396 49.37 -16.52 13.62
CA GLY I 396 49.47 -17.45 14.72
C GLY I 396 50.86 -18.02 14.83
N ALA I 397 51.55 -18.16 13.68
CA ALA I 397 52.92 -18.68 13.71
C ALA I 397 53.89 -17.76 14.46
N VAL I 398 53.65 -16.44 14.51
CA VAL I 398 54.59 -15.54 15.18
C VAL I 398 53.98 -14.82 16.38
N ALA I 399 52.72 -15.07 16.71
CA ALA I 399 52.07 -14.39 17.82
C ALA I 399 52.80 -14.53 19.16
N GLY I 400 53.74 -15.46 19.31
CA GLY I 400 54.45 -15.58 20.57
C GLY I 400 55.97 -15.46 20.42
N ARG I 401 56.43 -15.21 19.19
CA ARG I 401 57.85 -15.13 18.87
C ARG I 401 58.57 -14.03 19.63
N LEU I 402 58.12 -12.79 19.46
CA LEU I 402 58.78 -11.69 20.14
C LEU I 402 58.71 -11.84 21.65
N ILE I 403 57.52 -12.15 22.18
CA ILE I 403 57.39 -12.28 23.63
C ILE I 403 58.33 -13.36 24.14
N ARG I 404 58.39 -14.49 23.44
CA ARG I 404 59.30 -15.55 23.85
C ARG I 404 60.74 -15.06 23.85
N GLN I 405 61.12 -14.31 22.82
CA GLN I 405 62.48 -13.80 22.80
C GLN I 405 62.75 -12.92 24.00
N THR I 406 61.80 -12.06 24.39
CA THR I 406 62.09 -11.21 25.55
C THR I 406 62.22 -12.01 26.82
N LEU I 407 61.63 -13.22 26.87
CA LEU I 407 61.78 -14.03 28.09
C LEU I 407 63.18 -14.59 28.22
N GLU I 408 63.82 -14.88 27.09
CA GLU I 408 65.17 -15.43 27.07
C GLU I 408 66.25 -14.34 27.08
N LYS I 409 65.98 -13.18 26.48
CA LYS I 409 67.00 -12.14 26.46
C LYS I 409 66.91 -11.18 27.64
N PHE I 410 65.77 -11.07 28.31
CA PHE I 410 65.65 -10.16 29.46
C PHE I 410 65.02 -10.88 30.65
N PRO I 411 65.57 -12.04 31.04
CA PRO I 411 64.98 -12.77 32.17
C PRO I 411 64.98 -11.98 33.45
N GLU I 412 66.08 -11.30 33.77
CA GLU I 412 66.12 -10.49 35.00
C GLU I 412 64.96 -9.52 35.05
N GLU I 413 64.59 -8.95 33.92
CA GLU I 413 63.49 -8.01 33.91
C GLU I 413 62.16 -8.70 34.15
N TRP I 414 62.00 -9.93 33.65
CA TRP I 414 60.74 -10.62 33.90
C TRP I 414 60.63 -11.06 35.35
N GLU I 415 61.73 -11.59 35.92
CA GLU I 415 61.67 -12.03 37.31
C GLU I 415 61.41 -10.88 38.27
N LYS I 416 61.54 -9.64 37.81
CA LYS I 416 61.18 -8.52 38.65
C LYS I 416 59.69 -8.53 38.94
N TYR I 417 58.92 -9.35 38.22
CA TYR I 417 57.47 -9.48 38.34
C TYR I 417 57.02 -10.78 38.99
N ARG I 418 57.93 -11.58 39.53
CA ARG I 418 57.58 -12.82 40.23
C ARG I 418 57.67 -12.64 41.73
N LYS I 419 56.63 -13.10 42.43
CA LYS I 419 56.52 -13.02 43.88
C LYS I 419 57.26 -14.18 44.58
N LYS J 5 86.51 -88.29 104.44
CA LYS J 5 86.97 -86.92 104.59
C LYS J 5 85.79 -85.95 104.64
N LEU J 6 86.09 -84.66 104.80
CA LEU J 6 85.04 -83.66 104.88
C LEU J 6 84.25 -83.59 103.57
N SER J 7 82.92 -83.48 103.69
CA SER J 7 82.05 -83.41 102.51
C SER J 7 80.81 -82.58 102.84
N ARG J 8 80.73 -81.39 102.29
CA ARG J 8 79.58 -80.50 102.52
C ARG J 8 78.33 -81.03 101.79
N LYS J 9 77.22 -80.32 101.98
CA LYS J 9 75.95 -80.71 101.37
C LYS J 9 75.32 -79.55 100.60
N ASP J 10 74.61 -79.93 99.54
CA ASP J 10 73.88 -79.04 98.63
C ASP J 10 72.38 -79.19 98.78
N TYR J 11 71.66 -78.08 98.57
CA TYR J 11 70.20 -78.07 98.64
C TYR J 11 69.59 -77.54 97.36
N LEU J 12 70.37 -77.53 96.27
CA LEU J 12 69.89 -77.07 94.97
C LEU J 12 69.20 -78.27 94.30
N ASN J 13 67.95 -78.47 94.70
CA ASN J 13 67.11 -79.55 94.18
C ASN J 13 66.54 -79.21 92.82
N ILE J 14 65.47 -79.93 92.46
CA ILE J 14 64.72 -79.73 91.22
C ILE J 14 63.57 -78.81 91.61
N LEU J 15 63.81 -77.98 92.63
CA LEU J 15 62.83 -77.02 93.12
C LEU J 15 62.64 -76.01 92.00
N GLU J 16 61.99 -76.48 90.93
CA GLU J 16 61.72 -75.74 89.70
C GLU J 16 60.75 -74.58 89.88
N SER J 17 60.17 -74.41 91.06
CA SER J 17 59.26 -73.30 91.27
C SER J 17 59.99 -71.96 91.19
N ILE J 18 61.33 -71.97 91.29
CA ILE J 18 62.13 -70.75 91.19
C ILE J 18 62.01 -70.11 89.82
N LEU J 19 61.57 -70.88 88.81
CA LEU J 19 61.38 -70.33 87.47
C LEU J 19 60.06 -70.71 86.83
N PHE J 20 59.27 -71.61 87.43
CA PHE J 20 57.97 -71.91 86.85
C PHE J 20 56.92 -71.01 87.47
N ILE J 21 56.82 -71.01 88.81
CA ILE J 21 55.87 -70.17 89.49
C ILE J 21 56.19 -68.70 89.25
N ASP J 22 57.43 -68.39 88.83
CA ASP J 22 57.79 -67.01 88.52
C ASP J 22 57.07 -66.57 87.25
N PHE J 23 57.12 -67.40 86.20
CA PHE J 23 56.42 -67.11 84.96
C PHE J 23 54.92 -67.28 85.16
N LEU J 24 54.53 -68.21 86.04
CA LEU J 24 53.12 -68.45 86.35
C LEU J 24 52.52 -67.26 87.10
N LYS J 25 53.36 -66.52 87.85
CA LYS J 25 52.90 -65.34 88.57
C LYS J 25 52.77 -64.12 87.66
N GLY J 26 53.08 -64.28 86.37
CA GLY J 26 52.90 -63.18 85.45
C GLY J 26 51.42 -62.88 85.31
N LEU J 27 50.58 -63.90 85.51
CA LEU J 27 49.14 -63.72 85.46
C LEU J 27 48.70 -62.78 86.57
N SER J 28 49.40 -62.82 87.71
CA SER J 28 49.11 -61.93 88.83
C SER J 28 49.50 -60.49 88.52
N VAL J 29 50.30 -60.28 87.49
CA VAL J 29 50.72 -58.94 87.13
C VAL J 29 49.87 -58.32 86.02
N THR J 30 49.12 -59.12 85.25
CA THR J 30 48.27 -58.60 84.18
C THR J 30 46.79 -58.84 84.42
N LEU J 31 46.37 -60.09 84.69
CA LEU J 31 44.94 -60.34 84.90
C LEU J 31 44.40 -59.50 86.05
N LYS J 32 45.19 -59.33 87.12
CA LYS J 32 44.75 -58.48 88.22
C LYS J 32 44.82 -57.02 87.78
N ASN J 33 45.88 -56.65 87.04
CA ASN J 33 46.06 -55.31 86.51
C ASN J 33 45.13 -55.00 85.35
N LEU J 34 44.47 -56.00 84.77
CA LEU J 34 43.56 -55.72 83.69
C LEU J 34 42.17 -55.31 84.20
N LEU J 35 42.06 -55.10 85.51
CA LEU J 35 40.83 -54.64 86.15
C LEU J 35 40.86 -53.12 86.19
N ARG J 36 41.13 -52.56 85.00
CA ARG J 36 41.26 -51.14 84.69
C ARG J 36 39.90 -50.58 84.28
N ARG J 37 39.90 -49.40 83.66
CA ARG J 37 38.65 -48.81 83.22
C ARG J 37 37.97 -49.82 82.29
N PRO J 38 36.68 -50.07 82.42
CA PRO J 38 36.05 -51.00 81.47
C PRO J 38 36.10 -50.37 80.09
N ILE J 39 36.72 -51.08 79.14
CA ILE J 39 36.87 -50.59 77.77
C ILE J 39 35.53 -50.39 77.11
N THR J 40 34.49 -51.04 77.62
CA THR J 40 33.15 -50.96 77.07
C THR J 40 32.69 -49.51 76.91
N THR J 41 32.13 -49.23 75.75
CA THR J 41 31.58 -47.92 75.43
C THR J 41 30.08 -48.12 75.63
N GLU J 42 29.58 -47.69 76.78
CA GLU J 42 28.18 -47.87 77.08
C GLU J 42 27.34 -47.14 76.03
N TYR J 43 26.31 -47.82 75.53
CA TYR J 43 25.40 -47.21 74.56
C TYR J 43 24.06 -47.81 74.95
N PRO J 44 22.97 -47.03 74.99
CA PRO J 44 22.68 -45.63 74.66
C PRO J 44 23.26 -44.59 75.60
N LYS J 45 23.69 -45.01 76.77
CA LYS J 45 24.25 -44.05 77.71
C LYS J 45 25.70 -43.84 77.29
N GLU J 46 26.02 -42.61 76.82
CA GLU J 46 27.37 -42.25 76.37
C GLU J 46 27.78 -42.76 74.98
N LYS J 47 27.07 -42.30 73.94
CA LYS J 47 27.32 -42.68 72.56
C LYS J 47 28.72 -42.31 72.04
N LEU J 48 29.25 -43.17 71.18
CA LEU J 48 30.54 -42.97 70.51
C LEU J 48 30.30 -42.13 69.25
N THR J 49 30.94 -40.96 69.17
CA THR J 49 30.74 -40.07 68.01
C THR J 49 31.40 -40.56 66.73
N PRO J 50 30.66 -40.74 65.64
CA PRO J 50 31.27 -41.20 64.40
C PRO J 50 32.24 -40.16 63.87
N PRO J 51 33.35 -40.58 63.27
CA PRO J 51 34.33 -39.61 62.74
C PRO J 51 33.71 -38.70 61.69
N LYS J 52 34.43 -37.61 61.39
CA LYS J 52 33.94 -36.63 60.43
C LYS J 52 33.72 -37.25 59.06
N ARG J 53 34.50 -38.25 58.69
CA ARG J 53 34.35 -38.90 57.39
C ARG J 53 33.32 -40.02 57.41
N PHE J 54 32.59 -40.19 58.51
CA PHE J 54 31.62 -41.28 58.58
C PHE J 54 30.63 -41.17 57.43
N ARG J 55 30.31 -42.33 56.84
CA ARG J 55 29.39 -42.43 55.72
C ARG J 55 28.03 -42.88 56.23
N GLY J 56 27.27 -41.95 56.78
CA GLY J 56 25.94 -42.23 57.29
C GLY J 56 24.84 -41.93 56.30
N ALA J 57 23.65 -41.62 56.82
CA ALA J 57 22.50 -41.30 55.98
C ALA J 57 22.81 -40.08 55.13
N HIS J 58 22.41 -40.16 53.88
CA HIS J 58 22.67 -39.12 52.91
C HIS J 58 21.97 -37.81 53.28
N GLY J 59 22.45 -36.74 52.66
CA GLY J 59 21.90 -35.41 52.88
C GLY J 59 22.14 -34.59 51.64
N HIS J 60 21.44 -33.46 51.58
CA HIS J 60 21.54 -32.52 50.46
C HIS J 60 22.00 -31.20 51.05
N TYR J 61 23.24 -30.80 50.76
CA TYR J 61 23.70 -29.52 51.27
C TYR J 61 22.76 -28.45 50.74
N VAL J 62 22.53 -27.44 51.56
CA VAL J 62 21.58 -26.41 51.26
C VAL J 62 22.25 -25.12 50.78
N TRP J 63 21.47 -24.25 50.12
CA TRP J 63 21.97 -22.96 49.62
C TRP J 63 22.24 -22.06 50.82
N ASP J 64 23.52 -21.91 51.18
CA ASP J 64 23.87 -21.09 52.35
C ASP J 64 24.93 -20.02 52.07
N GLY J 65 25.45 -19.93 50.87
CA GLY J 65 26.45 -18.96 50.54
C GLY J 65 27.81 -19.56 50.32
N THR J 66 28.07 -20.73 50.91
CA THR J 66 29.36 -21.42 50.77
C THR J 66 29.36 -22.41 49.61
N GLU J 67 28.63 -22.12 48.53
CA GLU J 67 28.58 -23.03 47.41
C GLU J 67 29.90 -22.97 46.63
N PRO J 68 30.27 -24.06 45.96
CA PRO J 68 31.50 -24.04 45.16
C PRO J 68 31.32 -23.24 43.88
N ASP J 69 32.46 -22.90 43.27
CA ASP J 69 32.42 -22.12 42.04
C ASP J 69 31.59 -22.82 40.97
N SER J 70 31.66 -24.14 40.90
CA SER J 70 30.90 -24.86 39.89
C SER J 70 29.40 -24.60 40.01
N LEU J 71 28.89 -24.55 41.23
CA LEU J 71 27.46 -24.27 41.41
C LEU J 71 27.17 -22.82 41.10
N LYS J 72 28.00 -21.91 41.61
CA LYS J 72 27.80 -20.48 41.37
C LYS J 72 27.83 -20.18 39.89
N ALA J 73 28.64 -20.93 39.13
CA ALA J 73 28.74 -20.70 37.71
C ALA J 73 27.43 -21.01 36.98
N ILE J 74 26.62 -21.94 37.51
CA ILE J 74 25.36 -22.33 36.90
C ILE J 74 24.15 -21.89 37.70
N GLU J 75 24.35 -21.12 38.76
CA GLU J 75 23.23 -20.65 39.57
C GLU J 75 22.23 -19.88 38.73
N LYS J 76 22.71 -19.10 37.75
CA LYS J 76 21.83 -18.30 36.90
C LYS J 76 20.78 -19.13 36.18
N PHE J 77 21.03 -20.42 35.98
CA PHE J 77 20.11 -21.33 35.32
C PHE J 77 19.18 -22.05 36.28
N MET J 78 19.42 -21.95 37.57
CA MET J 78 18.64 -22.65 38.57
C MET J 78 17.56 -21.81 39.23
N SER J 79 16.48 -22.50 39.60
CA SER J 79 15.33 -21.95 40.30
C SER J 79 15.43 -22.62 41.67
N TYR J 80 16.01 -21.93 42.63
CA TYR J 80 16.22 -22.49 43.95
C TYR J 80 15.71 -21.56 45.03
N GLU J 81 15.71 -22.06 46.25
CA GLU J 81 15.24 -21.30 47.38
C GLU J 81 16.35 -21.26 48.42
N LYS J 82 16.51 -20.12 49.08
CA LYS J 82 17.54 -20.03 50.10
C LYS J 82 17.25 -21.06 51.16
N ALA J 83 18.29 -21.71 51.65
CA ALA J 83 18.20 -22.74 52.67
C ALA J 83 17.51 -24.01 52.16
N LYS J 84 17.48 -24.23 50.85
CA LYS J 84 16.90 -25.43 50.25
C LYS J 84 17.97 -26.14 49.43
N SER J 85 17.67 -27.37 49.03
CA SER J 85 18.60 -28.21 48.30
C SER J 85 19.30 -27.48 47.15
N ARG J 86 20.58 -27.79 47.00
CA ARG J 86 21.45 -27.26 45.97
C ARG J 86 21.35 -28.05 44.67
N CYS J 87 20.88 -29.28 44.78
CA CYS J 87 20.78 -30.21 43.66
C CYS J 87 20.21 -29.54 42.43
N VAL J 88 20.84 -29.85 41.28
CA VAL J 88 20.47 -29.36 39.96
C VAL J 88 19.98 -30.50 39.08
N ALA J 89 19.71 -31.65 39.68
CA ALA J 89 19.21 -32.84 38.98
C ALA J 89 20.08 -33.17 37.79
N CYS J 90 21.33 -33.43 38.06
CA CYS J 90 22.25 -33.79 36.99
C CYS J 90 22.30 -35.28 36.78
N TYR J 91 21.82 -36.08 37.73
CA TYR J 91 21.78 -37.53 37.69
C TYR J 91 23.15 -38.18 37.79
N MET J 92 24.18 -37.46 38.26
CA MET J 92 25.49 -38.10 38.38
C MET J 92 25.50 -39.10 39.53
N CYS J 93 24.91 -38.73 40.66
CA CYS J 93 24.87 -39.66 41.78
C CYS J 93 24.22 -40.97 41.38
N GLN J 94 23.02 -40.91 40.80
CA GLN J 94 22.33 -42.12 40.38
C GLN J 94 23.11 -42.85 39.27
N THR J 95 23.75 -42.10 38.37
CA THR J 95 24.50 -42.76 37.30
C THR J 95 25.78 -43.42 37.82
N ALA J 96 26.39 -42.87 38.87
CA ALA J 96 27.60 -43.49 39.40
C ALA J 96 27.28 -44.68 40.29
N CYS J 97 26.14 -44.60 40.98
CA CYS J 97 25.67 -45.63 41.89
C CYS J 97 25.51 -47.00 41.23
N PRO J 98 25.95 -48.07 41.87
CA PRO J 98 25.78 -49.41 41.28
C PRO J 98 24.35 -49.91 41.40
N MET J 99 23.55 -49.31 42.28
CA MET J 99 22.15 -49.66 42.52
C MET J 99 21.26 -48.47 42.18
N PRO J 100 21.29 -47.98 40.93
CA PRO J 100 20.51 -46.79 40.58
C PRO J 100 19.04 -46.87 40.93
N THR J 101 18.48 -48.08 40.97
CA THR J 101 17.06 -48.23 41.29
C THR J 101 16.68 -47.62 42.64
N LEU J 102 17.62 -47.55 43.60
CA LEU J 102 17.29 -46.97 44.91
C LEU J 102 17.00 -45.48 44.83
N PHE J 103 17.45 -44.81 43.78
CA PHE J 103 17.21 -43.39 43.58
C PHE J 103 15.95 -43.19 42.78
N ARG J 104 15.42 -41.97 42.83
CA ARG J 104 14.28 -41.55 42.01
C ARG J 104 14.41 -40.03 41.93
N ILE J 105 14.93 -39.53 40.80
CA ILE J 105 15.16 -38.11 40.61
C ILE J 105 14.31 -37.59 39.47
N GLU J 106 13.76 -36.40 39.66
CA GLU J 106 12.91 -35.74 38.68
C GLU J 106 13.12 -34.23 38.74
N ALA J 107 13.16 -33.60 37.56
CA ALA J 107 13.30 -32.17 37.43
C ALA J 107 12.47 -31.72 36.24
N VAL J 108 12.20 -30.41 36.20
CA VAL J 108 11.39 -29.82 35.13
C VAL J 108 12.04 -28.53 34.64
N GLN J 109 11.49 -28.04 33.54
CA GLN J 109 11.91 -26.76 32.96
C GLN J 109 10.78 -25.79 33.22
N LEU J 110 11.05 -24.75 33.99
CA LEU J 110 10.01 -23.77 34.29
C LEU J 110 9.74 -22.90 33.06
N PRO J 111 8.57 -22.26 33.01
CA PRO J 111 8.26 -21.40 31.87
C PRO J 111 9.25 -20.26 31.68
N ASN J 112 9.99 -19.84 32.72
CA ASN J 112 10.99 -18.78 32.59
C ASN J 112 12.30 -19.31 32.04
N GLY J 113 12.37 -20.60 31.75
CA GLY J 113 13.56 -21.20 31.19
C GLY J 113 14.49 -21.81 32.20
N LYS J 114 14.33 -21.52 33.49
CA LYS J 114 15.21 -22.09 34.50
C LYS J 114 14.83 -23.55 34.76
N LYS J 115 15.72 -24.23 35.45
CA LYS J 115 15.52 -25.63 35.79
C LYS J 115 15.18 -25.71 37.27
N LYS J 116 14.20 -26.53 37.61
CA LYS J 116 13.80 -26.72 38.99
C LYS J 116 13.70 -28.22 39.23
N VAL J 117 14.41 -28.70 40.25
CA VAL J 117 14.36 -30.10 40.61
C VAL J 117 13.18 -30.28 41.56
N VAL J 118 12.30 -31.22 41.23
CA VAL J 118 11.06 -31.42 41.97
C VAL J 118 10.99 -32.74 42.76
N ARG J 119 11.93 -33.66 42.56
CA ARG J 119 11.83 -34.91 43.31
C ARG J 119 13.20 -35.56 43.47
N PHE J 120 13.46 -36.06 44.69
CA PHE J 120 14.71 -36.75 45.00
C PHE J 120 14.44 -37.71 46.16
N ASP J 121 14.31 -38.99 45.85
CA ASP J 121 14.04 -40.01 46.84
C ASP J 121 15.11 -41.10 46.79
N MET J 122 15.46 -41.63 47.95
CA MET J 122 16.46 -42.66 48.09
C MET J 122 15.96 -43.75 49.05
N ASN J 123 16.19 -45.01 48.70
CA ASN J 123 15.81 -46.16 49.52
C ASN J 123 17.07 -46.68 50.18
N LEU J 124 17.27 -46.36 51.45
CA LEU J 124 18.49 -46.78 52.15
C LEU J 124 18.58 -48.29 52.37
N LEU J 125 17.48 -49.05 52.23
CA LEU J 125 17.58 -50.49 52.46
C LEU J 125 18.24 -51.25 51.32
N ASN J 126 18.59 -50.58 50.22
CA ASN J 126 19.26 -51.23 49.11
C ASN J 126 20.59 -50.55 48.78
N CYS J 127 21.09 -49.74 49.71
CA CYS J 127 22.31 -48.96 49.57
C CYS J 127 23.54 -49.66 50.12
N LEU J 128 24.68 -49.43 49.46
CA LEU J 128 25.95 -49.99 49.89
C LEU J 128 26.66 -49.09 50.89
N PHE J 129 26.20 -47.85 51.04
CA PHE J 129 26.86 -46.86 51.89
C PHE J 129 28.33 -46.77 51.49
N CYS J 130 28.52 -46.77 50.18
CA CYS J 130 29.82 -46.77 49.51
C CYS J 130 30.38 -45.37 49.26
N GLY J 131 29.53 -44.37 49.12
CA GLY J 131 29.97 -43.01 48.90
C GLY J 131 30.25 -42.62 47.46
N LEU J 132 30.09 -43.54 46.50
CA LEU J 132 30.36 -43.22 45.09
C LEU J 132 29.52 -42.06 44.57
N CYS J 133 28.30 -41.90 45.08
CA CYS J 133 27.44 -40.81 44.62
C CYS J 133 27.99 -39.46 45.04
N VAL J 134 28.45 -39.32 46.28
CA VAL J 134 29.00 -38.05 46.72
C VAL J 134 30.24 -37.70 45.90
N ASP J 135 31.02 -38.70 45.51
CA ASP J 135 32.17 -38.43 44.66
C ASP J 135 31.71 -37.84 43.33
N ALA J 136 30.61 -38.37 42.81
CA ALA J 136 30.05 -37.94 41.52
C ALA J 136 29.29 -36.63 41.58
N CYS J 137 28.96 -36.12 42.77
CA CYS J 137 28.24 -34.84 42.80
C CYS J 137 29.15 -33.72 42.32
N PRO J 138 28.85 -33.08 41.20
CA PRO J 138 29.73 -32.00 40.73
C PRO J 138 29.42 -30.64 41.32
N VAL J 139 28.36 -30.51 42.10
CA VAL J 139 27.94 -29.23 42.64
C VAL J 139 28.04 -29.15 44.16
N GLY J 140 28.49 -30.21 44.83
CA GLY J 140 28.63 -30.12 46.27
C GLY J 140 27.30 -30.12 47.00
N CYS J 141 26.38 -30.99 46.59
CA CYS J 141 25.07 -31.10 47.18
C CYS J 141 24.93 -32.39 47.98
N LEU J 142 25.16 -33.53 47.34
CA LEU J 142 25.05 -34.81 48.02
C LEU J 142 26.20 -35.01 48.99
N THR J 143 25.88 -35.50 50.18
CA THR J 143 26.87 -35.77 51.23
C THR J 143 26.35 -36.86 52.15
N MET J 144 27.29 -37.47 52.89
CA MET J 144 26.99 -38.51 53.86
C MET J 144 27.13 -37.87 55.22
N THR J 145 26.08 -37.94 56.02
CA THR J 145 26.10 -37.35 57.35
C THR J 145 26.57 -38.41 58.35
N ASP J 146 26.41 -38.11 59.64
CA ASP J 146 26.79 -39.06 60.68
C ASP J 146 25.58 -39.79 61.23
N ILE J 147 24.38 -39.49 60.70
CA ILE J 147 23.14 -40.10 61.16
C ILE J 147 23.12 -41.58 60.81
N PHE J 148 22.99 -42.43 61.84
CA PHE J 148 22.97 -43.89 61.68
C PHE J 148 21.89 -44.60 62.48
N GLU J 149 21.24 -43.94 63.43
CA GLU J 149 20.18 -44.55 64.23
C GLU J 149 18.88 -44.36 63.46
N LEU J 150 18.72 -45.20 62.44
CA LEU J 150 17.56 -45.12 61.55
C LEU J 150 16.72 -46.38 61.51
N ALA J 151 17.00 -47.36 62.37
CA ALA J 151 16.20 -48.57 62.35
C ALA J 151 14.74 -48.23 62.62
N ASN J 152 13.83 -48.81 61.83
CA ASN J 152 12.41 -48.52 62.01
C ASN J 152 11.60 -49.77 61.69
N TYR J 153 10.28 -49.62 61.80
CA TYR J 153 9.37 -50.75 61.65
C TYR J 153 8.86 -51.01 60.24
N SER J 154 9.22 -50.21 59.23
CA SER J 154 8.67 -50.52 57.92
C SER J 154 9.61 -50.03 56.83
N ARG J 155 9.60 -50.74 55.70
CA ARG J 155 10.43 -50.34 54.56
C ARG J 155 10.16 -48.90 54.19
N ARG J 156 8.93 -48.43 54.41
CA ARG J 156 8.58 -47.06 54.07
C ARG J 156 9.36 -46.06 54.91
N ASN J 157 9.73 -46.43 56.13
CA ASN J 157 10.49 -45.51 56.95
C ASN J 157 11.93 -45.37 56.49
N GLU J 158 12.41 -46.23 55.60
CA GLU J 158 13.79 -46.23 55.13
C GLU J 158 13.97 -45.53 53.78
N VAL J 159 12.98 -44.76 53.35
CA VAL J 159 13.06 -44.04 52.08
C VAL J 159 13.08 -42.55 52.42
N LEU J 160 14.20 -41.89 52.11
CA LEU J 160 14.38 -40.48 52.39
C LEU J 160 13.86 -39.65 51.21
N ARG J 161 13.09 -38.62 51.52
CA ARG J 161 12.57 -37.70 50.52
C ARG J 161 13.48 -36.49 50.52
N MET J 162 13.22 -35.57 49.58
CA MET J 162 14.06 -34.37 49.52
C MET J 162 14.06 -33.61 50.83
N GLU J 163 12.88 -33.35 51.41
CA GLU J 163 12.83 -32.62 52.67
C GLU J 163 13.65 -33.31 53.74
N ASP J 164 13.68 -34.64 53.71
CA ASP J 164 14.46 -35.40 54.68
C ASP J 164 15.94 -35.21 54.43
N LEU J 165 16.34 -35.28 53.15
CA LEU J 165 17.74 -35.10 52.77
C LEU J 165 18.24 -33.72 53.21
N GLU J 166 17.42 -32.68 53.03
CA GLU J 166 17.80 -31.34 53.43
C GLU J 166 17.95 -31.22 54.94
N LYS J 167 16.96 -31.75 55.69
CA LYS J 167 17.02 -31.65 57.16
C LYS J 167 18.26 -32.34 57.71
N PHE J 168 18.63 -33.49 57.14
CA PHE J 168 19.81 -34.21 57.61
C PHE J 168 21.06 -33.38 57.42
N ALA J 169 21.25 -32.84 56.20
CA ALA J 169 22.44 -32.03 55.93
C ALA J 169 22.49 -30.76 56.78
N ILE J 170 21.36 -30.05 56.90
CA ILE J 170 21.32 -28.83 57.70
C ILE J 170 21.70 -29.14 59.13
N ASP J 171 21.15 -30.23 59.69
CA ASP J 171 21.46 -30.61 61.06
C ASP J 171 22.93 -30.97 61.19
N PHE J 172 23.46 -31.73 60.24
CA PHE J 172 24.86 -32.12 60.27
C PHE J 172 25.79 -30.92 60.15
N LYS J 173 25.53 -30.02 59.20
CA LYS J 173 26.41 -28.87 59.08
C LYS J 173 26.26 -27.94 60.28
N GLN J 174 25.04 -27.83 60.82
CA GLN J 174 24.83 -26.96 61.97
C GLN J 174 25.64 -27.41 63.18
N ARG J 175 25.84 -28.71 63.35
CA ARG J 175 26.57 -29.23 64.51
C ARG J 175 28.04 -29.53 64.25
N ARG J 176 28.45 -29.89 63.03
CA ARG J 176 29.86 -30.24 62.81
C ARG J 176 30.47 -29.64 61.55
N GLY J 177 29.92 -28.54 61.03
CA GLY J 177 30.47 -27.95 59.82
C GLY J 177 31.89 -27.44 60.01
N ASN J 178 32.16 -26.84 61.17
CA ASN J 178 33.46 -26.29 61.48
C ASN J 178 34.43 -27.32 62.04
N GLU J 179 33.97 -28.54 62.25
CA GLU J 179 34.85 -29.56 62.81
C GLU J 179 35.97 -29.91 61.84
N PRO J 180 37.19 -30.03 62.33
CA PRO J 180 38.32 -30.38 61.45
C PRO J 180 38.36 -31.87 61.11
N ASP J 181 39.14 -32.18 60.08
CA ASP J 181 39.31 -33.54 59.55
C ASP J 181 40.24 -34.37 60.45
N ARG J 182 39.69 -34.99 61.49
CA ARG J 182 40.47 -35.78 62.42
C ARG J 182 40.04 -37.24 62.37
N ILE J 183 40.97 -38.13 62.76
CA ILE J 183 40.69 -39.57 62.75
C ILE J 183 39.50 -39.90 63.65
N TRP J 184 39.27 -39.10 64.69
CA TRP J 184 38.14 -39.21 65.60
C TRP J 184 37.91 -37.81 66.15
N PRO J 185 36.66 -37.45 66.48
CA PRO J 185 36.38 -36.08 66.92
C PRO J 185 36.50 -35.77 68.40
N ASN J 186 36.37 -36.79 69.26
CA ASN J 186 36.45 -36.57 70.69
C ASN J 186 37.47 -37.52 71.26
N ASP J 187 38.39 -37.00 72.09
CA ASP J 187 39.42 -37.84 72.70
C ASP J 187 38.96 -38.49 74.00
N GLU J 188 37.93 -37.96 74.65
CA GLU J 188 37.43 -38.55 75.90
C GLU J 188 36.76 -39.89 75.64
N GLU J 189 36.01 -40.00 74.53
CA GLU J 189 35.35 -41.25 74.21
C GLU J 189 36.35 -42.34 73.85
N ARG J 190 37.53 -41.94 73.36
CA ARG J 190 38.57 -42.87 72.96
C ARG J 190 39.48 -43.29 74.10
N GLU J 191 39.57 -42.48 75.17
CA GLU J 191 40.44 -42.83 76.29
C GLU J 191 40.11 -44.19 76.88
N LYS J 192 38.85 -44.64 76.78
CA LYS J 192 38.49 -45.93 77.34
C LYS J 192 39.33 -47.06 76.75
N LEU J 193 39.60 -47.01 75.45
CA LEU J 193 40.35 -48.04 74.73
C LEU J 193 41.80 -47.66 74.45
N TRP J 194 42.05 -46.42 74.03
CA TRP J 194 43.41 -45.98 73.70
C TRP J 194 44.12 -45.30 74.86
N GLY J 195 43.45 -44.36 75.51
CA GLY J 195 44.06 -43.63 76.59
C GLY J 195 44.62 -42.32 76.05
N LYS J 196 45.37 -41.62 76.90
CA LYS J 196 45.96 -40.36 76.51
C LYS J 196 47.01 -40.62 75.42
N ILE J 197 46.81 -40.04 74.24
CA ILE J 197 47.68 -40.23 73.09
C ILE J 197 48.65 -39.07 72.93
N GLU J 198 49.91 -39.41 72.65
CA GLU J 198 50.99 -38.44 72.46
C GLU J 198 50.95 -37.89 71.04
N TRP J 199 50.14 -36.85 70.84
CA TRP J 199 50.07 -36.24 69.52
C TRP J 199 51.37 -35.44 69.29
N SER J 200 51.53 -34.91 68.08
CA SER J 200 52.75 -34.15 67.82
C SER J 200 52.55 -33.25 66.61
N GLY J 201 53.47 -32.29 66.46
CA GLY J 201 53.44 -31.33 65.38
C GLY J 201 53.69 -31.91 64.00
N PHE K 6 13.28 1.24 4.74
CA PHE K 6 14.54 1.99 4.65
C PHE K 6 15.01 2.10 3.21
N GLU K 7 15.25 3.34 2.79
CA GLU K 7 15.73 3.66 1.45
C GLU K 7 16.94 4.58 1.61
N PHE K 8 17.90 4.44 0.69
CA PHE K 8 19.08 5.31 0.73
C PHE K 8 18.75 6.64 0.08
N PRO K 9 19.12 7.76 0.68
CA PRO K 9 18.89 9.04 0.01
C PRO K 9 19.65 9.04 -1.31
N GLU K 10 19.15 9.79 -2.29
CA GLU K 10 19.81 9.80 -3.61
C GLU K 10 21.30 10.07 -3.53
N GLU K 11 21.71 11.10 -2.78
CA GLU K 11 23.13 11.45 -2.66
C GLU K 11 24.01 10.25 -2.32
N LEU K 12 23.61 9.49 -1.30
CA LEU K 12 24.38 8.32 -0.88
C LEU K 12 24.26 7.17 -1.86
N LYS K 13 23.07 7.00 -2.44
CA LYS K 13 22.85 5.90 -3.38
C LYS K 13 23.70 6.05 -4.63
N THR K 14 23.87 7.28 -5.12
CA THR K 14 24.68 7.46 -6.33
C THR K 14 26.12 7.04 -6.06
N LYS K 15 26.67 7.46 -4.89
CA LYS K 15 28.03 7.08 -4.52
C LYS K 15 28.15 5.56 -4.47
N LEU K 16 27.18 4.89 -3.82
CA LEU K 16 27.23 3.43 -3.75
C LEU K 16 27.20 2.83 -5.15
N GLN K 17 26.35 3.38 -6.03
CA GLN K 17 26.27 2.86 -7.40
C GLN K 17 27.61 2.99 -8.11
N GLU K 18 28.31 4.12 -7.93
CA GLU K 18 29.60 4.31 -8.57
C GLU K 18 30.58 3.24 -8.13
N HIS K 19 30.65 2.93 -6.83
CA HIS K 19 31.53 1.87 -6.35
C HIS K 19 31.13 0.52 -6.94
N ILE K 20 29.83 0.23 -6.93
CA ILE K 20 29.31 -1.05 -7.46
C ILE K 20 29.66 -1.19 -8.95
N ASN K 21 29.63 -0.09 -9.71
CA ASN K 21 29.97 -0.14 -11.14
C ASN K 21 31.48 -0.09 -11.43
N TYR K 22 32.29 0.39 -10.48
CA TYR K 22 33.75 0.54 -10.65
C TYR K 22 34.47 -0.79 -10.79
N PHE K 23 34.31 -1.67 -9.83
CA PHE K 23 34.99 -2.94 -9.86
C PHE K 23 34.46 -3.87 -10.94
N PRO K 24 35.23 -4.91 -11.28
CA PRO K 24 34.75 -5.88 -12.26
C PRO K 24 33.55 -6.64 -11.77
N LYS K 25 33.50 -6.99 -10.49
CA LYS K 25 32.38 -7.68 -9.85
C LYS K 25 31.79 -6.81 -8.74
N LYS K 26 30.46 -6.79 -8.66
CA LYS K 26 29.73 -5.96 -7.70
C LYS K 26 30.13 -6.23 -6.25
N ARG K 27 30.24 -7.51 -5.88
CA ARG K 27 30.58 -7.81 -4.48
C ARG K 27 31.92 -7.21 -4.05
N GLN K 28 32.80 -6.87 -4.99
CA GLN K 28 34.07 -6.30 -4.57
C GLN K 28 33.92 -4.93 -3.95
N ALA K 29 32.77 -4.29 -4.13
CA ALA K 29 32.56 -2.95 -3.60
C ALA K 29 32.01 -2.95 -2.19
N ILE K 30 31.89 -4.09 -1.54
CA ILE K 30 31.28 -4.10 -0.21
C ILE K 30 31.98 -3.17 0.78
N LEU K 31 33.33 -3.18 0.83
CA LEU K 31 34.01 -2.33 1.82
C LEU K 31 33.89 -0.85 1.51
N LEU K 32 33.98 -0.47 0.23
CA LEU K 32 33.82 0.94 -0.11
C LEU K 32 32.40 1.38 0.14
N CYS K 33 31.44 0.48 -0.04
CA CYS K 33 30.07 0.85 0.23
C CYS K 33 29.88 1.07 1.72
N LEU K 34 30.41 0.18 2.55
CA LEU K 34 30.25 0.34 4.00
C LEU K 34 30.94 1.61 4.50
N HIS K 35 32.11 1.94 3.94
CA HIS K 35 32.77 3.18 4.37
C HIS K 35 31.90 4.37 4.01
N GLU K 36 31.28 4.31 2.82
CA GLU K 36 30.42 5.39 2.33
C GLU K 36 29.22 5.57 3.24
N ILE K 37 28.60 4.47 3.65
CA ILE K 37 27.47 4.55 4.54
C ILE K 37 27.88 5.13 5.87
N GLN K 38 28.97 4.61 6.45
CA GLN K 38 29.39 5.08 7.76
C GLN K 38 29.75 6.55 7.73
N ASN K 39 30.39 6.98 6.65
CA ASN K 39 30.77 8.38 6.57
C ASN K 39 29.53 9.26 6.40
N TYR K 40 28.49 8.73 5.79
CA TYR K 40 27.29 9.54 5.58
C TYR K 40 26.44 9.65 6.83
N TYR K 41 26.16 8.53 7.47
CA TYR K 41 25.32 8.53 8.66
C TYR K 41 26.07 8.70 9.97
N GLY K 42 27.39 8.65 9.96
CA GLY K 42 28.11 8.75 11.20
C GLY K 42 28.18 7.44 11.92
N TYR K 43 27.67 6.38 11.29
CA TYR K 43 27.66 5.01 11.77
C TYR K 43 27.02 4.21 10.66
N ILE K 44 27.01 2.88 10.82
CA ILE K 44 26.41 2.02 9.81
C ILE K 44 25.08 1.54 10.38
N PRO K 45 23.97 2.08 9.93
CA PRO K 45 22.65 1.65 10.44
C PRO K 45 22.39 0.22 10.07
N PRO K 46 22.05 -0.62 11.04
CA PRO K 46 21.74 -2.04 10.73
C PRO K 46 20.62 -2.19 9.70
N GLU K 47 19.73 -1.19 9.66
CA GLU K 47 18.64 -1.17 8.71
C GLU K 47 19.12 -1.04 7.26
N SER K 48 20.38 -0.66 7.06
CA SER K 48 20.93 -0.49 5.72
C SER K 48 21.60 -1.72 5.15
N LEU K 49 21.86 -2.76 5.96
CA LEU K 49 22.53 -3.94 5.44
C LEU K 49 21.69 -4.67 4.40
N LYS K 50 20.38 -4.80 4.62
CA LYS K 50 19.58 -5.48 3.61
C LYS K 50 19.54 -4.68 2.32
N PRO K 51 19.21 -3.37 2.32
CA PRO K 51 19.24 -2.60 1.05
C PRO K 51 20.60 -2.68 0.35
N LEU K 52 21.69 -2.67 1.12
CA LEU K 52 23.02 -2.80 0.55
C LEU K 52 23.22 -4.19 -0.01
N ALA K 53 22.78 -5.21 0.72
CA ALA K 53 22.92 -6.58 0.24
C ALA K 53 22.24 -6.74 -1.10
N ASP K 54 21.12 -6.04 -1.28
CA ASP K 54 20.36 -6.13 -2.52
C ASP K 54 21.08 -5.44 -3.68
N MET K 55 21.81 -4.34 -3.40
CA MET K 55 22.52 -3.69 -4.48
C MET K 55 23.71 -4.51 -4.95
N LEU K 56 24.32 -5.27 -4.05
CA LEU K 56 25.45 -6.12 -4.34
C LEU K 56 25.03 -7.52 -4.79
N GLU K 57 23.72 -7.82 -4.77
CA GLU K 57 23.18 -9.15 -5.08
C GLU K 57 23.84 -10.21 -4.19
N LEU K 58 23.85 -9.95 -2.89
CA LEU K 58 24.42 -10.88 -1.93
C LEU K 58 23.40 -11.16 -0.84
N PRO K 59 23.44 -12.36 -0.25
CA PRO K 59 22.52 -12.65 0.85
C PRO K 59 22.89 -11.81 2.05
N LEU K 60 21.87 -11.39 2.80
CA LEU K 60 22.09 -10.53 3.97
C LEU K 60 23.13 -11.09 4.94
N ASN K 61 23.08 -12.40 5.21
CA ASN K 61 24.04 -12.95 6.15
C ASN K 61 25.48 -12.76 5.69
N HIS K 62 25.69 -12.62 4.38
CA HIS K 62 27.05 -12.38 3.89
C HIS K 62 27.48 -10.95 4.25
N VAL K 63 26.62 -9.99 3.93
CA VAL K 63 26.90 -8.59 4.26
C VAL K 63 27.12 -8.42 5.76
N GLU K 64 26.27 -9.06 6.59
CA GLU K 64 26.41 -8.95 8.04
C GLU K 64 27.74 -9.51 8.53
N GLY K 65 28.12 -10.69 8.05
CA GLY K 65 29.38 -11.26 8.46
C GLY K 65 30.56 -10.36 8.12
N VAL K 66 30.49 -9.64 6.97
CA VAL K 66 31.58 -8.76 6.56
C VAL K 66 31.65 -7.53 7.46
N VAL K 67 30.55 -6.78 7.60
CA VAL K 67 30.58 -5.59 8.43
C VAL K 67 31.02 -5.93 9.85
N ALA K 68 30.82 -7.16 10.27
CA ALA K 68 31.22 -7.52 11.62
C ALA K 68 32.72 -7.75 11.73
N PHE K 69 33.36 -8.14 10.64
CA PHE K 69 34.77 -8.48 10.68
C PHE K 69 35.71 -7.29 10.74
N TYR K 70 35.41 -6.20 10.03
CA TYR K 70 36.35 -5.09 10.00
C TYR K 70 36.16 -4.11 11.14
N ASP K 71 37.30 -3.75 11.75
CA ASP K 71 37.35 -2.91 12.94
C ASP K 71 36.83 -1.49 12.72
N MET K 72 37.11 -0.87 11.58
CA MET K 72 36.69 0.51 11.37
C MET K 72 35.19 0.71 11.38
N PHE K 73 34.42 -0.32 11.04
CA PHE K 73 32.97 -0.20 10.98
C PHE K 73 32.34 -0.16 12.37
N ASP K 74 31.37 0.73 12.54
CA ASP K 74 30.69 0.93 13.81
C ASP K 74 29.17 0.96 13.62
N ARG K 75 28.48 -0.03 14.18
CA ARG K 75 27.03 -0.09 14.09
C ARG K 75 26.32 0.35 15.37
N GLU K 76 27.05 0.60 16.46
CA GLU K 76 26.45 0.95 17.74
C GLU K 76 26.35 2.44 18.00
N ASP K 77 27.42 3.19 17.83
CA ASP K 77 27.44 4.61 18.14
C ASP K 77 27.49 5.50 16.91
N LYS K 78 26.72 6.57 16.98
CA LYS K 78 26.64 7.58 15.94
C LYS K 78 27.53 8.72 16.41
N ALA K 79 28.49 9.11 15.58
CA ALA K 79 29.38 10.20 15.92
C ALA K 79 29.77 10.89 14.63
N LYS K 80 29.79 12.23 14.64
CA LYS K 80 30.13 12.99 13.45
C LYS K 80 31.61 12.84 13.13
N TYR K 81 32.46 12.88 14.15
CA TYR K 81 33.89 12.77 13.97
C TYR K 81 34.45 11.71 14.88
N ARG K 82 35.15 10.75 14.31
CA ARG K 82 35.78 9.70 15.09
C ARG K 82 37.25 10.08 15.26
N ILE K 83 37.68 10.20 16.51
CA ILE K 83 39.06 10.53 16.85
C ILE K 83 39.74 9.21 17.11
N ARG K 84 40.44 8.68 16.12
CA ARG K 84 41.14 7.41 16.27
C ARG K 84 42.48 7.66 16.93
N VAL K 85 42.67 7.11 18.12
CA VAL K 85 43.90 7.25 18.90
C VAL K 85 44.67 5.94 18.86
N CYS K 86 45.90 6.00 18.40
CA CYS K 86 46.71 4.79 18.37
C CYS K 86 47.19 4.45 19.77
N VAL K 87 46.97 3.19 20.17
CA VAL K 87 47.39 2.71 21.48
C VAL K 87 48.42 1.58 21.34
N SER K 88 49.09 1.48 20.18
CA SER K 88 50.09 0.45 19.95
C SER K 88 51.42 0.80 20.63
N ILE K 89 52.42 -0.07 20.46
CA ILE K 89 53.67 0.06 21.21
C ILE K 89 54.36 1.43 21.03
N VAL K 90 54.63 1.84 19.80
CA VAL K 90 55.37 3.10 19.62
C VAL K 90 54.63 4.28 20.22
N CYS K 91 53.37 4.45 19.88
CA CYS K 91 52.64 5.60 20.41
C CYS K 91 52.51 5.51 21.92
N HIS K 92 52.34 4.30 22.45
CA HIS K 92 52.23 4.16 23.89
C HIS K 92 53.54 4.58 24.57
N LEU K 93 54.65 4.21 23.96
CA LEU K 93 55.97 4.54 24.50
C LEU K 93 56.27 6.03 24.41
N MET K 94 55.66 6.73 23.46
CA MET K 94 55.92 8.14 23.25
C MET K 94 54.86 9.05 23.85
N GLY K 95 53.86 8.51 24.54
CA GLY K 95 52.88 9.41 25.14
C GLY K 95 51.40 9.26 24.82
N THR K 96 50.94 8.08 24.44
CA THR K 96 49.51 7.93 24.16
C THR K 96 48.68 8.34 25.36
N ASN K 97 49.12 7.98 26.56
CA ASN K 97 48.37 8.34 27.76
C ASN K 97 48.29 9.85 27.91
N LYS K 98 49.33 10.58 27.52
CA LYS K 98 49.25 12.04 27.60
C LYS K 98 48.18 12.57 26.65
N LEU K 99 48.11 12.03 25.43
CA LEU K 99 47.10 12.47 24.48
C LEU K 99 45.70 12.16 24.98
N LEU K 100 45.49 10.95 25.52
CA LEU K 100 44.17 10.59 26.06
C LEU K 100 43.80 11.52 27.20
N LYS K 101 44.76 11.84 28.08
CA LYS K 101 44.50 12.75 29.18
C LYS K 101 44.07 14.12 28.67
N ALA K 102 44.71 14.60 27.61
CA ALA K 102 44.33 15.90 27.07
C ALA K 102 42.93 15.84 26.46
N LEU K 103 42.60 14.71 25.82
CA LEU K 103 41.27 14.55 25.24
C LEU K 103 40.21 14.60 26.33
N GLU K 104 40.52 14.05 27.49
CA GLU K 104 39.55 14.08 28.57
C GLU K 104 39.39 15.50 29.09
N ASN K 105 40.50 16.23 29.18
CA ASN K 105 40.44 17.61 29.64
C ASN K 105 39.70 18.50 28.64
N ILE K 106 39.71 18.13 27.37
CA ILE K 106 39.04 18.94 26.35
C ILE K 106 37.61 18.48 26.09
N LEU K 107 37.34 17.17 26.03
CA LEU K 107 36.00 16.70 25.73
C LEU K 107 35.28 16.02 26.88
N GLY K 108 35.96 15.65 27.95
CA GLY K 108 35.28 14.99 29.04
C GLY K 108 34.88 13.56 28.75
N ILE K 109 35.56 12.89 27.84
CA ILE K 109 35.23 11.51 27.52
C ILE K 109 36.49 10.66 27.55
N LYS K 110 36.31 9.39 27.81
CA LYS K 110 37.34 8.37 27.86
C LYS K 110 37.28 7.56 26.58
N PRO K 111 38.30 6.75 26.30
CA PRO K 111 38.27 5.95 25.08
C PRO K 111 36.99 5.12 25.03
N GLY K 112 36.41 5.04 23.84
CA GLY K 112 35.18 4.30 23.62
C GLY K 112 33.90 5.09 23.82
N GLU K 113 33.96 6.21 24.53
CA GLU K 113 32.79 7.03 24.78
C GLU K 113 32.63 8.08 23.70
N VAL K 114 31.43 8.62 23.60
CA VAL K 114 31.08 9.65 22.64
C VAL K 114 30.50 10.84 23.39
N THR K 115 30.86 12.05 22.95
CA THR K 115 30.37 13.25 23.62
C THR K 115 28.84 13.31 23.58
N PRO K 116 28.23 14.02 24.52
CA PRO K 116 26.76 14.09 24.56
C PRO K 116 26.13 14.60 23.29
N ASP K 117 26.71 15.59 22.63
CA ASP K 117 26.13 16.13 21.40
C ASP K 117 26.36 15.22 20.18
N GLY K 118 27.18 14.17 20.31
CA GLY K 118 27.44 13.28 19.22
C GLY K 118 28.43 13.78 18.19
N LYS K 119 29.22 14.80 18.53
CA LYS K 119 30.21 15.38 17.62
C LYS K 119 31.46 14.50 17.54
N PHE K 120 32.02 14.13 18.69
CA PHE K 120 33.22 13.33 18.73
C PHE K 120 33.05 12.01 19.47
N LYS K 121 33.89 11.05 19.08
CA LYS K 121 33.98 9.73 19.71
C LYS K 121 35.45 9.30 19.69
N ILE K 122 36.00 8.97 20.87
CA ILE K 122 37.38 8.54 20.98
C ILE K 122 37.41 7.05 20.71
N VAL K 123 38.20 6.64 19.73
CA VAL K 123 38.29 5.23 19.31
C VAL K 123 39.73 4.72 19.39
N PRO K 124 40.04 3.79 20.28
CA PRO K 124 41.41 3.26 20.34
C PRO K 124 41.63 2.30 19.18
N VAL K 125 42.76 2.45 18.49
CA VAL K 125 43.11 1.62 17.34
C VAL K 125 44.55 1.15 17.45
N GLN K 126 44.88 0.13 16.66
CA GLN K 126 46.24 -0.37 16.61
C GLN K 126 47.03 0.58 15.71
N CYS K 127 48.34 0.37 15.60
CA CYS K 127 49.28 1.22 14.85
C CYS K 127 48.69 1.84 13.57
N LEU K 128 48.74 3.16 13.51
CA LEU K 128 48.19 3.93 12.39
C LEU K 128 49.18 4.14 11.24
N GLY K 129 50.39 3.58 11.33
CA GLY K 129 51.36 3.73 10.27
C GLY K 129 52.04 5.08 10.23
N ALA K 130 52.25 5.70 11.37
CA ALA K 130 52.92 6.99 11.42
C ALA K 130 53.80 7.07 12.66
N CYS K 131 54.31 5.91 13.09
CA CYS K 131 55.07 5.79 14.33
C CYS K 131 56.13 6.86 14.54
N SER K 132 56.81 7.28 13.48
CA SER K 132 57.83 8.29 13.68
C SER K 132 57.25 9.61 14.19
N GLU K 133 55.95 9.82 13.99
CA GLU K 133 55.24 11.03 14.40
C GLU K 133 54.33 10.75 15.61
N ALA K 134 54.75 9.82 16.46
CA ALA K 134 54.00 9.45 17.62
C ALA K 134 54.00 10.59 18.65
N PRO K 135 52.92 10.72 19.44
CA PRO K 135 51.68 9.90 19.43
C PRO K 135 50.79 10.38 18.33
N VAL K 136 50.31 9.47 17.55
CA VAL K 136 49.45 9.74 16.41
C VAL K 136 47.99 9.56 16.77
N PHE K 137 47.14 10.32 16.07
CA PHE K 137 45.69 10.25 16.17
C PHE K 137 45.11 10.79 14.88
N MET K 138 43.90 10.33 14.57
CA MET K 138 43.17 10.76 13.39
C MET K 138 41.86 11.39 13.81
N VAL K 139 41.34 12.23 12.94
CA VAL K 139 40.00 12.78 13.11
C VAL K 139 39.41 12.06 11.90
N ASN K 140 38.14 12.26 11.58
CA ASN K 140 37.53 11.47 10.50
C ASN K 140 38.40 10.94 9.35
N ASP K 141 39.29 11.73 8.77
CA ASP K 141 40.16 11.30 7.67
C ASP K 141 41.54 11.92 7.78
N ASP K 142 41.74 12.89 8.67
CA ASP K 142 42.98 13.60 8.88
C ASP K 142 43.79 12.99 10.02
N GLU K 143 45.10 12.87 9.81
CA GLU K 143 46.06 12.33 10.77
C GLU K 143 46.93 13.45 11.30
N TYR K 144 47.15 13.44 12.61
CA TYR K 144 47.96 14.45 13.26
C TYR K 144 48.87 13.83 14.30
N LYS K 145 49.89 14.59 14.67
CA LYS K 145 50.81 14.22 15.71
C LYS K 145 50.42 15.08 16.92
N PHE K 146 50.34 14.46 18.09
CA PHE K 146 49.98 15.20 19.29
C PHE K 146 51.21 15.88 19.88
N GLU K 147 51.13 17.20 20.06
CA GLU K 147 52.23 17.95 20.63
C GLU K 147 51.91 18.45 22.03
N SER K 148 50.74 19.03 22.24
CA SER K 148 50.37 19.55 23.54
C SER K 148 48.86 19.64 23.65
N GLU K 149 48.38 19.83 24.88
CA GLU K 149 46.94 19.96 25.09
C GLU K 149 46.41 21.18 24.35
N VAL K 150 47.19 22.27 24.35
CA VAL K 150 46.80 23.50 23.67
C VAL K 150 46.69 23.26 22.17
N GLN K 151 47.69 22.62 21.58
CA GLN K 151 47.66 22.35 20.15
C GLN K 151 46.50 21.44 19.79
N LEU K 152 46.24 20.40 20.59
CA LEU K 152 45.13 19.51 20.32
C LEU K 152 43.80 20.25 20.36
N ASN K 153 43.67 21.24 21.26
CA ASN K 153 42.42 21.98 21.33
C ASN K 153 42.22 22.78 20.05
N GLU K 154 43.30 23.34 19.51
CA GLU K 154 43.23 24.14 18.29
C GLU K 154 42.84 23.27 17.09
N ILE K 155 43.41 22.06 16.99
CA ILE K 155 43.06 21.17 15.89
C ILE K 155 41.60 20.75 15.97
N LEU K 156 41.15 20.32 17.16
CA LEU K 156 39.76 19.90 17.29
C LEU K 156 38.82 21.07 17.05
N SER K 157 39.27 22.29 17.37
CA SER K 157 38.46 23.48 17.17
C SER K 157 38.12 23.71 15.71
N ARG K 158 38.88 23.11 14.80
CA ARG K 158 38.63 23.21 13.36
C ARG K 158 37.47 22.36 12.90
N TYR K 159 36.84 21.59 13.80
CA TYR K 159 35.74 20.71 13.43
C TYR K 159 34.44 21.13 14.10
N THR K 160 33.36 20.57 13.54
CA THR K 160 31.94 20.73 13.88
C THR K 160 31.41 21.68 12.82
N TRP L 20 12.67 -47.43 80.87
CA TRP L 20 13.91 -47.02 80.25
C TRP L 20 14.87 -48.20 80.36
N GLY L 21 14.98 -48.74 81.57
CA GLY L 21 15.79 -49.91 81.87
C GLY L 21 14.82 -50.97 82.35
N ARG L 22 14.63 -52.04 81.58
CA ARG L 22 13.65 -53.07 81.92
C ARG L 22 14.25 -54.47 82.07
N ARG L 23 13.86 -55.17 83.14
CA ARG L 23 14.26 -56.55 83.41
C ARG L 23 13.58 -57.52 82.45
N ASN L 24 12.75 -57.02 81.53
CA ASN L 24 12.08 -57.88 80.56
C ASN L 24 13.17 -58.39 79.63
N SER L 25 13.63 -59.62 79.89
CA SER L 25 14.70 -60.20 79.11
C SER L 25 14.21 -60.72 77.77
N LEU L 26 15.10 -60.65 76.79
CA LEU L 26 14.85 -61.13 75.44
C LEU L 26 15.96 -62.12 75.11
N TRP L 27 15.57 -63.28 74.59
CA TRP L 27 16.50 -64.35 74.26
C TRP L 27 16.49 -64.55 72.75
N PRO L 28 17.30 -63.80 72.00
CA PRO L 28 17.30 -63.94 70.54
C PRO L 28 18.37 -64.89 70.00
N VAL L 29 18.07 -65.43 68.82
CA VAL L 29 18.98 -66.33 68.13
C VAL L 29 19.52 -65.55 66.93
N THR L 30 20.83 -65.37 66.87
CA THR L 30 21.44 -64.62 65.78
C THR L 30 21.71 -65.55 64.60
N ILE L 31 21.15 -65.20 63.45
CA ILE L 31 21.33 -65.97 62.23
C ILE L 31 22.30 -65.16 61.38
N GLY L 32 23.59 -65.45 61.55
CA GLY L 32 24.63 -64.76 60.81
C GLY L 32 24.86 -65.37 59.46
N LEU L 33 24.51 -64.64 58.40
CA LEU L 33 24.67 -65.16 57.06
C LEU L 33 25.78 -64.50 56.27
N ALA L 34 26.11 -63.24 56.53
CA ALA L 34 27.17 -62.57 55.76
C ALA L 34 27.87 -61.53 56.63
N CYS L 35 28.53 -60.57 55.97
CA CYS L 35 29.30 -59.51 56.63
C CYS L 35 28.55 -58.87 57.79
N CYS L 36 27.23 -58.70 57.67
CA CYS L 36 26.48 -58.10 58.77
C CYS L 36 26.64 -58.89 60.07
N ALA L 37 26.99 -60.17 59.99
CA ALA L 37 27.19 -60.96 61.19
C ALA L 37 28.42 -60.50 61.97
N ILE L 38 29.45 -60.04 61.27
CA ILE L 38 30.67 -59.59 61.94
C ILE L 38 30.36 -58.42 62.88
N GLU L 39 29.45 -57.53 62.47
CA GLU L 39 29.13 -56.41 63.33
C GLU L 39 28.36 -56.88 64.55
N MET L 40 27.67 -58.01 64.42
CA MET L 40 26.95 -58.57 65.56
C MET L 40 27.94 -58.99 66.64
N MET L 41 29.06 -59.58 66.21
CA MET L 41 30.09 -60.02 67.15
C MET L 41 30.73 -58.85 67.89
N HIS L 42 30.98 -57.75 67.18
CA HIS L 42 31.59 -56.59 67.86
C HIS L 42 30.65 -56.01 68.90
N THR L 43 29.34 -56.18 68.70
CA THR L 43 28.34 -55.70 69.65
C THR L 43 28.27 -56.64 70.84
N ALA L 44 28.40 -57.94 70.58
CA ALA L 44 28.36 -58.94 71.64
C ALA L 44 29.62 -58.89 72.50
N ALA L 45 30.77 -58.57 71.90
CA ALA L 45 32.01 -58.50 72.62
C ALA L 45 31.98 -57.36 73.63
N SER L 46 33.07 -57.26 74.39
CA SER L 46 33.28 -56.30 75.46
C SER L 46 33.27 -54.83 75.07
N ARG L 47 33.12 -54.53 73.79
CA ARG L 47 33.19 -53.13 73.41
C ARG L 47 31.89 -52.33 73.60
N PHE L 48 30.71 -52.97 73.59
CA PHE L 48 29.48 -52.18 73.73
C PHE L 48 28.50 -52.58 74.82
N ASP L 49 28.64 -53.75 75.44
CA ASP L 49 27.76 -54.19 76.53
C ASP L 49 26.28 -54.21 76.15
N LEU L 50 25.96 -55.16 75.29
CA LEU L 50 24.56 -55.33 74.90
C LEU L 50 23.78 -56.09 75.97
N ASP L 51 24.39 -56.29 77.13
CA ASP L 51 23.76 -56.99 78.25
C ASP L 51 22.91 -56.08 79.12
N ARG L 52 23.30 -54.80 79.26
CA ARG L 52 22.60 -53.83 80.09
C ARG L 52 21.17 -53.59 79.61
N LEU L 53 20.79 -54.25 78.52
CA LEU L 53 19.45 -54.11 77.96
C LEU L 53 18.57 -55.32 78.22
N GLY L 54 19.08 -56.35 78.89
CA GLY L 54 18.27 -57.53 79.13
C GLY L 54 18.20 -58.45 77.94
N VAL L 55 19.33 -58.68 77.27
CA VAL L 55 19.41 -59.55 76.10
C VAL L 55 20.35 -60.69 76.48
N ILE L 56 19.79 -61.89 76.62
CA ILE L 56 20.58 -63.05 77.03
C ILE L 56 21.32 -63.67 75.84
N PHE L 57 20.71 -63.68 74.65
CA PHE L 57 21.34 -64.23 73.45
C PHE L 57 21.65 -65.72 73.58
N ARG L 58 20.59 -66.52 73.68
CA ARG L 58 20.78 -67.95 73.75
C ARG L 58 20.89 -68.50 72.33
N ALA L 59 21.66 -69.58 72.18
CA ALA L 59 21.90 -70.16 70.85
C ALA L 59 20.82 -71.12 70.37
N SER L 60 19.95 -71.62 71.23
CA SER L 60 18.92 -72.55 70.78
C SER L 60 17.71 -71.80 70.23
N PRO L 61 17.33 -72.01 68.95
CA PRO L 61 16.15 -71.30 68.43
C PRO L 61 14.85 -71.79 69.03
N ARG L 62 14.82 -72.99 69.61
CA ARG L 62 13.60 -73.49 70.24
C ARG L 62 13.24 -72.67 71.47
N GLN L 63 14.27 -72.25 72.22
CA GLN L 63 14.11 -71.44 73.42
C GLN L 63 14.47 -69.99 73.16
N ALA L 64 14.08 -69.50 71.98
CA ALA L 64 14.33 -68.14 71.54
C ALA L 64 13.03 -67.49 71.10
N ASP L 65 12.96 -66.17 71.29
CA ASP L 65 11.77 -65.42 70.94
C ASP L 65 12.02 -64.28 69.95
N VAL L 66 13.27 -64.00 69.59
CA VAL L 66 13.58 -62.94 68.65
C VAL L 66 14.55 -63.50 67.62
N LEU L 67 14.18 -63.41 66.35
CA LEU L 67 15.01 -63.90 65.24
C LEU L 67 15.69 -62.69 64.62
N ILE L 68 17.00 -62.58 64.80
CA ILE L 68 17.79 -61.49 64.24
C ILE L 68 18.51 -62.00 63.01
N VAL L 69 18.05 -61.59 61.83
CA VAL L 69 18.64 -62.01 60.56
C VAL L 69 19.70 -60.98 60.17
N ALA L 70 20.97 -61.35 60.32
CA ALA L 70 22.09 -60.50 59.99
C ALA L 70 22.82 -61.13 58.80
N GLY L 71 22.51 -60.64 57.60
CA GLY L 71 23.13 -61.18 56.41
C GLY L 71 22.17 -61.35 55.25
N THR L 72 22.69 -61.73 54.08
CA THR L 72 21.88 -61.93 52.89
C THR L 72 21.31 -63.33 52.88
N VAL L 73 20.05 -63.44 52.48
CA VAL L 73 19.36 -64.71 52.42
C VAL L 73 19.32 -65.14 50.95
N VAL L 74 20.03 -66.21 50.66
CA VAL L 74 20.08 -66.76 49.31
C VAL L 74 18.83 -67.60 49.12
N ASN L 75 18.38 -67.74 47.88
CA ASN L 75 17.18 -68.54 47.63
C ASN L 75 17.35 -69.97 48.14
N LYS L 76 18.58 -70.49 48.13
CA LYS L 76 18.85 -71.84 48.61
C LYS L 76 18.60 -71.94 50.10
N VAL L 77 18.72 -70.82 50.82
CA VAL L 77 18.52 -70.80 52.27
C VAL L 77 17.07 -70.52 52.66
N ALA L 78 16.28 -69.95 51.76
CA ALA L 78 14.87 -69.63 52.04
C ALA L 78 14.07 -70.77 52.67
N PRO L 79 14.07 -72.01 52.14
CA PRO L 79 13.27 -73.07 52.79
C PRO L 79 13.74 -73.39 54.19
N MET L 80 15.05 -73.38 54.41
CA MET L 80 15.61 -73.65 55.73
C MET L 80 15.27 -72.55 56.72
N LEU L 81 15.33 -71.30 56.28
CA LEU L 81 15.02 -70.19 57.17
C LEU L 81 13.55 -70.22 57.58
N LYS L 82 12.65 -70.49 56.64
CA LYS L 82 11.22 -70.54 56.94
C LYS L 82 10.93 -71.60 57.99
N LEU L 83 11.56 -72.76 57.88
CA LEU L 83 11.34 -73.85 58.84
C LEU L 83 11.70 -73.43 60.26
N ILE L 84 12.87 -72.80 60.41
CA ILE L 84 13.30 -72.37 61.73
C ILE L 84 12.31 -71.39 62.33
N TRP L 85 11.65 -70.59 61.50
CA TRP L 85 10.70 -69.62 62.03
C TRP L 85 9.49 -70.28 62.67
N ASP L 86 8.79 -71.16 61.93
CA ASP L 86 7.62 -71.84 62.47
C ASP L 86 7.95 -72.71 63.68
N GLN L 87 9.22 -73.11 63.80
CA GLN L 87 9.76 -73.95 64.85
C GLN L 87 10.06 -73.16 66.12
N MET L 88 9.65 -71.90 66.21
CA MET L 88 9.85 -71.02 67.35
C MET L 88 8.55 -70.81 68.13
N PRO L 89 8.64 -70.57 69.44
CA PRO L 89 7.41 -70.34 70.23
C PRO L 89 6.61 -69.18 69.66
N ASP L 90 5.30 -69.24 69.87
CA ASP L 90 4.44 -68.18 69.34
C ASP L 90 4.81 -66.78 69.83
N PRO L 91 5.27 -66.56 71.07
CA PRO L 91 5.67 -65.20 71.45
C PRO L 91 7.01 -64.87 70.79
N LYS L 92 7.00 -64.50 69.49
CA LYS L 92 8.23 -64.22 68.75
C LYS L 92 8.16 -62.95 67.92
N TRP L 93 9.34 -62.38 67.68
CA TRP L 93 9.52 -61.19 66.89
C TRP L 93 10.69 -61.41 65.94
N CYS L 94 10.84 -60.51 64.97
CA CYS L 94 11.90 -60.64 63.99
C CYS L 94 12.55 -59.30 63.66
N ILE L 95 13.88 -59.30 63.66
CA ILE L 95 14.70 -58.14 63.36
C ILE L 95 15.53 -58.49 62.13
N SER L 96 15.45 -57.64 61.11
CA SER L 96 16.21 -57.82 59.86
C SER L 96 17.34 -56.79 59.89
N MET L 97 18.56 -57.27 60.16
CA MET L 97 19.73 -56.41 60.25
C MET L 97 20.43 -56.31 58.89
N GLY L 98 20.75 -55.09 58.49
CA GLY L 98 21.42 -54.86 57.23
C GLY L 98 20.45 -54.88 56.05
N GLY L 99 20.85 -54.19 54.97
CA GLY L 99 20.00 -54.12 53.80
C GLY L 99 19.75 -55.45 53.11
N CYS L 100 20.74 -56.36 53.14
CA CYS L 100 20.56 -57.67 52.51
C CYS L 100 19.35 -58.38 53.11
N ALA L 101 19.27 -58.39 54.44
CA ALA L 101 18.15 -59.04 55.11
C ALA L 101 16.89 -58.19 55.13
N SER L 102 17.00 -56.88 54.90
CA SER L 102 15.82 -56.03 54.94
C SER L 102 15.06 -56.03 53.63
N ALA L 103 15.73 -55.72 52.53
CA ALA L 103 15.04 -55.68 51.25
C ALA L 103 15.86 -56.25 50.10
N GLY L 104 16.95 -56.96 50.37
CA GLY L 104 17.82 -57.51 49.34
C GLY L 104 19.10 -56.72 49.15
N GLY L 105 19.20 -55.54 49.76
CA GLY L 105 20.38 -54.73 49.70
C GLY L 105 20.98 -54.54 48.32
N PRO L 106 22.30 -54.64 48.26
CA PRO L 106 23.00 -54.44 46.99
C PRO L 106 23.00 -55.67 46.10
N PHE L 107 22.13 -56.64 46.30
CA PHE L 107 22.13 -57.82 45.46
C PHE L 107 20.81 -58.07 44.75
N PRO L 108 20.54 -57.35 43.67
CA PRO L 108 19.33 -57.62 42.89
C PRO L 108 19.66 -58.68 41.84
N THR L 109 20.09 -59.85 42.32
CA THR L 109 20.53 -60.93 41.45
C THR L 109 19.59 -62.12 41.49
N TYR L 110 19.83 -63.03 40.55
CA TYR L 110 19.04 -64.24 40.34
C TYR L 110 18.95 -65.17 41.55
N SER L 111 19.91 -65.12 42.48
CA SER L 111 19.90 -66.04 43.61
C SER L 111 19.65 -65.43 44.98
N THR L 112 19.36 -64.14 45.07
CA THR L 112 19.15 -63.50 46.36
C THR L 112 17.68 -63.17 46.62
N LEU L 113 17.22 -63.46 47.84
CA LEU L 113 15.86 -63.17 48.24
C LEU L 113 15.79 -61.70 48.64
N GLN L 114 14.98 -60.93 47.92
CA GLN L 114 14.87 -59.49 48.18
C GLN L 114 14.19 -59.14 49.50
N GLY L 115 14.87 -59.43 50.60
CA GLY L 115 14.36 -59.16 51.92
C GLY L 115 13.83 -60.40 52.59
N VAL L 116 14.24 -60.62 53.85
CA VAL L 116 13.79 -61.80 54.56
C VAL L 116 12.31 -61.66 54.92
N ASP L 117 11.77 -60.44 54.90
CA ASP L 117 10.35 -60.25 55.22
C ASP L 117 9.41 -60.75 54.12
N ARG L 118 9.92 -61.39 53.07
CA ARG L 118 9.04 -61.93 52.05
C ARG L 118 8.58 -63.34 52.38
N ILE L 119 9.19 -63.94 53.40
CA ILE L 119 8.87 -65.29 53.86
C ILE L 119 8.65 -65.36 55.38
N ILE L 120 9.06 -64.35 56.13
CA ILE L 120 8.92 -64.27 57.59
C ILE L 120 8.61 -62.82 57.95
N PRO L 121 7.52 -62.54 58.66
CA PRO L 121 7.23 -61.13 59.00
C PRO L 121 8.31 -60.57 59.91
N VAL L 122 8.65 -59.30 59.70
CA VAL L 122 9.66 -58.63 60.51
C VAL L 122 9.02 -57.42 61.18
N ASP L 123 9.47 -57.14 62.39
CA ASP L 123 8.96 -56.01 63.16
C ASP L 123 9.90 -54.81 63.17
N VAL L 124 11.20 -55.02 62.94
CA VAL L 124 12.21 -53.96 62.93
C VAL L 124 13.21 -54.18 61.78
N TYR L 125 13.47 -53.11 61.01
CA TYR L 125 14.42 -53.12 59.90
C TYR L 125 15.62 -52.26 60.28
N ILE L 126 16.83 -52.80 60.10
CA ILE L 126 18.05 -52.07 60.45
C ILE L 126 18.77 -51.66 59.15
N PRO L 127 18.76 -50.39 58.77
CA PRO L 127 19.49 -49.97 57.57
C PRO L 127 20.99 -49.94 57.87
N GLY L 128 21.78 -49.99 56.81
CA GLY L 128 23.22 -49.98 56.99
C GLY L 128 23.80 -51.12 56.17
N CYS L 129 25.10 -51.08 55.89
CA CYS L 129 25.74 -52.11 55.07
C CYS L 129 27.19 -52.28 55.49
N PRO L 130 27.45 -52.75 56.72
CA PRO L 130 26.51 -53.12 57.77
C PRO L 130 26.28 -51.94 58.71
N PRO L 131 25.27 -52.03 59.56
CA PRO L 131 25.03 -50.95 60.51
C PRO L 131 26.11 -51.01 61.57
N THR L 132 26.37 -49.88 62.22
CA THR L 132 27.39 -49.88 63.25
C THR L 132 26.85 -50.62 64.48
N PRO L 133 27.72 -51.03 65.41
CA PRO L 133 27.20 -51.70 66.60
C PRO L 133 26.19 -50.85 67.33
N GLN L 134 26.35 -49.54 67.31
CA GLN L 134 25.36 -48.68 67.97
C GLN L 134 24.07 -48.71 67.19
N GLY L 135 24.17 -48.79 65.86
CA GLY L 135 22.98 -48.88 65.05
C GLY L 135 22.29 -50.21 65.26
N LEU L 136 23.07 -51.27 65.51
CA LEU L 136 22.49 -52.57 65.77
C LEU L 136 21.80 -52.56 67.13
N ILE L 137 22.42 -51.88 68.11
CA ILE L 137 21.83 -51.76 69.43
C ILE L 137 20.58 -50.90 69.35
N TYR L 138 20.67 -49.78 68.62
CA TYR L 138 19.52 -48.90 68.48
C TYR L 138 18.36 -49.65 67.83
N GLY L 139 18.65 -50.57 66.92
CA GLY L 139 17.58 -51.34 66.30
C GLY L 139 16.87 -52.22 67.31
N ILE L 140 17.62 -52.74 68.28
CA ILE L 140 17.03 -53.57 69.31
C ILE L 140 16.11 -52.73 70.20
N LEU L 141 16.54 -51.51 70.54
CA LEU L 141 15.71 -50.61 71.32
C LEU L 141 14.37 -50.37 70.63
N GLN L 142 14.39 -50.25 69.30
CA GLN L 142 13.16 -50.03 68.56
C GLN L 142 12.20 -51.20 68.71
N LEU L 143 12.73 -52.43 68.72
CA LEU L 143 11.83 -53.58 68.91
C LEU L 143 11.25 -53.58 70.32
N GLN L 144 12.07 -53.29 71.32
CA GLN L 144 11.60 -53.25 72.70
C GLN L 144 10.58 -52.13 72.87
N ARG L 145 10.81 -50.98 72.23
CA ARG L 145 9.85 -49.88 72.32
C ARG L 145 8.48 -50.37 71.89
N LYS L 146 8.42 -51.09 70.77
CA LYS L 146 7.15 -51.60 70.24
C LYS L 146 6.49 -52.55 71.23
N ILE L 147 7.24 -53.54 71.71
CA ILE L 147 6.70 -54.52 72.63
C ILE L 147 6.20 -53.84 73.90
N LYS L 148 6.97 -52.87 74.42
CA LYS L 148 6.60 -52.16 75.64
C LYS L 148 5.22 -51.48 75.53
N GLU L 149 4.78 -51.12 74.31
CA GLU L 149 3.47 -50.50 74.18
C GLU L 149 2.52 -51.29 73.28
N GLN L 150 2.89 -52.51 72.89
CA GLN L 150 2.01 -53.34 72.08
C GLN L 150 1.20 -54.28 72.93
N GLY L 151 1.74 -54.68 74.07
CA GLY L 151 1.08 -55.55 75.03
C GLY L 151 0.53 -54.76 76.19
N ILE L 152 0.49 -53.44 76.07
CA ILE L 152 -0.02 -52.56 77.10
C ILE L 152 -1.38 -51.98 76.73
N THR L 153 -1.78 -52.06 75.45
CA THR L 153 -3.07 -51.54 75.01
C THR L 153 -4.17 -52.60 75.09
N LYS L 154 -4.02 -53.68 74.33
CA LYS L 154 -4.99 -54.77 74.31
C LYS L 154 -4.58 -55.93 75.21
N LYS M 4 -18.85 34.03 54.94
CA LYS M 4 -20.23 34.12 54.48
C LYS M 4 -21.12 33.20 55.33
N VAL M 5 -20.49 32.25 56.04
CA VAL M 5 -21.16 31.29 56.92
C VAL M 5 -20.22 30.97 58.06
N LYS M 6 -20.74 30.98 59.28
CA LYS M 6 -19.95 30.75 60.48
C LYS M 6 -20.11 29.31 60.97
N ILE M 7 -18.98 28.68 61.31
CA ILE M 7 -18.92 27.29 61.75
C ILE M 7 -18.04 27.18 62.99
N TYR M 8 -17.97 25.98 63.54
CA TYR M 8 -17.19 25.72 64.75
C TYR M 8 -16.30 24.51 64.57
N ILE M 9 -15.02 24.69 64.83
CA ILE M 9 -14.03 23.63 64.75
C ILE M 9 -13.38 23.61 66.12
N ASP M 10 -13.68 22.57 66.91
CA ASP M 10 -13.16 22.44 68.27
C ASP M 10 -13.63 23.62 69.11
N ASP M 11 -14.93 23.92 68.98
CA ASP M 11 -15.60 25.02 69.69
C ASP M 11 -15.02 26.39 69.36
N VAL M 12 -14.22 26.49 68.30
CA VAL M 12 -13.61 27.76 67.89
C VAL M 12 -14.44 28.32 66.74
N GLU M 13 -15.00 29.51 66.93
CA GLU M 13 -15.83 30.14 65.92
C GLU M 13 -14.98 30.53 64.70
N ILE M 14 -15.49 30.23 63.51
CA ILE M 14 -14.78 30.48 62.27
C ILE M 14 -15.76 30.87 61.17
N GLU M 15 -15.49 31.97 60.47
CA GLU M 15 -16.33 32.41 59.36
C GLU M 15 -15.79 31.74 58.10
N ALA M 16 -16.66 31.17 57.28
CA ALA M 16 -16.21 30.46 56.10
C ALA M 16 -17.06 30.71 54.87
N GLU M 17 -16.40 30.81 53.73
CA GLU M 17 -17.09 31.05 52.48
C GLU M 17 -17.95 29.84 52.15
N LYS M 18 -19.24 30.05 51.94
CA LYS M 18 -20.11 28.93 51.57
C LYS M 18 -19.56 28.31 50.30
N GLY M 19 -19.58 26.99 50.21
CA GLY M 19 -19.08 26.26 49.06
C GLY M 19 -17.77 25.54 49.29
N LYS M 20 -17.04 25.90 50.34
CA LYS M 20 -15.79 25.26 50.71
C LYS M 20 -16.08 24.09 51.64
N THR M 21 -15.11 23.20 51.77
CA THR M 21 -15.23 22.05 52.65
C THR M 21 -14.59 22.36 54.01
N VAL M 22 -15.00 21.60 55.02
CA VAL M 22 -14.45 21.79 56.37
C VAL M 22 -12.95 21.66 56.34
N LEU M 23 -12.42 20.71 55.57
CA LEU M 23 -10.98 20.57 55.50
C LEU M 23 -10.33 21.83 54.93
N GLN M 24 -10.90 22.39 53.85
CA GLN M 24 -10.33 23.60 53.26
C GLN M 24 -10.30 24.75 54.26
N VAL M 25 -11.44 25.02 54.90
CA VAL M 25 -11.51 26.10 55.89
C VAL M 25 -10.54 25.85 57.03
N ALA M 26 -10.46 24.61 57.50
CA ALA M 26 -9.56 24.30 58.59
C ALA M 26 -8.12 24.60 58.21
N LEU M 27 -7.71 24.22 56.98
CA LEU M 27 -6.34 24.46 56.50
C LEU M 27 -6.08 25.96 56.33
N GLU M 28 -7.05 26.70 55.78
CA GLU M 28 -6.89 28.14 55.64
C GLU M 28 -6.69 28.82 56.99
N ASN M 29 -7.27 28.27 58.07
CA ASN M 29 -7.13 28.84 59.40
C ASN M 29 -5.99 28.23 60.19
N GLY M 30 -5.07 27.53 59.53
CA GLY M 30 -3.95 26.96 60.25
C GLY M 30 -4.26 25.80 61.17
N ILE M 31 -5.42 25.18 61.03
CA ILE M 31 -5.78 24.03 61.85
C ILE M 31 -5.34 22.80 61.06
N ASP M 32 -4.28 22.16 61.49
CA ASP M 32 -3.79 21.01 60.74
C ASP M 32 -4.66 19.79 60.94
N ILE M 33 -5.17 19.26 59.83
CA ILE M 33 -5.98 18.06 59.80
C ILE M 33 -5.21 17.14 58.86
N PRO M 34 -4.79 15.95 59.28
CA PRO M 34 -4.02 15.10 58.38
C PRO M 34 -4.84 14.68 57.18
N TYR M 35 -4.20 14.59 56.03
CA TYR M 35 -4.91 14.17 54.84
C TYR M 35 -3.90 13.66 53.83
N PHE M 36 -4.35 12.75 52.97
CA PHE M 36 -3.50 12.18 51.94
C PHE M 36 -4.05 12.37 50.53
N CYS M 37 -5.29 11.95 50.31
CA CYS M 37 -5.84 11.94 48.96
C CYS M 37 -6.44 13.26 48.49
N TYR M 38 -6.74 14.18 49.38
CA TYR M 38 -7.30 15.44 48.93
C TYR M 38 -6.21 16.32 48.36
N HIS M 39 -6.50 16.91 47.20
CA HIS M 39 -5.58 17.80 46.56
C HIS M 39 -6.44 18.91 45.98
N PRO M 40 -6.07 20.17 46.23
CA PRO M 40 -6.88 21.31 45.76
C PRO M 40 -7.15 21.37 44.27
N ARG M 41 -6.35 20.70 43.46
CA ARG M 41 -6.49 20.76 42.02
C ARG M 41 -7.22 19.55 41.47
N LEU M 42 -7.43 18.52 42.28
CA LEU M 42 -8.05 17.29 41.82
C LEU M 42 -9.44 17.11 42.41
N SER M 43 -10.20 16.23 41.77
CA SER M 43 -11.53 15.96 42.27
C SER M 43 -11.44 15.30 43.63
N ILE M 44 -12.51 15.43 44.39
CA ILE M 44 -12.51 14.82 45.70
C ILE M 44 -12.66 13.32 45.53
N ALA M 45 -11.87 12.57 46.30
CA ALA M 45 -11.88 11.12 46.23
C ALA M 45 -12.46 10.46 47.46
N GLY M 46 -12.20 10.98 48.66
CA GLY M 46 -12.72 10.37 49.89
C GLY M 46 -12.23 8.95 50.09
N ALA M 47 -11.04 8.65 49.59
CA ALA M 47 -10.43 7.34 49.62
C ALA M 47 -9.50 7.08 50.79
N CYS M 48 -8.69 8.06 51.21
CA CYS M 48 -7.72 7.79 52.29
C CYS M 48 -8.37 7.73 53.66
N ARG M 49 -9.42 8.52 53.89
CA ARG M 49 -10.15 8.57 55.16
C ARG M 49 -9.34 9.17 56.30
N MET M 50 -8.12 9.65 56.05
CA MET M 50 -7.30 10.22 57.11
C MET M 50 -7.84 11.54 57.65
N CYS M 51 -8.64 12.27 56.87
CA CYS M 51 -9.14 13.57 57.30
C CYS M 51 -10.37 13.51 58.18
N VAL M 52 -10.67 12.38 58.83
CA VAL M 52 -11.86 12.29 59.67
C VAL M 52 -11.88 13.33 60.78
N VAL M 53 -13.08 13.82 61.04
CA VAL M 53 -13.37 14.75 62.12
C VAL M 53 -14.66 14.24 62.71
N TYR M 54 -14.94 14.65 63.92
CA TYR M 54 -16.17 14.22 64.56
C TYR M 54 -17.21 15.31 64.33
N TRP M 55 -18.27 14.95 63.62
CA TRP M 55 -19.36 15.89 63.33
C TRP M 55 -20.38 15.75 64.44
N GLU M 56 -20.28 16.62 65.44
CA GLU M 56 -21.17 16.56 66.59
C GLU M 56 -22.63 16.55 66.19
N ASP M 57 -23.01 17.43 65.26
CA ASP M 57 -24.40 17.58 64.84
C ASP M 57 -25.07 16.25 64.49
N ILE M 58 -24.34 15.33 63.86
CA ILE M 58 -24.93 14.04 63.53
C ILE M 58 -24.31 12.93 64.36
N ASN M 59 -23.42 13.28 65.29
CA ASN M 59 -22.78 12.32 66.17
C ASN M 59 -22.16 11.15 65.40
N ARG M 60 -21.28 11.48 64.46
CA ARG M 60 -20.65 10.45 63.65
C ARG M 60 -19.30 10.94 63.12
N LEU M 61 -18.42 9.98 62.83
CA LEU M 61 -17.12 10.30 62.24
C LEU M 61 -17.33 10.48 60.74
N VAL M 62 -16.83 11.57 60.20
CA VAL M 62 -17.04 11.93 58.81
C VAL M 62 -15.75 12.46 58.18
N ILE M 63 -15.63 12.32 56.86
CA ILE M 63 -14.44 12.88 56.23
C ILE M 63 -14.68 14.36 55.97
N SER M 64 -13.73 15.20 56.36
CA SER M 64 -13.82 16.65 56.22
C SER M 64 -13.51 17.15 54.82
N CYS M 65 -12.81 16.37 54.01
CA CYS M 65 -12.53 16.84 52.66
C CYS M 65 -13.78 16.85 51.79
N ASN M 66 -14.80 16.11 52.19
CA ASN M 66 -16.06 15.96 51.49
C ASN M 66 -17.21 16.58 52.27
N LEU M 67 -16.92 17.26 53.38
CA LEU M 67 -17.93 17.85 54.25
C LEU M 67 -18.12 19.32 53.95
N PRO M 68 -19.20 19.72 53.27
CA PRO M 68 -19.42 21.13 52.98
C PRO M 68 -19.81 21.91 54.22
N VAL M 69 -19.36 23.15 54.25
CA VAL M 69 -19.63 24.04 55.37
C VAL M 69 -21.12 24.37 55.41
N GLN M 70 -21.71 24.29 56.61
CA GLN M 70 -23.13 24.61 56.84
C GLN M 70 -23.24 25.49 58.08
N GLU M 71 -24.14 26.46 58.02
CA GLU M 71 -24.31 27.42 59.12
C GLU M 71 -24.50 26.75 60.47
N GLY M 72 -23.66 27.14 61.42
CA GLY M 72 -23.70 26.64 62.78
C GLY M 72 -23.21 25.22 62.99
N MET M 73 -22.65 24.56 61.97
CA MET M 73 -22.18 23.21 62.17
C MET M 73 -21.03 23.21 63.16
N ARG M 74 -20.95 22.16 63.96
CA ARG M 74 -19.92 22.02 64.97
C ARG M 74 -19.17 20.72 64.75
N VAL M 75 -17.86 20.82 64.50
CA VAL M 75 -17.02 19.65 64.30
C VAL M 75 -15.91 19.68 65.35
N ARG M 76 -15.30 18.53 65.53
CA ARG M 76 -14.19 18.35 66.46
C ARG M 76 -13.14 17.54 65.73
N THR M 77 -11.89 17.97 65.87
CA THR M 77 -10.74 17.32 65.29
C THR M 77 -10.02 16.56 66.40
N HIS M 78 -8.85 16.02 66.08
CA HIS M 78 -8.09 15.32 67.09
C HIS M 78 -7.72 16.21 68.26
N ARG M 79 -7.87 17.53 68.13
CA ARG M 79 -7.51 18.42 69.22
C ARG M 79 -8.40 18.19 70.43
N THR M 80 -9.69 17.90 70.21
CA THR M 80 -10.63 17.67 71.30
C THR M 80 -11.44 16.38 71.17
N SER M 81 -11.07 15.46 70.30
CA SER M 81 -11.84 14.23 70.12
C SER M 81 -10.96 13.00 70.18
N GLU M 82 -11.16 12.17 71.20
CA GLU M 82 -10.39 10.94 71.30
C GLU M 82 -10.79 9.96 70.20
N MET M 83 -12.05 10.03 69.74
CA MET M 83 -12.50 9.16 68.66
C MET M 83 -11.66 9.37 67.41
N VAL M 84 -11.45 10.64 67.05
CA VAL M 84 -10.65 10.96 65.89
C VAL M 84 -9.22 10.52 66.10
N ARG M 85 -8.67 10.78 67.29
CA ARG M 85 -7.30 10.39 67.58
C ARG M 85 -7.11 8.87 67.41
N GLU M 86 -8.09 8.08 67.87
CA GLU M 86 -7.93 6.64 67.75
C GLU M 86 -7.98 6.20 66.29
N GLN M 87 -8.87 6.80 65.48
CA GLN M 87 -8.91 6.41 64.07
C GLN M 87 -7.67 6.87 63.35
N GLN M 88 -7.11 8.00 63.77
CA GLN M 88 -5.88 8.44 63.14
C GLN M 88 -4.77 7.42 63.38
N LYS M 89 -4.65 6.96 64.64
CA LYS M 89 -3.61 5.96 64.93
C LYS M 89 -3.87 4.67 64.16
N TYR M 90 -5.13 4.26 64.02
CA TYR M 90 -5.39 3.04 63.27
C TYR M 90 -5.11 3.24 61.78
N LEU M 91 -5.61 4.33 61.19
CA LEU M 91 -5.39 4.55 59.77
C LEU M 91 -3.90 4.61 59.45
N LEU M 92 -3.14 5.39 60.22
CA LEU M 92 -1.71 5.50 59.98
C LEU M 92 -1.02 4.15 60.19
N GLN M 93 -1.45 3.40 61.21
CA GLN M 93 -0.87 2.10 61.43
C GLN M 93 -1.20 1.18 60.28
N ALA M 94 -2.41 1.32 59.73
CA ALA M 94 -2.80 0.49 58.59
C ALA M 94 -1.85 0.72 57.43
N LEU M 95 -1.54 1.99 57.16
CA LEU M 95 -0.64 2.32 56.07
C LEU M 95 0.75 1.74 56.26
N MET M 96 1.26 1.79 57.49
CA MET M 96 2.60 1.30 57.80
C MET M 96 2.74 -0.21 57.85
N THR M 97 1.64 -0.95 57.83
CA THR M 97 1.69 -2.41 57.90
C THR M 97 2.66 -3.00 56.89
N ARG M 98 2.53 -2.65 55.61
CA ARG M 98 3.44 -3.18 54.61
C ARG M 98 4.32 -2.10 54.02
N HIS M 99 4.38 -0.91 54.64
CA HIS M 99 5.25 0.17 54.17
C HIS M 99 6.69 -0.14 54.59
N PRO M 100 7.62 -0.16 53.66
CA PRO M 100 9.01 -0.51 54.00
C PRO M 100 9.72 0.52 54.85
N LEU M 101 10.81 0.08 55.47
CA LEU M 101 11.68 0.94 56.28
C LEU M 101 12.75 1.54 55.36
N ASP M 102 12.27 2.20 54.32
CA ASP M 102 13.14 2.79 53.30
C ASP M 102 13.53 4.24 53.56
N CYS M 103 13.07 4.87 54.64
CA CYS M 103 13.42 6.26 54.90
C CYS M 103 14.91 6.60 54.75
N PRO M 104 15.87 5.78 55.20
CA PRO M 104 17.28 6.16 55.04
C PRO M 104 17.70 6.45 53.63
N ILE M 105 17.09 5.80 52.63
CA ILE M 105 17.50 6.03 51.25
C ILE M 105 16.35 6.56 50.39
N CYS M 106 15.16 6.68 50.93
CA CYS M 106 14.04 7.15 50.16
C CYS M 106 14.14 8.66 49.98
N ASP M 107 13.98 9.11 48.73
CA ASP M 107 14.08 10.53 48.39
C ASP M 107 13.01 11.41 49.00
N LYS M 108 11.90 10.85 49.47
CA LYS M 108 10.87 11.70 50.05
C LYS M 108 11.14 12.03 51.52
N ALA M 109 12.08 11.35 52.17
CA ALA M 109 12.39 11.58 53.58
C ALA M 109 12.56 13.07 53.86
N GLY M 110 11.96 13.53 54.93
CA GLY M 110 12.00 14.92 55.28
C GLY M 110 10.81 15.71 54.76
N GLU M 111 10.21 15.26 53.67
CA GLU M 111 9.04 15.93 53.12
C GLU M 111 7.94 14.92 52.81
N CYS M 112 7.90 13.83 53.59
CA CYS M 112 6.94 12.74 53.40
C CYS M 112 5.71 12.90 54.25
N ASP M 113 4.53 12.75 53.64
CA ASP M 113 3.29 12.90 54.40
C ASP M 113 3.08 11.74 55.38
N LEU M 114 3.43 10.52 54.98
CA LEU M 114 3.29 9.40 55.90
C LEU M 114 4.31 9.48 57.03
N GLN M 115 5.53 9.91 56.73
CA GLN M 115 6.56 10.06 57.76
C GLN M 115 6.21 11.17 58.73
N ASN M 116 5.74 12.32 58.22
CA ASN M 116 5.37 13.42 59.12
C ASN M 116 4.10 13.09 59.89
N LEU M 117 3.01 12.76 59.18
CA LEU M 117 1.74 12.44 59.87
C LEU M 117 1.86 11.19 60.73
N GLY M 118 2.66 10.20 60.30
CA GLY M 118 2.80 8.99 61.09
C GLY M 118 3.56 9.26 62.38
N ALA M 119 4.46 10.24 62.37
CA ALA M 119 5.22 10.55 63.57
C ALA M 119 4.48 11.48 64.52
N ILE M 120 3.54 12.26 64.00
CA ILE M 120 2.78 13.21 64.80
C ILE M 120 1.47 12.62 65.30
N TYR M 121 0.74 11.91 64.43
CA TYR M 121 -0.55 11.33 64.79
C TYR M 121 -0.56 9.80 64.79
N GLY M 122 0.57 9.15 64.53
CA GLY M 122 0.63 7.72 64.47
C GLY M 122 0.60 6.94 65.79
N PRO M 123 0.78 5.63 65.66
CA PRO M 123 0.75 4.76 66.84
C PRO M 123 1.92 4.95 67.78
N GLN M 124 3.05 5.48 67.32
CA GLN M 124 4.25 5.70 68.14
C GLN M 124 4.95 4.38 68.49
N LYS M 125 4.30 3.26 68.17
CA LYS M 125 4.84 1.92 68.39
C LYS M 125 4.23 1.03 67.32
N GLN M 126 4.81 -0.14 67.15
CA GLN M 126 4.30 -1.08 66.15
C GLN M 126 3.28 -1.97 66.84
N ILE M 127 2.01 -1.83 66.44
CA ILE M 127 0.93 -2.62 67.02
C ILE M 127 0.71 -3.90 66.22
N VAL M 128 0.76 -3.79 64.89
CA VAL M 128 0.60 -4.94 64.02
C VAL M 128 2.00 -5.45 63.71
N PRO M 129 2.40 -6.56 64.32
CA PRO M 129 3.78 -7.07 64.16
C PRO M 129 4.17 -7.70 62.82
N ILE M 130 4.60 -6.84 61.90
CA ILE M 130 5.06 -7.24 60.57
C ILE M 130 6.56 -6.99 60.51
N SER M 131 7.33 -8.05 60.23
CA SER M 131 8.77 -7.93 60.15
C SER M 131 9.18 -6.92 59.07
N ALA M 132 10.29 -6.22 59.35
CA ALA M 132 10.79 -5.25 58.37
C ALA M 132 11.11 -5.93 57.06
N LEU M 133 11.31 -7.24 57.08
CA LEU M 133 11.64 -8.02 55.90
C LEU M 133 10.43 -8.58 55.16
N GLU M 134 9.21 -8.34 55.64
CA GLU M 134 8.01 -8.85 54.98
C GLU M 134 7.11 -7.70 54.54
N LYS M 135 7.73 -6.61 54.09
CA LYS M 135 7.02 -5.42 53.62
C LYS M 135 6.83 -5.47 52.10
N GLU M 136 5.92 -6.33 51.64
CA GLU M 136 5.68 -6.50 50.21
C GLU M 136 4.27 -6.14 49.76
N ARG M 137 4.18 -5.80 48.48
CA ARG M 137 2.93 -5.49 47.80
C ARG M 137 3.13 -5.78 46.32
N GLU M 138 2.05 -6.23 45.67
CA GLU M 138 2.06 -6.53 44.25
C GLU M 138 2.69 -5.36 43.52
N GLU M 139 3.58 -5.64 42.56
CA GLU M 139 4.24 -4.55 41.87
C GLU M 139 4.65 -4.95 40.46
N HIS M 140 4.62 -3.98 39.57
CA HIS M 140 5.02 -4.17 38.18
C HIS M 140 5.98 -3.05 37.78
N ASP M 141 7.07 -3.40 37.12
CA ASP M 141 8.02 -2.39 36.72
C ASP M 141 7.40 -1.46 35.66
N TRP M 142 7.59 -0.16 35.85
CA TRP M 142 7.07 0.84 34.93
C TRP M 142 7.84 0.95 33.62
N GLU M 143 8.99 0.28 33.50
CA GLU M 143 9.83 0.31 32.31
C GLU M 143 10.10 1.75 31.86
N SER M 144 10.75 2.50 32.73
CA SER M 144 11.06 3.89 32.45
C SER M 144 12.44 4.27 32.98
N ASP M 145 13.11 5.20 32.28
CA ASP M 145 14.40 5.71 32.67
C ASP M 145 14.30 6.98 33.50
N PHE M 146 13.07 7.47 33.71
CA PHE M 146 12.81 8.68 34.46
C PHE M 146 11.88 8.50 35.64
N LEU M 147 10.97 7.53 35.60
CA LEU M 147 10.04 7.30 36.70
C LEU M 147 10.22 5.90 37.26
N GLU M 148 9.99 5.79 38.57
CA GLU M 148 10.12 4.52 39.28
C GLU M 148 8.97 4.40 40.27
N TYR M 149 8.33 3.24 40.33
CA TYR M 149 7.20 3.02 41.23
C TYR M 149 7.56 1.98 42.29
N TYR M 150 7.27 2.32 43.55
CA TYR M 150 7.52 1.46 44.72
C TYR M 150 6.13 1.15 45.29
N SER M 151 5.51 0.04 44.86
CA SER M 151 4.16 -0.22 45.32
C SER M 151 4.06 -0.39 46.83
N ASN M 152 5.08 -0.91 47.50
CA ASN M 152 4.95 -1.04 48.96
C ASN M 152 5.03 0.30 49.67
N ARG M 153 5.56 1.32 49.02
CA ARG M 153 5.57 2.65 49.61
C ARG M 153 4.26 3.35 49.32
N CYS M 154 3.50 2.83 48.34
CA CYS M 154 2.23 3.41 47.93
C CYS M 154 1.23 3.34 49.09
N VAL M 155 0.53 4.43 49.26
CA VAL M 155 -0.43 4.70 50.32
C VAL M 155 -1.78 4.83 49.64
N VAL M 156 -2.01 4.02 48.61
CA VAL M 156 -3.00 4.14 47.54
C VAL M 156 -4.03 5.19 47.92
N CYS M 157 -3.93 6.27 47.16
CA CYS M 157 -4.67 7.50 47.31
C CYS M 157 -5.26 7.99 45.98
N TYR M 158 -4.86 7.41 44.86
CA TYR M 158 -5.38 7.73 43.54
C TYR M 158 -5.12 9.19 43.13
N ARG M 159 -4.13 9.87 43.72
CA ARG M 159 -3.83 11.23 43.32
C ARG M 159 -3.23 11.25 41.93
N CYS M 160 -2.23 10.40 41.68
CA CYS M 160 -1.62 10.32 40.35
C CYS M 160 -2.69 10.01 39.31
N THR M 161 -3.47 8.99 39.59
CA THR M 161 -4.55 8.56 38.71
C THR M 161 -5.49 9.70 38.37
N ARG M 162 -5.93 10.45 39.37
CA ARG M 162 -6.81 11.57 39.10
C ARG M 162 -6.09 12.64 38.27
N ALA M 163 -4.84 12.96 38.63
CA ALA M 163 -4.09 14.00 37.92
C ALA M 163 -3.86 13.59 36.47
N CYS M 164 -3.53 12.33 36.23
CA CYS M 164 -3.31 11.89 34.87
C CYS M 164 -4.58 12.01 34.03
N ASP M 165 -5.74 11.76 34.63
CA ASP M 165 -6.96 11.84 33.83
C ASP M 165 -7.60 13.22 33.82
N GLU M 166 -7.57 13.94 34.94
CA GLU M 166 -8.24 15.22 35.04
C GLU M 166 -7.37 16.43 34.71
N VAL M 167 -6.07 16.38 34.99
CA VAL M 167 -5.28 17.58 34.71
C VAL M 167 -4.59 17.53 33.36
N VAL M 168 -3.62 16.62 33.23
CA VAL M 168 -2.85 16.50 32.00
C VAL M 168 -3.71 15.92 30.89
N GLY M 169 -4.57 14.96 31.23
CA GLY M 169 -5.46 14.34 30.27
C GLY M 169 -4.82 13.31 29.40
N THR M 170 -3.68 12.77 29.81
CA THR M 170 -2.99 11.78 29.01
C THR M 170 -3.52 10.35 29.21
N ARG M 171 -4.13 10.05 30.38
CA ARG M 171 -4.70 8.73 30.65
C ARG M 171 -3.68 7.60 30.48
N ALA M 172 -2.54 7.79 31.14
CA ALA M 172 -1.41 6.86 31.05
C ALA M 172 -1.27 5.90 32.21
N LEU M 173 -2.03 6.06 33.29
CA LEU M 173 -1.92 5.15 34.43
C LEU M 173 -3.22 4.41 34.63
N TYR M 174 -3.14 3.26 35.30
CA TYR M 174 -4.34 2.50 35.63
C TYR M 174 -4.04 1.68 36.88
N VAL M 175 -5.09 1.23 37.56
CA VAL M 175 -4.92 0.45 38.78
C VAL M 175 -4.94 -1.02 38.35
N GLU M 176 -3.86 -1.74 38.65
CA GLU M 176 -3.69 -3.14 38.21
C GLU M 176 -4.10 -4.23 39.20
N ASP M 177 -5.24 -4.17 39.85
CA ASP M 177 -5.64 -5.25 40.75
C ASP M 177 -6.81 -4.70 41.53
N ARG M 178 -7.20 -5.40 42.57
CA ARG M 178 -8.21 -4.85 43.44
C ARG M 178 -7.78 -5.21 44.86
N GLY M 179 -8.37 -4.56 45.85
CA GLY M 179 -8.01 -4.94 47.19
C GLY M 179 -6.68 -4.43 47.71
N PHE M 180 -6.17 -5.18 48.69
CA PHE M 180 -4.95 -4.77 49.35
C PHE M 180 -3.81 -4.52 48.37
N HIS M 181 -3.65 -5.36 47.37
CA HIS M 181 -2.55 -5.22 46.42
C HIS M 181 -2.83 -4.29 45.24
N SER M 182 -3.82 -3.40 45.33
CA SER M 182 -4.05 -2.47 44.23
C SER M 182 -2.75 -1.70 43.94
N ASN M 183 -2.24 -1.81 42.73
CA ASN M 183 -0.99 -1.13 42.40
C ASN M 183 -1.11 -0.38 41.08
N ILE M 184 -0.43 0.79 41.00
CA ILE M 184 -0.46 1.66 39.82
C ILE M 184 0.50 1.14 38.76
N VAL M 185 0.03 1.08 37.52
CA VAL M 185 0.82 0.59 36.40
C VAL M 185 0.60 1.49 35.19
N PRO M 186 1.62 1.74 34.37
CA PRO M 186 1.41 2.57 33.20
C PRO M 186 0.59 1.81 32.19
N ALA M 187 -0.36 2.51 31.57
CA ALA M 187 -1.24 1.88 30.59
C ALA M 187 -0.44 1.23 29.45
N VAL M 188 0.71 1.79 29.11
CA VAL M 188 1.54 1.26 28.03
C VAL M 188 2.99 1.30 28.46
N ARG M 189 3.72 0.21 28.22
CA ARG M 189 5.12 0.15 28.57
C ARG M 189 5.93 -0.26 27.35
N PRO M 190 7.17 0.27 27.18
CA PRO M 190 7.86 1.24 28.03
C PRO M 190 7.16 2.58 28.00
N MET M 191 7.10 3.14 29.20
CA MET M 191 6.41 4.38 29.45
C MET M 191 7.02 5.57 28.72
N ASP M 192 8.36 5.63 28.64
CA ASP M 192 9.01 6.80 28.04
C ASP M 192 8.55 7.13 26.63
N THR M 193 7.96 6.19 25.90
CA THR M 193 7.46 6.47 24.57
C THR M 193 5.95 6.27 24.49
N SER M 194 5.27 6.27 25.63
CA SER M 194 3.83 6.07 25.72
C SER M 194 3.11 7.41 25.64
N THR M 195 1.80 7.41 25.95
CA THR M 195 1.08 8.67 25.94
C THR M 195 1.60 9.61 27.02
N CYS M 196 2.33 9.06 28.00
CA CYS M 196 2.87 9.85 29.08
C CYS M 196 3.74 10.99 28.54
N GLU M 197 3.51 12.19 29.06
CA GLU M 197 4.24 13.40 28.67
C GLU M 197 5.39 13.75 29.60
N MET M 198 5.74 12.86 30.53
CA MET M 198 6.86 13.03 31.46
C MET M 198 6.88 14.40 32.13
N CYS M 199 5.72 14.83 32.57
CA CYS M 199 5.59 16.15 33.18
C CYS M 199 5.99 16.21 34.66
N GLY M 200 6.22 15.07 35.32
CA GLY M 200 6.58 15.11 36.73
C GLY M 200 5.45 15.46 37.70
N ILE M 201 4.23 15.68 37.21
CA ILE M 201 3.13 16.00 38.10
C ILE M 201 2.82 14.84 39.04
N CYS M 202 2.91 13.60 38.55
CA CYS M 202 2.63 12.45 39.40
C CYS M 202 3.65 12.37 40.53
N VAL M 203 4.93 12.67 40.22
CA VAL M 203 5.96 12.66 41.25
C VAL M 203 5.60 13.65 42.33
N HIS M 204 5.07 14.79 41.91
CA HIS M 204 4.77 15.82 42.88
C HIS M 204 3.50 15.59 43.65
N VAL M 205 2.43 15.11 43.01
CA VAL M 205 1.21 14.92 43.78
C VAL M 205 1.34 13.75 44.74
N CYS M 206 2.26 12.84 44.49
CA CYS M 206 2.39 11.70 45.39
C CYS M 206 2.71 12.17 46.80
N PRO M 207 1.92 11.81 47.82
CA PRO M 207 2.22 12.27 49.19
C PRO M 207 3.40 11.55 49.82
N VAL M 208 3.85 10.44 49.26
CA VAL M 208 4.97 9.68 49.79
C VAL M 208 5.96 9.45 48.66
N GLY M 209 6.97 8.62 48.92
CA GLY M 209 7.99 8.34 47.93
C GLY M 209 7.65 7.17 47.04
N ALA M 210 6.38 7.05 46.61
CA ALA M 210 5.98 5.94 45.76
C ALA M 210 6.37 6.15 44.29
N ILE M 211 6.15 7.34 43.73
CA ILE M 211 6.54 7.67 42.36
C ILE M 211 7.72 8.61 42.53
N ILE M 212 8.88 8.13 42.09
CA ILE M 212 10.18 8.75 42.26
C ILE M 212 10.78 9.19 40.93
N SER M 213 11.47 10.32 40.95
CA SER M 213 12.17 10.84 39.78
C SER M 213 13.58 10.26 39.79
N LYS M 214 13.85 9.34 38.87
CA LYS M 214 15.17 8.71 38.81
C LYS M 214 16.31 9.72 38.74
N PRO M 215 16.22 10.83 37.99
CA PRO M 215 17.32 11.80 37.99
C PRO M 215 17.70 12.36 39.36
N PHE M 216 16.78 12.40 40.30
CA PHE M 216 17.07 12.95 41.63
C PHE M 216 17.48 11.89 42.64
N LYS M 217 17.18 10.63 42.37
CA LYS M 217 17.42 9.51 43.28
C LYS M 217 18.84 9.42 43.83
N TYR M 218 18.96 9.45 45.16
CA TYR M 218 20.16 9.31 45.99
C TYR M 218 21.19 10.43 45.89
N TRP M 219 20.98 11.44 45.06
CA TRP M 219 21.96 12.51 44.96
C TRP M 219 21.95 13.46 46.16
N SER M 220 20.84 13.56 46.88
CA SER M 220 20.77 14.45 48.02
C SER M 220 19.63 14.00 48.91
N ARG M 221 19.23 14.88 49.80
CA ARG M 221 18.12 14.71 50.73
C ARG M 221 17.33 16.02 50.69
N SER M 222 16.01 15.94 50.73
CA SER M 222 15.18 17.14 50.59
C SER M 222 15.52 18.25 51.58
N TRP M 223 15.88 17.91 52.82
CA TRP M 223 16.17 18.97 53.81
C TRP M 223 17.54 19.61 53.62
N LEU M 224 18.33 19.15 52.66
CA LEU M 224 19.65 19.71 52.38
C LEU M 224 19.65 20.68 51.21
N LEU M 225 18.49 21.02 50.67
CA LEU M 225 18.41 21.92 49.53
C LEU M 225 17.78 23.24 49.90
N GLU M 226 18.04 24.23 49.08
CA GLU M 226 17.47 25.55 49.21
C GLU M 226 16.30 25.62 48.24
N LYS M 227 15.36 26.51 48.50
CA LYS M 227 14.21 26.59 47.63
C LYS M 227 13.91 28.02 47.24
N GLY M 228 13.49 28.18 46.00
CA GLY M 228 13.09 29.46 45.46
C GLY M 228 12.04 29.19 44.40
N ARG M 229 11.15 30.17 44.22
CA ARG M 229 10.06 30.10 43.24
C ARG M 229 10.17 31.27 42.29
N THR M 230 9.86 31.01 41.03
CA THR M 230 9.99 32.04 40.01
C THR M 230 9.15 31.65 38.79
N VAL M 231 9.32 32.39 37.70
CA VAL M 231 8.60 32.15 36.45
C VAL M 231 9.43 31.24 35.56
N CYS M 232 8.79 30.27 34.97
CA CYS M 232 9.49 29.41 34.04
C CYS M 232 9.44 30.15 32.70
N ASN M 233 10.59 30.33 32.06
CA ASN M 233 10.62 31.06 30.80
C ASN M 233 10.96 30.16 29.62
N LEU M 234 10.72 28.85 29.75
CA LEU M 234 11.04 27.95 28.65
C LEU M 234 9.99 27.95 27.55
N CYS M 235 8.86 28.67 27.71
CA CYS M 235 7.85 28.77 26.67
C CYS M 235 6.97 29.93 27.13
N PRO M 236 5.97 30.37 26.36
CA PRO M 236 5.17 31.53 26.78
C PRO M 236 4.06 31.28 27.79
N VAL M 237 3.88 30.08 28.35
CA VAL M 237 2.74 29.86 29.24
C VAL M 237 2.87 30.67 30.52
N GLY M 238 4.02 30.63 31.17
CA GLY M 238 4.30 31.39 32.37
C GLY M 238 4.14 30.69 33.70
N CYS M 239 4.29 29.38 33.73
CA CYS M 239 4.16 28.62 34.97
C CYS M 239 5.10 29.12 36.05
N GLU M 240 4.68 28.97 37.29
CA GLU M 240 5.47 29.34 38.47
C GLU M 240 6.07 28.05 38.99
N ILE M 241 7.38 27.96 39.04
CA ILE M 241 7.96 26.71 39.51
C ILE M 241 8.94 26.97 40.64
N GLN M 242 9.19 25.89 41.37
CA GLN M 242 10.09 25.92 42.51
C GLN M 242 11.40 25.26 42.12
N ILE M 243 12.50 25.98 42.31
CA ILE M 243 13.85 25.50 42.01
C ILE M 243 14.51 25.12 43.33
N GLU M 244 15.04 23.89 43.38
CA GLU M 244 15.72 23.38 44.57
C GLU M 244 17.19 23.27 44.23
N TYR M 245 18.02 23.98 44.98
CA TYR M 245 19.43 24.04 44.68
C TYR M 245 20.32 23.94 45.90
N GLY M 246 21.61 23.75 45.61
CA GLY M 246 22.64 23.70 46.61
C GLY M 246 23.49 24.95 46.47
N VAL M 247 24.33 25.16 47.47
CA VAL M 247 25.17 26.33 47.52
C VAL M 247 26.66 26.01 47.52
N GLY M 248 27.05 24.83 47.97
CA GLY M 248 28.46 24.50 47.98
C GLY M 248 29.00 24.32 49.38
N ASP M 249 28.12 24.38 50.37
CA ASP M 249 28.49 24.17 51.76
C ASP M 249 28.34 22.68 52.07
N TRP M 250 28.37 22.29 53.35
CA TRP M 250 28.28 20.88 53.70
C TRP M 250 27.00 20.18 53.26
N ARG M 251 25.89 20.91 53.05
CA ARG M 251 24.63 20.28 52.69
C ARG M 251 24.55 19.79 51.24
N SER M 252 25.01 20.58 50.28
CA SER M 252 24.85 20.17 48.90
C SER M 252 25.71 21.00 47.95
N LYS M 253 25.96 20.43 46.76
CA LYS M 253 26.78 21.09 45.75
C LYS M 253 26.13 22.37 45.23
N ARG M 254 26.98 23.29 44.77
CA ARG M 254 26.55 24.59 44.24
C ARG M 254 25.94 24.38 42.85
N LYS M 255 24.68 23.98 42.83
CA LYS M 255 23.97 23.71 41.58
C LYS M 255 22.49 23.50 41.83
N VAL M 256 21.76 23.35 40.74
CA VAL M 256 20.34 23.08 40.79
C VAL M 256 20.16 21.57 40.81
N TYR M 257 19.35 21.07 41.76
CA TYR M 257 19.14 19.63 41.90
C TYR M 257 17.83 19.14 41.28
N ARG M 258 16.80 19.96 41.31
CA ARG M 258 15.53 19.52 40.73
C ARG M 258 14.59 20.70 40.78
N THR M 259 13.41 20.48 40.22
CA THR M 259 12.41 21.52 40.15
C THR M 259 11.06 20.89 40.48
N LYS M 260 10.14 21.74 40.93
CA LYS M 260 8.81 21.29 41.31
C LYS M 260 7.76 22.31 40.90
N PRO M 261 6.55 21.88 40.62
CA PRO M 261 5.48 22.81 40.30
C PRO M 261 4.85 23.23 41.62
N THR M 262 4.01 24.26 41.55
CA THR M 262 3.30 24.71 42.75
C THR M 262 2.06 23.85 42.93
N ASP M 263 1.21 24.19 43.90
CA ASP M 263 0.04 23.34 44.05
C ASP M 263 -0.95 23.50 42.91
N GLU M 264 -0.73 24.46 42.00
CA GLU M 264 -1.59 24.63 40.84
C GLU M 264 -1.26 23.60 39.77
N LEU M 265 -0.17 22.85 39.97
CA LEU M 265 0.23 21.78 39.07
C LEU M 265 0.45 22.27 37.65
N ASN M 266 1.03 23.45 37.51
CA ASN M 266 1.34 24.03 36.21
C ASN M 266 2.79 23.73 35.91
N ILE M 267 3.03 22.66 35.13
CA ILE M 267 4.37 22.26 34.75
C ILE M 267 4.27 21.20 33.68
N CYS M 268 5.30 21.13 32.84
CA CYS M 268 5.47 20.19 31.73
C CYS M 268 6.84 19.56 31.88
N ALA M 269 7.17 18.61 31.00
CA ALA M 269 8.48 17.95 31.07
C ALA M 269 9.64 18.97 30.94
N LYS M 270 9.50 19.99 30.08
CA LYS M 270 10.58 20.97 29.95
C LYS M 270 10.89 21.62 31.30
N GLY M 271 9.84 22.00 32.05
CA GLY M 271 10.03 22.62 33.33
C GLY M 271 10.41 21.66 34.44
N PHE M 272 9.97 20.41 34.35
CA PHE M 272 10.30 19.44 35.38
C PHE M 272 11.67 18.78 35.21
N PHE M 273 12.04 18.40 34.00
CA PHE M 273 13.31 17.70 33.81
C PHE M 273 14.40 18.54 33.18
N GLY M 274 14.10 19.77 32.72
CA GLY M 274 15.08 20.62 32.10
C GLY M 274 15.90 21.45 33.07
N TYR M 275 15.69 21.28 34.38
CA TYR M 275 16.44 22.07 35.35
C TYR M 275 17.95 22.01 35.10
N ASP M 276 18.46 20.85 34.66
CA ASP M 276 19.90 20.67 34.44
C ASP M 276 20.48 21.62 33.40
N SER M 277 19.64 22.30 32.59
CA SER M 277 20.17 23.27 31.65
C SER M 277 20.72 24.50 32.40
N ILE M 278 20.29 24.70 33.65
CA ILE M 278 20.79 25.80 34.46
C ILE M 278 22.23 25.52 34.90
N ASN M 279 22.60 24.24 35.02
CA ASN M 279 23.94 23.82 35.45
C ASN M 279 24.92 23.62 34.31
N HIS M 280 24.44 23.55 33.08
CA HIS M 280 25.25 23.23 31.91
C HIS M 280 26.18 24.34 31.44
N LYS M 281 27.50 24.10 31.47
CA LYS M 281 28.56 24.99 30.96
C LYS M 281 28.25 26.47 31.03
N ARG M 282 27.94 26.99 32.21
CA ARG M 282 27.52 28.38 32.26
C ARG M 282 28.61 29.40 32.07
N LEU M 283 28.20 30.53 31.51
CA LEU M 283 28.98 31.72 31.26
C LEU M 283 28.45 32.71 32.30
N LEU M 284 29.23 32.95 33.37
CA LEU M 284 28.78 33.84 34.44
C LEU M 284 29.60 35.09 34.65
N LYS M 285 30.65 35.31 33.87
CA LYS M 285 31.51 36.49 33.97
C LYS M 285 31.73 37.03 32.56
N THR M 286 31.87 38.35 32.44
CA THR M 286 32.11 38.95 31.14
C THR M 286 33.51 38.59 30.64
N LYS M 287 33.60 38.23 29.36
CA LYS M 287 34.88 37.85 28.77
C LYS M 287 35.12 38.51 27.43
N VAL M 288 36.39 38.74 27.12
CA VAL M 288 36.85 39.28 25.84
C VAL M 288 37.74 38.20 25.27
N GLY M 289 37.28 37.53 24.22
CA GLY M 289 38.07 36.43 23.69
C GLY M 289 37.92 35.29 24.67
N LYS M 290 39.03 34.75 25.14
CA LYS M 290 38.97 33.68 26.11
C LYS M 290 39.33 34.14 27.52
N ARG M 291 39.76 35.39 27.67
CA ARG M 291 40.18 35.95 28.94
C ARG M 291 39.05 36.66 29.67
N GLU M 292 38.91 36.41 30.97
CA GLU M 292 37.89 37.10 31.74
C GLU M 292 38.28 38.56 31.86
N GLU M 293 37.30 39.44 31.79
CA GLU M 293 37.51 40.87 31.86
C GLU M 293 36.51 41.49 32.82
N THR M 294 36.88 42.63 33.38
CA THR M 294 35.99 43.31 34.31
C THR M 294 34.78 43.87 33.58
N PRO M 295 33.60 43.82 34.20
CA PRO M 295 32.40 44.38 33.56
C PRO M 295 32.54 45.83 33.13
N GLY M 296 33.19 46.67 33.94
CA GLY M 296 33.36 48.06 33.57
C GLY M 296 34.13 48.24 32.28
N ASN M 297 35.16 47.40 32.06
CA ASN M 297 35.91 47.52 30.82
C ASN M 297 35.07 47.07 29.63
N VAL M 298 34.28 46.00 29.81
CA VAL M 298 33.42 45.54 28.73
C VAL M 298 32.39 46.61 28.40
N VAL M 299 31.89 47.32 29.43
CA VAL M 299 30.97 48.42 29.21
C VAL M 299 31.62 49.53 28.39
N ASN M 300 32.92 49.76 28.62
CA ASN M 300 33.61 50.81 27.86
C ASN M 300 33.67 50.45 26.38
N LEU M 301 34.02 49.20 26.06
CA LEU M 301 34.08 48.76 24.66
C LEU M 301 32.73 48.97 23.99
N LEU M 302 31.67 48.46 24.62
CA LEU M 302 30.33 48.64 24.08
C LEU M 302 30.00 50.13 23.97
N THR M 303 30.40 50.93 24.95
CA THR M 303 30.13 52.37 24.89
C THR M 303 30.79 52.99 23.67
N THR M 304 31.99 52.53 23.32
CA THR M 304 32.67 53.05 22.14
C THR M 304 31.96 52.56 20.87
N ILE M 305 31.64 51.27 20.81
CA ILE M 305 30.96 50.69 19.65
C ILE M 305 29.68 51.44 19.33
N LEU M 306 28.80 51.59 20.33
CA LEU M 306 27.54 52.25 20.10
C LEU M 306 27.65 53.77 19.94
N THR M 307 28.64 54.42 20.58
CA THR M 307 28.73 55.88 20.46
C THR M 307 29.38 56.30 19.16
N GLU M 308 30.48 55.67 18.77
CA GLU M 308 31.11 56.04 17.51
C GLU M 308 30.58 55.28 16.32
N HIS M 309 29.93 54.13 16.53
CA HIS M 309 29.42 53.37 15.39
C HIS M 309 28.04 52.76 15.59
N GLY M 310 27.18 53.42 16.36
CA GLY M 310 25.84 52.89 16.57
C GLY M 310 25.10 52.70 15.28
N GLY M 311 25.31 53.61 14.31
CA GLY M 311 24.69 53.55 13.00
C GLY M 311 25.18 52.41 12.14
N LYS M 312 26.20 51.69 12.60
CA LYS M 312 26.74 50.53 11.91
C LYS M 312 26.66 49.31 12.81
N THR M 313 25.77 49.36 13.80
CA THR M 313 25.60 48.28 14.76
C THR M 313 24.21 47.68 14.66
N GLY M 314 24.14 46.36 14.70
CA GLY M 314 22.87 45.65 14.65
C GLY M 314 22.72 44.91 15.96
N ILE M 315 21.50 44.88 16.49
CA ILE M 315 21.19 44.21 17.75
C ILE M 315 20.11 43.17 17.48
N VAL M 316 20.40 41.91 17.78
CA VAL M 316 19.46 40.81 17.62
C VAL M 316 18.94 40.41 19.00
N PHE M 317 17.70 40.77 19.30
CA PHE M 317 17.10 40.44 20.58
C PHE M 317 16.73 38.95 20.68
N SER M 318 16.50 38.52 21.90
CA SER M 318 16.09 37.15 22.20
C SER M 318 14.76 37.20 22.93
N ALA M 319 13.87 36.28 22.60
CA ALA M 319 12.59 36.22 23.27
C ALA M 319 12.71 35.53 24.63
N TYR M 320 13.94 35.21 25.06
CA TYR M 320 14.19 34.58 26.35
C TYR M 320 14.79 35.55 27.37
N LEU M 321 14.63 36.84 27.14
CA LEU M 321 15.03 38.00 27.92
C LEU M 321 13.82 38.58 28.64
N PRO M 322 13.97 39.11 29.84
CA PRO M 322 12.83 39.71 30.52
C PRO M 322 12.55 41.09 29.97
N LYS M 323 11.34 41.57 30.22
CA LYS M 323 10.93 42.88 29.75
C LYS M 323 11.94 43.98 30.11
N GLU M 324 12.44 43.98 31.35
CA GLU M 324 13.35 45.02 31.81
C GLU M 324 14.65 45.07 30.98
N VAL M 325 15.16 43.92 30.54
CA VAL M 325 16.38 43.97 29.72
C VAL M 325 16.04 44.41 28.30
N ILE M 326 14.99 43.84 27.70
CA ILE M 326 14.54 44.24 26.37
C ILE M 326 14.37 45.76 26.31
N ASP M 327 13.71 46.33 27.33
CA ASP M 327 13.48 47.77 27.36
C ASP M 327 14.76 48.58 27.44
N GLU M 328 15.69 48.21 28.32
CA GLU M 328 16.93 48.98 28.46
C GLU M 328 17.80 48.89 27.21
N VAL M 329 17.97 47.67 26.67
CA VAL M 329 18.76 47.49 25.46
C VAL M 329 18.12 48.30 24.32
N LEU M 330 16.80 48.17 24.17
CA LEU M 330 16.10 48.92 23.14
C LEU M 330 16.24 50.42 23.38
N ARG M 331 16.24 50.85 24.64
CA ARG M 331 16.41 52.27 24.93
C ARG M 331 17.79 52.72 24.49
N ILE M 332 18.78 51.86 24.71
CA ILE M 332 20.14 52.18 24.29
C ILE M 332 20.21 52.24 22.77
N ALA M 333 19.59 51.27 22.09
CA ALA M 333 19.58 51.26 20.63
C ALA M 333 19.01 52.57 20.08
N LYS M 334 17.87 53.02 20.63
CA LYS M 334 17.30 54.28 20.17
C LYS M 334 18.18 55.48 20.51
N ALA M 335 19.16 55.32 21.40
CA ALA M 335 20.07 56.40 21.75
C ALA M 335 21.35 56.32 20.94
N SER M 336 21.52 55.24 20.18
CA SER M 336 22.66 55.00 19.33
C SER M 336 22.30 54.97 17.85
N GLN M 337 21.02 55.03 17.50
CA GLN M 337 20.61 55.03 16.10
C GLN M 337 21.05 53.74 15.39
N ALA M 338 20.87 52.60 16.08
CA ALA M 338 21.23 51.28 15.62
C ALA M 338 20.08 50.57 14.90
N TYR M 339 20.36 49.35 14.46
CA TYR M 339 19.39 48.49 13.79
C TYR M 339 18.94 47.47 14.82
N VAL M 340 17.62 47.20 14.87
CA VAL M 340 17.12 46.24 15.85
C VAL M 340 16.32 45.15 15.13
N THR M 341 16.49 43.92 15.60
CA THR M 341 15.80 42.79 15.02
C THR M 341 15.61 41.73 16.09
N ALA M 342 15.00 40.61 15.68
CA ALA M 342 14.72 39.44 16.50
C ALA M 342 14.45 38.30 15.54
N PRO M 343 14.88 37.08 15.84
CA PRO M 343 14.63 35.99 14.90
C PRO M 343 13.14 35.79 14.64
N GLN M 344 12.28 36.12 15.60
CA GLN M 344 10.84 35.97 15.38
C GLN M 344 10.34 36.91 14.29
N SER M 345 11.18 37.83 13.80
CA SER M 345 10.72 38.67 12.70
C SER M 345 10.46 37.85 11.45
N VAL M 346 11.00 36.62 11.40
CA VAL M 346 10.86 35.74 10.25
C VAL M 346 9.42 35.27 10.08
N ASP M 347 8.77 34.81 11.15
CA ASP M 347 7.40 34.32 11.04
C ASP M 347 6.38 35.07 11.90
N LEU M 348 6.57 35.07 13.23
CA LEU M 348 5.64 35.69 14.16
C LEU M 348 5.34 37.15 13.85
N PHE M 349 6.37 37.96 13.62
CA PHE M 349 6.11 39.38 13.35
C PHE M 349 5.33 39.56 12.06
N LYS M 350 5.65 38.77 11.03
CA LYS M 350 4.94 38.89 9.76
C LYS M 350 3.49 38.48 9.91
N PHE M 351 3.24 37.45 10.72
CA PHE M 351 1.86 37.05 10.96
C PHE M 351 1.10 38.17 11.66
N LEU M 352 1.64 38.67 12.78
CA LEU M 352 0.97 39.72 13.53
C LEU M 352 0.83 41.01 12.73
N ASP M 353 1.74 41.26 11.79
CA ASP M 353 1.61 42.47 10.97
C ASP M 353 0.33 42.41 10.12
N GLU M 354 0.05 41.25 9.52
CA GLU M 354 -1.13 41.07 8.69
C GLU M 354 -2.39 40.90 9.52
N LEU M 355 -2.33 40.13 10.61
CA LEU M 355 -3.50 39.93 11.46
C LEU M 355 -4.02 41.27 11.98
N GLU M 356 -3.11 42.19 12.31
CA GLU M 356 -3.35 43.56 12.76
C GLU M 356 -3.96 43.73 14.14
N GLU M 357 -4.58 42.70 14.69
CA GLU M 357 -5.20 42.88 16.00
C GLU M 357 -5.53 41.50 16.54
N TYR M 358 -5.04 41.20 17.73
CA TYR M 358 -5.25 39.88 18.28
C TYR M 358 -5.72 39.93 19.72
N ASP M 359 -6.10 38.74 20.19
CA ASP M 359 -6.54 38.54 21.55
C ASP M 359 -5.47 37.72 22.24
N PHE M 360 -5.31 37.97 23.53
CA PHE M 360 -4.32 37.26 24.33
C PHE M 360 -4.84 37.14 25.75
N PRO M 361 -5.92 36.38 25.94
CA PRO M 361 -6.49 36.23 27.27
C PRO M 361 -5.65 35.29 28.14
N THR M 362 -5.88 35.39 29.44
CA THR M 362 -5.23 34.52 30.40
C THR M 362 -5.91 33.16 30.38
N VAL M 363 -5.25 32.18 30.99
CA VAL M 363 -5.80 30.83 31.00
C VAL M 363 -7.16 30.80 31.68
N LYS M 364 -7.32 31.59 32.75
CA LYS M 364 -8.59 31.61 33.46
C LYS M 364 -9.73 31.94 32.49
N GLU M 365 -9.46 32.79 31.52
CA GLU M 365 -10.48 33.17 30.54
C GLU M 365 -10.83 32.03 29.59
N PHE M 366 -10.08 30.94 29.59
CA PHE M 366 -10.39 29.83 28.68
C PHE M 366 -11.70 29.15 29.04
N GLU M 367 -12.15 29.28 30.28
CA GLU M 367 -13.40 28.65 30.70
C GLU M 367 -14.57 29.14 29.85
N LYS M 368 -14.54 30.40 29.45
CA LYS M 368 -15.60 31.04 28.68
C LYS M 368 -15.69 30.57 27.23
N ALA M 369 -14.74 29.82 26.71
CA ALA M 369 -14.82 29.42 25.31
C ALA M 369 -15.70 28.19 25.11
N ASP M 370 -16.36 28.15 23.95
CA ASP M 370 -17.22 27.02 23.59
C ASP M 370 -16.46 25.94 22.86
N ALA M 371 -15.49 26.34 22.06
CA ALA M 371 -14.68 25.38 21.33
C ALA M 371 -13.32 26.04 21.12
N PHE M 372 -12.39 25.23 20.63
CA PHE M 372 -11.06 25.69 20.34
C PHE M 372 -10.68 25.21 18.95
N VAL M 373 -9.92 26.04 18.24
CA VAL M 373 -9.41 25.66 16.93
C VAL M 373 -7.90 25.79 17.01
N PHE M 374 -7.20 24.68 16.83
CA PHE M 374 -5.75 24.68 16.87
C PHE M 374 -5.25 24.76 15.44
N ILE M 375 -4.55 25.82 15.08
CA ILE M 375 -4.02 25.98 13.72
C ILE M 375 -2.50 26.01 13.77
N GLY M 376 -1.86 25.10 13.04
CA GLY M 376 -0.41 25.05 12.98
C GLY M 376 0.26 23.81 13.54
N ASP M 377 1.10 24.04 14.53
CA ASP M 377 1.84 22.96 15.17
C ASP M 377 0.99 22.29 16.25
N ASP M 378 1.63 21.37 16.97
CA ASP M 378 1.06 20.61 18.07
C ASP M 378 1.15 21.47 19.32
N ILE M 379 0.05 22.15 19.67
CA ILE M 379 0.03 23.03 20.84
C ILE M 379 0.62 22.37 22.08
N THR M 380 0.31 21.08 22.28
CA THR M 380 0.84 20.39 23.45
C THR M 380 2.36 20.34 23.43
N SER M 381 2.97 20.47 22.26
CA SER M 381 4.43 20.45 22.16
C SER M 381 5.06 21.86 22.18
N VAL M 382 4.25 22.91 22.02
CA VAL M 382 4.71 24.29 22.02
C VAL M 382 4.44 24.92 23.37
N ALA M 383 3.17 24.97 23.78
CA ALA M 383 2.78 25.54 25.08
C ALA M 383 1.98 24.47 25.79
N THR M 384 2.72 23.46 26.28
CA THR M 384 2.14 22.26 26.87
C THR M 384 1.05 22.51 27.91
N VAL M 385 1.35 23.28 28.96
CA VAL M 385 0.33 23.46 30.00
C VAL M 385 -1.02 23.96 29.46
N LEU M 386 -1.04 24.71 28.35
CA LEU M 386 -2.32 25.15 27.79
C LEU M 386 -3.25 23.97 27.51
N SER M 387 -2.69 22.83 27.09
CA SER M 387 -3.49 21.64 26.81
C SER M 387 -4.13 21.05 28.06
N TYR M 388 -3.75 21.50 29.25
CA TYR M 388 -4.38 21.05 30.48
C TYR M 388 -5.65 21.84 30.77
N TYR M 389 -5.88 22.91 30.00
CA TYR M 389 -7.01 23.79 30.17
C TYR M 389 -7.98 23.89 28.99
N THR M 390 -7.67 23.27 27.85
CA THR M 390 -8.54 23.31 26.68
C THR M 390 -9.41 22.06 26.80
N LYS M 391 -10.46 22.17 27.63
CA LYS M 391 -11.35 21.05 27.90
C LYS M 391 -12.64 21.06 27.08
N LYS M 392 -12.79 21.96 26.12
CA LYS M 392 -13.98 21.98 25.28
C LYS M 392 -13.69 21.25 23.97
N LYS M 393 -14.61 21.38 23.02
CA LYS M 393 -14.46 20.76 21.71
C LYS M 393 -13.24 21.36 21.03
N VAL M 394 -12.42 20.53 20.42
CA VAL M 394 -11.20 21.01 19.77
C VAL M 394 -11.22 20.67 18.29
N TYR M 395 -11.13 21.68 17.44
CA TYR M 395 -11.02 21.45 16.01
C TYR M 395 -9.56 21.62 15.66
N LYS M 396 -9.11 20.93 14.62
CA LYS M 396 -7.70 21.02 14.30
C LYS M 396 -7.43 21.17 12.82
N ILE M 397 -6.44 22.01 12.54
CA ILE M 397 -5.93 22.28 11.20
C ILE M 397 -4.42 22.18 11.33
N GLY M 398 -3.84 21.14 10.79
CA GLY M 398 -2.40 21.06 10.93
C GLY M 398 -1.82 19.83 11.58
N LYS M 399 -0.60 19.97 12.09
CA LYS M 399 0.10 18.87 12.73
C LYS M 399 -0.63 18.49 14.02
N SER M 400 -0.71 17.18 14.28
CA SER M 400 -1.38 16.71 15.48
C SER M 400 -0.70 15.44 15.98
N VAL M 401 0.07 15.56 17.07
CA VAL M 401 0.75 14.39 17.63
C VAL M 401 0.32 14.17 19.07
N ARG M 402 0.73 15.07 19.98
CA ARG M 402 0.30 14.90 21.36
C ARG M 402 -1.09 15.48 21.57
N ASP M 403 -1.56 16.32 20.64
CA ASP M 403 -2.89 16.94 20.73
C ASP M 403 -4.00 15.92 20.54
N GLU M 404 -3.68 14.73 20.01
CA GLU M 404 -4.69 13.71 19.84
C GLU M 404 -5.30 13.30 21.18
N LYS M 405 -4.62 13.59 22.29
CA LYS M 405 -5.19 13.28 23.58
C LYS M 405 -6.50 14.03 23.79
N LEU M 406 -6.72 15.09 23.03
CA LEU M 406 -7.92 15.90 23.10
C LEU M 406 -8.99 15.47 22.10
N GLN M 407 -8.73 14.43 21.33
CA GLN M 407 -9.68 13.95 20.33
C GLN M 407 -10.14 15.10 19.42
N PRO M 408 -9.23 15.80 18.78
CA PRO M 408 -9.64 16.90 17.92
C PRO M 408 -10.20 16.43 16.57
N GLU M 409 -11.11 17.24 16.02
CA GLU M 409 -11.73 16.95 14.74
C GLU M 409 -11.01 17.77 13.67
N GLU M 410 -10.44 17.09 12.69
CA GLU M 410 -9.75 17.80 11.62
C GLU M 410 -10.76 18.50 10.73
N ILE M 411 -10.44 19.73 10.32
CA ILE M 411 -11.29 20.53 9.45
C ILE M 411 -10.40 21.28 8.46
N THR M 412 -11.04 22.06 7.60
CA THR M 412 -10.36 22.87 6.62
C THR M 412 -10.68 24.34 6.92
N TYR M 413 -9.92 25.25 6.30
CA TYR M 413 -10.17 26.67 6.56
C TYR M 413 -11.58 27.07 6.12
N GLU M 414 -12.12 26.44 5.07
CA GLU M 414 -13.46 26.76 4.60
C GLU M 414 -14.50 26.31 5.61
N ASP M 415 -14.15 25.32 6.42
CA ASP M 415 -15.07 24.85 7.45
C ASP M 415 -15.14 25.84 8.59
N LEU M 416 -14.07 26.63 8.79
CA LEU M 416 -14.07 27.61 9.88
C LEU M 416 -15.20 28.59 9.71
N GLN M 417 -15.53 28.90 8.45
CA GLN M 417 -16.58 29.85 8.14
C GLN M 417 -17.90 29.47 8.82
N ASN M 418 -18.12 28.18 9.06
CA ASN M 418 -19.34 27.62 9.62
C ASN M 418 -19.32 27.32 11.12
N LEU M 419 -18.23 27.57 11.86
CA LEU M 419 -18.30 27.27 13.28
C LEU M 419 -19.25 28.26 13.94
N GLU M 420 -19.74 27.91 15.12
CA GLU M 420 -20.71 28.75 15.81
C GLU M 420 -20.46 28.94 17.29
N GLY M 421 -20.41 30.20 17.71
CA GLY M 421 -20.34 30.54 19.10
C GLY M 421 -19.03 30.58 19.87
N ASN M 422 -18.53 31.77 20.18
CA ASN M 422 -17.33 31.95 21.00
C ASN M 422 -16.21 30.94 20.79
N VAL M 423 -15.65 30.93 19.62
CA VAL M 423 -14.56 30.04 19.26
C VAL M 423 -13.23 30.73 19.55
N PHE M 424 -12.30 29.99 20.15
CA PHE M 424 -10.95 30.48 20.40
C PHE M 424 -10.02 29.83 19.39
N VAL M 425 -9.37 30.64 18.57
CA VAL M 425 -8.44 30.11 17.58
C VAL M 425 -7.02 30.31 18.13
N LEU M 426 -6.32 29.20 18.40
CA LEU M 426 -4.94 29.23 18.90
C LEU M 426 -4.05 28.88 17.71
N VAL M 427 -3.33 29.86 17.17
CA VAL M 427 -2.52 29.64 15.98
C VAL M 427 -1.03 29.85 16.28
N THR M 428 -0.19 28.92 15.78
CA THR M 428 1.27 28.97 15.97
C THR M 428 1.90 29.40 14.65
N PRO M 429 2.23 30.68 14.49
CA PRO M 429 2.77 31.18 13.20
C PRO M 429 4.04 30.52 12.73
N HIS M 430 4.85 29.97 13.63
CA HIS M 430 6.08 29.32 13.20
C HIS M 430 5.83 28.08 12.36
N ALA M 431 4.58 27.60 12.29
CA ALA M 431 4.23 26.42 11.52
C ALA M 431 3.39 26.73 10.29
N LEU M 432 3.52 27.94 9.75
CA LEU M 432 2.77 28.37 8.56
C LEU M 432 3.70 28.70 7.40
N ASN M 433 4.75 27.91 7.20
CA ASN M 433 5.73 28.16 6.15
C ASN M 433 5.14 28.55 4.80
N GLY M 434 5.30 29.81 4.42
CA GLY M 434 4.84 30.28 3.13
C GLY M 434 3.39 30.71 3.07
N GLU M 435 2.56 30.23 4.00
CA GLU M 435 1.15 30.57 4.06
C GLU M 435 0.85 31.55 5.19
N ILE M 436 1.86 32.27 5.67
CA ILE M 436 1.68 33.20 6.78
C ILE M 436 0.66 34.29 6.43
N LYS M 437 0.94 35.10 5.41
CA LYS M 437 0.03 36.20 5.09
C LYS M 437 -1.38 35.69 4.78
N GLU M 438 -1.51 34.60 4.03
CA GLU M 438 -2.84 34.08 3.70
C GLU M 438 -3.60 33.72 4.97
N VAL M 439 -2.96 32.95 5.86
CA VAL M 439 -3.63 32.54 7.10
C VAL M 439 -3.96 33.74 7.97
N ALA M 440 -3.02 34.67 8.10
CA ALA M 440 -3.33 35.85 8.90
C ALA M 440 -4.51 36.62 8.31
N THR M 441 -4.59 36.73 6.98
CA THR M 441 -5.71 37.46 6.38
C THR M 441 -7.02 36.76 6.64
N LYS M 442 -7.05 35.44 6.44
CA LYS M 442 -8.28 34.70 6.68
C LYS M 442 -8.69 34.79 8.15
N LEU M 443 -7.73 34.64 9.07
CA LEU M 443 -8.08 34.75 10.48
C LEU M 443 -8.56 36.15 10.85
N LYS M 444 -8.05 37.17 10.14
CA LYS M 444 -8.47 38.54 10.38
C LYS M 444 -9.93 38.71 9.97
N GLU M 445 -10.31 38.18 8.80
CA GLU M 445 -11.70 38.25 8.36
C GLU M 445 -12.59 37.53 9.35
N LEU M 446 -12.20 36.29 9.67
CA LEU M 446 -12.95 35.48 10.61
C LEU M 446 -13.17 36.22 11.91
N LYS M 447 -12.14 36.92 12.39
CA LYS M 447 -12.29 37.66 13.64
C LYS M 447 -13.24 38.82 13.49
N ARG M 448 -13.36 39.38 12.28
CA ARG M 448 -14.26 40.50 12.08
C ARG M 448 -15.66 40.04 11.75
N GLU M 449 -15.81 39.05 10.86
CA GLU M 449 -17.14 38.52 10.52
C GLU M 449 -17.81 37.89 11.74
N LYS M 450 -17.23 36.83 12.26
CA LYS M 450 -17.67 36.15 13.45
C LYS M 450 -16.87 36.73 14.61
N GLY M 451 -17.43 36.69 15.80
CA GLY M 451 -16.61 37.27 16.87
C GLY M 451 -15.51 36.39 17.40
N PHE M 452 -14.86 35.58 16.55
CA PHE M 452 -13.82 34.66 17.02
C PHE M 452 -12.64 35.39 17.65
N LYS M 453 -11.98 34.69 18.57
CA LYS M 453 -10.78 35.16 19.23
C LYS M 453 -9.60 34.51 18.51
N VAL M 454 -8.70 35.32 17.97
CA VAL M 454 -7.50 34.81 17.31
C VAL M 454 -6.37 35.01 18.30
N ILE M 455 -5.87 33.93 18.88
CA ILE M 455 -4.84 33.99 19.89
C ILE M 455 -3.53 33.45 19.31
N PRO M 456 -2.50 34.28 19.16
CA PRO M 456 -1.22 33.80 18.63
C PRO M 456 -0.45 33.06 19.72
N VAL M 457 0.02 31.86 19.39
CA VAL M 457 0.79 31.02 20.31
C VAL M 457 2.24 30.99 19.88
N PRO M 458 3.06 31.89 20.40
CA PRO M 458 4.48 31.90 20.03
C PRO M 458 5.18 30.71 20.63
N LYS M 459 6.30 30.31 20.05
CA LYS M 459 7.01 29.21 20.69
C LYS M 459 8.04 29.69 21.70
N ASP M 460 8.33 30.99 21.78
CA ASP M 460 9.33 31.55 22.70
C ASP M 460 8.68 32.44 23.76
N ALA M 461 9.19 32.35 25.00
CA ALA M 461 8.63 33.02 26.17
C ALA M 461 8.15 34.47 25.98
N ASN M 462 9.04 35.40 25.64
CA ASN M 462 8.63 36.79 25.50
C ASN M 462 8.50 37.25 24.04
N ALA M 463 8.26 36.34 23.10
CA ALA M 463 8.16 36.79 21.71
C ALA M 463 7.06 37.81 21.52
N LEU M 464 5.95 37.71 22.25
CA LEU M 464 4.90 38.70 22.07
C LEU M 464 5.31 40.07 22.57
N TYR M 465 5.99 40.13 23.73
CA TYR M 465 6.39 41.46 24.21
C TYR M 465 7.37 42.08 23.24
N LEU M 466 8.25 41.26 22.67
CA LEU M 466 9.21 41.76 21.69
C LEU M 466 8.47 42.42 20.55
N TYR M 467 7.44 41.75 20.05
CA TYR M 467 6.66 42.30 18.95
C TYR M 467 6.02 43.62 19.37
N GLU M 468 5.48 43.67 20.58
CA GLU M 468 4.81 44.90 21.02
C GLU M 468 5.76 46.08 21.01
N VAL M 469 7.00 45.87 21.43
CA VAL M 469 7.93 46.98 21.53
C VAL M 469 8.76 47.22 20.26
N LEU M 470 8.87 46.23 19.38
CA LEU M 470 9.63 46.40 18.14
C LEU M 470 8.78 46.65 16.90
N LYS M 471 7.44 46.49 16.97
CA LYS M 471 6.62 46.65 15.76
C LYS M 471 6.82 48.03 15.13
N GLY M 472 6.87 48.05 13.80
CA GLY M 472 7.08 49.26 13.03
C GLY M 472 8.52 49.69 12.85
N ILE M 473 9.43 49.26 13.73
CA ILE M 473 10.83 49.64 13.64
C ILE M 473 11.78 48.46 13.50
N TYR M 474 11.28 47.23 13.55
CA TYR M 474 12.17 46.10 13.48
C TYR M 474 12.72 45.84 12.07
N SER M 475 13.97 45.41 12.01
CA SER M 475 14.58 45.03 10.76
C SER M 475 14.36 43.53 10.57
N ASP M 476 14.39 43.10 9.32
CA ASP M 476 14.19 41.69 9.02
C ASP M 476 15.46 40.94 9.39
N LEU M 477 15.32 39.81 10.06
CA LEU M 477 16.52 39.07 10.42
C LEU M 477 17.44 38.82 9.22
N PRO M 478 16.95 38.37 8.06
CA PRO M 478 17.87 38.18 6.93
C PRO M 478 18.51 39.46 6.39
N ALA M 479 17.78 40.58 6.39
CA ALA M 479 18.32 41.84 5.90
C ALA M 479 19.52 42.28 6.73
N VAL M 480 19.45 42.08 8.03
CA VAL M 480 20.54 42.46 8.92
C VAL M 480 21.77 41.64 8.58
N MET M 481 21.58 40.32 8.41
CA MET M 481 22.67 39.42 8.04
C MET M 481 23.22 39.78 6.68
N GLU M 482 22.34 40.11 5.74
CA GLU M 482 22.81 40.52 4.43
C GLU M 482 23.64 41.79 4.56
N ALA M 483 23.19 42.71 5.41
CA ALA M 483 23.92 43.95 5.61
C ALA M 483 25.28 43.70 6.24
N CYS M 484 25.42 42.62 7.02
CA CYS M 484 26.71 42.32 7.61
C CYS M 484 27.70 41.87 6.55
N GLU M 485 27.23 41.06 5.60
CA GLU M 485 28.12 40.62 4.52
C GLU M 485 28.60 41.79 3.68
N ARG M 486 27.71 42.71 3.33
CA ARG M 486 28.06 43.90 2.54
C ARG M 486 28.96 44.85 3.31
N GLY M 487 28.95 44.79 4.64
CA GLY M 487 29.74 45.70 5.42
C GLY M 487 29.00 46.95 5.84
N ASP M 488 27.67 46.97 5.65
CA ASP M 488 26.83 48.09 6.02
C ASP M 488 26.62 48.13 7.52
N ILE M 489 26.73 46.97 8.18
CA ILE M 489 26.65 46.84 9.62
C ILE M 489 28.00 46.26 10.03
N GLU M 490 28.73 46.99 10.86
CA GLU M 490 30.05 46.54 11.29
C GLU M 490 30.05 45.84 12.65
N ASN M 491 29.02 46.02 13.46
CA ASN M 491 29.00 45.36 14.76
C ASN M 491 27.66 44.69 14.96
N LEU M 492 27.70 43.48 15.51
CA LEU M 492 26.50 42.71 15.80
C LEU M 492 26.51 42.33 17.26
N ILE M 493 25.41 42.60 17.94
CA ILE M 493 25.19 42.23 19.33
C ILE M 493 24.03 41.26 19.29
N ILE M 494 24.32 39.98 19.56
CA ILE M 494 23.34 38.91 19.54
C ILE M 494 23.03 38.46 20.96
N PHE M 495 21.75 38.35 21.29
CA PHE M 495 21.29 37.90 22.59
C PHE M 495 20.76 36.48 22.39
N GLY M 496 21.31 35.53 23.13
CA GLY M 496 20.82 34.16 23.02
C GLY M 496 21.10 33.48 21.67
N GLU M 497 20.48 32.32 21.50
CA GLU M 497 20.67 31.54 20.28
C GLU M 497 19.40 31.38 19.45
N ASP M 498 18.44 32.26 19.63
CA ASP M 498 17.23 32.20 18.84
C ASP M 498 17.57 32.20 17.36
N ILE M 499 18.66 32.91 17.02
CA ILE M 499 19.08 33.02 15.63
C ILE M 499 19.45 31.66 15.06
N LEU M 500 19.88 30.72 15.89
CA LEU M 500 20.27 29.42 15.37
C LEU M 500 19.14 28.60 14.82
N GLU M 501 17.89 29.07 14.91
CA GLU M 501 16.78 28.33 14.33
C GLU M 501 16.70 28.56 12.84
N PHE M 502 17.46 29.51 12.30
CA PHE M 502 17.39 29.81 10.87
C PHE M 502 18.75 29.76 10.20
N TYR M 503 19.81 30.01 10.97
CA TYR M 503 21.17 29.99 10.48
C TYR M 503 21.95 28.96 11.26
N GLU M 504 22.85 28.27 10.56
CA GLU M 504 23.68 27.28 11.22
C GLU M 504 24.98 27.93 11.73
N ASP M 505 25.64 27.23 12.65
CA ASP M 505 26.88 27.66 13.29
C ASP M 505 27.91 28.31 12.38
N LYS M 506 28.38 27.55 11.37
CA LYS M 506 29.39 27.98 10.40
C LYS M 506 29.27 29.42 9.92
N VAL M 507 28.02 29.86 9.73
CA VAL M 507 27.77 31.21 9.26
C VAL M 507 28.52 32.23 10.10
N PHE M 508 28.58 31.99 11.41
CA PHE M 508 29.23 32.90 12.35
C PHE M 508 30.74 32.82 12.36
N GLU M 509 31.35 31.76 11.84
CA GLU M 509 32.79 31.80 11.78
C GLU M 509 33.24 32.86 10.78
N GLU M 510 32.52 32.95 9.66
CA GLU M 510 32.84 33.94 8.64
C GLU M 510 32.44 35.33 9.07
N LEU M 511 31.28 35.44 9.73
CA LEU M 511 30.82 36.73 10.20
C LEU M 511 31.78 37.31 11.20
N LYS M 512 32.39 36.47 12.04
CA LYS M 512 33.34 36.97 13.03
C LYS M 512 34.48 37.70 12.34
N GLU M 513 34.81 37.29 11.11
CA GLU M 513 35.88 37.95 10.36
C GLU M 513 35.38 39.23 9.72
N LYS M 514 34.27 39.16 8.99
CA LYS M 514 33.77 40.35 8.31
C LYS M 514 33.42 41.46 9.29
N LEU M 515 32.78 41.11 10.41
CA LEU M 515 32.41 42.13 11.38
C LEU M 515 33.62 42.69 12.13
N GLU M 516 33.47 43.93 12.57
CA GLU M 516 34.48 44.59 13.38
C GLU M 516 34.35 44.09 14.81
N HIS M 517 33.11 43.85 15.26
CA HIS M 517 32.81 43.33 16.60
C HIS M 517 31.59 42.43 16.55
N LEU M 518 31.74 41.20 17.05
CA LEU M 518 30.66 40.23 17.18
C LEU M 518 30.51 40.04 18.68
N VAL M 519 29.44 40.56 19.24
CA VAL M 519 29.19 40.45 20.67
C VAL M 519 28.02 39.50 20.93
N VAL M 520 28.26 38.49 21.76
CA VAL M 520 27.22 37.50 22.08
C VAL M 520 26.87 37.58 23.55
N VAL M 521 25.58 37.74 23.84
CA VAL M 521 25.06 37.80 25.19
C VAL M 521 24.37 36.45 25.38
N SER M 522 25.01 35.54 26.09
CA SER M 522 24.45 34.21 26.25
C SER M 522 24.68 33.68 27.65
N PRO M 523 23.93 32.63 28.04
CA PRO M 523 24.13 31.99 29.34
C PRO M 523 25.14 30.86 29.27
N TYR M 524 25.58 30.48 28.08
CA TYR M 524 26.47 29.34 27.94
C TYR M 524 27.81 29.66 27.31
N GLU M 525 28.83 28.96 27.78
CA GLU M 525 30.17 29.10 27.23
C GLU M 525 30.33 28.31 25.94
N ASP M 526 29.36 27.46 25.61
CA ASP M 526 29.34 26.69 24.37
C ASP M 526 28.32 27.32 23.43
N GLY M 527 28.32 26.84 22.19
CA GLY M 527 27.38 27.37 21.21
C GLY M 527 27.83 28.67 20.55
N LEU M 528 26.82 29.45 20.16
CA LEU M 528 27.07 30.70 19.45
C LEU M 528 28.10 31.61 20.11
N SER M 529 28.20 31.60 21.44
CA SER M 529 29.13 32.50 22.13
C SER M 529 30.59 32.21 21.84
N GLU M 530 30.92 30.99 21.42
CA GLU M 530 32.30 30.66 21.14
C GLU M 530 32.87 31.53 20.01
N TYR M 531 32.01 31.97 19.08
CA TYR M 531 32.41 32.79 17.95
C TYR M 531 32.50 34.28 18.25
N ALA M 532 32.25 34.72 19.47
CA ALA M 532 32.25 36.15 19.74
C ALA M 532 33.62 36.72 20.11
N HIS M 533 33.71 38.04 19.96
CA HIS M 533 34.84 38.85 20.37
C HIS M 533 34.63 39.22 21.83
N ILE M 534 33.39 39.52 22.19
CA ILE M 534 33.01 39.90 23.53
C ILE M 534 31.83 39.04 23.94
N LYS M 535 31.99 38.31 25.04
CA LYS M 535 30.95 37.42 25.57
C LYS M 535 30.38 38.08 26.81
N ILE M 536 29.06 38.18 26.87
CA ILE M 536 28.41 38.79 28.02
C ILE M 536 27.34 37.85 28.54
N PRO M 537 27.32 37.59 29.83
CA PRO M 537 26.34 36.67 30.39
C PRO M 537 24.90 37.13 30.22
N MET M 538 24.01 36.13 30.16
CA MET M 538 22.56 36.30 30.06
C MET M 538 21.97 35.41 31.16
N SER M 539 21.11 35.98 32.00
CA SER M 539 20.46 35.28 33.12
C SER M 539 19.43 34.24 32.68
N LEU M 540 19.35 33.14 33.45
CA LEU M 540 18.35 32.06 33.28
C LEU M 540 17.29 32.13 34.41
N MET M 541 16.30 31.26 34.38
CA MET M 541 15.27 31.33 35.43
C MET M 541 15.91 31.19 36.81
N GLY M 542 15.44 31.99 37.77
CA GLY M 542 15.97 32.02 39.11
C GLY M 542 17.19 32.91 39.30
N GLU M 543 17.70 33.51 38.24
CA GLU M 543 18.85 34.40 38.27
C GLU M 543 18.52 35.84 37.99
N ASN M 544 17.24 36.17 37.85
CA ASN M 544 16.87 37.54 37.59
C ASN M 544 15.47 37.78 38.13
N GLU M 545 15.16 39.06 38.35
CA GLU M 545 13.86 39.53 38.78
C GLU M 545 13.07 40.09 37.63
N GLY M 546 13.18 39.44 36.47
CA GLY M 546 12.52 39.94 35.27
C GLY M 546 11.10 39.43 35.08
N THR M 547 10.29 40.25 34.44
CA THR M 547 8.91 39.90 34.17
C THR M 547 8.74 39.45 32.73
N TYR M 548 7.74 38.59 32.50
CA TYR M 548 7.39 38.05 31.20
C TYR M 548 5.90 38.27 30.92
N LYS M 549 5.55 38.53 29.65
CA LYS M 549 4.18 38.70 29.19
C LYS M 549 3.78 37.30 28.70
N THR M 550 3.11 36.54 29.57
CA THR M 550 2.76 35.13 29.35
C THR M 550 1.24 34.86 29.36
N PHE M 551 0.90 33.58 29.17
CA PHE M 551 -0.50 33.16 29.19
C PHE M 551 -1.08 33.19 30.58
N PHE M 552 -0.24 33.21 31.61
CA PHE M 552 -0.69 33.34 32.97
C PHE M 552 -0.61 34.81 33.41
N GLY M 553 -0.42 35.71 32.45
CA GLY M 553 -0.35 37.13 32.72
C GLY M 553 1.07 37.71 32.69
N GLU M 554 1.16 38.93 33.21
CA GLU M 554 2.45 39.62 33.30
C GLU M 554 3.03 39.16 34.63
N VAL M 555 3.83 38.10 34.56
CA VAL M 555 4.45 37.45 35.70
C VAL M 555 5.88 37.95 35.89
N LYS M 556 6.30 38.10 37.14
CA LYS M 556 7.63 38.58 37.50
C LYS M 556 8.38 37.51 38.31
N GLY M 557 9.61 37.22 37.89
CA GLY M 557 10.44 36.23 38.53
C GLY M 557 11.19 36.78 39.71
N LYS M 558 11.89 35.88 40.39
CA LYS M 558 12.67 36.24 41.57
C LYS M 558 14.09 35.75 41.37
N LYS M 559 15.05 36.55 41.86
CA LYS M 559 16.48 36.26 41.74
C LYS M 559 17.01 35.68 43.03
N PHE M 560 17.33 34.39 43.03
CA PHE M 560 17.89 33.77 44.24
C PHE M 560 19.07 32.85 44.00
N LEU M 561 19.26 32.30 42.81
CA LEU M 561 20.40 31.42 42.58
C LEU M 561 21.67 32.23 42.84
N PRO M 562 22.51 31.79 43.79
CA PRO M 562 23.66 32.61 44.21
C PRO M 562 24.76 32.87 43.18
N TRP M 563 24.90 32.07 42.13
CA TRP M 563 25.92 32.27 41.09
C TRP M 563 25.49 33.25 39.99
N ALA M 564 24.29 33.81 40.09
CA ALA M 564 23.72 34.70 39.07
C ALA M 564 24.54 35.93 38.75
N PHE M 565 24.58 36.28 37.45
CA PHE M 565 25.24 37.49 36.96
C PHE M 565 24.13 38.54 36.83
N ASP M 566 24.38 39.74 37.31
CA ASP M 566 23.34 40.79 37.27
C ASP M 566 23.26 41.45 35.89
N ASP M 567 22.59 40.73 35.01
CA ASP M 567 22.22 41.08 33.64
C ASP M 567 21.70 42.52 33.54
N LEU M 568 20.64 42.81 34.28
CA LEU M 568 20.02 44.13 34.22
C LEU M 568 20.96 45.23 34.70
N ALA M 569 21.68 44.98 35.79
CA ALA M 569 22.58 45.99 36.32
C ALA M 569 23.63 46.37 35.29
N PHE M 570 24.18 45.36 34.60
CA PHE M 570 25.18 45.63 33.58
C PHE M 570 24.61 46.51 32.48
N TRP M 571 23.46 46.11 31.92
CA TRP M 571 22.89 46.91 30.84
C TRP M 571 22.52 48.30 31.33
N LYS M 572 21.92 48.41 32.52
CA LYS M 572 21.59 49.75 33.03
C LYS M 572 22.85 50.57 33.25
N TYR M 573 23.97 49.93 33.62
CA TYR M 573 25.21 50.69 33.80
C TYR M 573 25.69 51.23 32.44
N LEU M 574 25.64 50.39 31.41
CA LEU M 574 25.99 50.87 30.07
C LEU M 574 25.04 51.99 29.65
N GLY M 575 23.76 51.86 29.98
CA GLY M 575 22.77 52.88 29.65
C GLY M 575 23.09 54.24 30.24
N GLU M 576 23.87 54.27 31.32
CA GLU M 576 24.22 55.55 31.91
C GLU M 576 25.03 56.39 30.94
N ASN M 577 25.61 55.78 29.92
CA ASN M 577 26.38 56.52 28.93
C ASN M 577 25.52 56.94 27.72
N PHE M 578 24.20 56.72 27.76
CA PHE M 578 23.30 57.08 26.66
C PHE M 578 22.10 57.79 27.26
N LYS M 579 21.99 59.09 27.06
CA LYS M 579 20.87 59.81 27.65
C LYS M 579 19.80 60.20 26.64
N GLU M 580 20.14 60.99 25.61
CA GLU M 580 19.19 61.46 24.61
C GLU M 580 18.89 60.43 23.52
N GLU M 581 17.64 60.42 23.08
CA GLU M 581 17.17 59.56 21.98
C GLU M 581 17.65 60.14 20.65
N LYS M 582 18.35 59.32 19.85
CA LYS M 582 18.90 59.76 18.57
C LYS M 582 18.13 59.28 17.34
N GLY M 583 17.58 58.05 17.36
CA GLY M 583 16.84 57.52 16.23
C GLY M 583 17.13 56.04 16.03
N LEU M 584 16.85 55.56 14.82
CA LEU M 584 17.06 54.15 14.49
C LEU M 584 17.23 54.01 12.99
N LYS M 585 17.64 52.82 12.60
CA LYS M 585 17.82 52.47 11.21
C LYS M 585 17.09 51.14 11.05
N VAL M 586 16.44 50.95 9.90
CA VAL M 586 15.67 49.75 9.63
C VAL M 586 16.05 49.20 8.26
N VAL M 587 16.31 47.90 8.18
CA VAL M 587 16.58 47.24 6.89
C VAL M 587 15.54 46.17 6.71
N LYS M 588 15.01 46.09 5.51
CA LYS M 588 14.02 45.08 5.17
C LYS M 588 14.50 44.37 3.91
N SER M 589 14.05 43.12 3.73
CA SER M 589 14.40 42.37 2.53
C SER M 589 13.40 41.22 2.44
N SER M 590 13.07 40.85 1.21
CA SER M 590 12.08 39.81 0.96
C SER M 590 12.60 38.38 0.94
N SER M 591 13.90 38.14 1.07
CA SER M 591 14.39 36.76 1.05
C SER M 591 13.68 35.95 2.14
N ASN M 592 13.34 34.71 1.80
CA ASN M 592 12.63 33.82 2.71
C ASN M 592 13.60 32.85 3.36
N LEU M 593 13.73 32.97 4.67
CA LEU M 593 14.57 32.11 5.48
C LEU M 593 13.69 30.95 5.93
N ARG M 594 14.20 29.74 5.82
CA ARG M 594 13.41 28.59 6.23
C ARG M 594 13.84 28.13 7.62
N ARG M 595 12.87 27.73 8.42
CA ARG M 595 13.15 27.23 9.76
C ARG M 595 13.94 25.93 9.66
N ARG M 596 14.99 25.79 10.47
CA ARG M 596 15.81 24.58 10.39
C ARG M 596 15.19 23.39 11.11
N PHE M 597 14.52 23.60 12.24
CA PHE M 597 13.96 22.47 12.96
C PHE M 597 12.62 22.79 13.59
N GLU M 598 11.82 21.76 13.74
CA GLU M 598 10.49 21.79 14.34
C GLU M 598 10.58 21.57 15.85
N PRO M 599 9.87 22.36 16.66
CA PRO M 599 9.90 22.13 18.10
C PRO M 599 9.29 20.78 18.45
N HIS M 600 9.72 20.27 19.59
CA HIS M 600 9.27 18.98 20.07
C HIS M 600 8.90 19.13 21.53
N LEU M 601 8.07 18.19 21.99
CA LEU M 601 7.64 18.23 23.37
C LEU M 601 8.85 18.29 24.30
N TYR M 602 9.92 17.58 23.96
CA TYR M 602 11.12 17.49 24.78
C TYR M 602 12.30 18.33 24.27
N ARG M 603 12.12 19.14 23.21
CA ARG M 603 13.19 20.01 22.72
C ARG M 603 12.53 21.15 21.92
N ASN M 604 12.38 22.31 22.54
CA ASN M 604 11.74 23.44 21.87
C ASN M 604 12.58 24.69 21.72
N ASN M 605 13.78 24.74 22.29
CA ASN M 605 14.58 25.95 22.14
C ASN M 605 15.99 25.60 22.54
N TRP M 606 16.90 26.56 22.33
CA TRP M 606 18.30 26.34 22.64
C TRP M 606 18.55 26.15 24.14
N ILE M 607 17.58 26.46 25.01
CA ILE M 607 17.79 26.23 26.44
C ILE M 607 17.48 24.78 26.79
N THR M 608 16.31 24.30 26.39
CA THR M 608 16.01 22.90 26.69
C THR M 608 16.91 21.97 25.91
N GLN M 609 17.52 22.44 24.82
CA GLN M 609 18.41 21.56 24.07
C GLN M 609 19.62 21.16 24.90
N ARG M 610 19.98 21.98 25.88
CA ARG M 610 21.12 21.71 26.73
C ARG M 610 20.76 20.98 28.00
N SER M 611 19.60 20.31 28.03
CA SER M 611 19.17 19.53 29.18
C SER M 611 19.53 18.07 28.95
N GLN M 612 20.32 17.49 29.85
CA GLN M 612 20.66 16.08 29.66
C GLN M 612 19.41 15.23 29.73
N ASN M 613 18.51 15.54 30.68
CA ASN M 613 17.28 14.78 30.82
C ASN M 613 16.41 14.89 29.59
N LEU M 614 16.05 16.11 29.19
CA LEU M 614 15.18 16.27 28.02
C LEU M 614 15.80 15.69 26.76
N SER M 615 17.13 15.74 26.60
CA SER M 615 17.76 15.16 25.41
C SER M 615 17.51 13.67 25.32
N ARG M 616 17.57 12.95 26.45
CA ARG M 616 17.30 11.51 26.38
C ARG M 616 15.87 11.28 25.96
N LEU M 617 14.91 11.99 26.57
CA LEU M 617 13.51 11.83 26.21
C LEU M 617 13.29 12.17 24.75
N TYR M 618 13.91 13.26 24.30
CA TYR M 618 13.76 13.66 22.91
C TYR M 618 14.29 12.59 21.97
N GLU M 619 15.48 12.07 22.25
CA GLU M 619 16.02 11.06 21.36
C GLU M 619 15.11 9.84 21.26
N LYS M 620 14.40 9.49 22.32
CA LYS M 620 13.52 8.33 22.27
C LYS M 620 12.26 8.61 21.47
N ASN M 621 11.71 9.80 21.57
CA ASN M 621 10.45 10.10 20.90
C ASN M 621 10.55 10.95 19.66
N LYS M 622 11.75 11.36 19.23
CA LYS M 622 11.86 12.28 18.09
C LYS M 622 11.16 11.75 16.85
N ASP M 623 11.27 10.45 16.56
CA ASP M 623 10.68 9.83 15.37
C ASP M 623 9.22 9.39 15.52
N ILE M 624 8.68 9.32 16.74
CA ILE M 624 7.30 8.88 16.94
C ILE M 624 6.34 9.99 16.51
N THR M 625 5.36 9.64 15.67
CA THR M 625 4.38 10.60 15.17
C THR M 625 2.94 10.29 15.52
N VAL M 626 2.64 9.09 16.03
CA VAL M 626 1.28 8.72 16.39
C VAL M 626 1.27 8.18 17.82
N TYR M 627 0.50 8.83 18.69
CA TYR M 627 0.39 8.40 20.06
C TYR M 627 -1.03 8.00 20.45
N TYR M 628 -2.02 8.34 19.63
CA TYR M 628 -3.41 8.01 19.91
C TYR M 628 -4.08 7.52 18.64
N GLU M 629 -4.97 6.53 18.81
CA GLU M 629 -5.72 5.97 17.69
C GLU M 629 -6.75 4.95 18.16
N MET N 1 4.66 25.33 93.75
CA MET N 1 5.10 26.56 93.09
C MET N 1 4.07 27.13 92.09
N LYS N 2 3.13 27.92 92.61
CA LYS N 2 2.11 28.54 91.78
C LYS N 2 2.60 29.94 91.37
N TRP N 3 1.85 30.57 90.47
CA TRP N 3 2.20 31.91 90.03
C TRP N 3 1.28 32.90 90.76
N VAL N 4 1.31 34.17 90.36
CA VAL N 4 0.53 35.24 90.99
C VAL N 4 -0.88 34.84 91.35
N ASN N 5 -1.27 35.09 92.60
CA ASN N 5 -2.60 34.78 93.07
C ASN N 5 -3.57 35.85 92.58
N LYS N 6 -4.84 35.46 92.44
CA LYS N 6 -5.85 36.38 91.95
C LYS N 6 -5.92 37.64 92.80
N GLY N 7 -5.61 37.53 94.09
CA GLY N 7 -5.70 38.69 94.97
C GLY N 7 -4.77 39.83 94.60
N THR N 8 -3.48 39.53 94.42
CA THR N 8 -2.54 40.60 94.08
C THR N 8 -2.82 41.17 92.68
N VAL N 9 -3.42 40.38 91.78
CA VAL N 9 -3.75 40.89 90.46
C VAL N 9 -4.76 42.03 90.58
N GLU N 10 -5.79 41.82 91.40
CA GLU N 10 -6.82 42.81 91.61
C GLU N 10 -6.24 44.08 92.22
N ARG N 11 -5.33 43.94 93.19
CA ARG N 11 -4.72 45.13 93.82
C ARG N 11 -3.81 45.88 92.85
N VAL N 12 -3.21 45.19 91.89
CA VAL N 12 -2.34 45.85 90.93
C VAL N 12 -3.16 46.59 89.89
N LYS N 13 -4.27 45.99 89.45
CA LYS N 13 -5.12 46.64 88.45
C LYS N 13 -5.82 47.84 89.06
N GLN N 14 -6.13 47.79 90.35
CA GLN N 14 -6.77 48.90 91.04
C GLN N 14 -5.85 50.11 91.13
N GLU N 15 -4.53 49.91 91.06
CA GLU N 15 -3.58 51.01 91.15
C GLU N 15 -3.06 51.50 89.80
N PHE N 16 -2.87 50.61 88.83
CA PHE N 16 -2.34 50.98 87.52
C PHE N 16 -3.36 50.66 86.44
N LYS N 17 -4.58 51.13 86.63
CA LYS N 17 -5.72 50.82 85.79
C LYS N 17 -5.51 50.65 84.29
N ASP N 18 -5.17 51.69 83.54
CA ASP N 18 -5.02 51.49 82.10
C ASP N 18 -3.57 51.30 81.71
N GLU N 19 -2.69 51.13 82.69
CA GLU N 19 -1.25 50.96 82.48
C GLU N 19 -0.77 49.52 82.62
N VAL N 20 -1.60 48.60 83.12
CA VAL N 20 -1.21 47.21 83.24
C VAL N 20 -2.22 46.36 82.51
N LYS N 21 -1.77 45.18 82.08
CA LYS N 21 -2.61 44.22 81.38
C LYS N 21 -2.23 42.85 81.91
N TYR N 22 -3.11 42.25 82.72
CA TYR N 22 -2.85 40.94 83.27
C TYR N 22 -2.88 39.91 82.14
N TYR N 23 -2.10 38.83 82.27
CA TYR N 23 -2.08 37.81 81.24
C TYR N 23 -1.69 36.47 81.85
N GLU N 24 -2.09 35.40 81.17
CA GLU N 24 -1.85 34.04 81.61
C GLU N 24 -1.39 33.18 80.45
N THR N 25 -0.53 32.21 80.76
CA THR N 25 0.00 31.26 79.80
C THR N 25 -0.20 29.88 80.38
N LYS N 26 0.05 28.86 79.57
CA LYS N 26 -0.05 27.50 80.08
C LYS N 26 0.87 27.34 81.30
N HIS N 27 1.98 28.11 81.37
CA HIS N 27 2.94 28.02 82.47
C HIS N 27 3.33 29.31 83.18
N THR N 28 2.82 30.49 82.79
CA THR N 28 3.21 31.71 83.49
C THR N 28 2.02 32.65 83.66
N LYS N 29 2.10 33.49 84.68
CA LYS N 29 1.10 34.50 84.99
C LYS N 29 1.85 35.78 85.28
N GLY N 30 1.36 36.89 84.76
CA GLY N 30 2.06 38.14 85.00
C GLY N 30 1.35 39.34 84.41
N PHE N 31 2.13 40.39 84.19
CA PHE N 31 1.60 41.63 83.65
C PHE N 31 2.47 42.23 82.55
N GLU N 32 1.81 43.04 81.75
CA GLU N 32 2.39 43.85 80.70
C GLU N 32 2.08 45.27 81.14
N VAL N 33 3.09 46.12 81.24
CA VAL N 33 2.90 47.48 81.71
C VAL N 33 3.49 48.48 80.71
N SER N 34 3.02 49.73 80.79
CA SER N 34 3.54 50.78 79.91
C SER N 34 4.91 51.22 80.40
N HIS N 35 5.77 51.60 79.45
CA HIS N 35 7.13 51.99 79.79
C HIS N 35 7.19 52.96 80.97
N ASP N 36 6.40 54.03 80.93
CA ASP N 36 6.42 55.03 82.00
C ASP N 36 5.93 54.50 83.35
N PHE N 37 5.39 53.27 83.40
CA PHE N 37 4.90 52.74 84.68
C PHE N 37 5.61 51.46 85.09
N LEU N 38 6.66 51.05 84.37
CA LEU N 38 7.42 49.85 84.72
C LEU N 38 8.03 49.99 86.10
N LYS N 39 8.84 51.03 86.32
CA LYS N 39 9.44 51.19 87.64
C LYS N 39 8.37 51.26 88.72
N PRO N 40 7.31 52.06 88.59
CA PRO N 40 6.28 52.05 89.65
C PRO N 40 5.63 50.68 89.83
N LEU N 41 5.38 49.93 88.75
CA LEU N 41 4.78 48.62 88.93
C LEU N 41 5.73 47.69 89.68
N LEU N 42 7.01 47.68 89.28
CA LEU N 42 8.00 46.84 89.95
C LEU N 42 8.15 47.22 91.42
N LYS N 43 8.17 48.53 91.71
CA LYS N 43 8.26 48.97 93.10
C LYS N 43 7.04 48.53 93.89
N PHE N 44 5.87 48.56 93.25
CA PHE N 44 4.63 48.15 93.90
C PHE N 44 4.66 46.66 94.22
N LEU N 45 5.08 45.86 93.25
CA LEU N 45 5.13 44.42 93.44
C LEU N 45 6.09 44.03 94.55
N LYS N 46 7.17 44.79 94.75
CA LYS N 46 8.14 44.46 95.78
C LYS N 46 7.72 44.94 97.17
N GLU N 47 7.60 46.25 97.35
CA GLU N 47 7.31 46.82 98.67
C GLU N 47 5.87 46.55 99.12
N ARG N 48 4.89 46.83 98.28
CA ARG N 48 3.52 46.66 98.74
C ARG N 48 2.94 45.28 98.44
N GLU N 49 3.68 44.37 97.81
CA GLU N 49 3.13 43.05 97.53
C GLU N 49 4.02 41.88 97.95
N ARG N 50 5.19 42.15 98.55
CA ARG N 50 6.15 41.18 99.09
C ARG N 50 6.90 40.36 98.06
N PHE N 51 6.87 40.72 96.78
CA PHE N 51 7.62 39.97 95.77
C PHE N 51 9.04 40.53 95.74
N LEU N 52 9.68 40.47 96.90
CA LEU N 52 11.01 41.03 97.11
C LEU N 52 12.15 40.21 96.51
N HIS N 53 12.06 38.90 96.48
CA HIS N 53 13.16 38.09 95.96
C HIS N 53 13.30 38.27 94.44
N PHE N 54 14.45 38.81 94.01
CA PHE N 54 14.70 39.01 92.58
C PHE N 54 15.20 37.72 91.96
N VAL N 55 14.57 37.30 90.86
CA VAL N 55 14.96 36.06 90.18
C VAL N 55 15.81 36.36 88.95
N ASP N 56 15.26 37.10 88.00
CA ASP N 56 16.02 37.41 86.79
C ASP N 56 15.31 38.54 86.04
N MET N 57 16.00 39.03 85.03
CA MET N 57 15.53 40.05 84.10
C MET N 57 16.36 39.89 82.84
N THR N 58 15.73 40.15 81.70
CA THR N 58 16.42 40.05 80.42
C THR N 58 15.58 40.78 79.38
N CYS N 59 15.96 40.64 78.11
CA CYS N 59 15.25 41.26 77.02
C CYS N 59 15.02 40.25 75.90
N ILE N 60 14.01 40.52 75.10
CA ILE N 60 13.67 39.73 73.93
C ILE N 60 13.65 40.68 72.75
N ASP N 61 14.20 40.25 71.62
CA ASP N 61 14.27 41.07 70.42
C ASP N 61 13.17 40.70 69.45
N PHE N 62 12.24 41.64 69.21
CA PHE N 62 11.13 41.49 68.25
C PHE N 62 11.34 42.57 67.21
N PRO N 63 12.22 42.35 66.23
CA PRO N 63 12.47 43.40 65.21
C PRO N 63 11.21 43.87 64.50
N GLU N 64 10.21 43.03 64.35
CA GLU N 64 9.00 43.44 63.66
C GLU N 64 8.13 44.40 64.47
N HIS N 65 8.53 44.75 65.70
CA HIS N 65 7.74 45.65 66.51
C HIS N 65 8.41 47.02 66.58
N PRO N 66 7.63 48.11 66.63
CA PRO N 66 8.22 49.45 66.66
C PRO N 66 9.22 49.69 67.79
N ASN N 67 8.96 49.23 69.00
CA ASN N 67 9.87 49.44 70.13
C ASN N 67 11.04 48.46 70.14
N ARG N 68 10.85 47.29 69.53
CA ARG N 68 11.84 46.24 69.30
C ARG N 68 12.38 45.47 70.48
N PHE N 69 12.28 45.98 71.70
CA PHE N 69 12.88 45.26 72.82
C PHE N 69 11.91 45.26 73.99
N GLN N 70 11.51 44.07 74.39
CA GLN N 70 10.60 43.90 75.51
C GLN N 70 11.41 43.43 76.70
N GLY N 71 11.35 44.18 77.79
CA GLY N 71 12.08 43.81 79.01
C GLY N 71 11.25 42.80 79.79
N VAL N 72 11.91 41.75 80.25
CA VAL N 72 11.23 40.68 80.99
C VAL N 72 11.82 40.63 82.39
N TYR N 73 10.95 40.66 83.38
CA TYR N 73 11.33 40.64 84.78
C TYR N 73 10.63 39.47 85.46
N ILE N 74 11.33 38.85 86.40
CA ILE N 74 10.78 37.73 87.14
C ILE N 74 11.10 37.94 88.61
N LEU N 75 10.08 38.03 89.43
CA LEU N 75 10.23 38.24 90.86
C LEU N 75 9.67 37.02 91.56
N TYR N 76 9.98 36.92 92.85
CA TYR N 76 9.52 35.78 93.64
C TYR N 76 9.07 36.25 95.01
N ASN N 77 7.95 35.69 95.47
CA ASN N 77 7.38 35.99 96.78
C ASN N 77 7.70 34.83 97.70
N PRO N 78 8.73 34.95 98.56
CA PRO N 78 9.05 33.83 99.44
C PRO N 78 8.00 33.55 100.49
N GLU N 79 7.25 34.57 100.93
CA GLU N 79 6.24 34.34 101.95
C GLU N 79 5.08 33.49 101.45
N GLU N 80 4.80 33.51 100.14
CA GLU N 80 3.69 32.73 99.62
C GLU N 80 4.09 31.68 98.58
N ASN N 81 5.37 31.63 98.16
CA ASN N 81 5.86 30.66 97.18
C ASN N 81 5.19 30.85 95.81
N GLU N 82 5.22 32.09 95.31
CA GLU N 82 4.63 32.46 94.04
C GLU N 82 5.62 33.26 93.19
N ARG N 83 5.44 33.20 91.87
CA ARG N 83 6.29 33.91 90.92
C ARG N 83 5.48 34.89 90.08
N VAL N 84 6.12 35.98 89.70
CA VAL N 84 5.52 37.02 88.89
C VAL N 84 6.44 37.32 87.73
N ILE N 85 5.87 37.61 86.58
CA ILE N 85 6.63 37.97 85.40
C ILE N 85 6.06 39.29 84.91
N VAL N 86 6.92 40.24 84.59
CA VAL N 86 6.51 41.56 84.15
C VAL N 86 7.18 41.86 82.82
N LYS N 87 6.40 42.36 81.87
CA LYS N 87 6.91 42.71 80.55
C LYS N 87 6.70 44.19 80.26
N SER N 88 7.60 44.76 79.46
CA SER N 88 7.50 46.17 79.09
C SER N 88 8.35 46.47 77.88
N TRP N 89 7.89 47.41 77.06
CA TRP N 89 8.60 47.80 75.86
C TRP N 89 9.58 48.92 76.19
N ALA N 90 10.68 48.93 75.44
CA ALA N 90 11.71 49.94 75.61
C ALA N 90 11.34 51.18 74.81
N LYS N 91 11.31 52.33 75.49
CA LYS N 91 10.97 53.59 74.86
C LYS N 91 12.25 54.21 74.31
N ASP N 92 12.38 54.22 72.98
CA ASP N 92 13.55 54.79 72.29
C ASP N 92 14.82 54.07 72.72
N GLY N 93 14.77 52.74 72.72
CA GLY N 93 15.91 51.93 73.09
C GLY N 93 16.36 52.06 74.53
N LYS N 94 15.50 52.60 75.40
CA LYS N 94 15.84 52.78 76.80
C LYS N 94 14.81 52.11 77.68
N LEU N 95 15.22 51.87 78.93
CA LEU N 95 14.40 51.24 79.96
C LEU N 95 14.83 51.83 81.29
N PRO N 96 13.99 51.73 82.32
CA PRO N 96 14.39 52.27 83.61
C PRO N 96 15.29 51.33 84.39
N THR N 97 16.16 51.93 85.19
CA THR N 97 17.05 51.15 86.02
C THR N 97 16.27 50.54 87.18
N VAL N 98 16.64 49.31 87.52
CA VAL N 98 16.05 48.57 88.61
C VAL N 98 17.07 48.24 89.69
N GLU N 99 18.31 48.71 89.55
CA GLU N 99 19.36 48.40 90.53
C GLU N 99 19.07 49.00 91.90
N ASP N 100 18.28 50.08 91.99
CA ASP N 100 17.97 50.65 93.29
C ASP N 100 16.90 49.85 94.04
N LEU N 101 16.13 49.02 93.34
CA LEU N 101 15.12 48.16 93.96
C LEU N 101 15.75 46.82 94.33
N TRP N 102 16.56 46.27 93.43
CA TRP N 102 17.27 45.01 93.65
C TRP N 102 18.72 45.19 93.23
N PRO N 103 19.67 45.22 94.16
CA PRO N 103 21.07 45.38 93.77
C PRO N 103 21.56 44.29 92.82
N GLY N 104 21.08 43.06 93.00
CA GLY N 104 21.49 41.97 92.13
C GLY N 104 21.18 42.20 90.66
N ALA N 105 20.21 43.06 90.34
CA ALA N 105 19.84 43.35 88.96
C ALA N 105 20.87 44.22 88.25
N LYS N 106 21.85 44.79 88.96
CA LYS N 106 22.84 45.62 88.28
C LYS N 106 23.57 44.81 87.22
N TRP N 107 23.94 43.58 87.55
CA TRP N 107 24.62 42.74 86.59
C TRP N 107 23.67 42.25 85.50
N ALA N 108 22.38 42.08 85.83
CA ALA N 108 21.42 41.66 84.81
C ALA N 108 21.22 42.78 83.80
N GLU N 109 21.25 44.04 84.25
CA GLU N 109 21.14 45.16 83.34
C GLU N 109 22.41 45.28 82.51
N ARG N 110 23.55 44.96 83.12
CA ARG N 110 24.81 44.99 82.38
C ARG N 110 24.78 43.93 81.28
N GLU N 111 24.33 42.71 81.63
CA GLU N 111 24.29 41.63 80.65
C GLU N 111 23.30 41.93 79.53
N ALA N 112 22.11 42.43 79.87
CA ALA N 112 21.12 42.75 78.84
C ALA N 112 21.62 43.87 77.94
N TYR N 113 22.27 44.88 78.53
CA TYR N 113 22.80 45.97 77.73
C TYR N 113 23.87 45.48 76.78
N ASP N 114 24.69 44.53 77.22
CA ASP N 114 25.75 44.01 76.37
C ASP N 114 25.21 43.16 75.24
N MET N 115 24.09 42.46 75.47
CA MET N 115 23.52 41.60 74.46
C MET N 115 22.51 42.27 73.53
N PHE N 116 21.79 43.30 73.98
CA PHE N 116 20.80 43.92 73.13
C PHE N 116 21.02 45.38 72.82
N GLY N 117 21.80 46.10 73.62
CA GLY N 117 22.02 47.50 73.38
C GLY N 117 21.02 48.39 74.06
N VAL N 118 20.17 47.83 74.90
CA VAL N 118 19.21 48.64 75.63
C VAL N 118 19.96 49.33 76.75
N VAL N 119 19.83 50.64 76.84
CA VAL N 119 20.48 51.39 77.89
C VAL N 119 19.47 51.65 78.99
N PHE N 120 19.94 51.65 80.23
CA PHE N 120 19.10 51.86 81.41
C PHE N 120 19.38 53.23 82.00
N GLU N 121 18.43 54.16 81.81
CA GLU N 121 18.57 55.52 82.28
C GLU N 121 18.82 55.53 83.78
N GLY N 122 20.01 56.01 84.18
CA GLY N 122 20.38 56.06 85.58
C GLY N 122 21.05 54.81 86.10
N HIS N 123 21.80 54.10 85.27
CA HIS N 123 22.44 52.88 85.76
C HIS N 123 23.74 53.13 86.53
N GLU N 124 24.21 54.37 86.64
CA GLU N 124 25.45 54.60 87.37
C GLU N 124 26.62 53.88 86.71
N ASN N 125 27.12 54.42 85.60
CA ASN N 125 28.24 53.86 84.84
C ASN N 125 27.88 52.52 84.20
N LEU N 126 26.94 52.55 83.27
CA LEU N 126 26.56 51.32 82.60
C LEU N 126 27.70 50.88 81.69
N ARG N 127 28.26 49.70 81.94
CA ARG N 127 29.33 49.15 81.14
C ARG N 127 28.97 47.72 80.72
N ARG N 128 29.55 47.27 79.61
CA ARG N 128 29.26 45.92 79.12
C ARG N 128 29.65 44.85 80.15
N MET N 129 28.87 43.78 80.19
CA MET N 129 29.09 42.68 81.12
C MET N 129 30.15 41.70 80.61
N PHE N 130 29.97 41.16 79.39
CA PHE N 130 30.92 40.22 78.83
C PHE N 130 31.93 40.80 77.84
N MET N 131 31.44 41.46 76.77
CA MET N 131 32.36 42.01 75.79
C MET N 131 33.14 43.19 76.35
N TRP N 132 34.24 43.53 75.67
CA TRP N 132 35.15 44.60 76.05
C TRP N 132 34.59 45.97 75.69
N GLU N 133 35.20 46.99 76.29
CA GLU N 133 34.79 48.37 76.04
C GLU N 133 35.15 48.74 74.61
N GLY N 134 34.14 49.12 73.83
CA GLY N 134 34.39 49.51 72.46
C GLY N 134 33.85 48.53 71.47
N TYR N 135 33.33 47.39 71.94
CA TYR N 135 32.74 46.41 71.05
C TYR N 135 31.64 47.12 70.29
N GLU N 136 31.51 46.81 69.00
CA GLU N 136 30.53 47.49 68.15
C GLU N 136 29.23 46.72 67.93
N HIS N 137 28.93 45.68 68.72
CA HIS N 137 27.70 44.94 68.44
C HIS N 137 26.96 44.56 69.72
N TYR N 138 25.79 43.97 69.50
CA TYR N 138 24.88 43.49 70.54
C TYR N 138 24.50 42.10 70.05
N PRO N 139 25.29 41.10 70.43
CA PRO N 139 25.13 39.72 69.93
C PRO N 139 23.77 39.06 69.99
N LEU N 140 22.90 39.37 70.95
CA LEU N 140 21.61 38.68 70.97
C LEU N 140 20.60 39.25 69.99
N ARG N 141 20.92 40.35 69.31
CA ARG N 141 20.00 40.90 68.33
C ARG N 141 19.78 39.90 67.21
N LYS N 142 18.52 39.76 66.82
CA LYS N 142 18.16 38.79 65.80
C LYS N 142 18.86 39.06 64.48
N ASP N 143 19.24 40.32 64.20
CA ASP N 143 19.92 40.60 62.94
C ASP N 143 21.43 40.37 62.98
N PHE N 144 21.97 40.05 64.13
CA PHE N 144 23.41 39.80 64.25
C PHE N 144 23.67 38.30 64.07
N PRO N 145 24.62 37.91 63.22
CA PRO N 145 24.88 36.47 63.00
C PRO N 145 25.53 35.77 64.18
N LEU N 146 25.29 34.46 64.25
CA LEU N 146 25.84 33.65 65.32
C LEU N 146 27.37 33.59 65.25
N GLN N 147 27.92 33.60 64.05
CA GLN N 147 29.37 33.55 63.88
C GLN N 147 30.01 34.93 63.87
N GLY N 148 29.25 35.97 64.19
CA GLY N 148 29.76 37.33 64.21
C GLY N 148 30.03 37.82 62.79
N ILE N 149 30.91 38.80 62.70
CA ILE N 149 31.29 39.41 61.43
C ILE N 149 32.75 39.08 61.13
N PRO N 150 33.04 38.12 60.25
CA PRO N 150 34.44 37.78 59.95
C PRO N 150 35.13 38.94 59.25
N GLU N 151 36.28 39.34 59.77
CA GLU N 151 36.99 40.47 59.19
C GLU N 151 38.48 40.27 58.98
N VAL N 152 39.15 39.37 59.69
CA VAL N 152 40.60 39.22 59.55
C VAL N 152 40.97 37.79 59.18
N GLU N 153 41.96 37.66 58.30
CA GLU N 153 42.47 36.34 57.94
C GLU N 153 43.40 35.92 59.05
N LEU N 154 43.15 34.75 59.62
CA LEU N 154 43.93 34.23 60.75
C LEU N 154 44.33 32.79 60.48
N PRO N 155 45.36 32.57 59.68
CA PRO N 155 45.76 31.19 59.39
C PRO N 155 46.29 30.52 60.65
N SER N 156 46.31 29.19 60.60
CA SER N 156 46.84 28.40 61.70
C SER N 156 48.36 28.50 61.64
N LEU N 157 48.97 29.10 62.67
CA LEU N 157 50.42 29.27 62.71
C LEU N 157 51.16 27.95 62.56
N THR N 158 50.59 26.87 63.08
CA THR N 158 51.26 25.57 62.97
C THR N 158 51.29 25.11 61.52
N GLU N 159 50.26 25.39 60.74
CA GLU N 159 50.27 24.96 59.35
C GLU N 159 51.20 25.84 58.51
N VAL N 160 51.30 27.13 58.83
CA VAL N 160 52.22 28.00 58.09
C VAL N 160 53.67 27.67 58.47
N LEU N 161 53.89 27.27 59.73
CA LEU N 161 55.21 26.90 60.20
C LEU N 161 55.77 25.68 59.48
N HIS N 162 54.93 24.96 58.73
CA HIS N 162 55.34 23.78 57.98
C HIS N 162 55.06 23.93 56.49
N GLY N 163 54.87 25.15 56.01
CA GLY N 163 54.62 25.39 54.61
C GLY N 163 53.24 25.05 54.11
N ARG N 164 52.47 24.26 54.84
CA ARG N 164 51.12 23.90 54.42
C ARG N 164 50.21 25.13 54.38
N THR N 165 49.80 25.52 53.18
CA THR N 165 48.94 26.69 52.99
C THR N 165 47.47 26.37 52.82
N ASP N 166 47.15 25.18 52.33
CA ASP N 166 45.75 24.81 52.13
C ASP N 166 45.08 24.58 53.47
N PRO N 167 43.75 24.69 53.52
CA PRO N 167 43.03 24.49 54.78
C PRO N 167 43.30 23.11 55.33
N PRO N 168 43.52 22.99 56.65
CA PRO N 168 43.80 21.66 57.23
C PRO N 168 42.57 20.78 57.40
N SER N 169 41.36 21.34 57.38
CA SER N 169 40.16 20.54 57.53
C SER N 169 39.07 21.14 56.64
N HIS N 170 38.16 20.28 56.17
CA HIS N 170 37.07 20.73 55.29
C HIS N 170 36.22 21.80 55.94
N ASP N 171 36.25 21.90 57.26
CA ASP N 171 35.48 22.89 57.99
C ASP N 171 36.36 23.94 58.64
N PHE N 172 37.57 24.16 58.15
CA PHE N 172 38.45 25.18 58.69
C PHE N 172 38.16 26.49 57.95
N GLU N 173 37.72 27.51 58.69
CA GLU N 173 37.41 28.80 58.09
C GLU N 173 38.56 29.76 58.36
N LEU N 174 39.20 30.26 57.30
CA LEU N 174 40.35 31.14 57.47
C LEU N 174 39.95 32.50 58.03
N VAL N 175 38.90 33.12 57.48
CA VAL N 175 38.50 34.42 57.98
C VAL N 175 37.89 34.24 59.37
N HIS N 176 38.26 35.13 60.29
CA HIS N 176 37.88 35.06 61.71
C HIS N 176 37.31 36.37 62.20
N THR N 177 36.68 36.30 63.38
CA THR N 177 36.15 37.49 64.01
C THR N 177 37.34 38.34 64.47
N LYS N 178 37.20 39.66 64.37
CA LYS N 178 38.29 40.56 64.74
C LYS N 178 38.75 40.33 66.19
N LEU N 179 40.07 40.38 66.40
CA LEU N 179 40.58 40.17 67.75
C LEU N 179 40.92 41.50 68.41
N PRO N 180 40.64 41.67 69.68
CA PRO N 180 40.95 42.94 70.35
C PRO N 180 42.43 42.99 70.73
N THR N 181 42.85 44.15 71.23
CA THR N 181 44.23 44.36 71.62
C THR N 181 44.34 44.45 73.13
N LEU N 182 45.59 44.40 73.62
CA LEU N 182 45.80 44.50 75.05
C LEU N 182 45.37 45.86 75.57
N GLU N 183 45.39 46.87 74.70
CA GLU N 183 44.95 48.19 75.11
C GLU N 183 43.44 48.18 75.29
N ASP N 184 42.73 47.42 74.43
CA ASP N 184 41.28 47.31 74.54
C ASP N 184 40.87 46.77 75.92
N LEU N 185 41.68 45.87 76.49
CA LEU N 185 41.39 45.32 77.81
C LEU N 185 41.65 46.35 78.90
N GLU N 186 42.65 47.22 78.72
CA GLU N 186 42.89 48.25 79.75
C GLU N 186 41.80 49.29 79.73
N ARG N 187 41.21 49.55 78.56
CA ARG N 187 40.15 50.55 78.51
C ARG N 187 38.93 50.07 79.28
N THR N 188 38.62 48.76 79.20
CA THR N 188 37.48 48.25 79.97
C THR N 188 37.83 48.25 81.46
N GLU N 189 39.11 48.11 81.79
CA GLU N 189 39.52 48.13 83.20
C GLU N 189 39.39 49.55 83.76
N LYS N 190 39.87 50.54 83.01
CA LYS N 190 39.79 51.92 83.48
C LYS N 190 38.35 52.42 83.49
N ALA N 191 37.55 52.02 82.51
CA ALA N 191 36.15 52.45 82.43
C ALA N 191 35.23 51.70 83.38
N ARG N 192 35.77 50.87 84.29
CA ARG N 192 34.94 50.12 85.22
C ARG N 192 34.84 50.82 86.58
N LEU N 193 35.96 51.28 87.13
CA LEU N 193 36.00 51.98 88.40
C LEU N 193 36.80 53.27 88.24
N LYS N 194 36.31 54.36 88.82
CA LYS N 194 37.00 55.63 88.75
C LYS N 194 37.75 55.84 90.06
N LYS N 195 39.01 56.26 89.93
CA LYS N 195 39.95 56.46 91.02
C LYS N 195 39.29 57.04 92.25
N LYS N 196 39.43 56.33 93.38
CA LYS N 196 38.86 56.72 94.66
C LYS N 196 39.93 56.60 95.73
N ALA N 197 40.93 55.75 95.48
CA ALA N 197 42.04 55.54 96.40
C ALA N 197 43.37 55.71 95.66
N GLU N 198 44.48 55.35 96.30
CA GLU N 198 45.80 55.50 95.68
C GLU N 198 46.06 54.69 94.42
N LEU N 199 46.14 53.37 94.57
CA LEU N 199 46.48 52.46 93.49
C LEU N 199 45.29 51.62 93.01
N VAL N 200 45.42 51.13 91.79
CA VAL N 200 44.42 50.29 91.12
C VAL N 200 44.91 48.85 91.15
N LEU N 201 44.52 48.10 92.17
CA LEU N 201 44.93 46.69 92.23
C LEU N 201 44.25 45.93 91.10
N ASN N 202 45.00 45.03 90.46
CA ASN N 202 44.47 44.28 89.32
C ASN N 202 44.71 42.77 89.45
N TRP N 203 43.66 42.04 89.84
CA TRP N 203 43.73 40.59 89.99
C TRP N 203 43.06 39.91 88.80
N GLY N 204 43.74 39.96 87.66
CA GLY N 204 43.24 39.37 86.43
C GLY N 204 43.80 40.06 85.20
N PRO N 205 43.24 39.80 84.02
CA PRO N 205 42.12 38.93 83.66
C PRO N 205 42.44 37.47 83.94
N LEU N 206 43.74 37.19 83.98
CA LEU N 206 44.25 35.85 84.24
C LEU N 206 45.11 35.91 85.49
N HIS N 207 44.77 35.11 86.49
CA HIS N 207 45.54 35.07 87.74
C HIS N 207 45.60 33.63 88.23
N PRO N 208 46.62 33.27 89.00
CA PRO N 208 46.75 31.89 89.47
C PRO N 208 45.80 31.49 90.60
N GLY N 209 44.82 32.32 90.92
CA GLY N 209 43.92 32.01 92.01
C GLY N 209 43.05 30.77 91.79
N THR N 210 42.13 30.58 92.72
CA THR N 210 41.22 29.45 92.67
C THR N 210 40.35 29.52 91.42
N HIS N 211 39.59 30.59 91.28
CA HIS N 211 38.74 30.82 90.12
C HIS N 211 39.51 31.76 89.18
N GLY N 212 40.62 31.20 88.67
CA GLY N 212 41.56 31.94 87.83
C GLY N 212 40.99 32.79 86.72
N THR N 213 39.86 32.39 86.14
CA THR N 213 39.27 33.16 85.03
C THR N 213 38.45 34.36 85.47
N ILE N 214 38.09 34.46 86.75
CA ILE N 214 37.30 35.58 87.24
C ILE N 214 38.22 36.76 87.53
N TRP N 215 37.91 37.90 86.91
CA TRP N 215 38.69 39.14 87.01
C TRP N 215 38.12 40.07 88.08
N PHE N 216 39.00 40.58 88.95
CA PHE N 216 38.62 41.46 90.05
C PHE N 216 39.36 42.80 89.94
N LEU N 217 38.78 43.83 90.54
CA LEU N 217 39.37 45.17 90.58
C LEU N 217 39.18 45.73 91.99
N PHE N 218 40.29 46.04 92.67
CA PHE N 218 40.25 46.55 94.04
C PHE N 218 40.87 47.95 94.14
N ASP N 219 40.18 48.83 94.85
CA ASP N 219 40.63 50.19 95.13
C ASP N 219 41.04 50.15 96.60
N LEU N 220 42.34 50.15 96.86
CA LEU N 220 42.87 50.01 98.20
C LEU N 220 43.53 51.27 98.74
N GLU N 221 43.44 51.43 100.06
CA GLU N 221 44.07 52.47 100.86
C GLU N 221 44.85 51.62 101.83
N GLY N 222 46.03 51.18 101.40
CA GLY N 222 46.87 50.30 102.18
C GLY N 222 46.42 48.86 102.01
N GLU N 223 45.75 48.30 103.03
CA GLU N 223 45.25 46.93 102.97
C GLU N 223 43.74 46.84 103.02
N LYS N 224 43.04 47.96 103.20
CA LYS N 224 41.59 48.01 103.26
C LYS N 224 41.06 48.25 101.85
N VAL N 225 39.89 47.67 101.56
CA VAL N 225 39.25 47.79 100.24
C VAL N 225 38.17 48.87 100.30
N VAL N 226 38.36 49.92 99.50
CA VAL N 226 37.42 51.03 99.44
C VAL N 226 36.36 50.72 98.41
N GLN N 227 36.78 50.50 97.16
CA GLN N 227 35.93 50.15 96.04
C GLN N 227 36.37 48.81 95.48
N SER N 228 35.45 48.14 94.76
CA SER N 228 35.76 46.86 94.15
C SER N 228 34.70 46.55 93.09
N ASP N 229 35.14 45.96 91.98
CA ASP N 229 34.23 45.59 90.90
C ASP N 229 34.69 44.26 90.32
N VAL N 230 33.85 43.67 89.48
CA VAL N 230 34.14 42.39 88.86
C VAL N 230 33.95 42.53 87.35
N ILE N 231 34.81 41.85 86.59
CA ILE N 231 34.75 41.89 85.14
C ILE N 231 34.66 40.44 84.66
N LEU N 232 33.54 40.09 84.04
CA LEU N 232 33.34 38.75 83.55
C LEU N 232 33.56 38.70 82.05
N GLY N 233 33.26 37.55 81.44
CA GLY N 233 33.42 37.37 80.01
C GLY N 233 34.61 36.53 79.62
N GLN N 234 35.41 36.06 80.57
CA GLN N 234 36.56 35.24 80.22
C GLN N 234 36.17 33.85 79.73
N LEU N 235 34.87 33.55 79.74
CA LEU N 235 34.36 32.28 79.23
C LEU N 235 33.05 32.47 78.46
N HIS N 236 32.65 33.71 78.15
CA HIS N 236 31.41 33.93 77.43
C HIS N 236 31.56 33.50 75.98
N ARG N 237 30.82 32.47 75.59
CA ARG N 237 30.89 31.94 74.23
C ARG N 237 29.57 32.08 73.47
N GLY N 238 28.56 32.71 74.06
CA GLY N 238 27.28 32.88 73.38
C GLY N 238 26.30 31.75 73.52
N MET N 239 26.16 31.20 74.73
CA MET N 239 25.25 30.08 74.96
C MET N 239 23.82 30.43 74.58
N GLU N 240 23.30 31.57 75.08
CA GLU N 240 21.93 31.96 74.77
C GLU N 240 21.67 32.11 73.28
N LYS N 241 22.70 32.46 72.50
CA LYS N 241 22.49 32.58 71.06
C LYS N 241 22.58 31.24 70.34
N LEU N 242 23.30 30.27 70.91
CA LEU N 242 23.38 28.96 70.28
C LEU N 242 22.03 28.24 70.31
N ALA N 243 21.29 28.41 71.40
CA ALA N 243 20.00 27.74 71.52
C ALA N 243 19.03 28.21 70.45
N GLU N 244 19.09 29.51 70.12
CA GLU N 244 18.23 30.07 69.09
C GLU N 244 18.44 29.38 67.74
N ASN N 245 19.57 28.71 67.55
CA ASN N 245 19.89 28.08 66.28
C ASN N 245 19.86 26.55 66.31
N LEU N 246 19.42 25.94 67.42
CA LEU N 246 19.42 24.48 67.53
C LEU N 246 18.05 23.94 67.90
N HIS N 247 17.82 22.67 67.60
CA HIS N 247 16.58 22.05 68.02
C HIS N 247 16.66 21.85 69.54
N TYR N 248 15.51 21.58 70.17
CA TYR N 248 15.53 21.43 71.62
C TYR N 248 16.46 20.31 72.07
N PHE N 249 16.35 19.12 71.46
CA PHE N 249 17.21 18.02 71.89
C PHE N 249 18.68 18.28 71.60
N GLN N 250 18.99 19.17 70.66
CA GLN N 250 20.39 19.47 70.35
C GLN N 250 21.07 20.32 71.43
N PHE N 251 20.29 21.02 72.25
CA PHE N 251 20.90 21.87 73.26
C PHE N 251 21.30 21.12 74.50
N ILE N 252 20.82 19.88 74.70
CA ILE N 252 21.18 19.13 75.91
C ILE N 252 22.70 19.08 76.12
N PRO N 253 23.52 18.75 75.12
CA PRO N 253 24.98 18.72 75.37
C PRO N 253 25.57 20.07 75.73
N TYR N 254 24.95 21.19 75.37
CA TYR N 254 25.52 22.49 75.73
C TYR N 254 25.24 22.84 77.19
N THR N 255 24.25 22.22 77.82
CA THR N 255 24.01 22.51 79.22
C THR N 255 25.10 21.89 80.08
N ASP N 256 25.70 20.78 79.59
CA ASP N 256 26.79 20.15 80.32
C ASP N 256 27.98 21.10 80.43
N ARG N 257 28.14 21.96 79.43
CA ARG N 257 29.26 22.89 79.35
C ARG N 257 28.98 24.24 80.00
N MET N 258 27.97 24.34 80.86
CA MET N 258 27.73 25.61 81.54
C MET N 258 28.37 25.49 82.91
N ASP N 259 27.79 24.66 83.79
CA ASP N 259 28.34 24.36 85.11
C ASP N 259 28.89 22.96 84.92
N TYR N 260 30.04 22.89 84.24
CA TYR N 260 30.65 21.60 83.92
C TYR N 260 30.92 20.75 85.17
N ILE N 261 31.00 21.36 86.35
CA ILE N 261 31.28 20.56 87.55
C ILE N 261 30.09 19.70 87.92
N SER N 262 28.88 20.12 87.57
CA SER N 262 27.64 19.37 87.82
C SER N 262 26.87 19.39 86.50
N ALA N 263 27.25 18.47 85.59
CA ALA N 263 26.64 18.41 84.26
C ALA N 263 25.20 17.90 84.28
N ILE N 264 24.95 16.77 84.95
CA ILE N 264 23.60 16.21 84.98
C ILE N 264 22.62 17.18 85.63
N CYS N 265 23.11 18.03 86.54
CA CYS N 265 22.22 18.98 87.19
C CYS N 265 21.71 20.00 86.18
N ASN N 266 22.60 20.49 85.31
CA ASN N 266 22.18 21.44 84.29
C ASN N 266 21.19 20.78 83.33
N GLU N 267 21.46 19.52 82.94
CA GLU N 267 20.55 18.81 82.06
C GLU N 267 19.17 18.68 82.69
N LEU N 268 19.11 18.34 83.98
CA LEU N 268 17.81 18.18 84.63
C LEU N 268 17.00 19.47 84.56
N ALA N 269 17.63 20.62 84.80
CA ALA N 269 16.89 21.89 84.73
C ALA N 269 16.35 22.14 83.32
N TYR N 270 17.23 22.05 82.31
CA TYR N 270 16.81 22.29 80.94
C TYR N 270 15.75 21.28 80.51
N VAL N 271 16.05 19.99 80.68
CA VAL N 271 15.11 18.94 80.29
C VAL N 271 13.78 19.09 81.01
N GLU N 272 13.83 19.45 82.30
CA GLU N 272 12.58 19.64 83.04
C GLU N 272 11.80 20.83 82.48
N THR N 273 12.51 21.85 82.00
CA THR N 273 11.80 23.01 81.45
C THR N 273 11.21 22.68 80.09
N VAL N 274 12.00 22.08 79.21
CA VAL N 274 11.53 21.73 77.88
C VAL N 274 10.38 20.71 77.95
N GLU N 275 10.47 19.74 78.88
CA GLU N 275 9.41 18.74 79.01
C GLU N 275 8.10 19.37 79.45
N ARG N 276 8.14 20.54 80.09
CA ARG N 276 6.90 21.21 80.46
C ARG N 276 6.28 21.86 79.23
N LEU N 277 7.11 22.52 78.43
CA LEU N 277 6.66 23.17 77.20
C LEU N 277 6.01 22.18 76.26
N LEU N 278 6.68 21.05 76.01
CA LEU N 278 6.14 20.04 75.12
C LEU N 278 5.10 19.16 75.77
N GLY N 279 4.92 19.26 77.09
CA GLY N 279 3.94 18.46 77.81
C GLY N 279 4.28 16.99 77.72
N VAL N 280 5.48 16.64 78.16
CA VAL N 280 5.98 15.28 78.10
C VAL N 280 6.06 14.71 79.51
N GLU N 281 5.35 13.62 79.75
CA GLU N 281 5.38 12.92 81.02
C GLU N 281 6.61 12.03 81.04
N VAL N 282 7.23 11.89 82.19
CA VAL N 282 8.44 11.08 82.36
C VAL N 282 8.08 9.79 83.09
N PRO N 283 8.45 8.62 82.56
CA PRO N 283 8.12 7.36 83.23
C PRO N 283 8.73 7.28 84.63
N GLU N 284 8.18 6.39 85.45
CA GLU N 284 8.64 6.27 86.82
C GLU N 284 10.13 5.96 86.91
N LYS N 285 10.58 4.91 86.21
CA LYS N 285 11.98 4.53 86.29
C LYS N 285 12.91 5.70 86.00
N ALA N 286 12.58 6.49 84.97
CA ALA N 286 13.43 7.63 84.60
C ALA N 286 13.41 8.70 85.69
N ARG N 287 12.25 8.91 86.32
CA ARG N 287 12.18 9.92 87.36
C ARG N 287 13.18 9.64 88.47
N TYR N 288 13.26 8.38 88.90
CA TYR N 288 14.19 8.04 89.98
C TYR N 288 15.63 8.02 89.52
N ILE N 289 15.88 7.57 88.28
CA ILE N 289 17.27 7.56 87.82
C ILE N 289 17.80 8.98 87.72
N ARG N 290 16.93 9.92 87.33
CA ARG N 290 17.33 11.32 87.27
C ARG N 290 17.65 11.84 88.66
N THR N 291 16.73 11.62 89.60
CA THR N 291 16.95 12.10 90.96
C THR N 291 18.23 11.53 91.55
N MET N 292 18.50 10.25 91.30
CA MET N 292 19.70 9.66 91.88
C MET N 292 20.96 10.25 91.28
N PHE N 293 21.05 10.31 89.95
CA PHE N 293 22.26 10.86 89.34
C PHE N 293 22.37 12.36 89.54
N ALA N 294 21.26 13.07 89.69
CA ALA N 294 21.37 14.50 89.95
C ALA N 294 21.98 14.72 91.34
N GLU N 295 21.68 13.82 92.29
CA GLU N 295 22.22 13.93 93.64
C GLU N 295 23.68 13.51 93.66
N LEU N 296 24.03 12.52 92.85
CA LEU N 296 25.42 12.10 92.76
C LEU N 296 26.26 13.24 92.21
N GLN N 297 25.66 14.07 91.35
CA GLN N 297 26.37 15.22 90.80
C GLN N 297 26.53 16.32 91.83
N ARG N 298 25.54 16.50 92.72
CA ARG N 298 25.68 17.51 93.75
C ARG N 298 26.84 17.16 94.67
N ILE N 299 26.95 15.88 95.04
CA ILE N 299 28.06 15.47 95.90
C ILE N 299 29.39 15.69 95.18
N ASN N 300 29.46 15.26 93.93
CA ASN N 300 30.68 15.44 93.15
C ASN N 300 31.02 16.92 92.98
N SER N 301 30.00 17.75 92.79
CA SER N 301 30.24 19.19 92.61
C SER N 301 30.68 19.85 93.91
N HIS N 302 30.10 19.42 95.03
CA HIS N 302 30.51 19.99 96.30
C HIS N 302 31.91 19.54 96.67
N LEU N 303 32.27 18.31 96.28
CA LEU N 303 33.61 17.82 96.55
C LEU N 303 34.66 18.66 95.84
N LEU N 304 34.38 19.05 94.58
CA LEU N 304 35.35 19.89 93.86
C LEU N 304 35.50 21.23 94.54
N TRP N 305 34.40 21.84 94.99
CA TRP N 305 34.49 23.12 95.68
C TRP N 305 35.27 22.99 96.98
N LEU N 306 35.14 21.84 97.65
CA LEU N 306 35.88 21.63 98.90
C LEU N 306 37.35 21.37 98.61
N GLY N 307 37.65 20.64 97.54
CA GLY N 307 39.03 20.37 97.19
C GLY N 307 39.76 21.63 96.72
N THR N 308 39.13 22.40 95.84
CA THR N 308 39.76 23.64 95.38
C THR N 308 39.79 24.66 96.50
N GLY N 309 38.85 24.56 97.44
CA GLY N 309 38.85 25.46 98.58
C GLY N 309 40.02 25.14 99.48
N ALA N 310 40.39 23.85 99.56
CA ALA N 310 41.53 23.45 100.38
C ALA N 310 42.83 23.90 99.74
N LEU N 311 42.97 23.70 98.43
CA LEU N 311 44.18 24.09 97.71
C LEU N 311 44.51 25.57 97.91
N ASP N 312 43.49 26.41 98.14
CA ASP N 312 43.72 27.85 98.33
C ASP N 312 44.48 28.15 99.61
N LEU N 313 44.38 27.28 100.61
CA LEU N 313 45.05 27.50 101.89
C LEU N 313 46.03 26.37 102.22
N GLY N 314 46.78 25.94 101.23
CA GLY N 314 47.73 24.85 101.47
C GLY N 314 46.95 23.60 101.75
N ALA N 315 47.33 22.88 102.82
CA ALA N 315 46.66 21.65 103.23
C ALA N 315 46.25 20.83 102.01
N LEU N 316 47.20 20.64 101.09
CA LEU N 316 46.98 19.88 99.86
C LEU N 316 46.46 18.48 100.15
N THR N 317 46.54 18.04 101.40
CA THR N 317 46.06 16.72 101.78
C THR N 317 44.55 16.59 101.58
N VAL N 318 43.82 17.68 101.81
CA VAL N 318 42.37 17.66 101.63
C VAL N 318 41.99 17.66 100.17
N PHE N 319 42.79 18.32 99.32
CA PHE N 319 42.49 18.33 97.90
C PHE N 319 42.53 16.92 97.32
N LEU N 320 43.52 16.12 97.71
CA LEU N 320 43.67 14.76 97.19
C LEU N 320 42.52 13.85 97.62
N TYR N 321 42.16 13.86 98.90
CA TYR N 321 41.07 12.99 99.36
C TYR N 321 39.75 13.34 98.69
N ALA N 322 39.48 14.63 98.49
CA ALA N 322 38.24 15.05 97.84
C ALA N 322 38.13 14.49 96.43
N PHE N 323 39.22 14.55 95.66
CA PHE N 323 39.21 14.03 94.30
C PHE N 323 39.20 12.52 94.26
N ARG N 324 39.59 11.85 95.35
CA ARG N 324 39.55 10.40 95.36
C ARG N 324 38.09 9.92 95.35
N GLU N 325 37.21 10.67 96.02
CA GLU N 325 35.79 10.35 96.05
C GLU N 325 35.12 10.75 94.76
N ARG N 326 35.63 11.83 94.13
CA ARG N 326 35.09 12.25 92.84
C ARG N 326 35.35 11.19 91.78
N GLU N 327 36.55 10.59 91.81
CA GLU N 327 36.88 9.54 90.84
C GLU N 327 35.92 8.37 90.97
N LYS N 328 35.44 8.11 92.19
CA LYS N 328 34.49 7.03 92.39
C LYS N 328 33.15 7.41 91.77
N ILE N 329 32.71 8.64 92.00
CA ILE N 329 31.45 9.11 91.42
C ILE N 329 31.56 9.13 89.90
N MET N 330 32.73 9.51 89.38
CA MET N 330 32.88 9.57 87.93
C MET N 330 32.87 8.17 87.32
N ASP N 331 33.40 7.16 88.03
CA ASP N 331 33.35 5.81 87.49
C ASP N 331 31.90 5.36 87.34
N ILE N 332 31.01 5.87 88.18
CA ILE N 332 29.59 5.52 88.08
C ILE N 332 28.95 6.26 86.90
N ILE N 333 29.19 7.57 86.82
CA ILE N 333 28.62 8.37 85.74
C ILE N 333 29.18 7.89 84.41
N GLU N 334 30.49 7.71 84.33
CA GLU N 334 31.10 7.27 83.08
C GLU N 334 30.57 5.91 82.63
N GLY N 335 30.35 4.99 83.59
CA GLY N 335 29.87 3.67 83.24
C GLY N 335 28.45 3.61 82.70
N ASN N 336 27.59 4.53 83.14
CA ASN N 336 26.19 4.57 82.69
C ASN N 336 25.96 5.57 81.57
N ALA N 337 26.54 6.76 81.65
CA ALA N 337 26.36 7.78 80.62
C ALA N 337 27.31 7.60 79.43
N GLY N 338 28.56 7.20 79.70
CA GLY N 338 29.53 7.01 78.64
C GLY N 338 30.59 8.08 78.56
N TYR N 339 30.50 9.13 79.35
CA TYR N 339 31.49 10.20 79.37
C TYR N 339 31.66 10.63 80.82
N ARG N 340 32.89 11.03 81.16
CA ARG N 340 33.23 11.36 82.54
C ARG N 340 32.62 12.68 83.03
N LEU N 341 32.91 13.79 82.36
CA LEU N 341 32.43 15.10 82.84
C LEU N 341 31.17 15.56 82.12
N THR N 342 31.21 15.66 80.80
CA THR N 342 30.08 16.09 79.98
C THR N 342 29.24 14.84 79.69
N SER N 343 28.50 14.44 80.74
CA SER N 343 27.69 13.22 80.73
C SER N 343 26.81 13.05 79.50
N CYS N 344 25.90 14.02 79.26
CA CYS N 344 24.95 13.90 78.17
C CYS N 344 24.16 12.61 78.37
N PHE N 345 23.59 12.49 79.57
CA PHE N 345 22.84 11.34 80.03
C PHE N 345 21.34 11.50 79.89
N LEU N 346 20.79 12.66 80.22
CA LEU N 346 19.35 12.87 80.14
C LEU N 346 18.91 13.14 78.71
N ARG N 347 17.64 12.83 78.45
CA ARG N 347 16.99 13.00 77.15
C ARG N 347 15.61 13.59 77.38
N ILE N 348 15.08 14.26 76.36
CA ILE N 348 13.72 14.78 76.48
C ILE N 348 12.83 13.54 76.55
N GLY N 349 12.21 13.31 77.71
CA GLY N 349 11.36 12.16 77.89
C GLY N 349 11.87 11.10 78.85
N GLY N 350 13.09 11.26 79.38
CA GLY N 350 13.64 10.28 80.30
C GLY N 350 15.14 10.31 80.39
N VAL N 351 15.77 9.14 80.23
CA VAL N 351 17.22 9.01 80.26
C VAL N 351 17.64 8.30 78.99
N HIS N 352 18.93 8.43 78.65
CA HIS N 352 19.47 7.86 77.42
C HIS N 352 19.40 6.33 77.42
N TYR N 353 19.92 5.69 78.45
CA TYR N 353 19.87 4.24 78.52
C TYR N 353 19.36 3.83 79.89
N ASP N 354 19.12 2.52 80.03
CA ASP N 354 18.73 1.98 81.31
C ASP N 354 20.00 1.88 82.15
N LEU N 355 19.88 1.48 83.40
CA LEU N 355 21.07 1.39 84.23
C LEU N 355 21.97 0.24 83.78
N ALA N 356 23.28 0.46 83.86
CA ALA N 356 24.25 -0.55 83.47
C ALA N 356 24.32 -1.62 84.55
N GLU N 357 24.46 -2.87 84.10
CA GLU N 357 24.53 -4.01 85.01
C GLU N 357 25.46 -3.73 86.18
N GLY N 358 24.98 -4.06 87.38
CA GLY N 358 25.76 -3.86 88.58
C GLY N 358 25.87 -2.43 89.06
N THR N 359 25.21 -1.47 88.43
CA THR N 359 25.32 -0.11 88.92
C THR N 359 24.71 0.02 90.31
N LEU N 360 23.65 -0.74 90.59
CA LEU N 360 23.05 -0.65 91.91
C LEU N 360 23.96 -1.24 92.97
N ASP N 361 24.67 -2.32 92.64
CA ASP N 361 25.59 -2.93 93.60
C ASP N 361 26.75 -1.99 93.90
N VAL N 362 27.20 -1.24 92.90
CA VAL N 362 28.32 -0.32 93.08
C VAL N 362 27.86 0.91 93.86
N VAL N 363 26.67 1.43 93.56
CA VAL N 363 26.17 2.58 94.29
C VAL N 363 26.03 2.26 95.77
N LYS N 364 25.60 1.03 96.08
CA LYS N 364 25.45 0.62 97.47
C LYS N 364 26.79 0.57 98.18
N HIS N 365 27.83 0.13 97.47
CA HIS N 365 29.17 0.07 98.04
C HIS N 365 29.71 1.46 98.35
N PHE N 366 29.19 2.48 97.67
CA PHE N 366 29.58 3.87 97.87
C PHE N 366 28.77 4.52 98.99
N ILE N 367 27.46 4.32 98.98
CA ILE N 367 26.58 4.90 100.00
C ILE N 367 26.83 4.30 101.38
N LYS N 368 27.41 3.11 101.45
CA LYS N 368 27.67 2.50 102.74
C LYS N 368 28.92 3.10 103.38
N ASP N 369 29.91 3.47 102.57
CA ASP N 369 31.18 4.04 103.01
C ASP N 369 31.15 5.55 103.20
N PHE N 370 30.72 6.29 102.19
CA PHE N 370 30.71 7.76 102.19
C PHE N 370 30.27 8.41 103.49
N PRO N 371 29.26 7.91 104.22
CA PRO N 371 28.93 8.57 105.49
C PRO N 371 30.11 8.64 106.43
N ASN N 372 30.93 7.57 106.48
CA ASN N 372 32.10 7.54 107.35
C ASN N 372 33.20 8.47 106.85
N ARG N 373 33.37 8.55 105.53
CA ARG N 373 34.39 9.41 104.94
C ARG N 373 34.08 10.88 105.17
N LEU N 374 32.80 11.21 105.39
CA LEU N 374 32.44 12.61 105.65
C LEU N 374 32.99 13.04 107.00
N LYS N 375 33.02 12.12 107.97
CA LYS N 375 33.56 12.45 109.27
C LYS N 375 35.05 12.75 109.18
N GLU N 376 35.71 12.27 108.11
CA GLU N 376 37.13 12.54 107.94
C GLU N 376 37.36 14.00 107.60
N TYR N 377 36.63 14.51 106.61
CA TYR N 377 36.77 15.92 106.23
C TYR N 377 36.34 16.83 107.37
N HIS N 378 35.31 16.44 108.11
CA HIS N 378 34.84 17.25 109.24
C HIS N 378 35.96 17.47 110.26
N THR N 379 36.61 16.39 110.69
CA THR N 379 37.68 16.51 111.69
C THR N 379 39.03 16.90 111.08
N LEU N 380 39.29 16.56 109.82
CA LEU N 380 40.56 16.95 109.24
C LEU N 380 40.66 18.46 109.02
N LEU N 381 39.52 19.13 108.89
CA LEU N 381 39.51 20.57 108.65
C LEU N 381 39.59 21.37 109.95
N THR N 382 38.62 21.18 110.86
CA THR N 382 38.65 21.91 112.12
C THR N 382 39.90 21.61 112.93
N ARG N 383 40.70 20.64 112.48
CA ARG N 383 41.95 20.30 113.15
C ARG N 383 42.87 21.52 113.21
N ASN N 384 42.89 22.32 112.14
CA ASN N 384 43.70 23.53 112.06
C ASN N 384 42.81 24.71 112.42
N ARG N 385 42.87 25.16 113.67
CA ARG N 385 42.06 26.30 114.10
C ARG N 385 42.72 27.66 113.86
N ILE N 386 43.91 27.70 113.25
CA ILE N 386 44.57 28.97 112.97
C ILE N 386 43.80 29.77 111.93
N TRP N 387 43.02 29.10 111.09
CA TRP N 387 42.22 29.75 110.06
C TRP N 387 40.73 29.71 110.35
N LEU N 388 40.30 28.87 111.31
CA LEU N 388 38.88 28.79 111.66
C LEU N 388 38.35 30.15 112.10
N ARG N 389 39.18 30.93 112.80
CA ARG N 389 38.78 32.25 113.26
C ARG N 389 38.63 33.21 112.08
N ARG N 390 39.30 32.94 110.97
CA ARG N 390 39.25 33.74 109.75
C ARG N 390 37.94 33.52 108.97
N THR N 391 36.94 32.77 109.48
CA THR N 391 35.70 32.58 108.74
C THR N 391 34.44 32.72 109.57
N LYS N 392 34.47 32.55 110.88
CA LYS N 392 33.28 32.65 111.72
C LYS N 392 32.77 34.06 111.98
N ASP N 393 33.37 35.11 111.41
CA ASP N 393 32.85 36.45 111.71
C ASP N 393 32.72 37.38 110.52
N VAL N 394 33.25 37.06 109.35
CA VAL N 394 33.19 37.95 108.19
C VAL N 394 32.28 37.40 107.10
N GLY N 395 31.92 38.28 106.18
CA GLY N 395 31.08 37.91 105.05
C GLY N 395 29.68 37.50 105.41
N VAL N 396 29.08 38.11 106.44
CA VAL N 396 27.72 37.74 106.82
C VAL N 396 26.76 38.29 105.78
N ILE N 397 25.82 37.44 105.36
CA ILE N 397 24.82 37.81 104.36
C ILE N 397 23.47 37.80 105.06
N THR N 398 22.85 38.97 105.16
CA THR N 398 21.56 39.08 105.81
C THR N 398 20.47 38.61 104.85
N ARG N 399 19.28 38.32 105.39
CA ARG N 399 18.18 37.88 104.55
C ARG N 399 17.77 38.95 103.56
N GLU N 400 17.96 40.23 103.91
CA GLU N 400 17.61 41.29 103.00
C GLU N 400 18.50 41.26 101.77
N ASP N 401 19.78 40.91 101.96
CA ASP N 401 20.72 40.81 100.84
C ASP N 401 20.41 39.58 99.98
N VAL N 402 19.84 38.54 100.58
CA VAL N 402 19.50 37.33 99.83
C VAL N 402 18.42 37.64 98.80
N HIS N 403 17.38 38.36 99.22
CA HIS N 403 16.29 38.70 98.31
C HIS N 403 16.65 39.87 97.41
N ASN N 404 17.46 40.82 97.90
CA ASN N 404 17.84 41.97 97.08
C ASN N 404 18.88 41.59 96.03
N TYR N 405 19.72 40.60 96.29
CA TYR N 405 20.73 40.19 95.32
C TYR N 405 20.33 38.93 94.57
N GLY N 406 19.26 38.26 94.97
CA GLY N 406 18.85 37.07 94.27
C GLY N 406 19.75 35.89 94.56
N LEU N 407 20.19 35.77 95.80
CA LEU N 407 21.06 34.67 96.18
C LEU N 407 20.23 33.39 96.28
N SER N 408 20.88 32.26 96.03
CA SER N 408 20.19 30.98 96.03
C SER N 408 21.17 29.89 96.47
N GLY N 409 20.72 28.65 96.37
CA GLY N 409 21.52 27.49 96.73
C GLY N 409 22.08 27.54 98.14
N PRO N 410 23.28 26.97 98.33
CA PRO N 410 23.88 26.97 99.67
C PRO N 410 24.22 28.37 100.17
N VAL N 411 24.42 29.33 99.26
CA VAL N 411 24.73 30.70 99.68
C VAL N 411 23.57 31.29 100.47
N ALA N 412 22.35 31.06 100.00
CA ALA N 412 21.15 31.58 100.65
C ALA N 412 20.70 30.73 101.84
N ARG N 413 20.82 29.40 101.76
CA ARG N 413 20.40 28.56 102.87
C ARG N 413 21.26 28.78 104.11
N GLY N 414 22.54 29.16 103.93
CA GLY N 414 23.39 29.42 105.07
C GLY N 414 23.01 30.68 105.83
N SER N 415 22.27 31.57 105.20
CA SER N 415 21.83 32.83 105.79
C SER N 415 20.43 32.75 106.38
N GLY N 416 19.87 31.55 106.53
CA GLY N 416 18.56 31.38 107.11
C GLY N 416 17.39 31.10 106.17
N VAL N 417 17.38 31.69 104.98
CA VAL N 417 16.29 31.49 104.02
C VAL N 417 16.38 30.08 103.46
N PRO N 418 15.41 29.20 103.75
CA PRO N 418 15.44 27.82 103.25
C PRO N 418 14.88 27.72 101.82
N TYR N 419 15.50 28.44 100.91
CA TYR N 419 15.06 28.49 99.52
C TYR N 419 15.61 27.28 98.76
N ASP N 420 14.85 26.18 98.76
CA ASP N 420 15.23 24.96 98.06
C ASP N 420 14.12 24.55 97.10
N LEU N 421 14.39 24.68 95.80
CA LEU N 421 13.42 24.32 94.77
C LEU N 421 13.09 22.84 94.75
N ARG N 422 13.96 21.97 95.26
CA ARG N 422 13.64 20.56 95.28
C ARG N 422 12.40 20.29 96.10
N LYS N 423 12.08 21.20 97.02
CA LYS N 423 10.90 21.13 97.86
C LYS N 423 9.86 22.19 97.49
N LEU N 424 10.32 23.40 97.14
CA LEU N 424 9.41 24.49 96.79
C LEU N 424 8.83 24.35 95.39
N GLN N 425 9.62 23.85 94.44
CA GLN N 425 9.19 23.69 93.04
C GLN N 425 9.62 22.29 92.61
N PRO N 426 9.04 21.26 93.23
CA PRO N 426 9.44 19.86 92.96
C PRO N 426 9.49 19.47 91.50
N TYR N 427 10.39 18.50 91.22
CA TYR N 427 10.61 17.90 89.91
C TYR N 427 10.90 16.41 90.08
N ALA N 428 11.68 15.82 89.18
CA ALA N 428 11.88 14.37 88.99
C ALA N 428 11.36 13.43 90.07
N ALA N 429 11.92 13.41 91.28
CA ALA N 429 11.35 12.52 92.29
C ALA N 429 11.47 13.12 93.68
N TYR N 430 11.79 14.40 93.80
CA TYR N 430 11.96 15.04 95.09
C TYR N 430 10.69 15.10 95.91
N ASP N 431 9.56 14.63 95.37
CA ASP N 431 8.32 14.61 96.14
C ASP N 431 8.10 13.26 96.80
N GLU N 432 8.52 12.18 96.15
CA GLU N 432 8.38 10.82 96.68
C GLU N 432 9.59 10.41 97.52
N VAL N 433 10.54 11.32 97.71
CA VAL N 433 11.75 11.07 98.47
C VAL N 433 11.75 11.98 99.70
N GLU N 434 12.20 11.44 100.83
CA GLU N 434 12.26 12.19 102.07
C GLU N 434 13.69 12.63 102.34
N PHE N 435 13.88 13.93 102.56
CA PHE N 435 15.20 14.48 102.85
C PHE N 435 14.99 15.75 103.66
N ASP N 436 16.09 16.29 104.17
CA ASP N 436 16.06 17.50 104.99
C ASP N 436 16.84 18.60 104.29
N ILE N 437 16.48 19.85 104.59
CA ILE N 437 17.08 21.02 103.96
C ILE N 437 18.00 21.67 104.99
N PRO N 438 19.32 21.60 104.82
CA PRO N 438 20.23 22.23 105.79
C PRO N 438 20.09 23.74 105.70
N VAL N 439 20.11 24.39 106.86
CA VAL N 439 19.95 25.84 106.93
C VAL N 439 20.85 26.36 108.05
N GLY N 440 21.47 27.51 107.82
CA GLY N 440 22.35 28.08 108.81
C GLY N 440 21.64 29.11 109.69
N GLU N 441 22.35 29.55 110.71
CA GLU N 441 21.80 30.54 111.62
C GLU N 441 22.62 31.82 111.68
N VAL N 442 23.95 31.72 111.57
CA VAL N 442 24.79 32.92 111.60
C VAL N 442 24.80 33.63 110.25
N GLY N 443 24.92 32.87 109.16
CA GLY N 443 24.93 33.44 107.82
C GLY N 443 26.27 33.94 107.34
N ASP N 444 27.36 33.49 107.95
CA ASP N 444 28.71 33.91 107.59
C ASP N 444 29.36 32.87 106.68
N VAL N 445 30.65 33.04 106.44
CA VAL N 445 31.38 32.12 105.55
C VAL N 445 31.35 30.70 106.11
N TYR N 446 31.46 30.55 107.43
CA TYR N 446 31.45 29.22 108.04
C TYR N 446 30.10 28.53 107.85
N ASP N 447 28.99 29.25 108.01
CA ASP N 447 27.67 28.65 107.84
C ASP N 447 27.49 28.08 106.43
N ARG N 448 28.03 28.76 105.42
CA ARG N 448 27.91 28.26 104.05
C ARG N 448 28.67 26.96 103.86
N TYR N 449 29.81 26.81 104.56
CA TYR N 449 30.57 25.56 104.48
C TYR N 449 29.81 24.41 105.12
N LEU N 450 29.19 24.66 106.29
CA LEU N 450 28.43 23.60 106.94
C LEU N 450 27.19 23.22 106.15
N VAL N 451 26.51 24.20 105.55
CA VAL N 451 25.30 23.88 104.77
C VAL N 451 25.63 22.87 103.69
N ARG N 452 26.71 23.11 102.95
CA ARG N 452 27.09 22.18 101.88
C ARG N 452 27.49 20.81 102.44
N MET N 453 28.03 20.76 103.66
CA MET N 453 28.44 19.48 104.21
C MET N 453 27.26 18.55 104.44
N GLU N 454 26.20 19.03 105.11
CA GLU N 454 25.05 18.15 105.33
C GLU N 454 24.31 17.89 104.03
N GLU N 455 24.45 18.78 103.05
CA GLU N 455 23.81 18.55 101.76
C GLU N 455 24.33 17.26 101.15
N MET N 456 25.63 17.00 101.34
CA MET N 456 26.20 15.76 100.84
C MET N 456 25.61 14.59 101.59
N ALA N 457 25.35 14.77 102.89
CA ALA N 457 24.71 13.72 103.68
C ALA N 457 23.25 13.58 103.24
N GLN N 458 22.54 14.70 103.15
CA GLN N 458 21.15 14.64 102.73
C GLN N 458 21.05 14.05 101.34
N SER N 459 22.03 14.35 100.48
CA SER N 459 22.01 13.77 99.15
C SER N 459 22.23 12.26 99.21
N VAL N 460 23.01 11.80 100.19
CA VAL N 460 23.24 10.37 100.33
C VAL N 460 21.95 9.66 100.74
N ARG N 461 21.14 10.29 101.58
CA ARG N 461 19.88 9.66 101.95
C ARG N 461 18.94 9.61 100.75
N ILE N 462 19.04 10.59 99.85
CA ILE N 462 18.21 10.59 98.66
C ILE N 462 18.62 9.44 97.75
N ILE N 463 19.92 9.28 97.55
CA ILE N 463 20.44 8.20 96.73
C ILE N 463 20.04 6.85 97.32
N GLU N 464 20.10 6.74 98.66
CA GLU N 464 19.72 5.50 99.33
C GLU N 464 18.26 5.13 99.02
N GLN N 465 17.38 6.13 99.03
CA GLN N 465 15.97 5.87 98.75
C GLN N 465 15.75 5.54 97.27
N CYS N 466 16.54 6.13 96.37
CA CYS N 466 16.37 5.84 94.95
C CYS N 466 16.81 4.43 94.61
N VAL N 467 17.80 3.88 95.35
CA VAL N 467 18.29 2.54 95.06
C VAL N 467 17.23 1.49 95.40
N GLN N 468 16.65 1.57 96.60
CA GLN N 468 15.64 0.59 96.98
C GLN N 468 14.41 0.67 96.09
N LYS N 469 14.05 1.87 95.62
CA LYS N 469 12.89 1.96 94.73
C LYS N 469 13.24 1.39 93.36
N LEU N 470 14.47 1.63 92.89
CA LEU N 470 14.89 1.12 91.58
C LEU N 470 15.11 -0.40 91.62
N GLU N 471 15.48 -0.95 92.77
CA GLU N 471 15.67 -2.40 92.85
C GLU N 471 14.35 -3.13 92.70
N LYS N 472 13.24 -2.52 93.14
CA LYS N 472 11.92 -3.12 93.05
C LYS N 472 11.27 -2.96 91.68
N LEU N 473 11.86 -2.17 90.78
CA LEU N 473 11.14 -2.11 89.51
C LEU N 473 11.72 -3.12 88.53
N PRO N 474 10.86 -3.77 87.75
CA PRO N 474 11.37 -4.75 86.78
C PRO N 474 12.16 -4.04 85.69
N LYS N 475 13.11 -4.76 85.10
CA LYS N 475 13.85 -4.10 84.01
C LYS N 475 12.94 -3.89 82.80
N ASP N 476 11.68 -4.27 82.96
CA ASP N 476 10.62 -4.12 81.99
C ASP N 476 10.01 -2.72 82.04
N ALA N 477 10.14 -2.03 83.17
CA ALA N 477 9.62 -0.68 83.30
C ALA N 477 10.31 0.24 82.31
N PRO N 478 9.60 1.20 81.75
CA PRO N 478 10.23 2.11 80.78
C PRO N 478 11.09 3.20 81.41
N TYR N 479 12.10 3.61 80.66
CA TYR N 479 12.99 4.69 81.05
C TYR N 479 12.88 5.84 80.05
N LEU N 480 11.96 5.73 79.10
CA LEU N 480 11.71 6.73 78.07
C LEU N 480 10.23 6.68 77.77
N ASN N 481 9.61 7.85 77.63
CA ASN N 481 8.19 7.95 77.31
C ASN N 481 8.06 7.94 75.80
N LYS N 482 8.09 6.73 75.24
CA LYS N 482 8.00 6.52 73.79
C LYS N 482 6.66 6.89 73.19
N GLU N 483 5.63 7.18 74.00
CA GLU N 483 4.33 7.51 73.42
C GLU N 483 4.23 8.96 72.97
N HIS N 484 5.18 9.80 73.35
CA HIS N 484 5.12 11.20 72.93
C HIS N 484 5.82 11.38 71.59
N PRO N 485 5.23 12.13 70.65
CA PRO N 485 5.86 12.30 69.35
C PRO N 485 7.18 13.04 69.38
N ALA N 486 7.48 13.77 70.46
CA ALA N 486 8.71 14.55 70.58
C ALA N 486 9.87 13.80 71.22
N VAL N 487 9.69 12.53 71.53
CA VAL N 487 10.71 11.71 72.17
C VAL N 487 11.35 10.83 71.12
N ILE N 488 12.63 11.05 70.87
CA ILE N 488 13.34 10.26 69.88
C ILE N 488 13.44 8.84 70.41
N PRO N 489 12.96 7.83 69.67
CA PRO N 489 13.04 6.45 70.15
C PRO N 489 14.46 5.93 70.08
N PRO N 490 14.80 4.94 70.90
CA PRO N 490 16.15 4.40 70.86
C PRO N 490 16.44 3.77 69.51
N LYS N 491 17.73 3.70 69.16
CA LYS N 491 18.11 3.16 67.86
C LYS N 491 17.59 1.74 67.64
N GLU N 492 17.50 0.92 68.69
CA GLU N 492 17.02 -0.44 68.52
C GLU N 492 15.62 -0.49 67.95
N ASP N 493 14.75 0.46 68.33
CA ASP N 493 13.40 0.47 67.80
C ASP N 493 13.39 0.85 66.33
N VAL N 494 14.26 1.79 65.94
CA VAL N 494 14.33 2.20 64.55
C VAL N 494 14.82 1.05 63.69
N PHE N 495 15.69 0.20 64.22
CA PHE N 495 16.17 -0.93 63.46
C PHE N 495 15.11 -1.98 63.23
N HIS N 496 14.01 -1.92 63.99
CA HIS N 496 12.96 -2.93 64.00
C HIS N 496 11.69 -2.60 63.21
N ASP N 497 11.11 -1.41 63.38
CA ASP N 497 9.86 -1.10 62.70
C ASP N 497 9.76 0.35 62.23
N LEU N 498 8.98 0.54 61.15
CA LEU N 498 8.77 1.86 60.57
C LEU N 498 8.01 2.78 61.51
N GLU N 499 7.18 2.20 62.36
CA GLU N 499 6.40 3.00 63.29
C GLU N 499 7.31 3.86 64.17
N SER N 500 8.52 3.39 64.47
CA SER N 500 9.47 4.14 65.28
C SER N 500 10.42 4.97 64.41
N MET N 501 10.81 4.44 63.26
CA MET N 501 11.72 5.12 62.36
C MET N 501 11.21 6.52 61.97
N VAL N 502 9.92 6.62 61.62
CA VAL N 502 9.39 7.93 61.21
C VAL N 502 9.50 8.97 62.33
N LYS N 503 9.51 8.53 63.59
CA LYS N 503 9.64 9.50 64.67
C LYS N 503 11.04 10.12 64.69
N SER N 504 12.07 9.27 64.54
CA SER N 504 13.45 9.73 64.53
C SER N 504 13.69 10.74 63.41
N PHE N 505 13.23 10.41 62.20
CA PHE N 505 13.39 11.31 61.06
C PHE N 505 12.64 12.62 61.30
N ARG N 506 11.41 12.54 61.83
CA ARG N 506 10.64 13.75 62.07
C ARG N 506 11.36 14.74 62.99
N VAL N 507 11.78 14.26 64.15
CA VAL N 507 12.43 15.12 65.14
C VAL N 507 13.80 15.57 64.69
N VAL N 508 14.62 14.65 64.16
CA VAL N 508 15.99 15.01 63.76
C VAL N 508 15.99 16.05 62.65
N VAL N 509 15.07 15.94 61.69
CA VAL N 509 15.02 16.85 60.55
C VAL N 509 14.26 18.12 60.87
N HIS N 510 13.09 18.03 61.52
CA HIS N 510 12.28 19.20 61.81
C HIS N 510 12.27 19.68 63.25
N GLY N 511 12.74 18.88 64.20
CA GLY N 511 12.70 19.29 65.59
C GLY N 511 11.35 18.94 66.20
N GLU N 512 11.29 18.99 67.53
CA GLU N 512 10.04 18.68 68.19
C GLU N 512 9.01 19.76 67.85
N ASP N 513 7.74 19.36 67.81
CA ASP N 513 6.68 20.31 67.49
C ASP N 513 6.28 21.05 68.75
N ALA N 514 7.13 21.98 69.14
CA ALA N 514 6.84 22.75 70.33
C ALA N 514 5.70 23.71 70.07
N PRO N 515 4.79 23.86 71.01
CA PRO N 515 3.71 24.79 70.81
C PRO N 515 4.18 26.18 71.18
N PRO N 516 3.42 27.20 70.80
CA PRO N 516 3.79 28.55 71.18
C PRO N 516 3.58 28.73 72.68
N GLY N 517 4.31 29.70 73.23
CA GLY N 517 4.22 29.97 74.65
C GLY N 517 5.53 30.32 75.31
N GLU N 518 5.47 30.60 76.61
CA GLU N 518 6.63 30.97 77.39
C GLU N 518 6.62 30.10 78.65
N VAL N 519 7.81 29.82 79.18
CA VAL N 519 7.92 28.97 80.37
C VAL N 519 9.15 29.37 81.14
N TYR N 520 9.04 29.37 82.46
CA TYR N 520 10.18 29.65 83.32
C TYR N 520 10.23 28.57 84.38
N PHE N 521 11.30 27.79 84.38
CA PHE N 521 11.46 26.71 85.34
C PHE N 521 12.91 26.69 85.75
N ALA N 522 13.16 26.28 87.00
CA ALA N 522 14.52 26.24 87.52
C ALA N 522 14.79 24.97 88.30
N GLY N 523 16.05 24.58 88.31
CA GLY N 523 16.49 23.40 89.03
C GLY N 523 17.44 23.83 90.15
N GLU N 524 17.45 23.05 91.23
CA GLU N 524 18.33 23.35 92.36
C GLU N 524 19.73 22.84 92.05
N ASN N 525 20.52 23.69 91.39
CA ASN N 525 21.88 23.30 91.06
C ASN N 525 22.79 23.52 92.27
N PRO N 526 23.90 22.79 92.33
CA PRO N 526 24.81 22.93 93.49
C PRO N 526 25.17 24.35 93.85
N ARG N 527 25.20 25.26 92.88
CA ARG N 527 25.57 26.64 93.12
C ARG N 527 24.38 27.60 93.12
N GLY N 528 23.15 27.10 93.20
CA GLY N 528 22.02 28.02 93.22
C GLY N 528 20.95 27.59 92.24
N GLU N 529 19.99 28.50 92.02
CA GLU N 529 18.84 28.31 91.14
C GLU N 529 19.24 28.46 89.67
N LEU N 530 19.21 27.36 88.92
CA LEU N 530 19.56 27.38 87.49
C LEU N 530 18.24 27.50 86.72
N GLY N 531 17.94 28.72 86.28
CA GLY N 531 16.72 29.00 85.56
C GLY N 531 16.85 28.98 84.05
N PHE N 532 15.74 28.59 83.41
CA PHE N 532 15.60 28.53 81.97
C PHE N 532 14.27 29.19 81.63
N PHE N 533 14.32 30.30 80.89
CA PHE N 533 13.12 30.98 80.42
C PHE N 533 13.11 30.79 78.92
N ILE N 534 12.19 29.97 78.43
CA ILE N 534 12.09 29.68 77.01
C ILE N 534 10.85 30.35 76.44
N TYR N 535 11.03 31.11 75.38
CA TYR N 535 9.97 31.82 74.70
C TYR N 535 9.89 31.14 73.36
N SER N 536 8.74 30.54 73.07
CA SER N 536 8.51 29.75 71.86
C SER N 536 7.41 30.33 71.00
N LYS N 537 7.74 30.67 69.77
CA LYS N 537 6.75 31.15 68.83
C LYS N 537 6.10 29.98 68.10
N GLY N 538 6.46 28.75 68.49
CA GLY N 538 5.99 27.53 67.87
C GLY N 538 7.05 27.05 66.91
N GLY N 539 7.32 25.74 66.86
CA GLY N 539 8.33 25.23 65.96
C GLY N 539 9.40 24.44 66.70
N GLY N 540 10.29 23.87 65.90
CA GLY N 540 11.39 23.04 66.37
C GLY N 540 12.55 23.78 67.00
N LYS N 541 12.59 25.10 66.92
CA LYS N 541 13.69 25.85 67.52
C LYS N 541 13.12 26.99 68.36
N PRO N 542 13.68 27.23 69.53
CA PRO N 542 13.18 28.30 70.38
C PRO N 542 13.55 29.67 69.86
N TYR N 543 12.68 30.62 70.17
CA TYR N 543 12.90 31.99 69.77
C TYR N 543 13.84 32.69 70.74
N ARG N 544 13.82 32.28 72.00
CA ARG N 544 14.65 32.87 73.04
C ARG N 544 14.75 31.91 74.21
N THR N 545 15.96 31.69 74.71
CA THR N 545 16.21 30.85 75.87
C THR N 545 17.12 31.67 76.77
N ARG N 546 16.55 32.29 77.79
CA ARG N 546 17.33 33.07 78.73
C ARG N 546 17.79 32.10 79.82
N ILE N 547 19.06 32.15 80.18
CA ILE N 547 19.63 31.27 81.19
C ILE N 547 19.90 32.10 82.42
N ARG N 548 19.19 31.81 83.50
CA ARG N 548 19.35 32.49 84.78
C ARG N 548 20.32 31.67 85.62
N SER N 549 21.56 32.15 85.72
CA SER N 549 22.56 31.41 86.48
C SER N 549 22.50 31.79 87.96
N GLY N 550 22.25 30.81 88.81
CA GLY N 550 22.20 31.08 90.23
C GLY N 550 23.56 31.47 90.77
N ALA N 551 24.62 30.90 90.20
CA ALA N 551 25.96 31.23 90.63
C ALA N 551 26.31 32.66 90.24
N LEU N 552 25.83 33.10 89.07
CA LEU N 552 26.10 34.45 88.60
C LEU N 552 25.59 35.50 89.58
N TYR N 553 24.41 35.28 90.15
CA TYR N 553 23.87 36.23 91.11
C TYR N 553 24.53 36.08 92.47
N ASN N 554 25.10 34.91 92.77
CA ASN N 554 25.76 34.74 94.05
C ASN N 554 27.03 35.57 94.11
N LEU N 555 27.66 35.78 92.95
CA LEU N 555 28.88 36.58 92.87
C LEU N 555 28.62 38.06 92.96
N SER N 556 27.41 38.52 92.62
CA SER N 556 27.10 39.95 92.64
C SER N 556 27.23 40.55 94.04
N ILE N 557 27.12 39.75 95.11
CA ILE N 557 27.25 40.30 96.45
C ILE N 557 28.70 40.43 96.89
N PHE N 558 29.65 39.98 96.07
CA PHE N 558 31.06 40.08 96.47
C PHE N 558 31.51 41.50 96.77
N PRO N 559 31.31 42.50 95.90
CA PRO N 559 31.78 43.86 96.24
C PRO N 559 31.21 44.39 97.53
N LYS N 560 29.96 44.05 97.86
CA LYS N 560 29.35 44.56 99.08
C LYS N 560 29.97 43.92 100.32
N LEU N 561 30.34 42.64 100.24
CA LEU N 561 30.93 41.94 101.39
C LEU N 561 32.38 42.33 101.63
N ILE N 562 33.18 42.38 100.56
CA ILE N 562 34.59 42.73 100.66
C ILE N 562 34.83 44.20 100.94
N GLN N 563 33.79 45.04 100.82
CA GLN N 563 33.95 46.47 101.07
C GLN N 563 34.35 46.74 102.52
N GLY N 564 35.29 47.66 102.70
CA GLY N 564 35.73 48.01 104.03
C GLY N 564 36.43 46.89 104.77
N ARG N 565 36.89 45.86 104.06
CA ARG N 565 37.56 44.72 104.65
C ARG N 565 38.99 44.62 104.12
N THR N 566 39.70 43.58 104.54
CA THR N 566 41.07 43.37 104.09
C THR N 566 41.08 42.42 102.89
N ILE N 567 42.01 42.68 101.97
CA ILE N 567 42.12 41.87 100.76
C ILE N 567 42.49 40.42 101.08
N ALA N 568 43.02 40.15 102.28
CA ALA N 568 43.36 38.78 102.63
C ALA N 568 42.11 37.91 102.67
N ASP N 569 40.98 38.51 103.06
CA ASP N 569 39.71 37.83 103.13
C ASP N 569 39.05 37.62 101.76
N ALA N 570 39.65 38.11 100.68
CA ALA N 570 39.03 37.95 99.37
C ALA N 570 39.05 36.50 98.91
N ILE N 571 40.14 35.78 99.15
CA ILE N 571 40.21 34.39 98.70
C ILE N 571 39.19 33.52 99.42
N ALA N 572 39.01 33.73 100.73
CA ALA N 572 38.05 32.93 101.49
C ALA N 572 36.62 33.33 101.18
N LEU N 573 36.39 34.60 100.84
CA LEU N 573 35.05 35.06 100.49
C LEU N 573 34.62 34.48 99.15
N LEU N 574 35.47 34.63 98.13
CA LEU N 574 35.15 34.11 96.80
C LEU N 574 34.85 32.62 96.84
N GLY N 575 35.61 31.86 97.63
CA GLY N 575 35.37 30.43 97.72
C GLY N 575 34.06 30.07 98.38
N SER N 576 33.62 30.88 99.34
CA SER N 576 32.37 30.60 100.02
C SER N 576 31.14 30.87 99.17
N LEU N 577 31.35 31.37 97.94
CA LEU N 577 30.28 31.65 97.02
C LEU N 577 30.17 30.60 95.92
N ASP N 578 31.09 29.63 95.90
CA ASP N 578 31.15 28.54 94.92
C ASP N 578 30.78 29.00 93.50
N PRO N 579 31.54 29.92 92.92
CA PRO N 579 31.22 30.38 91.56
C PRO N 579 31.95 29.56 90.50
N VAL N 580 31.37 29.57 89.30
CA VAL N 580 31.92 28.86 88.16
C VAL N 580 31.85 29.80 86.96
N VAL N 581 32.98 30.00 86.30
CA VAL N 581 33.03 30.88 85.13
C VAL N 581 32.06 30.40 84.06
N GLY N 582 31.90 29.08 83.92
CA GLY N 582 31.01 28.56 82.90
C GLY N 582 29.57 28.96 83.14
N GLU N 583 29.16 29.11 84.40
CA GLU N 583 27.80 29.54 84.65
C GLU N 583 27.64 31.03 84.43
N THR N 584 28.73 31.76 84.15
CA THR N 584 28.65 33.17 83.82
C THR N 584 28.43 33.35 82.31
N ASP N 585 27.71 32.39 81.71
CA ASP N 585 27.30 32.30 80.31
C ASP N 585 28.32 32.67 79.25
N MET O 1 -30.20 -20.29 23.75
CA MET O 1 -30.02 -21.73 23.68
C MET O 1 -31.19 -22.46 24.35
N ARG O 2 -31.51 -23.68 23.93
CA ARG O 2 -32.59 -24.45 24.56
C ARG O 2 -32.03 -25.51 25.50
N SER O 3 -30.72 -25.75 25.45
CA SER O 3 -30.00 -26.68 26.31
C SER O 3 -29.04 -25.77 27.08
N TYR O 4 -29.39 -25.47 28.37
CA TYR O 4 -28.67 -24.59 29.27
C TYR O 4 -27.57 -25.34 30.02
N PRO O 5 -26.56 -24.61 30.53
CA PRO O 5 -25.48 -25.27 31.28
C PRO O 5 -26.01 -26.07 32.46
N ALA O 6 -25.14 -26.93 32.96
CA ALA O 6 -25.52 -27.77 34.07
C ALA O 6 -25.52 -27.00 35.37
N ILE O 7 -26.51 -27.28 36.21
CA ILE O 7 -26.63 -26.68 37.54
C ILE O 7 -26.99 -27.77 38.53
N PRO O 8 -26.60 -27.60 39.79
CA PRO O 8 -26.92 -28.62 40.80
C PRO O 8 -28.43 -28.65 41.10
N ARG O 9 -28.90 -29.80 41.58
CA ARG O 9 -30.31 -29.93 41.93
C ARG O 9 -30.44 -29.48 43.38
N ILE O 10 -30.68 -28.19 43.54
CA ILE O 10 -30.85 -27.55 44.84
C ILE O 10 -32.25 -27.86 45.34
N TYR O 11 -32.35 -28.46 46.52
CA TYR O 11 -33.64 -28.83 47.08
C TYR O 11 -34.43 -27.60 47.55
N ALA O 12 -35.72 -27.55 47.21
CA ALA O 12 -36.57 -26.43 47.60
C ALA O 12 -37.88 -26.97 48.17
N GLU O 13 -38.31 -26.37 49.28
CA GLU O 13 -39.53 -26.75 49.98
C GLU O 13 -40.30 -25.49 50.36
N THR O 14 -41.61 -25.61 50.49
CA THR O 14 -42.36 -24.40 50.82
C THR O 14 -43.62 -24.71 51.61
N THR O 15 -43.95 -23.79 52.53
CA THR O 15 -45.15 -23.89 53.33
C THR O 15 -46.13 -22.80 52.95
N LEU O 16 -45.71 -21.87 52.10
CA LEU O 16 -46.58 -20.81 51.63
C LEU O 16 -46.95 -20.98 50.17
N ASN O 17 -46.12 -21.68 49.40
CA ASN O 17 -46.38 -21.97 48.00
C ASN O 17 -46.61 -20.70 47.18
N MET O 18 -45.73 -19.70 47.34
CA MET O 18 -45.83 -18.47 46.57
C MET O 18 -44.61 -18.27 45.67
N LEU O 19 -43.43 -17.98 46.22
CA LEU O 19 -42.25 -17.79 45.39
C LEU O 19 -41.73 -19.12 44.86
N LEU O 20 -41.92 -20.19 45.64
CA LEU O 20 -41.46 -21.50 45.22
C LEU O 20 -42.62 -22.34 44.72
N LYS O 21 -43.73 -21.72 44.30
CA LYS O 21 -44.84 -22.52 43.79
C LYS O 21 -44.37 -23.40 42.63
N ARG O 22 -43.62 -22.80 41.70
CA ARG O 22 -43.04 -23.50 40.57
C ARG O 22 -41.57 -23.80 40.79
N ALA O 23 -40.86 -22.86 41.44
CA ALA O 23 -39.44 -23.01 41.72
C ALA O 23 -39.13 -24.18 42.65
N LYS O 24 -40.13 -24.80 43.26
CA LYS O 24 -39.80 -25.93 44.12
C LYS O 24 -39.41 -27.16 43.28
N LYS O 25 -39.80 -27.18 41.99
CA LYS O 25 -39.44 -28.27 41.11
C LYS O 25 -38.24 -27.81 40.30
N PRO O 26 -37.12 -28.55 40.32
CA PRO O 26 -35.91 -28.11 39.61
C PRO O 26 -35.91 -28.14 38.09
N ARG O 27 -36.58 -27.20 37.44
CA ARG O 27 -36.61 -27.09 35.98
C ARG O 27 -37.14 -25.71 35.61
N VAL O 28 -36.94 -25.34 34.37
CA VAL O 28 -37.36 -24.04 33.87
C VAL O 28 -38.84 -24.07 33.51
N HIS O 29 -39.57 -23.02 33.90
CA HIS O 29 -41.00 -22.87 33.60
C HIS O 29 -41.14 -21.73 32.60
N SER O 30 -41.37 -22.08 31.33
CA SER O 30 -41.47 -21.07 30.27
C SER O 30 -42.82 -20.36 30.28
N ILE O 31 -42.89 -19.29 29.46
CA ILE O 31 -44.06 -18.42 29.40
C ILE O 31 -45.36 -19.18 29.12
N ASP O 32 -45.31 -20.22 28.27
CA ASP O 32 -46.55 -20.93 28.01
C ASP O 32 -47.07 -21.60 29.27
N GLU O 33 -46.17 -22.19 30.06
CA GLU O 33 -46.61 -22.78 31.32
C GLU O 33 -46.93 -21.70 32.33
N TYR O 34 -46.09 -20.65 32.37
CA TYR O 34 -46.29 -19.55 33.30
C TYR O 34 -47.65 -18.90 33.09
N LEU O 35 -48.08 -18.72 31.84
CA LEU O 35 -49.40 -18.13 31.59
C LEU O 35 -50.50 -19.05 32.08
N LYS O 36 -50.34 -20.37 31.84
CA LYS O 36 -51.34 -21.36 32.27
C LYS O 36 -51.52 -21.34 33.78
N ASP O 37 -50.45 -21.06 34.52
CA ASP O 37 -50.55 -20.99 35.97
C ASP O 37 -51.15 -19.67 36.42
N GLY O 38 -51.50 -18.81 35.48
CA GLY O 38 -52.08 -17.50 35.75
C GLY O 38 -51.09 -16.36 35.70
N GLY O 39 -49.89 -16.60 35.18
CA GLY O 39 -48.88 -15.57 35.13
C GLY O 39 -49.20 -14.40 34.22
N TYR O 40 -48.46 -13.32 34.46
CA TYR O 40 -48.57 -12.08 33.70
C TYR O 40 -49.95 -11.44 33.89
N GLN O 41 -50.80 -12.04 34.71
CA GLN O 41 -52.09 -11.41 34.94
C GLN O 41 -51.99 -10.23 35.89
N ALA O 42 -51.07 -10.31 36.88
CA ALA O 42 -50.91 -9.18 37.78
C ALA O 42 -50.39 -7.97 37.02
N LEU O 43 -49.55 -8.21 36.01
CA LEU O 43 -49.01 -7.14 35.18
C LEU O 43 -50.12 -6.40 34.44
N GLU O 44 -51.05 -7.15 33.84
CA GLU O 44 -52.17 -6.49 33.15
C GLU O 44 -52.99 -5.69 34.15
N LYS O 45 -53.17 -6.24 35.36
CA LYS O 45 -53.90 -5.53 36.38
C LYS O 45 -53.17 -4.26 36.79
N ALA O 46 -51.85 -4.37 36.99
CA ALA O 46 -51.04 -3.22 37.39
C ALA O 46 -51.06 -2.14 36.32
N LEU O 47 -51.06 -2.53 35.04
CA LEU O 47 -51.07 -1.51 33.99
C LEU O 47 -52.40 -0.75 33.94
N ASN O 48 -53.46 -1.25 34.57
CA ASN O 48 -54.73 -0.53 34.59
C ASN O 48 -54.85 0.37 35.81
N MET O 49 -53.83 0.38 36.65
CA MET O 49 -53.69 1.22 37.83
C MET O 49 -52.66 2.31 37.51
N SER O 50 -52.70 3.38 38.28
CA SER O 50 -51.72 4.42 38.02
C SER O 50 -50.40 4.07 38.70
N PRO O 51 -49.28 4.63 38.23
CA PRO O 51 -48.00 4.32 38.88
C PRO O 51 -48.00 4.65 40.36
N GLU O 52 -48.60 5.78 40.76
CA GLU O 52 -48.65 6.12 42.18
C GLU O 52 -49.43 5.07 42.96
N GLU O 53 -50.51 4.54 42.37
CA GLU O 53 -51.30 3.51 43.04
C GLU O 53 -50.43 2.30 43.33
N ILE O 54 -49.65 1.86 42.35
CA ILE O 54 -48.77 0.72 42.55
C ILE O 54 -47.81 1.00 43.70
N ILE O 55 -47.20 2.19 43.70
CA ILE O 55 -46.26 2.55 44.75
C ILE O 55 -46.95 2.48 46.10
N ASP O 56 -48.21 2.97 46.16
CA ASP O 56 -48.95 2.94 47.41
C ASP O 56 -49.20 1.50 47.87
N TRP O 57 -49.59 0.62 46.95
CA TRP O 57 -49.83 -0.75 47.33
C TRP O 57 -48.55 -1.41 47.87
N VAL O 58 -47.41 -1.20 47.22
CA VAL O 58 -46.17 -1.80 47.70
C VAL O 58 -45.82 -1.23 49.07
N ASP O 59 -46.14 0.04 49.29
CA ASP O 59 -45.88 0.65 50.59
C ASP O 59 -46.77 0.06 51.67
N LYS O 60 -48.08 0.04 51.42
CA LYS O 60 -49.02 -0.50 52.41
C LYS O 60 -48.79 -1.99 52.67
N SER O 61 -48.13 -2.71 51.76
CA SER O 61 -47.87 -4.13 51.95
C SER O 61 -46.86 -4.42 53.04
N THR O 62 -46.14 -3.39 53.52
CA THR O 62 -45.10 -3.49 54.54
C THR O 62 -43.87 -4.24 54.05
N LEU O 63 -43.78 -4.45 52.73
CA LEU O 63 -42.64 -5.16 52.12
C LEU O 63 -41.31 -4.45 52.36
N ARG O 64 -40.33 -5.20 52.84
CA ARG O 64 -39.00 -4.66 53.10
C ARG O 64 -37.99 -5.34 52.17
N GLY O 65 -36.91 -4.63 51.87
CA GLY O 65 -35.88 -5.17 51.00
C GLY O 65 -35.23 -6.42 51.56
N ARG O 66 -35.21 -7.47 50.75
CA ARG O 66 -34.63 -8.77 51.08
C ARG O 66 -33.13 -8.84 50.82
N GLY O 67 -32.51 -7.72 50.40
CA GLY O 67 -31.09 -7.65 50.10
C GLY O 67 -30.16 -7.57 51.30
N GLY O 68 -30.68 -7.42 52.50
CA GLY O 68 -29.86 -7.34 53.70
C GLY O 68 -30.02 -6.05 54.46
N ALA O 69 -30.43 -4.97 53.78
CA ALA O 69 -30.59 -3.68 54.43
C ALA O 69 -31.99 -3.45 54.96
N GLY O 70 -32.96 -4.28 54.59
CA GLY O 70 -34.32 -4.13 55.06
C GLY O 70 -34.98 -2.77 54.87
N PHE O 71 -34.61 -2.05 53.85
CA PHE O 71 -35.31 -0.78 53.71
C PHE O 71 -36.69 -1.02 53.08
N PRO O 72 -37.72 -0.29 53.52
CA PRO O 72 -39.08 -0.50 52.97
C PRO O 72 -39.16 -0.13 51.49
N THR O 73 -39.48 -1.15 50.67
CA THR O 73 -39.53 -0.97 49.22
C THR O 73 -40.42 0.19 48.80
N GLY O 74 -41.64 0.25 49.35
CA GLY O 74 -42.52 1.33 48.96
C GLY O 74 -41.89 2.70 49.15
N LYS O 75 -41.26 2.93 50.30
CA LYS O 75 -40.66 4.23 50.54
C LYS O 75 -39.44 4.48 49.67
N LYS O 76 -38.68 3.43 49.33
CA LYS O 76 -37.54 3.67 48.45
C LYS O 76 -38.05 4.15 47.09
N TRP O 77 -39.12 3.54 46.58
CA TRP O 77 -39.69 3.95 45.30
C TRP O 77 -40.21 5.38 45.34
N LYS O 78 -40.83 5.78 46.45
CA LYS O 78 -41.33 7.15 46.52
C LYS O 78 -40.19 8.15 46.41
N PHE O 79 -39.05 7.86 47.03
CA PHE O 79 -37.90 8.77 46.96
C PHE O 79 -37.46 8.97 45.52
N ALA O 80 -37.46 7.88 44.73
CA ALA O 80 -37.01 7.91 43.34
C ALA O 80 -37.93 8.72 42.45
N VAL O 81 -39.24 8.66 42.67
CA VAL O 81 -40.11 9.44 41.80
C VAL O 81 -40.16 10.92 42.18
N GLN O 82 -39.38 11.33 43.18
CA GLN O 82 -39.37 12.74 43.59
C GLN O 82 -38.67 13.62 42.56
N ASN O 83 -37.71 13.10 41.89
CA ASN O 83 -36.87 13.79 40.92
C ASN O 83 -37.27 13.41 39.50
N PRO O 84 -37.02 14.29 38.52
CA PRO O 84 -37.40 13.98 37.14
C PRO O 84 -36.58 12.88 36.51
N GLY O 85 -37.18 12.24 35.53
CA GLY O 85 -36.57 11.18 34.79
C GLY O 85 -35.62 11.67 33.71
N PRO O 86 -35.13 10.76 32.87
CA PRO O 86 -35.42 9.33 32.90
C PRO O 86 -35.03 8.68 34.24
N ARG O 87 -35.67 7.58 34.56
CA ARG O 87 -35.41 6.85 35.79
C ARG O 87 -35.06 5.43 35.40
N TYR O 88 -34.28 4.77 36.24
CA TYR O 88 -33.84 3.41 35.96
C TYR O 88 -34.18 2.47 37.10
N PHE O 89 -34.46 1.23 36.74
CA PHE O 89 -34.77 0.16 37.68
C PHE O 89 -33.75 -0.95 37.48
N ILE O 90 -33.09 -1.36 38.55
CA ILE O 90 -32.07 -2.39 38.48
C ILE O 90 -32.40 -3.52 39.43
N CYS O 91 -32.36 -4.74 38.90
CA CYS O 91 -32.58 -5.96 39.66
C CYS O 91 -31.21 -6.51 40.05
N ASN O 92 -30.97 -6.61 41.35
CA ASN O 92 -29.71 -7.09 41.89
C ASN O 92 -29.71 -8.61 42.00
N ALA O 93 -29.06 -9.27 41.05
CA ALA O 93 -28.93 -10.72 41.05
C ALA O 93 -27.48 -11.12 41.27
N ASP O 94 -26.72 -10.29 42.00
CA ASP O 94 -25.33 -10.59 42.24
C ASP O 94 -25.17 -11.77 43.18
N GLU O 95 -25.92 -11.80 44.28
CA GLU O 95 -25.93 -12.92 45.22
C GLU O 95 -24.57 -13.61 45.40
N SER O 96 -23.64 -12.96 46.07
CA SER O 96 -22.33 -13.58 46.23
C SER O 96 -21.97 -13.81 47.70
N GLU O 97 -22.93 -13.68 48.63
CA GLU O 97 -22.54 -13.93 50.01
C GLU O 97 -22.52 -15.43 50.31
N PRO O 98 -21.52 -15.89 51.06
CA PRO O 98 -21.45 -17.32 51.39
C PRO O 98 -22.75 -17.81 52.02
N GLY O 99 -23.20 -18.99 51.56
CA GLY O 99 -24.40 -19.62 52.05
C GLY O 99 -25.71 -19.15 51.46
N THR O 100 -25.68 -18.17 50.58
CA THR O 100 -26.87 -17.61 49.98
C THR O 100 -27.06 -18.06 48.55
N PHE O 101 -28.03 -18.96 48.34
CA PHE O 101 -28.39 -19.52 47.04
C PHE O 101 -29.89 -19.43 46.79
N LYS O 102 -30.57 -18.50 47.48
CA LYS O 102 -32.01 -18.37 47.35
C LYS O 102 -32.41 -17.75 46.00
N ASP O 103 -31.73 -16.67 45.60
CA ASP O 103 -32.08 -15.96 44.37
C ASP O 103 -31.93 -16.80 43.10
N ARG O 104 -30.91 -17.66 43.03
CA ARG O 104 -30.69 -18.44 41.82
C ARG O 104 -31.84 -19.41 41.50
N ILE O 105 -32.49 -19.99 42.51
CA ILE O 105 -33.54 -20.94 42.15
C ILE O 105 -34.73 -20.24 41.52
N ILE O 106 -34.97 -18.98 41.84
CA ILE O 106 -36.07 -18.27 41.22
C ILE O 106 -35.71 -17.92 39.79
N ILE O 107 -34.51 -17.37 39.58
CA ILE O 107 -34.07 -17.00 38.23
C ILE O 107 -34.07 -18.22 37.31
N GLU O 108 -33.46 -19.31 37.78
CA GLU O 108 -33.31 -20.52 36.98
C GLU O 108 -34.55 -21.37 36.80
N ARG O 109 -35.58 -21.20 37.62
CA ARG O 109 -36.77 -22.03 37.53
C ARG O 109 -38.05 -21.27 37.21
N ASP O 110 -38.19 -20.02 37.65
CA ASP O 110 -39.38 -19.21 37.40
C ASP O 110 -38.96 -17.80 36.97
N PRO O 111 -38.23 -17.68 35.87
CA PRO O 111 -37.78 -16.35 35.45
C PRO O 111 -38.92 -15.38 35.19
N HIS O 112 -40.08 -15.87 34.76
CA HIS O 112 -41.20 -14.98 34.45
C HIS O 112 -41.80 -14.35 35.69
N LEU O 113 -41.64 -14.96 36.87
CA LEU O 113 -42.12 -14.32 38.09
C LEU O 113 -41.27 -13.08 38.37
N LEU O 114 -39.95 -13.20 38.16
CA LEU O 114 -39.05 -12.08 38.35
C LEU O 114 -39.24 -11.06 37.24
N ILE O 115 -39.38 -11.52 36.00
CA ILE O 115 -39.61 -10.57 34.91
C ILE O 115 -40.88 -9.80 35.15
N GLU O 116 -41.95 -10.51 35.51
CA GLU O 116 -43.21 -9.85 35.79
C GLU O 116 -43.05 -8.80 36.88
N GLY O 117 -42.29 -9.10 37.94
CA GLY O 117 -42.07 -8.09 38.97
C GLY O 117 -41.24 -6.92 38.48
N ILE O 118 -40.30 -7.18 37.57
CA ILE O 118 -39.49 -6.09 37.06
C ILE O 118 -40.35 -5.13 36.26
N ILE O 119 -41.28 -5.66 35.45
CA ILE O 119 -42.13 -4.80 34.62
C ILE O 119 -43.06 -3.96 35.49
N ILE O 120 -43.68 -4.58 36.49
CA ILE O 120 -44.57 -3.81 37.36
C ILE O 120 -43.79 -2.72 38.06
N SER O 121 -42.63 -3.08 38.64
CA SER O 121 -41.81 -2.10 39.37
C SER O 121 -41.32 -0.97 38.46
N SER O 122 -40.86 -1.31 37.26
CA SER O 122 -40.38 -0.29 36.33
C SER O 122 -41.50 0.70 36.01
N TYR O 123 -42.70 0.16 35.73
CA TYR O 123 -43.86 0.98 35.43
C TYR O 123 -44.24 1.86 36.63
N ALA O 124 -44.08 1.32 37.84
CA ALA O 124 -44.40 2.06 39.06
C ALA O 124 -43.59 3.34 39.19
N ILE O 125 -42.27 3.24 39.01
CA ILE O 125 -41.42 4.42 39.14
C ILE O 125 -41.23 5.13 37.81
N GLY O 126 -41.85 4.63 36.74
CA GLY O 126 -41.73 5.30 35.46
C GLY O 126 -40.40 5.12 34.75
N ALA O 127 -39.80 3.94 34.89
CA ALA O 127 -38.53 3.63 34.25
C ALA O 127 -38.80 2.83 32.97
N ASN O 128 -38.31 3.34 31.85
CA ASN O 128 -38.45 2.73 30.54
C ASN O 128 -37.30 1.80 30.19
N GLU O 129 -36.30 1.73 31.05
CA GLU O 129 -35.13 0.87 30.90
C GLU O 129 -34.89 0.20 32.23
N ALA O 130 -34.84 -1.12 32.21
CA ALA O 130 -34.57 -1.89 33.41
C ALA O 130 -33.40 -2.82 33.13
N TYR O 131 -32.62 -3.07 34.17
CA TYR O 131 -31.47 -3.95 34.05
C TYR O 131 -31.52 -5.07 35.09
N ILE O 132 -30.92 -6.19 34.73
CA ILE O 132 -30.75 -7.32 35.63
C ILE O 132 -29.24 -7.51 35.73
N TYR O 133 -28.71 -7.43 36.94
CA TYR O 133 -27.28 -7.61 37.13
C TYR O 133 -27.12 -8.97 37.79
N ILE O 134 -26.72 -9.97 37.03
CA ILE O 134 -26.52 -11.33 37.53
C ILE O 134 -25.03 -11.64 37.56
N ARG O 135 -24.58 -12.22 38.67
CA ARG O 135 -23.17 -12.55 38.84
C ARG O 135 -22.66 -13.40 37.68
N GLY O 136 -21.35 -13.27 37.40
CA GLY O 136 -20.77 -14.03 36.31
C GLY O 136 -20.81 -15.54 36.51
N GLU O 137 -20.79 -16.00 37.76
CA GLU O 137 -20.78 -17.42 38.11
C GLU O 137 -22.15 -18.10 37.99
N TYR O 138 -23.13 -17.39 37.45
CA TYR O 138 -24.49 -17.92 37.23
C TYR O 138 -24.78 -17.91 35.74
N PRO O 139 -23.95 -18.56 34.92
CA PRO O 139 -24.20 -18.52 33.47
C PRO O 139 -25.56 -19.06 33.07
N ALA O 140 -26.00 -20.20 33.63
CA ALA O 140 -27.29 -20.72 33.23
C ALA O 140 -28.39 -19.69 33.49
N GLY O 141 -28.36 -19.05 34.66
CA GLY O 141 -29.33 -18.02 34.94
C GLY O 141 -29.29 -16.90 33.92
N TYR O 142 -28.11 -16.61 33.35
CA TYR O 142 -28.03 -15.55 32.35
C TYR O 142 -28.78 -15.93 31.07
N TYR O 143 -28.47 -17.11 30.53
CA TYR O 143 -29.13 -17.52 29.29
C TYR O 143 -30.63 -17.70 29.49
N ILE O 144 -31.04 -18.26 30.62
CA ILE O 144 -32.46 -18.45 30.90
C ILE O 144 -33.21 -17.12 30.90
N LEU O 145 -32.64 -16.09 31.52
CA LEU O 145 -33.30 -14.79 31.52
C LEU O 145 -33.39 -14.23 30.11
N ARG O 146 -32.31 -14.37 29.33
CA ARG O 146 -32.35 -13.85 27.96
C ARG O 146 -33.50 -14.48 27.18
N ASP O 147 -33.66 -15.80 27.29
CA ASP O 147 -34.74 -16.47 26.58
C ASP O 147 -36.10 -16.08 27.15
N ALA O 148 -36.21 -15.96 28.47
CA ALA O 148 -37.47 -15.57 29.07
C ALA O 148 -37.87 -14.17 28.64
N ILE O 149 -36.91 -13.24 28.62
CA ILE O 149 -37.20 -11.88 28.19
C ILE O 149 -37.63 -11.88 26.74
N GLU O 150 -37.03 -12.75 25.94
CA GLU O 150 -37.44 -12.80 24.54
C GLU O 150 -38.85 -13.36 24.44
N GLU O 151 -39.17 -14.37 25.28
CA GLU O 151 -40.52 -14.94 25.28
C GLU O 151 -41.54 -13.87 25.67
N ALA O 152 -41.22 -13.08 26.70
CA ALA O 152 -42.14 -12.03 27.13
C ALA O 152 -42.30 -10.98 26.04
N LYS O 153 -41.22 -10.67 25.32
CA LYS O 153 -41.28 -9.69 24.24
C LYS O 153 -42.14 -10.20 23.07
N LYS O 154 -42.08 -11.51 22.80
CA LYS O 154 -42.88 -12.10 21.73
C LYS O 154 -44.37 -11.98 22.04
N LYS O 155 -44.74 -12.16 23.30
CA LYS O 155 -46.14 -12.09 23.67
C LYS O 155 -46.63 -10.66 23.91
N GLY O 156 -45.78 -9.65 23.79
CA GLY O 156 -46.21 -8.28 23.97
C GLY O 156 -46.13 -7.71 25.38
N PHE O 157 -45.45 -8.38 26.31
CA PHE O 157 -45.31 -7.89 27.68
C PHE O 157 -44.12 -6.94 27.84
N LEU O 158 -43.24 -6.90 26.84
CA LEU O 158 -42.08 -6.03 26.77
C LEU O 158 -42.05 -5.42 25.38
N GLY O 159 -41.30 -4.35 25.24
CA GLY O 159 -41.25 -3.67 23.97
C GLY O 159 -41.99 -2.35 24.12
N LYS O 160 -42.55 -1.82 23.04
CA LYS O 160 -43.23 -0.52 23.11
C LYS O 160 -44.74 -0.69 23.26
N ASN O 161 -45.35 0.27 23.97
CA ASN O 161 -46.80 0.29 24.23
C ASN O 161 -47.30 -1.08 24.71
N ILE O 162 -46.73 -1.52 25.83
CA ILE O 162 -47.04 -2.82 26.42
C ILE O 162 -48.54 -2.93 26.70
N LEU O 163 -49.17 -3.93 26.10
CA LEU O 163 -50.60 -4.19 26.26
C LEU O 163 -51.45 -2.94 25.96
N GLY O 164 -50.92 -2.05 25.13
CA GLY O 164 -51.64 -0.85 24.77
C GLY O 164 -51.78 0.18 25.87
N SER O 165 -50.91 0.13 26.89
CA SER O 165 -50.97 1.07 27.99
C SER O 165 -50.14 2.31 27.77
N GLY O 166 -49.38 2.36 26.69
CA GLY O 166 -48.51 3.49 26.46
C GLY O 166 -47.19 3.39 27.18
N PHE O 167 -46.99 2.35 27.98
CA PHE O 167 -45.76 2.15 28.73
C PHE O 167 -44.75 1.35 27.91
N ASP O 168 -43.55 1.89 27.78
CA ASP O 168 -42.46 1.29 27.03
C ASP O 168 -41.41 0.77 28.00
N LEU O 169 -40.90 -0.43 27.73
CA LEU O 169 -39.88 -0.96 28.60
C LEU O 169 -39.01 -1.96 27.86
N GLU O 170 -37.72 -1.94 28.22
CA GLU O 170 -36.71 -2.86 27.74
C GLU O 170 -35.96 -3.34 28.96
N ILE O 171 -35.71 -4.65 29.06
CA ILE O 171 -34.97 -5.20 30.19
C ILE O 171 -33.67 -5.75 29.65
N TYR O 172 -32.56 -5.13 30.03
CA TYR O 172 -31.22 -5.55 29.62
C TYR O 172 -30.63 -6.42 30.72
N VAL O 173 -29.90 -7.45 30.32
CA VAL O 173 -29.26 -8.37 31.24
C VAL O 173 -27.75 -8.18 31.16
N ALA O 174 -27.15 -7.80 32.29
CA ALA O 174 -25.73 -7.60 32.43
C ALA O 174 -25.13 -8.70 33.28
N ARG O 175 -23.91 -9.09 32.95
CA ARG O 175 -23.22 -10.14 33.69
C ARG O 175 -22.10 -9.54 34.54
N GLY O 176 -21.95 -10.05 35.75
CA GLY O 176 -20.88 -9.62 36.61
C GLY O 176 -19.66 -10.36 36.17
N ALA O 177 -18.56 -10.16 36.89
CA ALA O 177 -17.37 -10.89 36.43
C ALA O 177 -16.49 -11.40 37.55
N GLY O 178 -17.07 -11.62 38.73
CA GLY O 178 -16.38 -12.12 39.90
C GLY O 178 -16.00 -10.97 40.80
N ALA O 179 -16.90 -10.58 41.69
CA ALA O 179 -16.72 -9.50 42.64
C ALA O 179 -17.90 -9.47 43.59
N TYR O 180 -17.71 -9.77 44.86
CA TYR O 180 -18.86 -9.72 45.75
C TYR O 180 -19.28 -8.28 46.01
N ILE O 181 -18.33 -7.34 45.96
CA ILE O 181 -18.66 -5.95 46.21
C ILE O 181 -19.64 -5.42 45.20
N CYS O 182 -19.71 -6.03 43.99
CA CYS O 182 -20.66 -5.56 42.97
C CYS O 182 -22.13 -5.77 43.36
N GLY O 183 -22.40 -6.43 44.48
CA GLY O 183 -23.76 -6.54 44.93
C GLY O 183 -24.16 -5.29 45.68
N GLU O 184 -23.17 -4.50 46.06
CA GLU O 184 -23.40 -3.24 46.76
C GLU O 184 -24.05 -2.28 45.77
N GLU O 185 -25.13 -1.64 46.22
CA GLU O 185 -25.95 -0.73 45.43
C GLU O 185 -25.19 0.16 44.45
N THR O 186 -24.26 1.00 44.95
CA THR O 186 -23.52 1.91 44.06
C THR O 186 -22.41 1.21 43.29
N ALA O 187 -21.78 0.20 43.87
CA ALA O 187 -20.75 -0.51 43.12
C ALA O 187 -21.40 -1.19 41.92
N LEU O 188 -22.59 -1.75 42.12
CA LEU O 188 -23.32 -2.38 41.03
C LEU O 188 -23.53 -1.38 39.89
N ILE O 189 -24.01 -0.19 40.23
CA ILE O 189 -24.22 0.88 39.25
C ILE O 189 -22.92 1.22 38.54
N GLU O 190 -21.82 1.34 39.29
CA GLU O 190 -20.53 1.62 38.65
C GLU O 190 -20.19 0.55 37.64
N SER O 191 -20.39 -0.72 38.03
CA SER O 191 -20.12 -1.83 37.14
C SER O 191 -21.05 -1.79 35.94
N LEU O 192 -22.31 -1.42 36.17
CA LEU O 192 -23.25 -1.32 35.06
C LEU O 192 -22.85 -0.24 34.06
N GLU O 193 -22.12 0.79 34.54
CA GLU O 193 -21.65 1.86 33.68
C GLU O 193 -20.33 1.51 32.99
N GLY O 194 -19.86 0.27 33.18
CA GLY O 194 -18.62 -0.17 32.56
C GLY O 194 -17.35 0.21 33.30
N LYS O 195 -17.42 0.33 34.62
CA LYS O 195 -16.28 0.69 35.43
C LYS O 195 -15.96 -0.41 36.44
N ARG O 196 -14.93 -0.14 37.25
CA ARG O 196 -14.57 -1.06 38.30
C ARG O 196 -15.68 -1.00 39.35
N GLY O 197 -15.86 -2.09 40.07
CA GLY O 197 -16.90 -2.08 41.08
C GLY O 197 -16.55 -1.37 42.37
N HIS O 198 -16.20 -0.09 42.33
CA HIS O 198 -15.89 0.57 43.59
C HIS O 198 -17.10 1.32 44.08
N PRO O 199 -17.50 1.17 45.33
CA PRO O 199 -18.66 1.90 45.83
C PRO O 199 -18.44 3.40 45.79
N ARG O 200 -19.53 4.13 45.60
CA ARG O 200 -19.53 5.57 45.54
C ARG O 200 -19.73 6.15 46.93
N LEU O 201 -19.28 7.38 47.11
CA LEU O 201 -19.50 8.04 48.39
C LEU O 201 -20.97 8.45 48.47
N LYS O 202 -21.60 8.19 49.61
CA LYS O 202 -22.98 8.62 49.72
C LYS O 202 -23.14 9.40 51.01
N PRO O 203 -24.00 10.43 51.02
CA PRO O 203 -24.88 10.98 50.00
C PRO O 203 -24.16 11.58 48.82
N PRO O 204 -24.80 11.70 47.64
CA PRO O 204 -26.17 11.34 47.26
C PRO O 204 -26.42 9.85 47.07
N TYR O 205 -27.66 9.44 47.25
CA TYR O 205 -28.03 8.04 47.10
C TYR O 205 -28.50 7.76 45.68
N PRO O 206 -28.45 6.51 45.24
CA PRO O 206 -28.89 6.19 43.86
C PRO O 206 -30.32 6.62 43.54
N VAL O 207 -31.20 6.78 44.53
CA VAL O 207 -32.56 7.21 44.20
C VAL O 207 -32.56 8.64 43.66
N GLN O 208 -31.53 9.44 43.97
CA GLN O 208 -31.44 10.80 43.41
C GLN O 208 -30.48 10.84 42.24
N LYS O 209 -29.27 10.28 42.42
CA LYS O 209 -28.25 10.23 41.37
C LYS O 209 -27.67 8.82 41.36
N GLY O 210 -28.13 8.02 40.42
CA GLY O 210 -27.66 6.66 40.31
C GLY O 210 -27.02 6.48 38.98
N LEU O 211 -27.56 5.57 38.17
CA LEU O 211 -27.04 5.29 36.84
C LEU O 211 -27.05 6.56 36.00
N TRP O 212 -25.89 6.93 35.45
CA TRP O 212 -25.75 8.14 34.62
C TRP O 212 -26.25 9.38 35.37
N GLY O 213 -26.16 9.36 36.70
CA GLY O 213 -26.60 10.45 37.56
C GLY O 213 -28.09 10.68 37.62
N LYS O 214 -28.90 9.76 37.09
CA LYS O 214 -30.36 9.86 37.09
C LYS O 214 -30.96 9.00 38.20
N PRO O 215 -32.19 9.29 38.62
CA PRO O 215 -32.79 8.51 39.71
C PRO O 215 -32.84 7.03 39.36
N THR O 216 -32.24 6.20 40.23
CA THR O 216 -32.18 4.76 40.04
C THR O 216 -32.67 3.99 41.26
N VAL O 217 -33.41 2.91 41.03
CA VAL O 217 -33.91 2.05 42.09
C VAL O 217 -33.27 0.68 41.90
N VAL O 218 -32.65 0.18 42.97
CA VAL O 218 -32.03 -1.14 42.95
C VAL O 218 -32.77 -2.02 43.94
N ASN O 219 -33.22 -3.17 43.50
CA ASN O 219 -33.95 -4.07 44.37
C ASN O 219 -33.45 -5.49 44.18
N ASN O 220 -33.44 -6.23 45.27
CA ASN O 220 -33.00 -7.62 45.23
C ASN O 220 -34.05 -8.46 44.52
N VAL O 221 -33.58 -9.57 43.92
CA VAL O 221 -34.46 -10.48 43.20
C VAL O 221 -35.65 -10.91 44.07
N GLU O 222 -35.36 -11.38 45.28
CA GLU O 222 -36.44 -11.84 46.15
C GLU O 222 -37.45 -10.74 46.38
N THR O 223 -36.98 -9.52 46.61
CA THR O 223 -37.90 -8.42 46.83
C THR O 223 -38.84 -8.28 45.65
N ILE O 224 -38.27 -8.19 44.44
CA ILE O 224 -39.04 -8.02 43.22
C ILE O 224 -40.05 -9.16 43.04
N ALA O 225 -39.64 -10.39 43.36
CA ALA O 225 -40.57 -11.51 43.22
C ALA O 225 -41.83 -11.34 44.04
N ASN O 226 -41.80 -10.50 45.07
CA ASN O 226 -42.99 -10.27 45.87
C ASN O 226 -43.96 -9.33 45.19
N VAL O 227 -43.47 -8.50 44.28
CA VAL O 227 -44.32 -7.53 43.60
C VAL O 227 -45.49 -8.17 42.89
N PRO O 228 -45.32 -9.20 42.06
CA PRO O 228 -46.51 -9.78 41.41
C PRO O 228 -47.55 -10.24 42.42
N PHE O 229 -47.12 -10.72 43.60
CA PHE O 229 -48.07 -11.19 44.61
C PHE O 229 -48.81 -10.05 45.27
N ILE O 230 -48.14 -8.91 45.46
CA ILE O 230 -48.78 -7.78 46.11
C ILE O 230 -49.88 -7.22 45.23
N ILE O 231 -49.66 -7.17 43.91
CA ILE O 231 -50.67 -6.67 42.98
C ILE O 231 -51.78 -7.71 42.83
N SER O 232 -51.40 -8.97 42.60
CA SER O 232 -52.38 -10.02 42.39
C SER O 232 -53.32 -10.19 43.57
N MET O 233 -52.76 -10.32 44.78
CA MET O 233 -53.56 -10.52 45.99
C MET O 233 -54.14 -9.25 46.57
N GLY O 234 -53.46 -8.14 46.38
CA GLY O 234 -53.82 -6.87 46.98
C GLY O 234 -52.95 -6.67 48.20
N TRP O 235 -52.63 -5.41 48.50
CA TRP O 235 -51.76 -5.17 49.66
C TRP O 235 -52.35 -5.71 50.96
N GLU O 236 -53.67 -5.69 51.11
CA GLU O 236 -54.28 -6.16 52.35
C GLU O 236 -54.05 -7.67 52.55
N GLU O 237 -54.30 -8.47 51.50
CA GLU O 237 -54.13 -9.93 51.60
C GLU O 237 -52.67 -10.31 51.85
N TYR O 238 -51.74 -9.66 51.14
CA TYR O 238 -50.32 -9.97 51.31
C TYR O 238 -49.88 -9.76 52.74
N ARG O 239 -50.32 -8.66 53.34
CA ARG O 239 -50.00 -8.29 54.70
C ARG O 239 -50.48 -9.34 55.72
N TYR O 240 -51.44 -10.19 55.33
CA TYR O 240 -51.95 -11.22 56.24
C TYR O 240 -51.06 -12.44 56.32
N ILE O 241 -50.09 -12.55 55.42
CA ILE O 241 -49.14 -13.67 55.37
C ILE O 241 -48.10 -13.48 56.47
N GLY O 242 -48.11 -14.38 57.44
CA GLY O 242 -47.15 -14.35 58.52
C GLY O 242 -47.52 -13.41 59.65
N PRO O 243 -46.53 -13.13 60.49
CA PRO O 243 -46.77 -12.23 61.62
C PRO O 243 -47.09 -10.83 61.11
N SER O 244 -48.01 -10.16 61.80
CA SER O 244 -48.45 -8.83 61.40
C SER O 244 -47.32 -7.88 61.03
N ASP O 245 -46.24 -7.84 61.82
CA ASP O 245 -45.17 -6.89 61.53
C ASP O 245 -44.34 -7.31 60.31
N TYR O 246 -43.71 -8.48 60.40
CA TYR O 246 -42.85 -8.99 59.34
C TYR O 246 -43.67 -9.94 58.48
N ALA O 247 -44.52 -9.35 57.67
CA ALA O 247 -45.45 -10.08 56.83
C ALA O 247 -44.81 -10.47 55.52
N GLY O 248 -45.43 -11.45 54.87
CA GLY O 248 -44.96 -11.93 53.60
C GLY O 248 -44.11 -13.17 53.73
N PRO O 249 -43.79 -13.77 52.59
CA PRO O 249 -42.95 -14.96 52.58
C PRO O 249 -41.48 -14.56 52.58
N LYS O 250 -40.65 -15.51 53.01
CA LYS O 250 -39.23 -15.29 53.06
C LYS O 250 -38.54 -16.57 52.61
N LEU O 251 -37.45 -16.43 51.85
CA LEU O 251 -36.67 -17.57 51.38
C LEU O 251 -35.51 -17.76 52.34
N PHE O 252 -35.27 -19.00 52.72
CA PHE O 252 -34.20 -19.31 53.67
C PHE O 252 -33.24 -20.33 53.11
N PRO O 253 -32.04 -19.93 52.74
CA PRO O 253 -31.05 -20.89 52.25
C PRO O 253 -30.35 -21.53 53.44
N VAL O 254 -30.62 -22.82 53.64
CA VAL O 254 -30.06 -23.59 54.74
C VAL O 254 -29.01 -24.55 54.19
N SER O 255 -27.79 -24.45 54.70
CA SER O 255 -26.67 -25.27 54.24
C SER O 255 -25.85 -25.73 55.43
N GLY O 256 -24.90 -26.63 55.19
CA GLY O 256 -24.08 -27.11 56.27
C GLY O 256 -24.38 -28.49 56.78
N LYS O 257 -24.25 -28.67 58.08
CA LYS O 257 -24.48 -29.97 58.70
C LYS O 257 -25.96 -30.28 58.96
N VAL O 258 -26.81 -30.14 57.95
CA VAL O 258 -28.22 -30.45 58.09
C VAL O 258 -28.52 -31.63 57.16
N LYS O 259 -29.59 -32.35 57.49
CA LYS O 259 -29.95 -33.52 56.70
C LYS O 259 -30.52 -33.13 55.34
N LYS O 260 -31.31 -32.05 55.27
CA LYS O 260 -31.94 -31.60 54.04
C LYS O 260 -31.53 -30.16 53.70
N PRO O 261 -30.34 -29.96 53.16
CA PRO O 261 -29.95 -28.60 52.82
C PRO O 261 -30.64 -28.11 51.55
N GLY O 262 -31.13 -26.88 51.60
CA GLY O 262 -31.82 -26.31 50.46
C GLY O 262 -32.48 -24.99 50.85
N VAL O 263 -33.38 -24.57 49.98
CA VAL O 263 -34.13 -23.32 50.14
C VAL O 263 -35.49 -23.63 50.71
N TYR O 264 -35.87 -22.90 51.75
CA TYR O 264 -37.16 -23.10 52.39
C TYR O 264 -37.92 -21.78 52.43
N GLU O 265 -39.15 -21.78 51.94
CA GLU O 265 -40.00 -20.60 51.94
C GLU O 265 -40.89 -20.75 53.16
N LEU O 266 -40.69 -19.87 54.14
CA LEU O 266 -41.43 -19.92 55.40
C LEU O 266 -41.86 -18.53 55.81
N PRO O 267 -42.82 -18.42 56.71
CA PRO O 267 -43.22 -17.10 57.21
C PRO O 267 -42.18 -16.65 58.20
N MET O 268 -42.07 -15.32 58.35
CA MET O 268 -41.01 -14.81 59.22
C MET O 268 -41.23 -15.02 60.72
N ASN O 269 -42.28 -15.69 61.18
CA ASN O 269 -42.43 -15.93 62.61
C ASN O 269 -41.71 -17.21 63.06
N THR O 270 -41.17 -17.96 62.10
CA THR O 270 -40.43 -19.19 62.40
C THR O 270 -39.22 -18.88 63.27
N THR O 271 -38.84 -19.84 64.10
CA THR O 271 -37.67 -19.68 64.94
C THR O 271 -36.50 -20.39 64.28
N LEU O 272 -35.29 -19.93 64.62
CA LEU O 272 -34.10 -20.55 64.04
C LEU O 272 -34.06 -22.06 64.34
N ARG O 273 -34.54 -22.47 65.52
CA ARG O 273 -34.54 -23.88 65.86
C ARG O 273 -35.50 -24.65 64.96
N GLU O 274 -36.66 -24.05 64.64
CA GLU O 274 -37.60 -24.73 63.76
C GLU O 274 -37.02 -24.94 62.37
N VAL O 275 -36.30 -23.93 61.85
CA VAL O 275 -35.68 -24.06 60.53
C VAL O 275 -34.77 -25.28 60.47
N ILE O 276 -33.93 -25.47 61.48
CA ILE O 276 -32.96 -26.57 61.48
C ILE O 276 -33.64 -27.92 61.70
N PHE O 277 -34.47 -28.02 62.75
CA PHE O 277 -35.04 -29.32 63.11
C PHE O 277 -36.42 -29.63 62.54
N LYS O 278 -37.29 -28.65 62.35
CA LYS O 278 -38.61 -28.99 61.83
C LYS O 278 -38.62 -29.14 60.31
N TYR O 279 -38.04 -28.19 59.59
CA TYR O 279 -38.05 -28.21 58.13
C TYR O 279 -36.81 -28.82 57.49
N ALA O 280 -35.60 -28.46 57.93
CA ALA O 280 -34.39 -29.00 57.32
C ALA O 280 -34.01 -30.40 57.80
N GLY O 281 -34.80 -30.99 58.71
CA GLY O 281 -34.55 -32.34 59.17
C GLY O 281 -33.48 -32.59 60.22
N GLY O 282 -33.11 -31.58 60.98
CA GLY O 282 -32.10 -31.80 62.01
C GLY O 282 -30.68 -31.81 61.48
N THR O 283 -29.76 -32.13 62.39
CA THR O 283 -28.35 -32.13 62.05
C THR O 283 -27.87 -33.51 61.60
N LEU O 284 -26.74 -33.51 60.91
CA LEU O 284 -26.13 -34.74 60.45
C LEU O 284 -25.61 -35.54 61.65
N GLY O 285 -25.91 -36.83 61.67
CA GLY O 285 -25.47 -37.69 62.76
C GLY O 285 -26.06 -37.28 64.09
N ASN O 286 -27.09 -36.43 64.06
CA ASN O 286 -27.77 -35.94 65.26
C ASN O 286 -26.76 -35.35 66.23
N LYS O 287 -25.77 -34.66 65.68
CA LYS O 287 -24.75 -34.02 66.49
C LYS O 287 -25.29 -32.71 67.02
N LYS O 288 -24.88 -32.36 68.24
CA LYS O 288 -25.36 -31.13 68.86
C LYS O 288 -24.87 -29.91 68.08
N VAL O 289 -25.75 -28.92 67.97
CA VAL O 289 -25.45 -27.68 67.24
C VAL O 289 -24.53 -26.80 68.06
N LYS O 290 -23.44 -26.33 67.43
CA LYS O 290 -22.51 -25.45 68.11
C LYS O 290 -22.77 -23.99 67.78
N ALA O 291 -22.90 -23.65 66.49
CA ALA O 291 -23.15 -22.28 66.09
C ALA O 291 -23.80 -22.25 64.72
N VAL O 292 -24.38 -21.09 64.40
CA VAL O 292 -25.03 -20.84 63.11
C VAL O 292 -24.46 -19.53 62.58
N PHE O 293 -24.03 -19.54 61.33
CA PHE O 293 -23.48 -18.36 60.69
C PHE O 293 -24.50 -17.76 59.73
N SER O 294 -24.95 -16.52 60.00
CA SER O 294 -25.86 -15.83 59.09
C SER O 294 -24.97 -15.35 57.95
N GLY O 295 -24.65 -16.28 57.04
CA GLY O 295 -23.77 -15.91 55.95
C GLY O 295 -22.41 -15.58 56.54
N ALA O 296 -21.89 -14.42 56.17
CA ALA O 296 -20.63 -13.93 56.69
C ALA O 296 -20.85 -12.69 57.52
N LEU O 297 -22.08 -12.50 57.98
CA LEU O 297 -22.50 -11.32 58.71
C LEU O 297 -22.61 -11.50 60.22
N ASP O 298 -23.34 -12.51 60.68
CA ASP O 298 -23.54 -12.74 62.10
C ASP O 298 -23.20 -14.16 62.48
N CYS O 299 -22.96 -14.35 63.78
CA CYS O 299 -22.65 -15.66 64.33
C CYS O 299 -23.50 -15.83 65.57
N PHE O 300 -24.35 -16.85 65.57
CA PHE O 300 -25.24 -17.18 66.66
C PHE O 300 -24.74 -18.44 67.35
N SER O 301 -24.91 -18.49 68.67
CA SER O 301 -24.48 -19.64 69.46
C SER O 301 -25.67 -20.57 69.69
N SER O 302 -25.36 -21.76 70.21
CA SER O 302 -26.40 -22.76 70.49
C SER O 302 -27.46 -22.27 71.48
N GLU O 303 -27.15 -21.25 72.26
CA GLU O 303 -28.04 -20.68 73.26
C GLU O 303 -28.98 -19.64 72.67
N GLU O 304 -28.92 -19.39 71.36
CA GLU O 304 -29.75 -18.40 70.70
C GLU O 304 -30.59 -19.01 69.59
N LEU O 305 -30.86 -20.31 69.66
CA LEU O 305 -31.64 -20.96 68.61
C LEU O 305 -33.12 -20.63 68.64
N ASP O 306 -33.64 -20.05 69.73
CA ASP O 306 -35.07 -19.77 69.82
C ASP O 306 -35.43 -18.33 69.46
N ILE O 307 -34.74 -17.73 68.50
CA ILE O 307 -35.03 -16.35 68.10
C ILE O 307 -35.79 -16.42 66.77
N PRO O 308 -36.67 -15.47 66.50
CA PRO O 308 -37.43 -15.50 65.25
C PRO O 308 -36.59 -15.07 64.05
N MET O 309 -36.99 -15.57 62.88
CA MET O 309 -36.32 -15.23 61.63
C MET O 309 -36.92 -13.96 61.06
N ASP O 310 -36.95 -12.90 61.84
CA ASP O 310 -37.55 -11.67 61.34
C ASP O 310 -36.50 -10.56 61.33
N TYR O 311 -36.98 -9.34 61.08
CA TYR O 311 -36.14 -8.15 61.01
C TYR O 311 -36.14 -7.35 62.31
N SER O 312 -36.59 -7.95 63.41
CA SER O 312 -36.63 -7.28 64.70
C SER O 312 -35.22 -7.20 65.28
N PRO O 313 -35.02 -6.39 66.31
CA PRO O 313 -33.67 -6.30 66.92
C PRO O 313 -33.17 -7.63 67.45
N LEU O 314 -33.98 -8.33 68.25
CA LEU O 314 -33.62 -9.62 68.82
C LEU O 314 -33.75 -10.75 67.82
N GLY O 315 -33.95 -10.44 66.55
CA GLY O 315 -34.11 -11.44 65.54
C GLY O 315 -32.85 -11.73 64.75
N PHE O 316 -32.95 -12.79 63.94
CA PHE O 316 -31.88 -13.26 63.09
C PHE O 316 -31.41 -12.17 62.13
N GLY O 317 -32.34 -11.61 61.35
CA GLY O 317 -31.99 -10.55 60.41
C GLY O 317 -31.26 -11.07 59.19
N GLY O 318 -30.27 -10.30 58.73
CA GLY O 318 -29.49 -10.69 57.57
C GLY O 318 -30.39 -10.98 56.39
N THR O 319 -29.99 -11.96 55.57
CA THR O 319 -30.76 -12.37 54.41
C THR O 319 -31.43 -13.71 54.64
N GLY O 320 -31.49 -14.16 55.89
CA GLY O 320 -32.10 -15.44 56.18
C GLY O 320 -31.19 -16.59 55.87
N THR O 321 -29.89 -16.32 55.66
CA THR O 321 -28.92 -17.35 55.36
C THR O 321 -28.60 -18.09 56.64
N VAL O 322 -28.70 -19.42 56.59
CA VAL O 322 -28.46 -20.27 57.74
C VAL O 322 -27.39 -21.31 57.42
N ILE O 323 -26.18 -21.09 57.92
CA ILE O 323 -25.06 -22.02 57.79
C ILE O 323 -24.91 -22.67 59.17
N VAL O 324 -25.20 -23.96 59.26
CA VAL O 324 -25.17 -24.68 60.53
C VAL O 324 -23.83 -25.37 60.77
N LEU O 325 -23.29 -25.18 61.98
CA LEU O 325 -22.03 -25.79 62.41
C LEU O 325 -22.31 -26.67 63.62
N THR O 326 -21.76 -27.90 63.63
CA THR O 326 -22.00 -28.83 64.75
C THR O 326 -20.84 -28.81 65.76
N GLU O 327 -20.95 -29.70 66.77
CA GLU O 327 -20.00 -29.74 67.88
C GLU O 327 -18.55 -30.05 67.49
N GLU O 328 -18.33 -30.81 66.44
CA GLU O 328 -16.96 -31.15 66.07
C GLU O 328 -16.30 -30.15 65.13
N ASP O 329 -16.97 -29.03 64.83
CA ASP O 329 -16.40 -28.02 63.95
C ASP O 329 -15.68 -26.96 64.74
N ASP O 330 -14.52 -26.54 64.25
CA ASP O 330 -13.70 -25.56 64.93
C ASP O 330 -14.14 -24.14 64.59
N ILE O 331 -14.52 -23.38 65.64
CA ILE O 331 -14.96 -22.00 65.47
C ILE O 331 -13.86 -21.16 64.88
N VAL O 332 -12.64 -21.29 65.42
CA VAL O 332 -11.51 -20.52 64.89
C VAL O 332 -11.27 -20.85 63.42
N GLU O 333 -11.31 -22.13 63.06
CA GLU O 333 -11.13 -22.49 61.65
C GLU O 333 -12.21 -21.87 60.79
N ALA O 334 -13.47 -21.93 61.25
CA ALA O 334 -14.58 -21.31 60.51
C ALA O 334 -14.37 -19.81 60.39
N ALA O 335 -13.96 -19.18 61.51
CA ALA O 335 -13.71 -17.75 61.48
C ALA O 335 -12.68 -17.40 60.44
N LEU O 336 -11.66 -18.25 60.31
CA LEU O 336 -10.63 -18.00 59.32
C LEU O 336 -11.22 -17.95 57.92
N LYS O 337 -12.10 -18.90 57.59
CA LYS O 337 -12.72 -18.88 56.27
C LYS O 337 -13.46 -17.58 56.01
N ILE O 338 -14.06 -16.99 57.05
CA ILE O 338 -14.77 -15.73 56.88
C ILE O 338 -13.77 -14.60 56.61
N ALA O 339 -12.69 -14.54 57.40
CA ALA O 339 -11.68 -13.48 57.20
C ALA O 339 -11.09 -13.55 55.81
N GLU O 340 -10.86 -14.77 55.30
CA GLU O 340 -10.35 -14.94 53.95
C GLU O 340 -11.33 -14.36 52.93
N PHE O 341 -12.63 -14.58 53.17
CA PHE O 341 -13.64 -14.08 52.26
C PHE O 341 -13.57 -12.55 52.13
N TYR O 342 -13.49 -11.84 53.26
CA TYR O 342 -13.42 -10.39 53.17
C TYR O 342 -12.10 -9.93 52.58
N GLU O 343 -11.01 -10.62 52.92
CA GLU O 343 -9.72 -10.22 52.36
C GLU O 343 -9.76 -10.31 50.85
N HIS O 344 -10.41 -11.35 50.34
CA HIS O 344 -10.56 -11.59 48.91
C HIS O 344 -11.62 -10.72 48.24
N GLU O 345 -12.50 -10.07 48.99
CA GLU O 345 -13.55 -9.30 48.34
C GLU O 345 -13.45 -7.80 48.51
N THR O 346 -12.61 -7.29 49.41
CA THR O 346 -12.48 -5.84 49.57
C THR O 346 -12.12 -5.19 48.24
N CYS O 347 -12.82 -4.11 47.88
CA CYS O 347 -12.54 -3.45 46.61
C CYS O 347 -11.19 -2.70 46.62
N GLY O 348 -10.67 -2.33 47.79
CA GLY O 348 -9.40 -1.66 47.92
C GLY O 348 -9.45 -0.16 47.83
N GLN O 349 -10.64 0.44 47.76
CA GLN O 349 -10.78 1.88 47.61
C GLN O 349 -10.37 2.67 48.85
N CYS O 350 -10.78 2.24 50.05
CA CYS O 350 -10.45 2.99 51.25
C CYS O 350 -9.53 2.21 52.18
N THR O 351 -8.63 2.92 52.81
CA THR O 351 -7.59 2.43 53.69
C THR O 351 -8.02 1.48 54.78
N PRO O 352 -8.96 1.85 55.66
CA PRO O 352 -9.28 0.96 56.79
C PRO O 352 -9.67 -0.43 56.37
N CYS O 353 -10.35 -0.57 55.24
CA CYS O 353 -10.81 -1.88 54.78
C CYS O 353 -9.79 -2.55 53.84
N ARG O 354 -9.18 -1.79 52.92
CA ARG O 354 -8.15 -2.36 52.05
C ARG O 354 -7.08 -3.03 52.87
N VAL O 355 -6.61 -2.37 53.93
CA VAL O 355 -5.58 -2.96 54.79
C VAL O 355 -6.18 -3.82 55.90
N GLY O 356 -7.30 -3.38 56.51
CA GLY O 356 -7.89 -4.12 57.61
C GLY O 356 -8.24 -5.57 57.28
N CYS O 357 -8.96 -5.78 56.17
CA CYS O 357 -9.36 -7.13 55.81
C CYS O 357 -8.15 -8.03 55.56
N TYR O 358 -7.10 -7.47 54.98
CA TYR O 358 -5.90 -8.22 54.68
C TYR O 358 -5.13 -8.58 55.94
N GLU O 359 -4.89 -7.59 56.81
CA GLU O 359 -4.13 -7.87 58.02
C GLU O 359 -4.93 -8.71 58.98
N GLN O 360 -6.26 -8.57 58.96
CA GLN O 360 -7.10 -9.38 59.81
C GLN O 360 -6.95 -10.85 59.45
N ALA O 361 -7.00 -11.12 58.15
CA ALA O 361 -6.87 -12.49 57.65
C ALA O 361 -5.48 -13.02 57.89
N ASN O 362 -4.45 -12.19 57.70
CA ASN O 362 -3.09 -12.67 57.91
C ASN O 362 -2.84 -13.00 59.37
N LEU O 363 -3.35 -12.15 60.27
CA LEU O 363 -3.16 -12.38 61.69
C LEU O 363 -3.94 -13.62 62.15
N LEU O 364 -5.19 -13.75 61.73
CA LEU O 364 -5.98 -14.92 62.13
C LEU O 364 -5.34 -16.21 61.67
N GLU O 365 -4.68 -16.19 60.51
CA GLU O 365 -4.02 -17.41 60.05
C GLU O 365 -2.84 -17.76 60.95
N LYS O 366 -2.12 -16.76 61.49
CA LYS O 366 -1.04 -17.05 62.42
C LYS O 366 -1.59 -17.65 63.70
N ILE O 367 -2.75 -17.15 64.15
CA ILE O 367 -3.38 -17.66 65.37
C ILE O 367 -3.79 -19.11 65.17
N TYR O 368 -4.47 -19.38 64.05
CA TYR O 368 -4.93 -20.73 63.74
C TYR O 368 -3.77 -21.70 63.66
N LYS O 369 -2.66 -21.27 63.10
CA LYS O 369 -1.48 -22.13 62.98
C LYS O 369 -0.69 -22.29 64.28
N GLY O 370 -1.00 -21.52 65.33
CA GLY O 370 -0.27 -21.63 66.59
C GLY O 370 1.02 -20.84 66.65
N GLU O 371 1.37 -20.09 65.59
CA GLU O 371 2.56 -19.27 65.55
C GLU O 371 2.32 -17.83 65.98
N ALA O 372 1.29 -17.57 66.77
CA ALA O 372 0.99 -16.21 67.19
C ALA O 372 1.75 -15.85 68.46
N THR O 373 2.30 -14.64 68.47
CA THR O 373 3.05 -14.10 69.58
C THR O 373 2.12 -13.23 70.42
N GLU O 374 2.66 -12.70 71.52
CA GLU O 374 1.86 -11.85 72.39
C GLU O 374 1.38 -10.60 71.64
N GLN O 375 2.24 -10.02 70.80
CA GLN O 375 1.86 -8.84 70.03
C GLN O 375 0.92 -9.19 68.88
N ASP O 376 1.06 -10.39 68.29
CA ASP O 376 0.16 -10.79 67.21
C ASP O 376 -1.29 -10.70 67.66
N TRP O 377 -1.57 -11.22 68.86
CA TRP O 377 -2.93 -11.16 69.39
C TRP O 377 -3.36 -9.72 69.60
N GLU O 378 -2.50 -8.92 70.25
CA GLU O 378 -2.84 -7.51 70.47
C GLU O 378 -3.09 -6.81 69.13
N GLY O 379 -2.31 -7.18 68.10
CA GLY O 379 -2.50 -6.57 66.78
C GLY O 379 -3.80 -7.00 66.13
N PHE O 380 -4.14 -8.29 66.27
CA PHE O 380 -5.40 -8.83 65.72
C PHE O 380 -6.62 -8.14 66.31
N ASP O 381 -6.61 -7.96 67.63
CA ASP O 381 -7.73 -7.27 68.27
C ASP O 381 -7.88 -5.87 67.69
N PHE O 382 -6.76 -5.15 67.60
CA PHE O 382 -6.71 -3.77 67.10
C PHE O 382 -7.30 -3.64 65.71
N VAL O 383 -6.88 -4.50 64.78
CA VAL O 383 -7.38 -4.40 63.41
C VAL O 383 -8.86 -4.72 63.33
N ASN O 384 -9.25 -5.87 63.90
CA ASN O 384 -10.64 -6.33 63.86
C ASN O 384 -11.67 -5.30 64.32
N ARG O 385 -11.38 -4.56 65.39
CA ARG O 385 -12.33 -3.58 65.91
C ARG O 385 -12.24 -2.21 65.27
N ASN O 386 -11.29 -1.97 64.35
CA ASN O 386 -11.14 -0.64 63.75
C ASN O 386 -11.36 -0.56 62.25
N ILE O 387 -11.77 -1.65 61.60
CA ILE O 387 -12.04 -1.57 60.17
C ILE O 387 -13.29 -0.74 59.90
N GLN O 388 -14.31 -0.92 60.72
CA GLN O 388 -15.61 -0.29 60.48
C GLN O 388 -15.70 1.23 60.66
N PRO O 389 -15.24 1.83 61.79
CA PRO O 389 -15.45 3.28 61.99
C PRO O 389 -15.29 4.19 60.78
N THR O 390 -14.24 4.05 59.98
CA THR O 390 -14.06 4.91 58.84
C THR O 390 -14.32 4.23 57.50
N SER O 391 -14.73 2.97 57.46
CA SER O 391 -15.00 2.35 56.16
C SER O 391 -16.06 3.12 55.37
N ILE O 392 -15.93 3.07 54.04
CA ILE O 392 -16.87 3.77 53.16
C ILE O 392 -18.19 3.01 52.98
N CYS O 393 -18.14 1.67 52.81
CA CYS O 393 -19.32 0.88 52.52
C CYS O 393 -19.57 -0.22 53.56
N GLY O 394 -20.66 -0.97 53.33
CA GLY O 394 -21.06 -2.02 54.23
C GLY O 394 -20.07 -3.16 54.40
N LEU O 395 -19.30 -3.47 53.35
CA LEU O 395 -18.33 -4.56 53.48
C LEU O 395 -17.36 -4.26 54.62
N GLY O 396 -16.67 -3.12 54.53
CA GLY O 396 -15.75 -2.77 55.59
C GLY O 396 -16.47 -2.58 56.91
N ALA O 397 -17.73 -2.14 56.86
CA ALA O 397 -18.53 -1.95 58.07
C ALA O 397 -18.77 -3.26 58.81
N VAL O 398 -18.79 -4.39 58.11
CA VAL O 398 -19.07 -5.65 58.78
C VAL O 398 -17.95 -6.65 58.67
N ALA O 399 -16.81 -6.29 58.06
CA ALA O 399 -15.72 -7.25 57.86
C ALA O 399 -15.19 -7.89 59.15
N GLY O 400 -15.48 -7.33 60.32
CA GLY O 400 -15.03 -7.95 61.55
C GLY O 400 -16.17 -8.33 62.49
N ARG O 401 -17.41 -8.10 62.05
CA ARG O 401 -18.61 -8.38 62.86
C ARG O 401 -18.70 -9.84 63.29
N LEU O 402 -18.70 -10.77 62.33
CA LEU O 402 -18.83 -12.18 62.67
C LEU O 402 -17.65 -12.66 63.51
N ILE O 403 -16.43 -12.31 63.10
CA ILE O 403 -15.25 -12.75 63.86
C ILE O 403 -15.32 -12.24 65.30
N ARG O 404 -15.68 -10.97 65.48
CA ARG O 404 -15.76 -10.44 66.83
C ARG O 404 -16.79 -11.22 67.66
N GLN O 405 -17.94 -11.54 67.06
CA GLN O 405 -18.96 -12.28 67.80
C GLN O 405 -18.44 -13.64 68.26
N THR O 406 -17.66 -14.34 67.43
CA THR O 406 -17.14 -15.64 67.90
C THR O 406 -16.11 -15.44 68.99
N LEU O 407 -15.50 -14.26 69.07
CA LEU O 407 -14.54 -14.00 70.12
C LEU O 407 -15.24 -13.88 71.46
N GLU O 408 -16.47 -13.36 71.45
CA GLU O 408 -17.26 -13.17 72.65
C GLU O 408 -18.15 -14.36 73.00
N LYS O 409 -18.65 -15.09 72.02
CA LYS O 409 -19.51 -16.23 72.35
C LYS O 409 -18.73 -17.52 72.51
N PHE O 410 -17.49 -17.59 72.02
CA PHE O 410 -16.67 -18.80 72.13
C PHE O 410 -15.26 -18.52 72.65
N PRO O 411 -15.12 -17.83 73.80
CA PRO O 411 -13.76 -17.56 74.30
C PRO O 411 -12.96 -18.81 74.62
N GLU O 412 -13.57 -19.81 75.26
CA GLU O 412 -12.88 -21.04 75.60
C GLU O 412 -12.22 -21.69 74.38
N GLU O 413 -12.93 -21.65 73.24
CA GLU O 413 -12.41 -22.25 72.01
C GLU O 413 -11.25 -21.44 71.47
N TRP O 414 -11.28 -20.11 71.63
CA TRP O 414 -10.17 -19.30 71.15
C TRP O 414 -8.94 -19.46 72.02
N GLU O 415 -9.10 -19.53 73.36
CA GLU O 415 -7.90 -19.68 74.17
C GLU O 415 -7.22 -21.01 73.93
N LYS O 416 -7.90 -21.96 73.29
CA LYS O 416 -7.26 -23.22 72.96
C LYS O 416 -6.12 -22.98 71.98
N TYR O 417 -6.01 -21.75 71.46
CA TYR O 417 -5.00 -21.33 70.50
C TYR O 417 -3.92 -20.42 71.07
N ARG O 418 -3.86 -20.21 72.38
CA ARG O 418 -2.82 -19.36 72.95
C ARG O 418 -1.69 -20.20 73.54
N LYS O 419 -0.45 -19.84 73.16
CA LYS O 419 0.76 -20.51 73.62
C LYS O 419 1.25 -20.02 74.98
N LYS P 5 35.10 17.28 158.54
CA LYS P 5 34.55 15.94 158.48
C LYS P 5 35.23 15.15 157.37
N LEU P 6 34.88 13.87 157.19
CA LEU P 6 35.50 13.08 156.15
C LEU P 6 35.18 13.68 154.79
N SER P 7 36.19 13.80 153.94
CA SER P 7 35.98 14.38 152.61
C SER P 7 36.98 13.80 151.62
N ARG P 8 36.52 12.96 150.70
CA ARG P 8 37.44 12.44 149.72
C ARG P 8 37.87 13.54 148.76
N LYS P 9 38.75 13.20 147.84
CA LYS P 9 39.28 14.16 146.89
C LYS P 9 39.07 13.72 145.45
N ASP P 10 38.92 14.71 144.57
CA ASP P 10 38.76 14.47 143.15
C ASP P 10 40.08 14.83 142.49
N TYR P 11 40.49 13.99 141.53
CA TYR P 11 41.78 14.20 140.89
C TYR P 11 41.76 14.19 139.36
N LEU P 12 40.63 14.47 138.69
CA LEU P 12 40.84 14.38 137.26
C LEU P 12 41.50 15.69 136.81
N ASN P 13 40.70 16.71 136.44
CA ASN P 13 41.17 18.06 136.08
C ASN P 13 40.24 18.71 135.07
N ILE P 14 40.75 19.80 134.50
CA ILE P 14 40.19 20.54 133.37
C ILE P 14 41.08 19.96 132.27
N LEU P 15 41.50 18.71 132.51
CA LEU P 15 42.37 17.88 131.69
C LEU P 15 41.60 17.52 130.42
N GLU P 16 41.56 18.47 129.49
CA GLU P 16 40.83 18.23 128.24
C GLU P 16 41.42 17.10 127.41
N SER P 17 42.59 16.58 127.78
CA SER P 17 43.17 15.46 127.03
C SER P 17 42.35 14.19 127.21
N ILE P 18 41.47 14.15 128.22
CA ILE P 18 40.62 12.99 128.47
C ILE P 18 39.70 12.76 127.28
N LEU P 19 39.48 13.80 126.47
CA LEU P 19 38.67 13.69 125.28
C LEU P 19 39.27 14.42 124.09
N PHE P 20 40.39 15.14 124.25
CA PHE P 20 41.02 15.82 123.13
C PHE P 20 42.01 14.94 122.40
N ILE P 21 42.99 14.38 123.12
CA ILE P 21 43.96 13.52 122.48
C ILE P 21 43.24 12.32 121.86
N ASP P 22 41.99 12.10 122.25
CA ASP P 22 41.18 11.03 121.67
C ASP P 22 40.91 11.35 120.20
N PHE P 23 40.50 12.60 119.92
CA PHE P 23 40.27 13.02 118.53
C PHE P 23 41.61 13.11 117.81
N LEU P 24 42.66 13.46 118.56
CA LEU P 24 44.01 13.55 118.00
C LEU P 24 44.53 12.17 117.63
N LYS P 25 44.05 11.12 118.31
CA LYS P 25 44.45 9.76 117.99
C LYS P 25 43.70 9.20 116.79
N GLY P 26 42.76 9.97 116.23
CA GLY P 26 42.07 9.54 115.03
C GLY P 26 43.02 9.59 113.84
N LEU P 27 43.98 10.52 113.86
CA LEU P 27 44.97 10.62 112.80
C LEU P 27 45.84 9.37 112.77
N SER P 28 46.10 8.80 113.95
CA SER P 28 46.87 7.56 114.05
C SER P 28 46.07 6.39 113.53
N VAL P 29 44.75 6.57 113.33
CA VAL P 29 43.87 5.53 112.83
C VAL P 29 43.65 5.64 111.32
N THR P 30 43.88 6.82 110.71
CA THR P 30 43.71 6.99 109.27
C THR P 30 45.02 7.25 108.55
N LEU P 31 45.80 8.25 108.98
CA LEU P 31 47.08 8.52 108.31
C LEU P 31 47.98 7.31 108.39
N LYS P 32 47.94 6.59 109.51
CA LYS P 32 48.73 5.38 109.67
C LYS P 32 48.16 4.25 108.82
N ASN P 33 46.84 4.06 108.87
CA ASN P 33 46.18 3.01 108.10
C ASN P 33 45.99 3.33 106.62
N LEU P 34 46.14 4.59 106.20
CA LEU P 34 45.96 4.91 104.79
C LEU P 34 47.23 4.68 103.98
N LEU P 35 48.25 4.06 104.56
CA LEU P 35 49.48 3.73 103.86
C LEU P 35 49.28 2.37 103.20
N ARG P 36 48.16 2.33 102.48
CA ARG P 36 47.60 1.20 101.74
C ARG P 36 48.09 1.18 100.31
N ARG P 37 47.43 0.38 99.48
CA ARG P 37 47.79 0.27 98.07
C ARG P 37 47.64 1.64 97.41
N PRO P 38 48.60 2.05 96.59
CA PRO P 38 48.43 3.35 95.91
C PRO P 38 47.24 3.25 94.95
N ILE P 39 46.26 4.13 95.18
CA ILE P 39 45.08 4.17 94.34
C ILE P 39 45.43 4.50 92.90
N THR P 40 46.60 5.12 92.71
CA THR P 40 47.07 5.55 91.39
C THR P 40 47.07 4.43 90.36
N THR P 41 46.50 4.74 89.20
CA THR P 41 46.46 3.85 88.04
C THR P 41 47.51 4.50 87.15
N GLU P 42 48.75 4.01 87.27
CA GLU P 42 49.84 4.57 86.46
C GLU P 42 49.54 4.36 84.99
N TYR P 43 49.87 5.34 84.14
CA TYR P 43 49.53 5.02 82.77
C TYR P 43 50.68 5.05 81.74
N PRO P 44 51.89 4.68 82.08
CA PRO P 44 52.85 4.57 80.98
C PRO P 44 52.58 3.19 80.41
N LYS P 45 52.09 2.39 81.35
CA LYS P 45 51.72 0.99 81.29
C LYS P 45 50.46 0.90 82.15
N GLU P 46 49.79 -0.25 82.21
CA GLU P 46 48.62 -0.38 83.09
C GLU P 46 47.52 0.65 82.77
N LYS P 47 46.80 0.41 81.68
CA LYS P 47 45.74 1.34 81.28
C LYS P 47 44.39 0.97 81.88
N LEU P 48 43.60 2.00 82.22
CA LEU P 48 42.25 1.84 82.76
C LEU P 48 41.31 1.73 81.56
N THR P 49 40.66 0.57 81.43
CA THR P 49 39.77 0.30 80.29
C THR P 49 38.47 1.09 80.36
N PRO P 50 38.15 1.88 79.34
CA PRO P 50 36.90 2.63 79.38
C PRO P 50 35.72 1.67 79.39
N PRO P 51 34.63 2.04 80.07
CA PRO P 51 33.47 1.14 80.12
C PRO P 51 32.91 0.89 78.72
N LYS P 52 32.02 -0.11 78.65
CA LYS P 52 31.43 -0.50 77.37
C LYS P 52 30.65 0.65 76.72
N ARG P 53 30.07 1.55 77.50
CA ARG P 53 29.32 2.66 76.94
C ARG P 53 30.19 3.86 76.63
N PHE P 54 31.51 3.73 76.71
CA PHE P 54 32.38 4.87 76.45
C PHE P 54 32.18 5.43 75.04
N ARG P 55 32.14 6.76 74.97
CA ARG P 55 31.97 7.50 73.74
C ARG P 55 33.33 8.01 73.26
N GLY P 56 34.10 7.10 72.66
CA GLY P 56 35.40 7.43 72.12
C GLY P 56 35.30 7.82 70.65
N ALA P 57 36.38 7.55 69.91
CA ALA P 57 36.43 7.87 68.48
C ALA P 57 35.34 7.15 67.72
N HIS P 58 34.73 7.86 66.77
CA HIS P 58 33.64 7.30 65.97
C HIS P 58 34.16 6.20 65.04
N GLY P 59 33.24 5.35 64.62
CA GLY P 59 33.59 4.25 63.74
C GLY P 59 32.37 3.89 62.91
N HIS P 60 32.61 3.10 61.87
CA HIS P 60 31.58 2.64 60.95
C HIS P 60 31.52 1.11 60.98
N TYR P 61 30.43 0.57 61.55
CA TYR P 61 30.31 -0.89 61.56
C TYR P 61 30.28 -1.37 60.12
N VAL P 62 30.84 -2.54 59.92
CA VAL P 62 31.03 -3.11 58.62
C VAL P 62 30.02 -4.22 58.35
N TRP P 63 29.86 -4.57 57.06
CA TRP P 63 28.95 -5.64 56.62
C TRP P 63 29.48 -7.02 57.03
N ASP P 64 28.90 -7.60 58.09
CA ASP P 64 29.37 -8.91 58.58
C ASP P 64 28.29 -9.97 58.81
N GLY P 65 27.02 -9.66 58.60
CA GLY P 65 25.96 -10.61 58.83
C GLY P 65 25.07 -10.26 59.99
N THR P 66 25.57 -9.45 60.93
CA THR P 66 24.82 -9.01 62.11
C THR P 66 24.12 -7.68 61.89
N GLU P 67 23.67 -7.41 60.68
CA GLU P 67 23.01 -6.14 60.42
C GLU P 67 21.59 -6.16 60.96
N PRO P 68 21.07 -5.00 61.36
CA PRO P 68 19.69 -4.93 61.85
C PRO P 68 18.69 -5.04 60.70
N ASP P 69 17.44 -5.29 61.08
CA ASP P 69 16.37 -5.46 60.10
C ASP P 69 16.27 -4.27 59.16
N SER P 70 16.41 -3.06 59.68
CA SER P 70 16.32 -1.86 58.85
C SER P 70 17.35 -1.86 57.72
N LEU P 71 18.58 -2.30 58.00
CA LEU P 71 19.59 -2.31 56.95
C LEU P 71 19.30 -3.43 55.95
N LYS P 72 19.04 -4.64 56.45
CA LYS P 72 18.74 -5.77 55.56
C LYS P 72 17.57 -5.45 54.64
N ALA P 73 16.61 -4.68 55.13
CA ALA P 73 15.45 -4.33 54.34
C ALA P 73 15.79 -3.44 53.14
N ILE P 74 16.84 -2.64 53.22
CA ILE P 74 17.22 -1.75 52.11
C ILE P 74 18.49 -2.20 51.42
N GLU P 75 19.00 -3.39 51.75
CA GLU P 75 20.23 -3.87 51.13
C GLU P 75 20.12 -3.86 49.60
N LYS P 76 18.98 -4.28 49.06
CA LYS P 76 18.78 -4.35 47.62
C LYS P 76 19.03 -3.04 46.90
N PHE P 77 18.95 -1.89 47.59
CA PHE P 77 19.20 -0.61 46.94
C PHE P 77 20.65 -0.17 47.04
N MET P 78 21.44 -0.82 47.88
CA MET P 78 22.81 -0.42 48.12
C MET P 78 23.87 -1.16 47.33
N SER P 79 24.94 -0.41 47.05
CA SER P 79 26.15 -0.89 46.40
C SER P 79 27.18 -0.82 47.52
N TYR P 80 27.43 -1.97 48.14
CA TYR P 80 28.36 -2.10 49.25
C TYR P 80 29.26 -3.28 48.99
N GLU P 81 30.27 -3.41 49.82
CA GLU P 81 31.22 -4.51 49.71
C GLU P 81 31.30 -5.21 51.06
N LYS P 82 31.53 -6.52 51.02
CA LYS P 82 31.64 -7.26 52.28
C LYS P 82 32.79 -6.72 53.10
N ALA P 83 32.56 -6.63 54.41
CA ALA P 83 33.55 -6.12 55.36
C ALA P 83 33.86 -4.64 55.16
N LYS P 84 32.95 -3.89 54.55
CA LYS P 84 33.08 -2.46 54.30
C LYS P 84 31.91 -1.73 55.00
N SER P 85 32.02 -0.40 55.04
CA SER P 85 31.04 0.44 55.73
C SER P 85 29.60 0.10 55.35
N ARG P 86 28.73 0.10 56.36
CA ARG P 86 27.30 -0.15 56.19
C ARG P 86 26.52 1.10 55.82
N CYS P 87 27.11 2.27 56.05
CA CYS P 87 26.49 3.56 55.80
C CYS P 87 25.77 3.63 54.45
N VAL P 88 24.59 4.24 54.47
CA VAL P 88 23.73 4.44 53.30
C VAL P 88 23.55 5.93 52.97
N ALA P 89 24.36 6.81 53.56
CA ALA P 89 24.35 8.26 53.33
C ALA P 89 22.96 8.87 53.48
N CYS P 90 22.40 8.66 54.66
CA CYS P 90 21.08 9.19 54.98
C CYS P 90 21.14 10.58 55.59
N TYR P 91 22.33 11.03 56.01
CA TYR P 91 22.58 12.34 56.60
C TYR P 91 21.92 12.54 57.94
N MET P 92 21.46 11.47 58.59
CA MET P 92 20.81 11.63 59.90
C MET P 92 21.82 12.05 60.96
N CYS P 93 23.00 11.42 60.97
CA CYS P 93 24.01 11.79 61.95
C CYS P 93 24.38 13.27 61.83
N GLN P 94 24.72 13.71 60.60
CA GLN P 94 25.09 15.11 60.43
C GLN P 94 23.91 16.04 60.75
N THR P 95 22.69 15.66 60.37
CA THR P 95 21.52 16.50 60.64
C THR P 95 21.20 16.54 62.13
N ALA P 96 21.48 15.46 62.86
CA ALA P 96 21.23 15.46 64.30
C ALA P 96 22.32 16.20 65.05
N CYS P 97 23.53 16.14 64.53
CA CYS P 97 24.71 16.76 65.13
C CYS P 97 24.51 18.26 65.31
N PRO P 98 24.92 18.83 66.45
CA PRO P 98 24.81 20.28 66.63
C PRO P 98 25.88 21.03 65.87
N MET P 99 26.95 20.32 65.48
CA MET P 99 28.06 20.87 64.71
C MET P 99 28.16 20.16 63.37
N PRO P 100 27.11 20.20 62.54
CA PRO P 100 27.16 19.48 61.26
C PRO P 100 28.36 19.78 60.40
N THR P 101 28.94 20.97 60.52
CA THR P 101 30.08 21.34 59.69
C THR P 101 31.26 20.37 59.84
N LEU P 102 31.39 19.70 60.99
CA LEU P 102 32.52 18.79 61.12
C LEU P 102 32.39 17.59 60.20
N PHE P 103 31.19 17.27 59.75
CA PHE P 103 30.98 16.13 58.86
C PHE P 103 31.13 16.55 57.42
N ARG P 104 31.33 15.55 56.56
CA ARG P 104 31.35 15.78 55.12
C ARG P 104 30.97 14.42 54.53
N ILE P 105 29.70 14.31 54.07
CA ILE P 105 29.15 13.08 53.51
C ILE P 105 28.80 13.29 52.05
N GLU P 106 29.11 12.28 51.22
CA GLU P 106 28.81 12.30 49.79
C GLU P 106 28.45 10.91 49.29
N ALA P 107 27.44 10.84 48.41
CA ALA P 107 26.99 9.60 47.81
C ALA P 107 26.59 9.87 46.36
N VAL P 108 26.50 8.81 45.57
CA VAL P 108 26.14 8.94 44.17
C VAL P 108 25.14 7.86 43.81
N GLN P 109 24.54 8.02 42.63
CA GLN P 109 23.63 7.05 42.06
C GLN P 109 24.43 6.36 40.95
N LEU P 110 24.68 5.08 41.12
CA LEU P 110 25.43 4.34 40.13
C LEU P 110 24.56 4.09 38.90
N PRO P 111 25.18 3.80 37.75
CA PRO P 111 24.41 3.52 36.54
C PRO P 111 23.47 2.32 36.66
N ASN P 112 23.72 1.39 37.59
CA ASN P 112 22.84 0.25 37.77
C ASN P 112 21.64 0.60 38.64
N GLY P 113 21.55 1.84 39.10
CA GLY P 113 20.46 2.30 39.93
C GLY P 113 20.68 2.27 41.42
N LYS P 114 21.72 1.57 41.90
CA LYS P 114 21.99 1.49 43.33
C LYS P 114 22.64 2.77 43.86
N LYS P 115 22.68 2.90 45.18
CA LYS P 115 23.29 4.05 45.85
C LYS P 115 24.61 3.61 46.44
N LYS P 116 25.63 4.45 46.27
CA LYS P 116 26.97 4.17 46.80
C LYS P 116 27.48 5.41 47.50
N VAL P 117 27.90 5.25 48.74
CA VAL P 117 28.45 6.34 49.52
C VAL P 117 29.93 6.42 49.16
N VAL P 118 30.37 7.63 48.80
CA VAL P 118 31.72 7.84 48.32
C VAL P 118 32.60 8.68 49.28
N ARG P 119 32.04 9.32 50.29
CA ARG P 119 32.87 10.10 51.19
C ARG P 119 32.19 10.25 52.53
N PHE P 120 32.96 10.08 53.61
CA PHE P 120 32.46 10.23 54.98
C PHE P 120 33.67 10.66 55.82
N ASP P 121 33.78 11.97 56.08
CA ASP P 121 34.88 12.55 56.86
C ASP P 121 34.33 13.29 58.07
N MET P 122 35.07 13.21 59.17
CA MET P 122 34.71 13.84 60.43
C MET P 122 35.93 14.52 61.05
N ASN P 123 35.74 15.72 61.57
CA ASN P 123 36.79 16.49 62.23
C ASN P 123 36.51 16.42 63.74
N LEU P 124 37.28 15.57 64.44
CA LEU P 124 37.11 15.36 65.89
C LEU P 124 37.47 16.57 66.75
N LEU P 125 38.17 17.55 66.21
CA LEU P 125 38.57 18.72 67.01
C LEU P 125 37.43 19.70 67.20
N ASN P 126 36.27 19.44 66.58
CA ASN P 126 35.10 20.28 66.71
C ASN P 126 33.91 19.47 67.21
N CYS P 127 34.16 18.26 67.72
CA CYS P 127 33.14 17.34 68.18
C CYS P 127 32.85 17.42 69.68
N LEU P 128 31.58 17.23 70.05
CA LEU P 128 31.18 17.24 71.44
C LEU P 128 31.28 15.88 72.11
N PHE P 129 31.45 14.81 71.32
CA PHE P 129 31.50 13.44 71.85
C PHE P 129 30.26 13.20 72.70
N CYS P 130 29.13 13.73 72.19
CA CYS P 130 27.82 13.73 72.81
C CYS P 130 26.99 12.48 72.48
N GLY P 131 27.25 11.84 71.36
CA GLY P 131 26.55 10.63 70.97
C GLY P 131 25.26 10.78 70.22
N LEU P 132 24.82 12.01 69.93
CA LEU P 132 23.55 12.24 69.22
C LEU P 132 23.54 11.62 67.83
N CYS P 133 24.70 11.55 67.17
CA CYS P 133 24.75 10.97 65.83
C CYS P 133 24.46 9.48 65.88
N VAL P 134 25.02 8.78 66.87
CA VAL P 134 24.83 7.33 67.04
C VAL P 134 23.37 7.04 67.30
N ASP P 135 22.69 7.94 68.01
CA ASP P 135 21.29 7.75 68.27
C ASP P 135 20.51 7.82 66.96
N ALA P 136 20.89 8.74 66.08
CA ALA P 136 20.22 8.97 64.82
C ALA P 136 20.55 7.98 63.71
N CYS P 137 21.56 7.12 63.85
CA CYS P 137 21.86 6.18 62.76
C CYS P 137 20.75 5.15 62.68
N PRO P 138 20.00 5.09 61.58
CA PRO P 138 18.90 4.12 61.49
C PRO P 138 19.31 2.77 60.93
N VAL P 139 20.57 2.61 60.53
CA VAL P 139 21.05 1.39 59.89
C VAL P 139 22.09 0.63 60.72
N GLY P 140 22.43 1.12 61.92
CA GLY P 140 23.39 0.41 62.73
C GLY P 140 24.81 0.50 62.19
N CYS P 141 25.19 1.68 61.73
CA CYS P 141 26.52 1.90 61.17
C CYS P 141 27.36 2.78 62.08
N LEU P 142 26.89 3.97 62.41
CA LEU P 142 27.67 4.87 63.24
C LEU P 142 27.76 4.32 64.66
N THR P 143 28.95 4.42 65.24
CA THR P 143 29.18 3.94 66.58
C THR P 143 30.34 4.69 67.21
N MET P 144 30.39 4.65 68.53
CA MET P 144 31.45 5.26 69.31
C MET P 144 32.30 4.11 69.84
N THR P 145 33.59 4.18 69.57
CA THR P 145 34.49 3.14 70.04
C THR P 145 35.07 3.58 71.37
N ASP P 146 36.04 2.84 71.86
CA ASP P 146 36.72 3.16 73.10
C ASP P 146 38.05 3.85 72.84
N ILE P 147 38.38 4.08 71.57
CA ILE P 147 39.64 4.70 71.16
C ILE P 147 39.68 6.15 71.62
N PHE P 148 40.73 6.50 72.38
CA PHE P 148 40.90 7.85 72.88
C PHE P 148 42.32 8.37 72.76
N GLU P 149 43.31 7.51 72.50
CA GLU P 149 44.70 7.96 72.38
C GLU P 149 44.94 8.42 70.94
N LEU P 150 44.43 9.62 70.65
CA LEU P 150 44.51 10.21 69.31
C LEU P 150 45.25 11.54 69.24
N ALA P 151 45.85 12.02 70.33
CA ALA P 151 46.56 13.28 70.28
C ALA P 151 47.67 13.19 69.23
N ASN P 152 47.79 14.25 68.41
CA ASN P 152 48.78 14.28 67.34
C ASN P 152 49.32 15.71 67.19
N TYR P 153 50.19 15.89 66.19
CA TYR P 153 50.87 17.16 65.96
C TYR P 153 50.24 18.09 64.92
N SER P 154 49.13 17.72 64.31
CA SER P 154 48.51 18.64 63.35
C SER P 154 47.02 18.39 63.29
N ARG P 155 46.27 19.47 62.97
CA ARG P 155 44.82 19.35 62.84
C ARG P 155 44.44 18.32 61.79
N ARG P 156 45.29 18.10 60.78
CA ARG P 156 45.00 17.13 59.74
C ARG P 156 44.93 15.71 60.27
N ASN P 157 45.71 15.39 61.30
CA ASN P 157 45.69 14.05 61.86
C ASN P 157 44.44 13.75 62.66
N GLU P 158 43.60 14.76 62.94
CA GLU P 158 42.38 14.57 63.72
C GLU P 158 41.12 14.51 62.84
N VAL P 159 41.27 14.27 61.55
CA VAL P 159 40.14 14.18 60.64
C VAL P 159 40.04 12.73 60.18
N LEU P 160 38.97 12.06 60.58
CA LEU P 160 38.78 10.65 60.25
C LEU P 160 38.12 10.50 58.88
N ARG P 161 38.67 9.63 58.04
CA ARG P 161 38.09 9.36 56.74
C ARG P 161 37.26 8.08 56.87
N MET P 162 36.56 7.73 55.79
CA MET P 162 35.73 6.53 55.84
C MET P 162 36.53 5.31 56.25
N GLU P 163 37.68 5.09 55.60
CA GLU P 163 38.52 3.94 55.94
C GLU P 163 38.96 3.96 57.40
N ASP P 164 39.15 5.15 57.98
CA ASP P 164 39.52 5.20 59.39
C ASP P 164 38.36 4.74 60.26
N LEU P 165 37.14 5.24 59.96
CA LEU P 165 35.97 4.80 60.72
C LEU P 165 35.78 3.30 60.57
N GLU P 166 36.02 2.76 59.36
CA GLU P 166 35.86 1.33 59.19
C GLU P 166 36.85 0.57 60.05
N LYS P 167 38.12 0.99 60.05
CA LYS P 167 39.14 0.31 60.84
C LYS P 167 38.86 0.38 62.34
N PHE P 168 38.38 1.54 62.82
CA PHE P 168 38.08 1.69 64.24
C PHE P 168 36.99 0.72 64.70
N ALA P 169 35.87 0.70 63.98
CA ALA P 169 34.76 -0.19 64.33
C ALA P 169 35.17 -1.65 64.26
N ILE P 170 35.93 -2.03 63.22
CA ILE P 170 36.39 -3.40 63.09
C ILE P 170 37.25 -3.79 64.28
N ASP P 171 38.18 -2.91 64.66
CA ASP P 171 39.06 -3.17 65.80
C ASP P 171 38.30 -3.21 67.12
N PHE P 172 37.36 -2.28 67.31
CA PHE P 172 36.57 -2.23 68.54
C PHE P 172 35.74 -3.50 68.72
N LYS P 173 35.08 -3.95 67.64
CA LYS P 173 34.25 -5.15 67.72
C LYS P 173 35.11 -6.39 67.96
N GLN P 174 36.30 -6.43 67.36
CA GLN P 174 37.19 -7.57 67.55
C GLN P 174 37.58 -7.76 69.01
N ARG P 175 37.71 -6.67 69.76
CA ARG P 175 38.15 -6.77 71.15
C ARG P 175 37.02 -6.73 72.17
N ARG P 176 35.90 -6.06 71.88
CA ARG P 176 34.83 -6.00 72.88
C ARG P 176 33.45 -6.25 72.30
N GLY P 177 33.35 -6.96 71.17
CA GLY P 177 32.05 -7.22 70.58
C GLY P 177 31.15 -8.07 71.46
N ASN P 178 31.71 -9.10 72.08
CA ASN P 178 30.94 -10.00 72.94
C ASN P 178 30.87 -9.50 74.37
N GLU P 179 31.50 -8.38 74.69
CA GLU P 179 31.49 -7.87 76.05
C GLU P 179 30.08 -7.45 76.47
N PRO P 180 29.68 -7.79 77.71
CA PRO P 180 28.35 -7.39 78.17
C PRO P 180 28.31 -5.92 78.60
N ASP P 181 27.09 -5.40 78.69
CA ASP P 181 26.82 -4.01 79.08
C ASP P 181 26.97 -3.90 80.59
N ARG P 182 28.20 -3.66 81.05
CA ARG P 182 28.51 -3.56 82.46
C ARG P 182 29.01 -2.15 82.80
N ILE P 183 28.90 -1.80 84.09
CA ILE P 183 29.35 -0.49 84.54
C ILE P 183 30.85 -0.32 84.26
N TRP P 184 31.62 -1.39 84.34
CA TRP P 184 33.04 -1.37 84.03
C TRP P 184 33.38 -2.80 83.60
N PRO P 185 34.34 -2.96 82.71
CA PRO P 185 34.64 -4.31 82.20
C PRO P 185 35.67 -5.13 82.96
N ASN P 186 36.56 -4.49 83.70
CA ASN P 186 37.60 -5.21 84.43
C ASN P 186 37.64 -4.78 85.90
N ASP P 187 37.68 -5.76 86.81
CA ASP P 187 37.73 -5.45 88.24
C ASP P 187 39.15 -5.26 88.76
N GLU P 188 40.17 -5.76 88.06
CA GLU P 188 41.55 -5.58 88.53
C GLU P 188 41.97 -4.13 88.45
N GLU P 189 41.58 -3.44 87.38
CA GLU P 189 41.94 -2.04 87.23
C GLU P 189 41.22 -1.16 88.24
N ARG P 190 40.02 -1.58 88.66
CA ARG P 190 39.22 -0.83 89.61
C ARG P 190 39.48 -1.17 91.06
N GLU P 191 39.95 -2.39 91.36
CA GLU P 191 40.17 -2.77 92.75
C GLU P 191 41.08 -1.80 93.50
N LYS P 192 42.01 -1.14 92.82
CA LYS P 192 42.87 -0.17 93.50
C LYS P 192 42.05 0.92 94.18
N LEU P 193 40.94 1.33 93.56
CA LEU P 193 40.08 2.38 94.07
C LEU P 193 38.87 1.86 94.83
N TRP P 194 38.20 0.81 94.34
CA TRP P 194 37.03 0.24 95.00
C TRP P 194 37.33 -0.97 95.87
N GLY P 195 38.03 -1.95 95.32
CA GLY P 195 38.30 -3.16 96.03
C GLY P 195 37.24 -4.16 95.63
N LYS P 196 37.21 -5.28 96.33
CA LYS P 196 36.21 -6.30 96.03
C LYS P 196 34.81 -5.80 96.38
N ILE P 197 33.92 -5.76 95.37
CA ILE P 197 32.54 -5.33 95.52
C ILE P 197 31.65 -6.55 95.60
N GLU P 198 30.69 -6.53 96.53
CA GLU P 198 29.78 -7.66 96.72
C GLU P 198 28.64 -7.58 95.72
N TRP P 199 28.86 -8.14 94.52
CA TRP P 199 27.83 -8.13 93.50
C TRP P 199 26.69 -9.09 93.88
N SER P 200 25.63 -9.03 93.09
CA SER P 200 24.46 -9.86 93.30
C SER P 200 23.68 -9.89 92.00
N GLY P 201 22.70 -10.79 91.92
CA GLY P 201 21.86 -10.91 90.73
C GLY P 201 20.97 -9.70 90.51
N PHE Q 6 -2.75 -6.66 16.00
CA PHE Q 6 -3.76 -7.60 16.44
C PHE Q 6 -5.17 -7.23 15.94
N GLU Q 7 -5.82 -8.21 15.32
CA GLU Q 7 -7.16 -8.07 14.76
C GLU Q 7 -8.05 -9.19 15.29
N PHE Q 8 -9.32 -8.86 15.49
CA PHE Q 8 -10.26 -9.88 15.97
C PHE Q 8 -10.74 -10.71 14.79
N PRO Q 9 -10.76 -12.04 14.91
CA PRO Q 9 -11.33 -12.85 13.83
C PRO Q 9 -12.78 -12.45 13.62
N GLU Q 10 -13.25 -12.61 12.40
CA GLU Q 10 -14.62 -12.19 12.06
C GLU Q 10 -15.69 -12.76 12.98
N GLU Q 11 -15.62 -14.06 13.32
CA GLU Q 11 -16.62 -14.65 14.20
C GLU Q 11 -16.68 -13.93 15.55
N LEU Q 12 -15.53 -13.67 16.16
CA LEU Q 12 -15.48 -13.02 17.47
C LEU Q 12 -15.85 -11.54 17.36
N LYS Q 13 -15.40 -10.87 16.31
CA LYS Q 13 -15.71 -9.46 16.13
C LYS Q 13 -17.21 -9.26 15.99
N THR Q 14 -17.89 -10.23 15.38
CA THR Q 14 -19.35 -10.16 15.24
C THR Q 14 -20.03 -10.27 16.60
N LYS Q 15 -19.61 -11.27 17.40
CA LYS Q 15 -20.18 -11.43 18.74
C LYS Q 15 -19.95 -10.18 19.56
N LEU Q 16 -18.73 -9.65 19.53
CA LEU Q 16 -18.44 -8.45 20.29
C LEU Q 16 -19.32 -7.30 19.83
N GLN Q 17 -19.51 -7.17 18.52
CA GLN Q 17 -20.34 -6.08 18.02
C GLN Q 17 -21.77 -6.25 18.51
N GLU Q 18 -22.25 -7.51 18.57
CA GLU Q 18 -23.59 -7.78 19.06
C GLU Q 18 -23.77 -7.31 20.50
N HIS Q 19 -22.78 -7.59 21.36
CA HIS Q 19 -22.85 -7.15 22.76
C HIS Q 19 -22.85 -5.63 22.85
N ILE Q 20 -21.98 -4.98 22.08
CA ILE Q 20 -21.84 -3.53 22.07
C ILE Q 20 -23.14 -2.85 21.65
N ASN Q 21 -23.87 -3.45 20.69
CA ASN Q 21 -25.13 -2.83 20.25
C ASN Q 21 -26.28 -3.17 21.17
N TYR Q 22 -26.12 -4.21 22.00
CA TYR Q 22 -27.17 -4.65 22.90
C TYR Q 22 -27.52 -3.57 23.91
N PHE Q 23 -26.54 -3.08 24.64
CA PHE Q 23 -26.81 -2.05 25.64
C PHE Q 23 -27.08 -0.69 25.01
N PRO Q 24 -27.70 0.21 25.78
CA PRO Q 24 -27.96 1.54 25.25
C PRO Q 24 -26.69 2.30 24.93
N LYS Q 25 -25.66 2.17 25.76
CA LYS Q 25 -24.38 2.82 25.56
C LYS Q 25 -23.31 1.75 25.39
N LYS Q 26 -22.39 1.99 24.45
CA LYS Q 26 -21.36 1.01 24.11
C LYS Q 26 -20.46 0.60 25.28
N ARG Q 27 -20.02 1.54 26.11
CA ARG Q 27 -19.13 1.12 27.19
C ARG Q 27 -19.75 0.09 28.15
N GLN Q 28 -21.09 -0.01 28.23
CA GLN Q 28 -21.73 -0.98 29.14
C GLN Q 28 -21.50 -2.43 28.75
N ALA Q 29 -21.04 -2.72 27.54
CA ALA Q 29 -20.83 -4.09 27.09
C ALA Q 29 -19.46 -4.65 27.44
N ILE Q 30 -18.66 -3.89 28.19
CA ILE Q 30 -17.28 -4.28 28.51
C ILE Q 30 -17.18 -5.64 29.19
N LEU Q 31 -18.01 -5.91 30.20
CA LEU Q 31 -17.88 -7.21 30.87
C LEU Q 31 -18.27 -8.36 29.95
N LEU Q 32 -19.34 -8.20 29.16
CA LEU Q 32 -19.75 -9.24 28.23
C LEU Q 32 -18.70 -9.44 27.14
N CYS Q 33 -17.99 -8.37 26.78
CA CYS Q 33 -16.95 -8.47 25.77
C CYS Q 33 -15.75 -9.23 26.31
N LEU Q 34 -15.32 -8.89 27.54
CA LEU Q 34 -14.20 -9.60 28.15
C LEU Q 34 -14.53 -11.07 28.34
N HIS Q 35 -15.79 -11.38 28.69
CA HIS Q 35 -16.19 -12.77 28.83
C HIS Q 35 -16.11 -13.48 27.49
N GLU Q 36 -16.62 -12.84 26.43
CA GLU Q 36 -16.59 -13.46 25.11
C GLU Q 36 -15.16 -13.72 24.69
N ILE Q 37 -14.29 -12.71 24.88
CA ILE Q 37 -12.88 -12.85 24.52
C ILE Q 37 -12.24 -13.98 25.31
N GLN Q 38 -12.47 -14.03 26.63
CA GLN Q 38 -11.86 -15.12 27.40
C GLN Q 38 -12.38 -16.47 26.95
N ASN Q 39 -13.67 -16.57 26.63
CA ASN Q 39 -14.18 -17.86 26.19
C ASN Q 39 -13.65 -18.26 24.81
N TYR Q 40 -13.34 -17.27 23.98
CA TYR Q 40 -12.86 -17.57 22.63
C TYR Q 40 -11.40 -18.01 22.65
N TYR Q 41 -10.53 -17.26 23.33
CA TYR Q 41 -9.12 -17.58 23.38
C TYR Q 41 -8.71 -18.44 24.58
N GLY Q 42 -9.58 -18.66 25.56
CA GLY Q 42 -9.16 -19.43 26.71
C GLY Q 42 -8.39 -18.61 27.73
N TYR Q 43 -8.30 -17.29 27.51
CA TYR Q 43 -7.64 -16.31 28.36
C TYR Q 43 -7.92 -14.96 27.70
N ILE Q 44 -7.55 -13.89 28.40
CA ILE Q 44 -7.74 -12.56 27.82
C ILE Q 44 -6.37 -12.07 27.42
N PRO Q 45 -6.01 -12.11 26.15
CA PRO Q 45 -4.69 -11.64 25.72
C PRO Q 45 -4.58 -10.14 25.89
N PRO Q 46 -3.49 -9.66 26.51
CA PRO Q 46 -3.31 -8.20 26.67
C PRO Q 46 -3.38 -7.42 25.36
N GLU Q 47 -2.99 -8.06 24.27
CA GLU Q 47 -3.01 -7.46 22.93
C GLU Q 47 -4.42 -7.15 22.45
N SER Q 48 -5.45 -7.70 23.10
CA SER Q 48 -6.82 -7.47 22.68
C SER Q 48 -7.47 -6.30 23.40
N LEU Q 49 -6.87 -5.79 24.47
CA LEU Q 49 -7.48 -4.69 25.21
C LEU Q 49 -7.61 -3.42 24.37
N LYS Q 50 -6.55 -3.04 23.62
CA LYS Q 50 -6.67 -1.85 22.79
C LYS Q 50 -7.72 -2.04 21.69
N PRO Q 51 -7.70 -3.12 20.89
CA PRO Q 51 -8.77 -3.27 19.89
C PRO Q 51 -10.16 -3.23 20.52
N LEU Q 52 -10.29 -3.81 21.70
CA LEU Q 52 -11.56 -3.75 22.39
C LEU Q 52 -11.86 -2.34 22.83
N ALA Q 53 -10.87 -1.65 23.37
CA ALA Q 53 -11.11 -0.28 23.76
C ALA Q 53 -11.59 0.56 22.58
N ASP Q 54 -11.12 0.24 21.36
CA ASP Q 54 -11.54 1.01 20.19
C ASP Q 54 -13.00 0.73 19.81
N MET Q 55 -13.46 -0.51 19.97
CA MET Q 55 -14.84 -0.84 19.64
C MET Q 55 -15.81 -0.26 20.67
N LEU Q 56 -15.36 -0.15 21.92
CA LEU Q 56 -16.15 0.39 23.02
C LEU Q 56 -15.99 1.91 23.13
N GLU Q 57 -15.11 2.49 22.32
CA GLU Q 57 -14.85 3.91 22.35
C GLU Q 57 -14.41 4.36 23.74
N LEU Q 58 -13.45 3.64 24.30
CA LEU Q 58 -12.91 3.92 25.62
C LEU Q 58 -11.40 4.00 25.59
N PRO Q 59 -10.79 4.75 26.50
CA PRO Q 59 -9.33 4.80 26.56
C PRO Q 59 -8.83 3.47 27.09
N LEU Q 60 -7.65 3.07 26.61
CA LEU Q 60 -7.06 1.80 27.04
C LEU Q 60 -6.89 1.69 28.56
N ASN Q 61 -6.44 2.76 29.22
CA ASN Q 61 -6.24 2.66 30.68
C ASN Q 61 -7.54 2.31 31.38
N HIS Q 62 -8.66 2.67 30.78
CA HIS Q 62 -9.96 2.35 31.37
C HIS Q 62 -10.25 0.86 31.28
N VAL Q 63 -10.12 0.29 30.09
CA VAL Q 63 -10.33 -1.14 29.88
C VAL Q 63 -9.37 -1.94 30.76
N GLU Q 64 -8.13 -1.48 30.87
CA GLU Q 64 -7.14 -2.17 31.70
C GLU Q 64 -7.56 -2.20 33.16
N GLY Q 65 -8.05 -1.09 33.69
CA GLY Q 65 -8.50 -1.08 35.08
C GLY Q 65 -9.63 -2.06 35.32
N VAL Q 66 -10.55 -2.19 34.36
CA VAL Q 66 -11.71 -3.08 34.52
C VAL Q 66 -11.27 -4.53 34.49
N VAL Q 67 -10.58 -4.95 33.43
CA VAL Q 67 -10.17 -6.34 33.37
C VAL Q 67 -9.33 -6.72 34.59
N ALA Q 68 -8.66 -5.75 35.21
CA ALA Q 68 -7.84 -6.03 36.38
C ALA Q 68 -8.65 -6.21 37.66
N PHE Q 69 -9.85 -5.63 37.74
CA PHE Q 69 -10.67 -5.67 38.94
C PHE Q 69 -11.48 -6.96 39.14
N TYR Q 70 -12.03 -7.54 38.09
CA TYR Q 70 -12.88 -8.71 38.22
C TYR Q 70 -12.07 -10.00 38.25
N ASP Q 71 -12.41 -10.85 39.22
CA ASP Q 71 -11.70 -12.09 39.51
C ASP Q 71 -11.77 -13.12 38.37
N MET Q 72 -12.91 -13.24 37.68
CA MET Q 72 -13.05 -14.27 36.65
C MET Q 72 -12.10 -14.10 35.47
N PHE Q 73 -11.70 -12.88 35.19
CA PHE Q 73 -10.81 -12.62 34.08
C PHE Q 73 -9.38 -13.08 34.38
N ASP Q 74 -8.74 -13.71 33.39
CA ASP Q 74 -7.37 -14.21 33.49
C ASP Q 74 -6.61 -13.82 32.23
N ARG Q 75 -5.60 -12.98 32.38
CA ARG Q 75 -4.74 -12.54 31.28
C ARG Q 75 -3.41 -13.26 31.28
N GLU Q 76 -3.15 -14.13 32.27
CA GLU Q 76 -1.89 -14.83 32.43
C GLU Q 76 -1.84 -16.24 31.86
N ASP Q 77 -2.79 -17.11 32.24
CA ASP Q 77 -2.79 -18.51 31.85
C ASP Q 77 -3.87 -18.88 30.82
N LYS Q 78 -3.48 -19.71 29.85
CA LYS Q 78 -4.37 -20.17 28.81
C LYS Q 78 -4.81 -21.60 29.12
N ALA Q 79 -6.13 -21.81 29.21
CA ALA Q 79 -6.68 -23.12 29.49
C ALA Q 79 -8.01 -23.23 28.77
N LYS Q 80 -8.27 -24.41 28.18
CA LYS Q 80 -9.52 -24.64 27.46
C LYS Q 80 -10.70 -24.70 28.42
N TYR Q 81 -10.52 -25.33 29.58
CA TYR Q 81 -11.54 -25.51 30.61
C TYR Q 81 -11.04 -25.05 31.98
N ARG Q 82 -11.78 -24.15 32.62
CA ARG Q 82 -11.43 -23.69 33.95
C ARG Q 82 -12.32 -24.41 34.96
N ILE Q 83 -11.69 -25.16 35.87
CA ILE Q 83 -12.37 -25.91 36.92
C ILE Q 83 -12.33 -25.02 38.15
N ARG Q 84 -13.42 -24.31 38.37
CA ARG Q 84 -13.56 -23.41 39.51
C ARG Q 84 -13.95 -24.22 40.74
N VAL Q 85 -13.09 -24.22 41.75
CA VAL Q 85 -13.31 -24.95 42.99
C VAL Q 85 -13.64 -23.98 44.10
N CYS Q 86 -14.82 -24.13 44.72
CA CYS Q 86 -15.22 -23.26 45.81
C CYS Q 86 -14.46 -23.67 47.07
N VAL Q 87 -13.77 -22.71 47.66
CA VAL Q 87 -12.98 -22.92 48.86
C VAL Q 87 -13.56 -22.12 50.03
N SER Q 88 -14.83 -21.71 49.91
CA SER Q 88 -15.48 -20.93 50.94
C SER Q 88 -15.92 -21.82 52.09
N ILE Q 89 -16.54 -21.20 53.10
CA ILE Q 89 -16.87 -21.88 54.36
C ILE Q 89 -17.71 -23.14 54.19
N VAL Q 90 -18.84 -23.08 53.50
CA VAL Q 90 -19.69 -24.28 53.40
C VAL Q 90 -18.96 -25.41 52.66
N CYS Q 91 -18.42 -25.11 51.48
CA CYS Q 91 -17.74 -26.17 50.74
C CYS Q 91 -16.55 -26.71 51.52
N HIS Q 92 -15.86 -25.84 52.26
CA HIS Q 92 -14.71 -26.26 53.04
C HIS Q 92 -15.13 -27.19 54.16
N LEU Q 93 -16.26 -26.88 54.81
CA LEU Q 93 -16.73 -27.70 55.91
C LEU Q 93 -17.25 -29.06 55.43
N MET Q 94 -17.70 -29.12 54.18
CA MET Q 94 -18.26 -30.34 53.61
C MET Q 94 -17.29 -31.14 52.75
N GLY Q 95 -16.04 -30.71 52.59
CA GLY Q 95 -15.12 -31.50 51.82
C GLY Q 95 -14.36 -30.95 50.62
N THR Q 96 -14.16 -29.63 50.53
CA THR Q 96 -13.40 -29.12 49.39
C THR Q 96 -12.00 -29.75 49.33
N ASN Q 97 -11.39 -30.01 50.49
CA ASN Q 97 -10.06 -30.62 50.49
C ASN Q 97 -10.09 -31.97 49.81
N LYS Q 98 -11.17 -32.74 50.02
CA LYS Q 98 -11.29 -34.03 49.35
C LYS Q 98 -11.45 -33.85 47.85
N LEU Q 99 -12.18 -32.82 47.43
CA LEU Q 99 -12.35 -32.56 46.00
C LEU Q 99 -11.02 -32.19 45.37
N LEU Q 100 -10.23 -31.33 46.06
CA LEU Q 100 -8.92 -30.92 45.56
C LEU Q 100 -7.97 -32.13 45.46
N LYS Q 101 -7.96 -32.99 46.50
CA LYS Q 101 -7.11 -34.17 46.45
C LYS Q 101 -7.50 -35.07 45.28
N ALA Q 102 -8.79 -35.17 44.98
CA ALA Q 102 -9.22 -35.99 43.85
C ALA Q 102 -8.75 -35.39 42.53
N LEU Q 103 -8.80 -34.06 42.41
CA LEU Q 103 -8.33 -33.39 41.21
C LEU Q 103 -6.83 -33.58 41.03
N GLU Q 104 -6.09 -33.65 42.14
CA GLU Q 104 -4.65 -33.87 42.07
C GLU Q 104 -4.37 -35.28 41.56
N ASN Q 105 -5.16 -36.25 42.04
CA ASN Q 105 -4.99 -37.62 41.61
C ASN Q 105 -5.43 -37.84 40.17
N ILE Q 106 -6.42 -37.07 39.70
CA ILE Q 106 -6.93 -37.25 38.33
C ILE Q 106 -6.14 -36.40 37.33
N LEU Q 107 -5.79 -35.16 37.65
CA LEU Q 107 -5.06 -34.32 36.70
C LEU Q 107 -3.62 -34.02 37.09
N GLY Q 108 -3.22 -34.27 38.34
CA GLY Q 108 -1.86 -34.00 38.76
C GLY Q 108 -1.51 -32.54 38.93
N ILE Q 109 -2.50 -31.68 39.13
CA ILE Q 109 -2.23 -30.25 39.31
C ILE Q 109 -2.91 -29.79 40.58
N LYS Q 110 -2.39 -28.73 41.16
CA LYS Q 110 -2.89 -28.10 42.37
C LYS Q 110 -3.67 -26.82 42.00
N PRO Q 111 -4.41 -26.23 42.93
CA PRO Q 111 -5.14 -25.01 42.58
C PRO Q 111 -4.19 -23.97 42.03
N GLY Q 112 -4.64 -23.28 40.99
CA GLY Q 112 -3.86 -22.26 40.34
C GLY Q 112 -2.99 -22.73 39.18
N GLU Q 113 -2.69 -24.03 39.09
CA GLU Q 113 -1.87 -24.57 38.03
C GLU Q 113 -2.72 -25.04 36.85
N VAL Q 114 -2.08 -25.18 35.69
CA VAL Q 114 -2.73 -25.63 34.48
C VAL Q 114 -2.02 -26.88 33.94
N THR Q 115 -2.82 -27.86 33.47
CA THR Q 115 -2.25 -29.08 32.93
C THR Q 115 -1.34 -28.77 31.75
N PRO Q 116 -0.37 -29.65 31.47
CA PRO Q 116 0.59 -29.39 30.37
C PRO Q 116 0.01 -29.11 28.99
N ASP Q 117 -1.09 -29.77 28.60
CA ASP Q 117 -1.67 -29.52 27.28
C ASP Q 117 -2.49 -28.24 27.21
N GLY Q 118 -2.67 -27.54 28.33
CA GLY Q 118 -3.47 -26.34 28.32
C GLY Q 118 -4.96 -26.63 28.35
N LYS Q 119 -5.36 -27.86 28.73
CA LYS Q 119 -6.77 -28.22 28.76
C LYS Q 119 -7.47 -27.78 30.03
N PHE Q 120 -6.95 -28.14 31.21
CA PHE Q 120 -7.61 -27.77 32.46
C PHE Q 120 -6.76 -26.89 33.36
N LYS Q 121 -7.43 -26.05 34.14
CA LYS Q 121 -6.79 -25.19 35.13
C LYS Q 121 -7.71 -25.12 36.34
N ILE Q 122 -7.18 -25.48 37.50
CA ILE Q 122 -7.97 -25.47 38.71
C ILE Q 122 -7.93 -24.06 39.27
N VAL Q 123 -9.12 -23.48 39.50
CA VAL Q 123 -9.22 -22.11 39.97
C VAL Q 123 -9.94 -22.01 41.30
N PRO Q 124 -9.26 -21.70 42.41
CA PRO Q 124 -9.99 -21.57 43.69
C PRO Q 124 -10.75 -20.25 43.68
N VAL Q 125 -12.04 -20.32 44.00
CA VAL Q 125 -12.92 -19.17 44.00
C VAL Q 125 -13.76 -19.16 45.27
N GLN Q 126 -14.41 -18.02 45.52
CA GLN Q 126 -15.30 -17.87 46.66
C GLN Q 126 -16.64 -18.53 46.33
N CYS Q 127 -17.55 -18.56 47.31
CA CYS Q 127 -18.86 -19.21 47.20
C CYS Q 127 -19.52 -19.10 45.83
N LEU Q 128 -19.79 -20.27 45.23
CA LEU Q 128 -20.40 -20.37 43.91
C LEU Q 128 -21.92 -20.30 43.93
N GLY Q 129 -22.53 -20.13 45.09
CA GLY Q 129 -23.97 -20.04 45.19
C GLY Q 129 -24.74 -21.33 45.09
N ALA Q 130 -24.18 -22.42 45.60
CA ALA Q 130 -24.80 -23.75 45.62
C ALA Q 130 -24.43 -24.48 46.90
N CYS Q 131 -24.22 -23.72 47.98
CA CYS Q 131 -23.77 -24.24 49.26
C CYS Q 131 -24.52 -25.49 49.73
N SER Q 132 -25.82 -25.60 49.44
CA SER Q 132 -26.54 -26.80 49.88
C SER Q 132 -26.03 -28.06 49.19
N GLU Q 133 -25.39 -27.90 48.04
CA GLU Q 133 -24.85 -29.00 47.26
C GLU Q 133 -23.33 -29.08 47.37
N ALA Q 134 -22.79 -28.75 48.53
CA ALA Q 134 -21.35 -28.76 48.75
C ALA Q 134 -20.79 -30.18 48.72
N PRO Q 135 -19.52 -30.34 48.27
CA PRO Q 135 -18.61 -29.31 47.73
C PRO Q 135 -18.91 -29.00 46.27
N VAL Q 136 -18.98 -27.76 45.92
CA VAL Q 136 -19.31 -27.34 44.57
C VAL Q 136 -18.07 -26.98 43.78
N PHE Q 137 -18.17 -27.16 42.46
CA PHE Q 137 -17.15 -26.85 41.48
C PHE Q 137 -17.81 -26.67 40.12
N MET Q 138 -17.17 -25.90 39.25
CA MET Q 138 -17.66 -25.66 37.90
C MET Q 138 -16.62 -26.12 36.86
N VAL Q 139 -17.12 -26.42 35.66
CA VAL Q 139 -16.26 -26.76 34.53
C VAL Q 139 -16.69 -25.80 33.42
N ASN Q 140 -16.08 -24.61 33.42
CA ASN Q 140 -16.24 -23.44 32.55
C ASN Q 140 -17.60 -22.76 32.61
N ASP Q 141 -18.68 -23.52 32.66
CA ASP Q 141 -20.03 -22.98 32.70
C ASP Q 141 -20.98 -23.94 33.42
N ASP Q 142 -20.56 -25.21 33.56
CA ASP Q 142 -21.36 -26.25 34.19
C ASP Q 142 -20.95 -26.37 35.64
N GLU Q 143 -21.94 -26.42 36.53
CA GLU Q 143 -21.72 -26.55 37.96
C GLU Q 143 -22.10 -27.95 38.37
N TYR Q 144 -21.26 -28.56 39.21
CA TYR Q 144 -21.50 -29.91 39.68
C TYR Q 144 -21.17 -30.01 41.17
N LYS Q 145 -21.72 -31.06 41.79
CA LYS Q 145 -21.47 -31.38 43.18
C LYS Q 145 -20.48 -32.54 43.21
N PHE Q 146 -19.46 -32.43 44.03
CA PHE Q 146 -18.48 -33.49 44.13
C PHE Q 146 -19.00 -34.59 45.03
N GLU Q 147 -19.07 -35.81 44.51
CA GLU Q 147 -19.52 -36.97 45.26
C GLU Q 147 -18.36 -37.91 45.55
N SER Q 148 -17.55 -38.22 44.55
CA SER Q 148 -16.46 -39.15 44.76
C SER Q 148 -15.40 -38.93 43.70
N GLU Q 149 -14.23 -39.50 43.97
CA GLU Q 149 -13.15 -39.38 43.01
C GLU Q 149 -13.56 -40.03 41.70
N VAL Q 150 -14.28 -41.15 41.78
CA VAL Q 150 -14.74 -41.85 40.59
C VAL Q 150 -15.76 -41.01 39.83
N GLN Q 151 -16.77 -40.48 40.52
CA GLN Q 151 -17.77 -39.65 39.85
C GLN Q 151 -17.13 -38.45 39.17
N LEU Q 152 -16.17 -37.81 39.85
CA LEU Q 152 -15.51 -36.64 39.27
C LEU Q 152 -14.77 -36.99 37.99
N ASN Q 153 -14.17 -38.19 37.94
CA ASN Q 153 -13.43 -38.57 36.75
C ASN Q 153 -14.33 -38.70 35.53
N GLU Q 154 -15.54 -39.24 35.70
CA GLU Q 154 -16.46 -39.38 34.57
C GLU Q 154 -16.92 -38.03 34.06
N ILE Q 155 -17.23 -37.11 34.96
CA ILE Q 155 -17.67 -35.79 34.53
C ILE Q 155 -16.56 -35.11 33.72
N LEU Q 156 -15.31 -35.22 34.19
CA LEU Q 156 -14.22 -34.60 33.46
C LEU Q 156 -14.01 -35.23 32.09
N SER Q 157 -14.34 -36.53 31.94
CA SER Q 157 -14.18 -37.19 30.66
C SER Q 157 -15.08 -36.59 29.58
N ARG Q 158 -16.13 -35.89 29.97
CA ARG Q 158 -17.03 -35.27 29.00
C ARG Q 158 -16.43 -34.04 28.35
N TYR Q 159 -15.22 -33.63 28.73
CA TYR Q 159 -14.56 -32.46 28.20
C TYR Q 159 -13.24 -32.81 27.53
N THR Q 160 -12.81 -31.93 26.63
CA THR Q 160 -11.57 -32.01 25.83
C THR Q 160 -11.96 -32.49 24.44
N TRP R 20 62.55 5.34 76.70
CA TRP R 20 61.14 5.15 77.02
C TRP R 20 60.63 6.06 78.15
N GLY R 21 61.40 6.04 79.24
CA GLY R 21 61.15 6.85 80.42
C GLY R 21 62.34 7.79 80.48
N ARG R 22 62.11 9.10 80.36
CA ARG R 22 63.20 10.06 80.34
C ARG R 22 63.13 11.06 81.49
N ARG R 23 64.29 11.24 82.14
CA ARG R 23 64.50 12.19 83.23
C ARG R 23 64.54 13.62 82.73
N ASN R 24 64.38 13.83 81.42
CA ASN R 24 64.35 15.19 80.89
C ASN R 24 63.04 15.76 81.43
N SER R 25 63.15 16.52 82.50
CA SER R 25 61.96 17.07 83.13
C SER R 25 61.40 18.23 82.31
N LEU R 26 60.08 18.37 82.39
CA LEU R 26 59.35 19.44 81.72
C LEU R 26 58.54 20.19 82.77
N TRP R 27 58.64 21.52 82.73
CA TRP R 27 57.99 22.43 83.67
C TRP R 27 56.90 23.18 82.91
N PRO R 28 55.70 22.62 82.79
CA PRO R 28 54.62 23.28 82.05
C PRO R 28 53.72 24.16 82.89
N VAL R 29 53.07 25.09 82.20
CA VAL R 29 52.11 26.00 82.81
C VAL R 29 50.73 25.65 82.29
N THR R 30 49.84 25.27 83.21
CA THR R 30 48.47 24.92 82.89
C THR R 30 47.60 26.18 82.88
N ILE R 31 47.01 26.47 81.73
CA ILE R 31 46.12 27.63 81.57
C ILE R 31 44.70 27.08 81.55
N GLY R 32 44.07 26.98 82.73
CA GLY R 32 42.73 26.44 82.88
C GLY R 32 41.64 27.44 82.63
N LEU R 33 40.94 27.27 81.52
CA LEU R 33 39.89 28.20 81.15
C LEU R 33 38.48 27.66 81.24
N ALA R 34 38.26 26.36 81.05
CA ALA R 34 36.91 25.81 81.07
C ALA R 34 36.93 24.37 81.56
N CYS R 35 35.88 23.63 81.20
CA CYS R 35 35.70 22.22 81.61
C CYS R 35 36.95 21.37 81.40
N CYS R 36 37.71 21.64 80.34
CA CYS R 36 38.93 20.88 80.11
C CYS R 36 39.90 21.00 81.29
N ALA R 37 39.82 22.10 82.04
CA ALA R 37 40.69 22.29 83.22
C ALA R 37 40.30 21.34 84.34
N ILE R 38 39.01 21.03 84.47
CA ILE R 38 38.57 20.12 85.52
C ILE R 38 39.21 18.76 85.32
N GLU R 39 39.34 18.34 84.06
CA GLU R 39 39.98 17.06 83.79
C GLU R 39 41.47 17.12 84.08
N MET R 40 42.06 18.32 84.00
CA MET R 40 43.47 18.49 84.29
C MET R 40 43.75 18.19 85.76
N MET R 41 42.86 18.65 86.66
CA MET R 41 43.06 18.40 88.08
C MET R 41 42.97 16.91 88.41
N HIS R 42 42.06 16.18 87.76
CA HIS R 42 41.93 14.75 88.03
C HIS R 42 43.20 14.00 87.66
N THR R 43 43.93 14.50 86.67
CA THR R 43 45.17 13.87 86.24
C THR R 43 46.30 14.18 87.21
N ALA R 44 46.30 15.40 87.78
CA ALA R 44 47.34 15.79 88.73
C ALA R 44 47.18 15.07 90.08
N ALA R 45 45.96 14.73 90.48
CA ALA R 45 45.64 14.06 91.73
C ALA R 45 46.22 12.65 91.83
N SER R 46 46.04 12.02 93.00
CA SER R 46 46.55 10.68 93.29
C SER R 46 45.93 9.57 92.43
N ARG R 47 44.98 9.85 91.56
CA ARG R 47 44.39 8.78 90.76
C ARG R 47 45.26 8.39 89.57
N PHE R 48 46.09 9.31 89.06
CA PHE R 48 46.94 8.95 87.93
C PHE R 48 48.40 9.34 88.17
N ASP R 49 48.63 10.35 89.01
CA ASP R 49 49.97 10.77 89.44
C ASP R 49 50.97 10.88 88.27
N LEU R 50 50.86 11.91 87.44
CA LEU R 50 51.74 12.07 86.29
C LEU R 50 53.17 12.50 86.63
N ASP R 51 53.59 12.29 87.88
CA ASP R 51 54.96 12.65 88.27
C ASP R 51 55.98 11.70 87.66
N ARG R 52 55.60 10.44 87.42
CA ARG R 52 56.51 9.47 86.84
C ARG R 52 57.00 9.86 85.44
N LEU R 53 56.51 10.96 84.87
CA LEU R 53 56.94 11.38 83.55
C LEU R 53 57.91 12.55 83.59
N GLY R 54 58.26 13.05 84.77
CA GLY R 54 59.17 14.18 84.83
C GLY R 54 58.45 15.47 84.52
N VAL R 55 57.26 15.65 85.07
CA VAL R 55 56.46 16.85 84.83
C VAL R 55 56.37 17.58 86.16
N ILE R 56 57.05 18.73 86.26
CA ILE R 56 57.09 19.49 87.50
C ILE R 56 55.87 20.40 87.67
N PHE R 57 55.38 20.99 86.59
CA PHE R 57 54.17 21.83 86.62
C PHE R 57 54.29 23.06 87.54
N ARG R 58 55.20 23.97 87.20
CA ARG R 58 55.30 25.16 88.00
C ARG R 58 54.26 26.16 87.51
N ALA R 59 53.73 26.95 88.44
CA ALA R 59 52.67 27.92 88.11
C ALA R 59 53.20 29.22 87.53
N SER R 60 54.48 29.51 87.68
CA SER R 60 55.04 30.76 87.17
C SER R 60 55.31 30.67 85.68
N PRO R 61 54.70 31.54 84.85
CA PRO R 61 54.96 31.47 83.41
C PRO R 61 56.36 31.93 83.03
N ARG R 62 57.03 32.72 83.88
CA ARG R 62 58.39 33.15 83.55
C ARG R 62 59.35 31.97 83.61
N GLN R 63 59.12 31.06 84.55
CA GLN R 63 59.94 29.86 84.75
C GLN R 63 59.24 28.59 84.28
N ALA R 64 58.60 28.66 83.11
CA ALA R 64 57.89 27.54 82.49
C ALA R 64 58.32 27.39 81.04
N ASP R 65 58.25 26.15 80.53
CA ASP R 65 58.65 25.88 79.15
C ASP R 65 57.57 25.21 78.28
N VAL R 66 56.43 24.80 78.84
CA VAL R 66 55.38 24.18 78.04
C VAL R 66 54.05 24.83 78.40
N LEU R 67 53.36 25.35 77.40
CA LEU R 67 52.08 26.02 77.59
C LEU R 67 50.95 25.05 77.29
N ILE R 68 50.23 24.64 78.32
CA ILE R 68 49.11 23.72 78.19
C ILE R 68 47.81 24.53 78.28
N VAL R 69 47.15 24.71 77.15
CA VAL R 69 45.89 25.44 77.08
C VAL R 69 44.77 24.41 77.22
N ALA R 70 44.13 24.38 78.39
CA ALA R 70 43.04 23.45 78.67
C ALA R 70 41.74 24.22 78.84
N GLY R 71 40.96 24.31 77.77
CA GLY R 71 39.70 25.03 77.84
C GLY R 71 39.51 25.88 76.60
N THR R 72 38.37 26.55 76.50
CA THR R 72 38.09 27.41 75.35
C THR R 72 38.69 28.80 75.54
N VAL R 73 39.24 29.33 74.45
CA VAL R 73 39.88 30.65 74.45
C VAL R 73 38.92 31.61 73.79
N VAL R 74 38.43 32.58 74.57
CA VAL R 74 37.52 33.60 74.08
C VAL R 74 38.32 34.70 73.38
N ASN R 75 37.69 35.39 72.43
CA ASN R 75 38.37 36.48 71.74
C ASN R 75 38.93 37.50 72.72
N LYS R 76 38.28 37.64 73.87
CA LYS R 76 38.72 38.58 74.89
C LYS R 76 40.01 38.14 75.56
N VAL R 77 40.29 36.84 75.61
CA VAL R 77 41.51 36.36 76.26
C VAL R 77 42.69 36.25 75.30
N ALA R 78 42.44 36.17 74.01
CA ALA R 78 43.54 36.07 73.03
C ALA R 78 44.66 37.08 73.27
N PRO R 79 44.40 38.38 73.45
CA PRO R 79 45.53 39.28 73.68
C PRO R 79 46.29 38.95 74.94
N MET R 80 45.56 38.55 75.98
CA MET R 80 46.19 38.20 77.26
C MET R 80 47.00 36.92 77.11
N LEU R 81 46.45 35.92 76.41
CA LEU R 81 47.17 34.67 76.24
C LEU R 81 48.45 34.88 75.43
N LYS R 82 48.38 35.71 74.38
CA LYS R 82 49.55 36.00 73.56
C LYS R 82 50.66 36.62 74.42
N LEU R 83 50.29 37.51 75.35
CA LEU R 83 51.29 38.12 76.21
C LEU R 83 52.02 37.06 77.04
N ILE R 84 51.27 36.13 77.62
CA ILE R 84 51.87 35.07 78.44
C ILE R 84 52.84 34.24 77.61
N TRP R 85 52.52 34.03 76.33
CA TRP R 85 53.41 33.26 75.46
C TRP R 85 54.71 34.02 75.23
N ASP R 86 54.61 35.30 74.84
CA ASP R 86 55.79 36.12 74.60
C ASP R 86 56.65 36.28 75.85
N GLN R 87 56.06 36.14 77.05
CA GLN R 87 56.74 36.27 78.33
C GLN R 87 57.47 34.99 78.76
N MET R 88 57.56 33.98 77.91
CA MET R 88 58.24 32.74 78.30
C MET R 88 59.60 32.62 77.63
N PRO R 89 60.56 31.93 78.26
CA PRO R 89 61.88 31.75 77.65
C PRO R 89 61.73 31.03 76.31
N ASP R 90 62.66 31.29 75.39
CA ASP R 90 62.55 30.68 74.07
C ASP R 90 62.47 29.15 74.02
N PRO R 91 63.12 28.35 74.90
CA PRO R 91 62.96 26.90 74.78
C PRO R 91 61.56 26.51 75.23
N LYS R 92 60.54 26.70 74.37
CA LYS R 92 59.14 26.43 74.72
C LYS R 92 58.38 25.67 73.64
N TRP R 93 57.30 25.03 74.10
CA TRP R 93 56.34 24.26 73.31
C TRP R 93 54.93 24.64 73.76
N CYS R 94 53.93 24.21 72.99
CA CYS R 94 52.54 24.49 73.32
C CYS R 94 51.65 23.29 73.00
N ILE R 95 50.82 22.91 73.98
CA ILE R 95 49.89 21.81 73.84
C ILE R 95 48.48 22.35 73.98
N SER R 96 47.64 22.03 73.02
CA SER R 96 46.24 22.46 73.05
C SER R 96 45.43 21.23 73.46
N MET R 97 44.92 21.25 74.68
CA MET R 97 44.10 20.16 75.20
C MET R 97 42.63 20.44 74.89
N GLY R 98 41.93 19.44 74.37
CA GLY R 98 40.53 19.61 74.04
C GLY R 98 40.31 20.32 72.72
N GLY R 99 39.14 20.06 72.14
CA GLY R 99 38.79 20.65 70.85
C GLY R 99 38.64 22.16 70.86
N CYS R 100 38.19 22.73 71.98
CA CYS R 100 38.02 24.17 72.09
C CYS R 100 39.33 24.91 71.86
N ALA R 101 40.40 24.46 72.50
CA ALA R 101 41.70 25.09 72.36
C ALA R 101 42.39 24.71 71.06
N SER R 102 41.97 23.61 70.44
CA SER R 102 42.59 23.16 69.19
C SER R 102 42.01 23.86 67.96
N ALA R 103 40.68 23.81 67.78
CA ALA R 103 40.07 24.43 66.61
C ALA R 103 38.79 25.20 66.89
N GLY R 104 38.49 25.50 68.15
CA GLY R 104 37.30 26.20 68.52
C GLY R 104 36.22 25.29 69.07
N GLY R 105 36.42 23.98 68.95
CA GLY R 105 35.48 23.00 69.44
C GLY R 105 34.05 23.24 69.04
N PRO R 106 33.12 23.06 69.99
CA PRO R 106 31.70 23.22 69.69
C PRO R 106 31.20 24.66 69.72
N PHE R 107 32.07 25.67 69.68
CA PHE R 107 31.62 27.06 69.75
C PHE R 107 32.03 27.88 68.55
N PRO R 108 31.30 27.78 67.45
CA PRO R 108 31.59 28.62 66.27
C PRO R 108 30.85 29.94 66.41
N THR R 109 31.18 30.69 67.45
CA THR R 109 30.47 31.92 67.74
C THR R 109 31.34 33.17 67.61
N TYR R 110 30.62 34.30 67.62
CA TYR R 110 31.16 35.65 67.50
C TYR R 110 32.22 36.00 68.53
N SER R 111 32.25 35.32 69.68
CA SER R 111 33.20 35.63 70.75
C SER R 111 34.20 34.54 71.05
N THR R 112 34.19 33.42 70.31
CA THR R 112 35.10 32.33 70.58
C THR R 112 36.21 32.29 69.55
N LEU R 113 37.44 32.11 70.04
CA LEU R 113 38.63 32.03 69.21
C LEU R 113 38.74 30.59 68.71
N GLN R 114 38.67 30.41 67.40
CA GLN R 114 38.72 29.10 66.77
C GLN R 114 40.11 28.46 66.81
N GLY R 115 40.57 28.08 67.99
CA GLY R 115 41.86 27.45 68.14
C GLY R 115 42.96 28.38 68.62
N VAL R 116 43.71 27.95 69.64
CA VAL R 116 44.80 28.78 70.13
C VAL R 116 45.93 28.84 69.12
N ASP R 117 45.97 27.89 68.17
CA ASP R 117 47.03 27.92 67.17
C ASP R 117 46.87 29.07 66.17
N ARG R 118 45.89 29.97 66.35
CA ARG R 118 45.76 31.09 65.44
C ARG R 118 46.57 32.29 65.91
N ILE R 119 47.01 32.27 67.17
CA ILE R 119 47.80 33.34 67.78
C ILE R 119 49.06 32.83 68.45
N ILE R 120 49.19 31.53 68.70
CA ILE R 120 50.34 30.88 69.33
C ILE R 120 50.50 29.53 68.65
N PRO R 121 51.64 29.21 68.05
CA PRO R 121 51.76 27.89 67.41
C PRO R 121 51.68 26.78 68.46
N VAL R 122 51.03 25.67 68.09
CA VAL R 122 50.90 24.53 69.01
C VAL R 122 51.60 23.32 68.39
N ASP R 123 52.16 22.48 69.26
CA ASP R 123 52.88 21.30 68.81
C ASP R 123 52.09 20.01 68.96
N VAL R 124 51.13 19.95 69.89
CA VAL R 124 50.33 18.75 70.11
C VAL R 124 48.87 19.15 70.31
N TYR R 125 47.97 18.48 69.60
CA TYR R 125 46.54 18.71 69.70
C TYR R 125 45.93 17.48 70.37
N ILE R 126 45.13 17.69 71.42
CA ILE R 126 44.52 16.57 72.14
C ILE R 126 43.02 16.57 71.86
N PRO R 127 42.50 15.63 71.05
CA PRO R 127 41.07 15.61 70.79
C PRO R 127 40.34 15.11 72.02
N GLY R 128 39.05 15.43 72.09
CA GLY R 128 38.22 15.06 73.23
C GLY R 128 37.43 16.25 73.71
N CYS R 129 36.35 16.04 74.46
CA CYS R 129 35.51 17.13 74.93
C CYS R 129 34.88 16.79 76.28
N PRO R 130 35.71 16.64 77.34
CA PRO R 130 37.16 16.79 77.38
C PRO R 130 37.89 15.48 77.18
N PRO R 131 39.21 15.51 76.97
CA PRO R 131 39.96 14.27 76.83
C PRO R 131 40.03 13.58 78.18
N THR R 132 40.13 12.26 78.18
CA THR R 132 40.18 11.54 79.45
C THR R 132 41.54 11.77 80.11
N PRO R 133 41.68 11.46 81.41
CA PRO R 133 42.99 11.67 82.05
C PRO R 133 44.10 10.92 81.35
N GLN R 134 43.81 9.74 80.80
CA GLN R 134 44.80 8.98 80.05
C GLN R 134 45.02 9.60 78.68
N GLY R 135 43.97 10.17 78.08
CA GLY R 135 44.13 10.83 76.80
C GLY R 135 45.02 12.05 76.93
N LEU R 136 44.94 12.73 78.08
CA LEU R 136 45.81 13.88 78.34
C LEU R 136 47.23 13.39 78.54
N ILE R 137 47.39 12.22 79.14
CA ILE R 137 48.72 11.67 79.33
C ILE R 137 49.33 11.27 77.99
N TYR R 138 48.53 10.63 77.12
CA TYR R 138 49.04 10.23 75.82
C TYR R 138 49.50 11.44 75.02
N GLY R 139 48.80 12.57 75.16
CA GLY R 139 49.21 13.78 74.49
C GLY R 139 50.54 14.29 75.03
N ILE R 140 50.78 14.11 76.33
CA ILE R 140 52.04 14.52 76.92
C ILE R 140 53.16 13.65 76.37
N LEU R 141 52.93 12.34 76.30
CA LEU R 141 53.92 11.43 75.74
C LEU R 141 54.24 11.85 74.31
N GLN R 142 53.21 12.25 73.57
CA GLN R 142 53.40 12.70 72.19
C GLN R 142 54.29 13.92 72.13
N LEU R 143 54.16 14.84 73.10
CA LEU R 143 55.02 16.01 73.09
C LEU R 143 56.45 15.58 73.32
N GLN R 144 56.64 14.62 74.22
CA GLN R 144 57.98 14.11 74.51
C GLN R 144 58.59 13.43 73.29
N ARG R 145 57.79 12.66 72.54
CA ARG R 145 58.32 12.04 71.33
C ARG R 145 58.89 13.10 70.40
N LYS R 146 58.15 14.21 70.23
CA LYS R 146 58.60 15.28 69.35
C LYS R 146 59.90 15.92 69.86
N ILE R 147 59.94 16.29 71.15
CA ILE R 147 61.15 16.90 71.71
C ILE R 147 62.34 15.96 71.59
N LYS R 148 62.12 14.70 72.00
CA LYS R 148 63.15 13.68 71.93
C LYS R 148 63.67 13.50 70.50
N GLU R 149 62.87 13.85 69.51
CA GLU R 149 63.27 13.67 68.12
C GLU R 149 63.31 14.97 67.32
N GLN R 150 63.18 16.13 67.97
CA GLN R 150 63.27 17.42 67.29
C GLN R 150 64.66 18.04 67.41
N GLY R 151 65.36 17.74 68.51
CA GLY R 151 66.71 18.20 68.75
C GLY R 151 67.74 17.13 68.52
N ILE R 152 67.35 16.02 67.88
CA ILE R 152 68.25 14.90 67.60
C ILE R 152 68.59 14.72 66.13
N THR R 153 67.91 15.41 65.20
CA THR R 153 68.17 15.25 63.77
C THR R 153 69.26 16.19 63.21
N LYS R 154 69.03 17.49 63.26
CA LYS R 154 70.01 18.46 62.71
C LYS R 154 70.95 19.05 63.76
N LYS S 4 -43.68 56.17 2.91
CA LYS S 4 -44.46 55.74 4.07
C LYS S 4 -45.91 56.26 4.02
N VAL S 5 -46.19 57.25 3.18
CA VAL S 5 -47.52 57.85 3.08
C VAL S 5 -47.82 58.23 1.64
N LYS S 6 -49.05 57.98 1.21
CA LYS S 6 -49.48 58.26 -0.15
C LYS S 6 -50.21 59.60 -0.24
N ILE S 7 -49.84 60.42 -1.25
CA ILE S 7 -50.45 61.73 -1.49
C ILE S 7 -50.69 61.91 -2.99
N TYR S 8 -51.40 62.98 -3.34
CA TYR S 8 -51.74 63.30 -4.72
C TYR S 8 -51.44 64.75 -5.04
N ILE S 9 -50.62 64.97 -6.07
CA ILE S 9 -50.26 66.29 -6.54
C ILE S 9 -50.69 66.31 -8.00
N ASP S 10 -51.77 67.01 -8.30
CA ASP S 10 -52.33 67.08 -9.65
C ASP S 10 -52.83 65.69 -10.07
N ASP S 11 -53.56 65.04 -9.17
CA ASP S 11 -54.16 63.72 -9.36
C ASP S 11 -53.12 62.63 -9.64
N VAL S 12 -51.85 62.89 -9.41
CA VAL S 12 -50.78 61.93 -9.63
C VAL S 12 -50.42 61.33 -8.28
N GLU S 13 -50.58 60.02 -8.14
CA GLU S 13 -50.25 59.37 -6.87
C GLU S 13 -48.74 59.46 -6.64
N ILE S 14 -48.34 59.83 -5.43
CA ILE S 14 -46.93 59.96 -5.09
C ILE S 14 -46.74 59.43 -3.68
N GLU S 15 -45.79 58.53 -3.50
CA GLU S 15 -45.51 57.97 -2.18
C GLU S 15 -44.46 58.84 -1.53
N ALA S 16 -44.71 59.25 -0.28
CA ALA S 16 -43.79 60.13 0.41
C ALA S 16 -43.65 59.78 1.89
N GLU S 17 -42.42 59.85 2.38
CA GLU S 17 -42.14 59.56 3.78
C GLU S 17 -42.74 60.63 4.67
N LYS S 18 -43.47 60.18 5.69
CA LYS S 18 -44.09 61.10 6.64
C LYS S 18 -43.01 61.98 7.26
N GLY S 19 -43.36 63.25 7.49
CA GLY S 19 -42.44 64.21 8.05
C GLY S 19 -41.96 65.23 7.05
N LYS S 20 -42.08 64.94 5.77
CA LYS S 20 -41.67 65.86 4.72
C LYS S 20 -42.83 66.75 4.32
N THR S 21 -42.50 67.91 3.75
CA THR S 21 -43.50 68.87 3.30
C THR S 21 -43.81 68.65 1.83
N VAL S 22 -45.00 69.12 1.42
CA VAL S 22 -45.44 68.98 0.03
C VAL S 22 -44.42 69.56 -0.93
N LEU S 23 -43.86 70.73 -0.60
CA LEU S 23 -42.86 71.32 -1.48
C LEU S 23 -41.65 70.38 -1.63
N GLN S 24 -41.18 69.81 -0.51
CA GLN S 24 -40.04 68.89 -0.55
C GLN S 24 -40.34 67.70 -1.45
N VAL S 25 -41.50 67.07 -1.23
CA VAL S 25 -41.88 65.91 -2.03
C VAL S 25 -41.97 66.27 -3.51
N ALA S 26 -42.61 67.39 -3.83
CA ALA S 26 -42.74 67.77 -5.23
C ALA S 26 -41.37 68.00 -5.85
N LEU S 27 -40.47 68.70 -5.14
CA LEU S 27 -39.15 68.93 -5.72
C LEU S 27 -38.41 67.61 -5.92
N GLU S 28 -38.43 66.74 -4.91
CA GLU S 28 -37.79 65.43 -5.00
C GLU S 28 -38.39 64.57 -6.12
N ASN S 29 -39.67 64.77 -6.44
CA ASN S 29 -40.34 64.01 -7.49
C ASN S 29 -40.33 64.72 -8.84
N GLY S 30 -39.45 65.71 -9.02
CA GLY S 30 -39.35 66.43 -10.28
C GLY S 30 -40.50 67.34 -10.64
N ILE S 31 -41.36 67.69 -9.69
CA ILE S 31 -42.49 68.58 -9.91
C ILE S 31 -42.06 69.98 -9.47
N ASP S 32 -41.80 70.87 -10.43
CA ASP S 32 -41.33 72.21 -10.09
C ASP S 32 -42.41 73.11 -9.53
N ILE S 33 -42.16 73.66 -8.34
CA ILE S 33 -43.04 74.60 -7.68
C ILE S 33 -42.17 75.81 -7.37
N PRO S 34 -42.49 77.02 -7.85
CA PRO S 34 -41.63 78.17 -7.56
C PRO S 34 -41.61 78.53 -6.08
N TYR S 35 -40.43 78.94 -5.60
CA TYR S 35 -40.23 79.32 -4.20
C TYR S 35 -38.99 80.21 -4.06
N PHE S 36 -39.02 81.08 -3.05
CA PHE S 36 -37.90 81.98 -2.77
C PHE S 36 -37.38 81.86 -1.34
N CYS S 37 -38.25 81.92 -0.34
CA CYS S 37 -37.79 81.94 1.03
C CYS S 37 -37.47 80.56 1.62
N TYR S 38 -37.98 79.48 1.04
CA TYR S 38 -37.68 78.15 1.57
C TYR S 38 -36.26 77.71 1.20
N HIS S 39 -35.54 77.14 2.17
CA HIS S 39 -34.20 76.64 1.94
C HIS S 39 -34.04 75.37 2.77
N PRO S 40 -33.60 74.27 2.17
CA PRO S 40 -33.47 73.01 2.92
C PRO S 40 -32.62 73.08 4.16
N ARG S 41 -31.76 74.09 4.28
CA ARG S 41 -30.86 74.21 5.42
C ARG S 41 -31.34 75.23 6.46
N LEU S 42 -32.33 76.04 6.13
CA LEU S 42 -32.82 77.05 7.05
C LEU S 42 -34.19 76.69 7.58
N SER S 43 -34.58 77.46 8.60
CA SER S 43 -35.88 77.28 9.18
C SER S 43 -36.93 77.74 8.18
N ILE S 44 -38.14 77.22 8.33
CA ILE S 44 -39.18 77.63 7.42
C ILE S 44 -39.60 79.05 7.76
N ALA S 45 -39.82 79.87 6.74
CA ALA S 45 -40.21 81.26 6.92
C ALA S 45 -41.65 81.56 6.51
N GLY S 46 -42.11 80.98 5.41
CA GLY S 46 -43.47 81.21 4.90
C GLY S 46 -43.73 82.65 4.54
N ALA S 47 -42.69 83.40 4.19
CA ALA S 47 -42.82 84.81 3.90
C ALA S 47 -42.94 85.16 2.42
N CYS S 48 -42.28 84.45 1.51
CA CYS S 48 -42.37 84.85 0.12
C CYS S 48 -43.73 84.51 -0.48
N ARG S 49 -44.35 83.41 -0.02
CA ARG S 49 -45.66 82.94 -0.44
C ARG S 49 -45.73 82.45 -1.89
N MET S 50 -44.59 82.36 -2.57
CA MET S 50 -44.56 81.92 -3.97
C MET S 50 -44.92 80.44 -4.16
N CYS S 51 -44.82 79.60 -3.12
CA CYS S 51 -45.08 78.17 -3.24
C CYS S 51 -46.55 77.78 -3.08
N VAL S 52 -47.50 78.68 -3.29
CA VAL S 52 -48.90 78.34 -3.14
C VAL S 52 -49.31 77.19 -4.08
N VAL S 53 -50.20 76.35 -3.57
CA VAL S 53 -50.80 75.24 -4.30
C VAL S 53 -52.26 75.24 -3.85
N TYR S 54 -53.10 74.57 -4.61
CA TYR S 54 -54.51 74.48 -4.27
C TYR S 54 -54.68 73.16 -3.52
N TRP S 55 -55.11 73.23 -2.26
CA TRP S 55 -55.34 72.06 -1.42
C TRP S 55 -56.84 71.72 -1.50
N GLU S 56 -57.19 70.77 -2.39
CA GLU S 56 -58.58 70.38 -2.61
C GLU S 56 -59.29 69.95 -1.33
N ASP S 57 -58.62 69.16 -0.48
CA ASP S 57 -59.25 68.69 0.75
C ASP S 57 -59.83 69.82 1.58
N ILE S 58 -59.23 71.01 1.56
CA ILE S 58 -59.77 72.13 2.33
C ILE S 58 -60.25 73.26 1.44
N ASN S 59 -60.19 73.08 0.12
CA ASN S 59 -60.64 74.09 -0.84
C ASN S 59 -60.01 75.45 -0.55
N ARG S 60 -58.68 75.47 -0.48
CA ARG S 60 -57.98 76.71 -0.16
C ARG S 60 -56.57 76.75 -0.72
N LEU S 61 -56.09 77.96 -0.94
CA LEU S 61 -54.71 78.13 -1.38
C LEU S 61 -53.85 78.09 -0.12
N VAL S 62 -52.79 77.29 -0.18
CA VAL S 62 -51.91 77.11 0.95
C VAL S 62 -50.47 77.10 0.44
N ILE S 63 -49.53 77.53 1.29
CA ILE S 63 -48.12 77.50 0.93
C ILE S 63 -47.65 76.07 1.19
N SER S 64 -46.94 75.49 0.22
CA SER S 64 -46.50 74.10 0.36
C SER S 64 -45.24 73.94 1.18
N CYS S 65 -44.41 74.98 1.33
CA CYS S 65 -43.19 74.78 2.10
C CYS S 65 -43.46 74.48 3.57
N ASN S 66 -44.69 74.73 4.03
CA ASN S 66 -45.13 74.52 5.41
C ASN S 66 -46.21 73.47 5.54
N LEU S 67 -46.58 72.81 4.44
CA LEU S 67 -47.65 71.82 4.40
C LEU S 67 -47.08 70.43 4.58
N PRO S 68 -47.25 69.81 5.74
CA PRO S 68 -46.70 68.47 5.95
C PRO S 68 -47.53 67.41 5.24
N VAL S 69 -46.83 66.37 4.79
CA VAL S 69 -47.47 65.27 4.07
C VAL S 69 -48.40 64.49 5.00
N GLN S 70 -49.64 64.25 4.54
CA GLN S 70 -50.66 63.51 5.28
C GLN S 70 -51.34 62.52 4.35
N GLU S 71 -51.69 61.36 4.89
CA GLU S 71 -52.30 60.29 4.10
C GLU S 71 -53.53 60.73 3.31
N GLY S 72 -53.49 60.44 2.01
CA GLY S 72 -54.56 60.72 1.07
C GLY S 72 -54.78 62.16 0.66
N MET S 73 -53.91 63.10 1.07
CA MET S 73 -54.12 64.50 0.71
C MET S 73 -54.03 64.70 -0.80
N ARG S 74 -54.81 65.67 -1.30
CA ARG S 74 -54.85 66.01 -2.71
C ARG S 74 -54.59 67.50 -2.88
N VAL S 75 -53.54 67.83 -3.62
CA VAL S 75 -53.16 69.21 -3.90
C VAL S 75 -53.09 69.40 -5.40
N ARG S 76 -53.09 70.67 -5.81
CA ARG S 76 -52.99 71.05 -7.20
C ARG S 76 -52.02 72.20 -7.32
N THR S 77 -51.15 72.12 -8.31
CA THR S 77 -50.15 73.14 -8.58
C THR S 77 -50.61 73.93 -9.80
N HIS S 78 -49.75 74.82 -10.29
CA HIS S 78 -50.10 75.58 -11.47
C HIS S 78 -50.37 74.67 -12.65
N ARG S 79 -49.95 73.40 -12.56
CA ARG S 79 -50.21 72.45 -13.64
C ARG S 79 -51.69 72.19 -13.82
N THR S 80 -52.46 72.16 -12.73
CA THR S 80 -53.90 71.90 -12.81
C THR S 80 -54.77 72.93 -12.11
N SER S 81 -54.23 74.07 -11.71
CA SER S 81 -55.04 75.06 -11.01
C SER S 81 -54.85 76.45 -11.58
N GLU S 82 -55.94 77.02 -12.12
CA GLU S 82 -55.87 78.40 -12.61
C GLU S 82 -55.76 79.38 -11.46
N MET S 83 -56.31 79.02 -10.28
CA MET S 83 -56.18 79.88 -9.10
C MET S 83 -54.71 80.10 -8.78
N VAL S 84 -53.94 79.01 -8.79
CA VAL S 84 -52.51 79.11 -8.50
C VAL S 84 -51.83 79.95 -9.55
N ARG S 85 -52.15 79.70 -10.82
CA ARG S 85 -51.51 80.46 -11.88
C ARG S 85 -51.72 81.95 -11.70
N GLU S 86 -52.95 82.36 -11.37
CA GLU S 86 -53.17 83.79 -11.21
C GLU S 86 -52.45 84.34 -9.99
N GLN S 87 -52.32 83.54 -8.92
CA GLN S 87 -51.57 84.05 -7.77
C GLN S 87 -50.07 84.08 -8.07
N GLN S 88 -49.59 83.14 -8.88
CA GLN S 88 -48.17 83.15 -9.25
C GLN S 88 -47.86 84.42 -10.03
N LYS S 89 -48.75 84.79 -10.97
CA LYS S 89 -48.56 86.00 -11.78
C LYS S 89 -48.59 87.26 -10.94
N TYR S 90 -49.45 87.32 -9.93
CA TYR S 90 -49.48 88.52 -9.10
C TYR S 90 -48.22 88.63 -8.24
N LEU S 91 -47.83 87.52 -7.61
CA LEU S 91 -46.65 87.55 -6.74
C LEU S 91 -45.39 87.96 -7.51
N LEU S 92 -45.16 87.38 -8.69
CA LEU S 92 -43.98 87.77 -9.47
C LEU S 92 -44.08 89.21 -9.91
N GLN S 93 -45.29 89.67 -10.28
CA GLN S 93 -45.45 91.05 -10.69
C GLN S 93 -45.17 91.98 -9.52
N ALA S 94 -45.58 91.57 -8.31
CA ALA S 94 -45.34 92.36 -7.11
C ALA S 94 -43.85 92.55 -6.91
N LEU S 95 -43.09 91.47 -7.02
CA LEU S 95 -41.66 91.58 -6.84
C LEU S 95 -41.03 92.51 -7.87
N MET S 96 -41.44 92.39 -9.14
CA MET S 96 -40.85 93.18 -10.21
C MET S 96 -41.27 94.64 -10.20
N THR S 97 -42.28 94.99 -9.40
CA THR S 97 -42.79 96.36 -9.34
C THR S 97 -41.67 97.40 -9.20
N ARG S 98 -40.78 97.21 -8.23
CA ARG S 98 -39.67 98.14 -8.02
C ARG S 98 -38.31 97.47 -8.27
N HIS S 99 -38.29 96.30 -8.90
CA HIS S 99 -37.05 95.65 -9.21
C HIS S 99 -36.39 96.34 -10.41
N PRO S 100 -35.14 96.78 -10.29
CA PRO S 100 -34.51 97.50 -11.40
C PRO S 100 -34.30 96.67 -12.65
N LEU S 101 -34.06 97.39 -13.75
CA LEU S 101 -33.77 96.81 -15.06
C LEU S 101 -32.26 96.57 -15.16
N ASP S 102 -31.72 95.85 -14.17
CA ASP S 102 -30.30 95.59 -14.00
C ASP S 102 -29.77 94.30 -14.63
N CYS S 103 -30.61 93.48 -15.26
CA CYS S 103 -30.10 92.23 -15.85
C CYS S 103 -28.86 92.39 -16.72
N PRO S 104 -28.70 93.43 -17.56
CA PRO S 104 -27.48 93.52 -18.38
C PRO S 104 -26.18 93.56 -17.59
N ILE S 105 -26.19 94.09 -16.38
CA ILE S 105 -24.97 94.22 -15.58
C ILE S 105 -25.04 93.52 -14.25
N CYS S 106 -26.16 92.89 -13.92
CA CYS S 106 -26.29 92.22 -12.64
C CYS S 106 -25.60 90.85 -12.70
N ASP S 107 -24.74 90.56 -11.71
CA ASP S 107 -24.01 89.31 -11.71
C ASP S 107 -24.88 88.07 -11.57
N LYS S 108 -26.13 88.19 -11.11
CA LYS S 108 -26.94 86.99 -10.96
C LYS S 108 -27.60 86.54 -12.25
N ALA S 109 -27.59 87.38 -13.30
CA ALA S 109 -28.23 87.05 -14.56
C ALA S 109 -27.82 85.66 -15.03
N GLY S 110 -28.83 84.85 -15.36
CA GLY S 110 -28.62 83.48 -15.79
C GLY S 110 -28.83 82.45 -14.70
N GLU S 111 -28.69 82.84 -13.43
CA GLU S 111 -28.87 81.94 -12.30
C GLU S 111 -29.77 82.59 -11.25
N CYS S 112 -30.64 83.46 -11.71
CA CYS S 112 -31.53 84.23 -10.86
C CYS S 112 -32.90 83.58 -10.71
N ASP S 113 -33.38 83.48 -9.48
CA ASP S 113 -34.70 82.87 -9.28
C ASP S 113 -35.81 83.82 -9.75
N LEU S 114 -35.64 85.14 -9.55
CA LEU S 114 -36.66 86.07 -10.00
C LEU S 114 -36.70 86.13 -11.53
N GLN S 115 -35.51 86.14 -12.14
CA GLN S 115 -35.44 86.18 -13.59
C GLN S 115 -36.03 84.91 -14.21
N ASN S 116 -35.68 83.73 -13.67
CA ASN S 116 -36.19 82.48 -14.24
C ASN S 116 -37.68 82.30 -13.94
N LEU S 117 -38.07 82.38 -12.67
CA LEU S 117 -39.48 82.20 -12.33
C LEU S 117 -40.35 83.27 -12.98
N GLY S 118 -39.84 84.50 -13.07
CA GLY S 118 -40.64 85.56 -13.67
C GLY S 118 -40.92 85.32 -15.14
N ALA S 119 -40.02 84.62 -15.83
CA ALA S 119 -40.21 84.36 -17.25
C ALA S 119 -41.05 83.12 -17.53
N ILE S 120 -41.15 82.19 -16.59
CA ILE S 120 -41.94 80.97 -16.78
C ILE S 120 -43.36 81.12 -16.23
N TYR S 121 -43.49 81.68 -15.03
CA TYR S 121 -44.76 81.85 -14.37
C TYR S 121 -45.19 83.30 -14.19
N GLY S 122 -44.39 84.27 -14.61
CA GLY S 122 -44.69 85.66 -14.42
C GLY S 122 -45.79 86.23 -15.26
N PRO S 123 -45.97 87.55 -15.16
CA PRO S 123 -47.02 88.22 -15.95
C PRO S 123 -46.80 88.26 -17.46
N GLN S 124 -45.55 88.14 -17.94
CA GLN S 124 -45.20 88.17 -19.37
C GLN S 124 -45.31 89.55 -19.99
N LYS S 125 -45.85 90.50 -19.23
CA LYS S 125 -46.02 91.87 -19.67
C LYS S 125 -46.03 92.70 -18.39
N GLN S 126 -45.88 94.01 -18.53
CA GLN S 126 -45.91 94.85 -17.35
C GLN S 126 -47.36 95.30 -17.12
N ILE S 127 -47.93 94.86 -15.99
CA ILE S 127 -49.29 95.20 -15.60
C ILE S 127 -49.31 96.44 -14.72
N VAL S 128 -48.37 96.53 -13.79
CA VAL S 128 -48.22 97.68 -12.90
C VAL S 128 -47.23 98.59 -13.59
N PRO S 129 -47.67 99.69 -14.22
CA PRO S 129 -46.75 100.55 -14.98
C PRO S 129 -45.83 101.45 -14.17
N ILE S 130 -44.67 100.94 -13.77
CA ILE S 130 -43.66 101.69 -13.04
C ILE S 130 -42.49 101.91 -13.99
N SER S 131 -42.10 103.17 -14.19
CA SER S 131 -41.01 103.47 -15.09
C SER S 131 -39.71 102.84 -14.61
N ALA S 132 -38.90 102.36 -15.55
CA ALA S 132 -37.62 101.76 -15.18
C ALA S 132 -36.74 102.72 -14.39
N LEU S 133 -37.03 104.03 -14.45
CA LEU S 133 -36.30 105.07 -13.76
C LEU S 133 -36.80 105.35 -12.36
N GLU S 134 -37.84 104.65 -11.91
CA GLU S 134 -38.38 104.82 -10.57
C GLU S 134 -38.35 103.51 -9.80
N LYS S 135 -37.32 102.69 -10.04
CA LYS S 135 -37.19 101.40 -9.37
C LYS S 135 -36.28 101.56 -8.15
N GLU S 136 -36.81 102.20 -7.11
CA GLU S 136 -36.06 102.44 -5.87
C GLU S 136 -36.71 101.78 -4.67
N ARG S 137 -35.89 101.63 -3.63
CA ARG S 137 -36.23 101.07 -2.33
C ARG S 137 -35.21 101.61 -1.34
N GLU S 138 -35.63 101.73 -0.08
CA GLU S 138 -34.73 102.21 0.97
C GLU S 138 -33.46 101.37 0.94
N GLU S 139 -32.31 102.02 1.09
CA GLU S 139 -31.05 101.29 1.06
C GLU S 139 -29.96 102.00 1.86
N HIS S 140 -29.04 101.21 2.42
CA HIS S 140 -27.90 101.73 3.17
C HIS S 140 -26.63 101.03 2.72
N ASP S 141 -25.55 101.81 2.54
CA ASP S 141 -24.30 101.20 2.12
C ASP S 141 -23.77 100.27 3.21
N TRP S 142 -23.35 99.07 2.81
CA TRP S 142 -22.84 98.12 3.78
C TRP S 142 -21.44 98.46 4.25
N GLU S 143 -20.78 99.45 3.61
CA GLU S 143 -19.43 99.84 3.96
C GLU S 143 -18.52 98.61 3.99
N SER S 144 -18.43 97.96 2.83
CA SER S 144 -17.64 96.75 2.69
C SER S 144 -16.92 96.71 1.35
N ASP S 145 -15.72 96.12 1.36
CA ASP S 145 -14.93 95.98 0.14
C ASP S 145 -15.19 94.67 -0.54
N PHE S 146 -16.06 93.83 0.03
CA PHE S 146 -16.33 92.53 -0.55
C PHE S 146 -17.79 92.27 -0.83
N LEU S 147 -18.69 92.90 -0.08
CA LEU S 147 -20.12 92.71 -0.27
C LEU S 147 -20.79 94.04 -0.60
N GLU S 148 -21.80 93.97 -1.45
CA GLU S 148 -22.57 95.13 -1.87
C GLU S 148 -24.04 94.72 -1.85
N TYR S 149 -24.88 95.60 -1.34
CA TYR S 149 -26.31 95.29 -1.23
C TYR S 149 -27.10 96.18 -2.15
N TYR S 150 -27.97 95.56 -2.94
CA TYR S 150 -28.86 96.27 -3.88
C TYR S 150 -30.28 96.04 -3.37
N SER S 151 -30.76 96.94 -2.52
CA SER S 151 -32.09 96.75 -1.96
C SER S 151 -33.18 96.79 -3.04
N ASN S 152 -32.98 97.53 -4.14
CA ASN S 152 -34.05 97.50 -5.13
C ASN S 152 -34.15 96.13 -5.79
N ARG S 153 -33.09 95.34 -5.75
CA ARG S 153 -33.12 93.98 -6.28
C ARG S 153 -33.59 92.99 -5.22
N CYS S 154 -33.63 93.40 -3.95
CA CYS S 154 -34.05 92.54 -2.87
C CYS S 154 -35.51 92.12 -3.04
N VAL S 155 -35.75 90.84 -2.83
CA VAL S 155 -37.00 90.12 -3.02
C VAL S 155 -37.44 89.64 -1.66
N VAL S 156 -37.31 90.51 -0.66
CA VAL S 156 -37.38 90.24 0.77
C VAL S 156 -37.88 88.83 1.02
N CYS S 157 -36.92 87.97 1.38
CA CYS S 157 -37.12 86.55 1.58
C CYS S 157 -36.55 86.08 2.90
N TYR S 158 -35.73 86.89 3.57
CA TYR S 158 -35.13 86.66 4.87
C TYR S 158 -34.22 85.44 4.95
N ARG S 159 -33.70 84.98 3.80
CA ARG S 159 -32.76 83.84 3.80
C ARG S 159 -31.44 84.22 4.43
N CYS S 160 -30.89 85.38 4.05
CA CYS S 160 -29.63 85.82 4.62
C CYS S 160 -29.76 85.95 6.12
N THR S 161 -30.78 86.66 6.57
CA THR S 161 -31.00 86.84 8.00
C THR S 161 -31.03 85.50 8.72
N ARG S 162 -31.80 84.54 8.19
CA ARG S 162 -31.86 83.22 8.82
C ARG S 162 -30.52 82.52 8.76
N ALA S 163 -29.84 82.59 7.61
CA ALA S 163 -28.53 81.96 7.49
C ALA S 163 -27.51 82.53 8.48
N CYS S 164 -27.46 83.87 8.61
CA CYS S 164 -26.51 84.49 9.54
C CYS S 164 -26.80 84.14 10.98
N ASP S 165 -28.06 83.93 11.32
CA ASP S 165 -28.42 83.62 12.70
C ASP S 165 -28.47 82.13 13.01
N GLU S 166 -28.97 81.31 12.10
CA GLU S 166 -29.11 79.88 12.37
C GLU S 166 -27.93 79.03 11.96
N VAL S 167 -27.21 79.38 10.89
CA VAL S 167 -26.10 78.54 10.46
C VAL S 167 -24.76 79.06 10.99
N VAL S 168 -24.33 80.25 10.56
CA VAL S 168 -23.04 80.75 11.03
C VAL S 168 -23.12 81.19 12.49
N GLY S 169 -24.22 81.83 12.88
CA GLY S 169 -24.32 82.26 14.25
C GLY S 169 -23.56 83.52 14.55
N THR S 170 -23.20 84.27 13.53
CA THR S 170 -22.47 85.51 13.72
C THR S 170 -23.42 86.68 14.02
N ARG S 171 -24.68 86.61 13.56
CA ARG S 171 -25.70 87.63 13.82
C ARG S 171 -25.26 89.03 13.42
N ALA S 172 -24.77 89.15 12.19
CA ALA S 172 -24.26 90.42 11.69
C ALA S 172 -25.26 91.22 10.89
N LEU S 173 -26.43 90.66 10.56
CA LEU S 173 -27.43 91.35 9.76
C LEU S 173 -28.71 91.60 10.54
N TYR S 174 -29.44 92.61 10.09
CA TYR S 174 -30.74 92.93 10.66
C TYR S 174 -31.55 93.63 9.59
N VAL S 175 -32.85 93.65 9.78
CA VAL S 175 -33.76 94.27 8.83
C VAL S 175 -33.99 95.72 9.24
N GLU S 176 -33.76 96.63 8.30
CA GLU S 176 -33.95 98.04 8.59
C GLU S 176 -35.44 98.33 8.37
N ASP S 177 -35.91 99.46 8.91
CA ASP S 177 -37.31 99.86 8.99
C ASP S 177 -38.25 99.09 8.05
N ARG S 178 -39.31 98.54 8.68
CA ARG S 178 -40.39 97.70 8.15
C ARG S 178 -41.20 98.13 6.93
N GLY S 179 -42.04 97.19 6.48
CA GLY S 179 -42.93 97.41 5.36
C GLY S 179 -42.28 97.20 4.01
N PHE S 180 -42.86 97.86 3.00
CA PHE S 180 -42.36 97.72 1.64
C PHE S 180 -40.86 97.98 1.56
N HIS S 181 -40.37 99.00 2.28
CA HIS S 181 -38.95 99.35 2.23
C HIS S 181 -38.07 98.57 3.21
N SER S 182 -38.53 97.42 3.70
CA SER S 182 -37.71 96.59 4.59
C SER S 182 -36.40 96.33 3.87
N ASN S 183 -35.27 96.71 4.47
CA ASN S 183 -34.01 96.50 3.79
C ASN S 183 -32.95 95.90 4.71
N ILE S 184 -32.10 95.04 4.13
CA ILE S 184 -31.06 94.36 4.88
C ILE S 184 -29.91 95.34 5.12
N VAL S 185 -29.41 95.36 6.35
CA VAL S 185 -28.31 96.22 6.78
C VAL S 185 -27.37 95.49 7.74
N PRO S 186 -26.06 95.72 7.67
CA PRO S 186 -25.16 95.05 8.62
C PRO S 186 -25.32 95.67 9.99
N ALA S 187 -25.31 94.79 10.99
CA ALA S 187 -25.46 95.18 12.38
C ALA S 187 -24.37 96.16 12.83
N VAL S 188 -23.18 96.05 12.25
CA VAL S 188 -22.05 96.91 12.56
C VAL S 188 -21.33 97.26 11.25
N ARG S 189 -21.03 98.53 11.05
CA ARG S 189 -20.30 98.98 9.88
C ARG S 189 -19.10 99.80 10.35
N PRO S 190 -17.92 99.68 9.67
CA PRO S 190 -17.59 98.85 8.49
C PRO S 190 -17.76 97.36 8.74
N MET S 191 -18.36 96.73 7.73
CA MET S 191 -18.68 95.31 7.77
C MET S 191 -17.45 94.41 7.79
N ASP S 192 -16.42 94.77 7.01
CA ASP S 192 -15.22 93.92 6.89
C ASP S 192 -14.54 93.62 8.22
N THR S 193 -14.71 94.45 9.24
CA THR S 193 -14.08 94.19 10.54
C THR S 193 -15.09 93.98 11.66
N SER S 194 -16.35 93.68 11.31
CA SER S 194 -17.43 93.43 12.26
C SER S 194 -17.45 91.96 12.65
N THR S 195 -18.52 91.51 13.32
CA THR S 195 -18.59 90.09 13.69
C THR S 195 -18.66 89.20 12.47
N CYS S 196 -19.09 89.77 11.34
CA CYS S 196 -19.19 89.04 10.07
C CYS S 196 -17.87 88.37 9.71
N GLU S 197 -17.98 87.09 9.31
CA GLU S 197 -16.84 86.26 8.97
C GLU S 197 -16.60 86.13 7.47
N MET S 198 -17.26 86.96 6.65
CA MET S 198 -17.12 86.99 5.20
C MET S 198 -17.12 85.60 4.61
N CYS S 199 -18.01 84.77 5.10
CA CYS S 199 -18.11 83.39 4.67
C CYS S 199 -18.80 83.25 3.32
N GLY S 200 -19.42 84.31 2.81
CA GLY S 200 -20.09 84.28 1.53
C GLY S 200 -21.39 83.51 1.48
N ILE S 201 -21.85 82.94 2.61
CA ILE S 201 -23.10 82.18 2.60
C ILE S 201 -24.28 83.10 2.25
N CYS S 202 -24.29 84.35 2.72
CA CYS S 202 -25.40 85.22 2.36
C CYS S 202 -25.43 85.42 0.85
N VAL S 203 -24.26 85.51 0.21
CA VAL S 203 -24.24 85.65 -1.24
C VAL S 203 -24.87 84.42 -1.89
N HIS S 204 -24.58 83.23 -1.36
CA HIS S 204 -25.09 82.03 -1.99
C HIS S 204 -26.57 81.77 -1.74
N VAL S 205 -27.06 82.01 -0.52
CA VAL S 205 -28.48 81.77 -0.28
C VAL S 205 -29.36 82.81 -0.97
N CYS S 206 -28.82 83.98 -1.28
CA CYS S 206 -29.65 85.00 -1.92
C CYS S 206 -30.19 84.46 -3.23
N PRO S 207 -31.51 84.47 -3.44
CA PRO S 207 -32.06 83.94 -4.70
C PRO S 207 -31.92 84.89 -5.89
N VAL S 208 -31.59 86.14 -5.64
CA VAL S 208 -31.43 87.14 -6.69
C VAL S 208 -30.08 87.81 -6.49
N GLY S 209 -29.78 88.84 -7.27
CA GLY S 209 -28.50 89.51 -7.11
C GLY S 209 -28.48 90.67 -6.14
N ALA S 210 -29.21 90.57 -5.02
CA ALA S 210 -29.25 91.66 -4.05
C ALA S 210 -27.97 91.75 -3.23
N ILE S 211 -27.42 90.61 -2.82
CA ILE S 211 -26.16 90.53 -2.08
C ILE S 211 -25.15 90.02 -3.08
N ILE S 212 -24.19 90.86 -3.42
CA ILE S 212 -23.21 90.59 -4.47
C ILE S 212 -21.80 90.47 -3.93
N SER S 213 -21.01 89.57 -4.54
CA SER S 213 -19.61 89.35 -4.21
C SER S 213 -18.81 90.35 -5.05
N LYS S 214 -18.30 91.40 -4.42
CA LYS S 214 -17.55 92.41 -5.17
C LYS S 214 -16.38 91.86 -5.97
N PRO S 215 -15.57 90.91 -5.48
CA PRO S 215 -14.46 90.41 -6.31
C PRO S 215 -14.92 89.85 -7.64
N PHE S 216 -16.14 89.33 -7.74
CA PHE S 216 -16.68 88.75 -8.95
C PHE S 216 -17.46 89.74 -9.80
N LYS S 217 -17.82 90.89 -9.25
CA LYS S 217 -18.63 91.90 -9.94
C LYS S 217 -18.03 92.36 -11.27
N TYR S 218 -18.81 92.18 -12.34
CA TYR S 218 -18.59 92.57 -13.74
C TYR S 218 -17.50 91.82 -14.48
N TRP S 219 -16.81 90.87 -13.84
CA TRP S 219 -15.75 90.17 -14.56
C TRP S 219 -16.28 89.13 -15.54
N SER S 220 -17.47 88.59 -15.33
CA SER S 220 -17.97 87.57 -16.26
C SER S 220 -19.51 87.50 -16.13
N ARG S 221 -20.09 86.42 -16.65
CA ARG S 221 -21.52 86.12 -16.58
C ARG S 221 -21.66 84.68 -16.11
N SER S 222 -22.64 84.41 -15.24
CA SER S 222 -22.78 83.07 -14.69
C SER S 222 -22.85 81.97 -15.75
N TRP S 223 -23.48 82.24 -16.90
CA TRP S 223 -23.60 81.19 -17.91
C TRP S 223 -22.34 81.02 -18.75
N LEU S 224 -21.29 81.81 -18.51
CA LEU S 224 -20.06 81.70 -19.26
C LEU S 224 -18.96 80.95 -18.52
N LEU S 225 -19.24 80.43 -17.33
CA LEU S 225 -18.24 79.72 -16.54
C LEU S 225 -18.55 78.23 -16.52
N GLU S 226 -17.52 77.44 -16.24
CA GLU S 226 -17.64 75.99 -16.11
C GLU S 226 -17.78 75.68 -14.62
N LYS S 227 -18.39 74.54 -14.29
CA LYS S 227 -18.62 74.22 -12.88
C LYS S 227 -18.22 72.81 -12.50
N GLY S 228 -17.61 72.69 -11.33
CA GLY S 228 -17.18 71.41 -10.78
C GLY S 228 -17.23 71.47 -9.27
N ARG S 229 -17.46 70.31 -8.65
CA ARG S 229 -17.52 70.23 -7.20
C ARG S 229 -16.45 69.28 -6.69
N THR S 230 -15.85 69.62 -5.55
CA THR S 230 -14.76 68.82 -4.99
C THR S 230 -14.63 69.12 -3.50
N VAL S 231 -13.56 68.63 -2.89
CA VAL S 231 -13.27 68.82 -1.47
C VAL S 231 -12.40 70.04 -1.27
N CYS S 232 -12.75 70.86 -0.30
CA CYS S 232 -11.93 72.02 0.01
C CYS S 232 -10.86 71.50 0.94
N ASN S 233 -9.58 71.76 0.62
CA ASN S 233 -8.49 71.29 1.46
C ASN S 233 -7.76 72.40 2.20
N LEU S 234 -8.39 73.56 2.38
CA LEU S 234 -7.70 74.63 3.08
C LEU S 234 -7.68 74.45 4.59
N CYS S 235 -8.39 73.44 5.13
CA CYS S 235 -8.39 73.13 6.56
C CYS S 235 -8.98 71.73 6.72
N PRO S 236 -9.03 71.14 7.93
CA PRO S 236 -9.52 69.75 8.08
C PRO S 236 -11.02 69.55 8.12
N VAL S 237 -11.87 70.56 7.95
CA VAL S 237 -13.30 70.28 8.02
C VAL S 237 -13.72 69.37 6.87
N GLY S 238 -13.34 69.68 5.64
CA GLY S 238 -13.70 68.84 4.51
C GLY S 238 -14.93 69.25 3.74
N CYS S 239 -15.25 70.54 3.72
CA CYS S 239 -16.40 71.02 2.98
C CYS S 239 -16.35 70.64 1.51
N GLU S 240 -17.52 70.51 0.92
CA GLU S 240 -17.67 70.22 -0.50
C GLU S 240 -17.99 71.57 -1.13
N ILE S 241 -17.12 72.06 -2.02
CA ILE S 241 -17.38 73.36 -2.63
C ILE S 241 -17.36 73.23 -4.14
N GLN S 242 -17.97 74.22 -4.77
CA GLN S 242 -18.12 74.28 -6.21
C GLN S 242 -17.19 75.37 -6.73
N ILE S 243 -16.34 75.01 -7.69
CA ILE S 243 -15.40 75.95 -8.27
C ILE S 243 -15.93 76.34 -9.64
N GLU S 244 -15.94 77.64 -9.92
CA GLU S 244 -16.41 78.18 -11.19
C GLU S 244 -15.19 78.72 -11.92
N TYR S 245 -14.93 78.19 -13.11
CA TYR S 245 -13.75 78.58 -13.84
C TYR S 245 -14.01 78.81 -15.33
N GLY S 246 -13.00 79.43 -15.94
CA GLY S 246 -12.98 79.70 -17.37
C GLY S 246 -11.94 78.78 -18.00
N VAL S 247 -11.93 78.75 -19.32
CA VAL S 247 -11.02 77.87 -20.03
C VAL S 247 -10.10 78.58 -21.00
N GLY S 248 -10.45 79.77 -21.46
CA GLY S 248 -9.59 80.49 -22.37
C GLY S 248 -10.23 80.68 -23.72
N ASP S 249 -11.50 80.27 -23.83
CA ASP S 249 -12.26 80.42 -25.06
C ASP S 249 -12.95 81.78 -25.06
N TRP S 250 -13.90 81.95 -25.97
CA TRP S 250 -14.59 83.24 -26.05
C TRP S 250 -15.40 83.60 -24.81
N ARG S 251 -15.79 82.61 -23.99
CA ARG S 251 -16.61 82.86 -22.80
C ARG S 251 -15.84 83.46 -21.65
N SER S 252 -14.68 82.89 -21.31
CA SER S 252 -13.97 83.39 -20.15
C SER S 252 -12.52 82.91 -20.14
N LYS S 253 -11.70 83.68 -19.43
CA LYS S 253 -10.28 83.43 -19.30
C LYS S 253 -9.97 82.11 -18.61
N ARG S 254 -8.79 81.57 -18.90
CA ARG S 254 -8.35 80.30 -18.32
C ARG S 254 -7.91 80.53 -16.88
N LYS S 255 -8.90 80.63 -15.98
CA LYS S 255 -8.62 80.84 -14.56
C LYS S 255 -9.89 80.59 -13.77
N VAL S 256 -9.75 80.59 -12.44
CA VAL S 256 -10.88 80.41 -11.54
C VAL S 256 -11.48 81.77 -11.24
N TYR S 257 -12.81 81.88 -11.36
CA TYR S 257 -13.49 83.15 -11.13
C TYR S 257 -14.14 83.27 -9.76
N ARG S 258 -14.65 82.18 -9.23
CA ARG S 258 -15.30 82.24 -7.93
C ARG S 258 -15.59 80.83 -7.46
N THR S 259 -16.08 80.75 -6.24
CA THR S 259 -16.40 79.52 -5.58
C THR S 259 -17.73 79.70 -4.87
N LYS S 260 -18.42 78.58 -4.62
CA LYS S 260 -19.71 78.57 -3.95
C LYS S 260 -19.84 77.32 -3.09
N PRO S 261 -20.62 77.38 -2.03
CA PRO S 261 -20.87 76.17 -1.24
C PRO S 261 -22.03 75.43 -1.91
N THR S 262 -22.32 74.26 -1.42
CA THR S 262 -23.46 73.51 -1.92
C THR S 262 -24.68 73.93 -1.08
N ASP S 263 -25.82 73.27 -1.29
CA ASP S 263 -26.94 73.68 -0.47
C ASP S 263 -26.77 73.30 0.99
N GLU S 264 -25.69 72.59 1.35
CA GLU S 264 -25.48 72.31 2.76
C GLU S 264 -24.87 73.49 3.46
N LEU S 265 -24.46 74.52 2.71
CA LEU S 265 -23.91 75.75 3.26
C LEU S 265 -22.66 75.52 4.11
N ASN S 266 -21.81 74.59 3.68
CA ASN S 266 -20.57 74.31 4.38
C ASN S 266 -19.46 75.06 3.63
N ILE S 267 -19.11 76.25 4.14
CA ILE S 267 -18.06 77.07 3.55
C ILE S 267 -17.71 78.22 4.50
N CYS S 268 -16.46 78.68 4.44
CA CYS S 268 -15.94 79.80 5.24
C CYS S 268 -15.24 80.75 4.29
N ALA S 269 -14.73 81.89 4.81
CA ALA S 269 -14.06 82.85 3.95
C ALA S 269 -12.87 82.24 3.20
N LYS S 270 -12.09 81.39 3.85
CA LYS S 270 -10.97 80.81 3.14
C LYS S 270 -11.46 80.12 1.86
N GLY S 271 -12.57 79.38 1.97
CA GLY S 271 -13.11 78.70 0.81
C GLY S 271 -13.83 79.61 -0.16
N PHE S 272 -14.48 80.65 0.33
CA PHE S 272 -15.24 81.54 -0.55
C PHE S 272 -14.36 82.61 -1.22
N PHE S 273 -13.43 83.20 -0.49
CA PHE S 273 -12.60 84.22 -1.08
C PHE S 273 -11.18 83.77 -1.38
N GLY S 274 -10.79 82.57 -0.96
CA GLY S 274 -9.44 82.15 -1.24
C GLY S 274 -9.22 81.53 -2.59
N TYR S 275 -10.24 81.48 -3.46
CA TYR S 275 -10.10 80.87 -4.79
C TYR S 275 -8.93 81.44 -5.59
N ASP S 276 -8.66 82.74 -5.46
CA ASP S 276 -7.60 83.36 -6.25
C ASP S 276 -6.24 82.76 -5.94
N SER S 277 -6.11 82.00 -4.87
CA SER S 277 -4.83 81.35 -4.59
C SER S 277 -4.54 80.27 -5.62
N ILE S 278 -5.57 79.82 -6.35
CA ILE S 278 -5.41 78.83 -7.41
C ILE S 278 -4.81 79.49 -8.64
N ASN S 279 -5.04 80.79 -8.81
CA ASN S 279 -4.54 81.54 -9.96
C ASN S 279 -3.16 82.16 -9.77
N HIS S 280 -2.69 82.26 -8.53
CA HIS S 280 -1.45 82.94 -8.20
C HIS S 280 -0.19 82.16 -8.58
N LYS S 281 0.59 82.75 -9.50
CA LYS S 281 1.90 82.28 -9.96
C LYS S 281 2.09 80.77 -9.92
N ARG S 282 1.24 80.04 -10.62
CA ARG S 282 1.32 78.59 -10.52
C ARG S 282 2.52 77.97 -11.21
N LEU S 283 2.97 76.87 -10.63
CA LEU S 283 4.06 76.06 -11.14
C LEU S 283 3.32 74.84 -11.66
N LEU S 284 3.15 74.75 -12.97
CA LEU S 284 2.39 73.66 -13.57
C LEU S 284 3.22 72.69 -14.40
N LYS S 285 4.54 72.89 -14.50
CA LYS S 285 5.45 72.01 -15.25
C LYS S 285 6.69 71.70 -14.42
N THR S 286 7.25 70.52 -14.62
CA THR S 286 8.48 70.16 -13.91
C THR S 286 9.66 70.96 -14.45
N LYS S 287 10.52 71.45 -13.55
CA LYS S 287 11.67 72.24 -13.96
C LYS S 287 12.93 71.85 -13.21
N VAL S 288 14.08 72.02 -13.86
CA VAL S 288 15.39 71.80 -13.27
C VAL S 288 15.99 73.20 -13.26
N GLY S 289 16.01 73.85 -12.12
CA GLY S 289 16.48 75.22 -12.05
C GLY S 289 15.37 76.07 -12.64
N LYS S 290 15.68 76.91 -13.61
CA LYS S 290 14.66 77.74 -14.23
C LYS S 290 14.22 77.21 -15.59
N ARG S 291 14.83 76.13 -16.04
CA ARG S 291 14.51 75.52 -17.32
C ARG S 291 13.48 74.42 -17.17
N GLU S 292 12.49 74.41 -18.08
CA GLU S 292 11.50 73.36 -18.07
C GLU S 292 12.14 72.05 -18.52
N GLU S 293 11.68 70.95 -17.94
CA GLU S 293 12.18 69.61 -18.25
C GLU S 293 11.01 68.64 -18.34
N THR S 294 11.16 67.61 -19.16
CA THR S 294 10.09 66.65 -19.29
C THR S 294 9.95 65.86 -18.00
N PRO S 295 8.72 65.56 -17.59
CA PRO S 295 8.54 64.78 -16.35
C PRO S 295 9.26 63.45 -16.37
N GLY S 296 9.27 62.76 -17.51
CA GLY S 296 9.94 61.48 -17.59
C GLY S 296 11.40 61.58 -17.21
N ASN S 297 12.03 62.68 -17.60
CA ASN S 297 13.43 62.86 -17.24
C ASN S 297 13.59 63.12 -15.74
N VAL S 298 12.69 63.91 -15.14
CA VAL S 298 12.81 64.15 -13.71
C VAL S 298 12.66 62.86 -12.93
N VAL S 299 11.74 61.99 -13.36
CA VAL S 299 11.58 60.72 -12.66
C VAL S 299 12.85 59.90 -12.75
N ASN S 300 13.57 60.00 -13.88
CA ASN S 300 14.81 59.25 -14.01
C ASN S 300 15.82 59.74 -13.00
N LEU S 301 15.92 61.05 -12.82
CA LEU S 301 16.82 61.62 -11.84
C LEU S 301 16.46 61.15 -10.43
N LEU S 302 15.20 61.38 -10.05
CA LEU S 302 14.71 60.97 -8.73
C LEU S 302 14.87 59.49 -8.52
N THR S 303 14.68 58.69 -9.56
CA THR S 303 14.80 57.26 -9.36
C THR S 303 16.19 56.91 -8.88
N THR S 304 17.21 57.57 -9.43
CA THR S 304 18.58 57.30 -9.03
C THR S 304 18.86 57.85 -7.64
N ILE S 305 18.39 59.07 -7.36
CA ILE S 305 18.61 59.65 -6.04
C ILE S 305 18.08 58.72 -4.94
N LEU S 306 16.82 58.29 -5.06
CA LEU S 306 16.24 57.41 -4.03
C LEU S 306 16.79 55.99 -4.07
N THR S 307 17.18 55.46 -5.24
CA THR S 307 17.69 54.09 -5.27
C THR S 307 19.14 54.00 -4.77
N GLU S 308 19.99 54.86 -5.26
CA GLU S 308 21.38 54.82 -4.84
C GLU S 308 21.68 55.70 -3.64
N HIS S 309 20.81 56.64 -3.27
CA HIS S 309 21.11 57.51 -2.13
C HIS S 309 19.90 57.74 -1.23
N GLY S 310 18.99 56.77 -1.14
CA GLY S 310 17.83 56.95 -0.30
C GLY S 310 18.18 57.18 1.17
N GLY S 311 19.20 56.48 1.67
CA GLY S 311 19.69 56.55 3.05
C GLY S 311 20.32 57.89 3.43
N LYS S 312 20.44 58.80 2.48
CA LYS S 312 20.94 60.15 2.68
C LYS S 312 19.91 61.14 2.16
N THR S 313 18.67 60.70 1.99
CA THR S 313 17.57 61.50 1.47
C THR S 313 16.47 61.62 2.52
N GLY S 314 15.94 62.81 2.68
CA GLY S 314 14.87 63.08 3.61
C GLY S 314 13.66 63.58 2.84
N ILE S 315 12.48 63.15 3.26
CA ILE S 315 11.22 63.55 2.62
C ILE S 315 10.36 64.25 3.66
N VAL S 316 10.00 65.49 3.38
CA VAL S 316 9.17 66.30 4.26
C VAL S 316 7.76 66.31 3.69
N PHE S 317 6.85 65.55 4.29
CA PHE S 317 5.49 65.53 3.77
C PHE S 317 4.77 66.82 4.09
N SER S 318 3.69 67.03 3.36
CA SER S 318 2.83 68.18 3.57
C SER S 318 1.44 67.67 3.89
N ALA S 319 0.81 68.32 4.83
CA ALA S 319 -0.54 67.90 5.17
C ALA S 319 -1.57 68.40 4.16
N TYR S 320 -1.12 69.01 3.07
CA TYR S 320 -2.02 69.53 2.05
C TYR S 320 -2.05 68.66 0.81
N LEU S 321 -1.59 67.44 0.93
CA LEU S 321 -1.48 66.33 0.02
C LEU S 321 -2.61 65.36 0.29
N PRO S 322 -3.17 64.78 -0.76
CA PRO S 322 -4.23 63.79 -0.58
C PRO S 322 -3.64 62.45 -0.13
N LYS S 323 -4.52 61.61 0.40
CA LYS S 323 -4.11 60.30 0.90
C LYS S 323 -3.35 59.50 -0.15
N GLU S 324 -3.84 59.51 -1.38
CA GLU S 324 -3.22 58.71 -2.44
C GLU S 324 -1.76 59.09 -2.70
N VAL S 325 -1.42 60.39 -2.63
CA VAL S 325 -0.05 60.81 -2.87
C VAL S 325 0.83 60.49 -1.68
N ILE S 326 0.36 60.80 -0.47
CA ILE S 326 1.10 60.48 0.74
C ILE S 326 1.47 59.00 0.75
N ASP S 327 0.49 58.16 0.43
CA ASP S 327 0.70 56.72 0.42
C ASP S 327 1.76 56.31 -0.59
N GLU S 328 1.68 56.86 -1.81
CA GLU S 328 2.63 56.46 -2.84
C GLU S 328 4.04 56.97 -2.54
N VAL S 329 4.16 58.22 -2.07
CA VAL S 329 5.47 58.75 -1.73
C VAL S 329 6.04 57.96 -0.55
N LEU S 330 5.22 57.73 0.49
CA LEU S 330 5.67 56.97 1.65
C LEU S 330 6.12 55.57 1.27
N ARG S 331 5.40 54.91 0.37
CA ARG S 331 5.81 53.57 -0.05
C ARG S 331 7.17 53.63 -0.73
N ILE S 332 7.38 54.67 -1.53
CA ILE S 332 8.67 54.84 -2.19
C ILE S 332 9.73 55.07 -1.12
N ALA S 333 9.43 55.92 -0.14
CA ALA S 333 10.38 56.15 0.94
C ALA S 333 10.76 54.84 1.62
N LYS S 334 9.77 54.00 1.93
CA LYS S 334 10.06 52.72 2.58
C LYS S 334 10.82 51.76 1.66
N ALA S 335 10.83 52.03 0.36
CA ALA S 335 11.53 51.22 -0.61
C ALA S 335 12.91 51.76 -0.89
N SER S 336 13.24 52.93 -0.33
CA SER S 336 14.50 53.63 -0.49
C SER S 336 15.28 53.79 0.79
N GLN S 337 14.71 53.44 1.94
CA GLN S 337 15.39 53.59 3.23
C GLN S 337 15.67 55.05 3.54
N ALA S 338 14.69 55.91 3.26
CA ALA S 338 14.85 57.34 3.47
C ALA S 338 14.37 57.76 4.85
N TYR S 339 14.53 59.04 5.13
CA TYR S 339 14.06 59.65 6.37
C TYR S 339 12.74 60.32 6.04
N VAL S 340 11.75 60.17 6.90
CA VAL S 340 10.46 60.78 6.64
C VAL S 340 10.07 61.65 7.81
N THR S 341 9.52 62.81 7.52
CA THR S 341 9.09 63.71 8.56
C THR S 341 7.93 64.55 8.01
N ALA S 342 7.47 65.47 8.82
CA ALA S 342 6.40 66.38 8.46
C ALA S 342 6.53 67.51 9.46
N PRO S 343 6.25 68.75 9.09
CA PRO S 343 6.38 69.83 10.08
C PRO S 343 5.50 69.61 11.28
N GLN S 344 4.38 68.90 11.11
CA GLN S 344 3.45 68.63 12.20
C GLN S 344 4.08 67.75 13.27
N SER S 345 5.31 67.28 13.02
CA SER S 345 6.03 66.49 14.01
C SER S 345 6.42 67.33 15.22
N VAL S 346 6.48 68.65 15.04
CA VAL S 346 6.89 69.53 16.13
C VAL S 346 5.85 69.58 17.24
N ASP S 347 4.57 69.74 16.89
CA ASP S 347 3.51 69.83 17.89
C ASP S 347 2.46 68.74 17.80
N LEU S 348 1.76 68.59 16.68
CA LEU S 348 0.68 67.60 16.57
C LEU S 348 1.13 66.18 16.87
N PHE S 349 2.23 65.71 16.25
CA PHE S 349 2.69 64.35 16.48
C PHE S 349 3.11 64.11 17.93
N LYS S 350 3.74 65.10 18.58
CA LYS S 350 4.13 64.92 19.98
C LYS S 350 2.93 64.80 20.89
N PHE S 351 1.89 65.59 20.63
CA PHE S 351 0.65 65.56 21.39
C PHE S 351 -0.08 64.23 21.23
N LEU S 352 -0.27 63.79 19.99
CA LEU S 352 -0.95 62.53 19.77
C LEU S 352 -0.16 61.37 20.32
N ASP S 353 1.17 61.46 20.34
CA ASP S 353 2.00 60.38 20.88
C ASP S 353 1.72 60.18 22.36
N GLU S 354 1.55 61.29 23.10
CA GLU S 354 1.29 61.24 24.52
C GLU S 354 -0.17 60.91 24.83
N LEU S 355 -1.12 61.48 24.07
CA LEU S 355 -2.54 61.19 24.30
C LEU S 355 -2.85 59.70 24.11
N GLU S 356 -2.19 59.06 23.15
CA GLU S 356 -2.25 57.64 22.80
C GLU S 356 -3.53 57.12 22.15
N GLU S 357 -4.65 57.82 22.27
CA GLU S 357 -5.89 57.36 21.65
C GLU S 357 -6.85 58.51 21.71
N TYR S 358 -7.38 58.86 20.55
CA TYR S 358 -8.25 59.99 20.40
C TYR S 358 -9.48 59.60 19.62
N ASP S 359 -10.38 60.56 19.53
CA ASP S 359 -11.60 60.43 18.77
C ASP S 359 -11.55 61.43 17.64
N PHE S 360 -12.17 61.07 16.53
CA PHE S 360 -12.25 61.90 15.34
C PHE S 360 -13.59 61.61 14.68
N PRO S 361 -14.68 61.92 15.36
CA PRO S 361 -16.00 61.63 14.80
C PRO S 361 -16.39 62.64 13.73
N THR S 362 -17.35 62.23 12.90
CA THR S 362 -17.84 63.11 11.86
C THR S 362 -18.65 64.25 12.48
N VAL S 363 -18.92 65.27 11.65
CA VAL S 363 -19.69 66.41 12.13
C VAL S 363 -21.08 65.98 12.60
N LYS S 364 -21.68 65.02 11.90
CA LYS S 364 -23.01 64.53 12.27
C LYS S 364 -23.06 64.03 13.70
N GLU S 365 -21.97 63.40 14.16
CA GLU S 365 -21.93 62.88 15.53
C GLU S 365 -21.86 63.98 16.58
N PHE S 366 -21.65 65.23 16.18
CA PHE S 366 -21.60 66.32 17.14
C PHE S 366 -22.97 66.53 17.79
N GLU S 367 -24.06 66.10 17.15
CA GLU S 367 -25.40 66.26 17.76
C GLU S 367 -25.46 65.55 19.10
N LYS S 368 -24.83 64.38 19.19
CA LYS S 368 -24.79 63.52 20.34
C LYS S 368 -24.05 64.11 21.53
N ALA S 369 -23.45 65.28 21.40
CA ALA S 369 -22.72 65.85 22.52
C ALA S 369 -23.60 66.68 23.42
N ASP S 370 -23.24 66.68 24.71
CA ASP S 370 -23.96 67.49 25.69
C ASP S 370 -23.27 68.83 25.87
N ALA S 371 -21.94 68.86 25.77
CA ALA S 371 -21.19 70.10 25.88
C ALA S 371 -19.92 69.95 25.06
N PHE S 372 -19.27 71.08 24.86
CA PHE S 372 -18.03 71.16 24.12
C PHE S 372 -17.01 71.92 24.94
N VAL S 373 -15.76 71.50 24.85
CA VAL S 373 -14.66 72.18 25.49
C VAL S 373 -13.63 72.48 24.42
N PHE S 374 -13.37 73.77 24.18
CA PHE S 374 -12.39 74.21 23.21
C PHE S 374 -11.10 74.48 23.98
N ILE S 375 -10.02 73.78 23.66
CA ILE S 375 -8.73 73.94 24.33
C ILE S 375 -7.67 74.37 23.33
N GLY S 376 -7.02 75.49 23.59
CA GLY S 376 -5.99 75.94 22.70
C GLY S 376 -6.29 77.22 21.98
N ASP S 377 -6.36 77.15 20.65
CA ASP S 377 -6.63 78.29 19.79
C ASP S 377 -8.13 78.52 19.65
N ASP S 378 -8.46 79.50 18.80
CA ASP S 378 -9.81 79.92 18.43
C ASP S 378 -10.27 78.94 17.34
N ILE S 379 -11.12 77.97 17.70
CA ILE S 379 -11.58 76.97 16.72
C ILE S 379 -12.18 77.63 15.47
N THR S 380 -12.97 78.68 15.66
CA THR S 380 -13.60 79.36 14.51
C THR S 380 -12.57 79.88 13.53
N SER S 381 -11.35 80.12 13.97
CA SER S 381 -10.29 80.59 13.10
C SER S 381 -9.46 79.47 12.49
N VAL S 382 -9.60 78.25 12.99
CA VAL S 382 -8.88 77.07 12.53
C VAL S 382 -9.77 76.15 11.71
N ALA S 383 -10.85 75.68 12.30
CA ALA S 383 -11.82 74.82 11.63
C ALA S 383 -13.15 75.57 11.72
N THR S 384 -13.27 76.58 10.85
CA THR S 384 -14.42 77.48 10.88
C THR S 384 -15.76 76.78 10.80
N VAL S 385 -16.01 75.99 9.74
CA VAL S 385 -17.32 75.36 9.63
C VAL S 385 -17.69 74.55 10.86
N LEU S 386 -16.71 74.02 11.60
CA LEU S 386 -17.08 73.29 12.81
C LEU S 386 -17.89 74.18 13.77
N SER S 387 -17.62 75.50 13.79
CA SER S 387 -18.35 76.39 14.67
C SER S 387 -19.83 76.51 14.30
N TYR S 388 -20.23 76.04 13.12
CA TYR S 388 -21.64 76.09 12.75
C TYR S 388 -22.43 74.91 13.32
N TYR S 389 -21.76 73.93 13.90
CA TYR S 389 -22.40 72.74 14.45
C TYR S 389 -22.18 72.55 15.95
N THR S 390 -21.37 73.38 16.60
CA THR S 390 -21.16 73.24 18.03
C THR S 390 -22.20 74.17 18.67
N LYS S 391 -23.43 73.65 18.75
CA LYS S 391 -24.56 74.42 19.28
C LYS S 391 -24.91 74.09 20.73
N LYS S 392 -24.12 73.29 21.41
CA LYS S 392 -24.38 72.99 22.80
C LYS S 392 -23.54 73.94 23.67
N LYS S 393 -23.48 73.67 24.97
CA LYS S 393 -22.69 74.51 25.87
C LYS S 393 -21.21 74.41 25.53
N VAL S 394 -20.53 75.56 25.48
CA VAL S 394 -19.11 75.59 25.15
C VAL S 394 -18.31 76.17 26.31
N TYR S 395 -17.35 75.39 26.80
CA TYR S 395 -16.41 75.77 27.83
C TYR S 395 -15.11 76.04 27.09
N LYS S 396 -14.29 76.98 27.60
CA LYS S 396 -13.08 77.30 26.86
C LYS S 396 -11.85 77.49 27.74
N ILE S 397 -10.72 77.00 27.22
CA ILE S 397 -9.39 77.11 27.83
C ILE S 397 -8.50 77.61 26.70
N GLY S 398 -8.05 78.87 26.79
CA GLY S 398 -7.19 79.33 25.72
C GLY S 398 -7.66 80.61 25.09
N LYS S 399 -7.17 80.84 23.87
CA LYS S 399 -7.50 82.04 23.11
C LYS S 399 -8.96 82.05 22.71
N SER S 400 -9.59 83.21 22.77
CA SER S 400 -10.99 83.31 22.38
C SER S 400 -11.21 84.61 21.63
N VAL S 401 -11.41 84.50 20.32
CA VAL S 401 -11.65 85.68 19.50
C VAL S 401 -12.98 85.56 18.77
N ARG S 402 -13.08 84.67 17.79
CA ARG S 402 -14.36 84.53 17.10
C ARG S 402 -15.23 83.54 17.84
N ASP S 403 -14.62 82.73 18.70
CA ASP S 403 -15.35 81.73 19.46
C ASP S 403 -16.33 82.39 20.42
N GLU S 404 -16.12 83.68 20.70
CA GLU S 404 -17.02 84.41 21.58
C GLU S 404 -18.45 84.44 21.04
N LYS S 405 -18.63 84.26 19.73
CA LYS S 405 -19.98 84.20 19.18
C LYS S 405 -20.77 83.04 19.77
N LEU S 406 -20.06 82.05 20.31
CA LEU S 406 -20.68 80.90 20.94
C LEU S 406 -20.86 81.11 22.43
N GLN S 407 -20.49 82.29 22.95
CA GLN S 407 -20.59 82.61 24.36
C GLN S 407 -19.90 81.51 25.18
N PRO S 408 -18.65 81.24 24.93
CA PRO S 408 -17.99 80.18 25.68
C PRO S 408 -17.74 80.63 27.10
N GLU S 409 -17.81 79.68 28.02
CA GLU S 409 -17.55 79.93 29.42
C GLU S 409 -16.11 79.54 29.69
N GLU S 410 -15.30 80.49 30.15
CA GLU S 410 -13.91 80.19 30.43
C GLU S 410 -13.81 79.30 31.68
N ILE S 411 -12.93 78.30 31.62
CA ILE S 411 -12.70 77.37 32.73
C ILE S 411 -11.20 77.09 32.81
N THR S 412 -10.84 76.26 33.78
CA THR S 412 -9.47 75.85 34.03
C THR S 412 -9.35 74.34 33.82
N TYR S 413 -8.11 73.85 33.74
CA TYR S 413 -7.94 72.41 33.56
C TYR S 413 -8.49 71.62 34.74
N GLU S 414 -8.43 72.17 35.95
CA GLU S 414 -8.94 71.50 37.13
C GLU S 414 -10.46 71.40 37.13
N ASP S 415 -11.13 72.24 36.36
CA ASP S 415 -12.57 72.18 36.26
C ASP S 415 -13.04 71.06 35.36
N LEU S 416 -12.20 70.62 34.41
CA LEU S 416 -12.59 69.56 33.49
C LEU S 416 -12.96 68.31 34.24
N GLN S 417 -12.26 68.07 35.34
CA GLN S 417 -12.50 66.92 36.18
C GLN S 417 -13.96 66.84 36.63
N ASN S 418 -14.64 67.98 36.73
CA ASN S 418 -16.02 68.06 37.21
C ASN S 418 -17.10 68.13 36.13
N LEU S 419 -16.78 68.11 34.84
CA LEU S 419 -17.86 68.18 33.85
C LEU S 419 -18.63 66.85 33.85
N GLU S 420 -19.86 66.88 33.35
CA GLU S 420 -20.62 65.64 33.41
C GLU S 420 -21.43 65.34 32.15
N GLY S 421 -21.26 64.13 31.63
CA GLY S 421 -22.06 63.65 30.53
C GLY S 421 -21.69 63.96 29.11
N ASN S 422 -21.17 62.97 28.38
CA ASN S 422 -20.84 63.10 26.96
C ASN S 422 -20.27 64.43 26.50
N VAL S 423 -19.09 64.76 27.00
CA VAL S 423 -18.41 65.99 26.67
C VAL S 423 -17.46 65.76 25.51
N PHE S 424 -17.47 66.68 24.53
CA PHE S 424 -16.56 66.64 23.39
C PHE S 424 -15.46 67.68 23.63
N VAL S 425 -14.22 67.22 23.72
CA VAL S 425 -13.08 68.11 23.92
C VAL S 425 -12.38 68.31 22.58
N LEU S 426 -12.41 69.54 22.07
CA LEU S 426 -11.75 69.90 20.81
C LEU S 426 -10.48 70.67 21.17
N VAL S 427 -9.31 70.04 20.98
CA VAL S 427 -8.03 70.65 21.32
C VAL S 427 -7.18 70.87 20.06
N THR S 428 -6.54 72.04 19.98
CA THR S 428 -5.66 72.39 18.86
C THR S 428 -4.22 72.29 19.33
N PRO S 429 -3.52 71.19 19.07
CA PRO S 429 -2.15 71.02 19.58
C PRO S 429 -1.16 72.09 19.16
N HIS S 430 -1.37 72.77 18.04
CA HIS S 430 -0.42 73.78 17.62
C HIS S 430 -0.39 75.00 18.53
N ALA S 431 -1.32 75.11 19.47
CA ALA S 431 -1.42 76.23 20.39
C ALA S 431 -1.08 75.85 21.81
N LEU S 432 -0.20 74.87 22.02
CA LEU S 432 0.15 74.47 23.38
C LEU S 432 1.57 74.88 23.76
N ASN S 433 2.53 74.86 22.82
CA ASN S 433 3.91 75.37 23.01
C ASN S 433 4.56 75.12 24.36
N GLY S 434 5.07 73.93 24.61
CA GLY S 434 5.69 73.67 25.88
C GLY S 434 4.77 73.02 26.87
N GLU S 435 3.46 73.14 26.69
CA GLU S 435 2.50 72.47 27.54
C GLU S 435 1.89 71.31 26.77
N ILE S 436 2.48 70.94 25.64
CA ILE S 436 1.95 69.88 24.80
C ILE S 436 1.86 68.58 25.59
N LYS S 437 3.00 68.09 26.09
CA LYS S 437 2.99 66.83 26.81
C LYS S 437 2.09 66.86 28.04
N GLU S 438 2.16 67.94 28.82
CA GLU S 438 1.35 68.03 30.03
C GLU S 438 -0.15 67.96 29.72
N VAL S 439 -0.61 68.79 28.77
CA VAL S 439 -2.03 68.79 28.41
C VAL S 439 -2.44 67.43 27.85
N ALA S 440 -1.61 66.83 26.99
CA ALA S 440 -1.97 65.53 26.46
C ALA S 440 -2.13 64.52 27.59
N THR S 441 -1.24 64.58 28.60
CA THR S 441 -1.34 63.66 29.72
C THR S 441 -2.63 63.88 30.51
N LYS S 442 -2.96 65.14 30.83
CA LYS S 442 -4.19 65.43 31.56
C LYS S 442 -5.41 64.98 30.77
N LEU S 443 -5.46 65.28 29.46
CA LEU S 443 -6.59 64.84 28.65
C LEU S 443 -6.65 63.32 28.57
N LYS S 444 -5.50 62.64 28.66
CA LYS S 444 -5.51 61.19 28.63
C LYS S 444 -6.21 60.65 29.87
N GLU S 445 -5.89 61.21 31.04
CA GLU S 445 -6.56 60.78 32.26
C GLU S 445 -8.04 61.05 32.12
N LEU S 446 -8.39 62.28 31.72
CA LEU S 446 -9.79 62.66 31.53
C LEU S 446 -10.53 61.69 30.67
N LYS S 447 -9.90 61.23 29.59
CA LYS S 447 -10.58 60.30 28.71
C LYS S 447 -10.79 58.95 29.37
N ARG S 448 -9.93 58.56 30.30
CA ARG S 448 -10.05 57.27 30.95
C ARG S 448 -10.90 57.30 32.21
N GLU S 449 -10.70 58.29 33.10
CA GLU S 449 -11.55 58.40 34.28
C GLU S 449 -12.98 58.64 33.86
N LYS S 450 -13.21 59.73 33.17
CA LYS S 450 -14.48 60.12 32.59
C LYS S 450 -14.46 59.66 31.13
N GLY S 451 -15.62 59.42 30.56
CA GLY S 451 -15.60 58.95 29.17
C GLY S 451 -15.64 60.02 28.10
N PHE S 452 -14.95 61.12 28.33
CA PHE S 452 -14.95 62.23 27.39
C PHE S 452 -14.33 61.86 26.05
N LYS S 453 -14.73 62.61 25.04
CA LYS S 453 -14.21 62.47 23.68
C LYS S 453 -13.11 63.51 23.53
N VAL S 454 -11.90 63.07 23.21
CA VAL S 454 -10.78 63.99 22.99
C VAL S 454 -10.56 64.00 21.48
N ILE S 455 -10.90 65.11 20.84
CA ILE S 455 -10.79 65.24 19.39
C ILE S 455 -9.68 66.24 19.07
N PRO S 456 -8.59 65.81 18.42
CA PRO S 456 -7.53 66.78 18.07
C PRO S 456 -7.99 67.55 16.85
N VAL S 457 -7.86 68.87 16.90
CA VAL S 457 -8.26 69.71 15.78
C VAL S 457 -7.00 70.21 15.10
N PRO S 458 -6.51 69.50 14.10
CA PRO S 458 -5.30 69.95 13.39
C PRO S 458 -5.59 71.22 12.62
N LYS S 459 -4.53 71.97 12.35
CA LYS S 459 -4.77 73.17 11.58
C LYS S 459 -4.63 72.93 10.09
N ASP S 460 -4.07 71.79 9.70
CA ASP S 460 -3.83 71.44 8.30
C ASP S 460 -4.69 70.26 7.87
N ALA S 461 -5.19 70.34 6.63
CA ALA S 461 -6.12 69.39 6.05
C ALA S 461 -5.88 67.90 6.34
N ASN S 462 -4.75 67.34 5.90
CA ASN S 462 -4.52 65.92 6.12
C ASN S 462 -3.47 65.62 7.19
N ALA S 463 -3.27 66.53 8.16
CA ALA S 463 -2.30 66.28 9.21
C ALA S 463 -2.65 65.01 10.00
N LEU S 464 -3.94 64.75 10.25
CA LEU S 464 -4.30 63.53 11.00
C LEU S 464 -3.95 62.26 10.23
N TYR S 465 -4.16 62.23 8.92
CA TYR S 465 -3.79 61.03 8.20
C TYR S 465 -2.28 60.86 8.19
N LEU S 466 -1.54 61.98 8.09
CA LEU S 466 -0.08 61.92 8.10
C LEU S 466 0.41 61.26 9.37
N TYR S 467 -0.16 61.66 10.51
CA TYR S 467 0.25 61.06 11.76
C TYR S 467 -0.05 59.57 11.79
N GLU S 468 -1.23 59.16 11.34
CA GLU S 468 -1.56 57.75 11.40
C GLU S 468 -0.61 56.89 10.57
N VAL S 469 -0.11 57.38 9.43
CA VAL S 469 0.80 56.57 8.63
C VAL S 469 2.27 56.78 9.00
N LEU S 470 2.60 57.87 9.70
CA LEU S 470 3.97 58.18 10.10
C LEU S 470 4.29 57.93 11.57
N LYS S 471 3.30 57.63 12.42
CA LYS S 471 3.61 57.39 13.83
C LYS S 471 4.59 56.23 13.97
N GLY S 472 5.53 56.39 14.89
CA GLY S 472 6.53 55.38 15.14
C GLY S 472 7.74 55.41 14.25
N ILE S 473 7.63 55.99 13.05
CA ILE S 473 8.74 56.04 12.11
C ILE S 473 9.17 57.45 11.75
N TYR S 474 8.47 58.49 12.20
CA TYR S 474 8.83 59.84 11.80
C TYR S 474 10.06 60.38 12.49
N SER S 475 10.80 61.23 11.78
CA SER S 475 11.96 61.92 12.33
C SER S 475 11.50 63.27 12.85
N ASP S 476 12.25 63.81 13.79
CA ASP S 476 11.91 65.13 14.31
C ASP S 476 12.37 66.15 13.28
N LEU S 477 11.49 67.07 12.90
CA LEU S 477 11.84 68.09 11.90
C LEU S 477 13.16 68.79 12.18
N PRO S 478 13.45 69.28 13.40
CA PRO S 478 14.76 69.92 13.61
C PRO S 478 15.92 68.95 13.42
N ALA S 479 15.74 67.68 13.74
CA ALA S 479 16.82 66.70 13.57
C ALA S 479 17.16 66.51 12.09
N VAL S 480 16.14 66.52 11.22
CA VAL S 480 16.38 66.36 9.79
C VAL S 480 17.17 67.56 9.27
N MET S 481 16.78 68.78 9.67
CA MET S 481 17.48 69.98 9.26
C MET S 481 18.92 69.96 9.76
N GLU S 482 19.13 69.49 11.00
CA GLU S 482 20.47 69.39 11.55
C GLU S 482 21.30 68.41 10.73
N ALA S 483 20.67 67.29 10.32
CA ALA S 483 21.39 66.32 9.51
C ALA S 483 21.75 66.90 8.15
N CYS S 484 20.95 67.86 7.65
CA CYS S 484 21.28 68.48 6.37
C CYS S 484 22.52 69.35 6.50
N GLU S 485 22.61 70.13 7.60
CA GLU S 485 23.77 70.98 7.83
C GLU S 485 25.03 70.14 8.02
N ARG S 486 24.95 69.10 8.85
CA ARG S 486 26.11 68.25 9.09
C ARG S 486 26.51 67.48 7.84
N GLY S 487 25.56 67.24 6.93
CA GLY S 487 25.83 66.47 5.75
C GLY S 487 25.43 65.01 5.88
N ASP S 488 24.67 64.67 6.92
CA ASP S 488 24.21 63.29 7.08
C ASP S 488 23.11 63.00 6.08
N ILE S 489 22.41 64.04 5.64
CA ILE S 489 21.37 63.94 4.62
C ILE S 489 21.85 64.85 3.50
N GLU S 490 22.04 64.28 2.29
CA GLU S 490 22.51 65.05 1.15
C GLU S 490 21.38 65.52 0.25
N ASN S 491 20.20 64.89 0.32
CA ASN S 491 19.06 65.25 -0.51
C ASN S 491 17.80 65.44 0.31
N LEU S 492 17.07 66.50 0.01
CA LEU S 492 15.83 66.83 0.67
C LEU S 492 14.76 67.00 -0.38
N ILE S 493 13.62 66.36 -0.12
CA ILE S 493 12.43 66.48 -0.94
C ILE S 493 11.40 67.11 -0.03
N ILE S 494 11.06 68.35 -0.30
CA ILE S 494 10.11 69.10 0.53
C ILE S 494 8.82 69.26 -0.26
N PHE S 495 7.70 68.94 0.38
CA PHE S 495 6.38 69.05 -0.22
C PHE S 495 5.69 70.28 0.38
N GLY S 496 5.24 71.19 -0.46
CA GLY S 496 4.54 72.35 0.09
C GLY S 496 5.42 73.28 0.91
N GLU S 497 4.76 74.20 1.61
CA GLU S 497 5.47 75.17 2.44
C GLU S 497 5.14 75.07 3.92
N ASP S 498 4.67 73.92 4.39
CA ASP S 498 4.38 73.76 5.81
C ASP S 498 5.61 74.08 6.66
N ILE S 499 6.80 73.73 6.14
CA ILE S 499 8.04 73.94 6.88
C ILE S 499 8.28 75.42 7.14
N LEU S 500 7.75 76.29 6.28
CA LEU S 500 8.01 77.71 6.47
C LEU S 500 7.34 78.24 7.73
N GLU S 501 6.57 77.43 8.44
CA GLU S 501 5.97 77.91 9.68
C GLU S 501 6.96 77.84 10.83
N PHE S 502 8.10 77.23 10.64
CA PHE S 502 9.10 77.11 11.68
C PHE S 502 10.44 77.67 11.25
N TYR S 503 10.73 77.69 9.95
CA TYR S 503 11.97 78.22 9.38
C TYR S 503 11.63 79.32 8.41
N GLU S 504 12.48 80.32 8.34
CA GLU S 504 12.21 81.39 7.40
C GLU S 504 12.85 81.06 6.04
N ASP S 505 12.41 81.79 5.01
CA ASP S 505 12.91 81.60 3.64
C ASP S 505 14.43 81.49 3.57
N LYS S 506 15.12 82.55 4.01
CA LYS S 506 16.57 82.69 3.98
C LYS S 506 17.36 81.41 4.27
N VAL S 507 16.84 80.62 5.23
CA VAL S 507 17.48 79.38 5.66
C VAL S 507 17.80 78.44 4.50
N PHE S 508 16.91 78.37 3.51
CA PHE S 508 17.09 77.45 2.39
C PHE S 508 18.07 77.94 1.36
N GLU S 509 18.43 79.22 1.37
CA GLU S 509 19.43 79.62 0.39
C GLU S 509 20.75 78.94 0.73
N GLU S 510 21.03 78.80 2.02
CA GLU S 510 22.23 78.09 2.43
C GLU S 510 22.03 76.59 2.29
N LEU S 511 20.81 76.11 2.58
CA LEU S 511 20.55 74.68 2.43
C LEU S 511 20.77 74.20 1.00
N LYS S 512 20.43 75.03 0.00
CA LYS S 512 20.63 74.59 -1.37
C LYS S 512 22.09 74.32 -1.67
N GLU S 513 22.99 75.08 -1.03
CA GLU S 513 24.40 74.86 -1.28
C GLU S 513 24.92 73.62 -0.57
N LYS S 514 24.57 73.49 0.72
CA LYS S 514 25.03 72.36 1.51
C LYS S 514 24.53 71.04 0.94
N LEU S 515 23.28 71.01 0.51
CA LEU S 515 22.70 69.80 -0.04
C LEU S 515 23.21 69.53 -1.45
N GLU S 516 23.09 68.25 -1.82
CA GLU S 516 23.40 67.77 -3.16
C GLU S 516 22.23 68.06 -4.09
N HIS S 517 21.00 67.85 -3.61
CA HIS S 517 19.76 68.09 -4.33
C HIS S 517 18.69 68.59 -3.37
N LEU S 518 18.14 69.75 -3.67
CA LEU S 518 17.03 70.30 -2.91
C LEU S 518 15.86 70.23 -3.90
N VAL S 519 14.91 69.32 -3.66
CA VAL S 519 13.74 69.11 -4.51
C VAL S 519 12.53 69.66 -3.78
N VAL S 520 11.87 70.66 -4.35
CA VAL S 520 10.68 71.25 -3.74
C VAL S 520 9.48 70.92 -4.63
N VAL S 521 8.47 70.30 -4.04
CA VAL S 521 7.23 69.93 -4.73
C VAL S 521 6.21 70.93 -4.25
N SER S 522 5.85 71.89 -5.09
CA SER S 522 4.94 72.94 -4.68
C SER S 522 3.99 73.35 -5.80
N PRO S 523 2.91 74.05 -5.48
CA PRO S 523 2.00 74.51 -6.53
C PRO S 523 2.37 75.90 -7.03
N TYR S 524 3.35 76.53 -6.41
CA TYR S 524 3.70 77.89 -6.75
C TYR S 524 5.15 78.06 -7.23
N GLU S 525 5.31 78.96 -8.19
CA GLU S 525 6.59 79.33 -8.76
C GLU S 525 7.33 80.32 -7.86
N ASP S 526 6.66 80.90 -6.88
CA ASP S 526 7.29 81.79 -5.93
C ASP S 526 7.39 81.05 -4.61
N GLY S 527 8.10 81.65 -3.66
CA GLY S 527 8.24 81.00 -2.37
C GLY S 527 9.36 79.99 -2.30
N LEU S 528 9.13 78.93 -1.52
CA LEU S 528 10.14 77.90 -1.31
C LEU S 528 10.68 77.29 -2.59
N SER S 529 9.87 77.15 -3.62
CA SER S 529 10.32 76.52 -4.86
C SER S 529 11.41 77.31 -5.58
N GLU S 530 11.58 78.60 -5.32
CA GLU S 530 12.64 79.34 -5.99
C GLU S 530 14.04 78.87 -5.60
N TYR S 531 14.22 78.37 -4.37
CA TYR S 531 15.50 77.87 -3.85
C TYR S 531 15.81 76.44 -4.25
N ALA S 532 14.96 75.78 -5.01
CA ALA S 532 15.18 74.39 -5.36
C ALA S 532 16.02 74.19 -6.62
N HIS S 533 16.58 72.97 -6.71
CA HIS S 533 17.31 72.43 -7.84
C HIS S 533 16.35 71.81 -8.82
N ILE S 534 15.32 71.14 -8.31
CA ILE S 534 14.31 70.46 -9.10
C ILE S 534 12.97 70.90 -8.57
N LYS S 535 12.12 71.46 -9.44
CA LYS S 535 10.79 71.92 -9.07
C LYS S 535 9.77 70.94 -9.64
N ILE S 536 8.84 70.49 -8.81
CA ILE S 536 7.79 69.56 -9.21
C ILE S 536 6.43 70.12 -8.81
N PRO S 537 5.45 70.15 -9.70
CA PRO S 537 4.15 70.70 -9.35
C PRO S 537 3.43 69.88 -8.30
N MET S 538 2.63 70.58 -7.50
CA MET S 538 1.80 70.00 -6.45
C MET S 538 0.38 70.47 -6.75
N SER S 539 -0.57 69.54 -6.79
CA SER S 539 -1.97 69.84 -7.12
C SER S 539 -2.71 70.61 -6.03
N LEU S 540 -3.60 71.50 -6.47
CA LEU S 540 -4.50 72.27 -5.60
C LEU S 540 -5.92 71.71 -5.72
N MET S 541 -6.86 72.25 -4.93
CA MET S 541 -8.23 71.75 -4.98
C MET S 541 -8.82 71.85 -6.40
N GLY S 542 -9.57 70.83 -6.77
CA GLY S 542 -10.13 70.85 -8.11
C GLY S 542 -9.19 70.38 -9.19
N GLU S 543 -7.94 70.08 -8.86
CA GLU S 543 -6.97 69.60 -9.83
C GLU S 543 -6.61 68.14 -9.59
N ASN S 544 -7.25 67.48 -8.63
CA ASN S 544 -6.95 66.09 -8.35
C ASN S 544 -8.18 65.40 -7.77
N GLU S 545 -8.14 64.08 -7.85
CA GLU S 545 -9.15 63.16 -7.33
C GLU S 545 -8.71 62.58 -6.01
N GLY S 546 -8.03 63.37 -5.20
CA GLY S 546 -7.49 62.87 -3.95
C GLY S 546 -8.45 62.94 -2.80
N THR S 547 -8.31 61.97 -1.90
CA THR S 547 -9.18 61.91 -0.73
C THR S 547 -8.46 62.48 0.49
N TYR S 548 -9.26 63.04 1.39
CA TYR S 548 -8.79 63.64 2.63
C TYR S 548 -9.60 63.05 3.78
N LYS S 549 -8.94 62.79 4.92
CA LYS S 549 -9.60 62.28 6.12
C LYS S 549 -9.94 63.55 6.91
N THR S 550 -11.18 64.00 6.82
CA THR S 550 -11.64 65.24 7.43
C THR S 550 -12.77 65.01 8.43
N PHE S 551 -13.28 66.14 8.96
CA PHE S 551 -14.38 66.11 9.90
C PHE S 551 -15.70 65.71 9.25
N PHE S 552 -15.82 65.82 7.92
CA PHE S 552 -17.01 65.38 7.21
C PHE S 552 -16.84 63.97 6.68
N GLY S 553 -15.87 63.25 7.19
CA GLY S 553 -15.58 61.90 6.78
C GLY S 553 -14.37 61.85 5.87
N GLU S 554 -14.22 60.69 5.25
CA GLU S 554 -13.17 60.39 4.28
C GLU S 554 -13.76 60.80 2.93
N VAL S 555 -13.55 62.06 2.54
CA VAL S 555 -14.09 62.66 1.32
C VAL S 555 -13.09 62.59 0.18
N LYS S 556 -13.59 62.36 -1.04
CA LYS S 556 -12.77 62.24 -2.25
C LYS S 556 -13.11 63.34 -3.23
N GLY S 557 -12.07 64.04 -3.72
CA GLY S 557 -12.26 65.14 -4.64
C GLY S 557 -12.35 64.73 -6.10
N LYS S 558 -12.64 65.71 -6.94
CA LYS S 558 -12.77 65.52 -8.37
C LYS S 558 -11.82 66.44 -9.09
N LYS S 559 -11.27 65.94 -10.18
CA LYS S 559 -10.31 66.65 -11.01
C LYS S 559 -11.03 67.19 -12.25
N PHE S 560 -11.15 68.50 -12.35
CA PHE S 560 -11.80 69.11 -13.50
C PHE S 560 -11.07 70.33 -14.06
N LEU S 561 -10.24 71.01 -13.28
CA LEU S 561 -9.52 72.17 -13.77
C LEU S 561 -8.60 71.68 -14.89
N PRO S 562 -8.75 72.20 -16.10
CA PRO S 562 -7.96 71.68 -17.23
C PRO S 562 -6.46 71.94 -17.17
N TRP S 563 -5.99 72.95 -16.44
CA TRP S 563 -4.56 73.22 -16.38
C TRP S 563 -3.84 72.34 -15.37
N ALA S 564 -4.54 71.45 -14.68
CA ALA S 564 -3.95 70.61 -13.65
C ALA S 564 -2.86 69.67 -14.15
N PHE S 565 -1.84 69.52 -13.31
CA PHE S 565 -0.72 68.62 -13.53
C PHE S 565 -1.10 67.33 -12.79
N ASP S 566 -0.90 66.18 -13.43
CA ASP S 566 -1.30 64.92 -12.78
C ASP S 566 -0.26 64.47 -11.75
N ASP S 567 -0.36 65.11 -10.59
CA ASP S 567 0.41 64.85 -9.39
C ASP S 567 0.53 63.36 -9.10
N LEU S 568 -0.62 62.71 -8.91
CA LEU S 568 -0.64 61.28 -8.57
C LEU S 568 -0.04 60.42 -9.69
N ALA S 569 -0.38 60.70 -10.94
CA ALA S 569 0.16 59.89 -12.03
C ALA S 569 1.68 59.96 -12.06
N PHE S 570 2.22 61.16 -11.76
CA PHE S 570 3.66 61.39 -11.75
C PHE S 570 4.34 60.55 -10.69
N TRP S 571 3.87 60.66 -9.43
CA TRP S 571 4.45 59.90 -8.32
C TRP S 571 4.27 58.41 -8.51
N LYS S 572 3.10 57.98 -9.01
CA LYS S 572 2.88 56.56 -9.26
C LYS S 572 3.86 56.05 -10.31
N TYR S 573 4.15 56.88 -11.30
CA TYR S 573 5.09 56.50 -12.35
C TYR S 573 6.49 56.31 -11.78
N LEU S 574 6.90 57.20 -10.87
CA LEU S 574 8.17 57.05 -10.19
C LEU S 574 8.18 55.75 -9.39
N GLY S 575 7.05 55.46 -8.73
CA GLY S 575 6.90 54.26 -7.93
C GLY S 575 7.05 52.97 -8.74
N GLU S 576 6.84 53.03 -10.05
CA GLU S 576 6.99 51.82 -10.85
C GLU S 576 8.41 51.25 -10.77
N ASN S 577 9.36 52.06 -10.33
CA ASN S 577 10.75 51.67 -10.20
C ASN S 577 11.11 51.18 -8.80
N PHE S 578 10.14 51.07 -7.90
CA PHE S 578 10.41 50.67 -6.52
C PHE S 578 9.42 49.58 -6.17
N LYS S 579 9.90 48.35 -6.07
CA LYS S 579 8.96 47.29 -5.75
C LYS S 579 9.03 46.83 -4.29
N GLU S 580 10.14 46.25 -3.92
CA GLU S 580 10.35 45.69 -2.60
C GLU S 580 10.68 46.75 -1.55
N GLU S 581 10.21 46.52 -0.33
CA GLU S 581 10.47 47.42 0.79
C GLU S 581 11.91 47.26 1.29
N LYS S 582 12.65 48.37 1.42
CA LYS S 582 14.04 48.33 1.87
C LYS S 582 14.24 48.76 3.30
N GLY S 583 13.44 49.69 3.82
CA GLY S 583 13.59 50.12 5.19
C GLY S 583 13.36 51.62 5.34
N LEU S 584 13.89 52.16 6.43
CA LEU S 584 13.81 53.57 6.78
C LEU S 584 14.92 53.92 7.75
N LYS S 585 15.05 55.20 8.00
CA LYS S 585 16.00 55.75 8.95
C LYS S 585 15.26 56.80 9.75
N VAL S 586 15.56 56.91 11.04
CA VAL S 586 14.92 57.86 11.93
C VAL S 586 15.97 58.66 12.68
N VAL S 587 15.85 60.00 12.69
CA VAL S 587 16.72 60.87 13.48
C VAL S 587 15.80 61.64 14.42
N LYS S 588 16.23 61.74 15.67
CA LYS S 588 15.48 62.43 16.70
C LYS S 588 16.37 63.47 17.33
N SER S 589 15.74 64.46 17.94
CA SER S 589 16.49 65.48 18.64
C SER S 589 15.53 66.16 19.60
N SER S 590 16.06 66.53 20.76
CA SER S 590 15.25 67.16 21.78
C SER S 590 15.15 68.68 21.62
N SER S 591 15.86 69.27 20.67
CA SER S 591 15.78 70.73 20.48
C SER S 591 14.34 71.17 20.23
N ASN S 592 13.98 72.31 20.82
CA ASN S 592 12.64 72.86 20.73
C ASN S 592 12.52 73.97 19.68
N LEU S 593 11.69 73.72 18.67
CA LEU S 593 11.40 74.64 17.58
C LEU S 593 10.13 75.43 17.88
N ARG S 594 10.19 76.73 17.71
CA ARG S 594 9.03 77.58 17.97
C ARG S 594 8.30 77.96 16.69
N ARG S 595 6.99 77.93 16.77
CA ARG S 595 6.13 78.32 15.67
C ARG S 595 6.38 79.79 15.38
N ARG S 596 6.50 80.15 14.10
CA ARG S 596 6.77 81.53 13.77
C ARG S 596 5.52 82.40 13.72
N PHE S 597 4.38 81.86 13.30
CA PHE S 597 3.17 82.69 13.23
C PHE S 597 1.93 81.87 13.57
N GLU S 598 0.94 82.55 14.16
CA GLU S 598 -0.35 82.01 14.60
C GLU S 598 -1.38 82.07 13.47
N PRO S 599 -2.16 81.02 13.25
CA PRO S 599 -3.18 81.09 12.20
C PRO S 599 -4.21 82.18 12.51
N HIS S 600 -4.85 82.66 11.46
CA HIS S 600 -5.85 83.69 11.54
C HIS S 600 -7.03 83.25 10.69
N LEU S 601 -8.20 83.80 11.01
CA LEU S 601 -9.41 83.45 10.26
C LEU S 601 -9.24 83.65 8.76
N TYR S 602 -8.49 84.68 8.37
CA TYR S 602 -8.28 85.01 6.97
C TYR S 602 -6.90 84.59 6.46
N ARG S 603 -6.09 83.94 7.30
CA ARG S 603 -4.76 83.46 6.88
C ARG S 603 -4.33 82.32 7.81
N ASN S 604 -4.44 81.08 7.34
CA ASN S 604 -4.05 79.93 8.14
C ASN S 604 -2.98 79.04 7.54
N ASN S 605 -2.53 79.27 6.31
CA ASN S 605 -1.52 78.40 5.72
C ASN S 605 -0.91 79.10 4.52
N TRP S 606 0.13 78.46 3.96
CA TRP S 606 0.81 79.03 2.82
C TRP S 606 -0.08 79.14 1.58
N ILE S 607 -1.25 78.50 1.56
CA ILE S 607 -2.15 78.66 0.41
C ILE S 607 -3.02 79.89 0.55
N THR S 608 -3.73 80.04 1.67
CA THR S 608 -4.55 81.23 1.87
C THR S 608 -3.67 82.47 1.95
N GLN S 609 -2.38 82.30 2.24
CA GLN S 609 -1.46 83.42 2.30
C GLN S 609 -1.26 84.04 0.93
N ARG S 610 -1.48 83.25 -0.12
CA ARG S 610 -1.33 83.67 -1.49
C ARG S 610 -2.63 84.14 -2.13
N SER S 611 -3.65 84.37 -1.32
CA SER S 611 -4.94 84.87 -1.82
C SER S 611 -4.97 86.37 -1.61
N GLN S 612 -5.13 87.10 -2.71
CA GLN S 612 -5.20 88.55 -2.61
C GLN S 612 -6.44 88.99 -1.82
N ASN S 613 -7.57 88.31 -2.03
CA ASN S 613 -8.80 88.65 -1.31
C ASN S 613 -8.60 88.48 0.18
N LEU S 614 -8.21 87.29 0.61
CA LEU S 614 -7.99 87.03 2.02
C LEU S 614 -6.91 87.92 2.61
N SER S 615 -5.90 88.28 1.83
CA SER S 615 -4.84 89.14 2.34
C SER S 615 -5.39 90.50 2.76
N ARG S 616 -6.29 91.10 1.96
CA ARG S 616 -6.87 92.38 2.35
C ARG S 616 -7.69 92.22 3.63
N LEU S 617 -8.52 91.17 3.66
CA LEU S 617 -9.31 90.88 4.85
C LEU S 617 -8.37 90.67 6.02
N TYR S 618 -7.28 89.95 5.81
CA TYR S 618 -6.34 89.72 6.88
C TYR S 618 -5.73 91.02 7.37
N GLU S 619 -5.29 91.88 6.45
CA GLU S 619 -4.66 93.14 6.84
C GLU S 619 -5.59 94.02 7.66
N LYS S 620 -6.89 93.93 7.41
CA LYS S 620 -7.80 94.76 8.18
C LYS S 620 -8.00 94.23 9.59
N ASN S 621 -8.02 92.92 9.74
CA ASN S 621 -8.32 92.27 11.01
C ASN S 621 -7.15 91.64 11.76
N LYS S 622 -5.90 91.74 11.28
CA LYS S 622 -4.80 91.08 11.98
C LYS S 622 -4.63 91.58 13.42
N ASP S 623 -4.80 92.88 13.63
CA ASP S 623 -4.61 93.46 14.95
C ASP S 623 -5.83 93.38 15.83
N ILE S 624 -7.02 93.13 15.27
CA ILE S 624 -8.23 93.06 16.09
C ILE S 624 -8.23 91.77 16.89
N THR S 625 -8.45 91.92 18.20
CA THR S 625 -8.45 90.81 19.14
C THR S 625 -9.77 90.57 19.84
N VAL S 626 -10.72 91.50 19.76
CA VAL S 626 -12.01 91.35 20.43
C VAL S 626 -13.14 91.72 19.47
N TYR S 627 -14.08 90.81 19.28
CA TYR S 627 -15.22 91.02 18.42
C TYR S 627 -16.56 90.94 19.15
N TYR S 628 -16.60 90.44 20.38
CA TYR S 628 -17.84 90.32 21.11
C TYR S 628 -17.75 90.73 22.56
N GLU S 629 -18.81 91.40 23.04
CA GLU S 629 -19.03 91.86 24.42
C GLU S 629 -20.37 92.58 24.57
N MET T 1 -55.94 66.49 -40.85
CA MET T 1 -54.83 65.54 -40.84
C MET T 1 -54.76 64.79 -39.51
N LYS T 2 -55.48 63.68 -39.43
CA LYS T 2 -55.48 62.86 -38.23
C LYS T 2 -54.42 61.76 -38.34
N TRP T 3 -54.17 61.08 -37.22
CA TRP T 3 -53.21 59.99 -37.18
C TRP T 3 -54.01 58.68 -37.19
N VAL T 4 -53.33 57.55 -36.98
CA VAL T 4 -53.94 56.22 -37.00
C VAL T 4 -55.30 56.16 -36.33
N ASN T 5 -56.27 55.61 -37.06
CA ASN T 5 -57.62 55.45 -36.56
C ASN T 5 -57.70 54.20 -35.69
N LYS T 6 -58.66 54.21 -34.76
CA LYS T 6 -58.84 53.08 -33.84
C LYS T 6 -58.99 51.76 -34.58
N GLY T 7 -59.63 51.79 -35.77
CA GLY T 7 -59.87 50.56 -36.53
C GLY T 7 -58.60 49.87 -36.98
N THR T 8 -57.70 50.59 -37.63
CA THR T 8 -56.47 49.94 -38.09
C THR T 8 -55.60 49.52 -36.91
N VAL T 9 -55.71 50.23 -35.78
CA VAL T 9 -54.93 49.88 -34.60
C VAL T 9 -55.37 48.51 -34.07
N GLU T 10 -56.68 48.32 -33.95
CA GLU T 10 -57.20 47.05 -33.47
C GLU T 10 -56.87 45.93 -34.44
N ARG T 11 -56.95 46.20 -35.75
CA ARG T 11 -56.62 45.20 -36.76
C ARG T 11 -55.13 44.89 -36.74
N VAL T 12 -54.30 45.85 -36.34
CA VAL T 12 -52.87 45.58 -36.28
C VAL T 12 -52.54 44.75 -35.05
N LYS T 13 -53.26 45.00 -33.95
CA LYS T 13 -53.02 44.26 -32.72
C LYS T 13 -53.45 42.80 -32.86
N GLN T 14 -54.50 42.54 -33.65
CA GLN T 14 -54.95 41.17 -33.86
C GLN T 14 -53.96 40.33 -34.66
N GLU T 15 -53.09 40.95 -35.46
CA GLU T 15 -52.13 40.19 -36.26
C GLU T 15 -50.74 40.06 -35.66
N PHE T 16 -50.22 41.10 -35.01
CA PHE T 16 -48.87 41.10 -34.43
C PHE T 16 -49.04 41.30 -32.94
N LYS T 17 -49.90 40.48 -32.34
CA LYS T 17 -50.30 40.58 -30.94
C LYS T 17 -49.25 41.02 -29.95
N ASP T 18 -48.23 40.21 -29.66
CA ASP T 18 -47.24 40.61 -28.67
C ASP T 18 -45.99 41.22 -29.30
N GLU T 19 -46.01 41.50 -30.60
CA GLU T 19 -44.85 42.08 -31.25
C GLU T 19 -45.00 43.56 -31.51
N VAL T 20 -46.22 44.12 -31.37
CA VAL T 20 -46.44 45.53 -31.60
C VAL T 20 -47.02 46.10 -30.33
N LYS T 21 -46.78 47.39 -30.12
CA LYS T 21 -47.28 48.09 -28.95
C LYS T 21 -47.74 49.46 -29.40
N TYR T 22 -49.04 49.71 -29.34
CA TYR T 22 -49.58 51.01 -29.71
C TYR T 22 -49.18 52.04 -28.67
N TYR T 23 -49.04 53.29 -29.11
CA TYR T 23 -48.68 54.34 -28.19
C TYR T 23 -49.19 55.66 -28.72
N GLU T 24 -49.36 56.61 -27.81
CA GLU T 24 -49.84 57.94 -28.19
C GLU T 24 -48.98 58.99 -27.50
N THR T 25 -48.84 60.10 -28.19
CA THR T 25 -48.12 61.28 -27.76
C THR T 25 -49.08 62.44 -27.98
N LYS T 26 -48.72 63.60 -27.45
CA LYS T 26 -49.57 64.76 -27.65
C LYS T 26 -49.76 65.05 -29.15
N HIS T 27 -48.79 64.66 -30.01
CA HIS T 27 -48.92 64.93 -31.44
C HIS T 27 -48.76 63.75 -32.38
N THR T 28 -48.49 62.54 -31.88
CA THR T 28 -48.34 61.41 -32.78
C THR T 28 -48.99 60.18 -32.18
N LYS T 29 -49.37 59.28 -33.06
CA LYS T 29 -49.96 57.99 -32.76
C LYS T 29 -49.24 56.97 -33.64
N GLY T 30 -48.85 55.85 -33.05
CA GLY T 30 -48.16 54.86 -33.86
C GLY T 30 -47.89 53.61 -33.08
N PHE T 31 -46.93 52.82 -33.56
CA PHE T 31 -46.59 51.56 -32.92
C PHE T 31 -45.08 51.43 -32.75
N GLU T 32 -44.72 50.66 -31.75
CA GLU T 32 -43.35 50.29 -31.48
C GLU T 32 -43.39 48.79 -31.75
N VAL T 33 -42.54 48.33 -32.65
CA VAL T 33 -42.59 46.93 -33.05
C VAL T 33 -41.25 46.25 -32.81
N SER T 34 -41.30 44.93 -32.69
CA SER T 34 -40.11 44.14 -32.51
C SER T 34 -39.34 44.10 -33.82
N HIS T 35 -38.01 44.09 -33.71
CA HIS T 35 -37.15 44.09 -34.89
C HIS T 35 -37.59 43.07 -35.93
N ASP T 36 -37.80 41.83 -35.50
CA ASP T 36 -38.17 40.76 -36.42
C ASP T 36 -39.54 40.92 -37.06
N PHE T 37 -40.37 41.86 -36.61
CA PHE T 37 -41.68 42.05 -37.20
C PHE T 37 -41.86 43.42 -37.83
N LEU T 38 -40.80 44.23 -37.86
CA LEU T 38 -40.87 45.56 -38.46
C LEU T 38 -41.31 45.46 -39.92
N LYS T 39 -40.55 44.71 -40.73
CA LYS T 39 -40.94 44.56 -42.13
C LYS T 39 -42.32 43.93 -42.30
N PRO T 40 -42.70 42.86 -41.59
CA PRO T 40 -44.07 42.34 -41.79
C PRO T 40 -45.12 43.38 -41.44
N LEU T 41 -44.89 44.20 -40.42
CA LEU T 41 -45.83 45.24 -40.02
C LEU T 41 -45.96 46.32 -41.08
N LEU T 42 -44.82 46.82 -41.58
CA LEU T 42 -44.86 47.85 -42.61
C LEU T 42 -45.58 47.31 -43.84
N LYS T 43 -45.29 46.07 -44.24
CA LYS T 43 -45.97 45.47 -45.37
C LYS T 43 -47.47 45.39 -45.09
N PHE T 44 -47.83 45.12 -43.84
CA PHE T 44 -49.24 45.05 -43.46
C PHE T 44 -49.90 46.42 -43.59
N LEU T 45 -49.26 47.45 -43.04
CA LEU T 45 -49.81 48.81 -43.08
C LEU T 45 -49.95 49.32 -44.51
N LYS T 46 -49.05 48.93 -45.41
CA LYS T 46 -49.14 49.43 -46.78
C LYS T 46 -50.17 48.67 -47.62
N GLU T 47 -49.94 47.37 -47.81
CA GLU T 47 -50.79 46.58 -48.68
C GLU T 47 -52.18 46.30 -48.10
N ARG T 48 -52.28 45.80 -46.88
CA ARG T 48 -53.59 45.47 -46.31
C ARG T 48 -54.23 46.57 -45.49
N GLU T 49 -53.60 47.74 -45.33
CA GLU T 49 -54.23 48.80 -44.56
C GLU T 49 -54.24 50.15 -45.27
N ARG T 50 -53.74 50.21 -46.52
CA ARG T 50 -53.74 51.39 -47.40
C ARG T 50 -52.74 52.48 -47.04
N PHE T 51 -51.74 52.23 -46.21
CA PHE T 51 -50.77 53.29 -45.91
C PHE T 51 -49.63 53.23 -46.93
N LEU T 52 -50.01 53.44 -48.19
CA LEU T 52 -49.09 53.35 -49.32
C LEU T 52 -48.14 54.55 -49.45
N HIS T 53 -48.59 55.77 -49.15
CA HIS T 53 -47.71 56.92 -49.32
C HIS T 53 -46.57 56.94 -48.29
N PHE T 54 -45.35 56.86 -48.79
CA PHE T 54 -44.15 56.89 -47.95
C PHE T 54 -43.74 58.34 -47.69
N VAL T 55 -43.56 58.69 -46.43
CA VAL T 55 -43.20 60.06 -46.08
C VAL T 55 -41.72 60.20 -45.75
N ASP T 56 -41.26 59.46 -44.75
CA ASP T 56 -39.87 59.57 -44.33
C ASP T 56 -39.51 58.37 -43.47
N MET T 57 -38.22 58.25 -43.19
CA MET T 57 -37.65 57.24 -42.32
C MET T 57 -36.31 57.79 -41.87
N THR T 58 -35.93 57.50 -40.64
CA THR T 58 -34.67 58.02 -40.13
C THR T 58 -34.29 57.20 -38.91
N CYS T 59 -33.29 57.67 -38.17
CA CYS T 59 -32.82 57.01 -36.97
C CYS T 59 -32.60 58.06 -35.90
N ILE T 60 -32.67 57.59 -34.66
CA ILE T 60 -32.41 58.40 -33.48
C ILE T 60 -31.33 57.65 -32.72
N ASP T 61 -30.36 58.37 -32.19
CA ASP T 61 -29.26 57.76 -31.47
C ASP T 61 -29.52 57.86 -29.97
N PHE T 62 -29.72 56.70 -29.34
CA PHE T 62 -29.93 56.59 -27.89
C PHE T 62 -28.72 55.81 -27.41
N PRO T 63 -27.59 56.49 -27.18
CA PRO T 63 -26.38 55.77 -26.74
C PRO T 63 -26.58 54.96 -25.47
N GLU T 64 -27.47 55.37 -24.57
CA GLU T 64 -27.74 54.68 -23.31
C GLU T 64 -28.58 53.42 -23.45
N HIS T 65 -28.97 53.05 -24.67
CA HIS T 65 -29.78 51.85 -24.82
C HIS T 65 -28.95 50.72 -25.41
N PRO T 66 -29.25 49.46 -25.02
CA PRO T 66 -28.48 48.34 -25.55
C PRO T 66 -28.39 48.29 -27.06
N ASN T 67 -29.50 48.53 -27.78
CA ASN T 67 -29.50 48.48 -29.23
C ASN T 67 -28.98 49.78 -29.85
N ARG T 68 -29.13 50.91 -29.13
CA ARG T 68 -28.62 52.24 -29.43
C ARG T 68 -29.19 52.99 -30.63
N PHE T 69 -29.88 52.32 -31.55
CA PHE T 69 -30.40 53.00 -32.74
C PHE T 69 -31.85 52.61 -32.95
N GLN T 70 -32.72 53.60 -32.92
CA GLN T 70 -34.14 53.36 -33.11
C GLN T 70 -34.54 53.81 -34.51
N GLY T 71 -35.11 52.89 -35.29
CA GLY T 71 -35.57 53.22 -36.63
C GLY T 71 -36.93 53.87 -36.52
N VAL T 72 -37.12 54.98 -37.22
CA VAL T 72 -38.37 55.72 -37.21
C VAL T 72 -38.90 55.78 -38.64
N TYR T 73 -40.13 55.32 -38.83
CA TYR T 73 -40.79 55.31 -40.13
C TYR T 73 -42.09 56.09 -40.02
N ILE T 74 -42.42 56.84 -41.06
CA ILE T 74 -43.64 57.63 -41.10
C ILE T 74 -44.29 57.39 -42.45
N LEU T 75 -45.52 56.88 -42.43
CA LEU T 75 -46.27 56.61 -43.64
C LEU T 75 -47.54 57.45 -43.63
N TYR T 76 -48.19 57.51 -44.79
CA TYR T 76 -49.40 58.30 -44.98
C TYR T 76 -50.45 57.52 -45.77
N ASN T 77 -51.70 57.62 -45.32
CA ASN T 77 -52.84 56.96 -45.94
C ASN T 77 -53.58 58.02 -46.74
N PRO T 78 -53.42 58.07 -48.06
CA PRO T 78 -54.10 59.12 -48.85
C PRO T 78 -55.60 58.97 -48.90
N GLU T 79 -56.12 57.75 -48.80
CA GLU T 79 -57.57 57.56 -48.84
C GLU T 79 -58.25 58.11 -47.59
N GLU T 80 -57.54 58.13 -46.46
CA GLU T 80 -58.12 58.61 -45.22
C GLU T 80 -57.42 59.83 -44.64
N ASN T 81 -56.31 60.28 -45.23
CA ASN T 81 -55.59 61.45 -44.73
C ASN T 81 -55.07 61.18 -43.32
N GLU T 82 -54.36 60.06 -43.16
CA GLU T 82 -53.81 59.68 -41.87
C GLU T 82 -52.34 59.36 -42.00
N ARG T 83 -51.64 59.56 -40.89
CA ARG T 83 -50.22 59.31 -40.74
C ARG T 83 -50.02 58.29 -39.63
N VAL T 84 -48.99 57.46 -39.80
CA VAL T 84 -48.66 56.47 -38.80
C VAL T 84 -47.16 56.59 -38.62
N ILE T 85 -46.70 56.33 -37.40
CA ILE T 85 -45.28 56.35 -37.10
C ILE T 85 -44.96 54.98 -36.54
N VAL T 86 -43.87 54.39 -37.00
CA VAL T 86 -43.47 53.06 -36.55
C VAL T 86 -42.03 53.16 -36.08
N LYS T 87 -41.77 52.61 -34.89
CA LYS T 87 -40.42 52.60 -34.31
C LYS T 87 -39.97 51.17 -34.08
N SER T 88 -38.66 50.95 -34.12
CA SER T 88 -38.10 49.62 -33.92
C SER T 88 -36.61 49.75 -33.66
N TRP T 89 -36.07 48.84 -32.86
CA TRP T 89 -34.66 48.84 -32.51
C TRP T 89 -33.83 48.05 -33.53
N ALA T 90 -32.58 48.46 -33.68
CA ALA T 90 -31.69 47.79 -34.60
C ALA T 90 -31.06 46.58 -33.93
N LYS T 91 -31.15 45.43 -34.60
CA LYS T 91 -30.58 44.20 -34.06
C LYS T 91 -29.13 44.15 -34.50
N ASP T 92 -28.23 44.41 -33.55
CA ASP T 92 -26.79 44.39 -33.81
C ASP T 92 -26.41 45.39 -34.91
N GLY T 93 -26.95 46.62 -34.78
CA GLY T 93 -26.68 47.68 -35.73
C GLY T 93 -27.20 47.47 -37.14
N LYS T 94 -28.18 46.59 -37.34
CA LYS T 94 -28.75 46.33 -38.65
C LYS T 94 -30.26 46.52 -38.57
N LEU T 95 -30.89 46.67 -39.72
CA LEU T 95 -32.32 46.86 -39.87
C LEU T 95 -32.75 46.23 -41.18
N PRO T 96 -34.04 45.93 -41.34
CA PRO T 96 -34.50 45.34 -42.60
C PRO T 96 -34.66 46.42 -43.66
N THR T 97 -34.42 46.01 -44.91
CA THR T 97 -34.56 46.94 -46.01
C THR T 97 -36.04 47.20 -46.27
N VAL T 98 -36.36 48.44 -46.58
CA VAL T 98 -37.72 48.85 -46.89
C VAL T 98 -37.84 49.36 -48.31
N GLU T 99 -36.76 49.29 -49.10
CA GLU T 99 -36.78 49.75 -50.47
C GLU T 99 -37.66 48.88 -51.37
N ASP T 100 -37.91 47.62 -51.00
CA ASP T 100 -38.75 46.76 -51.82
C ASP T 100 -40.23 47.06 -51.66
N LEU T 101 -40.62 47.67 -50.53
CA LEU T 101 -42.00 48.06 -50.28
C LEU T 101 -42.26 49.45 -50.83
N TRP T 102 -41.31 50.36 -50.62
CA TRP T 102 -41.36 51.74 -51.11
C TRP T 102 -40.02 52.04 -51.75
N PRO T 103 -39.95 52.12 -53.08
CA PRO T 103 -38.65 52.42 -53.71
C PRO T 103 -38.07 53.73 -53.19
N GLY T 104 -38.93 54.72 -52.91
CA GLY T 104 -38.48 55.99 -52.40
C GLY T 104 -37.70 55.91 -51.10
N ALA T 105 -37.83 54.79 -50.38
CA ALA T 105 -37.11 54.62 -49.14
C ALA T 105 -35.63 54.31 -49.32
N LYS T 106 -35.19 54.02 -50.55
CA LYS T 106 -33.79 53.69 -50.78
C LYS T 106 -32.85 54.81 -50.37
N TRP T 107 -33.16 56.05 -50.77
CA TRP T 107 -32.27 57.16 -50.43
C TRP T 107 -32.29 57.47 -48.94
N ALA T 108 -33.41 57.20 -48.26
CA ALA T 108 -33.45 57.45 -46.83
C ALA T 108 -32.53 56.48 -46.10
N GLU T 109 -32.44 55.24 -46.60
CA GLU T 109 -31.56 54.26 -45.98
C GLU T 109 -30.11 54.67 -46.19
N ARG T 110 -29.81 55.27 -47.34
CA ARG T 110 -28.45 55.75 -47.57
C ARG T 110 -28.11 56.87 -46.60
N GLU T 111 -29.02 57.82 -46.41
CA GLU T 111 -28.74 58.90 -45.46
C GLU T 111 -28.60 58.35 -44.04
N ALA T 112 -29.45 57.36 -43.69
CA ALA T 112 -29.37 56.79 -42.35
C ALA T 112 -28.03 56.10 -42.16
N TYR T 113 -27.61 55.33 -43.15
CA TYR T 113 -26.33 54.63 -43.04
C TYR T 113 -25.18 55.60 -42.97
N ASP T 114 -25.27 56.71 -43.72
CA ASP T 114 -24.17 57.69 -43.72
C ASP T 114 -24.13 58.49 -42.43
N MET T 115 -25.27 58.75 -41.81
CA MET T 115 -25.26 59.55 -40.59
C MET T 115 -25.12 58.74 -39.29
N PHE T 116 -25.61 57.49 -39.25
CA PHE T 116 -25.54 56.70 -38.04
C PHE T 116 -24.75 55.42 -38.14
N GLY T 117 -24.54 54.87 -39.33
CA GLY T 117 -23.81 53.64 -39.45
C GLY T 117 -24.70 52.42 -39.42
N VAL T 118 -26.01 52.62 -39.48
CA VAL T 118 -26.94 51.50 -39.47
C VAL T 118 -26.97 50.91 -40.86
N VAL T 119 -26.73 49.60 -40.98
CA VAL T 119 -26.76 48.96 -42.29
C VAL T 119 -28.10 48.27 -42.44
N PHE T 120 -28.61 48.25 -43.66
CA PHE T 120 -29.92 47.69 -43.97
C PHE T 120 -29.74 46.41 -44.78
N GLU T 121 -30.06 45.26 -44.15
CA GLU T 121 -29.91 43.96 -44.79
C GLU T 121 -30.71 43.85 -46.08
N GLY T 122 -30.00 43.68 -47.20
CA GLY T 122 -30.63 43.56 -48.51
C GLY T 122 -30.88 44.87 -49.22
N HIS T 123 -30.02 45.88 -49.01
CA HIS T 123 -30.18 47.19 -49.61
C HIS T 123 -29.68 47.32 -51.04
N GLU T 124 -29.05 46.30 -51.64
CA GLU T 124 -28.57 46.43 -53.03
C GLU T 124 -27.52 47.55 -53.15
N ASN T 125 -26.32 47.25 -52.63
CA ASN T 125 -25.17 48.16 -52.70
C ASN T 125 -25.42 49.46 -51.91
N LEU T 126 -25.51 49.30 -50.60
CA LEU T 126 -25.71 50.44 -49.71
C LEU T 126 -24.47 51.32 -49.72
N ARG T 127 -24.65 52.60 -50.07
CA ARG T 127 -23.57 53.56 -50.14
C ARG T 127 -23.92 54.82 -49.36
N ARG T 128 -22.89 55.54 -48.89
CA ARG T 128 -23.12 56.78 -48.18
C ARG T 128 -23.88 57.76 -49.07
N MET T 129 -24.75 58.54 -48.46
CA MET T 129 -25.58 59.48 -49.21
C MET T 129 -24.84 60.79 -49.50
N PHE T 130 -24.33 61.45 -48.45
CA PHE T 130 -23.63 62.73 -48.58
C PHE T 130 -22.11 62.61 -48.60
N MET T 131 -21.52 61.94 -47.61
CA MET T 131 -20.07 61.83 -47.55
C MET T 131 -19.52 60.89 -48.62
N TRP T 132 -18.22 61.02 -48.87
CA TRP T 132 -17.51 60.21 -49.86
C TRP T 132 -17.22 58.82 -49.31
N GLU T 133 -17.00 57.87 -50.23
CA GLU T 133 -16.70 56.50 -49.82
C GLU T 133 -15.33 56.46 -49.18
N GLY T 134 -15.29 55.99 -47.94
CA GLY T 134 -14.07 55.92 -47.15
C GLY T 134 -14.10 56.81 -45.94
N TYR T 135 -15.15 57.60 -45.76
CA TYR T 135 -15.26 58.43 -44.58
C TYR T 135 -15.24 57.49 -43.37
N GLU T 136 -14.55 57.90 -42.31
CA GLU T 136 -14.42 57.06 -41.12
C GLU T 136 -15.40 57.39 -40.01
N HIS T 137 -16.47 58.15 -40.27
CA HIS T 137 -17.38 58.50 -39.18
C HIS T 137 -18.83 58.49 -39.64
N TYR T 138 -19.71 58.70 -38.66
CA TYR T 138 -21.17 58.76 -38.81
C TYR T 138 -21.50 60.00 -38.00
N PRO T 139 -21.48 61.18 -38.63
CA PRO T 139 -21.65 62.45 -37.92
C PRO T 139 -22.88 62.59 -37.02
N LEU T 140 -24.00 61.97 -37.32
CA LEU T 140 -25.15 62.19 -36.44
C LEU T 140 -25.06 61.45 -35.11
N ARG T 141 -24.03 60.64 -34.90
CA ARG T 141 -23.89 59.95 -33.63
C ARG T 141 -23.68 60.99 -32.54
N LYS T 142 -24.30 60.75 -31.38
CA LYS T 142 -24.22 61.68 -30.27
C LYS T 142 -22.79 61.90 -29.76
N ASP T 143 -21.90 60.92 -29.89
CA ASP T 143 -20.53 61.11 -29.43
C ASP T 143 -19.62 61.75 -30.47
N PHE T 144 -20.12 62.04 -31.72
CA PHE T 144 -19.28 62.67 -32.76
C PHE T 144 -19.38 64.19 -32.66
N PRO T 145 -18.26 64.90 -32.67
CA PRO T 145 -18.30 66.36 -32.53
C PRO T 145 -18.87 67.06 -33.74
N LEU T 146 -19.46 68.24 -33.50
CA LEU T 146 -20.04 69.01 -34.58
C LEU T 146 -18.96 69.51 -35.54
N GLN T 147 -17.80 69.86 -35.01
CA GLN T 147 -16.69 70.35 -35.81
C GLN T 147 -15.81 69.23 -36.33
N GLY T 148 -16.24 67.97 -36.15
CA GLY T 148 -15.45 66.85 -36.62
C GLY T 148 -14.17 66.65 -35.82
N ILE T 149 -13.19 66.04 -36.49
CA ILE T 149 -11.89 65.75 -35.89
C ILE T 149 -10.80 66.56 -36.59
N PRO T 150 -10.34 67.65 -36.00
CA PRO T 150 -9.27 68.45 -36.64
C PRO T 150 -7.97 67.66 -36.67
N GLU T 151 -7.38 67.54 -37.85
CA GLU T 151 -6.14 66.79 -38.00
C GLU T 151 -5.08 67.45 -38.87
N VAL T 152 -5.43 68.37 -39.77
CA VAL T 152 -4.47 68.98 -40.69
C VAL T 152 -4.37 70.48 -40.47
N GLU T 153 -3.15 71.01 -40.53
CA GLU T 153 -2.96 72.45 -40.42
C GLU T 153 -3.25 72.99 -41.80
N LEU T 154 -4.20 73.91 -41.89
CA LEU T 154 -4.63 74.46 -43.16
C LEU T 154 -4.55 75.97 -43.04
N PRO T 155 -3.36 76.53 -43.19
CA PRO T 155 -3.21 77.99 -43.06
C PRO T 155 -3.88 78.72 -44.20
N SER T 156 -4.16 80.00 -43.94
CA SER T 156 -4.75 80.86 -44.96
C SER T 156 -3.66 81.21 -45.96
N LEU T 157 -3.77 80.70 -47.18
CA LEU T 157 -2.75 80.97 -48.18
C LEU T 157 -2.58 82.46 -48.42
N THR T 158 -3.65 83.25 -48.30
CA THR T 158 -3.52 84.69 -48.52
C THR T 158 -2.64 85.36 -47.47
N GLU T 159 -2.73 84.91 -46.22
CA GLU T 159 -1.91 85.50 -45.17
C GLU T 159 -0.46 85.05 -45.24
N VAL T 160 -0.21 83.81 -45.64
CA VAL T 160 1.17 83.32 -45.73
C VAL T 160 1.90 83.98 -46.89
N LEU T 161 1.18 84.31 -47.96
CA LEU T 161 1.70 84.97 -49.15
C LEU T 161 2.21 86.37 -48.85
N HIS T 162 1.92 86.92 -47.68
CA HIS T 162 2.36 88.26 -47.28
C HIS T 162 3.16 88.25 -45.98
N GLY T 163 3.70 87.09 -45.59
CA GLY T 163 4.52 86.97 -44.38
C GLY T 163 3.79 86.96 -43.07
N ARG T 164 2.53 87.39 -43.02
CA ARG T 164 1.77 87.39 -41.78
C ARG T 164 1.49 85.95 -41.35
N THR T 165 2.14 85.51 -40.28
CA THR T 165 1.98 84.15 -39.80
C THR T 165 1.00 84.02 -38.62
N ASP T 166 0.78 85.10 -37.89
CA ASP T 166 -0.13 85.09 -36.75
C ASP T 166 -1.58 85.00 -37.24
N PRO T 167 -2.50 84.54 -36.39
CA PRO T 167 -3.92 84.40 -36.81
C PRO T 167 -4.52 85.74 -37.22
N PRO T 168 -5.27 85.75 -38.32
CA PRO T 168 -5.89 86.99 -38.80
C PRO T 168 -7.18 87.35 -38.08
N SER T 169 -7.82 86.40 -37.42
CA SER T 169 -9.06 86.67 -36.72
C SER T 169 -9.05 85.88 -35.42
N HIS T 170 -9.66 86.45 -34.38
CA HIS T 170 -9.69 85.76 -33.11
C HIS T 170 -10.39 84.41 -33.17
N ASP T 171 -11.26 84.18 -34.15
CA ASP T 171 -11.95 82.91 -34.26
C ASP T 171 -11.40 82.08 -35.40
N PHE T 172 -10.18 82.35 -35.82
CA PHE T 172 -9.57 81.58 -36.88
C PHE T 172 -8.88 80.37 -36.26
N GLU T 173 -9.34 79.18 -36.61
CA GLU T 173 -8.75 77.94 -36.11
C GLU T 173 -7.87 77.39 -37.22
N LEU T 174 -6.57 77.25 -36.93
CA LEU T 174 -5.66 76.76 -37.96
C LEU T 174 -5.85 75.27 -38.26
N VAL T 175 -6.03 74.44 -37.23
CA VAL T 175 -6.21 73.01 -37.48
C VAL T 175 -7.60 72.81 -38.10
N HIS T 176 -7.66 71.95 -39.12
CA HIS T 176 -8.88 71.73 -39.90
C HIS T 176 -9.23 70.25 -40.02
N THR T 177 -10.46 69.99 -40.42
CA THR T 177 -10.92 68.63 -40.65
C THR T 177 -10.23 68.11 -41.90
N LYS T 178 -9.88 66.82 -41.89
CA LYS T 178 -9.19 66.23 -43.03
C LYS T 178 -9.93 66.44 -44.34
N LEU T 179 -9.18 66.78 -45.38
CA LEU T 179 -9.75 66.98 -46.70
C LEU T 179 -9.50 65.75 -47.56
N PRO T 180 -10.46 65.36 -48.38
CA PRO T 180 -10.28 64.19 -49.23
C PRO T 180 -9.45 64.56 -50.46
N THR T 181 -9.17 63.55 -51.28
CA THR T 181 -8.41 63.73 -52.50
C THR T 181 -9.32 63.50 -53.70
N LEU T 182 -8.82 63.86 -54.88
CA LEU T 182 -9.63 63.61 -56.08
C LEU T 182 -9.79 62.13 -56.29
N GLU T 183 -8.85 61.33 -55.76
CA GLU T 183 -8.95 59.88 -55.89
C GLU T 183 -10.08 59.38 -55.02
N ASP T 184 -10.28 60.00 -53.85
CA ASP T 184 -11.38 59.64 -52.97
C ASP T 184 -12.71 59.81 -53.70
N LEU T 185 -12.80 60.82 -54.56
CA LEU T 185 -14.03 61.06 -55.31
C LEU T 185 -14.24 60.01 -56.37
N GLU T 186 -13.15 59.49 -56.95
CA GLU T 186 -13.28 58.47 -57.98
C GLU T 186 -13.70 57.14 -57.39
N ARG T 187 -13.31 56.85 -56.16
CA ARG T 187 -13.69 55.58 -55.56
C ARG T 187 -15.19 55.55 -55.29
N THR T 188 -15.75 56.69 -54.85
CA THR T 188 -17.20 56.72 -54.63
C THR T 188 -17.93 56.72 -55.96
N GLU T 189 -17.28 57.21 -57.02
CA GLU T 189 -17.89 57.20 -58.34
C GLU T 189 -18.08 55.77 -58.82
N LYS T 190 -17.01 54.98 -58.77
CA LYS T 190 -17.08 53.60 -59.20
C LYS T 190 -17.89 52.75 -58.23
N ALA T 191 -17.89 53.09 -56.95
CA ALA T 191 -18.66 52.33 -55.99
C ALA T 191 -20.16 52.62 -56.04
N ARG T 192 -20.62 53.42 -56.98
CA ARG T 192 -22.04 53.75 -57.10
C ARG T 192 -22.76 52.91 -58.15
N LEU T 193 -22.16 52.73 -59.33
CA LEU T 193 -22.76 51.95 -60.41
C LEU T 193 -21.77 50.91 -60.93
N LYS T 194 -22.31 49.74 -61.25
CA LYS T 194 -21.55 48.61 -61.75
C LYS T 194 -21.71 48.57 -63.27
N LYS T 195 -20.60 48.41 -63.99
CA LYS T 195 -20.59 48.37 -65.46
C LYS T 195 -21.75 47.56 -66.02
N LYS T 196 -22.57 48.20 -66.86
CA LYS T 196 -23.72 47.52 -67.45
C LYS T 196 -23.80 47.80 -68.96
N ALA T 197 -23.26 48.95 -69.39
CA ALA T 197 -23.29 49.34 -70.79
C ALA T 197 -21.90 49.70 -71.30
N GLU T 198 -21.82 50.29 -72.49
CA GLU T 198 -20.53 50.65 -73.08
C GLU T 198 -19.70 51.65 -72.29
N LEU T 199 -20.17 52.90 -72.19
CA LEU T 199 -19.42 53.96 -71.52
C LEU T 199 -20.07 54.39 -70.21
N VAL T 200 -19.22 54.94 -69.34
CA VAL T 200 -19.62 55.43 -68.03
C VAL T 200 -19.59 56.96 -68.04
N LEU T 201 -20.71 57.59 -68.34
CA LEU T 201 -20.75 59.06 -68.33
C LEU T 201 -20.66 59.55 -66.89
N ASN T 202 -19.90 60.63 -66.70
CA ASN T 202 -19.67 61.23 -65.38
C ASN T 202 -19.93 62.74 -65.48
N TRP T 203 -21.12 63.18 -65.04
CA TRP T 203 -21.47 64.61 -65.11
C TRP T 203 -21.38 65.26 -63.73
N GLY T 204 -20.14 65.54 -63.31
CA GLY T 204 -19.90 66.15 -62.02
C GLY T 204 -18.51 65.84 -61.50
N PRO T 205 -18.24 66.13 -60.21
CA PRO T 205 -19.08 66.72 -59.16
C PRO T 205 -19.50 68.14 -59.46
N LEU T 206 -18.72 68.82 -60.29
CA LEU T 206 -18.97 70.20 -60.67
C LEU T 206 -19.15 70.21 -62.17
N HIS T 207 -20.27 70.75 -62.64
CA HIS T 207 -20.48 70.79 -64.07
C HIS T 207 -21.13 72.11 -64.43
N PRO T 208 -20.93 72.58 -65.66
CA PRO T 208 -21.52 73.86 -66.11
C PRO T 208 -23.01 73.81 -66.39
N GLY T 209 -23.69 72.73 -66.02
CA GLY T 209 -25.12 72.62 -66.22
C GLY T 209 -25.91 73.56 -65.33
N THR T 210 -27.23 73.38 -65.36
CA THR T 210 -28.12 74.20 -64.56
C THR T 210 -27.87 73.98 -63.07
N HIS T 211 -28.02 72.75 -62.61
CA HIS T 211 -27.79 72.39 -61.20
C HIS T 211 -26.37 71.84 -61.05
N GLY T 212 -25.42 72.74 -61.26
CA GLY T 212 -24.00 72.40 -61.24
C GLY T 212 -23.51 71.54 -60.07
N THR T 213 -24.08 71.71 -58.88
CA THR T 213 -23.61 70.94 -57.73
C THR T 213 -24.17 69.52 -57.66
N ILE T 214 -25.20 69.19 -58.44
CA ILE T 214 -25.76 67.85 -58.41
C ILE T 214 -24.94 66.96 -59.35
N TRP T 215 -24.44 65.84 -58.82
CA TRP T 215 -23.60 64.89 -59.57
C TRP T 215 -24.43 63.76 -60.15
N PHE T 216 -24.26 63.47 -61.44
CA PHE T 216 -24.98 62.42 -62.14
C PHE T 216 -24.04 61.38 -62.73
N LEU T 217 -24.57 60.18 -62.94
CA LEU T 217 -23.84 59.06 -63.52
C LEU T 217 -24.78 58.33 -64.48
N PHE T 218 -24.39 58.24 -65.75
CA PHE T 218 -25.22 57.60 -66.77
C PHE T 218 -24.52 56.41 -67.41
N ASP T 219 -25.26 55.32 -67.57
CA ASP T 219 -24.77 54.10 -68.22
C ASP T 219 -25.43 54.17 -69.59
N LEU T 220 -24.65 54.52 -70.61
CA LEU T 220 -25.17 54.71 -71.94
C LEU T 220 -24.77 53.64 -72.94
N GLU T 221 -25.67 53.43 -73.91
CA GLU T 221 -25.53 52.55 -75.08
C GLU T 221 -25.77 53.54 -76.21
N GLY T 222 -24.73 54.30 -76.55
CA GLY T 222 -24.92 55.30 -77.57
C GLY T 222 -25.59 56.48 -76.89
N GLU T 223 -26.91 56.60 -77.11
CA GLU T 223 -27.70 57.67 -76.52
C GLU T 223 -28.75 57.15 -75.52
N LYS T 224 -28.84 55.84 -75.33
CA LYS T 224 -29.80 55.22 -74.43
C LYS T 224 -29.23 55.10 -73.01
N VAL T 225 -30.09 55.30 -72.01
CA VAL T 225 -29.69 55.21 -70.61
C VAL T 225 -30.22 53.89 -70.06
N VAL T 226 -29.30 52.99 -69.69
CA VAL T 226 -29.67 51.70 -69.13
C VAL T 226 -29.73 51.82 -67.62
N GLN T 227 -28.63 52.24 -67.01
CA GLN T 227 -28.54 52.45 -65.57
C GLN T 227 -28.28 53.93 -65.32
N SER T 228 -28.62 54.38 -64.11
CA SER T 228 -28.43 55.77 -63.74
C SER T 228 -28.55 55.92 -62.24
N ASP T 229 -27.69 56.75 -61.66
CA ASP T 229 -27.72 56.99 -60.22
C ASP T 229 -27.33 58.45 -59.99
N VAL T 230 -27.56 58.94 -58.76
CA VAL T 230 -27.25 60.32 -58.38
C VAL T 230 -26.41 60.30 -57.11
N ILE T 231 -25.50 61.28 -57.01
CA ILE T 231 -24.58 61.43 -55.88
C ILE T 231 -24.74 62.83 -55.32
N LEU T 232 -25.23 62.94 -54.09
CA LEU T 232 -25.40 64.24 -53.46
C LEU T 232 -24.25 64.48 -52.48
N GLY T 233 -24.35 65.55 -51.71
CA GLY T 233 -23.32 65.87 -50.74
C GLY T 233 -22.44 67.01 -51.14
N GLN T 234 -22.63 67.59 -52.31
CA GLN T 234 -21.80 68.71 -52.73
C GLN T 234 -22.18 69.98 -51.97
N LEU T 235 -23.21 69.90 -51.11
CA LEU T 235 -23.67 70.99 -50.27
C LEU T 235 -24.05 70.51 -48.89
N HIS T 236 -23.66 69.28 -48.51
CA HIS T 236 -23.98 68.76 -47.18
C HIS T 236 -23.14 69.48 -46.14
N ARG T 237 -23.76 70.26 -45.29
CA ARG T 237 -23.03 71.01 -44.28
C ARG T 237 -23.37 70.60 -42.86
N GLY T 238 -24.20 69.57 -42.65
CA GLY T 238 -24.54 69.13 -41.31
C GLY T 238 -25.68 69.87 -40.62
N MET T 239 -26.77 70.12 -41.35
CA MET T 239 -27.90 70.84 -40.79
C MET T 239 -28.51 70.11 -39.58
N GLU T 240 -28.89 68.83 -39.77
CA GLU T 240 -29.50 68.08 -38.68
C GLU T 240 -28.63 68.04 -37.43
N LYS T 241 -27.31 68.12 -37.60
CA LYS T 241 -26.45 68.12 -36.42
C LYS T 241 -26.33 69.51 -35.81
N LEU T 242 -26.47 70.55 -36.63
CA LEU T 242 -26.41 71.91 -36.10
C LEU T 242 -27.56 72.19 -35.15
N ALA T 243 -28.74 71.64 -35.43
CA ALA T 243 -29.89 71.88 -34.57
C ALA T 243 -29.70 71.29 -33.16
N GLU T 244 -29.07 70.12 -33.07
CA GLU T 244 -28.83 69.48 -31.78
C GLU T 244 -28.01 70.34 -30.83
N ASN T 245 -27.29 71.33 -31.36
CA ASN T 245 -26.43 72.18 -30.54
C ASN T 245 -26.94 73.61 -30.43
N LEU T 246 -28.13 73.91 -30.95
CA LEU T 246 -28.66 75.26 -30.88
C LEU T 246 -30.06 75.26 -30.25
N HIS T 247 -30.43 76.42 -29.73
CA HIS T 247 -31.77 76.58 -29.20
C HIS T 247 -32.73 76.61 -30.39
N TYR T 248 -34.02 76.42 -30.10
CA TYR T 248 -35.00 76.38 -31.18
C TYR T 248 -35.01 77.66 -32.01
N PHE T 249 -35.05 78.83 -31.36
CA PHE T 249 -35.08 80.08 -32.11
C PHE T 249 -33.79 80.34 -32.89
N GLN T 250 -32.67 79.73 -32.47
CA GLN T 250 -31.41 79.96 -33.17
C GLN T 250 -31.37 79.26 -34.52
N PHE T 251 -32.19 78.24 -34.71
CA PHE T 251 -32.21 77.51 -35.96
C PHE T 251 -33.01 78.23 -37.04
N ILE T 252 -33.79 79.25 -36.67
CA ILE T 252 -34.59 79.96 -37.68
C ILE T 252 -33.74 80.44 -38.86
N PRO T 253 -32.60 81.13 -38.66
CA PRO T 253 -31.81 81.56 -39.82
C PRO T 253 -31.23 80.41 -40.63
N TYR T 254 -31.07 79.22 -40.05
CA TYR T 254 -30.53 78.09 -40.81
C TYR T 254 -31.56 77.46 -41.71
N THR T 255 -32.84 77.63 -41.43
CA THR T 255 -33.85 77.09 -42.33
C THR T 255 -33.83 77.87 -43.64
N ASP T 256 -33.38 79.13 -43.61
CA ASP T 256 -33.26 79.92 -44.82
C ASP T 256 -32.28 79.29 -45.79
N ARG T 257 -31.29 78.59 -45.26
CA ARG T 257 -30.24 78.00 -46.06
C ARG T 257 -30.51 76.54 -46.47
N MET T 258 -31.76 76.10 -46.44
CA MET T 258 -32.03 74.76 -46.93
C MET T 258 -32.51 74.97 -48.37
N ASP T 259 -33.67 75.60 -48.54
CA ASP T 259 -34.16 75.96 -49.87
C ASP T 259 -33.98 77.47 -49.94
N TYR T 260 -32.76 77.91 -50.22
CA TYR T 260 -32.49 79.34 -50.27
C TYR T 260 -33.36 80.10 -51.25
N ILE T 261 -33.99 79.42 -52.21
CA ILE T 261 -34.86 80.11 -53.16
C ILE T 261 -36.17 80.54 -52.49
N SER T 262 -36.61 79.79 -51.47
CA SER T 262 -37.83 80.09 -50.72
C SER T 262 -37.46 80.02 -49.24
N ALA T 263 -36.88 81.10 -48.71
CA ALA T 263 -36.46 81.11 -47.32
C ALA T 263 -37.65 81.11 -46.38
N ILE T 264 -38.62 82.01 -46.61
CA ILE T 264 -39.78 82.10 -45.74
C ILE T 264 -40.59 80.81 -45.71
N CYS T 265 -40.59 80.04 -46.80
CA CYS T 265 -41.35 78.80 -46.78
C CYS T 265 -40.74 77.80 -45.80
N ASN T 266 -39.40 77.72 -45.77
CA ASN T 266 -38.73 76.83 -44.83
C ASN T 266 -39.01 77.25 -43.40
N GLU T 267 -38.95 78.56 -43.13
CA GLU T 267 -39.23 79.05 -41.79
C GLU T 267 -40.65 78.70 -41.37
N LEU T 268 -41.61 78.87 -42.28
CA LEU T 268 -43.00 78.56 -41.94
C LEU T 268 -43.15 77.10 -41.54
N ALA T 269 -42.54 76.18 -42.28
CA ALA T 269 -42.66 74.77 -41.91
C ALA T 269 -42.03 74.52 -40.54
N TYR T 270 -40.78 74.96 -40.34
CA TYR T 270 -40.10 74.75 -39.07
C TYR T 270 -40.82 75.44 -37.92
N VAL T 271 -41.02 76.76 -38.03
CA VAL T 271 -41.67 77.52 -36.97
C VAL T 271 -43.05 76.95 -36.67
N GLU T 272 -43.80 76.54 -37.71
CA GLU T 272 -45.10 75.96 -37.44
C GLU T 272 -44.96 74.64 -36.68
N THR T 273 -43.86 73.90 -36.89
CA THR T 273 -43.65 72.64 -36.18
C THR T 273 -43.25 72.87 -34.73
N VAL T 274 -42.29 73.78 -34.52
CA VAL T 274 -41.82 74.09 -33.17
C VAL T 274 -42.95 74.63 -32.32
N GLU T 275 -43.82 75.45 -32.92
CA GLU T 275 -44.94 76.01 -32.17
C GLU T 275 -45.89 74.92 -31.69
N ARG T 276 -45.94 73.78 -32.40
CA ARG T 276 -46.77 72.67 -31.96
C ARG T 276 -46.11 71.97 -30.78
N LEU T 277 -44.81 71.76 -30.86
CA LEU T 277 -44.09 71.12 -29.76
C LEU T 277 -44.25 71.92 -28.47
N LEU T 278 -44.02 73.24 -28.54
CA LEU T 278 -44.13 74.15 -27.40
C LEU T 278 -45.56 74.62 -27.11
N GLY T 279 -46.52 74.35 -28.00
CA GLY T 279 -47.90 74.78 -27.81
C GLY T 279 -48.04 76.30 -27.84
N VAL T 280 -47.67 76.94 -28.95
CA VAL T 280 -47.74 78.40 -29.05
C VAL T 280 -48.80 78.81 -30.07
N GLU T 281 -49.80 79.57 -29.62
CA GLU T 281 -50.79 80.06 -30.57
C GLU T 281 -50.22 81.30 -31.23
N VAL T 282 -50.55 81.47 -32.51
CA VAL T 282 -50.07 82.58 -33.32
C VAL T 282 -51.21 83.58 -33.52
N PRO T 283 -51.01 84.87 -33.22
CA PRO T 283 -52.09 85.86 -33.42
C PRO T 283 -52.54 85.94 -34.87
N GLU T 284 -53.74 86.48 -35.07
CA GLU T 284 -54.34 86.56 -36.40
C GLU T 284 -53.48 87.35 -37.39
N LYS T 285 -53.06 88.57 -37.03
CA LYS T 285 -52.27 89.37 -37.97
C LYS T 285 -51.05 88.63 -38.50
N ALA T 286 -50.35 87.90 -37.63
CA ALA T 286 -49.18 87.15 -38.09
C ALA T 286 -49.59 85.98 -38.97
N ARG T 287 -50.73 85.34 -38.67
CA ARG T 287 -51.16 84.21 -39.48
C ARG T 287 -51.36 84.62 -40.94
N TYR T 288 -51.94 85.79 -41.18
CA TYR T 288 -52.13 86.24 -42.56
C TYR T 288 -50.83 86.74 -43.17
N ILE T 289 -49.96 87.36 -42.35
CA ILE T 289 -48.67 87.83 -42.86
C ILE T 289 -47.83 86.64 -43.30
N ARG T 290 -47.89 85.54 -42.55
CA ARG T 290 -47.16 84.33 -42.91
C ARG T 290 -47.69 83.76 -44.21
N THR T 291 -49.01 83.61 -44.31
CA THR T 291 -49.62 83.07 -45.53
C THR T 291 -49.29 83.93 -46.73
N MET T 292 -49.27 85.25 -46.57
CA MET T 292 -48.97 86.14 -47.69
C MET T 292 -47.53 86.01 -48.15
N PHE T 293 -46.56 86.13 -47.22
CA PHE T 293 -45.17 86.04 -47.62
C PHE T 293 -44.80 84.64 -48.07
N ALA T 294 -45.47 83.61 -47.54
CA ALA T 294 -45.16 82.26 -48.01
C ALA T 294 -45.60 82.11 -49.45
N GLU T 295 -46.69 82.79 -49.83
CA GLU T 295 -47.18 82.73 -51.21
C GLU T 295 -46.33 83.60 -52.13
N LEU T 296 -45.89 84.77 -51.65
CA LEU T 296 -45.02 85.60 -52.47
C LEU T 296 -43.71 84.87 -52.71
N GLN T 297 -43.30 84.04 -51.74
CA GLN T 297 -42.08 83.26 -51.87
C GLN T 297 -42.31 82.09 -52.84
N ARG T 298 -43.52 81.52 -52.85
CA ARG T 298 -43.77 80.44 -53.80
C ARG T 298 -43.70 80.97 -55.23
N ILE T 299 -44.24 82.18 -55.46
CA ILE T 299 -44.16 82.78 -56.78
C ILE T 299 -42.70 83.07 -57.10
N ASN T 300 -41.97 83.64 -56.14
CA ASN T 300 -40.54 83.92 -56.32
C ASN T 300 -39.75 82.65 -56.61
N SER T 301 -40.12 81.53 -55.98
CA SER T 301 -39.42 80.26 -56.19
C SER T 301 -39.71 79.66 -57.55
N HIS T 302 -40.97 79.77 -57.99
CA HIS T 302 -41.31 79.23 -59.30
C HIS T 302 -40.74 80.09 -60.42
N LEU T 303 -40.64 81.40 -60.20
CA LEU T 303 -40.04 82.29 -61.19
C LEU T 303 -38.59 81.92 -61.41
N LEU T 304 -37.87 81.60 -60.33
CA LEU T 304 -36.50 81.18 -60.50
C LEU T 304 -36.46 79.86 -61.23
N TRP T 305 -37.34 78.92 -60.86
CA TRP T 305 -37.37 77.63 -61.53
C TRP T 305 -37.66 77.80 -63.01
N LEU T 306 -38.52 78.78 -63.34
CA LEU T 306 -38.89 79.06 -64.73
C LEU T 306 -37.78 79.83 -65.45
N GLY T 307 -37.13 80.77 -64.76
CA GLY T 307 -36.05 81.53 -65.36
C GLY T 307 -34.84 80.65 -65.67
N THR T 308 -34.42 79.85 -64.68
CA THR T 308 -33.29 78.95 -64.91
C THR T 308 -33.69 77.80 -65.82
N GLY T 309 -34.98 77.43 -65.81
CA GLY T 309 -35.45 76.37 -66.68
C GLY T 309 -35.44 76.82 -68.12
N ALA T 310 -35.73 78.10 -68.36
CA ALA T 310 -35.69 78.62 -69.72
C ALA T 310 -34.25 78.72 -70.19
N LEU T 311 -33.36 79.19 -69.30
CA LEU T 311 -31.94 79.31 -69.62
C LEU T 311 -31.35 77.99 -70.09
N ASP T 312 -31.89 76.85 -69.65
CA ASP T 312 -31.36 75.56 -70.07
C ASP T 312 -31.54 75.31 -71.56
N LEU T 313 -32.53 75.94 -72.18
CA LEU T 313 -32.77 75.76 -73.61
C LEU T 313 -32.64 77.08 -74.37
N GLY T 314 -31.63 77.88 -74.02
CA GLY T 314 -31.49 79.16 -74.70
C GLY T 314 -32.65 80.04 -74.28
N ALA T 315 -33.31 80.66 -75.26
CA ALA T 315 -34.46 81.54 -75.03
C ALA T 315 -34.27 82.38 -73.77
N LEU T 316 -33.09 83.00 -73.67
CA LEU T 316 -32.74 83.84 -72.52
C LEU T 316 -33.73 84.96 -72.31
N THR T 317 -34.63 85.18 -73.26
CA THR T 317 -35.64 86.22 -73.12
C THR T 317 -36.53 85.94 -71.92
N VAL T 318 -36.80 84.66 -71.63
CA VAL T 318 -37.63 84.32 -70.48
C VAL T 318 -36.84 84.48 -69.18
N PHE T 319 -35.53 84.23 -69.20
CA PHE T 319 -34.72 84.38 -67.99
C PHE T 319 -34.72 85.84 -67.50
N LEU T 320 -34.55 86.79 -68.42
CA LEU T 320 -34.51 88.19 -68.00
C LEU T 320 -35.85 88.63 -67.44
N TYR T 321 -36.95 88.31 -68.14
CA TYR T 321 -38.27 88.70 -67.67
C TYR T 321 -38.62 88.05 -66.34
N ALA T 322 -38.22 86.78 -66.15
CA ALA T 322 -38.51 86.10 -64.89
C ALA T 322 -37.84 86.80 -63.72
N PHE T 323 -36.57 87.21 -63.88
CA PHE T 323 -35.87 87.89 -62.81
C PHE T 323 -36.39 89.31 -62.60
N ARG T 324 -37.08 89.87 -63.60
CA ARG T 324 -37.67 91.20 -63.43
C ARG T 324 -38.75 91.12 -62.36
N GLU T 325 -39.50 90.03 -62.36
CA GLU T 325 -40.56 89.80 -61.39
C GLU T 325 -39.98 89.38 -60.05
N ARG T 326 -38.86 88.64 -60.06
CA ARG T 326 -38.23 88.25 -58.81
C ARG T 326 -37.69 89.47 -58.10
N GLU T 327 -37.13 90.42 -58.85
CA GLU T 327 -36.63 91.66 -58.27
C GLU T 327 -37.72 92.44 -57.56
N LYS T 328 -38.96 92.33 -58.05
CA LYS T 328 -40.09 93.02 -57.43
C LYS T 328 -40.46 92.34 -56.12
N ILE T 329 -40.53 91.00 -56.14
CA ILE T 329 -40.86 90.26 -54.93
C ILE T 329 -39.77 90.46 -53.88
N MET T 330 -38.50 90.54 -54.33
CA MET T 330 -37.40 90.74 -53.39
C MET T 330 -37.39 92.15 -52.79
N ASP T 331 -37.77 93.17 -53.57
CA ASP T 331 -37.80 94.52 -53.02
C ASP T 331 -38.80 94.62 -51.88
N ILE T 332 -39.83 93.78 -51.91
CA ILE T 332 -40.84 93.75 -50.86
C ILE T 332 -40.28 93.08 -49.61
N ILE T 333 -39.63 91.93 -49.80
CA ILE T 333 -39.04 91.20 -48.69
C ILE T 333 -37.89 92.00 -48.08
N GLU T 334 -37.00 92.54 -48.91
CA GLU T 334 -35.88 93.32 -48.36
C GLU T 334 -36.39 94.51 -47.56
N GLY T 335 -37.47 95.13 -48.02
CA GLY T 335 -38.01 96.28 -47.31
C GLY T 335 -38.62 95.94 -45.98
N ASN T 336 -39.18 94.74 -45.83
CA ASN T 336 -39.84 94.29 -44.60
C ASN T 336 -38.96 93.43 -43.70
N ALA T 337 -38.24 92.45 -44.25
CA ALA T 337 -37.40 91.59 -43.42
C ALA T 337 -36.04 92.22 -43.14
N GLY T 338 -35.47 92.91 -44.14
CA GLY T 338 -34.18 93.56 -43.99
C GLY T 338 -33.05 92.91 -44.73
N TYR T 339 -33.27 91.75 -45.35
CA TYR T 339 -32.24 91.08 -46.12
C TYR T 339 -32.92 90.57 -47.38
N ARG T 340 -32.16 90.57 -48.47
CA ARG T 340 -32.74 90.21 -49.75
C ARG T 340 -33.10 88.73 -49.86
N LEU T 341 -32.14 87.82 -49.68
CA LEU T 341 -32.47 86.40 -49.85
C LEU T 341 -32.75 85.67 -48.54
N THR T 342 -31.81 85.71 -47.59
CA THR T 342 -31.93 85.04 -46.30
C THR T 342 -32.73 85.95 -45.36
N SER T 343 -34.04 85.96 -45.60
CA SER T 343 -35.01 86.81 -44.91
C SER T 343 -34.88 86.79 -43.40
N CYS T 344 -35.02 85.62 -42.78
CA CYS T 344 -35.01 85.49 -41.32
C CYS T 344 -36.07 86.43 -40.75
N PHE T 345 -37.27 86.29 -41.30
CA PHE T 345 -38.45 87.09 -41.02
C PHE T 345 -39.40 86.49 -39.99
N LEU T 346 -39.62 85.19 -40.00
CA LEU T 346 -40.52 84.58 -39.03
C LEU T 346 -39.82 84.40 -37.69
N ARG T 347 -40.62 84.37 -36.62
CA ARG T 347 -40.15 84.17 -35.26
C ARG T 347 -41.10 83.20 -34.59
N ILE T 348 -40.63 82.54 -33.54
CA ILE T 348 -41.51 81.63 -32.81
C ILE T 348 -42.55 82.51 -32.12
N GLY T 349 -43.81 82.44 -32.57
CA GLY T 349 -44.87 83.24 -32.00
C GLY T 349 -45.46 84.28 -32.94
N GLY T 350 -44.90 84.43 -34.14
CA GLY T 350 -45.42 85.41 -35.08
C GLY T 350 -44.39 85.78 -36.14
N VAL T 351 -44.16 87.08 -36.30
CA VAL T 351 -43.19 87.61 -37.26
C VAL T 351 -42.27 88.58 -36.51
N HIS T 352 -41.14 88.89 -37.13
CA HIS T 352 -40.15 89.77 -36.50
C HIS T 352 -40.71 91.18 -36.28
N TYR T 353 -41.18 91.82 -37.35
CA TYR T 353 -41.74 93.17 -37.28
C TYR T 353 -43.11 93.19 -37.95
N ASP T 354 -43.78 94.33 -37.77
CA ASP T 354 -45.05 94.58 -38.44
C ASP T 354 -44.73 95.00 -39.87
N LEU T 355 -45.74 95.17 -40.70
CA LEU T 355 -45.50 95.56 -42.09
C LEU T 355 -44.97 96.99 -42.19
N ALA T 356 -44.05 97.19 -43.14
CA ALA T 356 -43.46 98.51 -43.39
C ALA T 356 -44.44 99.37 -44.17
N GLU T 357 -44.48 100.67 -43.84
CA GLU T 357 -45.40 101.59 -44.52
C GLU T 357 -45.36 101.40 -46.04
N GLY T 358 -46.54 101.39 -46.64
CA GLY T 358 -46.68 101.24 -48.07
C GLY T 358 -46.48 99.84 -48.61
N THR T 359 -46.25 98.85 -47.75
CA THR T 359 -46.07 97.49 -48.25
C THR T 359 -47.36 96.96 -48.88
N LEU T 360 -48.52 97.36 -48.34
CA LEU T 360 -49.79 96.92 -48.89
C LEU T 360 -50.04 97.60 -50.23
N ASP T 361 -49.63 98.87 -50.36
CA ASP T 361 -49.79 99.58 -51.62
C ASP T 361 -48.95 98.91 -52.71
N VAL T 362 -47.77 98.43 -52.34
CA VAL T 362 -46.88 97.79 -53.31
C VAL T 362 -47.38 96.39 -53.66
N VAL T 363 -47.88 95.64 -52.68
CA VAL T 363 -48.39 94.30 -52.98
C VAL T 363 -49.59 94.40 -53.93
N LYS T 364 -50.45 95.41 -53.74
CA LYS T 364 -51.57 95.56 -54.66
C LYS T 364 -51.07 96.00 -56.04
N HIS T 365 -49.99 96.78 -56.07
CA HIS T 365 -49.41 97.22 -57.33
C HIS T 365 -48.89 96.04 -58.13
N PHE T 366 -48.57 94.93 -57.46
CA PHE T 366 -48.06 93.71 -58.05
C PHE T 366 -49.18 92.77 -58.52
N ILE T 367 -50.18 92.58 -57.68
CA ILE T 367 -51.29 91.68 -58.00
C ILE T 367 -52.11 92.15 -59.20
N LYS T 368 -52.07 93.44 -59.54
CA LYS T 368 -52.85 93.86 -60.70
C LYS T 368 -52.17 93.48 -62.01
N ASP T 369 -50.85 93.61 -62.07
CA ASP T 369 -50.12 93.32 -63.29
C ASP T 369 -49.75 91.85 -63.46
N PHE T 370 -49.12 91.25 -62.45
CA PHE T 370 -48.66 89.86 -62.53
C PHE T 370 -49.60 88.91 -63.25
N PRO T 371 -50.93 88.98 -63.09
CA PRO T 371 -51.78 88.07 -63.86
C PRO T 371 -51.57 88.23 -65.37
N ASN T 372 -51.45 89.48 -65.84
CA ASN T 372 -51.23 89.73 -67.27
C ASN T 372 -49.84 89.30 -67.68
N ARG T 373 -48.86 89.49 -66.79
CA ARG T 373 -47.49 89.12 -67.08
C ARG T 373 -47.36 87.60 -67.18
N LEU T 374 -48.28 86.86 -66.56
CA LEU T 374 -48.26 85.40 -66.69
C LEU T 374 -48.74 84.98 -68.07
N LYS T 375 -49.71 85.72 -68.64
CA LYS T 375 -50.20 85.41 -69.98
C LYS T 375 -49.12 85.63 -71.02
N GLU T 376 -48.12 86.48 -70.69
CA GLU T 376 -47.01 86.72 -71.60
C GLU T 376 -46.11 85.51 -71.68
N TYR T 377 -45.73 84.97 -70.51
CA TYR T 377 -44.85 83.79 -70.47
C TYR T 377 -45.52 82.59 -71.13
N HIS T 378 -46.83 82.45 -70.94
CA HIS T 378 -47.56 81.33 -71.53
C HIS T 378 -47.38 81.31 -73.04
N THR T 379 -47.62 82.45 -73.68
CA THR T 379 -47.50 82.57 -75.13
C THR T 379 -46.05 82.79 -75.58
N LEU T 380 -45.19 83.36 -74.73
CA LEU T 380 -43.80 83.55 -75.13
C LEU T 380 -43.05 82.23 -75.19
N LEU T 381 -43.52 81.22 -74.46
CA LEU T 381 -42.87 79.91 -74.47
C LEU T 381 -43.42 79.05 -75.61
N THR T 382 -44.74 78.85 -75.64
CA THR T 382 -45.35 78.05 -76.71
C THR T 382 -45.13 78.65 -78.10
N ARG T 383 -44.56 79.86 -78.19
CA ARG T 383 -44.30 80.47 -79.50
C ARG T 383 -43.40 79.58 -80.34
N ASN T 384 -42.39 78.99 -79.72
CA ASN T 384 -41.46 78.08 -80.39
C ASN T 384 -41.95 76.66 -80.12
N ARG T 385 -42.59 76.04 -81.10
CA ARG T 385 -43.02 74.67 -80.85
C ARG T 385 -41.87 73.69 -80.98
N ILE T 386 -40.65 74.20 -81.15
CA ILE T 386 -39.47 73.36 -81.25
C ILE T 386 -39.26 72.60 -79.93
N TRP T 387 -39.80 73.11 -78.83
CA TRP T 387 -39.70 72.45 -77.54
C TRP T 387 -41.04 71.89 -77.05
N LEU T 388 -42.17 72.31 -77.63
CA LEU T 388 -43.46 71.80 -77.16
C LEU T 388 -43.48 70.29 -77.24
N ARG T 389 -42.94 69.72 -78.31
CA ARG T 389 -42.85 68.27 -78.43
C ARG T 389 -41.76 67.71 -77.52
N ARG T 390 -40.76 68.53 -77.18
CA ARG T 390 -39.66 68.11 -76.32
C ARG T 390 -40.07 67.96 -74.85
N THR T 391 -41.34 68.24 -74.51
CA THR T 391 -41.82 68.09 -73.14
C THR T 391 -43.23 67.52 -72.98
N LYS T 392 -44.10 67.59 -74.01
CA LYS T 392 -45.49 67.13 -73.89
C LYS T 392 -45.68 65.62 -73.83
N ASP T 393 -44.65 64.78 -73.87
CA ASP T 393 -44.96 63.37 -73.80
C ASP T 393 -44.03 62.52 -72.96
N VAL T 394 -42.92 63.06 -72.45
CA VAL T 394 -41.97 62.27 -71.69
C VAL T 394 -42.06 62.56 -70.20
N GLY T 395 -41.46 61.67 -69.42
CA GLY T 395 -41.44 61.75 -67.98
C GLY T 395 -42.76 61.54 -67.28
N VAL T 396 -43.61 60.66 -67.81
CA VAL T 396 -44.90 60.41 -67.18
C VAL T 396 -44.68 59.63 -65.88
N ILE T 397 -45.34 60.07 -64.82
CA ILE T 397 -45.25 59.45 -63.50
C ILE T 397 -46.64 58.92 -63.16
N THR T 398 -46.74 57.61 -62.94
CA THR T 398 -48.03 57.02 -62.60
C THR T 398 -48.38 57.37 -61.16
N ARG T 399 -49.68 57.26 -60.82
CA ARG T 399 -50.08 57.57 -59.45
C ARG T 399 -49.48 56.61 -58.43
N GLU T 400 -49.22 55.37 -58.85
CA GLU T 400 -48.63 54.42 -57.92
C GLU T 400 -47.20 54.84 -57.57
N ASP T 401 -46.49 55.45 -58.52
CA ASP T 401 -45.12 55.91 -58.29
C ASP T 401 -45.08 57.09 -57.33
N VAL T 402 -46.16 57.88 -57.29
CA VAL T 402 -46.20 59.02 -56.38
C VAL T 402 -46.14 58.51 -54.94
N HIS T 403 -46.89 57.45 -54.65
CA HIS T 403 -46.92 56.87 -53.32
C HIS T 403 -45.73 55.97 -53.05
N ASN T 404 -45.23 55.25 -54.05
CA ASN T 404 -44.09 54.37 -53.81
C ASN T 404 -42.80 55.15 -53.61
N TYR T 405 -42.69 56.36 -54.18
CA TYR T 405 -41.48 57.16 -54.03
C TYR T 405 -41.64 58.30 -53.02
N GLY T 406 -42.85 58.60 -52.56
CA GLY T 406 -43.01 59.69 -51.63
C GLY T 406 -42.93 61.07 -52.27
N LEU T 407 -43.55 61.24 -53.45
CA LEU T 407 -43.56 62.49 -54.18
C LEU T 407 -44.58 63.48 -53.58
N SER T 408 -44.28 64.77 -53.72
CA SER T 408 -45.15 65.81 -53.18
C SER T 408 -45.05 67.06 -54.05
N GLY T 409 -45.69 68.14 -53.59
CA GLY T 409 -45.69 69.41 -54.27
C GLY T 409 -46.22 69.31 -55.70
N PRO T 410 -45.73 70.20 -56.57
CA PRO T 410 -46.19 70.17 -57.97
C PRO T 410 -45.82 68.90 -58.69
N VAL T 411 -44.77 68.22 -58.25
CA VAL T 411 -44.37 66.97 -58.91
C VAL T 411 -45.46 65.93 -58.81
N ALA T 412 -46.10 65.81 -57.63
CA ALA T 412 -47.16 64.83 -57.44
C ALA T 412 -48.48 65.31 -58.02
N ARG T 413 -48.78 66.61 -57.89
CA ARG T 413 -50.03 67.15 -58.41
C ARG T 413 -50.10 67.03 -59.92
N GLY T 414 -48.94 67.05 -60.60
CA GLY T 414 -48.93 66.92 -62.04
C GLY T 414 -49.35 65.55 -62.51
N SER T 415 -49.26 64.54 -61.65
CA SER T 415 -49.63 63.18 -61.98
C SER T 415 -51.02 62.79 -61.48
N GLY T 416 -51.84 63.77 -61.07
CA GLY T 416 -53.19 63.50 -60.62
C GLY T 416 -53.53 63.52 -59.13
N VAL T 417 -52.64 63.06 -58.25
CA VAL T 417 -52.89 63.02 -56.81
C VAL T 417 -52.91 64.44 -56.23
N PRO T 418 -54.06 64.93 -55.73
CA PRO T 418 -54.14 66.29 -55.17
C PRO T 418 -53.63 66.37 -53.75
N TYR T 419 -52.39 65.95 -53.54
CA TYR T 419 -51.75 65.94 -52.23
C TYR T 419 -51.19 67.32 -51.92
N ASP T 420 -52.00 68.15 -51.28
CA ASP T 420 -51.60 69.51 -50.92
C ASP T 420 -51.81 69.70 -49.42
N LEU T 421 -50.70 69.85 -48.69
CA LEU T 421 -50.79 70.03 -47.25
C LEU T 421 -51.49 71.33 -46.89
N ARG T 422 -51.55 72.29 -47.82
CA ARG T 422 -52.24 73.53 -47.48
C ARG T 422 -53.70 73.27 -47.19
N LYS T 423 -54.24 72.17 -47.72
CA LYS T 423 -55.63 71.77 -47.51
C LYS T 423 -55.78 70.53 -46.62
N LEU T 424 -54.88 69.55 -46.74
CA LEU T 424 -54.96 68.32 -45.96
C LEU T 424 -54.45 68.47 -44.53
N GLN T 425 -53.42 69.28 -44.31
CA GLN T 425 -52.81 69.51 -43.00
C GLN T 425 -52.68 71.03 -42.83
N PRO T 426 -53.81 71.73 -42.82
CA PRO T 426 -53.78 73.20 -42.79
C PRO T 426 -52.87 73.82 -41.74
N TYR T 427 -52.41 75.03 -42.03
CA TYR T 427 -51.56 75.80 -41.13
C TYR T 427 -51.96 77.28 -41.24
N ALA T 428 -51.03 78.20 -40.98
CA ALA T 428 -51.23 79.62 -40.77
C ALA T 428 -52.59 80.22 -41.17
N ALA T 429 -52.98 80.25 -42.44
CA ALA T 429 -54.30 80.81 -42.72
C ALA T 429 -54.97 80.12 -43.89
N TYR T 430 -54.44 79.00 -44.37
CA TYR T 430 -54.98 78.29 -45.52
C TYR T 430 -56.38 77.72 -45.31
N ASP T 431 -56.93 77.88 -44.11
CA ASP T 431 -58.27 77.39 -43.87
C ASP T 431 -59.30 78.49 -44.06
N GLU T 432 -58.94 79.71 -43.71
CA GLU T 432 -59.79 80.89 -43.85
C GLU T 432 -59.62 81.54 -45.22
N VAL T 433 -58.78 80.97 -46.07
CA VAL T 433 -58.51 81.46 -47.41
C VAL T 433 -58.89 80.41 -48.43
N GLU T 434 -59.55 80.85 -49.49
CA GLU T 434 -59.97 79.95 -50.57
C GLU T 434 -59.06 80.09 -51.79
N PHE T 435 -58.60 78.95 -52.29
CA PHE T 435 -57.71 78.84 -53.44
C PHE T 435 -57.97 77.49 -54.10
N ASP T 436 -57.37 77.27 -55.26
CA ASP T 436 -57.56 76.01 -55.96
C ASP T 436 -56.23 75.28 -56.09
N ILE T 437 -56.32 73.96 -56.18
CA ILE T 437 -55.16 73.08 -56.25
C ILE T 437 -55.07 72.53 -57.68
N PRO T 438 -54.11 73.00 -58.49
CA PRO T 438 -53.98 72.49 -59.86
C PRO T 438 -53.53 71.04 -59.87
N VAL T 439 -54.08 70.27 -60.80
CA VAL T 439 -53.79 68.85 -60.93
C VAL T 439 -53.72 68.49 -62.40
N GLY T 440 -52.77 67.61 -62.75
CA GLY T 440 -52.62 67.18 -64.12
C GLY T 440 -53.32 65.86 -64.37
N GLU T 441 -53.35 65.48 -65.63
CA GLU T 441 -53.98 64.23 -66.05
C GLU T 441 -53.01 63.29 -66.73
N VAL T 442 -52.05 63.80 -67.51
CA VAL T 442 -51.07 62.93 -68.16
C VAL T 442 -49.95 62.56 -67.20
N GLY T 443 -49.42 63.54 -66.46
CA GLY T 443 -48.34 63.31 -65.53
C GLY T 443 -46.94 63.42 -66.11
N ASP T 444 -46.77 64.13 -67.22
CA ASP T 444 -45.49 64.31 -67.90
C ASP T 444 -44.85 65.63 -67.51
N VAL T 445 -43.75 65.98 -68.20
CA VAL T 445 -43.03 67.22 -67.93
C VAL T 445 -43.95 68.41 -68.19
N TYR T 446 -44.77 68.32 -69.23
CA TYR T 446 -45.67 69.41 -69.56
C TYR T 446 -46.70 69.64 -68.46
N ASP T 447 -47.31 68.55 -67.96
CA ASP T 447 -48.32 68.70 -66.90
C ASP T 447 -47.70 69.29 -65.63
N ARG T 448 -46.47 68.89 -65.28
CA ARG T 448 -45.86 69.46 -64.10
C ARG T 448 -45.53 70.92 -64.32
N TYR T 449 -45.16 71.28 -65.55
CA TYR T 449 -44.86 72.66 -65.89
C TYR T 449 -46.11 73.51 -65.74
N LEU T 450 -47.25 73.00 -66.22
CA LEU T 450 -48.50 73.75 -66.11
C LEU T 450 -48.94 73.86 -64.66
N VAL T 451 -48.74 72.79 -63.88
CA VAL T 451 -49.14 72.84 -62.48
C VAL T 451 -48.44 73.98 -61.78
N ARG T 452 -47.12 74.11 -62.01
CA ARG T 452 -46.39 75.21 -61.37
C ARG T 452 -46.85 76.56 -61.88
N MET T 453 -47.29 76.64 -63.14
CA MET T 453 -47.74 77.91 -63.70
C MET T 453 -49.03 78.39 -63.01
N GLU T 454 -50.03 77.52 -62.90
CA GLU T 454 -51.25 77.94 -62.23
C GLU T 454 -51.02 78.12 -60.74
N GLU T 455 -50.01 77.44 -60.16
CA GLU T 455 -49.72 77.64 -58.75
C GLU T 455 -49.32 79.08 -58.49
N MET T 456 -48.64 79.71 -59.45
CA MET T 456 -48.28 81.11 -59.29
C MET T 456 -49.53 81.96 -59.27
N ALA T 457 -50.52 81.59 -60.10
CA ALA T 457 -51.78 82.31 -60.15
C ALA T 457 -52.58 82.10 -58.86
N GLN T 458 -52.67 80.85 -58.40
CA GLN T 458 -53.40 80.57 -57.17
C GLN T 458 -52.76 81.29 -56.00
N SER T 459 -51.43 81.41 -56.01
CA SER T 459 -50.77 82.14 -54.94
C SER T 459 -51.20 83.60 -54.98
N VAL T 460 -51.46 84.11 -56.19
CA VAL T 460 -51.93 85.48 -56.33
C VAL T 460 -53.34 85.61 -55.76
N ARG T 461 -54.17 84.58 -55.94
CA ARG T 461 -55.50 84.66 -55.37
C ARG T 461 -55.43 84.63 -53.86
N ILE T 462 -54.46 83.91 -53.31
CA ILE T 462 -54.29 83.87 -51.87
C ILE T 462 -53.78 85.22 -51.39
N ILE T 463 -52.76 85.75 -52.06
CA ILE T 463 -52.21 87.06 -51.70
C ILE T 463 -53.29 88.11 -51.80
N GLU T 464 -54.16 88.00 -52.80
CA GLU T 464 -55.25 88.96 -52.94
C GLU T 464 -56.16 88.93 -51.71
N GLN T 465 -56.47 87.74 -51.21
CA GLN T 465 -57.34 87.63 -50.04
C GLN T 465 -56.64 88.08 -48.77
N CYS T 466 -55.33 87.87 -48.67
CA CYS T 466 -54.61 88.27 -47.46
C CYS T 466 -54.46 89.78 -47.36
N VAL T 467 -54.37 90.49 -48.48
CA VAL T 467 -54.18 91.93 -48.44
C VAL T 467 -55.39 92.63 -47.84
N GLN T 468 -56.59 92.29 -48.29
CA GLN T 468 -57.77 92.95 -47.74
C GLN T 468 -57.95 92.62 -46.26
N LYS T 469 -57.54 91.43 -45.81
CA LYS T 469 -57.69 91.11 -44.40
C LYS T 469 -56.74 91.94 -43.55
N LEU T 470 -55.51 92.16 -44.04
CA LEU T 470 -54.56 92.98 -43.29
C LEU T 470 -54.97 94.44 -43.28
N GLU T 471 -55.63 94.90 -44.35
CA GLU T 471 -56.09 96.29 -44.38
C GLU T 471 -57.19 96.53 -43.36
N LYS T 472 -58.00 95.50 -43.06
CA LYS T 472 -59.08 95.60 -42.08
C LYS T 472 -58.61 95.40 -40.64
N LEU T 473 -57.36 95.00 -40.43
CA LEU T 473 -56.99 94.86 -39.03
C LEU T 473 -56.38 96.15 -38.53
N PRO T 474 -56.61 96.55 -37.29
CA PRO T 474 -56.01 97.79 -36.79
C PRO T 474 -54.50 97.61 -36.70
N LYS T 475 -53.75 98.72 -36.84
CA LYS T 475 -52.30 98.55 -36.70
C LYS T 475 -51.94 98.20 -35.27
N ASP T 476 -52.97 98.16 -34.42
CA ASP T 476 -52.93 97.83 -33.02
C ASP T 476 -52.95 96.33 -32.80
N ALA T 477 -53.46 95.58 -33.77
CA ALA T 477 -53.54 94.12 -33.64
C ALA T 477 -52.15 93.54 -33.48
N PRO T 478 -51.99 92.53 -32.64
CA PRO T 478 -50.67 91.95 -32.40
C PRO T 478 -50.21 91.05 -33.53
N TYR T 479 -48.89 91.01 -33.69
CA TYR T 479 -48.24 90.15 -34.66
C TYR T 479 -47.35 89.15 -33.96
N LEU T 480 -47.34 89.15 -32.63
CA LEU T 480 -46.52 88.27 -31.82
C LEU T 480 -47.31 87.89 -30.58
N ASN T 481 -47.23 86.61 -30.22
CA ASN T 481 -47.91 86.11 -29.02
C ASN T 481 -46.96 86.34 -27.87
N LYS T 482 -46.94 87.58 -27.36
CA LYS T 482 -46.05 87.95 -26.26
C LYS T 482 -46.43 87.31 -24.93
N GLU T 483 -47.59 86.67 -24.83
CA GLU T 483 -48.02 86.05 -23.59
C GLU T 483 -47.42 84.66 -23.37
N HIS T 484 -46.79 84.08 -24.38
CA HIS T 484 -46.24 82.75 -24.18
C HIS T 484 -44.79 82.87 -23.66
N PRO T 485 -44.41 82.04 -22.69
CA PRO T 485 -43.05 82.15 -22.11
C PRO T 485 -41.93 81.85 -23.09
N ALA T 486 -42.21 81.16 -24.19
CA ALA T 486 -41.20 80.79 -25.17
C ALA T 486 -41.05 81.80 -26.30
N VAL T 487 -41.72 82.94 -26.22
CA VAL T 487 -41.67 83.94 -27.27
C VAL T 487 -40.81 85.11 -26.82
N ILE T 488 -39.70 85.34 -27.52
CA ILE T 488 -38.77 86.42 -27.22
C ILE T 488 -39.45 87.77 -27.46
N PRO T 489 -39.48 88.65 -26.48
CA PRO T 489 -40.14 89.94 -26.67
C PRO T 489 -39.31 90.84 -27.57
N PRO T 490 -39.95 91.78 -28.28
CA PRO T 490 -39.19 92.70 -29.14
C PRO T 490 -38.30 93.59 -28.30
N LYS T 491 -37.20 94.04 -28.92
CA LYS T 491 -36.25 94.89 -28.20
C LYS T 491 -36.93 96.09 -27.57
N GLU T 492 -37.96 96.64 -28.23
CA GLU T 492 -38.65 97.78 -27.66
C GLU T 492 -39.26 97.44 -26.30
N ASP T 493 -39.76 96.21 -26.15
CA ASP T 493 -40.35 95.80 -24.87
C ASP T 493 -39.28 95.66 -23.79
N VAL T 494 -38.11 95.13 -24.17
CA VAL T 494 -37.03 95.00 -23.20
C VAL T 494 -36.46 96.37 -22.83
N PHE T 495 -36.46 97.31 -23.75
CA PHE T 495 -35.94 98.62 -23.39
C PHE T 495 -36.85 99.32 -22.39
N HIS T 496 -38.07 98.83 -22.21
CA HIS T 496 -39.14 99.44 -21.41
C HIS T 496 -39.37 98.87 -20.02
N ASP T 497 -39.54 97.55 -19.88
CA ASP T 497 -39.86 97.00 -18.57
C ASP T 497 -39.18 95.67 -18.30
N LEU T 498 -38.92 95.43 -17.01
CA LEU T 498 -38.28 94.21 -16.54
C LEU T 498 -39.11 92.97 -16.79
N GLU T 499 -40.43 93.12 -16.77
CA GLU T 499 -41.32 92.00 -16.99
C GLU T 499 -41.06 91.33 -18.35
N SER T 500 -40.59 92.10 -19.33
CA SER T 500 -40.26 91.58 -20.66
C SER T 500 -38.78 91.19 -20.73
N MET T 501 -37.91 91.98 -20.09
CA MET T 501 -36.48 91.71 -20.06
C MET T 501 -36.15 90.31 -19.56
N VAL T 502 -36.79 89.86 -18.47
CA VAL T 502 -36.48 88.54 -17.94
C VAL T 502 -36.82 87.44 -18.94
N LYS T 503 -37.79 87.67 -19.83
CA LYS T 503 -38.12 86.66 -20.82
C LYS T 503 -37.02 86.54 -21.85
N SER T 504 -36.51 87.68 -22.31
CA SER T 504 -35.42 87.69 -23.29
C SER T 504 -34.21 86.94 -22.75
N PHE T 505 -33.83 87.24 -21.50
CA PHE T 505 -32.68 86.60 -20.89
C PHE T 505 -32.90 85.10 -20.72
N ARG T 506 -34.07 84.70 -20.21
CA ARG T 506 -34.34 83.28 -19.99
C ARG T 506 -34.17 82.48 -21.29
N VAL T 507 -34.85 82.91 -22.35
CA VAL T 507 -34.80 82.16 -23.60
C VAL T 507 -33.43 82.24 -24.24
N VAL T 508 -32.80 83.41 -24.24
CA VAL T 508 -31.50 83.53 -24.87
C VAL T 508 -30.45 82.69 -24.15
N VAL T 509 -30.50 82.66 -22.82
CA VAL T 509 -29.50 81.92 -22.05
C VAL T 509 -29.84 80.45 -21.90
N HIS T 510 -31.09 80.11 -21.57
CA HIS T 510 -31.48 78.73 -21.35
C HIS T 510 -32.27 78.09 -22.48
N GLY T 511 -32.76 78.86 -23.44
CA GLY T 511 -33.57 78.30 -24.50
C GLY T 511 -35.01 78.20 -24.02
N GLU T 512 -35.92 77.97 -24.97
CA GLU T 512 -37.33 77.84 -24.62
C GLU T 512 -37.54 76.55 -23.84
N ASP T 513 -38.51 76.56 -22.91
CA ASP T 513 -38.76 75.39 -22.05
C ASP T 513 -39.67 74.36 -22.72
N ALA T 514 -39.09 73.64 -23.66
CA ALA T 514 -39.80 72.60 -24.38
C ALA T 514 -40.06 71.40 -23.48
N PRO T 515 -41.22 70.76 -23.61
CA PRO T 515 -41.50 69.59 -22.81
C PRO T 515 -41.01 68.35 -23.55
N PRO T 516 -40.99 67.20 -22.89
CA PRO T 516 -40.60 65.97 -23.60
C PRO T 516 -41.70 65.64 -24.61
N GLY T 517 -41.33 64.87 -25.64
CA GLY T 517 -42.30 64.51 -26.65
C GLY T 517 -41.79 64.55 -28.08
N GLU T 518 -42.64 64.16 -29.03
CA GLU T 518 -42.26 64.14 -30.45
C GLU T 518 -43.37 64.74 -31.31
N VAL T 519 -43.00 65.32 -32.45
CA VAL T 519 -43.95 65.93 -33.37
C VAL T 519 -43.42 65.84 -34.80
N TYR T 520 -44.33 65.63 -35.74
CA TYR T 520 -44.00 65.61 -37.16
C TYR T 520 -44.97 66.53 -37.87
N PHE T 521 -44.45 67.60 -38.42
CA PHE T 521 -45.28 68.54 -39.13
C PHE T 521 -44.54 68.95 -40.38
N ALA T 522 -45.30 69.19 -41.45
CA ALA T 522 -44.70 69.56 -42.71
C ALA T 522 -45.47 70.72 -43.33
N GLY T 523 -44.73 71.53 -44.08
CA GLY T 523 -45.30 72.66 -44.76
C GLY T 523 -45.14 72.42 -46.25
N GLU T 524 -46.10 72.95 -47.02
CA GLU T 524 -46.08 72.79 -48.47
C GLU T 524 -45.10 73.81 -49.05
N ASN T 525 -43.82 73.41 -49.11
CA ASN T 525 -42.81 74.29 -49.68
C ASN T 525 -42.94 74.23 -51.19
N PRO T 526 -42.47 75.27 -51.90
CA PRO T 526 -42.63 75.28 -53.36
C PRO T 526 -42.23 74.01 -54.07
N ARG T 527 -41.24 73.27 -53.56
CA ARG T 527 -40.78 72.05 -54.22
C ARG T 527 -41.27 70.78 -53.56
N GLY T 528 -42.27 70.87 -52.69
CA GLY T 528 -42.77 69.68 -52.06
C GLY T 528 -42.95 69.84 -50.57
N GLU T 529 -43.22 68.71 -49.93
CA GLU T 529 -43.48 68.63 -48.49
C GLU T 529 -42.16 68.72 -47.70
N LEU T 530 -41.98 69.82 -46.98
CA LEU T 530 -40.80 70.05 -46.15
C LEU T 530 -41.18 69.63 -44.74
N GLY T 531 -40.76 68.43 -44.35
CA GLY T 531 -41.09 67.92 -43.04
C GLY T 531 -40.04 68.18 -41.97
N PHE T 532 -40.54 68.34 -40.75
CA PHE T 532 -39.70 68.56 -39.58
C PHE T 532 -40.18 67.60 -38.50
N PHE T 533 -39.34 66.64 -38.17
CA PHE T 533 -39.62 65.66 -37.12
C PHE T 533 -38.70 66.01 -35.97
N ILE T 534 -39.27 66.49 -34.88
CA ILE T 534 -38.50 66.88 -33.71
C ILE T 534 -38.82 65.92 -32.58
N TYR T 535 -37.76 65.42 -31.94
CA TYR T 535 -37.84 64.52 -30.79
C TYR T 535 -37.17 65.31 -29.67
N SER T 536 -37.94 65.65 -28.63
CA SER T 536 -37.41 66.44 -27.54
C SER T 536 -37.49 65.70 -26.21
N LYS T 537 -36.35 65.57 -25.52
CA LYS T 537 -36.28 64.97 -24.19
C LYS T 537 -36.56 66.00 -23.12
N GLY T 538 -36.96 67.21 -23.51
CA GLY T 538 -37.23 68.30 -22.60
C GLY T 538 -36.01 69.18 -22.57
N GLY T 539 -36.16 70.50 -22.61
CA GLY T 539 -35.03 71.40 -22.60
C GLY T 539 -34.99 72.33 -23.80
N GLY T 540 -34.02 73.25 -23.74
CA GLY T 540 -33.80 74.29 -24.73
C GLY T 540 -33.23 73.84 -26.07
N LYS T 541 -32.74 72.60 -26.17
CA LYS T 541 -32.21 72.16 -27.44
C LYS T 541 -32.83 70.82 -27.79
N PRO T 542 -33.22 70.63 -29.04
CA PRO T 542 -33.84 69.36 -29.42
C PRO T 542 -32.85 68.22 -29.41
N TYR T 543 -33.36 67.04 -29.10
CA TYR T 543 -32.48 65.89 -29.10
C TYR T 543 -32.25 65.41 -30.51
N ARG T 544 -33.23 65.64 -31.39
CA ARG T 544 -33.12 65.22 -32.77
C ARG T 544 -34.13 65.98 -33.61
N THR T 545 -33.69 66.55 -34.73
CA THR T 545 -34.57 67.28 -35.64
C THR T 545 -34.27 66.70 -37.02
N ARG T 546 -35.12 65.79 -37.48
CA ARG T 546 -34.95 65.18 -38.79
C ARG T 546 -35.67 66.06 -39.81
N ILE T 547 -35.00 66.36 -40.91
CA ILE T 547 -35.59 67.23 -41.94
C ILE T 547 -35.97 66.38 -43.15
N ARG T 548 -37.28 66.31 -43.41
CA ARG T 548 -37.85 65.56 -44.52
C ARG T 548 -37.89 66.53 -45.70
N SER T 549 -36.98 66.37 -46.66
CA SER T 549 -36.91 67.28 -47.80
C SER T 549 -37.80 66.83 -48.96
N GLY T 550 -38.73 67.70 -49.37
CA GLY T 550 -39.59 67.36 -50.48
C GLY T 550 -38.83 67.26 -51.79
N ALA T 551 -37.79 68.09 -51.97
CA ALA T 551 -37.02 68.04 -53.20
C ALA T 551 -36.16 66.78 -53.25
N LEU T 552 -35.62 66.36 -52.11
CA LEU T 552 -34.81 65.15 -52.07
C LEU T 552 -35.61 63.94 -52.53
N TYR T 553 -36.88 63.86 -52.13
CA TYR T 553 -37.68 62.72 -52.55
C TYR T 553 -38.18 62.88 -53.96
N ASN T 554 -38.32 64.12 -54.45
CA ASN T 554 -38.78 64.29 -55.82
C ASN T 554 -37.70 63.85 -56.81
N LEU T 555 -36.43 63.97 -56.44
CA LEU T 555 -35.32 63.59 -57.30
C LEU T 555 -35.07 62.08 -57.33
N SER T 556 -35.48 61.34 -56.31
CA SER T 556 -35.23 59.90 -56.28
C SER T 556 -35.89 59.17 -57.45
N ILE T 557 -36.92 59.75 -58.06
CA ILE T 557 -37.59 59.11 -59.20
C ILE T 557 -36.86 59.35 -60.52
N PHE T 558 -35.75 60.08 -60.50
CA PHE T 558 -35.03 60.33 -61.75
C PHE T 558 -34.54 59.05 -62.42
N PRO T 559 -33.88 58.11 -61.74
CA PRO T 559 -33.44 56.89 -62.45
C PRO T 559 -34.57 56.10 -63.08
N LYS T 560 -35.77 56.09 -62.49
CA LYS T 560 -36.87 55.33 -63.07
C LYS T 560 -37.37 55.95 -64.37
N LEU T 561 -37.40 57.28 -64.46
CA LEU T 561 -37.92 57.97 -65.64
C LEU T 561 -36.94 57.89 -66.81
N ILE T 562 -35.66 58.14 -66.55
CA ILE T 562 -34.63 58.14 -67.59
C ILE T 562 -34.29 56.76 -68.13
N GLN T 563 -34.71 55.68 -67.45
CA GLN T 563 -34.38 54.34 -67.93
C GLN T 563 -34.95 54.07 -69.32
N GLY T 564 -34.12 53.48 -70.18
CA GLY T 564 -34.50 53.15 -71.54
C GLY T 564 -34.78 54.34 -72.42
N ARG T 565 -34.32 55.53 -72.04
CA ARG T 565 -34.56 56.76 -72.78
C ARG T 565 -33.26 57.38 -73.30
N THR T 566 -33.41 58.52 -73.95
CA THR T 566 -32.29 59.27 -74.51
C THR T 566 -31.80 60.31 -73.51
N ILE T 567 -30.49 60.51 -73.47
CA ILE T 567 -29.91 61.48 -72.54
C ILE T 567 -30.35 62.90 -72.86
N ALA T 568 -30.82 63.15 -74.09
CA ALA T 568 -31.26 64.50 -74.44
C ALA T 568 -32.44 64.94 -73.58
N ASP T 569 -33.34 64.01 -73.25
CA ASP T 569 -34.50 64.33 -72.42
C ASP T 569 -34.16 64.44 -70.94
N ALA T 570 -32.90 64.24 -70.57
CA ALA T 570 -32.51 64.31 -69.15
C ALA T 570 -32.55 65.74 -68.61
N ILE T 571 -32.14 66.73 -69.40
CA ILE T 571 -32.14 68.12 -68.91
C ILE T 571 -33.57 68.59 -68.63
N ALA T 572 -34.52 68.24 -69.52
CA ALA T 572 -35.91 68.66 -69.30
C ALA T 572 -36.54 67.90 -68.15
N LEU T 573 -36.11 66.64 -67.94
CA LEU T 573 -36.65 65.87 -66.83
C LEU T 573 -36.22 66.48 -65.51
N LEU T 574 -34.91 66.76 -65.36
CA LEU T 574 -34.42 67.37 -64.12
C LEU T 574 -35.13 68.68 -63.82
N GLY T 575 -35.42 69.48 -64.84
CA GLY T 575 -36.11 70.74 -64.61
C GLY T 575 -37.53 70.54 -64.15
N SER T 576 -38.19 69.48 -64.62
CA SER T 576 -39.56 69.20 -64.26
C SER T 576 -39.70 68.66 -62.85
N LEU T 577 -38.58 68.43 -62.16
CA LEU T 577 -38.55 67.94 -60.78
C LEU T 577 -38.22 69.04 -59.79
N ASP T 578 -37.96 70.27 -60.25
CA ASP T 578 -37.65 71.44 -59.45
C ASP T 578 -36.78 71.09 -58.23
N PRO T 579 -35.56 70.59 -58.44
CA PRO T 579 -34.70 70.25 -57.32
C PRO T 579 -33.79 71.40 -56.91
N VAL T 580 -33.37 71.36 -55.64
CA VAL T 580 -32.47 72.35 -55.08
C VAL T 580 -31.42 71.61 -54.26
N VAL T 581 -30.16 71.92 -54.52
CA VAL T 581 -29.05 71.27 -53.81
C VAL T 581 -29.11 71.54 -52.31
N GLY T 582 -29.54 72.74 -51.92
CA GLY T 582 -29.60 73.05 -50.50
C GLY T 582 -30.61 72.23 -49.71
N GLU T 583 -31.74 71.87 -50.33
CA GLU T 583 -32.68 71.07 -49.57
C GLU T 583 -32.25 69.62 -49.47
N THR T 584 -31.15 69.24 -50.12
CA THR T 584 -30.63 67.89 -49.98
C THR T 584 -29.65 67.81 -48.81
N ASP T 585 -29.94 68.59 -47.77
CA ASP T 585 -29.23 68.71 -46.49
C ASP T 585 -27.71 68.71 -46.54
N MET U 1 -47.23 108.51 38.72
CA MET U 1 -47.53 109.93 38.80
C MET U 1 -49.00 110.17 39.11
N ARG U 2 -49.32 111.30 39.74
CA ARG U 2 -50.68 111.72 40.06
C ARG U 2 -51.16 112.79 39.08
N SER U 3 -50.27 113.27 38.22
CA SER U 3 -50.54 114.26 37.19
C SER U 3 -50.30 113.54 35.86
N TYR U 4 -51.41 113.13 35.19
CA TYR U 4 -51.37 112.40 33.93
C TYR U 4 -51.33 113.36 32.74
N PRO U 5 -50.82 112.89 31.60
CA PRO U 5 -50.76 113.73 30.40
C PRO U 5 -52.13 114.25 30.00
N ALA U 6 -52.12 115.24 29.13
CA ALA U 6 -53.36 115.84 28.66
C ALA U 6 -54.05 114.94 27.65
N ILE U 7 -55.37 114.79 27.80
CA ILE U 7 -56.14 113.97 26.86
C ILE U 7 -57.42 114.69 26.51
N PRO U 8 -57.89 114.49 25.28
CA PRO U 8 -59.11 115.17 24.84
C PRO U 8 -60.36 114.66 25.53
N ARG U 9 -61.38 115.52 25.53
CA ARG U 9 -62.67 115.19 26.15
C ARG U 9 -63.56 114.55 25.10
N ILE U 10 -63.47 113.23 24.99
CA ILE U 10 -64.29 112.48 24.05
C ILE U 10 -65.69 112.36 24.62
N TYR U 11 -66.68 112.80 23.85
CA TYR U 11 -68.05 112.72 24.33
C TYR U 11 -68.50 111.27 24.41
N ALA U 12 -69.16 110.92 25.50
CA ALA U 12 -69.62 109.57 25.71
C ALA U 12 -71.08 109.62 26.15
N GLU U 13 -71.90 108.76 25.56
CA GLU U 13 -73.31 108.68 25.85
C GLU U 13 -73.68 107.21 25.96
N THR U 14 -74.73 106.91 26.73
CA THR U 14 -75.11 105.51 26.90
C THR U 14 -76.61 105.39 27.11
N THR U 15 -77.17 104.27 26.62
CA THR U 15 -78.59 103.95 26.82
C THR U 15 -78.79 102.71 27.69
N LEU U 16 -77.71 102.01 28.04
CA LEU U 16 -77.73 100.83 28.89
C LEU U 16 -77.05 101.07 30.23
N ASN U 17 -76.12 102.04 30.30
CA ASN U 17 -75.42 102.37 31.53
C ASN U 17 -74.64 101.20 32.12
N MET U 18 -73.87 100.50 31.30
CA MET U 18 -73.09 99.39 31.83
C MET U 18 -71.59 99.66 31.71
N LEU U 19 -71.05 99.66 30.50
CA LEU U 19 -69.62 99.90 30.36
C LEU U 19 -69.30 101.37 30.59
N LEU U 20 -70.27 102.24 30.29
CA LEU U 20 -70.10 103.67 30.46
C LEU U 20 -70.73 104.19 31.74
N LYS U 21 -70.95 103.32 32.74
CA LYS U 21 -71.56 103.81 33.98
C LYS U 21 -70.72 104.94 34.56
N ARG U 22 -69.40 104.77 34.56
CA ARG U 22 -68.44 105.77 35.01
C ARG U 22 -67.71 106.40 33.84
N ALA U 23 -67.36 105.59 32.82
CA ALA U 23 -66.64 106.11 31.67
C ALA U 23 -67.42 107.21 30.94
N LYS U 24 -68.67 107.46 31.28
CA LYS U 24 -69.36 108.54 30.57
C LYS U 24 -68.87 109.91 31.05
N LYS U 25 -68.21 109.96 32.20
CA LYS U 25 -67.65 111.20 32.74
C LYS U 25 -66.15 111.22 32.44
N PRO U 26 -65.61 112.29 31.82
CA PRO U 26 -64.19 112.31 31.47
C PRO U 26 -63.19 112.48 32.60
N ARG U 27 -62.98 111.43 33.41
CA ARG U 27 -62.02 111.50 34.51
C ARG U 27 -61.71 110.09 34.97
N VAL U 28 -60.64 109.95 35.72
CA VAL U 28 -60.26 108.65 36.24
C VAL U 28 -61.08 108.36 37.49
N HIS U 29 -61.62 107.15 37.56
CA HIS U 29 -62.40 106.69 38.70
C HIS U 29 -61.50 105.66 39.37
N SER U 30 -60.88 106.06 40.49
CA SER U 30 -59.95 105.25 41.26
C SER U 30 -60.67 104.22 42.13
N ILE U 31 -59.86 103.31 42.70
CA ILE U 31 -60.36 102.17 43.46
C ILE U 31 -61.29 102.54 44.62
N ASP U 32 -61.03 103.63 45.33
CA ASP U 32 -61.93 103.96 46.44
C ASP U 32 -63.31 104.28 45.90
N GLU U 33 -63.37 104.99 44.78
CA GLU U 33 -64.64 105.31 44.15
C GLU U 33 -65.25 104.08 43.50
N TYR U 34 -64.42 103.26 42.86
CA TYR U 34 -64.90 102.04 42.22
C TYR U 34 -65.55 101.08 43.22
N LEU U 35 -64.91 100.88 44.37
CA LEU U 35 -65.48 100.00 45.39
C LEU U 35 -66.78 100.57 45.91
N LYS U 36 -66.85 101.89 46.06
CA LYS U 36 -68.05 102.57 46.55
C LYS U 36 -69.26 102.26 45.69
N ASP U 37 -69.03 102.12 44.38
CA ASP U 37 -70.06 101.82 43.39
C ASP U 37 -70.41 100.33 43.33
N GLY U 38 -69.82 99.52 44.19
CA GLY U 38 -70.06 98.09 44.20
C GLY U 38 -69.02 97.28 43.46
N GLY U 39 -67.89 97.89 43.09
CA GLY U 39 -66.85 97.22 42.34
C GLY U 39 -66.15 96.12 43.10
N TYR U 40 -65.47 95.28 42.33
CA TYR U 40 -64.69 94.14 42.79
C TYR U 40 -65.50 93.06 43.49
N GLN U 41 -66.83 93.25 43.60
CA GLN U 41 -67.63 92.22 44.22
C GLN U 41 -67.85 91.03 43.28
N ALA U 42 -67.92 91.26 41.97
CA ALA U 42 -68.03 90.15 41.03
C ALA U 42 -66.79 89.27 41.12
N LEU U 43 -65.65 89.88 41.42
CA LEU U 43 -64.42 89.10 41.57
C LEU U 43 -64.53 88.18 42.78
N GLU U 44 -65.01 88.72 43.91
CA GLU U 44 -65.17 87.90 45.09
C GLU U 44 -66.12 86.75 44.82
N LYS U 45 -67.20 87.02 44.08
CA LYS U 45 -68.15 85.99 43.70
C LYS U 45 -67.51 84.98 42.75
N ALA U 46 -66.76 85.47 41.75
CA ALA U 46 -66.11 84.57 40.80
C ALA U 46 -65.15 83.63 41.52
N LEU U 47 -64.44 84.14 42.53
CA LEU U 47 -63.48 83.33 43.26
C LEU U 47 -64.15 82.23 44.07
N ASN U 48 -65.47 82.33 44.28
CA ASN U 48 -66.24 81.32 45.01
C ASN U 48 -66.83 80.29 44.07
N MET U 49 -66.64 80.45 42.77
CA MET U 49 -67.07 79.54 41.73
C MET U 49 -65.83 78.83 41.21
N SER U 50 -66.02 77.70 40.57
CA SER U 50 -64.84 77.04 40.05
C SER U 50 -64.46 77.66 38.70
N PRO U 51 -63.20 77.53 38.27
CA PRO U 51 -62.80 78.11 36.98
C PRO U 51 -63.67 77.60 35.85
N GLU U 52 -64.05 76.32 35.95
CA GLU U 52 -64.91 75.69 34.97
C GLU U 52 -66.26 76.36 34.92
N GLU U 53 -66.79 76.71 36.09
CA GLU U 53 -68.10 77.36 36.16
C GLU U 53 -68.10 78.71 35.45
N ILE U 54 -67.05 79.51 35.69
CA ILE U 54 -66.96 80.83 35.06
C ILE U 54 -66.94 80.69 33.54
N ILE U 55 -66.16 79.73 33.03
CA ILE U 55 -66.14 79.53 31.59
C ILE U 55 -67.55 79.22 31.10
N ASP U 56 -68.27 78.41 31.84
CA ASP U 56 -69.61 78.04 31.45
C ASP U 56 -70.51 79.26 31.36
N TRP U 57 -70.46 80.15 32.36
CA TRP U 57 -71.32 81.34 32.32
C TRP U 57 -70.98 82.26 31.15
N VAL U 58 -69.69 82.47 30.89
CA VAL U 58 -69.32 83.35 29.78
C VAL U 58 -69.79 82.75 28.46
N ASP U 59 -69.71 81.43 28.34
CA ASP U 59 -70.17 80.76 27.12
C ASP U 59 -71.69 80.88 26.98
N LYS U 60 -72.45 80.59 28.04
CA LYS U 60 -73.90 80.68 27.95
C LYS U 60 -74.37 82.11 27.75
N SER U 61 -73.55 83.11 28.09
CA SER U 61 -73.91 84.51 27.90
C SER U 61 -73.92 84.94 26.44
N THR U 62 -73.39 84.12 25.53
CA THR U 62 -73.27 84.38 24.09
C THR U 62 -72.27 85.50 23.78
N LEU U 63 -71.45 85.88 24.75
CA LEU U 63 -70.47 86.95 24.56
C LEU U 63 -69.50 86.57 23.45
N ARG U 64 -69.38 87.47 22.47
CA ARG U 64 -68.51 87.35 21.32
C ARG U 64 -67.44 88.44 21.37
N GLY U 65 -66.29 88.15 20.75
CA GLY U 65 -65.17 89.07 20.72
C GLY U 65 -65.40 90.41 20.06
N ARG U 66 -65.11 91.48 20.80
CA ARG U 66 -65.27 92.84 20.31
C ARG U 66 -64.05 93.36 19.57
N GLY U 67 -63.03 92.52 19.37
CA GLY U 67 -61.83 92.94 18.69
C GLY U 67 -61.94 93.05 17.19
N GLY U 68 -63.05 92.59 16.62
CA GLY U 68 -63.28 92.64 15.19
C GLY U 68 -63.57 91.28 14.59
N ALA U 69 -63.10 90.20 15.23
CA ALA U 69 -63.31 88.85 14.72
C ALA U 69 -64.60 88.21 15.21
N GLY U 70 -65.27 88.76 16.22
CA GLY U 70 -66.50 88.21 16.76
C GLY U 70 -66.47 86.74 17.19
N PHE U 71 -65.33 86.25 17.68
CA PHE U 71 -65.31 84.85 18.08
C PHE U 71 -65.97 84.67 19.45
N PRO U 72 -66.69 83.55 19.69
CA PRO U 72 -67.35 83.34 21.00
C PRO U 72 -66.35 83.23 22.15
N THR U 73 -66.39 84.19 23.09
CA THR U 73 -65.42 84.21 24.20
C THR U 73 -65.37 82.90 24.97
N GLY U 74 -66.54 82.38 25.37
CA GLY U 74 -66.56 81.13 26.11
C GLY U 74 -65.91 79.97 25.38
N LYS U 75 -66.17 79.85 24.08
CA LYS U 75 -65.56 78.77 23.31
C LYS U 75 -64.06 78.98 23.17
N LYS U 76 -63.61 80.24 23.10
CA LYS U 76 -62.17 80.50 23.03
C LYS U 76 -61.48 80.08 24.32
N TRP U 77 -62.08 80.42 25.47
CA TRP U 77 -61.50 80.03 26.75
C TRP U 77 -61.49 78.51 26.89
N LYS U 78 -62.55 77.85 26.39
CA LYS U 78 -62.64 76.38 26.46
C LYS U 78 -61.48 75.74 25.73
N PHE U 79 -61.12 76.27 24.55
CA PHE U 79 -59.99 75.76 23.77
C PHE U 79 -58.67 75.91 24.52
N ALA U 80 -58.48 77.03 25.20
CA ALA U 80 -57.22 77.28 25.90
C ALA U 80 -57.03 76.35 27.10
N VAL U 81 -58.09 76.06 27.86
CA VAL U 81 -57.92 75.19 29.02
C VAL U 81 -57.84 73.72 28.64
N GLN U 82 -57.86 73.41 27.33
CA GLN U 82 -57.77 72.03 26.87
C GLN U 82 -56.37 71.46 27.05
N ASN U 83 -55.35 72.28 26.97
CA ASN U 83 -53.93 71.98 27.08
C ASN U 83 -53.41 72.32 28.46
N PRO U 84 -52.37 71.62 28.94
CA PRO U 84 -51.84 71.90 30.28
C PRO U 84 -51.14 73.24 30.37
N GLY U 85 -51.12 73.78 31.59
CA GLY U 85 -50.50 75.05 31.86
C GLY U 85 -49.00 74.98 31.96
N PRO U 86 -48.35 76.11 32.33
CA PRO U 86 -48.95 77.42 32.65
C PRO U 86 -49.69 78.04 31.45
N ARG U 87 -50.64 78.91 31.73
CA ARG U 87 -51.39 79.60 30.69
C ARG U 87 -51.28 81.09 30.94
N TYR U 88 -51.46 81.87 29.87
CA TYR U 88 -51.34 83.32 29.92
C TYR U 88 -52.62 83.98 29.39
N PHE U 89 -52.94 85.15 29.93
CA PHE U 89 -54.09 85.94 29.51
C PHE U 89 -53.59 87.30 29.07
N ILE U 90 -54.00 87.75 27.88
CA ILE U 90 -53.54 89.02 27.35
C ILE U 90 -54.72 89.89 26.99
N CYS U 91 -54.72 91.12 27.50
CA CYS U 91 -55.74 92.12 27.22
C CYS U 91 -55.19 92.96 26.08
N ASN U 92 -55.88 92.97 24.95
CA ASN U 92 -55.44 93.70 23.76
C ASN U 92 -55.95 95.13 23.79
N ALA U 93 -55.08 96.07 24.14
CA ALA U 93 -55.40 97.49 24.17
C ALA U 93 -54.63 98.25 23.08
N ASP U 94 -54.40 97.59 21.95
CA ASP U 94 -53.67 98.21 20.85
C ASP U 94 -54.52 99.28 20.16
N GLU U 95 -55.77 98.96 19.81
CA GLU U 95 -56.74 99.89 19.23
C GLU U 95 -56.12 100.96 18.33
N SER U 96 -55.64 100.59 17.14
CA SER U 96 -55.02 101.55 16.24
C SER U 96 -55.76 101.72 14.91
N GLU U 97 -56.98 101.20 14.80
CA GLU U 97 -57.73 101.35 13.55
C GLU U 97 -58.38 102.72 13.45
N PRO U 98 -58.39 103.33 12.27
CA PRO U 98 -59.00 104.66 12.10
C PRO U 98 -60.46 104.67 12.51
N GLY U 99 -60.83 105.70 13.28
CA GLY U 99 -62.19 105.88 13.75
C GLY U 99 -62.55 105.12 15.00
N THR U 100 -61.63 104.33 15.55
CA THR U 100 -61.85 103.50 16.73
C THR U 100 -61.19 104.10 17.96
N PHE U 101 -61.99 104.65 18.87
CA PHE U 101 -61.52 105.24 20.12
C PHE U 101 -62.31 104.72 21.31
N LYS U 102 -62.99 103.58 21.15
CA LYS U 102 -63.83 103.03 22.21
C LYS U 102 -63.03 102.43 23.38
N ASP U 103 -61.97 101.65 23.10
CA ASP U 103 -61.24 101.03 24.20
C ASP U 103 -60.58 102.05 25.14
N ARG U 104 -60.09 103.17 24.60
CA ARG U 104 -59.39 104.15 25.41
C ARG U 104 -60.26 104.82 26.48
N ILE U 105 -61.54 105.11 26.19
CA ILE U 105 -62.32 105.76 27.24
C ILE U 105 -62.53 104.81 28.42
N ILE U 106 -62.51 103.50 28.18
CA ILE U 106 -62.68 102.57 29.30
C ILE U 106 -61.41 102.58 30.15
N ILE U 107 -60.26 102.44 29.49
CA ILE U 107 -58.97 102.43 30.18
C ILE U 107 -58.74 103.73 30.95
N GLU U 108 -58.90 104.87 30.29
CA GLU U 108 -58.59 106.15 30.89
C GLU U 108 -59.61 106.62 31.91
N ARG U 109 -60.79 106.03 31.99
CA ARG U 109 -61.76 106.51 32.95
C ARG U 109 -62.17 105.48 33.98
N ASP U 110 -62.23 104.21 33.61
CA ASP U 110 -62.64 103.15 34.53
C ASP U 110 -61.65 102.00 34.46
N PRO U 111 -60.36 102.26 34.75
CA PRO U 111 -59.37 101.19 34.67
C PRO U 111 -59.68 100.00 35.55
N HIS U 112 -60.36 100.21 36.68
CA HIS U 112 -60.66 99.11 37.58
C HIS U 112 -61.71 98.16 37.02
N LEU U 113 -62.57 98.62 36.09
CA LEU U 113 -63.52 97.72 35.45
C LEU U 113 -62.79 96.72 34.58
N LEU U 114 -61.75 97.18 33.87
CA LEU U 114 -60.95 96.32 33.02
C LEU U 114 -60.10 95.37 33.85
N ILE U 115 -59.49 95.90 34.92
CA ILE U 115 -58.64 95.08 35.78
C ILE U 115 -59.44 93.93 36.39
N GLU U 116 -60.63 94.23 36.92
CA GLU U 116 -61.48 93.20 37.51
C GLU U 116 -61.80 92.08 36.50
N GLY U 117 -62.16 92.45 35.27
CA GLY U 117 -62.43 91.45 34.24
C GLY U 117 -61.20 90.64 33.88
N ILE U 118 -60.03 91.27 33.92
CA ILE U 118 -58.78 90.57 33.62
C ILE U 118 -58.53 89.50 34.67
N ILE U 119 -58.81 89.82 35.94
CA ILE U 119 -58.57 88.87 37.02
C ILE U 119 -59.54 87.69 36.91
N ILE U 120 -60.83 87.98 36.71
CA ILE U 120 -61.85 86.93 36.59
C ILE U 120 -61.50 86.03 35.41
N SER U 121 -61.19 86.63 34.27
CA SER U 121 -60.84 85.85 33.09
C SER U 121 -59.58 85.03 33.33
N SER U 122 -58.58 85.63 33.99
CA SER U 122 -57.35 84.90 34.24
C SER U 122 -57.60 83.69 35.14
N TYR U 123 -58.40 83.89 36.19
CA TYR U 123 -58.74 82.79 37.10
C TYR U 123 -59.49 81.69 36.35
N ALA U 124 -60.38 82.08 35.44
CA ALA U 124 -61.17 81.11 34.68
C ALA U 124 -60.29 80.18 33.87
N ILE U 125 -59.29 80.71 33.15
CA ILE U 125 -58.43 79.86 32.34
C ILE U 125 -57.19 79.41 33.10
N GLY U 126 -57.03 79.78 34.36
CA GLY U 126 -55.86 79.34 35.09
C GLY U 126 -54.58 80.07 34.76
N ALA U 127 -54.65 81.39 34.53
CA ALA U 127 -53.50 82.21 34.20
C ALA U 127 -53.00 82.97 35.42
N ASN U 128 -51.73 82.76 35.81
CA ASN U 128 -51.16 83.46 36.94
C ASN U 128 -50.38 84.69 36.54
N GLU U 129 -50.22 84.92 35.23
CA GLU U 129 -49.55 86.07 34.68
C GLU U 129 -50.44 86.61 33.57
N ALA U 130 -50.82 87.88 33.65
CA ALA U 130 -51.65 88.51 32.65
C ALA U 130 -50.94 89.77 32.17
N TYR U 131 -51.14 90.11 30.89
CA TYR U 131 -50.53 91.28 30.30
C TYR U 131 -51.56 92.20 29.66
N ILE U 132 -51.27 93.49 29.71
CA ILE U 132 -52.09 94.49 29.05
C ILE U 132 -51.13 95.10 28.05
N TYR U 133 -51.46 94.99 26.78
CA TYR U 133 -50.63 95.56 25.72
C TYR U 133 -51.40 96.76 25.19
N ILE U 134 -50.97 97.96 25.55
CA ILE U 134 -51.61 99.20 25.14
C ILE U 134 -50.69 99.93 24.17
N ARG U 135 -51.29 100.47 23.11
CA ARG U 135 -50.54 101.18 22.07
C ARG U 135 -49.65 102.28 22.65
N GLY U 136 -48.51 102.54 21.98
CA GLY U 136 -47.60 103.57 22.47
C GLY U 136 -48.15 104.98 22.46
N GLU U 137 -49.08 105.27 21.53
CA GLU U 137 -49.68 106.59 21.40
C GLU U 137 -50.73 106.91 22.46
N TYR U 138 -50.85 106.07 23.49
CA TYR U 138 -51.77 106.23 24.61
C TYR U 138 -50.97 106.35 25.91
N PRO U 139 -50.05 107.31 26.03
CA PRO U 139 -49.23 107.39 27.26
C PRO U 139 -50.07 107.60 28.50
N ALA U 140 -51.06 108.49 28.44
CA ALA U 140 -51.88 108.71 29.61
C ALA U 140 -52.52 107.41 30.05
N GLY U 141 -53.05 106.63 29.10
CA GLY U 141 -53.66 105.36 29.48
C GLY U 141 -52.70 104.41 30.17
N TYR U 142 -51.43 104.42 29.76
CA TYR U 142 -50.41 103.55 30.36
C TYR U 142 -50.21 103.86 31.83
N TYR U 143 -49.96 105.13 32.15
CA TYR U 143 -49.75 105.50 33.55
C TYR U 143 -50.99 105.22 34.39
N ILE U 144 -52.18 105.49 33.83
CA ILE U 144 -53.40 105.25 34.58
C ILE U 144 -53.53 103.78 34.97
N LEU U 145 -53.21 102.87 34.05
CA LEU U 145 -53.30 101.45 34.35
C LEU U 145 -52.29 101.04 35.42
N ARG U 146 -51.04 101.51 35.28
CA ARG U 146 -50.01 101.19 36.27
C ARG U 146 -50.44 101.60 37.67
N ASP U 147 -50.99 102.81 37.82
CA ASP U 147 -51.42 103.26 39.13
C ASP U 147 -52.60 102.45 39.65
N ALA U 148 -53.55 102.11 38.77
CA ALA U 148 -54.70 101.32 39.21
C ALA U 148 -54.29 99.91 39.62
N ILE U 149 -53.41 99.29 38.85
CA ILE U 149 -52.94 97.95 39.19
C ILE U 149 -52.24 97.99 40.54
N GLU U 150 -51.58 99.12 40.86
CA GLU U 150 -50.94 99.25 42.15
C GLU U 150 -51.99 99.38 43.27
N GLU U 151 -53.08 100.12 43.02
CA GLU U 151 -54.15 100.24 43.99
C GLU U 151 -54.81 98.89 44.26
N ALA U 152 -55.03 98.10 43.22
CA ALA U 152 -55.67 96.80 43.35
C ALA U 152 -54.80 95.85 44.17
N LYS U 153 -53.48 95.91 43.97
CA LYS U 153 -52.55 95.06 44.70
C LYS U 153 -52.57 95.41 46.19
N LYS U 154 -52.72 96.71 46.51
CA LYS U 154 -52.77 97.15 47.90
C LYS U 154 -54.02 96.66 48.60
N LYS U 155 -55.15 96.58 47.90
CA LYS U 155 -56.39 96.12 48.51
C LYS U 155 -56.52 94.60 48.54
N GLY U 156 -55.53 93.86 48.03
CA GLY U 156 -55.56 92.40 48.04
C GLY U 156 -56.21 91.71 46.85
N PHE U 157 -56.51 92.45 45.78
CA PHE U 157 -57.11 91.86 44.57
C PHE U 157 -56.07 91.33 43.61
N LEU U 158 -54.80 91.66 43.81
CA LEU U 158 -53.69 91.20 42.99
C LEU U 158 -52.59 90.73 43.92
N GLY U 159 -51.65 89.98 43.36
CA GLY U 159 -50.58 89.46 44.17
C GLY U 159 -50.83 88.00 44.42
N LYS U 160 -50.36 87.51 45.56
CA LYS U 160 -50.53 86.11 45.89
C LYS U 160 -51.72 85.88 46.83
N ASN U 161 -52.34 84.70 46.67
CA ASN U 161 -53.50 84.26 47.47
C ASN U 161 -54.56 85.36 47.52
N ILE U 162 -55.05 85.71 46.33
CA ILE U 162 -56.05 86.77 46.21
C ILE U 162 -57.28 86.42 47.02
N LEU U 163 -57.59 87.25 48.02
CA LEU U 163 -58.75 87.07 48.89
C LEU U 163 -58.82 85.68 49.52
N GLY U 164 -57.66 85.05 49.74
CA GLY U 164 -57.62 83.74 50.36
C GLY U 164 -58.11 82.57 49.54
N SER U 165 -58.18 82.71 48.22
CA SER U 165 -58.63 81.62 47.36
C SER U 165 -57.52 80.71 46.88
N GLY U 166 -56.26 81.03 47.16
CA GLY U 166 -55.14 80.26 46.69
C GLY U 166 -54.71 80.61 45.28
N PHE U 167 -55.43 81.52 44.60
CA PHE U 167 -55.15 81.95 43.24
C PHE U 167 -54.23 83.17 43.26
N ASP U 168 -53.13 83.10 42.50
CA ASP U 168 -52.14 84.15 42.39
C ASP U 168 -52.21 84.82 41.02
N LEU U 169 -52.09 86.13 40.97
CA LEU U 169 -52.10 86.80 39.67
C LEU U 169 -51.28 88.08 39.74
N GLU U 170 -50.58 88.37 38.64
CA GLU U 170 -49.78 89.58 38.46
C GLU U 170 -50.14 90.14 37.09
N ILE U 171 -50.39 91.44 37.00
CA ILE U 171 -50.72 92.07 35.72
C ILE U 171 -49.63 93.06 35.32
N TYR U 172 -48.96 92.76 34.23
CA TYR U 172 -47.92 93.60 33.69
C TYR U 172 -48.51 94.41 32.54
N VAL U 173 -48.07 95.66 32.43
CA VAL U 173 -48.54 96.55 31.36
C VAL U 173 -47.39 96.79 30.39
N ALA U 174 -47.59 96.42 29.14
CA ALA U 174 -46.62 96.61 28.08
C ALA U 174 -47.08 97.73 27.16
N ARG U 175 -46.12 98.50 26.66
CA ARG U 175 -46.39 99.61 25.75
C ARG U 175 -45.94 99.26 24.34
N GLY U 176 -46.76 99.65 23.38
CA GLY U 176 -46.42 99.49 21.99
C GLY U 176 -45.54 100.66 21.61
N ALA U 177 -45.18 100.72 20.33
CA ALA U 177 -44.32 101.83 19.92
C ALA U 177 -44.65 102.33 18.51
N GLY U 178 -45.88 102.15 18.07
CA GLY U 178 -46.32 102.61 16.76
C GLY U 178 -46.30 101.51 15.73
N ALA U 179 -47.41 100.78 15.64
CA ALA U 179 -47.61 99.70 14.69
C ALA U 179 -49.04 99.20 14.82
N TYR U 180 -49.83 99.33 13.75
CA TYR U 180 -51.21 98.84 13.83
C TYR U 180 -51.23 97.31 13.77
N ILE U 181 -50.26 96.71 13.10
CA ILE U 181 -50.21 95.26 12.99
C ILE U 181 -50.04 94.63 14.37
N CYS U 182 -49.47 95.37 15.33
CA CYS U 182 -49.30 94.79 16.66
C CYS U 182 -50.60 94.53 17.38
N GLY U 183 -51.74 94.95 16.81
CA GLY U 183 -53.01 94.61 17.42
C GLY U 183 -53.45 93.23 17.04
N GLU U 184 -52.80 92.66 16.01
CA GLU U 184 -53.07 91.31 15.55
C GLU U 184 -52.58 90.33 16.61
N GLU U 185 -53.44 89.37 16.98
CA GLU U 185 -53.17 88.36 18.02
C GLU U 185 -51.74 87.82 18.04
N THR U 186 -51.28 87.24 16.92
CA THR U 186 -49.93 86.67 16.90
C THR U 186 -48.84 87.74 16.88
N ALA U 187 -49.07 88.86 16.19
CA ALA U 187 -48.06 89.91 16.20
C ALA U 187 -47.91 90.49 17.61
N LEU U 188 -49.02 90.67 18.32
CA LEU U 188 -48.97 91.21 19.68
C LEU U 188 -48.08 90.34 20.58
N ILE U 189 -48.28 89.03 20.54
CA ILE U 189 -47.48 88.10 21.35
C ILE U 189 -45.99 88.23 20.98
N GLU U 190 -45.69 88.35 19.69
CA GLU U 190 -44.29 88.51 19.28
C GLU U 190 -43.69 89.77 19.88
N SER U 191 -44.43 90.88 19.83
CA SER U 191 -43.96 92.13 20.42
C SER U 191 -43.81 91.97 21.93
N LEU U 192 -44.73 91.25 22.56
CA LEU U 192 -44.69 91.01 23.99
C LEU U 192 -43.45 90.21 24.39
N GLU U 193 -42.89 89.44 23.47
CA GLU U 193 -41.67 88.65 23.72
C GLU U 193 -40.39 89.43 23.42
N GLY U 194 -40.51 90.72 23.09
CA GLY U 194 -39.39 91.59 22.76
C GLY U 194 -38.90 91.52 21.32
N LYS U 195 -39.78 91.19 20.37
CA LYS U 195 -39.43 91.06 18.95
C LYS U 195 -40.20 92.07 18.09
N ARG U 196 -39.87 92.05 16.80
CA ARG U 196 -40.62 92.87 15.85
C ARG U 196 -42.01 92.25 15.74
N GLY U 197 -43.01 93.10 15.45
CA GLY U 197 -44.39 92.65 15.33
C GLY U 197 -44.78 91.92 14.05
N HIS U 198 -44.17 90.78 13.81
CA HIS U 198 -44.59 90.09 12.60
C HIS U 198 -45.57 89.02 12.97
N PRO U 199 -46.72 88.96 12.32
CA PRO U 199 -47.69 87.92 12.65
C PRO U 199 -47.09 86.55 12.34
N ARG U 200 -47.50 85.57 13.12
CA ARG U 200 -47.08 84.18 13.01
C ARG U 200 -48.01 83.41 12.09
N LEU U 201 -47.47 82.32 11.54
CA LEU U 201 -48.27 81.44 10.72
C LEU U 201 -49.16 80.64 11.65
N LYS U 202 -50.43 80.51 11.28
CA LYS U 202 -51.34 79.71 12.10
C LYS U 202 -52.09 78.76 11.17
N PRO U 203 -52.40 77.53 11.64
CA PRO U 203 -52.13 76.93 12.96
C PRO U 203 -50.64 76.75 13.26
N PRO U 204 -50.25 76.58 14.55
CA PRO U 204 -51.13 76.54 15.72
C PRO U 204 -51.61 77.93 16.13
N TYR U 205 -52.72 77.98 16.80
CA TYR U 205 -53.28 79.26 17.23
C TYR U 205 -52.75 79.62 18.60
N PRO U 206 -52.78 80.90 18.96
CA PRO U 206 -52.28 81.27 20.30
C PRO U 206 -52.97 80.52 21.44
N VAL U 207 -54.20 80.04 21.26
CA VAL U 207 -54.85 79.31 22.35
C VAL U 207 -54.16 78.00 22.65
N GLN U 208 -53.42 77.44 21.69
CA GLN U 208 -52.67 76.21 21.91
C GLN U 208 -51.20 76.52 22.17
N LYS U 209 -50.60 77.34 21.32
CA LYS U 209 -49.20 77.76 21.43
C LYS U 209 -49.17 79.27 21.21
N GLY U 210 -49.03 80.02 22.31
CA GLY U 210 -49.00 81.47 22.26
C GLY U 210 -47.71 82.05 22.82
N LEU U 211 -47.82 82.87 23.87
CA LEU U 211 -46.66 83.49 24.52
C LEU U 211 -45.72 82.42 25.05
N TRP U 212 -44.45 82.45 24.63
CA TRP U 212 -43.45 81.47 25.03
C TRP U 212 -43.95 80.07 24.73
N GLY U 213 -44.79 79.96 23.68
CA GLY U 213 -45.35 78.71 23.22
C GLY U 213 -46.34 78.03 24.15
N LYS U 214 -46.83 78.71 25.19
CA LYS U 214 -47.77 78.22 26.19
C LYS U 214 -49.19 78.69 25.81
N PRO U 215 -50.25 78.02 26.28
CA PRO U 215 -51.62 78.46 25.94
C PRO U 215 -51.88 79.91 26.34
N THR U 216 -52.27 80.70 25.36
CA THR U 216 -52.53 82.12 25.57
C THR U 216 -53.90 82.52 25.05
N VAL U 217 -54.60 83.33 25.84
CA VAL U 217 -55.89 83.88 25.49
C VAL U 217 -55.70 85.38 25.34
N VAL U 218 -56.12 85.92 24.19
CA VAL U 218 -56.05 87.35 23.91
C VAL U 218 -57.46 87.85 23.74
N ASN U 219 -57.82 88.89 24.47
CA ASN U 219 -59.15 89.46 24.38
C ASN U 219 -59.06 90.97 24.33
N ASN U 220 -59.98 91.55 23.60
CA ASN U 220 -60.05 92.99 23.45
C ASN U 220 -60.52 93.63 24.76
N VAL U 221 -60.15 94.90 24.94
CA VAL U 221 -60.53 95.64 26.14
C VAL U 221 -62.03 95.57 26.37
N GLU U 222 -62.81 95.86 25.31
CA GLU U 222 -64.27 95.85 25.45
C GLU U 222 -64.81 94.48 25.85
N THR U 223 -64.24 93.41 25.30
CA THR U 223 -64.70 92.07 25.67
C THR U 223 -64.54 91.83 27.17
N ILE U 224 -63.34 92.06 27.69
CA ILE U 224 -63.03 91.84 29.10
C ILE U 224 -63.93 92.67 30.00
N ALA U 225 -64.21 93.92 29.62
CA ALA U 225 -65.07 94.76 30.43
C ALA U 225 -66.47 94.17 30.57
N ASN U 226 -66.85 93.23 29.69
CA ASN U 226 -68.15 92.59 29.80
C ASN U 226 -68.17 91.47 30.85
N VAL U 227 -67.02 90.83 31.10
CA VAL U 227 -66.97 89.72 32.05
C VAL U 227 -67.48 90.09 33.44
N PRO U 228 -67.04 91.20 34.07
CA PRO U 228 -67.57 91.49 35.41
C PRO U 228 -69.09 91.58 35.45
N PHE U 229 -69.72 92.02 34.36
CA PHE U 229 -71.18 92.11 34.32
C PHE U 229 -71.82 90.74 34.15
N ILE U 230 -71.16 89.81 33.44
CA ILE U 230 -71.72 88.47 33.27
C ILE U 230 -71.74 87.74 34.61
N ILE U 231 -70.68 87.89 35.41
CA ILE U 231 -70.63 87.25 36.72
C ILE U 231 -71.61 87.92 37.67
N SER U 232 -71.60 89.24 37.70
CA SER U 232 -72.48 90.01 38.57
C SER U 232 -73.97 89.74 38.29
N MET U 233 -74.39 89.89 37.03
CA MET U 233 -75.79 89.69 36.65
C MET U 233 -76.21 88.23 36.45
N GLY U 234 -75.30 87.37 36.06
CA GLY U 234 -75.60 85.99 35.73
C GLY U 234 -75.80 85.89 34.23
N TRP U 235 -75.44 84.76 33.65
CA TRP U 235 -75.57 84.65 32.20
C TRP U 235 -77.01 84.81 31.76
N GLU U 236 -77.96 84.32 32.56
CA GLU U 236 -79.37 84.42 32.19
C GLU U 236 -79.80 85.86 32.04
N GLU U 237 -79.50 86.70 33.04
CA GLU U 237 -79.92 88.11 33.00
C GLU U 237 -79.26 88.88 31.86
N TYR U 238 -77.98 88.60 31.58
CA TYR U 238 -77.25 89.30 30.53
C TYR U 238 -77.89 89.08 29.16
N ARG U 239 -78.34 87.86 28.85
CA ARG U 239 -78.98 87.56 27.56
C ARG U 239 -80.25 88.37 27.32
N TYR U 240 -80.84 88.99 28.34
CA TYR U 240 -82.04 89.78 28.10
C TYR U 240 -81.74 91.19 27.57
N ILE U 241 -80.47 91.57 27.56
CA ILE U 241 -80.01 92.89 27.08
C ILE U 241 -79.99 92.87 25.56
N GLY U 242 -80.92 93.58 24.93
CA GLY U 242 -80.94 93.64 23.50
C GLY U 242 -81.61 92.44 22.84
N PRO U 243 -81.29 92.24 21.56
CA PRO U 243 -81.87 91.11 20.82
C PRO U 243 -81.42 89.77 21.39
N SER U 244 -82.37 88.83 21.46
CA SER U 244 -82.12 87.49 22.00
C SER U 244 -80.84 86.87 21.46
N ASP U 245 -80.55 87.06 20.18
CA ASP U 245 -79.37 86.46 19.59
C ASP U 245 -78.08 87.20 19.98
N TYR U 246 -77.97 88.47 19.58
CA TYR U 246 -76.77 89.27 19.85
C TYR U 246 -77.04 90.16 21.06
N ALA U 247 -76.95 89.53 22.21
CA ALA U 247 -77.22 90.18 23.48
C ALA U 247 -75.98 90.89 24.00
N GLY U 248 -76.23 91.80 24.94
CA GLY U 248 -75.18 92.55 25.59
C GLY U 248 -75.00 93.96 25.06
N PRO U 249 -74.19 94.74 25.77
CA PRO U 249 -73.93 96.11 25.35
C PRO U 249 -72.80 96.15 24.32
N LYS U 250 -72.79 97.22 23.55
CA LYS U 250 -71.77 97.41 22.54
C LYS U 250 -71.40 98.87 22.49
N LEU U 251 -70.12 99.13 22.33
CA LEU U 251 -69.62 100.48 22.23
C LEU U 251 -69.46 100.82 20.75
N PHE U 252 -69.90 102.02 20.37
CA PHE U 252 -69.83 102.47 18.98
C PHE U 252 -69.09 103.79 18.87
N PRO U 253 -67.82 103.80 18.40
CA PRO U 253 -67.09 105.06 18.24
C PRO U 253 -67.52 105.73 16.94
N VAL U 254 -68.25 106.85 17.07
CA VAL U 254 -68.77 107.60 15.93
C VAL U 254 -67.95 108.85 15.70
N SER U 255 -67.46 109.01 14.48
CA SER U 255 -66.62 110.13 14.09
C SER U 255 -67.05 110.63 12.72
N GLY U 256 -66.48 111.78 12.32
CA GLY U 256 -66.83 112.32 11.02
C GLY U 256 -67.79 113.48 11.01
N LYS U 257 -68.63 113.52 9.98
CA LYS U 257 -69.56 114.61 9.80
C LYS U 257 -70.87 114.49 10.59
N VAL U 258 -70.77 114.26 11.89
CA VAL U 258 -71.95 114.18 12.75
C VAL U 258 -71.86 115.32 13.73
N LYS U 259 -73.02 115.68 14.30
CA LYS U 259 -73.08 116.78 15.26
C LYS U 259 -72.46 116.42 16.61
N LYS U 260 -72.66 115.19 17.08
CA LYS U 260 -72.15 114.73 18.37
C LYS U 260 -71.18 113.56 18.20
N PRO U 261 -69.93 113.83 17.83
CA PRO U 261 -68.97 112.72 17.68
C PRO U 261 -68.50 112.23 19.05
N GLY U 262 -68.47 110.91 19.21
CA GLY U 262 -68.05 110.33 20.47
C GLY U 262 -68.33 108.84 20.53
N VAL U 263 -68.32 108.30 21.74
CA VAL U 263 -68.57 106.88 21.98
C VAL U 263 -70.01 106.73 22.48
N TYR U 264 -70.74 105.79 21.91
CA TYR U 264 -72.13 105.53 22.28
C TYR U 264 -72.27 104.06 22.66
N GLU U 265 -72.90 103.82 23.81
CA GLU U 265 -73.14 102.46 24.30
C GLU U 265 -74.60 102.13 23.95
N LEU U 266 -74.78 101.23 22.99
CA LEU U 266 -76.12 100.88 22.55
C LEU U 266 -76.29 99.37 22.41
N PRO U 267 -77.54 98.90 22.41
CA PRO U 267 -77.78 97.46 22.22
C PRO U 267 -77.59 97.12 20.76
N MET U 268 -77.25 95.87 20.49
CA MET U 268 -76.96 95.57 19.08
C MET U 268 -78.18 95.53 18.16
N ASN U 269 -79.40 95.83 18.63
CA ASN U 269 -80.52 95.86 17.70
C ASN U 269 -80.66 97.24 17.04
N THR U 270 -79.85 98.21 17.48
CA THR U 270 -79.85 99.54 16.90
C THR U 270 -79.42 99.48 15.44
N THR U 271 -79.97 100.38 14.62
CA THR U 271 -79.61 100.43 13.20
C THR U 271 -78.62 101.57 12.93
N LEU U 272 -77.83 101.39 11.87
CA LEU U 272 -76.85 102.40 11.50
C LEU U 272 -77.48 103.77 11.36
N ARG U 273 -78.73 103.83 10.88
CA ARG U 273 -79.40 105.12 10.73
C ARG U 273 -79.70 105.73 12.09
N GLU U 274 -80.07 104.90 13.07
CA GLU U 274 -80.36 105.42 14.41
C GLU U 274 -79.09 105.94 15.06
N VAL U 275 -77.96 105.24 14.87
CA VAL U 275 -76.69 105.68 15.44
C VAL U 275 -76.36 107.09 14.97
N ILE U 276 -76.52 107.34 13.68
CA ILE U 276 -76.17 108.61 13.08
C ILE U 276 -77.16 109.72 13.41
N PHE U 277 -78.44 109.48 13.17
CA PHE U 277 -79.45 110.53 13.33
C PHE U 277 -80.14 110.60 14.70
N LYS U 278 -80.35 109.49 15.39
CA LYS U 278 -81.01 109.53 16.69
C LYS U 278 -80.06 109.83 17.84
N TYR U 279 -78.89 109.18 17.89
CA TYR U 279 -77.95 109.37 18.99
C TYR U 279 -76.85 110.38 18.71
N ALA U 280 -76.23 110.33 17.53
CA ALA U 280 -75.16 111.28 17.23
C ALA U 280 -75.69 112.65 16.79
N GLY U 281 -77.01 112.84 16.76
CA GLY U 281 -77.60 114.11 16.41
C GLY U 281 -77.63 114.47 14.95
N GLY U 282 -77.55 113.51 14.03
CA GLY U 282 -77.56 113.84 12.62
C GLY U 282 -76.22 114.30 12.10
N THR U 283 -76.24 114.79 10.85
CA THR U 283 -75.05 115.25 10.14
C THR U 283 -74.79 116.74 10.30
N LEU U 284 -73.54 117.13 10.03
CA LEU U 284 -73.13 118.53 10.11
C LEU U 284 -73.76 119.30 8.96
N GLY U 285 -74.36 120.45 9.29
CA GLY U 285 -75.03 121.24 8.26
C GLY U 285 -76.22 120.56 7.65
N ASN U 286 -76.71 119.48 8.26
CA ASN U 286 -77.87 118.70 7.80
C ASN U 286 -77.69 118.26 6.35
N LYS U 287 -76.45 117.92 6.01
CA LYS U 287 -76.09 117.45 4.68
C LYS U 287 -76.42 115.97 4.55
N LYS U 288 -76.73 115.55 3.32
CA LYS U 288 -77.10 114.15 3.08
C LYS U 288 -75.91 113.22 3.33
N VAL U 289 -76.22 112.05 3.89
CA VAL U 289 -75.16 111.07 4.16
C VAL U 289 -74.80 110.39 2.86
N LYS U 290 -73.50 110.36 2.55
CA LYS U 290 -73.05 109.70 1.33
C LYS U 290 -72.56 108.28 1.59
N ALA U 291 -71.70 108.11 2.59
CA ALA U 291 -71.17 106.79 2.92
C ALA U 291 -70.70 106.75 4.36
N VAL U 292 -70.52 105.52 4.83
CA VAL U 292 -70.05 105.24 6.18
C VAL U 292 -68.91 104.25 6.05
N PHE U 293 -67.80 104.54 6.72
CA PHE U 293 -66.63 103.65 6.70
C PHE U 293 -66.57 102.91 8.03
N SER U 294 -66.69 101.58 7.99
CA SER U 294 -66.57 100.78 9.21
C SER U 294 -65.06 100.75 9.44
N GLY U 295 -64.55 101.87 9.94
CA GLY U 295 -63.12 102.01 10.15
C GLY U 295 -62.48 101.98 8.78
N ALA U 296 -61.49 101.13 8.63
CA ALA U 296 -60.80 100.94 7.36
C ALA U 296 -61.12 99.56 6.80
N LEU U 297 -62.24 98.98 7.24
CA LEU U 297 -62.65 97.63 6.86
C LEU U 297 -63.78 97.56 5.83
N ASP U 298 -64.91 98.22 6.09
CA ASP U 298 -66.06 98.21 5.22
C ASP U 298 -66.46 99.62 4.84
N CYS U 299 -67.25 99.71 3.77
CA CYS U 299 -67.80 100.95 3.28
C CYS U 299 -69.25 100.68 2.97
N PHE U 300 -70.14 101.39 3.65
CA PHE U 300 -71.58 101.26 3.47
C PHE U 300 -72.06 102.52 2.78
N SER U 301 -72.99 102.38 1.85
CA SER U 301 -73.51 103.54 1.17
C SER U 301 -74.80 103.97 1.88
N SER U 302 -75.30 105.14 1.48
CA SER U 302 -76.53 105.67 2.07
C SER U 302 -77.72 104.73 1.90
N GLU U 303 -77.67 103.80 0.94
CA GLU U 303 -78.78 102.86 0.74
C GLU U 303 -78.74 101.67 1.69
N GLU U 304 -77.75 101.61 2.58
CA GLU U 304 -77.61 100.51 3.53
C GLU U 304 -77.63 101.02 4.96
N LEU U 305 -78.22 102.20 5.20
CA LEU U 305 -78.27 102.78 6.53
C LEU U 305 -79.24 102.08 7.48
N ASP U 306 -80.13 101.24 6.95
CA ASP U 306 -81.11 100.55 7.77
C ASP U 306 -80.67 99.15 8.17
N ILE U 307 -79.38 98.94 8.42
CA ILE U 307 -78.91 97.61 8.81
C ILE U 307 -78.64 97.58 10.31
N PRO U 308 -78.78 96.43 10.98
CA PRO U 308 -78.55 96.38 12.41
C PRO U 308 -77.07 96.41 12.77
N MET U 309 -76.79 96.96 13.93
CA MET U 309 -75.41 97.04 14.40
C MET U 309 -75.03 95.78 15.14
N ASP U 310 -75.21 94.62 14.51
CA ASP U 310 -74.91 93.35 15.13
C ASP U 310 -73.83 92.59 14.36
N TYR U 311 -73.65 91.34 14.78
CA TYR U 311 -72.68 90.41 14.23
C TYR U 311 -73.33 89.43 13.25
N SER U 312 -74.50 89.76 12.73
CA SER U 312 -75.18 88.90 11.78
C SER U 312 -74.56 89.05 10.40
N PRO U 313 -74.86 88.14 9.46
CA PRO U 313 -74.29 88.25 8.12
C PRO U 313 -74.59 89.57 7.42
N LEU U 314 -75.85 89.95 7.38
CA LEU U 314 -76.30 91.19 6.75
C LEU U 314 -76.16 92.41 7.67
N GLY U 315 -75.43 92.29 8.78
CA GLY U 315 -75.26 93.38 9.71
C GLY U 315 -73.95 94.14 9.53
N PHE U 316 -73.87 95.27 10.26
CA PHE U 316 -72.69 96.14 10.22
C PHE U 316 -71.40 95.36 10.51
N GLY U 317 -71.36 94.65 11.64
CA GLY U 317 -70.17 93.88 11.98
C GLY U 317 -69.04 94.77 12.43
N GLY U 318 -67.81 94.42 11.99
CA GLY U 318 -66.60 95.17 12.33
C GLY U 318 -66.45 95.29 13.82
N THR U 319 -65.98 96.45 14.27
CA THR U 319 -65.84 96.76 15.70
C THR U 319 -66.82 97.85 16.12
N GLY U 320 -67.78 98.19 15.27
CA GLY U 320 -68.71 99.24 15.58
C GLY U 320 -68.21 100.62 15.27
N THR U 321 -67.17 100.75 14.45
CA THR U 321 -66.63 102.04 14.06
C THR U 321 -67.50 102.66 12.97
N VAL U 322 -67.92 103.91 13.20
CA VAL U 322 -68.79 104.63 12.29
C VAL U 322 -68.17 105.97 11.93
N ILE U 323 -67.68 106.10 10.70
CA ILE U 323 -67.12 107.34 10.18
C ILE U 323 -68.12 107.84 9.15
N VAL U 324 -68.75 108.96 9.40
CA VAL U 324 -69.76 109.48 8.51
C VAL U 324 -69.13 110.43 7.49
N LEU U 325 -69.50 110.23 6.21
CA LEU U 325 -69.06 111.05 5.07
C LEU U 325 -70.31 111.66 4.44
N THR U 326 -70.30 112.97 4.22
CA THR U 326 -71.47 113.63 3.65
C THR U 326 -71.29 113.87 2.14
N GLU U 327 -72.27 114.58 1.55
CA GLU U 327 -72.29 114.83 0.11
C GLU U 327 -71.08 115.59 -0.40
N GLU U 328 -70.43 116.42 0.43
CA GLU U 328 -69.28 117.19 -0.05
C GLU U 328 -67.96 116.43 0.08
N ASP U 329 -67.97 115.17 0.49
CA ASP U 329 -66.76 114.39 0.64
C ASP U 329 -66.48 113.55 -0.61
N ASP U 330 -65.21 113.51 -1.01
CA ASP U 330 -64.77 112.78 -2.20
C ASP U 330 -64.47 111.32 -1.85
N ILE U 331 -65.20 110.40 -2.47
CA ILE U 331 -64.98 108.97 -2.21
C ILE U 331 -63.55 108.58 -2.57
N VAL U 332 -63.09 109.02 -3.73
CA VAL U 332 -61.73 108.68 -4.16
C VAL U 332 -60.70 109.22 -3.17
N GLU U 333 -60.88 110.46 -2.70
CA GLU U 333 -59.95 111.02 -1.72
C GLU U 333 -59.98 110.22 -0.42
N ALA U 334 -61.18 109.84 0.04
CA ALA U 334 -61.27 109.04 1.25
C ALA U 334 -60.61 107.68 1.02
N ALA U 335 -60.88 107.06 -0.14
CA ALA U 335 -60.28 105.77 -0.47
C ALA U 335 -58.76 105.87 -0.47
N LEU U 336 -58.21 106.99 -0.96
CA LEU U 336 -56.77 107.17 -0.96
C LEU U 336 -56.22 107.16 0.46
N LYS U 337 -56.90 107.86 1.39
CA LYS U 337 -56.49 107.88 2.78
C LYS U 337 -56.46 106.48 3.36
N ILE U 338 -57.41 105.63 2.93
CA ILE U 338 -57.41 104.25 3.38
C ILE U 338 -56.20 103.51 2.79
N ALA U 339 -55.95 103.73 1.49
CA ALA U 339 -54.81 103.09 0.85
C ALA U 339 -53.50 103.49 1.52
N GLU U 340 -53.39 104.78 1.88
CA GLU U 340 -52.18 105.26 2.56
C GLU U 340 -52.02 104.58 3.92
N PHE U 341 -53.13 104.34 4.62
CA PHE U 341 -53.08 103.71 5.94
C PHE U 341 -52.53 102.28 5.86
N TYR U 342 -53.06 101.48 4.93
CA TYR U 342 -52.56 100.11 4.84
C TYR U 342 -51.11 100.09 4.37
N GLU U 343 -50.74 101.00 3.48
CA GLU U 343 -49.35 101.06 3.03
C GLU U 343 -48.44 101.35 4.21
N HIS U 344 -48.90 102.20 5.13
CA HIS U 344 -48.13 102.57 6.31
C HIS U 344 -48.15 101.51 7.41
N GLU U 345 -49.06 100.53 7.34
CA GLU U 345 -49.13 99.56 8.41
C GLU U 345 -48.70 98.15 8.04
N THR U 346 -48.56 97.82 6.74
CA THR U 346 -48.14 96.48 6.37
C THR U 346 -46.82 96.19 7.04
N CYS U 347 -46.74 95.08 7.76
CA CYS U 347 -45.53 94.78 8.48
C CYS U 347 -44.40 94.40 7.54
N GLY U 348 -44.72 94.00 6.31
CA GLY U 348 -43.70 93.68 5.33
C GLY U 348 -43.18 92.26 5.35
N GLN U 349 -43.75 91.38 6.15
CA GLN U 349 -43.25 90.02 6.21
C GLN U 349 -43.55 89.25 4.93
N CYS U 350 -44.78 89.35 4.40
CA CYS U 350 -45.12 88.60 3.21
C CYS U 350 -45.36 89.51 2.00
N THR U 351 -44.97 89.00 0.84
CA THR U 351 -45.00 89.63 -0.46
C THR U 351 -46.33 90.21 -0.92
N PRO U 352 -47.43 89.43 -0.98
CA PRO U 352 -48.68 90.00 -1.53
C PRO U 352 -49.11 91.29 -0.88
N CYS U 353 -48.84 91.44 0.41
CA CYS U 353 -49.21 92.63 1.16
C CYS U 353 -48.08 93.67 1.17
N ARG U 354 -46.85 93.22 1.39
CA ARG U 354 -45.71 94.14 1.40
C ARG U 354 -45.70 95.00 0.15
N VAL U 355 -45.90 94.39 -1.01
CA VAL U 355 -45.89 95.15 -2.26
C VAL U 355 -47.28 95.66 -2.65
N GLY U 356 -48.31 94.85 -2.47
CA GLY U 356 -49.67 95.26 -2.83
C GLY U 356 -50.14 96.54 -2.16
N CYS U 357 -49.97 96.63 -0.82
CA CYS U 357 -50.43 97.82 -0.11
C CYS U 357 -49.71 99.06 -0.60
N TYR U 358 -48.43 98.93 -0.92
CA TYR U 358 -47.63 100.05 -1.40
C TYR U 358 -48.07 100.48 -2.80
N GLU U 359 -48.19 99.52 -3.72
CA GLU U 359 -48.58 99.87 -5.08
C GLU U 359 -50.02 100.31 -5.17
N GLN U 360 -50.87 99.80 -4.28
CA GLN U 360 -52.26 100.23 -4.27
C GLN U 360 -52.34 101.71 -3.94
N ALA U 361 -51.57 102.14 -2.94
CA ALA U 361 -51.55 103.55 -2.54
C ALA U 361 -50.90 104.41 -3.61
N ASN U 362 -49.81 103.93 -4.20
CA ASN U 362 -49.09 104.69 -5.22
C ASN U 362 -49.93 104.86 -6.49
N LEU U 363 -50.60 103.79 -6.93
CA LEU U 363 -51.45 103.88 -8.12
C LEU U 363 -52.65 104.77 -7.84
N LEU U 364 -53.27 104.59 -6.67
CA LEU U 364 -54.41 105.42 -6.30
C LEU U 364 -54.03 106.88 -6.17
N GLU U 365 -52.80 107.17 -5.71
CA GLU U 365 -52.39 108.57 -5.60
C GLU U 365 -52.28 109.21 -6.97
N LYS U 366 -51.85 108.44 -7.98
CA LYS U 366 -51.78 108.99 -9.33
C LYS U 366 -53.19 109.23 -9.89
N ILE U 367 -54.14 108.32 -9.58
CA ILE U 367 -55.52 108.47 -10.05
C ILE U 367 -56.15 109.74 -9.48
N TYR U 368 -55.97 109.96 -8.18
CA TYR U 368 -56.51 111.15 -7.55
C TYR U 368 -55.94 112.44 -8.17
N LYS U 369 -54.64 112.42 -8.51
CA LYS U 369 -53.96 113.56 -9.12
C LYS U 369 -54.30 113.75 -10.60
N GLY U 370 -55.03 112.82 -11.22
CA GLY U 370 -55.40 112.93 -12.62
C GLY U 370 -54.33 112.49 -13.59
N GLU U 371 -53.17 112.07 -13.11
CA GLU U 371 -52.05 111.62 -13.93
C GLU U 371 -52.07 110.13 -14.20
N ALA U 372 -53.23 109.49 -14.10
CA ALA U 372 -53.36 108.07 -14.30
C ALA U 372 -53.62 107.74 -15.77
N THR U 373 -52.90 106.74 -16.26
CA THR U 373 -53.08 106.28 -17.63
C THR U 373 -54.03 105.10 -17.60
N GLU U 374 -54.42 104.63 -18.77
CA GLU U 374 -55.30 103.47 -18.83
C GLU U 374 -54.63 102.25 -18.23
N GLN U 375 -53.30 102.12 -18.41
CA GLN U 375 -52.60 100.99 -17.82
C GLN U 375 -52.56 101.14 -16.30
N ASP U 376 -52.49 102.40 -15.81
CA ASP U 376 -52.51 102.64 -14.38
C ASP U 376 -53.76 102.05 -13.74
N TRP U 377 -54.92 102.24 -14.41
CA TRP U 377 -56.19 101.71 -13.92
C TRP U 377 -56.19 100.19 -13.91
N GLU U 378 -55.80 99.58 -15.03
CA GLU U 378 -55.75 98.13 -15.11
C GLU U 378 -54.84 97.56 -14.02
N GLY U 379 -53.74 98.25 -13.73
CA GLY U 379 -52.83 97.80 -12.70
C GLY U 379 -53.39 97.97 -11.30
N PHE U 380 -54.04 99.12 -11.06
CA PHE U 380 -54.66 99.37 -9.75
C PHE U 380 -55.67 98.27 -9.44
N ASP U 381 -56.47 97.88 -10.43
CA ASP U 381 -57.43 96.81 -10.25
C ASP U 381 -56.72 95.49 -9.91
N PHE U 382 -55.70 95.15 -10.69
CA PHE U 382 -54.95 93.92 -10.48
C PHE U 382 -54.40 93.81 -9.06
N VAL U 383 -53.76 94.88 -8.57
CA VAL U 383 -53.20 94.87 -7.22
C VAL U 383 -54.30 94.79 -6.17
N ASN U 384 -55.26 95.71 -6.23
CA ASN U 384 -56.32 95.77 -5.24
C ASN U 384 -57.02 94.43 -5.03
N ARG U 385 -57.29 93.69 -6.10
CA ARG U 385 -58.01 92.44 -5.96
C ARG U 385 -57.15 91.23 -5.65
N ASN U 386 -55.82 91.37 -5.61
CA ASN U 386 -54.95 90.22 -5.39
C ASN U 386 -54.10 90.27 -4.13
N ILE U 387 -54.31 91.24 -3.25
CA ILE U 387 -53.54 91.32 -2.02
C ILE U 387 -53.97 90.22 -1.05
N GLN U 388 -55.28 89.97 -0.98
CA GLN U 388 -55.81 89.03 0.00
C GLN U 388 -55.52 87.56 -0.22
N PRO U 389 -55.72 86.97 -1.44
CA PRO U 389 -55.54 85.52 -1.58
C PRO U 389 -54.34 84.87 -0.87
N THR U 390 -53.12 85.39 -0.96
CA THR U 390 -52.00 84.76 -0.28
C THR U 390 -51.51 85.49 0.96
N SER U 391 -52.16 86.57 1.38
CA SER U 391 -51.72 87.27 2.58
C SER U 391 -51.68 86.33 3.77
N ILE U 392 -50.76 86.59 4.71
CA ILE U 392 -50.62 85.73 5.88
C ILE U 392 -51.66 86.07 6.95
N CYS U 393 -51.84 87.34 7.24
CA CYS U 393 -52.71 87.77 8.32
C CYS U 393 -53.89 88.59 7.80
N GLY U 394 -54.78 88.92 8.75
CA GLY U 394 -55.98 89.67 8.44
C GLY U 394 -55.74 91.02 7.79
N LEU U 395 -54.60 91.65 8.07
CA LEU U 395 -54.32 92.96 7.47
C LEU U 395 -54.32 92.85 5.94
N GLY U 396 -53.45 92.02 5.40
CA GLY U 396 -53.43 91.87 3.95
C GLY U 396 -54.74 91.34 3.41
N ALA U 397 -55.44 90.52 4.20
CA ALA U 397 -56.70 89.95 3.78
C ALA U 397 -57.76 91.02 3.53
N VAL U 398 -57.64 92.19 4.17
CA VAL U 398 -58.62 93.25 4.02
C VAL U 398 -58.05 94.56 3.48
N ALA U 399 -56.75 94.62 3.15
CA ALA U 399 -56.12 95.85 2.67
C ALA U 399 -56.77 96.44 1.41
N GLY U 400 -57.56 95.68 0.67
CA GLY U 400 -58.19 96.22 -0.51
C GLY U 400 -59.70 96.13 -0.48
N ARG U 401 -60.24 95.68 0.65
CA ARG U 401 -61.68 95.48 0.81
C ARG U 401 -62.49 96.77 0.70
N LEU U 402 -62.20 97.74 1.57
CA LEU U 402 -62.97 98.99 1.56
C LEU U 402 -62.87 99.70 0.23
N ILE U 403 -61.64 99.81 -0.31
CA ILE U 403 -61.43 100.46 -1.60
C ILE U 403 -62.29 99.81 -2.67
N ARG U 404 -62.31 98.47 -2.70
CA ARG U 404 -63.10 97.76 -3.68
C ARG U 404 -64.59 98.07 -3.52
N GLN U 405 -65.09 98.11 -2.28
CA GLN U 405 -66.50 98.41 -2.06
C GLN U 405 -66.87 99.80 -2.60
N THR U 406 -66.00 100.80 -2.42
CA THR U 406 -66.33 102.13 -2.94
C THR U 406 -66.32 102.11 -4.46
N LEU U 407 -65.56 101.18 -5.06
CA LEU U 407 -65.50 101.08 -6.51
C LEU U 407 -66.79 100.51 -7.07
N GLU U 408 -67.43 99.61 -6.32
CA GLU U 408 -68.67 99.01 -6.77
C GLU U 408 -69.89 99.83 -6.37
N LYS U 409 -69.81 100.51 -5.23
CA LYS U 409 -70.92 101.31 -4.75
C LYS U 409 -70.89 102.75 -5.22
N PHE U 410 -69.73 103.27 -5.65
CA PHE U 410 -69.64 104.64 -6.14
C PHE U 410 -68.91 104.71 -7.48
N PRO U 411 -69.35 103.93 -8.48
CA PRO U 411 -68.64 103.98 -9.78
C PRO U 411 -68.65 105.34 -10.45
N GLU U 412 -69.79 106.04 -10.45
CA GLU U 412 -69.86 107.37 -11.07
C GLU U 412 -68.81 108.32 -10.50
N GLU U 413 -68.51 108.20 -9.21
CA GLU U 413 -67.53 109.08 -8.59
C GLU U 413 -66.13 108.77 -9.05
N TRP U 414 -65.84 107.49 -9.33
CA TRP U 414 -64.52 107.10 -9.78
C TRP U 414 -64.24 107.46 -11.25
N GLU U 415 -65.23 107.28 -12.15
CA GLU U 415 -64.97 107.62 -13.55
C GLU U 415 -64.75 109.11 -13.75
N LYS U 416 -65.10 109.93 -12.76
CA LYS U 416 -64.86 111.35 -12.81
C LYS U 416 -63.36 111.65 -12.81
N TYR U 417 -62.54 110.62 -12.57
CA TYR U 417 -61.09 110.72 -12.54
C TYR U 417 -60.43 110.10 -13.76
N ARG U 418 -61.20 109.70 -14.76
CA ARG U 418 -60.66 109.10 -15.97
C ARG U 418 -60.59 110.15 -17.06
N LYS U 419 -59.44 110.24 -17.71
CA LYS U 419 -59.24 111.21 -18.78
C LYS U 419 -59.77 110.69 -20.11
N LYS V 5 -83.05 74.68 -107.35
CA LYS V 5 -83.57 76.00 -107.01
C LYS V 5 -82.45 76.89 -106.48
N LEU V 6 -82.80 78.12 -106.10
CA LEU V 6 -81.79 79.05 -105.61
C LEU V 6 -81.10 78.48 -104.38
N SER V 7 -79.78 78.67 -104.34
CA SER V 7 -78.95 78.18 -103.24
C SER V 7 -77.81 79.17 -103.08
N ARG V 8 -77.82 79.92 -101.97
CA ARG V 8 -76.78 80.89 -101.71
C ARG V 8 -75.46 80.16 -101.48
N LYS V 9 -74.40 80.92 -101.24
CA LYS V 9 -73.10 80.31 -101.05
C LYS V 9 -72.48 80.69 -99.72
N ASP V 10 -71.66 79.79 -99.20
CA ASP V 10 -70.94 80.01 -97.96
C ASP V 10 -69.56 80.44 -98.38
N TYR V 11 -69.02 81.45 -97.72
CA TYR V 11 -67.72 81.97 -98.13
C TYR V 11 -66.69 82.02 -97.01
N LEU V 12 -66.84 81.24 -95.94
CA LEU V 12 -65.75 81.45 -95.00
C LEU V 12 -64.56 80.63 -95.49
N ASN V 13 -64.38 79.41 -94.95
CA ASN V 13 -63.34 78.45 -95.35
C ASN V 13 -62.91 77.74 -94.08
N ILE V 14 -61.76 77.09 -94.17
CA ILE V 14 -61.07 76.56 -93.02
C ILE V 14 -60.02 77.61 -92.63
N LEU V 15 -60.29 78.87 -93.01
CA LEU V 15 -59.52 80.09 -92.80
C LEU V 15 -59.53 80.54 -91.36
N GLU V 16 -58.82 79.83 -90.49
CA GLU V 16 -58.81 80.27 -89.11
C GLU V 16 -58.06 81.58 -88.94
N SER V 17 -57.44 82.09 -90.01
CA SER V 17 -56.72 83.37 -89.95
C SER V 17 -57.66 84.53 -89.68
N ILE V 18 -58.98 84.36 -89.85
CA ILE V 18 -59.93 85.43 -89.56
C ILE V 18 -59.89 85.76 -88.07
N LEU V 19 -59.37 84.84 -87.26
CA LEU V 19 -59.23 85.00 -85.82
C LEU V 19 -57.85 84.53 -85.32
N PHE V 20 -57.01 83.96 -86.18
CA PHE V 20 -55.68 83.47 -85.80
C PHE V 20 -54.56 84.50 -85.92
N ILE V 21 -54.37 85.09 -87.11
CA ILE V 21 -53.31 86.07 -87.28
C ILE V 21 -53.53 87.25 -86.34
N ASP V 22 -54.73 87.36 -85.78
CA ASP V 22 -55.03 88.44 -84.84
C ASP V 22 -54.23 88.26 -83.55
N PHE V 23 -54.21 87.04 -83.00
CA PHE V 23 -53.45 86.80 -81.78
C PHE V 23 -51.95 86.84 -82.03
N LEU V 24 -51.51 86.46 -83.24
CA LEU V 24 -50.09 86.52 -83.56
C LEU V 24 -49.60 87.97 -83.54
N LYS V 25 -50.51 88.91 -83.77
CA LYS V 25 -50.22 90.34 -83.74
C LYS V 25 -50.16 90.86 -82.31
N GLY V 26 -50.40 90.00 -81.32
CA GLY V 26 -50.32 90.42 -79.93
C GLY V 26 -48.89 90.73 -79.52
N LEU V 27 -47.92 90.04 -80.13
CA LEU V 27 -46.51 90.32 -79.81
C LEU V 27 -46.16 91.74 -80.22
N SER V 28 -46.81 92.24 -81.28
CA SER V 28 -46.60 93.60 -81.75
C SER V 28 -47.15 94.61 -80.76
N VAL V 29 -47.95 94.15 -79.80
CA VAL V 29 -48.51 95.01 -78.77
C VAL V 29 -47.65 95.02 -77.52
N THR V 30 -46.77 94.01 -77.36
CA THR V 30 -45.90 93.91 -76.20
C THR V 30 -44.41 94.06 -76.51
N LEU V 31 -43.86 93.28 -77.45
CA LEU V 31 -42.43 93.39 -77.75
C LEU V 31 -42.08 94.79 -78.26
N LYS V 32 -42.99 95.40 -79.03
CA LYS V 32 -42.75 96.75 -79.52
C LYS V 32 -42.89 97.77 -78.39
N ASN V 33 -43.92 97.60 -77.56
CA ASN V 33 -44.18 98.50 -76.44
C ASN V 33 -43.17 98.30 -75.31
N LEU V 34 -42.34 97.26 -75.36
CA LEU V 34 -41.33 96.96 -74.35
C LEU V 34 -40.04 97.77 -74.53
N LEU V 35 -40.00 98.74 -75.43
CA LEU V 35 -38.80 99.54 -75.62
C LEU V 35 -38.81 100.81 -74.75
N ARG V 36 -39.07 100.60 -73.46
CA ARG V 36 -39.14 101.65 -72.46
C ARG V 36 -37.79 101.83 -71.76
N ARG V 37 -37.79 102.55 -70.64
CA ARG V 37 -36.56 102.81 -69.89
C ARG V 37 -35.93 101.53 -69.38
N PRO V 38 -34.60 101.39 -69.47
CA PRO V 38 -33.94 100.19 -68.93
C PRO V 38 -34.09 100.12 -67.42
N ILE V 39 -34.53 98.96 -66.93
CA ILE V 39 -34.73 98.68 -65.50
C ILE V 39 -33.43 98.78 -64.73
N THR V 40 -32.31 98.63 -65.42
CA THR V 40 -30.97 98.63 -64.84
C THR V 40 -30.68 99.83 -63.93
N THR V 41 -30.15 99.51 -62.75
CA THR V 41 -29.70 100.48 -61.73
C THR V 41 -28.17 100.43 -61.85
N GLU V 42 -27.62 101.39 -62.61
CA GLU V 42 -26.19 101.46 -62.84
C GLU V 42 -25.46 101.62 -61.51
N TYR V 43 -24.41 100.84 -61.29
CA TYR V 43 -23.67 100.94 -60.05
C TYR V 43 -22.25 100.75 -60.52
N PRO V 44 -21.27 101.50 -60.00
CA PRO V 44 -21.15 102.57 -59.00
C PRO V 44 -21.60 104.00 -59.33
N LYS V 45 -21.97 104.38 -60.55
CA LYS V 45 -22.35 105.77 -60.78
C LYS V 45 -23.83 106.02 -60.60
N GLU V 46 -24.47 105.27 -59.72
CA GLU V 46 -25.85 105.31 -59.26
C GLU V 46 -25.93 104.17 -58.25
N LYS V 47 -26.97 104.18 -57.41
CA LYS V 47 -27.01 103.10 -56.44
C LYS V 47 -28.39 102.98 -55.83
N LEU V 48 -28.78 101.75 -55.54
CA LEU V 48 -30.06 101.43 -54.90
C LEU V 48 -29.84 101.56 -53.40
N THR V 49 -30.49 102.52 -52.77
CA THR V 49 -30.29 102.72 -51.33
C THR V 49 -31.01 101.63 -50.53
N PRO V 50 -30.31 100.89 -49.67
CA PRO V 50 -30.99 99.84 -48.87
C PRO V 50 -32.02 100.43 -47.93
N PRO V 51 -33.16 99.76 -47.73
CA PRO V 51 -34.19 100.29 -46.84
C PRO V 51 -33.71 100.48 -45.42
N LYS V 52 -34.52 101.21 -44.64
CA LYS V 52 -34.20 101.50 -43.25
C LYS V 52 -34.05 100.22 -42.43
N ARG V 53 -34.75 99.15 -42.84
CA ARG V 53 -34.66 97.88 -42.14
C ARG V 53 -33.54 96.99 -42.64
N PHE V 54 -32.70 97.48 -43.56
CA PHE V 54 -31.62 96.64 -44.07
C PHE V 54 -30.68 96.19 -42.95
N ARG V 55 -30.31 94.91 -43.01
CA ARG V 55 -29.42 94.29 -42.04
C ARG V 55 -28.00 94.26 -42.60
N GLY V 56 -27.35 95.42 -42.57
CA GLY V 56 -26.00 95.57 -43.07
C GLY V 56 -24.95 95.39 -41.99
N ALA V 57 -23.82 96.08 -42.18
CA ALA V 57 -22.72 96.01 -41.24
C ALA V 57 -23.16 96.41 -39.84
N HIS V 58 -22.68 95.67 -38.85
CA HIS V 58 -23.02 95.92 -37.46
C HIS V 58 -22.46 97.25 -36.96
N GLY V 59 -23.07 97.76 -35.89
CA GLY V 59 -22.67 99.02 -35.31
C GLY V 59 -23.03 99.08 -33.83
N HIS V 60 -22.43 100.04 -33.16
CA HIS V 60 -22.64 100.29 -31.74
C HIS V 60 -23.16 101.71 -31.60
N TYR V 61 -24.44 101.86 -31.23
CA TYR V 61 -24.97 103.20 -31.05
C TYR V 61 -24.17 103.89 -29.96
N VAL V 62 -24.04 105.20 -30.09
CA VAL V 62 -23.20 105.97 -29.20
C VAL V 62 -24.01 106.72 -28.15
N TRP V 63 -23.33 107.13 -27.07
CA TRP V 63 -23.96 107.91 -26.00
C TRP V 63 -24.26 109.29 -26.58
N ASP V 64 -25.54 109.55 -26.88
CA ASP V 64 -25.94 110.82 -27.46
C ASP V 64 -27.14 111.47 -26.79
N GLY V 65 -27.78 110.83 -25.82
CA GLY V 65 -28.94 111.36 -25.15
C GLY V 65 -30.23 110.65 -25.49
N THR V 66 -30.29 109.95 -26.63
CA THR V 66 -31.47 109.22 -27.09
C THR V 66 -31.45 107.76 -26.66
N GLU V 67 -30.90 107.46 -25.47
CA GLU V 67 -30.81 106.10 -24.94
C GLU V 67 -32.16 105.63 -24.40
N PRO V 68 -32.42 104.32 -24.45
CA PRO V 68 -33.68 103.79 -23.91
C PRO V 68 -33.66 103.83 -22.39
N ASP V 69 -34.84 103.63 -21.80
CA ASP V 69 -34.94 103.63 -20.34
C ASP V 69 -34.05 102.59 -19.70
N SER V 70 -33.93 101.41 -20.32
CA SER V 70 -33.10 100.34 -19.75
C SER V 70 -31.64 100.77 -19.57
N LEU V 71 -31.08 101.49 -20.54
CA LEU V 71 -29.70 101.94 -20.43
C LEU V 71 -29.56 103.09 -19.44
N LYS V 72 -30.46 104.07 -19.53
CA LYS V 72 -30.40 105.21 -18.60
C LYS V 72 -30.51 104.73 -17.15
N ALA V 73 -31.23 103.63 -16.93
CA ALA V 73 -31.40 103.07 -15.59
C ALA V 73 -30.12 102.47 -15.03
N ILE V 74 -29.21 101.98 -15.89
CA ILE V 74 -27.96 101.36 -15.44
C ILE V 74 -26.76 102.24 -15.72
N GLU V 75 -26.98 103.49 -16.13
CA GLU V 75 -25.88 104.41 -16.40
C GLU V 75 -24.99 104.59 -15.17
N LYS V 76 -25.60 104.69 -13.98
CA LYS V 76 -24.85 104.87 -12.73
C LYS V 76 -23.79 103.81 -12.49
N PHE V 77 -23.90 102.64 -13.14
CA PHE V 77 -22.91 101.58 -12.98
C PHE V 77 -21.83 101.58 -14.05
N MET V 78 -22.02 102.31 -15.13
CA MET V 78 -21.09 102.30 -16.25
C MET V 78 -20.10 103.46 -16.24
N SER V 79 -18.91 103.17 -16.76
CA SER V 79 -17.83 104.14 -16.92
C SER V 79 -17.79 104.28 -18.44
N TYR V 80 -18.40 105.35 -18.94
CA TYR V 80 -18.49 105.61 -20.37
C TYR V 80 -18.07 107.04 -20.69
N GLU V 81 -17.95 107.30 -21.99
CA GLU V 81 -17.57 108.59 -22.52
C GLU V 81 -18.61 109.05 -23.52
N LYS V 82 -18.87 110.36 -23.55
CA LYS V 82 -19.83 110.89 -24.51
C LYS V 82 -19.31 110.63 -25.92
N ALA V 83 -20.22 110.28 -26.83
CA ALA V 83 -19.94 109.96 -28.23
C ALA V 83 -19.18 108.64 -28.39
N LYS V 84 -19.25 107.77 -27.38
CA LYS V 84 -18.62 106.45 -27.40
C LYS V 84 -19.70 105.39 -27.21
N SER V 85 -19.33 104.14 -27.47
CA SER V 85 -20.26 103.00 -27.42
C SER V 85 -21.06 102.91 -26.12
N ARG V 86 -22.34 102.53 -26.27
CA ARG V 86 -23.29 102.35 -25.18
C ARG V 86 -23.19 100.99 -24.49
N CYS V 87 -22.60 100.02 -25.18
CA CYS V 87 -22.46 98.64 -24.73
C CYS V 87 -22.08 98.51 -23.26
N VAL V 88 -22.73 97.56 -22.58
CA VAL V 88 -22.51 97.27 -21.17
C VAL V 88 -21.95 95.86 -20.98
N ALA V 89 -21.53 95.22 -22.06
CA ALA V 89 -20.93 93.88 -22.03
C ALA V 89 -21.82 92.91 -21.27
N CYS V 90 -23.02 92.76 -21.79
CA CYS V 90 -23.98 91.85 -21.18
C CYS V 90 -23.88 90.45 -21.78
N TYR V 91 -23.23 90.34 -22.93
CA TYR V 91 -23.02 89.10 -23.66
C TYR V 91 -24.29 88.50 -24.22
N MET V 92 -25.39 89.27 -24.27
CA MET V 92 -26.64 88.74 -24.82
C MET V 92 -26.49 88.50 -26.33
N CYS V 93 -25.86 89.44 -27.03
CA CYS V 93 -25.65 89.28 -28.47
C CYS V 93 -24.85 88.02 -28.77
N GLN V 94 -23.69 87.87 -28.14
CA GLN V 94 -22.87 86.69 -28.36
C GLN V 94 -23.61 85.43 -27.89
N THR V 95 -24.41 85.52 -26.82
CA THR V 95 -25.11 84.33 -26.35
C THR V 95 -26.30 83.98 -27.24
N ALA V 96 -26.98 84.96 -27.81
CA ALA V 96 -28.12 84.65 -28.69
C ALA V 96 -27.64 84.21 -30.06
N CYS V 97 -26.50 84.75 -30.48
CA CYS V 97 -25.91 84.44 -31.77
C CYS V 97 -25.66 82.94 -31.94
N PRO V 98 -25.96 82.37 -33.11
CA PRO V 98 -25.68 80.94 -33.32
C PRO V 98 -24.21 80.67 -33.57
N MET V 99 -23.43 81.71 -33.89
CA MET V 99 -22.00 81.61 -34.13
C MET V 99 -21.27 82.50 -33.12
N PRO V 100 -21.47 82.29 -31.82
CA PRO V 100 -20.82 83.18 -30.85
C PRO V 100 -19.33 83.33 -31.04
N THR V 101 -18.65 82.33 -31.60
CA THR V 101 -17.21 82.42 -31.78
C THR V 101 -16.78 83.65 -32.56
N LEU V 102 -17.62 84.14 -33.49
CA LEU V 102 -17.22 85.31 -34.27
C LEU V 102 -17.08 86.56 -33.42
N PHE V 103 -17.71 86.60 -32.25
CA PHE V 103 -17.64 87.71 -31.32
C PHE V 103 -16.45 87.53 -30.38
N ARG V 104 -16.04 88.63 -29.74
CA ARG V 104 -15.00 88.58 -28.71
C ARG V 104 -15.21 89.84 -27.86
N ILE V 105 -15.80 89.67 -26.67
CA ILE V 105 -16.14 90.77 -25.78
C ILE V 105 -15.38 90.65 -24.47
N GLU V 106 -14.96 91.80 -23.93
CA GLU V 106 -14.25 91.88 -22.66
C GLU V 106 -14.65 93.16 -21.95
N ALA V 107 -14.79 93.08 -20.63
CA ALA V 107 -15.12 94.21 -19.79
C ALA V 107 -14.36 94.05 -18.48
N VAL V 108 -14.17 95.15 -17.75
CA VAL V 108 -13.43 95.13 -16.50
C VAL V 108 -14.20 95.88 -15.42
N GLN V 109 -13.74 95.72 -14.19
CA GLN V 109 -14.29 96.43 -13.04
C GLN V 109 -13.23 97.42 -12.60
N LEU V 110 -13.50 98.71 -12.79
CA LEU V 110 -12.57 99.75 -12.41
C LEU V 110 -12.46 99.87 -10.89
N PRO V 111 -11.38 100.46 -10.38
CA PRO V 111 -11.27 100.62 -8.93
C PRO V 111 -12.37 101.45 -8.30
N ASN V 112 -13.06 102.30 -9.08
CA ASN V 112 -14.15 103.09 -8.52
C ASN V 112 -15.45 102.30 -8.43
N GLY V 113 -15.45 101.04 -8.83
CA GLY V 113 -16.60 100.19 -8.78
C GLY V 113 -17.42 100.11 -10.05
N LYS V 114 -17.25 101.04 -10.98
CA LYS V 114 -18.03 100.99 -12.21
C LYS V 114 -17.48 99.95 -13.16
N LYS V 115 -18.27 99.62 -14.17
CA LYS V 115 -17.91 98.66 -15.19
C LYS V 115 -17.56 99.40 -16.46
N LYS V 116 -16.50 98.95 -17.13
CA LYS V 116 -16.06 99.55 -18.38
C LYS V 116 -15.82 98.44 -19.40
N VAL V 117 -16.43 98.60 -20.56
CA VAL V 117 -16.27 97.64 -21.65
C VAL V 117 -15.00 98.07 -22.37
N VAL V 118 -14.05 97.14 -22.48
CA VAL V 118 -12.73 97.42 -23.02
C VAL V 118 -12.45 96.77 -24.38
N ARG V 119 -13.25 95.82 -24.83
CA ARG V 119 -12.99 95.20 -26.12
C ARG V 119 -14.28 94.61 -26.69
N PHE V 120 -14.51 94.88 -27.97
CA PHE V 120 -15.69 94.37 -28.69
C PHE V 120 -15.27 94.26 -30.16
N ASP V 121 -15.02 93.02 -30.60
CA ASP V 121 -14.60 92.74 -31.97
C ASP V 121 -15.56 91.73 -32.60
N MET V 122 -15.81 91.90 -33.89
CA MET V 122 -16.71 91.01 -34.64
C MET V 122 -16.09 90.65 -35.99
N ASN V 123 -16.25 89.37 -36.36
CA ASN V 123 -15.74 88.84 -37.62
C ASN V 123 -16.93 88.65 -38.57
N LEU V 124 -17.09 89.59 -39.51
CA LEU V 124 -18.19 89.54 -40.46
C LEU V 124 -18.10 88.38 -41.45
N LEU V 125 -16.92 87.77 -41.59
CA LEU V 125 -16.79 86.67 -42.55
C LEU V 125 -17.43 85.37 -42.06
N ASN V 126 -17.92 85.31 -40.83
CA ASN V 126 -18.55 84.12 -40.28
C ASN V 126 -19.95 84.42 -39.75
N CYS V 127 -20.52 85.55 -40.14
CA CYS V 127 -21.82 86.07 -39.71
C CYS V 127 -22.94 85.71 -40.68
N LEU V 128 -24.13 85.47 -40.12
CA LEU V 128 -25.32 85.16 -40.91
C LEU V 128 -26.11 86.40 -41.33
N PHE V 129 -25.84 87.56 -40.73
CA PHE V 129 -26.57 88.79 -41.01
C PHE V 129 -28.04 88.51 -40.81
N CYS V 130 -28.31 87.77 -39.74
CA CYS V 130 -29.62 87.30 -39.32
C CYS V 130 -30.35 88.27 -38.40
N GLY V 131 -29.63 89.07 -37.61
CA GLY V 131 -30.22 90.05 -36.72
C GLY V 131 -30.60 89.58 -35.33
N LEU V 132 -30.35 88.31 -34.98
CA LEU V 132 -30.71 87.82 -33.66
C LEU V 132 -30.00 88.57 -32.54
N CYS V 133 -28.79 89.06 -32.78
CA CYS V 133 -28.09 89.78 -31.73
C CYS V 133 -28.74 91.12 -31.43
N VAL V 134 -29.20 91.82 -32.47
CA VAL V 134 -29.85 93.12 -32.28
C VAL V 134 -31.10 92.97 -31.43
N ASP V 135 -31.80 91.85 -31.60
CA ASP V 135 -32.99 91.59 -30.79
C ASP V 135 -32.62 91.42 -29.33
N ALA V 136 -31.51 90.73 -29.07
CA ALA V 136 -31.06 90.45 -27.72
C ALA V 136 -30.39 91.63 -27.05
N CYS V 137 -30.05 92.68 -27.79
CA CYS V 137 -29.41 93.81 -27.13
C CYS V 137 -30.44 94.46 -26.23
N PRO V 138 -30.26 94.42 -24.91
CA PRO V 138 -31.24 95.01 -24.00
C PRO V 138 -31.01 96.48 -23.74
N VAL V 139 -29.96 97.06 -24.30
CA VAL V 139 -29.62 98.44 -24.03
C VAL V 139 -29.65 99.32 -25.27
N GLY V 140 -29.99 98.77 -26.43
CA GLY V 140 -30.06 99.57 -27.65
C GLY V 140 -28.72 100.04 -28.18
N CYS V 141 -27.74 99.16 -28.19
CA CYS V 141 -26.40 99.48 -28.67
C CYS V 141 -26.11 98.78 -29.99
N LEU V 142 -26.22 97.45 -30.01
CA LEU V 142 -25.96 96.70 -31.24
C LEU V 142 -27.05 96.98 -32.26
N THR V 143 -26.65 97.26 -33.50
CA THR V 143 -27.59 97.53 -34.59
C THR V 143 -26.95 97.18 -35.92
N MET V 144 -27.79 97.02 -36.93
CA MET V 144 -27.36 96.72 -38.30
C MET V 144 -27.56 97.98 -39.15
N THR V 145 -26.50 98.42 -39.80
CA THR V 145 -26.53 99.60 -40.65
C THR V 145 -26.84 99.20 -42.10
N ASP V 146 -26.66 100.14 -43.02
CA ASP V 146 -26.87 99.87 -44.44
C ASP V 146 -25.55 99.67 -45.18
N ILE V 147 -24.44 99.72 -44.45
CA ILE V 147 -23.11 99.56 -45.01
C ILE V 147 -22.91 98.15 -45.55
N PHE V 148 -22.60 98.05 -46.85
CA PHE V 148 -22.34 96.78 -47.52
C PHE V 148 -21.10 96.81 -48.40
N GLU V 149 -20.52 97.98 -48.68
CA GLU V 149 -19.32 98.11 -49.52
C GLU V 149 -18.09 97.90 -48.63
N LEU V 150 -17.91 96.65 -48.22
CA LEU V 150 -16.82 96.29 -47.32
C LEU V 150 -15.89 95.23 -47.89
N ALA V 151 -16.01 94.91 -49.17
CA ALA V 151 -15.09 93.93 -49.73
C ALA V 151 -13.67 94.45 -49.60
N ASN V 152 -12.77 93.60 -49.14
CA ASN V 152 -11.38 94.00 -48.97
C ASN V 152 -10.47 92.82 -49.31
N TYR V 153 -9.17 93.06 -49.18
CA TYR V 153 -8.15 92.09 -49.56
C TYR V 153 -7.69 91.18 -48.43
N SER V 154 -8.21 91.28 -47.22
CA SER V 154 -7.75 90.37 -46.18
C SER V 154 -8.80 90.13 -45.12
N ARG V 155 -8.71 88.94 -44.51
CA ARG V 155 -9.61 88.60 -43.42
C ARG V 155 -9.51 89.63 -42.29
N ARG V 156 -8.33 90.25 -42.12
CA ARG V 156 -8.15 91.23 -41.06
C ARG V 156 -9.00 92.47 -41.29
N ASN V 157 -9.28 92.83 -42.55
CA ASN V 157 -10.10 93.99 -42.84
C ASN V 157 -11.59 93.74 -42.60
N GLU V 158 -11.97 92.47 -42.38
CA GLU V 158 -13.36 92.09 -42.13
C GLU V 158 -13.65 91.87 -40.65
N VAL V 159 -12.75 92.31 -39.78
CA VAL V 159 -12.89 92.19 -38.34
C VAL V 159 -13.10 93.60 -37.81
N LEU V 160 -14.26 93.85 -37.22
CA LEU V 160 -14.59 95.16 -36.67
C LEU V 160 -14.15 95.27 -35.22
N ARG V 161 -13.47 96.35 -34.89
CA ARG V 161 -13.05 96.62 -33.53
C ARG V 161 -14.09 97.60 -32.96
N MET V 162 -13.97 97.92 -31.68
CA MET V 162 -14.95 98.84 -31.06
C MET V 162 -14.99 100.19 -31.77
N GLU V 163 -13.81 100.80 -32.01
CA GLU V 163 -13.76 102.11 -32.66
C GLU V 163 -14.44 102.10 -34.02
N ASP V 164 -14.36 100.97 -34.74
CA ASP V 164 -15.00 100.85 -36.04
C ASP V 164 -16.52 100.80 -35.89
N LEU V 165 -17.00 100.02 -34.90
CA LEU V 165 -18.43 99.87 -34.63
C LEU V 165 -19.09 101.21 -34.29
N GLU V 166 -18.39 102.04 -33.51
CA GLU V 166 -18.92 103.35 -33.17
C GLU V 166 -19.01 104.23 -34.41
N LYS V 167 -17.94 104.24 -35.24
CA LYS V 167 -17.93 105.06 -36.46
C LYS V 167 -19.05 104.67 -37.43
N PHE V 168 -19.34 103.37 -37.55
CA PHE V 168 -20.41 102.92 -38.44
C PHE V 168 -21.76 103.44 -37.98
N ALA V 169 -22.09 103.18 -36.71
CA ALA V 169 -23.37 103.63 -36.18
C ALA V 169 -23.48 105.14 -36.21
N ILE V 170 -22.40 105.85 -35.86
CA ILE V 170 -22.46 107.31 -35.88
C ILE V 170 -22.82 107.80 -37.27
N ASP V 171 -22.18 107.26 -38.30
CA ASP V 171 -22.47 107.68 -39.67
C ASP V 171 -23.89 107.26 -40.07
N PHE V 172 -24.32 106.06 -39.68
CA PHE V 172 -25.66 105.59 -40.03
C PHE V 172 -26.74 106.50 -39.46
N LYS V 173 -26.63 106.86 -38.18
CA LYS V 173 -27.60 107.76 -37.55
C LYS V 173 -27.47 109.16 -38.12
N GLN V 174 -26.24 109.56 -38.43
CA GLN V 174 -25.97 110.88 -38.99
C GLN V 174 -26.71 111.07 -40.31
N ARG V 175 -26.85 110.01 -41.09
CA ARG V 175 -27.51 110.12 -42.39
C ARG V 175 -28.93 109.62 -42.44
N ARG V 176 -29.33 108.64 -41.61
CA ARG V 176 -30.70 108.16 -41.73
C ARG V 176 -31.41 107.95 -40.39
N GLY V 177 -31.01 108.65 -39.32
CA GLY V 177 -31.66 108.44 -38.04
C GLY V 177 -33.13 108.86 -38.03
N ASN V 178 -33.44 109.99 -38.61
CA ASN V 178 -34.81 110.48 -38.63
C ASN V 178 -35.62 109.93 -39.80
N GLU V 179 -34.99 109.12 -40.65
CA GLU V 179 -35.70 108.55 -41.80
C GLU V 179 -36.80 107.61 -41.32
N PRO V 180 -37.98 107.67 -41.91
CA PRO V 180 -39.09 106.81 -41.48
C PRO V 180 -38.98 105.37 -41.94
N ASP V 181 -39.78 104.53 -41.29
CA ASP V 181 -39.84 103.10 -41.56
C ASP V 181 -40.75 102.86 -42.76
N ARG V 182 -40.17 102.93 -43.96
CA ARG V 182 -40.89 102.73 -45.21
C ARG V 182 -40.32 101.50 -45.90
N ILE V 183 -41.11 100.91 -46.82
CA ILE V 183 -40.63 99.72 -47.52
C ILE V 183 -39.34 100.03 -48.28
N TRP V 184 -39.18 101.26 -48.76
CA TRP V 184 -37.96 101.70 -49.43
C TRP V 184 -37.90 103.22 -49.27
N PRO V 185 -36.70 103.82 -49.24
CA PRO V 185 -36.60 105.26 -48.99
C PRO V 185 -36.68 106.21 -50.18
N ASN V 186 -36.40 105.73 -51.39
CA ASN V 186 -36.42 106.60 -52.56
C ASN V 186 -37.34 106.07 -53.64
N ASP V 187 -38.12 106.97 -54.23
CA ASP V 187 -39.03 106.63 -55.33
C ASP V 187 -38.35 106.74 -56.70
N GLU V 188 -37.25 107.49 -56.82
CA GLU V 188 -36.55 107.59 -58.10
C GLU V 188 -35.86 106.28 -58.47
N GLU V 189 -35.29 105.61 -57.47
CA GLU V 189 -34.58 104.36 -57.70
C GLU V 189 -35.52 103.23 -58.08
N ARG V 190 -36.76 103.27 -57.61
CA ARG V 190 -37.73 102.24 -57.90
C ARG V 190 -38.55 102.49 -59.16
N GLU V 191 -38.68 103.74 -59.59
CA GLU V 191 -39.46 104.03 -60.78
C GLU V 191 -38.98 103.22 -61.98
N LYS V 192 -37.70 102.89 -62.00
CA LYS V 192 -37.15 102.10 -63.11
C LYS V 192 -37.86 100.77 -63.26
N LEU V 193 -38.17 100.12 -62.14
CA LEU V 193 -38.82 98.82 -62.11
C LEU V 193 -40.32 98.86 -61.83
N TRP V 194 -40.75 99.67 -60.85
CA TRP V 194 -42.16 99.72 -60.49
C TRP V 194 -42.92 100.85 -61.18
N GLY V 195 -42.40 102.06 -61.16
CA GLY V 195 -43.07 103.19 -61.74
C GLY V 195 -43.81 104.01 -60.68
N LYS V 196 -44.65 104.92 -61.16
CA LYS V 196 -45.41 105.77 -60.25
C LYS V 196 -46.35 104.90 -59.42
N ILE V 197 -46.19 104.91 -58.10
CA ILE V 197 -47.03 104.13 -57.21
C ILE V 197 -48.05 105.05 -56.55
N GLU V 198 -49.32 104.64 -56.58
CA GLU V 198 -50.43 105.42 -56.00
C GLU V 198 -50.49 105.10 -54.51
N TRP V 199 -49.68 105.83 -53.74
CA TRP V 199 -49.67 105.59 -52.31
C TRP V 199 -50.95 106.12 -51.65
N SER V 200 -51.09 105.77 -50.37
CA SER V 200 -52.21 106.16 -49.54
C SER V 200 -51.82 105.95 -48.08
N GLY V 201 -52.62 106.52 -47.17
CA GLY V 201 -52.36 106.41 -45.75
C GLY V 201 -52.47 105.02 -45.16
N PHE W 6 -19.20 104.97 25.04
CA PHE W 6 -20.51 105.52 25.44
C PHE W 6 -21.16 104.82 26.64
N GLU W 7 -21.54 105.61 27.65
CA GLU W 7 -22.17 105.12 28.86
C GLU W 7 -23.47 105.86 29.15
N PHE W 8 -24.40 105.12 29.77
CA PHE W 8 -25.66 105.72 30.16
C PHE W 8 -25.45 106.43 31.49
N PRO W 9 -25.90 107.69 31.64
CA PRO W 9 -25.75 108.35 32.93
C PRO W 9 -26.50 107.53 33.97
N GLU W 10 -26.02 107.60 35.22
CA GLU W 10 -26.64 106.82 36.28
C GLU W 10 -28.16 107.00 36.31
N GLU W 11 -28.64 108.23 36.14
CA GLU W 11 -30.08 108.47 36.17
C GLU W 11 -30.81 107.62 35.14
N LEU W 12 -30.32 107.61 33.90
CA LEU W 12 -31.00 106.86 32.86
C LEU W 12 -30.80 105.36 33.01
N LYS W 13 -29.59 104.94 33.42
CA LYS W 13 -29.34 103.51 33.60
C LYS W 13 -30.25 102.94 34.68
N THR W 14 -30.52 103.72 35.73
CA THR W 14 -31.40 103.25 36.78
C THR W 14 -32.80 103.02 36.24
N LYS W 15 -33.32 103.96 35.44
CA LYS W 15 -34.65 103.80 34.85
C LYS W 15 -34.71 102.53 34.01
N LEU W 16 -33.69 102.31 33.17
CA LEU W 16 -33.68 101.12 32.33
C LEU W 16 -33.66 99.85 33.19
N GLN W 17 -32.92 99.87 34.29
CA GLN W 17 -32.89 98.69 35.15
C GLN W 17 -34.26 98.37 35.73
N GLU W 18 -35.00 99.40 36.13
CA GLU W 18 -36.33 99.17 36.69
C GLU W 18 -37.24 98.44 35.69
N HIS W 19 -37.21 98.86 34.42
CA HIS W 19 -38.03 98.21 33.39
C HIS W 19 -37.61 96.76 33.19
N ILE W 20 -36.30 96.52 33.12
CA ILE W 20 -35.78 95.17 32.88
C ILE W 20 -36.19 94.21 34.01
N ASN W 21 -36.24 94.68 35.25
CA ASN W 21 -36.60 93.81 36.37
C ASN W 21 -38.09 93.63 36.51
N TYR W 22 -38.87 94.52 35.89
CA TYR W 22 -40.34 94.51 35.97
C TYR W 22 -40.95 93.27 35.31
N PHE W 23 -40.62 93.02 34.06
CA PHE W 23 -41.19 91.87 33.38
C PHE W 23 -40.55 90.59 33.88
N PRO W 24 -41.20 89.45 33.66
CA PRO W 24 -40.60 88.17 34.08
C PRO W 24 -39.30 87.89 33.35
N LYS W 25 -39.19 88.29 32.08
CA LYS W 25 -38.00 88.11 31.26
C LYS W 25 -37.47 89.48 30.85
N LYS W 26 -36.14 89.63 30.86
CA LYS W 26 -35.53 90.92 30.52
C LYS W 26 -35.86 91.39 29.11
N ARG W 27 -35.78 90.50 28.11
CA ARG W 27 -36.05 90.92 26.73
C ARG W 27 -37.45 91.54 26.55
N GLN W 28 -38.38 91.25 27.45
CA GLN W 28 -39.72 91.83 27.34
C GLN W 28 -39.73 93.34 27.59
N ALA W 29 -38.67 93.88 28.16
CA ALA W 29 -38.59 95.30 28.46
C ALA W 29 -38.00 96.14 27.35
N ILE W 30 -37.68 95.56 26.19
CA ILE W 30 -37.01 96.29 25.11
C ILE W 30 -37.76 97.55 24.69
N LEU W 31 -39.08 97.47 24.48
CA LEU W 31 -39.81 98.66 24.03
C LEU W 31 -39.87 99.73 25.10
N LEU W 32 -40.07 99.36 26.37
CA LEU W 32 -40.08 100.39 27.40
C LEU W 32 -38.74 101.08 27.51
N CYS W 33 -37.64 100.35 27.27
CA CYS W 33 -36.32 100.94 27.34
C CYS W 33 -36.09 101.93 26.20
N LEU W 34 -36.45 101.54 24.98
CA LEU W 34 -36.26 102.46 23.86
C LEU W 34 -37.09 103.72 24.05
N HIS W 35 -38.28 103.60 24.64
CA HIS W 35 -39.08 104.79 24.91
C HIS W 35 -38.34 105.70 25.88
N GLU W 36 -37.76 105.09 26.94
CA GLU W 36 -37.03 105.86 27.94
C GLU W 36 -35.80 106.54 27.34
N ILE W 37 -35.04 105.81 26.51
CA ILE W 37 -33.86 106.38 25.89
C ILE W 37 -34.25 107.58 25.04
N GLN W 38 -35.26 107.43 24.19
CA GLN W 38 -35.67 108.54 23.34
C GLN W 38 -36.18 109.71 24.16
N ASN W 39 -36.88 109.44 25.26
CA ASN W 39 -37.40 110.54 26.06
C ASN W 39 -36.29 111.26 26.81
N TYR W 40 -35.19 110.56 27.13
CA TYR W 40 -34.08 111.17 27.85
C TYR W 40 -33.23 112.05 26.95
N TYR W 41 -32.80 111.52 25.80
CA TYR W 41 -31.97 112.23 24.84
C TYR W 41 -32.73 112.99 23.76
N GLY W 42 -34.04 112.79 23.64
CA GLY W 42 -34.79 113.45 22.57
C GLY W 42 -34.73 112.73 21.25
N TYR W 43 -34.10 111.55 21.23
CA TYR W 43 -33.94 110.70 20.08
C TYR W 43 -33.24 109.46 20.60
N ILE W 44 -33.14 108.43 19.77
CA ILE W 44 -32.48 107.19 20.14
C ILE W 44 -31.11 107.20 19.48
N PRO W 45 -30.05 107.53 20.22
CA PRO W 45 -28.72 107.56 19.61
C PRO W 45 -28.28 106.17 19.22
N PRO W 46 -27.87 105.95 17.97
CA PRO W 46 -27.42 104.60 17.59
C PRO W 46 -26.35 104.08 18.52
N GLU W 47 -25.55 104.97 19.11
CA GLU W 47 -24.49 104.58 20.04
C GLU W 47 -25.04 103.94 21.31
N SER W 48 -26.33 104.06 21.56
CA SER W 48 -26.91 103.49 22.75
C SER W 48 -27.48 102.09 22.54
N LEU W 49 -27.64 101.63 21.29
CA LEU W 49 -28.22 100.31 21.09
C LEU W 49 -27.35 99.20 21.66
N LYS W 50 -26.02 99.29 21.49
CA LYS W 50 -25.17 98.24 22.05
C LYS W 50 -25.21 98.22 23.57
N PRO W 51 -25.00 99.34 24.28
CA PRO W 51 -25.10 99.25 25.75
C PRO W 51 -26.45 98.71 26.19
N LEU W 52 -27.53 99.07 25.48
CA LEU W 52 -28.86 98.58 25.81
C LEU W 52 -29.02 97.10 25.53
N ALA W 53 -28.54 96.64 24.36
CA ALA W 53 -28.64 95.22 24.06
C ALA W 53 -27.92 94.39 25.10
N ASP W 54 -26.83 94.94 25.66
CA ASP W 54 -26.07 94.22 26.66
C ASP W 54 -26.85 94.10 27.95
N MET W 55 -27.60 95.15 28.32
CA MET W 55 -28.42 95.11 29.53
C MET W 55 -29.58 94.14 29.39
N LEU W 56 -30.10 93.98 28.17
CA LEU W 56 -31.21 93.06 27.88
C LEU W 56 -30.73 91.65 27.60
N GLU W 57 -29.41 91.43 27.56
CA GLU W 57 -28.84 90.11 27.29
C GLU W 57 -29.36 89.57 25.96
N LEU W 58 -29.27 90.41 24.92
CA LEU W 58 -29.69 90.20 23.54
C LEU W 58 -28.62 90.62 22.55
N PRO W 59 -28.54 89.96 21.39
CA PRO W 59 -27.57 90.37 20.37
C PRO W 59 -27.94 91.73 19.78
N LEU W 60 -26.91 92.49 19.36
CA LEU W 60 -27.15 93.82 18.81
C LEU W 60 -28.11 93.82 17.61
N ASN W 61 -27.94 92.86 16.69
CA ASN W 61 -28.82 92.82 15.50
C ASN W 61 -30.29 92.68 15.87
N HIS W 62 -30.57 92.10 17.04
CA HIS W 62 -31.95 91.95 17.49
C HIS W 62 -32.52 93.31 17.90
N VAL W 63 -31.80 94.02 18.77
CA VAL W 63 -32.22 95.34 19.22
C VAL W 63 -32.37 96.29 18.04
N GLU W 64 -31.43 96.25 17.11
CA GLU W 64 -31.49 97.10 15.93
C GLU W 64 -32.73 96.80 15.11
N GLY W 65 -33.00 95.51 14.88
CA GLY W 65 -34.18 95.14 14.12
C GLY W 65 -35.46 95.61 14.78
N VAL W 66 -35.50 95.54 16.12
CA VAL W 66 -36.69 95.98 16.85
C VAL W 66 -36.84 97.49 16.81
N VAL W 67 -35.77 98.23 17.15
CA VAL W 67 -35.86 99.71 17.14
C VAL W 67 -36.19 100.22 15.74
N ALA W 68 -35.86 99.47 14.70
CA ALA W 68 -36.14 99.90 13.33
C ALA W 68 -37.59 99.70 12.92
N PHE W 69 -38.27 98.73 13.54
CA PHE W 69 -39.64 98.36 13.18
C PHE W 69 -40.71 99.31 13.70
N TYR W 70 -40.56 99.84 14.93
CA TYR W 70 -41.58 100.70 15.53
C TYR W 70 -41.46 102.15 15.09
N ASP W 71 -42.60 102.72 14.69
CA ASP W 71 -42.68 104.07 14.14
C ASP W 71 -42.34 105.17 15.14
N MET W 72 -42.74 105.04 16.41
CA MET W 72 -42.47 106.12 17.36
C MET W 72 -40.99 106.38 17.58
N PHE W 73 -40.14 105.37 17.41
CA PHE W 73 -38.72 105.53 17.64
C PHE W 73 -38.05 106.32 16.52
N ASP W 74 -37.15 107.22 16.90
CA ASP W 74 -36.44 108.08 15.97
C ASP W 74 -34.95 108.10 16.30
N ARG W 75 -34.13 107.62 15.37
CA ARG W 75 -32.67 107.60 15.51
C ARG W 75 -31.97 108.71 14.73
N GLU W 76 -32.69 109.49 13.91
CA GLU W 76 -32.09 110.53 13.08
C GLU W 76 -32.14 111.95 13.63
N ASP W 77 -33.32 112.46 13.98
CA ASP W 77 -33.45 113.84 14.44
C ASP W 77 -33.68 113.97 15.94
N LYS W 78 -33.01 114.96 16.52
CA LYS W 78 -33.13 115.25 17.95
C LYS W 78 -34.06 116.45 18.13
N ALA W 79 -35.08 116.27 18.96
CA ALA W 79 -36.03 117.35 19.21
C ALA W 79 -36.53 117.25 20.63
N LYS W 80 -36.69 118.41 21.29
CA LYS W 80 -37.18 118.42 22.66
C LYS W 80 -38.65 118.05 22.70
N TYR W 81 -39.42 118.53 21.72
CA TYR W 81 -40.85 118.26 21.65
C TYR W 81 -41.22 117.77 20.26
N ARG W 82 -41.93 116.65 20.20
CA ARG W 82 -42.40 116.06 18.96
C ARG W 82 -43.87 116.41 18.80
N ILE W 83 -44.22 117.11 17.73
CA ILE W 83 -45.60 117.49 17.46
C ILE W 83 -46.15 116.44 16.50
N ARG W 84 -46.78 115.41 17.06
CA ARG W 84 -47.34 114.34 16.24
C ARG W 84 -48.69 114.84 15.70
N VAL W 85 -48.78 114.98 14.38
CA VAL W 85 -49.99 115.47 13.72
C VAL W 85 -50.63 114.27 13.05
N CYS W 86 -51.88 114.00 13.40
CA CYS W 86 -52.57 112.87 12.80
C CYS W 86 -53.01 113.23 11.38
N VAL W 87 -52.62 112.41 10.42
CA VAL W 87 -52.95 112.60 9.02
C VAL W 87 -53.82 111.47 8.48
N SER W 88 -54.56 110.81 9.38
CA SER W 88 -55.42 109.72 8.98
C SER W 88 -56.71 110.29 8.36
N ILE W 89 -57.62 109.39 7.97
CA ILE W 89 -58.83 109.79 7.24
C ILE W 89 -59.69 110.78 8.03
N VAL W 90 -60.10 110.43 9.25
CA VAL W 90 -61.01 111.30 10.01
C VAL W 90 -60.41 112.68 10.25
N CYS W 91 -59.17 112.74 10.75
CA CYS W 91 -58.58 114.06 11.00
C CYS W 91 -58.42 114.84 9.70
N HIS W 92 -58.04 114.16 8.61
CA HIS W 92 -57.87 114.84 7.34
C HIS W 92 -59.18 115.46 6.88
N LEU W 93 -60.26 114.72 7.07
CA LEU W 93 -61.58 115.20 6.68
C LEU W 93 -62.03 116.37 7.53
N MET W 94 -61.53 116.47 8.77
CA MET W 94 -61.91 117.55 9.68
C MET W 94 -60.92 118.71 9.71
N GLY W 95 -59.86 118.67 8.92
CA GLY W 95 -58.98 119.82 8.97
C GLY W 95 -57.52 119.62 9.30
N THR W 96 -56.96 118.44 9.02
CA THR W 96 -55.55 118.22 9.28
C THR W 96 -54.70 119.25 8.54
N ASN W 97 -55.10 119.56 7.30
CA ASN W 97 -54.38 120.54 6.50
C ASN W 97 -54.42 121.92 7.15
N LYS W 98 -55.54 122.27 7.80
CA LYS W 98 -55.62 123.55 8.49
C LYS W 98 -54.62 123.60 9.63
N LEU W 99 -54.48 122.49 10.35
CA LEU W 99 -53.52 122.42 11.45
C LEU W 99 -52.09 122.50 10.95
N LEU W 100 -51.79 121.80 9.85
CA LEU W 100 -50.44 121.84 9.30
C LEU W 100 -50.06 123.25 8.90
N LYS W 101 -50.97 123.96 8.22
CA LYS W 101 -50.67 125.33 7.82
C LYS W 101 -50.45 126.21 9.04
N ALA W 102 -51.25 126.00 10.10
CA ALA W 102 -51.09 126.81 11.31
C ALA W 102 -49.75 126.51 11.96
N LEU W 103 -49.32 125.26 11.95
CA LEU W 103 -48.03 124.94 12.54
C LEU W 103 -46.91 125.63 11.80
N GLU W 104 -47.06 125.79 10.48
CA GLU W 104 -46.03 126.44 9.67
C GLU W 104 -45.92 127.93 9.98
N ASN W 105 -47.05 128.61 10.19
CA ASN W 105 -47.02 130.03 10.48
C ASN W 105 -46.41 130.35 11.83
N ILE W 106 -46.47 129.42 12.78
CA ILE W 106 -45.93 129.63 14.12
C ILE W 106 -44.47 129.23 14.24
N LEU W 107 -44.09 128.08 13.66
CA LEU W 107 -42.72 127.61 13.77
C LEU W 107 -41.92 127.66 12.47
N GLY W 108 -42.56 127.86 11.32
CA GLY W 108 -41.82 127.91 10.06
C GLY W 108 -41.26 126.60 9.58
N ILE W 109 -41.84 125.47 9.98
CA ILE W 109 -41.37 124.16 9.55
C ILE W 109 -42.55 123.41 8.96
N LYS W 110 -42.23 122.49 8.05
CA LYS W 110 -43.17 121.61 7.37
C LYS W 110 -43.10 120.22 7.98
N PRO W 111 -44.03 119.33 7.66
CA PRO W 111 -43.98 117.99 8.23
C PRO W 111 -42.65 117.33 7.93
N GLY W 112 -42.09 116.66 8.95
CA GLY W 112 -40.82 115.99 8.86
C GLY W 112 -39.63 116.84 9.24
N GLU W 113 -39.78 118.15 9.24
CA GLU W 113 -38.67 119.04 9.59
C GLU W 113 -38.66 119.35 11.08
N VAL W 114 -37.50 119.78 11.53
CA VAL W 114 -37.27 120.15 12.91
C VAL W 114 -36.76 121.59 12.90
N THR W 115 -37.24 122.40 13.85
CA THR W 115 -36.87 123.80 13.93
C THR W 115 -35.36 123.98 14.10
N PRO W 116 -34.82 125.14 13.69
CA PRO W 116 -33.37 125.36 13.80
C PRO W 116 -32.84 125.25 15.22
N ASP W 117 -33.59 125.73 16.22
CA ASP W 117 -33.16 125.67 17.61
C ASP W 117 -33.34 124.30 18.24
N GLY W 118 -33.96 123.35 17.53
CA GLY W 118 -34.15 122.03 18.07
C GLY W 118 -35.28 121.88 19.07
N LYS W 119 -36.24 122.81 19.11
CA LYS W 119 -37.33 122.72 20.06
C LYS W 119 -38.38 121.71 19.61
N PHE W 120 -38.91 121.91 18.40
CA PHE W 120 -40.00 121.11 17.85
C PHE W 120 -39.66 120.41 16.54
N LYS W 121 -40.41 119.36 16.28
CA LYS W 121 -40.31 118.56 15.06
C LYS W 121 -41.73 118.10 14.74
N ILE W 122 -42.20 118.36 13.52
CA ILE W 122 -43.53 117.94 13.13
C ILE W 122 -43.44 116.52 12.62
N VAL W 123 -44.26 115.63 13.20
CA VAL W 123 -44.28 114.21 12.88
C VAL W 123 -45.64 113.76 12.38
N PRO W 124 -45.79 113.42 11.09
CA PRO W 124 -47.09 112.95 10.61
C PRO W 124 -47.29 111.52 11.08
N VAL W 125 -48.44 111.24 11.69
CA VAL W 125 -48.72 109.89 12.19
C VAL W 125 -50.13 109.47 11.79
N GLN W 126 -50.37 108.17 11.89
CA GLN W 126 -51.68 107.60 11.57
C GLN W 126 -52.64 107.86 12.73
N CYS W 127 -53.90 107.46 12.56
CA CYS W 127 -54.98 107.68 13.54
C CYS W 127 -54.49 107.54 14.97
N LEU W 128 -54.67 108.61 15.74
CA LEU W 128 -54.24 108.68 17.14
C LEU W 128 -55.30 108.20 18.12
N GLY W 129 -56.44 107.73 17.64
CA GLY W 129 -57.48 107.22 18.52
C GLY W 129 -58.30 108.26 19.25
N ALA W 130 -58.53 109.42 18.63
CA ALA W 130 -59.33 110.50 19.20
C ALA W 130 -60.13 111.18 18.09
N CYS W 131 -60.49 110.40 17.07
CA CYS W 131 -61.21 110.87 15.90
C CYS W 131 -62.41 111.73 16.23
N SER W 132 -63.11 111.45 17.32
CA SER W 132 -64.27 112.29 17.64
C SER W 132 -63.83 113.71 17.97
N GLU W 133 -62.58 113.90 18.38
CA GLU W 133 -62.05 115.23 18.72
C GLU W 133 -61.01 115.70 17.70
N ALA W 134 -61.26 115.40 16.42
CA ALA W 134 -60.39 115.79 15.32
C ALA W 134 -60.45 117.29 15.06
N PRO W 135 -59.35 117.90 14.55
CA PRO W 135 -58.04 117.32 14.22
C PRO W 135 -57.19 117.18 15.47
N VAL W 136 -56.57 116.03 15.61
CA VAL W 136 -55.76 115.66 16.76
C VAL W 136 -54.28 115.86 16.48
N PHE W 137 -53.53 116.18 17.54
CA PHE W 137 -52.07 116.36 17.51
C PHE W 137 -51.55 116.12 18.92
N MET W 138 -50.31 115.62 19.01
CA MET W 138 -49.70 115.37 20.31
C MET W 138 -48.42 116.18 20.48
N VAL W 139 -48.11 116.51 21.72
CA VAL W 139 -46.86 117.20 22.04
C VAL W 139 -46.20 116.28 23.06
N ASN W 140 -45.48 115.30 22.54
CA ASN W 140 -44.72 114.27 23.23
C ASN W 140 -45.54 113.31 24.10
N ASP W 141 -46.54 113.81 24.80
CA ASP W 141 -47.36 112.95 25.65
C ASP W 141 -48.78 113.50 25.78
N ASP W 142 -48.95 114.76 25.41
CA ASP W 142 -50.23 115.46 25.53
C ASP W 142 -50.97 115.48 24.21
N GLU W 143 -52.25 115.12 24.25
CA GLU W 143 -53.12 115.10 23.07
C GLU W 143 -54.08 116.27 23.17
N TYR W 144 -54.26 116.97 22.05
CA TYR W 144 -55.11 118.12 21.98
C TYR W 144 -55.94 118.08 20.70
N LYS W 145 -57.02 118.86 20.69
CA LYS W 145 -57.88 119.01 19.54
C LYS W 145 -57.51 120.37 18.95
N PHE W 146 -57.30 120.42 17.64
CA PHE W 146 -56.93 121.68 17.02
C PHE W 146 -58.18 122.50 16.75
N GLU W 147 -58.22 123.72 17.31
CA GLU W 147 -59.34 124.63 17.14
C GLU W 147 -59.02 125.82 16.25
N SER W 148 -57.90 126.49 16.49
CA SER W 148 -57.54 127.66 15.70
C SER W 148 -56.04 127.92 15.82
N GLU W 149 -55.53 128.76 14.90
CA GLU W 149 -54.12 129.11 14.89
C GLU W 149 -53.71 129.82 16.16
N VAL W 150 -54.61 130.66 16.70
CA VAL W 150 -54.35 131.37 17.95
C VAL W 150 -54.28 130.38 19.10
N GLN W 151 -55.25 129.48 19.19
CA GLN W 151 -55.28 128.47 20.24
C GLN W 151 -54.04 127.59 20.19
N LEU W 152 -53.62 127.19 19.00
CA LEU W 152 -52.43 126.36 18.85
C LEU W 152 -51.18 127.09 19.34
N ASN W 153 -51.08 128.40 19.06
CA ASN W 153 -49.90 129.15 19.50
C ASN W 153 -49.85 129.26 21.01
N GLU W 154 -51.01 129.45 21.63
CA GLU W 154 -51.03 129.55 23.09
C GLU W 154 -50.61 128.22 23.72
N ILE W 155 -51.07 127.10 23.15
CA ILE W 155 -50.71 125.78 23.68
C ILE W 155 -49.21 125.55 23.57
N LEU W 156 -48.63 125.87 22.41
CA LEU W 156 -47.21 125.66 22.19
C LEU W 156 -46.35 126.55 23.10
N SER W 157 -46.87 127.70 23.53
CA SER W 157 -46.08 128.57 24.40
C SER W 157 -45.79 127.93 25.76
N ARG W 158 -46.56 126.90 26.16
CA ARG W 158 -46.36 126.22 27.43
C ARG W 158 -45.11 125.34 27.45
N TYR W 159 -44.37 125.22 26.36
CA TYR W 159 -43.20 124.37 26.34
C TYR W 159 -41.94 125.19 26.13
N THR W 160 -40.81 124.58 26.47
CA THR W 160 -39.42 125.09 26.43
C THR W 160 -39.04 125.42 27.87
N TRP X 20 -10.85 104.98 -64.01
CA TRP X 20 -12.19 104.83 -63.44
C TRP X 20 -13.05 103.89 -64.26
N GLY X 21 -13.12 104.15 -65.56
CA GLY X 21 -13.85 103.31 -66.48
C GLY X 21 -12.75 102.76 -67.35
N ARG X 22 -12.50 101.44 -67.27
CA ARG X 22 -11.41 100.85 -68.02
C ARG X 22 -11.89 99.80 -69.01
N ARG X 23 -11.38 99.90 -70.24
CA ARG X 23 -11.66 98.98 -71.32
C ARG X 23 -10.94 97.64 -71.11
N ASN X 24 -10.20 97.51 -69.99
CA ASN X 24 -9.50 96.28 -69.62
C ASN X 24 -10.54 95.27 -69.18
N SER X 25 -10.86 94.33 -70.06
CA SER X 25 -11.87 93.32 -69.77
C SER X 25 -11.35 92.20 -68.87
N LEU X 26 -12.27 91.62 -68.09
CA LEU X 26 -12.03 90.50 -67.21
C LEU X 26 -12.99 89.39 -67.60
N TRP X 27 -12.48 88.15 -67.70
CA TRP X 27 -13.28 86.99 -68.09
C TRP X 27 -13.40 86.02 -66.93
N PRO X 28 -14.38 86.21 -66.01
CA PRO X 28 -14.53 85.30 -64.86
C PRO X 28 -15.52 84.16 -65.00
N VAL X 29 -15.30 83.11 -64.22
CA VAL X 29 -16.16 81.92 -64.16
C VAL X 29 -16.85 81.88 -62.79
N THR X 30 -18.18 81.84 -62.81
CA THR X 30 -18.95 81.81 -61.58
C THR X 30 -19.03 80.38 -61.06
N ILE X 31 -18.60 80.19 -59.82
CA ILE X 31 -18.64 78.88 -59.16
C ILE X 31 -19.83 78.96 -58.23
N GLY X 32 -20.98 78.52 -58.72
CA GLY X 32 -22.19 78.55 -57.91
C GLY X 32 -22.35 77.32 -57.04
N LEU X 33 -22.20 77.48 -55.73
CA LEU X 33 -22.31 76.34 -54.83
C LEU X 33 -23.51 76.36 -53.91
N ALA X 34 -23.99 77.53 -53.51
CA ALA X 34 -25.12 77.64 -52.59
C ALA X 34 -25.87 78.94 -52.86
N CYS X 35 -26.63 79.38 -51.85
CA CYS X 35 -27.45 80.60 -51.91
C CYS X 35 -26.70 81.78 -52.51
N CYS X 36 -25.40 81.90 -52.21
CA CYS X 36 -24.65 83.02 -52.78
C CYS X 36 -24.68 83.01 -54.31
N ALA X 37 -24.88 81.83 -54.92
CA ALA X 37 -24.95 81.75 -56.37
C ALA X 37 -26.20 82.41 -56.90
N ILE X 38 -27.29 82.35 -56.15
CA ILE X 38 -28.52 82.99 -56.60
C ILE X 38 -28.34 84.50 -56.68
N GLU X 39 -27.56 85.08 -55.77
CA GLU X 39 -27.36 86.53 -55.83
C GLU X 39 -26.49 86.91 -57.02
N MET X 40 -25.64 85.98 -57.47
CA MET X 40 -24.81 86.25 -58.62
C MET X 40 -25.67 86.39 -59.87
N MET X 41 -26.70 85.56 -60.00
CA MET X 41 -27.59 85.63 -61.15
C MET X 41 -28.32 86.97 -61.20
N HIS X 42 -28.74 87.47 -60.04
CA HIS X 42 -29.44 88.76 -59.99
C HIS X 42 -28.55 89.89 -60.49
N THR X 43 -27.23 89.75 -60.32
CA THR X 43 -26.30 90.79 -60.79
C THR X 43 -26.13 90.70 -62.30
N ALA X 44 -26.14 89.48 -62.84
CA ALA X 44 -25.99 89.31 -64.28
C ALA X 44 -27.21 89.76 -65.05
N ALA X 45 -28.40 89.60 -64.47
CA ALA X 45 -29.65 89.98 -65.11
C ALA X 45 -29.77 91.47 -65.38
N SER X 46 -30.87 91.85 -66.03
CA SER X 46 -31.17 93.21 -66.45
C SER X 46 -31.30 94.23 -65.35
N ARG X 47 -31.26 93.84 -64.08
CA ARG X 47 -31.41 94.84 -63.05
C ARG X 47 -30.10 95.56 -62.70
N PHE X 48 -28.94 94.95 -62.95
CA PHE X 48 -27.69 95.61 -62.58
C PHE X 48 -26.68 95.77 -63.70
N ASP X 49 -26.79 95.05 -64.81
CA ASP X 49 -25.92 95.24 -65.98
C ASP X 49 -24.43 95.27 -65.61
N LEU X 50 -23.91 94.11 -65.27
CA LEU X 50 -22.49 94.04 -64.92
C LEU X 50 -21.58 94.12 -66.13
N ASP X 51 -22.12 94.53 -67.28
CA ASP X 51 -21.36 94.67 -68.52
C ASP X 51 -20.58 95.97 -68.60
N ARG X 52 -21.11 97.05 -68.03
CA ARG X 52 -20.46 98.35 -68.08
C ARG X 52 -19.09 98.38 -67.41
N LEU X 53 -18.71 97.27 -66.78
CA LEU X 53 -17.42 97.17 -66.11
C LEU X 53 -16.41 96.32 -66.86
N GLY X 54 -16.76 95.77 -68.02
CA GLY X 54 -15.82 94.93 -68.76
C GLY X 54 -15.78 93.52 -68.22
N VAL X 55 -16.94 92.94 -67.95
CA VAL X 55 -17.09 91.59 -67.40
C VAL X 55 -17.74 90.74 -68.49
N ILE X 56 -16.96 89.82 -69.07
CA ILE X 56 -17.49 88.97 -70.14
C ILE X 56 -18.25 87.76 -69.60
N PHE X 57 -17.76 87.15 -68.51
CA PHE X 57 -18.44 86.02 -67.89
C PHE X 57 -18.59 84.82 -68.83
N ARG X 58 -17.46 84.21 -69.18
CA ARG X 58 -17.51 83.03 -70.01
C ARG X 58 -17.65 81.81 -69.07
N ALA X 59 -18.30 80.76 -69.57
CA ALA X 59 -18.55 79.57 -68.75
C ALA X 59 -17.39 78.57 -68.69
N SER X 60 -16.45 78.65 -69.61
CA SER X 60 -15.32 77.72 -69.64
C SER X 60 -14.20 78.18 -68.71
N PRO X 61 -13.80 77.39 -67.70
CA PRO X 61 -12.70 77.83 -66.84
C PRO X 61 -11.35 77.86 -67.56
N ARG X 62 -11.25 77.16 -68.69
CA ARG X 62 -10.00 77.17 -69.45
C ARG X 62 -9.72 78.54 -70.04
N GLN X 63 -10.76 79.23 -70.52
CA GLN X 63 -10.65 80.56 -71.12
C GLN X 63 -11.15 81.64 -70.15
N ALA X 64 -10.81 81.50 -68.87
CA ALA X 64 -11.17 82.43 -67.82
C ALA X 64 -9.94 82.81 -67.01
N ASP X 65 -9.97 84.00 -66.41
CA ASP X 65 -8.86 84.50 -65.60
C ASP X 65 -9.24 84.87 -64.16
N VAL X 66 -10.51 84.84 -63.80
CA VAL X 66 -10.96 85.18 -62.45
C VAL X 66 -11.91 84.09 -61.98
N LEU X 67 -11.61 83.51 -60.82
CA LEU X 67 -12.43 82.46 -60.22
C LEU X 67 -13.27 83.11 -59.13
N ILE X 68 -14.58 83.20 -59.36
CA ILE X 68 -15.50 83.78 -58.38
C ILE X 68 -16.18 82.63 -57.63
N VAL X 69 -15.78 82.42 -56.37
CA VAL X 69 -16.35 81.36 -55.55
C VAL X 69 -17.51 81.94 -54.75
N ALA X 70 -18.73 81.64 -55.18
CA ALA X 70 -19.96 82.12 -54.54
C ALA X 70 -20.69 80.95 -53.90
N GLY X 71 -20.50 80.78 -52.59
CA GLY X 71 -21.18 79.70 -51.90
C GLY X 71 -20.32 78.95 -50.92
N THR X 72 -20.91 77.98 -50.22
CA THR X 72 -20.17 77.19 -49.25
C THR X 72 -19.45 76.05 -49.98
N VAL X 73 -18.21 75.81 -49.59
CA VAL X 73 -17.39 74.78 -50.20
C VAL X 73 -17.35 73.62 -49.22
N VAL X 74 -17.91 72.49 -49.63
CA VAL X 74 -17.93 71.30 -48.79
C VAL X 74 -16.58 70.62 -48.92
N ASN X 75 -16.15 69.91 -47.87
CA ASN X 75 -14.88 69.19 -47.93
C ASN X 75 -14.86 68.22 -49.10
N LYS X 76 -16.02 67.72 -49.51
CA LYS X 76 -16.12 66.79 -50.64
C LYS X 76 -15.78 67.49 -51.96
N VAL X 77 -16.01 68.80 -52.03
CA VAL X 77 -15.77 69.61 -53.23
C VAL X 77 -14.37 70.20 -53.29
N ALA X 78 -13.70 70.36 -52.15
CA ALA X 78 -12.35 70.94 -52.10
C ALA X 78 -11.36 70.36 -53.10
N PRO X 79 -11.18 69.03 -53.21
CA PRO X 79 -10.21 68.52 -54.19
C PRO X 79 -10.60 68.84 -55.61
N MET X 80 -11.90 68.78 -55.90
CA MET X 80 -12.39 69.08 -57.24
C MET X 80 -12.21 70.56 -57.54
N LEU X 81 -12.46 71.42 -56.54
CA LEU X 81 -12.30 72.85 -56.74
C LEU X 81 -10.85 73.20 -57.02
N LYS X 82 -9.92 72.57 -56.28
CA LYS X 82 -8.50 72.81 -56.49
C LYS X 82 -8.09 72.49 -57.92
N LEU X 83 -8.63 71.39 -58.47
CA LEU X 83 -8.31 70.99 -59.84
C LEU X 83 -8.67 72.09 -60.83
N ILE X 84 -9.86 72.69 -60.66
CA ILE X 84 -10.33 73.75 -61.55
C ILE X 84 -9.40 74.95 -61.51
N TRP X 85 -8.80 75.24 -60.35
CA TRP X 85 -7.88 76.36 -60.23
C TRP X 85 -6.58 76.11 -61.01
N ASP X 86 -5.92 74.97 -60.77
CA ASP X 86 -4.68 74.65 -61.47
C ASP X 86 -4.89 74.61 -62.98
N GLN X 87 -6.13 74.40 -63.41
CA GLN X 87 -6.59 74.30 -64.79
C GLN X 87 -6.75 75.67 -65.44
N MET X 88 -6.35 76.74 -64.75
CA MET X 88 -6.43 78.11 -65.24
C MET X 88 -5.05 78.70 -65.54
N PRO X 89 -4.96 79.62 -66.51
CA PRO X 89 -3.67 80.25 -66.81
C PRO X 89 -3.13 80.96 -65.58
N ASP X 90 -1.80 81.06 -65.48
CA ASP X 90 -1.22 81.67 -64.29
C ASP X 90 -1.63 83.12 -64.02
N PRO X 91 -1.81 84.01 -65.01
CA PRO X 91 -2.27 85.38 -64.63
C PRO X 91 -3.75 85.35 -64.29
N LYS X 92 -4.05 84.91 -63.04
CA LYS X 92 -5.40 84.73 -62.53
C LYS X 92 -5.57 85.32 -61.14
N TRP X 93 -6.83 85.62 -60.81
CA TRP X 93 -7.22 86.18 -59.52
C TRP X 93 -8.40 85.38 -58.99
N CYS X 94 -8.69 85.56 -57.69
CA CYS X 94 -9.79 84.82 -57.06
C CYS X 94 -10.57 85.69 -56.08
N ILE X 95 -11.89 85.65 -56.18
CA ILE X 95 -12.79 86.40 -55.33
C ILE X 95 -13.63 85.42 -54.51
N SER X 96 -13.63 85.58 -53.19
CA SER X 96 -14.43 84.73 -52.30
C SER X 96 -15.65 85.57 -51.92
N MET X 97 -16.78 85.27 -52.55
CA MET X 97 -18.02 85.99 -52.30
C MET X 97 -18.77 85.30 -51.17
N GLY X 98 -19.21 86.08 -50.19
CA GLY X 98 -19.92 85.53 -49.06
C GLY X 98 -18.97 84.95 -48.03
N GLY X 99 -19.46 84.88 -46.79
CA GLY X 99 -18.64 84.37 -45.70
C GLY X 99 -18.27 82.90 -45.81
N CYS X 100 -19.13 82.09 -46.43
CA CYS X 100 -18.85 80.65 -46.56
C CYS X 100 -17.54 80.40 -47.30
N ALA X 101 -17.37 81.01 -48.47
CA ALA X 101 -16.15 80.85 -49.24
C ALA X 101 -15.02 81.68 -48.68
N SER X 102 -15.33 82.65 -47.83
CA SER X 102 -14.31 83.52 -47.26
C SER X 102 -13.65 82.90 -46.04
N ALA X 103 -14.45 82.50 -45.04
CA ALA X 103 -13.90 81.94 -43.82
C ALA X 103 -14.68 80.75 -43.27
N GLY X 104 -15.58 80.16 -44.06
CA GLY X 104 -16.36 79.04 -43.59
C GLY X 104 -17.76 79.43 -43.17
N GLY X 105 -18.02 80.74 -43.12
CA GLY X 105 -19.31 81.32 -42.78
C GLY X 105 -19.95 80.75 -41.53
N PRO X 106 -21.27 80.55 -41.61
CA PRO X 106 -22.03 80.04 -40.47
C PRO X 106 -22.00 78.53 -40.34
N PHE X 107 -21.05 77.87 -40.98
CA PHE X 107 -20.96 76.41 -40.93
C PHE X 107 -19.65 75.93 -40.33
N PRO X 108 -19.50 75.96 -39.00
CA PRO X 108 -18.31 75.42 -38.34
C PRO X 108 -18.53 73.94 -38.06
N THR X 109 -18.77 73.19 -39.13
CA THR X 109 -19.12 71.78 -39.04
C THR X 109 -18.05 70.86 -39.62
N TYR X 110 -18.25 69.59 -39.29
CA TYR X 110 -17.35 68.51 -39.68
C TYR X 110 -17.10 68.37 -41.18
N SER X 111 -18.02 68.83 -42.03
CA SER X 111 -17.84 68.63 -43.46
C SER X 111 -17.62 69.90 -44.28
N THR X 112 -17.48 71.06 -43.64
CA THR X 112 -17.35 72.34 -44.34
C THR X 112 -15.92 72.87 -44.37
N LEU X 113 -15.51 73.37 -45.54
CA LEU X 113 -14.19 73.96 -45.73
C LEU X 113 -14.22 75.41 -45.23
N GLN X 114 -13.42 75.70 -44.22
CA GLN X 114 -13.37 77.02 -43.59
C GLN X 114 -12.71 78.10 -44.44
N GLY X 115 -13.37 78.51 -45.51
CA GLY X 115 -12.81 79.55 -46.36
C GLY X 115 -12.13 78.92 -47.55
N VAL X 116 -12.38 79.43 -48.76
CA VAL X 116 -11.73 78.84 -49.91
C VAL X 116 -10.24 79.18 -49.94
N ASP X 117 -9.81 80.25 -49.22
CA ASP X 117 -8.39 80.63 -49.21
C ASP X 117 -7.49 79.64 -48.43
N ARG X 118 -8.03 78.52 -47.97
CA ARG X 118 -7.23 77.50 -47.31
C ARG X 118 -6.67 76.51 -48.30
N ILE X 119 -7.16 76.57 -49.55
CA ILE X 119 -6.70 75.71 -50.63
C ILE X 119 -6.40 76.48 -51.91
N ILE X 120 -6.86 77.72 -52.05
CA ILE X 120 -6.66 78.57 -53.22
C ILE X 120 -6.51 80.00 -52.71
N PRO X 121 -5.43 80.70 -53.05
CA PRO X 121 -5.30 82.09 -52.58
C PRO X 121 -6.38 82.96 -53.20
N VAL X 122 -6.91 83.88 -52.40
CA VAL X 122 -7.95 84.79 -52.86
C VAL X 122 -7.42 86.22 -52.71
N ASP X 123 -7.80 87.08 -53.65
CA ASP X 123 -7.36 88.47 -53.67
C ASP X 123 -8.38 89.43 -53.11
N VAL X 124 -9.65 89.04 -53.12
CA VAL X 124 -10.75 89.88 -52.64
C VAL X 124 -11.73 89.01 -51.86
N TYR X 125 -12.10 89.48 -50.67
CA TYR X 125 -13.06 88.80 -49.82
C TYR X 125 -14.33 89.65 -49.80
N ILE X 126 -15.46 89.07 -50.15
CA ILE X 126 -16.70 89.82 -50.17
C ILE X 126 -17.56 89.39 -48.99
N PRO X 127 -17.71 90.22 -47.97
CA PRO X 127 -18.54 89.86 -46.83
C PRO X 127 -20.01 89.91 -47.20
N GLY X 128 -20.84 89.25 -46.40
CA GLY X 128 -22.27 89.18 -46.65
C GLY X 128 -22.80 87.77 -46.54
N CYS X 129 -24.10 87.61 -46.38
CA CYS X 129 -24.65 86.26 -46.27
C CYS X 129 -26.06 86.21 -46.85
N PRO X 130 -26.24 86.43 -48.16
CA PRO X 130 -25.23 86.73 -49.17
C PRO X 130 -25.06 88.24 -49.33
N PRO X 131 -24.02 88.68 -50.05
CA PRO X 131 -23.85 90.12 -50.28
C PRO X 131 -24.90 90.57 -51.27
N THR X 132 -25.25 91.85 -51.26
CA THR X 132 -26.24 92.35 -52.21
C THR X 132 -25.61 92.40 -53.60
N PRO X 133 -26.40 92.55 -54.67
CA PRO X 133 -25.77 92.63 -55.99
C PRO X 133 -24.76 93.75 -56.08
N GLN X 134 -25.01 94.86 -55.38
CA GLN X 134 -24.06 95.98 -55.39
C GLN X 134 -22.79 95.66 -54.60
N GLY X 135 -22.93 94.92 -53.49
CA GLY X 135 -21.77 94.53 -52.71
C GLY X 135 -20.85 93.62 -53.49
N LEU X 136 -21.44 92.79 -54.36
CA LEU X 136 -20.66 91.91 -55.22
C LEU X 136 -19.97 92.75 -56.29
N ILE X 137 -20.66 93.78 -56.77
CA ILE X 137 -20.07 94.67 -57.77
C ILE X 137 -18.94 95.46 -57.13
N TYR X 138 -19.16 95.95 -55.91
CA TYR X 138 -18.11 96.68 -55.22
C TYR X 138 -16.89 95.79 -55.03
N GLY X 139 -17.13 94.50 -54.73
CA GLY X 139 -16.01 93.59 -54.55
C GLY X 139 -15.21 93.39 -55.83
N ILE X 140 -15.91 93.40 -56.97
CA ILE X 140 -15.24 93.25 -58.26
C ILE X 140 -14.39 94.48 -58.55
N LEU X 141 -14.92 95.67 -58.24
CA LEU X 141 -14.17 96.90 -58.40
C LEU X 141 -12.90 96.84 -57.57
N GLN X 142 -13.01 96.31 -56.34
CA GLN X 142 -11.85 96.19 -55.47
C GLN X 142 -10.79 95.31 -56.11
N LEU X 143 -11.22 94.23 -56.78
CA LEU X 143 -10.27 93.37 -57.47
C LEU X 143 -9.60 94.14 -58.60
N GLN X 144 -10.39 94.95 -59.31
CA GLN X 144 -9.81 95.75 -60.38
C GLN X 144 -8.86 96.79 -59.82
N ARG X 145 -9.21 97.40 -58.68
CA ARG X 145 -8.33 98.38 -58.05
C ARG X 145 -6.96 97.75 -57.80
N LYS X 146 -6.95 96.54 -57.26
CA LYS X 146 -5.68 95.84 -56.99
C LYS X 146 -4.93 95.55 -58.30
N ILE X 147 -5.64 95.00 -59.29
CA ILE X 147 -5.01 94.68 -60.57
C ILE X 147 -4.48 95.93 -61.24
N LYS X 148 -5.28 97.00 -61.28
CA LYS X 148 -4.87 98.24 -61.92
C LYS X 148 -3.58 98.83 -61.34
N GLU X 149 -3.23 98.51 -60.10
CA GLU X 149 -2.00 99.03 -59.50
C GLU X 149 -1.00 97.94 -59.16
N GLN X 150 -1.22 96.72 -59.64
CA GLN X 150 -0.29 95.63 -59.37
C GLN X 150 0.75 95.50 -60.46
N GLY X 151 0.40 95.86 -61.69
CA GLY X 151 1.30 95.85 -62.83
C GLY X 151 1.79 97.23 -63.20
N ILE X 152 1.54 98.23 -62.36
CA ILE X 152 1.96 99.61 -62.60
C ILE X 152 3.05 100.07 -61.63
N THR X 153 3.32 99.34 -60.55
CA THR X 153 4.34 99.73 -59.57
C THR X 153 5.73 99.20 -59.91
N LYS X 154 5.91 97.88 -59.95
CA LYS X 154 7.22 97.31 -60.28
C LYS X 154 7.29 96.94 -61.77
#